data_8IMM
#
_entry.id   8IMM
#
loop_
_entity.id
_entity.type
_entity.pdbx_description
1 polymer CpcJ
2 polymer CpcA
3 polymer CpcB
4 polymer CpcD
5 polymer CpcG
6 non-polymer PHYCOCYANOBILIN
#
loop_
_entity_poly.entity_id
_entity_poly.type
_entity_poly.pdbx_seq_one_letter_code
_entity_poly.pdbx_strand_id
1 'polypeptide(L)'
;MPAVVADQYLAMAKELAASRFGGFTKENIPSPMAQPESYGRDRLGIAAVATENPKVTLRAPFTSEEFQGALYAIYRHIFG
NTYVMESERPTTAESQLKDGRITVRGFIRLLAKSEVYKSRFFQKTSQNRFIELSHKLLLGRAPYDQAEISYHLDLWNTQG
YDAEIDSYVDSEEYLDFFGEDTVPFLRDFKYQTGQQGVGYSRLLNLYDGYAGSDTDRAQSGQKARLNGTIAQAEPGSIER
PSALQDTWKFANPNYRNAKPPMVKALALEPFLDMARELTPKPPTRQVDLLFLNMAKDLTSVSRAEWLAKSYTQPSRYQQT
ETFGQERIGAVGAIETPRINLRAPFTSEEFQGALYAIYRHIFGNTYVMESERPTTAESQLKDGRITVRGFIRLLAKSEVY
KSRFFQKTSQNRFIELSHKLLLGRAPYDQAEISYHLDLWNTQGYDAEIDSYVDSEEYLDFFGEDTVPYFRGFKYQTGQSA
EGFNRLVRLYDGWAGSDTDRNVGGQVARLTANLTRGGSGLEPFIVMANSRR
;
3
2 'polypeptide(L)'
;MSRTVITEVIATADSQGRFLNSTELQAAFGRFERAVPAIEAARALTKNQDALVKGAVQAVFKKFPYVTQPGEKGYGDSNQ
AKCARDIGYYLRFITYSLVASGTGPLDDYVIAGLREVNRAFNLNPLWYIEALNYIKGETGKLLSGQSKTEALLYIDHAIN
ALS
;
A,B,C,D,E,F,N,O,P,Q,R,S,a,b,c,d,e,f
3 'polypeptide(L)'
;MNDVFTRAIAQADLKGSFLLESDLDKLASFAKEGVKRLDAVAALTNNAPAIISDAAHKLFAEQQELIQPGGNAYPHRRMA
ACLRDMEIILRYVSYALLAGDASVLDDRCLNGLRETYNALGTPTQSVARAVQLMKDAAMVHLKSTANVTVGDCSSLYSEA
ATYFDKAAASIA
;
G,H,I,J,K,L,T,U,V,W,X,Y,g,h,i,j,k,l
4 'polypeptide(L)' MYGQSTSDEAITTQGKRIYKITVSEAGAYATNKHRTGYRAPIRQSNYTLTVPYDRFLPEMIRLHQSGAKIVNVTSVIS M,Z,m
5 'polypeptide(L)'
;MGLPLLDTKYSSKPHRVASIPAVNAEDKPWVLDRYDLRDEQGLQSFIFAAYRQIFSEHLILESNRQTELESQLRNGKLLV
KDFVRGLGKSEVFRRLVLEPNTNYRFVEICLKRFLGREPYNKQELIKWSIIIAEKGYHAFIDAVVDGAEYAEAFGEDTLP
YQRRPLSQPFNLTTPRLADIFQDDQRSPWERYAGPKFFVGWKDTVEGYTVFGPPKPGDSKAFLDIALSIASQNVSPTRVS
VWDIKIPDMTKR
;
4
#
loop_
_chem_comp.id
_chem_comp.type
_chem_comp.name
_chem_comp.formula
CYC non-polymer PHYCOCYANOBILIN 'C33 H40 N4 O6'
#
# COMPACT_ATOMS: atom_id res chain seq x y z
N MET A 1 58.92 14.72 -64.45
CA MET A 1 58.74 16.10 -64.00
C MET A 1 60.11 16.66 -63.62
N PRO A 2 60.58 17.64 -64.38
CA PRO A 2 61.95 18.15 -64.19
C PRO A 2 62.16 18.82 -62.85
N ALA A 3 63.35 19.36 -62.66
CA ALA A 3 63.64 20.17 -61.48
C ALA A 3 62.71 21.38 -61.44
N VAL A 4 61.94 21.50 -60.36
CA VAL A 4 61.04 22.62 -60.21
C VAL A 4 61.73 23.87 -59.67
N VAL A 5 62.94 23.72 -59.15
CA VAL A 5 63.69 24.83 -58.58
C VAL A 5 65.13 24.70 -59.07
N ALA A 6 65.76 25.83 -59.31
CA ALA A 6 67.13 25.82 -59.77
C ALA A 6 68.06 25.29 -58.69
N ASP A 7 69.19 24.72 -59.14
CA ASP A 7 70.09 24.04 -58.22
C ASP A 7 70.74 24.99 -57.23
N GLN A 8 70.93 26.24 -57.60
CA GLN A 8 71.52 27.21 -56.67
C GLN A 8 70.67 27.40 -55.43
N TYR A 9 69.35 27.52 -55.61
CA TYR A 9 68.48 27.68 -54.46
C TYR A 9 68.37 26.40 -53.65
N LEU A 10 68.41 25.24 -54.31
CA LEU A 10 68.43 24.00 -53.53
C LEU A 10 69.68 23.92 -52.67
N ALA A 11 70.83 24.30 -53.22
CA ALA A 11 72.04 24.35 -52.42
C ALA A 11 71.92 25.33 -51.28
N MET A 12 71.37 26.52 -51.55
CA MET A 12 71.24 27.53 -50.50
C MET A 12 70.33 27.02 -49.39
N ALA A 13 69.23 26.39 -49.75
CA ALA A 13 68.30 25.82 -48.78
C ALA A 13 68.95 24.70 -47.98
N LYS A 14 69.70 23.83 -48.65
CA LYS A 14 70.37 22.74 -47.96
C LYS A 14 71.40 23.24 -46.97
N GLU A 15 72.17 24.28 -47.34
CA GLU A 15 73.16 24.78 -46.41
C GLU A 15 72.51 25.54 -45.26
N LEU A 16 71.37 26.20 -45.50
CA LEU A 16 70.67 26.84 -44.40
C LEU A 16 70.11 25.81 -43.44
N ALA A 17 69.61 24.70 -43.97
CA ALA A 17 69.09 23.65 -43.10
C ALA A 17 70.19 22.83 -42.45
N ALA A 18 71.40 22.83 -43.01
CA ALA A 18 72.50 22.06 -42.45
C ALA A 18 73.14 22.75 -41.27
N SER A 19 73.23 24.08 -41.30
CA SER A 19 73.92 24.82 -40.24
C SER A 19 73.22 24.72 -38.91
N ARG A 20 72.07 24.04 -38.86
CA ARG A 20 71.28 23.87 -37.66
C ARG A 20 71.09 22.40 -37.43
N PHE A 21 71.36 21.93 -36.21
CA PHE A 21 71.22 20.50 -35.96
C PHE A 21 69.76 20.09 -36.05
N GLY A 22 69.49 19.02 -36.78
CA GLY A 22 68.13 18.60 -37.02
C GLY A 22 67.43 19.34 -38.13
N GLY A 23 68.09 20.32 -38.74
CA GLY A 23 67.43 21.10 -39.77
C GLY A 23 66.45 22.04 -39.14
N PHE A 24 65.31 22.22 -39.81
CA PHE A 24 64.23 23.08 -39.32
C PHE A 24 63.14 22.18 -38.78
N THR A 25 62.97 22.15 -37.46
CA THR A 25 61.90 21.41 -36.81
C THR A 25 61.11 22.38 -35.93
N LYS A 26 60.02 21.88 -35.36
CA LYS A 26 59.18 22.72 -34.52
C LYS A 26 59.74 22.89 -33.12
N GLU A 27 60.69 22.03 -32.74
CA GLU A 27 61.20 22.06 -31.37
C GLU A 27 62.56 22.75 -31.26
N ASN A 28 63.31 22.82 -32.34
CA ASN A 28 64.64 23.43 -32.31
C ASN A 28 64.62 24.86 -32.82
N ILE A 29 63.50 25.55 -32.65
CA ILE A 29 63.38 26.91 -33.16
C ILE A 29 64.15 27.85 -32.24
N PRO A 30 64.60 29.00 -32.74
CA PRO A 30 65.20 30.00 -31.86
C PRO A 30 64.17 30.66 -30.97
N SER A 31 64.63 31.21 -29.88
CA SER A 31 63.73 31.85 -28.94
C SER A 31 63.30 33.22 -29.48
N PRO A 32 62.01 33.54 -29.48
CA PRO A 32 61.59 34.86 -29.95
C PRO A 32 62.17 36.01 -29.14
N MET A 33 62.36 35.82 -27.85
CA MET A 33 63.17 36.77 -27.09
C MET A 33 64.62 36.50 -27.42
N ALA A 34 65.24 37.38 -28.20
CA ALA A 34 66.57 37.14 -28.76
C ALA A 34 67.59 37.76 -27.83
N GLN A 35 67.79 37.10 -26.69
CA GLN A 35 68.71 37.59 -25.67
C GLN A 35 69.99 36.79 -25.71
N PRO A 36 71.12 37.41 -26.00
CA PRO A 36 72.40 36.71 -25.84
C PRO A 36 72.68 36.42 -24.38
N GLU A 37 73.65 35.53 -24.17
CA GLU A 37 74.02 35.18 -22.80
C GLU A 37 74.47 36.41 -22.02
N SER A 38 75.01 37.41 -22.71
CA SER A 38 75.52 38.61 -22.10
C SER A 38 74.56 39.77 -22.18
N TYR A 39 73.25 39.50 -22.35
CA TYR A 39 72.32 40.59 -22.63
C TYR A 39 72.23 41.56 -21.47
N GLY A 40 71.98 41.06 -20.26
CA GLY A 40 71.70 41.95 -19.14
C GLY A 40 72.89 42.77 -18.73
N ARG A 41 74.04 42.12 -18.54
CA ARG A 41 75.21 42.85 -18.10
C ARG A 41 75.71 43.82 -19.15
N ASP A 42 75.37 43.59 -20.42
CA ASP A 42 75.81 44.48 -21.47
C ASP A 42 74.89 45.67 -21.62
N ARG A 43 73.57 45.44 -21.55
CA ARG A 43 72.66 46.56 -21.61
C ARG A 43 72.76 47.43 -20.37
N LEU A 44 73.11 46.85 -19.23
CA LEU A 44 73.30 47.63 -18.02
C LEU A 44 74.64 48.34 -17.98
N GLY A 45 75.62 47.91 -18.77
CA GLY A 45 76.93 48.51 -18.73
C GLY A 45 77.76 48.11 -17.55
N ILE A 46 77.53 46.93 -17.00
CA ILE A 46 78.27 46.44 -15.84
C ILE A 46 79.09 45.21 -16.18
N ALA A 47 79.39 44.99 -17.46
CA ALA A 47 80.12 43.80 -17.84
C ALA A 47 81.51 43.79 -17.22
N ALA A 48 82.20 44.93 -17.24
CA ALA A 48 83.57 44.97 -16.77
C ALA A 48 83.66 44.73 -15.27
N VAL A 49 82.88 45.49 -14.49
CA VAL A 49 83.00 45.40 -13.04
C VAL A 49 82.41 44.11 -12.50
N ALA A 50 81.47 43.50 -13.21
CA ALA A 50 80.81 42.29 -12.73
C ALA A 50 81.52 41.02 -13.18
N THR A 51 81.94 40.93 -14.44
CA THR A 51 82.47 39.68 -14.95
C THR A 51 83.85 39.79 -15.56
N GLU A 52 84.15 40.83 -16.33
CA GLU A 52 85.35 40.82 -17.14
C GLU A 52 86.61 41.08 -16.33
N ASN A 53 86.56 42.03 -15.42
CA ASN A 53 87.74 42.35 -14.64
C ASN A 53 87.98 41.27 -13.60
N PRO A 54 89.19 40.74 -13.49
CA PRO A 54 89.48 39.72 -12.49
C PRO A 54 89.62 40.32 -11.10
N LYS A 55 89.49 39.46 -10.10
CA LYS A 55 89.71 39.87 -8.73
C LYS A 55 91.20 39.97 -8.48
N VAL A 56 91.65 41.15 -8.07
CA VAL A 56 93.06 41.41 -7.85
C VAL A 56 93.41 40.97 -6.43
N THR A 57 94.31 40.01 -6.32
CA THR A 57 94.78 39.50 -5.05
C THR A 57 96.27 39.69 -4.95
N LEU A 58 96.74 40.12 -3.78
CA LEU A 58 98.15 40.36 -3.55
C LEU A 58 98.53 39.76 -2.20
N ARG A 59 99.35 38.72 -2.24
CA ARG A 59 99.87 38.08 -1.04
C ARG A 59 101.16 38.80 -0.70
N ALA A 60 101.85 38.38 0.36
CA ALA A 60 103.06 39.12 0.76
C ALA A 60 104.22 38.90 -0.20
N PRO A 61 104.57 37.67 -0.62
CA PRO A 61 105.56 37.55 -1.70
C PRO A 61 104.94 37.88 -3.05
N PHE A 62 105.49 38.86 -3.76
CA PHE A 62 104.95 39.18 -5.09
C PHE A 62 106.03 39.87 -5.89
N THR A 63 105.85 39.85 -7.21
CA THR A 63 106.79 40.50 -8.09
C THR A 63 106.30 41.90 -8.47
N SER A 64 107.05 42.56 -9.35
CA SER A 64 106.84 43.98 -9.58
C SER A 64 105.54 44.23 -10.33
N GLU A 65 105.25 43.43 -11.36
CA GLU A 65 104.08 43.72 -12.18
C GLU A 65 102.79 43.46 -11.40
N GLU A 66 102.76 42.41 -10.58
CA GLU A 66 101.60 42.18 -9.75
C GLU A 66 101.36 43.34 -8.80
N PHE A 67 102.44 43.85 -8.21
CA PHE A 67 102.33 44.98 -7.30
C PHE A 67 101.79 46.21 -8.03
N GLN A 68 102.36 46.54 -9.19
CA GLN A 68 101.92 47.73 -9.90
C GLN A 68 100.48 47.63 -10.36
N GLY A 69 100.08 46.48 -10.88
CA GLY A 69 98.69 46.31 -11.30
C GLY A 69 97.74 46.32 -10.11
N ALA A 70 98.15 45.73 -9.00
CA ALA A 70 97.32 45.75 -7.80
C ALA A 70 97.09 47.17 -7.32
N LEU A 71 98.14 47.99 -7.31
CA LEU A 71 97.96 49.38 -6.93
C LEU A 71 97.09 50.14 -7.90
N TYR A 72 97.21 49.85 -9.20
CA TYR A 72 96.30 50.50 -10.14
C TYR A 72 94.86 50.17 -9.83
N ALA A 73 94.57 48.89 -9.58
CA ALA A 73 93.20 48.49 -9.26
C ALA A 73 92.73 49.09 -7.95
N ILE A 74 93.61 49.14 -6.96
CA ILE A 74 93.25 49.69 -5.65
C ILE A 74 92.88 51.15 -5.78
N TYR A 75 93.69 51.92 -6.50
CA TYR A 75 93.41 53.34 -6.62
C TYR A 75 92.20 53.59 -7.49
N ARG A 76 91.98 52.77 -8.51
CA ARG A 76 90.80 52.95 -9.34
C ARG A 76 89.53 52.54 -8.63
N HIS A 77 89.61 51.73 -7.59
CA HIS A 77 88.41 51.40 -6.85
C HIS A 77 88.18 52.30 -5.64
N ILE A 78 89.13 52.33 -4.71
CA ILE A 78 88.91 52.98 -3.43
C ILE A 78 88.66 54.46 -3.60
N PHE A 79 89.31 55.08 -4.57
CA PHE A 79 89.21 56.51 -4.77
C PHE A 79 88.12 56.90 -5.73
N GLY A 80 87.03 56.14 -5.75
CA GLY A 80 86.06 56.34 -6.78
C GLY A 80 86.73 55.98 -8.07
N ASN A 81 86.25 56.56 -9.16
CA ASN A 81 86.99 56.50 -10.41
C ASN A 81 87.71 57.81 -10.63
N THR A 82 87.94 58.56 -9.55
CA THR A 82 88.50 59.88 -9.65
C THR A 82 89.99 59.80 -9.89
N TYR A 83 90.50 60.71 -10.69
CA TYR A 83 91.92 60.80 -10.97
C TYR A 83 92.67 61.19 -9.71
N VAL A 84 93.74 60.46 -9.41
CA VAL A 84 94.58 60.76 -8.27
C VAL A 84 95.93 61.20 -8.80
N MET A 85 96.20 62.50 -8.73
CA MET A 85 97.42 63.06 -9.26
C MET A 85 98.64 62.53 -8.53
N GLU A 86 99.82 62.73 -9.13
CA GLU A 86 101.04 62.13 -8.59
C GLU A 86 101.42 62.74 -7.26
N SER A 87 101.01 63.97 -7.00
CA SER A 87 101.31 64.58 -5.71
C SER A 87 100.48 63.97 -4.60
N GLU A 88 99.48 63.16 -4.94
CA GLU A 88 98.63 62.55 -3.94
C GLU A 88 98.95 61.08 -3.67
N ARG A 89 99.80 60.46 -4.47
CA ARG A 89 100.07 59.04 -4.30
C ARG A 89 100.76 58.80 -2.96
N PRO A 90 100.31 57.84 -2.16
CA PRO A 90 100.98 57.55 -0.89
C PRO A 90 102.15 56.61 -1.08
N THR A 91 103.36 57.11 -0.86
CA THR A 91 104.56 56.30 -1.08
C THR A 91 104.94 55.47 0.14
N THR A 92 104.84 56.05 1.34
CA THR A 92 105.14 55.28 2.55
C THR A 92 104.15 54.14 2.74
N ALA A 93 102.88 54.40 2.46
CA ALA A 93 101.87 53.36 2.63
C ALA A 93 102.14 52.18 1.72
N GLU A 94 102.51 52.44 0.47
CA GLU A 94 102.78 51.32 -0.41
C GLU A 94 104.14 50.71 -0.15
N SER A 95 105.07 51.45 0.44
CA SER A 95 106.29 50.82 0.92
C SER A 95 106.00 49.82 2.02
N GLN A 96 105.12 50.19 2.94
CA GLN A 96 104.66 49.26 3.97
C GLN A 96 103.92 48.08 3.38
N LEU A 97 103.10 48.30 2.35
CA LEU A 97 102.44 47.18 1.68
C LEU A 97 103.44 46.25 1.02
N LYS A 98 104.44 46.82 0.34
CA LYS A 98 105.44 46.00 -0.35
C LYS A 98 106.28 45.20 0.64
N ASP A 99 106.68 45.81 1.75
CA ASP A 99 107.46 45.08 2.72
C ASP A 99 106.66 43.94 3.34
N GLY A 100 105.36 44.07 3.42
CA GLY A 100 104.56 43.12 4.13
C GLY A 100 104.23 43.52 5.54
N ARG A 101 104.52 44.77 5.91
CA ARG A 101 104.11 45.27 7.21
C ARG A 101 102.60 45.34 7.32
N ILE A 102 101.93 45.72 6.24
CA ILE A 102 100.47 45.76 6.19
C ILE A 102 100.01 44.92 5.02
N THR A 103 98.80 44.38 5.14
CA THR A 103 98.21 43.65 4.05
C THR A 103 97.49 44.61 3.12
N VAL A 104 96.75 44.05 2.17
CA VAL A 104 95.87 44.86 1.34
C VAL A 104 94.76 45.46 2.17
N ARG A 105 94.27 44.72 3.17
CA ARG A 105 93.23 45.28 4.04
C ARG A 105 93.74 46.46 4.84
N GLY A 106 94.94 46.34 5.38
CA GLY A 106 95.53 47.47 6.10
C GLY A 106 95.81 48.63 5.18
N PHE A 107 96.20 48.34 3.94
CA PHE A 107 96.40 49.40 2.97
C PHE A 107 95.10 50.11 2.64
N ILE A 108 94.00 49.36 2.53
CA ILE A 108 92.69 49.95 2.29
C ILE A 108 92.28 50.83 3.47
N ARG A 109 92.57 50.36 4.69
CA ARG A 109 92.28 51.18 5.86
C ARG A 109 93.07 52.48 5.85
N LEU A 110 94.36 52.40 5.50
CA LEU A 110 95.18 53.60 5.44
C LEU A 110 94.68 54.55 4.38
N LEU A 111 94.26 54.02 3.23
CA LEU A 111 93.78 54.85 2.13
C LEU A 111 92.44 55.49 2.48
N ALA A 112 91.58 54.78 3.19
CA ALA A 112 90.29 55.37 3.54
C ALA A 112 90.42 56.38 4.66
N LYS A 113 91.49 56.33 5.44
CA LYS A 113 91.75 57.32 6.46
C LYS A 113 92.60 58.47 5.96
N SER A 114 92.99 58.46 4.70
CA SER A 114 93.82 59.49 4.13
C SER A 114 92.97 60.66 3.66
N GLU A 115 93.62 61.78 3.40
CA GLU A 115 92.88 62.99 3.05
C GLU A 115 92.46 63.02 1.59
N VAL A 116 92.95 62.12 0.76
CA VAL A 116 92.34 61.94 -0.55
C VAL A 116 90.91 61.45 -0.39
N TYR A 117 90.73 60.39 0.39
CA TYR A 117 89.41 59.86 0.64
C TYR A 117 88.53 60.85 1.38
N LYS A 118 89.06 61.50 2.42
CA LYS A 118 88.24 62.45 3.16
C LYS A 118 87.84 63.62 2.28
N SER A 119 88.78 64.19 1.54
CA SER A 119 88.48 65.36 0.73
C SER A 119 87.47 65.04 -0.37
N ARG A 120 87.57 63.85 -0.97
CA ARG A 120 86.60 63.51 -1.99
C ARG A 120 85.25 63.18 -1.38
N PHE A 121 85.21 62.27 -0.41
CA PHE A 121 83.99 61.62 0.01
C PHE A 121 83.50 61.99 1.39
N PHE A 122 84.20 62.85 2.11
CA PHE A 122 83.77 63.18 3.46
C PHE A 122 83.55 64.67 3.68
N GLN A 123 84.50 65.51 3.30
CA GLN A 123 84.52 66.89 3.76
C GLN A 123 83.54 67.79 3.03
N LYS A 124 83.04 67.37 1.87
CA LYS A 124 82.08 68.17 1.11
C LYS A 124 80.76 67.44 0.96
N THR A 125 80.52 66.44 1.81
CA THR A 125 79.39 65.56 1.66
C THR A 125 78.55 65.62 2.93
N SER A 126 77.30 65.23 2.79
CA SER A 126 76.52 64.85 3.96
C SER A 126 76.98 63.49 4.43
N GLN A 127 76.59 63.12 5.65
CA GLN A 127 76.99 61.82 6.14
C GLN A 127 76.30 60.69 5.38
N ASN A 128 75.10 60.94 4.86
CA ASN A 128 74.43 59.91 4.07
C ASN A 128 75.25 59.55 2.83
N ARG A 129 75.77 60.56 2.15
CA ARG A 129 76.60 60.31 0.98
C ARG A 129 77.88 59.58 1.37
N PHE A 130 78.49 59.98 2.48
CA PHE A 130 79.70 59.32 2.94
C PHE A 130 79.43 57.85 3.23
N ILE A 131 78.31 57.55 3.87
CA ILE A 131 77.97 56.16 4.18
C ILE A 131 77.70 55.36 2.90
N GLU A 132 76.96 55.95 1.96
CA GLU A 132 76.74 55.27 0.67
C GLU A 132 78.06 54.91 0.02
N LEU A 133 78.93 55.92 -0.13
CA LEU A 133 80.19 55.71 -0.80
C LEU A 133 81.04 54.70 -0.08
N SER A 134 81.04 54.77 1.25
CA SER A 134 81.86 53.86 2.02
C SER A 134 81.39 52.43 1.84
N HIS A 135 80.08 52.21 1.84
CA HIS A 135 79.57 50.89 1.57
C HIS A 135 79.97 50.42 0.18
N LYS A 136 79.81 51.28 -0.81
CA LYS A 136 80.13 50.90 -2.19
C LYS A 136 81.61 50.58 -2.35
N LEU A 137 82.48 51.41 -1.77
CA LEU A 137 83.91 51.36 -2.04
C LEU A 137 84.65 50.46 -1.09
N LEU A 138 84.07 50.11 0.05
CA LEU A 138 84.74 49.33 1.06
C LEU A 138 84.06 48.02 1.35
N LEU A 139 82.77 47.89 1.07
CA LEU A 139 82.07 46.62 1.18
C LEU A 139 81.60 46.09 -0.16
N GLY A 140 81.60 46.91 -1.20
CA GLY A 140 81.15 46.49 -2.50
C GLY A 140 79.67 46.39 -2.67
N ARG A 141 78.89 47.04 -1.81
CA ARG A 141 77.46 46.95 -1.85
C ARG A 141 76.88 48.29 -1.42
N ALA A 142 75.57 48.36 -1.40
CA ALA A 142 74.87 49.54 -0.95
C ALA A 142 74.24 49.31 0.40
N PRO A 143 73.94 50.37 1.15
CA PRO A 143 73.23 50.19 2.42
C PRO A 143 71.90 49.51 2.21
N TYR A 144 71.60 48.53 3.05
CA TYR A 144 70.38 47.76 2.90
C TYR A 144 69.21 48.34 3.68
N ASP A 145 69.49 48.97 4.82
CA ASP A 145 68.45 49.40 5.75
C ASP A 145 68.79 50.79 6.28
N GLN A 146 67.77 51.45 6.83
CA GLN A 146 67.99 52.73 7.48
C GLN A 146 68.79 52.55 8.77
N ALA A 147 68.71 51.36 9.37
CA ALA A 147 69.43 51.09 10.61
C ALA A 147 70.92 51.19 10.42
N GLU A 148 71.44 50.85 9.23
CA GLU A 148 72.86 50.99 8.97
C GLU A 148 73.29 52.45 8.95
N ILE A 149 72.50 53.31 8.31
CA ILE A 149 72.79 54.74 8.33
C ILE A 149 72.74 55.30 9.74
N SER A 150 71.74 54.91 10.53
CA SER A 150 71.70 55.40 11.90
C SER A 150 72.89 54.90 12.70
N TYR A 151 73.25 53.63 12.53
CA TYR A 151 74.38 53.06 13.24
C TYR A 151 75.68 53.77 12.90
N HIS A 152 75.92 54.00 11.62
CA HIS A 152 77.17 54.62 11.21
C HIS A 152 77.22 56.09 11.55
N LEU A 153 76.09 56.79 11.49
CA LEU A 153 76.07 58.19 11.89
C LEU A 153 76.37 58.33 13.37
N ASP A 154 75.75 57.49 14.19
CA ASP A 154 76.04 57.52 15.62
C ASP A 154 77.48 57.15 15.91
N LEU A 155 78.01 56.16 15.20
CA LEU A 155 79.38 55.74 15.43
C LEU A 155 80.38 56.82 15.07
N TRP A 156 80.17 57.52 13.96
CA TRP A 156 81.03 58.65 13.65
C TRP A 156 80.89 59.77 14.67
N ASN A 157 79.66 60.10 15.07
CA ASN A 157 79.46 61.19 16.00
C ASN A 157 80.12 60.91 17.34
N THR A 158 80.02 59.68 17.82
CA THR A 158 80.63 59.33 19.09
C THR A 158 82.14 59.19 18.96
N GLN A 159 82.59 58.23 18.14
CA GLN A 159 83.98 57.82 18.17
C GLN A 159 84.84 58.39 17.05
N GLY A 160 84.26 59.13 16.13
CA GLY A 160 85.04 59.80 15.12
C GLY A 160 85.23 58.96 13.88
N TYR A 161 85.95 59.55 12.93
CA TYR A 161 85.99 59.04 11.57
C TYR A 161 86.73 57.71 11.48
N ASP A 162 87.85 57.60 12.18
CA ASP A 162 88.67 56.39 12.07
C ASP A 162 87.94 55.16 12.58
N ALA A 163 87.17 55.29 13.66
CA ALA A 163 86.39 54.16 14.14
C ALA A 163 85.34 53.74 13.12
N GLU A 164 84.78 54.71 12.40
CA GLU A 164 83.86 54.39 11.30
C GLU A 164 84.55 53.59 10.21
N ILE A 165 85.74 54.01 9.80
CA ILE A 165 86.46 53.28 8.77
C ILE A 165 86.84 51.90 9.26
N ASP A 166 87.18 51.77 10.54
CA ASP A 166 87.43 50.47 11.11
C ASP A 166 86.22 49.58 11.05
N SER A 167 85.05 50.11 11.42
CA SER A 167 83.85 49.29 11.36
C SER A 167 83.60 48.79 9.96
N TYR A 168 83.90 49.61 8.95
CA TYR A 168 83.79 49.14 7.58
C TYR A 168 84.78 48.03 7.29
N VAL A 169 86.03 48.21 7.70
CA VAL A 169 87.09 47.31 7.26
C VAL A 169 87.28 46.16 8.24
N ASP A 170 86.93 46.35 9.51
CA ASP A 170 86.99 45.27 10.47
C ASP A 170 85.69 44.47 10.54
N SER A 171 84.82 44.59 9.55
CA SER A 171 83.55 43.89 9.58
C SER A 171 83.71 42.46 9.11
N GLU A 172 82.83 41.59 9.59
CA GLU A 172 82.89 40.18 9.21
C GLU A 172 82.51 40.00 7.75
N GLU A 173 81.78 40.96 7.21
CA GLU A 173 81.38 40.91 5.81
C GLU A 173 82.55 41.27 4.88
N TYR A 174 83.34 42.27 5.27
CA TYR A 174 84.56 42.57 4.54
C TYR A 174 85.49 41.38 4.53
N LEU A 175 85.64 40.72 5.67
CA LEU A 175 86.56 39.60 5.75
C LEU A 175 86.02 38.37 5.05
N ASP A 176 84.70 38.21 5.04
CA ASP A 176 84.10 37.11 4.29
C ASP A 176 84.36 37.26 2.80
N PHE A 177 84.19 38.46 2.26
CA PHE A 177 84.27 38.62 0.82
C PHE A 177 85.66 38.97 0.30
N PHE A 178 86.47 39.67 1.09
CA PHE A 178 87.78 40.07 0.63
C PHE A 178 88.93 39.59 1.50
N GLY A 179 88.66 39.18 2.74
CA GLY A 179 89.75 38.70 3.55
C GLY A 179 90.81 39.76 3.76
N GLU A 180 92.07 39.35 3.65
CA GLU A 180 93.20 40.26 3.81
C GLU A 180 93.96 40.51 2.52
N ASP A 181 93.70 39.74 1.47
CA ASP A 181 94.57 39.72 0.30
C ASP A 181 93.96 40.37 -0.92
N THR A 182 92.66 40.31 -1.13
CA THR A 182 92.08 40.78 -2.38
C THR A 182 91.45 42.15 -2.22
N VAL A 183 91.60 42.96 -3.27
CA VAL A 183 91.03 44.30 -3.34
C VAL A 183 89.52 44.20 -3.28
N PRO A 184 88.83 45.12 -2.61
CA PRO A 184 87.38 45.12 -2.67
C PRO A 184 86.89 45.33 -4.11
N PHE A 185 85.74 44.74 -4.41
CA PHE A 185 85.10 44.88 -5.70
C PHE A 185 83.61 45.02 -5.47
N LEU A 186 82.92 45.57 -6.47
CA LEU A 186 81.46 45.61 -6.42
C LEU A 186 80.92 44.20 -6.50
N ARG A 187 80.26 43.75 -5.43
CA ARG A 187 79.94 42.35 -5.29
C ARG A 187 78.46 42.04 -5.37
N ASP A 188 77.60 43.05 -5.39
CA ASP A 188 76.16 42.84 -5.44
C ASP A 188 75.62 42.69 -6.84
N PHE A 189 76.48 42.62 -7.84
CA PHE A 189 76.02 42.34 -9.18
C PHE A 189 75.92 40.86 -9.47
N LYS A 190 76.25 40.03 -8.48
CA LYS A 190 75.99 38.61 -8.51
C LYS A 190 75.37 38.23 -7.18
N TYR A 191 74.51 37.22 -7.19
CA TYR A 191 73.81 36.87 -5.96
C TYR A 191 74.75 36.15 -5.00
N GLN A 192 74.88 36.72 -3.80
CA GLN A 192 75.61 36.11 -2.71
C GLN A 192 74.61 35.74 -1.63
N THR A 193 75.10 35.09 -0.58
CA THR A 193 74.19 34.46 0.38
C THR A 193 73.31 35.46 1.10
N GLY A 194 73.89 36.55 1.62
CA GLY A 194 73.14 37.48 2.42
C GLY A 194 72.59 38.69 1.71
N GLN A 195 72.37 38.63 0.40
CA GLN A 195 71.88 39.78 -0.32
C GLN A 195 70.43 40.07 0.02
N GLN A 196 70.00 41.27 -0.35
CA GLN A 196 68.62 41.68 -0.22
C GLN A 196 68.13 42.22 -1.56
N GLY A 197 66.82 42.18 -1.76
CA GLY A 197 66.28 42.48 -3.07
C GLY A 197 66.64 43.86 -3.57
N VAL A 198 66.85 44.80 -2.67
CA VAL A 198 67.13 46.18 -3.05
C VAL A 198 68.59 46.41 -3.37
N GLY A 199 69.47 45.46 -3.04
CA GLY A 199 70.88 45.69 -3.19
C GLY A 199 71.29 45.90 -4.63
N TYR A 200 70.74 45.09 -5.53
CA TYR A 200 71.11 45.20 -6.94
C TYR A 200 70.74 46.56 -7.50
N SER A 201 69.51 46.98 -7.31
CA SER A 201 69.05 48.27 -7.81
C SER A 201 69.83 49.41 -7.17
N ARG A 202 70.09 49.34 -5.87
CA ARG A 202 70.74 50.43 -5.19
C ARG A 202 72.20 50.57 -5.61
N LEU A 203 72.91 49.44 -5.73
CA LEU A 203 74.28 49.51 -6.23
C LEU A 203 74.31 50.03 -7.66
N LEU A 204 73.40 49.54 -8.49
CA LEU A 204 73.34 49.99 -9.87
C LEU A 204 73.05 51.47 -9.94
N ASN A 205 72.33 51.98 -8.94
CA ASN A 205 72.11 53.42 -8.78
C ASN A 205 73.40 54.13 -8.38
N LEU A 206 74.19 53.52 -7.49
CA LEU A 206 75.45 54.12 -7.07
C LEU A 206 76.55 53.98 -8.10
N TYR A 207 76.41 53.05 -9.03
CA TYR A 207 77.42 52.81 -10.05
C TYR A 207 77.05 53.57 -11.30
N ASP A 208 77.92 54.47 -11.72
CA ASP A 208 77.63 55.41 -12.80
C ASP A 208 78.20 54.98 -14.12
N GLY A 209 78.53 53.71 -14.27
CA GLY A 209 79.18 53.25 -15.47
C GLY A 209 80.69 53.17 -15.30
N TYR A 210 81.33 52.61 -16.31
CA TYR A 210 82.77 52.41 -16.24
C TYR A 210 83.51 53.74 -16.32
N ALA A 211 83.00 54.68 -17.11
CA ALA A 211 83.62 55.99 -17.28
C ALA A 211 83.08 57.03 -16.33
N GLY A 212 82.10 56.70 -15.50
CA GLY A 212 81.66 57.58 -14.45
C GLY A 212 82.56 57.49 -13.23
N SER A 213 82.33 58.38 -12.28
CA SER A 213 83.15 58.47 -11.08
C SER A 213 82.33 59.08 -9.97
N ASP A 214 82.82 58.92 -8.74
CA ASP A 214 82.26 59.57 -7.57
C ASP A 214 83.10 60.81 -7.28
N THR A 215 82.90 61.85 -8.06
CA THR A 215 83.68 63.06 -7.94
C THR A 215 82.94 64.10 -7.13
N ASP A 216 83.67 64.76 -6.24
CA ASP A 216 83.19 65.96 -5.60
C ASP A 216 83.21 67.17 -6.51
N ARG A 217 83.85 67.07 -7.67
CA ARG A 217 84.08 68.21 -8.55
C ARG A 217 82.97 68.42 -9.56
N ALA A 218 81.80 67.81 -9.35
CA ALA A 218 80.65 68.12 -10.17
C ALA A 218 80.16 69.53 -9.86
N GLN A 219 79.47 70.13 -10.83
CA GLN A 219 78.94 71.47 -10.62
C GLN A 219 77.85 71.48 -9.56
N SER A 220 77.05 70.42 -9.49
CA SER A 220 76.12 70.28 -8.39
C SER A 220 76.80 69.96 -7.07
N GLY A 221 78.06 69.56 -7.11
CA GLY A 221 78.75 69.12 -5.93
C GLY A 221 78.57 67.64 -5.68
N GLN A 222 78.86 67.25 -4.45
CA GLN A 222 78.77 65.86 -4.01
C GLN A 222 77.47 65.69 -3.25
N LYS A 223 76.51 64.99 -3.85
CA LYS A 223 75.18 64.86 -3.27
C LYS A 223 74.81 63.41 -3.03
N ALA A 224 74.11 63.18 -1.93
CA ALA A 224 73.57 61.86 -1.65
C ALA A 224 72.45 61.55 -2.62
N ARG A 225 72.44 60.33 -3.15
CA ARG A 225 71.39 59.93 -4.07
C ARG A 225 70.52 58.82 -3.53
N LEU A 226 70.85 58.24 -2.39
CA LEU A 226 70.03 57.22 -1.77
C LEU A 226 69.47 57.67 -0.42
N ASN A 227 69.53 58.96 -0.10
CA ASN A 227 69.09 59.41 1.22
C ASN A 227 67.59 59.27 1.38
N GLY A 228 66.84 59.40 0.28
CA GLY A 228 65.41 59.25 0.36
C GLY A 228 64.94 57.84 0.14
N THR A 229 65.63 57.07 -0.70
CA THR A 229 65.16 55.73 -1.01
C THR A 229 65.41 54.76 0.13
N ILE A 230 66.41 55.03 0.96
CA ILE A 230 66.70 54.09 2.05
C ILE A 230 65.74 54.32 3.20
N ALA A 231 65.35 55.57 3.44
CA ALA A 231 64.38 55.85 4.50
C ALA A 231 63.00 55.29 4.17
N GLN A 232 62.58 55.41 2.91
CA GLN A 232 61.35 54.78 2.45
C GLN A 232 61.48 53.30 2.17
N ALA A 233 62.68 52.73 2.27
CA ALA A 233 62.90 51.32 2.00
C ALA A 233 62.46 50.96 0.58
N GLU A 234 62.75 51.84 -0.34
CA GLU A 234 62.46 51.66 -1.75
C GLU A 234 63.62 51.02 -2.46
N PRO A 235 63.41 50.51 -3.67
CA PRO A 235 64.54 50.08 -4.49
C PRO A 235 65.29 51.28 -5.04
N GLY A 236 66.21 51.01 -5.94
CA GLY A 236 67.00 52.05 -6.54
C GLY A 236 66.68 52.27 -7.99
N SER A 237 67.23 53.35 -8.53
CA SER A 237 67.00 53.68 -9.93
C SER A 237 67.88 52.83 -10.83
N ILE A 238 67.28 52.28 -11.87
CA ILE A 238 67.96 51.42 -12.83
C ILE A 238 68.14 52.13 -14.17
N GLU A 239 68.20 53.45 -14.18
CA GLU A 239 68.45 54.17 -15.42
C GLU A 239 69.95 54.27 -15.69
N ARG A 240 70.39 53.65 -16.76
CA ARG A 240 71.78 53.50 -17.12
C ARG A 240 72.20 54.62 -18.05
N PRO A 241 73.50 54.76 -18.32
CA PRO A 241 73.95 55.89 -19.15
C PRO A 241 73.44 55.80 -20.58
N SER A 242 73.60 56.91 -21.30
CA SER A 242 72.99 57.06 -22.61
C SER A 242 73.75 56.29 -23.68
N ALA A 243 74.98 55.87 -23.39
CA ALA A 243 75.79 55.19 -24.39
C ALA A 243 75.32 53.78 -24.65
N LEU A 244 74.36 53.30 -23.88
CA LEU A 244 73.99 51.90 -23.90
C LEU A 244 72.67 51.61 -24.59
N GLN A 245 71.97 52.62 -25.10
CA GLN A 245 70.74 52.33 -25.84
C GLN A 245 71.02 51.88 -27.26
N ASP A 246 72.26 51.50 -27.56
CA ASP A 246 72.60 50.90 -28.84
C ASP A 246 72.99 49.43 -28.71
N THR A 247 72.66 48.79 -27.59
CA THR A 247 73.10 47.42 -27.33
C THR A 247 71.90 46.47 -27.37
N TRP A 248 71.94 45.52 -28.29
CA TRP A 248 70.99 44.41 -28.38
C TRP A 248 69.54 44.92 -28.40
N LYS A 249 69.27 45.79 -29.37
CA LYS A 249 67.94 46.40 -29.44
C LYS A 249 66.89 45.45 -29.98
N PHE A 250 67.27 44.32 -30.55
CA PHE A 250 66.31 43.39 -31.10
C PHE A 250 65.86 42.32 -30.12
N ALA A 251 66.29 42.41 -28.86
CA ALA A 251 65.78 41.51 -27.85
C ALA A 251 64.37 41.89 -27.46
N ASN A 252 63.56 40.88 -27.17
CA ASN A 252 62.15 41.07 -26.85
C ASN A 252 61.82 40.34 -25.56
N PRO A 253 62.27 40.87 -24.42
CA PRO A 253 61.93 40.25 -23.14
C PRO A 253 60.43 40.15 -22.89
N ASN A 254 59.66 41.16 -23.28
CA ASN A 254 58.23 41.19 -23.00
C ASN A 254 57.43 40.51 -24.09
N TYR A 255 57.91 39.33 -24.47
CA TYR A 255 57.30 38.58 -25.56
C TYR A 255 55.91 38.07 -25.18
N ARG A 256 55.72 37.66 -23.93
CA ARG A 256 54.43 37.15 -23.48
C ARG A 256 53.40 38.25 -23.27
N ASN A 257 53.78 39.52 -23.35
CA ASN A 257 52.83 40.59 -23.11
C ASN A 257 51.80 40.66 -24.23
N ALA A 258 50.55 40.84 -23.84
CA ALA A 258 49.44 40.90 -24.78
C ALA A 258 49.20 42.34 -25.19
N LYS A 259 49.13 42.58 -26.49
CA LYS A 259 48.69 43.88 -26.98
C LYS A 259 47.18 43.99 -26.82
N PRO A 260 46.68 45.08 -26.23
CA PRO A 260 45.23 45.23 -26.05
C PRO A 260 44.54 45.48 -27.38
N PRO A 261 43.27 45.14 -27.51
CA PRO A 261 42.52 45.51 -28.72
C PRO A 261 42.24 47.00 -28.73
N MET A 262 41.97 47.52 -29.93
CA MET A 262 41.67 48.95 -30.01
C MET A 262 40.40 49.31 -29.26
N VAL A 263 39.34 48.51 -29.39
CA VAL A 263 38.15 48.68 -28.58
C VAL A 263 37.89 47.36 -27.87
N LYS A 264 37.24 47.42 -26.72
CA LYS A 264 36.96 46.20 -25.98
C LYS A 264 35.74 45.49 -26.56
N ALA A 265 35.78 44.17 -26.58
CA ALA A 265 34.64 43.40 -27.06
C ALA A 265 33.47 43.57 -26.11
N LEU A 266 32.32 43.91 -26.66
CA LEU A 266 31.11 44.11 -25.89
C LEU A 266 30.03 43.18 -26.43
N ALA A 267 29.20 42.69 -25.53
CA ALA A 267 28.05 41.86 -25.87
C ALA A 267 26.79 42.67 -25.57
N LEU A 268 26.04 43.00 -26.62
CA LEU A 268 24.85 43.83 -26.46
C LEU A 268 23.69 43.02 -25.88
N GLU A 269 23.68 41.71 -26.10
CA GLU A 269 22.65 40.82 -25.62
C GLU A 269 23.25 39.58 -24.97
N PRO A 270 22.57 38.98 -23.98
CA PRO A 270 23.04 37.78 -23.28
C PRO A 270 23.16 36.58 -24.19
N VAL A 287 26.55 41.02 -18.58
CA VAL A 287 26.07 40.82 -19.94
C VAL A 287 27.08 41.38 -20.93
N ASP A 288 27.56 42.57 -20.66
CA ASP A 288 28.53 43.23 -21.52
C ASP A 288 29.87 42.51 -21.58
N LEU A 289 30.18 41.66 -20.60
CA LEU A 289 31.49 41.05 -20.49
C LEU A 289 31.49 39.56 -20.79
N LEU A 290 30.48 39.04 -21.49
CA LEU A 290 30.40 37.61 -21.68
C LEU A 290 31.43 37.09 -22.67
N PHE A 291 31.82 37.90 -23.65
CA PHE A 291 32.86 37.46 -24.58
C PHE A 291 34.21 37.39 -23.90
N LEU A 292 34.47 38.30 -22.96
CA LEU A 292 35.70 38.19 -22.18
C LEU A 292 35.69 36.94 -21.32
N ASN A 293 34.54 36.59 -20.75
CA ASN A 293 34.44 35.37 -19.97
C ASN A 293 34.66 34.13 -20.84
N MET A 294 34.02 34.11 -22.01
CA MET A 294 34.21 32.99 -22.93
C MET A 294 35.66 32.89 -23.34
N ALA A 295 36.30 34.03 -23.60
CA ALA A 295 37.71 34.06 -23.95
C ALA A 295 38.59 33.53 -22.84
N LYS A 296 38.34 33.95 -21.60
CA LYS A 296 39.12 33.46 -20.47
C LYS A 296 38.97 31.96 -20.29
N ASP A 297 37.74 31.45 -20.36
CA ASP A 297 37.56 30.01 -20.27
C ASP A 297 38.29 29.28 -21.39
N LEU A 298 38.25 29.80 -22.61
CA LEU A 298 38.92 29.10 -23.70
C LEU A 298 40.42 29.10 -23.54
N THR A 299 41.02 30.26 -23.29
CA THR A 299 42.46 30.40 -23.43
C THR A 299 43.24 30.31 -22.13
N SER A 300 42.71 30.88 -21.04
CA SER A 300 43.52 31.04 -19.83
C SER A 300 43.98 29.70 -19.28
N VAL A 301 43.09 28.71 -19.27
CA VAL A 301 43.35 27.46 -18.58
C VAL A 301 43.68 26.38 -19.61
N SER A 302 44.19 25.25 -19.12
CA SER A 302 44.53 24.13 -19.97
C SER A 302 43.28 23.53 -20.59
N ARG A 303 43.46 22.87 -21.73
CA ARG A 303 42.33 22.22 -22.39
C ARG A 303 41.92 20.95 -21.66
N ALA A 304 42.83 20.32 -20.93
CA ALA A 304 42.55 19.02 -20.33
C ALA A 304 41.43 19.12 -19.29
N GLU A 305 41.58 20.03 -18.32
CA GLU A 305 40.54 20.10 -17.30
C GLU A 305 39.28 20.69 -17.87
N TRP A 306 39.41 21.55 -18.89
CA TRP A 306 38.23 22.04 -19.61
C TRP A 306 37.40 20.89 -20.15
N LEU A 307 38.06 19.97 -20.85
CA LEU A 307 37.33 18.84 -21.40
C LEU A 307 36.79 17.95 -20.30
N ALA A 308 37.58 17.74 -19.24
CA ALA A 308 37.13 16.89 -18.14
C ALA A 308 35.87 17.46 -17.50
N LYS A 309 35.83 18.76 -17.26
CA LYS A 309 34.63 19.36 -16.67
C LYS A 309 33.48 19.39 -17.64
N SER A 310 33.76 19.52 -18.95
CA SER A 310 32.67 19.47 -19.93
C SER A 310 32.06 18.08 -20.00
N TYR A 311 32.85 17.04 -19.76
CA TYR A 311 32.34 15.68 -19.87
C TYR A 311 31.45 15.32 -18.69
N THR A 312 31.64 15.97 -17.56
CA THR A 312 30.90 15.65 -16.35
C THR A 312 29.75 16.61 -16.10
N GLN A 313 29.50 17.54 -17.01
CA GLN A 313 28.37 18.43 -16.84
C GLN A 313 27.08 17.63 -16.82
N PRO A 314 26.16 17.95 -15.91
CA PRO A 314 24.92 17.20 -15.83
C PRO A 314 24.15 17.27 -17.13
N SER A 315 23.62 16.13 -17.54
CA SER A 315 22.88 16.05 -18.78
C SER A 315 21.56 16.80 -18.68
N ARG A 316 21.01 17.16 -19.84
CA ARG A 316 19.71 17.84 -19.84
C ARG A 316 18.58 16.83 -19.73
N TYR A 317 18.79 15.62 -20.22
CA TYR A 317 17.97 14.49 -19.79
C TYR A 317 18.30 14.23 -18.33
N GLN A 318 17.35 14.46 -17.45
CA GLN A 318 17.59 14.21 -16.03
C GLN A 318 17.01 12.84 -15.73
N GLN A 319 17.75 11.81 -16.13
CA GLN A 319 17.27 10.43 -16.08
C GLN A 319 18.13 9.65 -15.11
N THR A 320 17.52 9.11 -14.06
CA THR A 320 18.20 8.20 -13.17
C THR A 320 18.44 6.88 -13.89
N GLU A 321 19.11 5.96 -13.21
CA GLU A 321 19.34 4.65 -13.81
C GLU A 321 18.04 3.87 -13.95
N THR A 322 17.15 3.98 -12.96
CA THR A 322 15.88 3.28 -13.00
C THR A 322 14.82 3.99 -13.82
N PHE A 323 15.11 5.19 -14.32
CA PHE A 323 14.27 5.83 -15.31
C PHE A 323 14.04 4.86 -16.46
N GLY A 324 12.79 4.74 -16.88
CA GLY A 324 12.49 3.87 -17.99
C GLY A 324 11.84 2.59 -17.51
N GLN A 325 12.35 2.07 -16.40
CA GLN A 325 11.66 0.97 -15.73
C GLN A 325 10.58 1.49 -14.79
N GLU A 326 10.81 2.66 -14.20
CA GLU A 326 9.76 3.35 -13.44
C GLU A 326 8.65 3.81 -14.36
N ARG A 327 8.98 4.14 -15.61
CA ARG A 327 7.97 4.60 -16.55
C ARG A 327 6.99 3.49 -16.91
N ILE A 328 7.51 2.32 -17.30
CA ILE A 328 6.66 1.18 -17.57
C ILE A 328 6.24 0.46 -16.31
N GLY A 329 6.65 0.94 -15.14
CA GLY A 329 6.20 0.37 -13.90
C GLY A 329 6.72 -1.00 -13.57
N ALA A 330 7.86 -1.39 -14.12
CA ALA A 330 8.38 -2.73 -13.95
C ALA A 330 9.71 -2.75 -13.20
N VAL A 331 9.90 -1.85 -12.23
CA VAL A 331 11.10 -1.92 -11.42
C VAL A 331 11.06 -3.16 -10.55
N GLY A 332 9.93 -3.40 -9.89
CA GLY A 332 9.80 -4.57 -9.04
C GLY A 332 9.89 -5.87 -9.82
N ALA A 333 9.16 -5.96 -10.93
CA ALA A 333 9.16 -7.18 -11.71
C ALA A 333 10.53 -7.52 -12.25
N ILE A 334 11.44 -6.56 -12.28
CA ILE A 334 12.79 -6.79 -12.74
C ILE A 334 13.74 -7.07 -11.58
N GLU A 335 13.56 -6.40 -10.43
CA GLU A 335 14.47 -6.58 -9.32
C GLU A 335 14.03 -7.66 -8.34
N THR A 336 12.99 -8.42 -8.65
CA THR A 336 12.67 -9.56 -7.81
C THR A 336 13.80 -10.58 -7.87
N PRO A 337 14.08 -11.24 -6.76
CA PRO A 337 15.08 -12.32 -6.78
C PRO A 337 14.60 -13.49 -7.62
N ARG A 338 15.53 -14.07 -8.36
CA ARG A 338 15.23 -15.29 -9.09
C ARG A 338 15.24 -16.44 -8.12
N ILE A 339 14.11 -17.12 -7.99
CA ILE A 339 13.97 -18.22 -7.04
C ILE A 339 14.37 -19.51 -7.74
N ASN A 340 15.29 -20.24 -7.13
CA ASN A 340 15.61 -21.59 -7.55
C ASN A 340 15.42 -22.52 -6.36
N LEU A 341 14.84 -23.69 -6.61
CA LEU A 341 14.52 -24.64 -5.56
C LEU A 341 15.13 -25.98 -5.95
N ARG A 342 16.21 -26.36 -5.26
CA ARG A 342 16.92 -27.60 -5.53
C ARG A 342 16.15 -28.75 -4.88
N ALA A 343 16.78 -29.91 -4.74
CA ALA A 343 16.07 -31.03 -4.11
C ALA A 343 16.17 -31.00 -2.59
N PRO A 344 17.35 -30.93 -1.96
CA PRO A 344 17.35 -30.69 -0.52
C PRO A 344 17.16 -29.22 -0.21
N PHE A 345 16.02 -28.89 0.38
CA PHE A 345 15.75 -27.49 0.66
C PHE A 345 15.23 -27.36 2.08
N THR A 346 15.45 -26.18 2.65
CA THR A 346 15.04 -25.88 3.99
C THR A 346 13.56 -25.54 4.01
N SER A 347 13.03 -25.28 5.21
CA SER A 347 11.62 -24.96 5.31
C SER A 347 11.34 -23.55 4.82
N GLU A 348 12.22 -22.60 5.16
CA GLU A 348 12.00 -21.22 4.76
C GLU A 348 12.17 -21.04 3.26
N GLU A 349 13.16 -21.72 2.67
CA GLU A 349 13.34 -21.68 1.23
C GLU A 349 12.12 -22.24 0.53
N PHE A 350 11.57 -23.33 1.06
CA PHE A 350 10.41 -23.98 0.47
C PHE A 350 9.18 -23.08 0.54
N GLN A 351 8.93 -22.48 1.70
CA GLN A 351 7.78 -21.60 1.86
C GLN A 351 7.89 -20.37 0.97
N GLY A 352 9.09 -19.80 0.88
CA GLY A 352 9.29 -18.67 -0.01
C GLY A 352 9.09 -19.03 -1.47
N ALA A 353 9.58 -20.20 -1.88
CA ALA A 353 9.36 -20.63 -3.25
C ALA A 353 7.88 -20.80 -3.54
N LEU A 354 7.13 -21.37 -2.59
CA LEU A 354 5.70 -21.48 -2.79
C LEU A 354 5.04 -20.12 -2.92
N TYR A 355 5.46 -19.17 -2.09
CA TYR A 355 4.88 -17.83 -2.18
C TYR A 355 5.13 -17.20 -3.54
N ALA A 356 6.37 -17.30 -4.02
CA ALA A 356 6.72 -16.76 -5.34
C ALA A 356 5.95 -17.44 -6.45
N ILE A 357 5.85 -18.77 -6.40
CA ILE A 357 5.15 -19.51 -7.42
C ILE A 357 3.69 -19.12 -7.47
N TYR A 358 3.07 -18.92 -6.31
CA TYR A 358 1.67 -18.53 -6.32
C TYR A 358 1.49 -17.10 -6.77
N ARG A 359 2.47 -16.24 -6.47
CA ARG A 359 2.31 -14.86 -6.88
C ARG A 359 2.46 -14.73 -8.39
N HIS A 360 3.24 -15.61 -9.01
CA HIS A 360 3.44 -15.48 -10.44
C HIS A 360 2.45 -16.31 -11.25
N ILE A 361 2.32 -17.59 -10.92
CA ILE A 361 1.52 -18.49 -11.73
C ILE A 361 0.05 -18.11 -11.68
N PHE A 362 -0.38 -17.45 -10.62
CA PHE A 362 -1.77 -17.07 -10.48
C PHE A 362 -1.99 -15.59 -10.68
N GLY A 363 -1.10 -14.93 -11.40
CA GLY A 363 -1.35 -13.58 -11.87
C GLY A 363 -1.59 -12.59 -10.77
N ASN A 364 -0.94 -12.78 -9.62
CA ASN A 364 -1.12 -11.91 -8.46
C ASN A 364 -2.55 -11.92 -7.96
N THR A 365 -3.22 -13.06 -8.10
CA THR A 365 -4.60 -13.22 -7.63
C THR A 365 -4.58 -13.86 -6.26
N TYR A 366 -5.44 -13.38 -5.38
CA TYR A 366 -5.54 -13.93 -4.03
C TYR A 366 -6.02 -15.37 -4.09
N VAL A 367 -5.23 -16.28 -3.55
CA VAL A 367 -5.60 -17.67 -3.44
C VAL A 367 -5.85 -17.96 -1.97
N MET A 368 -6.98 -18.59 -1.68
CA MET A 368 -7.40 -18.80 -0.30
C MET A 368 -6.81 -20.10 0.23
N GLU A 369 -6.79 -20.21 1.56
CA GLU A 369 -6.21 -21.39 2.19
C GLU A 369 -6.91 -22.67 1.78
N SER A 370 -8.19 -22.58 1.41
CA SER A 370 -8.91 -23.78 1.00
C SER A 370 -8.55 -24.18 -0.43
N GLU A 371 -7.98 -23.27 -1.21
CA GLU A 371 -7.65 -23.57 -2.59
C GLU A 371 -6.21 -23.99 -2.79
N ARG A 372 -5.40 -23.96 -1.75
CA ARG A 372 -3.99 -24.28 -1.92
C ARG A 372 -3.81 -25.79 -2.09
N PRO A 373 -2.96 -26.22 -3.03
CA PRO A 373 -2.75 -27.65 -3.29
C PRO A 373 -1.77 -28.27 -2.32
N THR A 374 -2.28 -29.01 -1.35
CA THR A 374 -1.41 -29.58 -0.33
C THR A 374 -0.74 -30.86 -0.82
N THR A 375 -1.42 -31.62 -1.67
CA THR A 375 -0.81 -32.84 -2.21
C THR A 375 0.32 -32.52 -3.17
N ALA A 376 0.10 -31.53 -4.05
CA ALA A 376 1.16 -31.10 -4.95
C ALA A 376 2.34 -30.54 -4.18
N GLU A 377 2.07 -29.78 -3.12
CA GLU A 377 3.15 -29.28 -2.28
C GLU A 377 3.89 -30.42 -1.61
N SER A 378 3.18 -31.47 -1.20
CA SER A 378 3.84 -32.64 -0.63
C SER A 378 4.73 -33.31 -1.65
N GLN A 379 4.24 -33.47 -2.87
CA GLN A 379 5.04 -34.10 -3.92
C GLN A 379 6.27 -33.29 -4.24
N LEU A 380 6.15 -31.97 -4.25
CA LEU A 380 7.31 -31.10 -4.45
C LEU A 380 8.27 -31.19 -3.27
N LYS A 381 7.75 -31.21 -2.05
CA LYS A 381 8.57 -31.31 -0.86
C LYS A 381 9.38 -32.61 -0.85
N ASP A 382 8.77 -33.72 -1.27
CA ASP A 382 9.49 -34.97 -1.32
C ASP A 382 10.60 -34.99 -2.34
N GLY A 383 10.39 -34.38 -3.50
CA GLY A 383 11.25 -34.58 -4.63
C GLY A 383 10.64 -35.41 -5.74
N ARG A 384 9.36 -35.76 -5.63
CA ARG A 384 8.71 -36.55 -6.66
C ARG A 384 8.55 -35.75 -7.95
N ILE A 385 8.38 -34.45 -7.84
CA ILE A 385 8.28 -33.57 -8.99
C ILE A 385 9.24 -32.40 -8.79
N THR A 386 9.51 -31.70 -9.89
CA THR A 386 10.36 -30.53 -9.85
C THR A 386 9.51 -29.27 -9.78
N VAL A 387 10.16 -28.12 -9.77
CA VAL A 387 9.43 -26.87 -9.90
C VAL A 387 8.61 -26.89 -11.18
N ARG A 388 9.19 -27.45 -12.25
CA ARG A 388 8.52 -27.50 -13.53
C ARG A 388 7.26 -28.36 -13.48
N GLY A 389 7.35 -29.56 -12.91
CA GLY A 389 6.18 -30.41 -12.79
C GLY A 389 5.15 -29.86 -11.85
N PHE A 390 5.60 -29.15 -10.82
CA PHE A 390 4.68 -28.45 -9.94
C PHE A 390 3.93 -27.35 -10.69
N ILE A 391 4.63 -26.59 -11.53
CA ILE A 391 4.00 -25.54 -12.34
C ILE A 391 3.00 -26.15 -13.31
N ARG A 392 3.37 -27.28 -13.90
CA ARG A 392 2.45 -27.98 -14.78
C ARG A 392 1.19 -28.41 -14.04
N LEU A 393 1.35 -28.91 -12.82
CA LEU A 393 0.20 -29.26 -12.00
C LEU A 393 -0.66 -28.05 -11.71
N LEU A 394 -0.04 -26.94 -11.32
CA LEU A 394 -0.79 -25.75 -10.96
C LEU A 394 -1.52 -25.18 -12.16
N ALA A 395 -0.93 -25.29 -13.34
CA ALA A 395 -1.59 -24.79 -14.54
C ALA A 395 -2.74 -25.67 -14.95
N LYS A 396 -2.67 -26.96 -14.63
CA LYS A 396 -3.78 -27.88 -14.87
C LYS A 396 -4.80 -27.85 -13.77
N SER A 397 -4.54 -27.12 -12.68
CA SER A 397 -5.43 -27.10 -11.54
C SER A 397 -6.64 -26.21 -11.79
N GLU A 398 -7.69 -26.47 -11.02
CA GLU A 398 -8.95 -25.75 -11.20
C GLU A 398 -8.82 -24.28 -10.86
N VAL A 399 -7.85 -23.92 -10.02
CA VAL A 399 -7.62 -22.50 -9.73
C VAL A 399 -7.26 -21.77 -11.01
N TYR A 400 -6.25 -22.29 -11.71
CA TYR A 400 -5.78 -21.70 -12.95
C TYR A 400 -6.86 -21.75 -14.02
N LYS A 401 -7.51 -22.90 -14.17
CA LYS A 401 -8.54 -23.03 -15.20
C LYS A 401 -9.66 -22.04 -14.98
N SER A 402 -10.13 -21.94 -13.75
CA SER A 402 -11.25 -21.06 -13.45
C SER A 402 -10.87 -19.60 -13.62
N ARG A 403 -9.65 -19.23 -13.31
CA ARG A 403 -9.33 -17.82 -13.38
C ARG A 403 -8.88 -17.37 -14.77
N PHE A 404 -8.37 -18.28 -15.59
CA PHE A 404 -7.75 -17.89 -16.83
C PHE A 404 -8.28 -18.61 -18.06
N PHE A 405 -9.13 -19.61 -17.91
CA PHE A 405 -9.60 -20.36 -19.06
C PHE A 405 -11.11 -20.34 -19.20
N GLN A 406 -11.86 -20.54 -18.12
CA GLN A 406 -13.27 -20.91 -18.23
C GLN A 406 -14.18 -19.71 -18.38
N LYS A 407 -13.69 -18.49 -18.18
CA LYS A 407 -14.51 -17.30 -18.36
C LYS A 407 -13.91 -16.35 -19.38
N THR A 408 -12.98 -16.83 -20.19
CA THR A 408 -12.22 -16.04 -21.14
C THR A 408 -12.44 -16.56 -22.54
N SER A 409 -11.98 -15.79 -23.52
CA SER A 409 -11.82 -16.33 -24.85
C SER A 409 -10.48 -17.03 -24.94
N GLN A 410 -10.29 -17.83 -25.98
CA GLN A 410 -9.00 -18.50 -26.11
C GLN A 410 -7.88 -17.51 -26.38
N ASN A 411 -8.19 -16.36 -26.97
CA ASN A 411 -7.17 -15.33 -27.15
C ASN A 411 -6.63 -14.86 -25.81
N ARG A 412 -7.52 -14.55 -24.88
CA ARG A 412 -7.10 -14.09 -23.56
C ARG A 412 -6.33 -15.19 -22.84
N PHE A 413 -6.79 -16.42 -22.96
CA PHE A 413 -6.10 -17.52 -22.32
C PHE A 413 -4.71 -17.71 -22.89
N ILE A 414 -4.54 -17.59 -24.20
CA ILE A 414 -3.24 -17.80 -24.82
C ILE A 414 -2.27 -16.68 -24.43
N GLU A 415 -2.70 -15.43 -24.55
CA GLU A 415 -1.81 -14.34 -24.15
C GLU A 415 -1.45 -14.44 -22.68
N LEU A 416 -2.41 -14.83 -21.85
CA LEU A 416 -2.20 -14.87 -20.42
C LEU A 416 -1.30 -16.04 -20.03
N SER A 417 -1.46 -17.18 -20.70
CA SER A 417 -0.56 -18.31 -20.50
C SER A 417 0.85 -17.98 -20.95
N HIS A 418 1.00 -17.29 -22.07
CA HIS A 418 2.34 -16.83 -22.47
C HIS A 418 2.95 -15.98 -21.38
N LYS A 419 2.19 -15.00 -20.89
CA LYS A 419 2.69 -14.10 -19.86
C LYS A 419 3.05 -14.84 -18.57
N LEU A 420 2.23 -15.79 -18.16
CA LEU A 420 2.40 -16.38 -16.85
C LEU A 420 3.37 -17.55 -16.86
N LEU A 421 3.42 -18.32 -17.93
CA LEU A 421 4.27 -19.49 -17.97
C LEU A 421 5.58 -19.27 -18.71
N LEU A 422 5.63 -18.33 -19.65
CA LEU A 422 6.87 -18.02 -20.34
C LEU A 422 7.46 -16.68 -19.92
N GLY A 423 6.67 -15.82 -19.29
CA GLY A 423 7.17 -14.54 -18.84
C GLY A 423 7.29 -13.53 -19.94
N ARG A 424 6.65 -13.79 -21.07
CA ARG A 424 6.78 -12.95 -22.25
C ARG A 424 5.43 -12.90 -22.93
N ALA A 425 5.33 -12.03 -23.88
CA ALA A 425 4.12 -11.85 -24.67
C ALA A 425 4.22 -12.63 -25.96
N PRO A 426 3.09 -12.96 -26.58
CA PRO A 426 3.13 -13.57 -27.91
C PRO A 426 3.80 -12.66 -28.90
N TYR A 427 4.50 -13.26 -29.87
CA TYR A 427 5.25 -12.48 -30.84
C TYR A 427 4.52 -12.28 -32.16
N ASP A 428 3.56 -13.14 -32.49
CA ASP A 428 2.83 -13.01 -33.74
C ASP A 428 1.52 -13.76 -33.63
N GLN A 429 0.73 -13.69 -34.71
CA GLN A 429 -0.57 -14.35 -34.74
C GLN A 429 -0.45 -15.86 -34.91
N ALA A 430 0.69 -16.33 -35.39
CA ALA A 430 0.90 -17.75 -35.55
C ALA A 430 0.85 -18.47 -34.21
N GLU A 431 1.30 -17.83 -33.15
CA GLU A 431 1.19 -18.42 -31.82
C GLU A 431 -0.28 -18.62 -31.42
N ILE A 432 -1.11 -17.61 -31.69
CA ILE A 432 -2.53 -17.72 -31.38
C ILE A 432 -3.15 -18.87 -32.14
N SER A 433 -2.91 -18.92 -33.46
CA SER A 433 -3.50 -19.97 -34.27
C SER A 433 -3.01 -21.35 -33.83
N TYR A 434 -1.71 -21.45 -33.57
CA TYR A 434 -1.11 -22.73 -33.19
C TYR A 434 -1.71 -23.25 -31.90
N HIS A 435 -1.81 -22.40 -30.89
CA HIS A 435 -2.29 -22.82 -29.58
C HIS A 435 -3.78 -23.08 -29.60
N LEU A 436 -4.54 -22.31 -30.37
CA LEU A 436 -5.96 -22.57 -30.49
C LEU A 436 -6.21 -23.91 -31.14
N ASP A 437 -5.48 -24.22 -32.22
CA ASP A 437 -5.63 -25.53 -32.85
C ASP A 437 -5.19 -26.64 -31.91
N LEU A 438 -4.13 -26.40 -31.15
CA LEU A 438 -3.65 -27.40 -30.21
C LEU A 438 -4.69 -27.73 -29.17
N TRP A 439 -5.31 -26.71 -28.57
CA TRP A 439 -6.34 -26.97 -27.58
C TRP A 439 -7.53 -27.66 -28.21
N ASN A 440 -7.92 -27.21 -29.41
CA ASN A 440 -9.11 -27.77 -30.05
C ASN A 440 -8.92 -29.23 -30.40
N THR A 441 -7.73 -29.63 -30.83
CA THR A 441 -7.51 -30.98 -31.31
C THR A 441 -7.01 -31.92 -30.23
N GLN A 442 -6.35 -31.43 -29.19
CA GLN A 442 -5.74 -32.28 -28.19
C GLN A 442 -6.11 -31.94 -26.75
N GLY A 443 -6.91 -30.92 -26.51
CA GLY A 443 -7.39 -30.62 -25.18
C GLY A 443 -6.53 -29.61 -24.46
N TYR A 444 -6.89 -29.37 -23.20
CA TYR A 444 -6.25 -28.34 -22.40
C TYR A 444 -4.90 -28.78 -21.87
N ASP A 445 -4.79 -30.06 -21.50
CA ASP A 445 -3.55 -30.55 -20.91
C ASP A 445 -2.40 -30.50 -21.91
N ALA A 446 -2.65 -30.88 -23.15
CA ALA A 446 -1.62 -30.79 -24.18
C ALA A 446 -1.22 -29.35 -24.43
N GLU A 447 -2.17 -28.44 -24.35
CA GLU A 447 -1.87 -27.02 -24.48
C GLU A 447 -0.94 -26.53 -23.37
N ILE A 448 -1.18 -26.94 -22.12
CA ILE A 448 -0.25 -26.60 -21.04
C ILE A 448 1.11 -27.26 -21.25
N ASP A 449 1.11 -28.51 -21.67
CA ASP A 449 2.36 -29.21 -21.89
C ASP A 449 3.21 -28.53 -22.96
N SER A 450 2.59 -27.95 -23.97
CA SER A 450 3.36 -27.21 -24.97
C SER A 450 4.13 -26.07 -24.33
N TYR A 451 3.49 -25.32 -23.44
CA TYR A 451 4.18 -24.24 -22.75
C TYR A 451 5.30 -24.77 -21.89
N VAL A 452 5.01 -25.79 -21.09
CA VAL A 452 5.97 -26.25 -20.10
C VAL A 452 7.04 -27.14 -20.72
N ASP A 453 6.72 -27.91 -21.75
CA ASP A 453 7.71 -28.71 -22.46
C ASP A 453 8.40 -27.93 -23.56
N SER A 454 8.14 -26.64 -23.67
CA SER A 454 8.74 -25.84 -24.70
C SER A 454 10.24 -25.68 -24.48
N GLU A 455 10.96 -25.43 -25.56
CA GLU A 455 12.39 -25.18 -25.45
C GLU A 455 12.67 -23.84 -24.79
N GLU A 456 11.78 -22.88 -24.97
CA GLU A 456 11.92 -21.59 -24.31
C GLU A 456 11.89 -21.72 -22.80
N TYR A 457 10.86 -22.42 -22.29
CA TYR A 457 10.74 -22.63 -20.85
C TYR A 457 11.98 -23.31 -20.30
N LEU A 458 12.41 -24.38 -20.94
CA LEU A 458 13.55 -25.14 -20.44
C LEU A 458 14.84 -24.34 -20.53
N ASP A 459 15.01 -23.54 -21.58
CA ASP A 459 16.17 -22.68 -21.65
C ASP A 459 16.21 -21.68 -20.51
N PHE A 460 15.08 -21.06 -20.18
CA PHE A 460 15.15 -19.96 -19.22
C PHE A 460 14.84 -20.37 -17.80
N PHE A 461 13.93 -21.31 -17.60
CA PHE A 461 13.55 -21.73 -16.26
C PHE A 461 14.06 -23.11 -15.89
N GLY A 462 13.93 -24.08 -16.79
CA GLY A 462 14.59 -25.35 -16.66
C GLY A 462 14.48 -26.11 -15.36
N GLU A 463 13.29 -26.59 -15.05
CA GLU A 463 13.06 -27.64 -14.07
C GLU A 463 13.26 -27.22 -12.61
N ASP A 464 13.88 -26.08 -12.36
CA ASP A 464 14.15 -25.72 -10.98
C ASP A 464 13.92 -24.26 -10.63
N THR A 465 13.90 -23.34 -11.58
CA THR A 465 13.64 -21.94 -11.26
C THR A 465 12.20 -21.60 -11.55
N VAL A 466 11.62 -20.78 -10.67
CA VAL A 466 10.28 -20.26 -10.88
C VAL A 466 10.27 -19.39 -12.13
N PRO A 467 9.23 -19.42 -12.94
CA PRO A 467 9.13 -18.46 -14.03
C PRO A 467 9.15 -17.04 -13.51
N TYR A 468 9.64 -16.13 -14.34
CA TYR A 468 9.67 -14.71 -14.04
C TYR A 468 9.38 -13.97 -15.33
N PHE A 469 9.15 -12.67 -15.21
CA PHE A 469 8.89 -11.84 -16.38
C PHE A 469 10.18 -11.55 -17.11
N ARG A 470 10.36 -12.18 -18.27
CA ARG A 470 11.55 -11.96 -19.08
C ARG A 470 11.40 -10.77 -20.01
N GLY A 471 10.25 -10.60 -20.62
CA GLY A 471 10.03 -9.66 -21.68
C GLY A 471 10.20 -8.21 -21.35
N PHE A 472 10.68 -7.87 -20.15
CA PHE A 472 11.06 -6.49 -19.89
C PHE A 472 12.50 -6.23 -20.26
N LYS A 473 13.17 -7.23 -20.79
CA LYS A 473 14.47 -7.11 -21.43
C LYS A 473 14.38 -7.71 -22.82
N TYR A 474 15.28 -7.29 -23.71
CA TYR A 474 15.26 -7.82 -25.06
C TYR A 474 15.56 -9.31 -25.02
N GLN A 475 14.74 -10.09 -25.72
CA GLN A 475 14.94 -11.53 -25.85
C GLN A 475 15.23 -11.82 -27.31
N THR A 476 16.14 -12.75 -27.57
CA THR A 476 16.50 -13.03 -28.95
C THR A 476 15.32 -13.66 -29.66
N GLY A 477 15.03 -13.18 -30.87
CA GLY A 477 13.86 -13.60 -31.60
C GLY A 477 12.60 -12.83 -31.27
N GLN A 478 12.68 -11.86 -30.38
CA GLN A 478 11.59 -10.98 -30.03
C GLN A 478 11.17 -10.17 -31.24
N SER A 479 9.96 -9.62 -31.23
CA SER A 479 9.42 -8.92 -32.40
C SER A 479 9.21 -7.44 -32.17
N ALA A 480 9.82 -6.86 -31.14
CA ALA A 480 9.85 -5.41 -30.91
C ALA A 480 8.49 -4.88 -30.50
N GLU A 481 7.48 -5.70 -30.66
CA GLU A 481 6.17 -5.43 -30.14
C GLU A 481 5.86 -6.34 -28.97
N GLY A 482 6.68 -7.38 -28.78
CA GLY A 482 6.60 -8.19 -27.58
C GLY A 482 6.88 -7.41 -26.32
N PHE A 483 7.86 -6.52 -26.34
CA PHE A 483 8.08 -5.65 -25.18
C PHE A 483 6.84 -4.82 -24.90
N ASN A 484 6.25 -4.27 -25.96
CA ASN A 484 5.08 -3.42 -25.79
C ASN A 484 3.87 -4.23 -25.38
N ARG A 485 3.74 -5.43 -25.93
CA ARG A 485 2.62 -6.28 -25.54
C ARG A 485 2.74 -6.73 -24.11
N LEU A 486 3.95 -6.95 -23.60
CA LEU A 486 4.10 -7.28 -22.19
C LEU A 486 3.79 -6.07 -21.31
N VAL A 487 4.25 -4.89 -21.71
CA VAL A 487 3.93 -3.70 -20.93
C VAL A 487 2.43 -3.50 -20.89
N ARG A 488 1.74 -3.79 -21.98
CA ARG A 488 0.29 -3.75 -22.01
C ARG A 488 -0.34 -4.82 -21.13
N LEU A 489 0.20 -6.03 -21.15
CA LEU A 489 -0.31 -7.12 -20.33
C LEU A 489 0.01 -6.91 -18.86
N TYR A 490 1.18 -6.40 -18.55
CA TYR A 490 1.55 -6.12 -17.18
C TYR A 490 0.80 -4.89 -16.67
N ASP A 491 0.33 -4.96 -15.44
CA ASP A 491 -0.52 -3.93 -14.87
C ASP A 491 0.12 -3.25 -13.66
N GLY A 492 1.36 -3.58 -13.39
CA GLY A 492 2.01 -3.06 -12.21
C GLY A 492 2.17 -4.12 -11.15
N TRP A 493 2.92 -3.75 -10.11
CA TRP A 493 3.16 -4.69 -9.02
C TRP A 493 1.90 -5.03 -8.28
N ALA A 494 1.01 -4.06 -8.06
CA ALA A 494 -0.27 -4.28 -7.41
C ALA A 494 -1.36 -4.68 -8.37
N GLY A 495 -1.03 -4.98 -9.61
CA GLY A 495 -2.02 -5.42 -10.56
C GLY A 495 -2.17 -6.91 -10.58
N SER A 496 -3.35 -7.36 -10.97
CA SER A 496 -3.63 -8.78 -11.05
C SER A 496 -4.23 -9.11 -12.40
N ASP A 497 -4.49 -10.38 -12.62
CA ASP A 497 -5.16 -10.89 -13.80
C ASP A 497 -6.52 -11.48 -13.45
N THR A 498 -7.22 -10.85 -12.52
CA THR A 498 -8.43 -11.47 -11.98
C THR A 498 -9.53 -11.51 -13.02
N ASP A 499 -10.37 -12.52 -12.87
CA ASP A 499 -11.60 -12.64 -13.62
C ASP A 499 -12.77 -11.95 -12.93
N ARG A 500 -12.53 -11.26 -11.82
CA ARG A 500 -13.56 -10.58 -11.06
C ARG A 500 -13.65 -9.10 -11.38
N ASN A 501 -12.94 -8.64 -12.41
CA ASN A 501 -13.08 -7.27 -12.82
C ASN A 501 -14.46 -7.07 -13.45
N VAL A 502 -14.90 -5.82 -13.49
CA VAL A 502 -16.31 -5.53 -13.71
C VAL A 502 -16.77 -6.07 -15.07
N GLY A 503 -15.95 -5.89 -16.10
CA GLY A 503 -16.38 -6.29 -17.43
C GLY A 503 -16.16 -7.76 -17.73
N GLY A 504 -15.35 -8.43 -16.93
CA GLY A 504 -14.98 -9.82 -17.18
C GLY A 504 -13.49 -9.95 -17.34
N GLN A 505 -13.08 -11.10 -17.87
CA GLN A 505 -11.68 -11.36 -18.21
C GLN A 505 -11.58 -11.30 -19.73
N VAL A 506 -11.02 -10.21 -20.25
CA VAL A 506 -11.12 -9.90 -21.67
C VAL A 506 -9.73 -9.74 -22.27
N ALA A 507 -9.64 -10.05 -23.56
CA ALA A 507 -8.40 -10.03 -24.33
C ALA A 507 -7.90 -8.60 -24.48
N ARG A 508 -6.59 -8.47 -24.67
CA ARG A 508 -5.95 -7.17 -24.74
C ARG A 508 -5.19 -6.92 -26.03
N LEU A 509 -4.69 -7.98 -26.66
CA LEU A 509 -3.72 -7.85 -27.73
C LEU A 509 -4.24 -8.30 -29.08
N THR A 510 -5.55 -8.50 -29.23
CA THR A 510 -6.05 -9.15 -30.44
C THR A 510 -5.74 -8.32 -31.69
N ALA A 511 -6.12 -7.04 -31.68
CA ALA A 511 -5.90 -6.19 -32.84
C ALA A 511 -4.42 -5.97 -33.10
N ASN A 512 -3.65 -5.74 -32.03
CA ASN A 512 -2.22 -5.55 -32.18
C ASN A 512 -1.55 -6.80 -32.72
N LEU A 513 -1.96 -7.97 -32.25
CA LEU A 513 -1.36 -9.21 -32.72
C LEU A 513 -1.67 -9.44 -34.19
N THR A 514 -2.95 -9.34 -34.56
CA THR A 514 -3.33 -9.65 -35.93
C THR A 514 -2.75 -8.63 -36.89
N ARG A 515 -2.84 -7.35 -36.55
CA ARG A 515 -2.36 -6.30 -37.44
C ARG A 515 -0.84 -6.32 -37.55
N GLY A 516 -0.16 -6.74 -36.50
CA GLY A 516 1.27 -6.64 -36.43
C GLY A 516 1.77 -5.37 -35.80
N GLY A 517 0.88 -4.43 -35.51
CA GLY A 517 1.30 -3.16 -34.94
C GLY A 517 0.13 -2.22 -34.84
N SER A 518 0.44 -0.95 -34.63
CA SER A 518 -0.59 0.08 -34.55
C SER A 518 -1.21 0.38 -35.90
N GLY A 519 -0.48 0.13 -36.99
CA GLY A 519 -0.95 0.51 -38.29
C GLY A 519 -0.71 1.96 -38.66
N LEU A 520 0.13 2.66 -37.91
CA LEU A 520 0.42 4.06 -38.16
C LEU A 520 1.82 4.27 -38.71
N GLU A 521 2.59 3.20 -38.85
CA GLU A 521 3.99 3.33 -39.25
C GLU A 521 4.21 3.95 -40.62
N PRO A 522 3.47 3.59 -41.68
CA PRO A 522 3.68 4.27 -42.96
C PRO A 522 3.53 5.77 -42.84
N PHE A 523 2.60 6.21 -42.01
CA PHE A 523 2.39 7.62 -41.80
C PHE A 523 3.48 8.25 -40.95
N ILE A 524 4.09 7.47 -40.05
CA ILE A 524 5.27 7.97 -39.36
C ILE A 524 6.40 8.20 -40.35
N VAL A 525 6.57 7.28 -41.30
CA VAL A 525 7.58 7.46 -42.34
C VAL A 525 7.28 8.69 -43.17
N MET A 526 6.01 8.87 -43.53
CA MET A 526 5.63 10.06 -44.30
C MET A 526 5.93 11.32 -43.53
N ALA A 527 5.67 11.31 -42.22
CA ALA A 527 5.90 12.49 -41.40
C ALA A 527 7.39 12.79 -41.27
N ASN A 528 8.23 11.76 -41.19
CA ASN A 528 9.66 11.98 -41.03
C ASN A 528 10.33 12.46 -42.30
N SER A 529 9.62 12.44 -43.42
CA SER A 529 9.95 13.21 -44.60
C SER A 529 9.48 14.65 -44.39
N ARG A 530 9.28 15.40 -45.47
CA ARG A 530 9.04 16.85 -45.43
C ARG A 530 8.25 17.34 -44.23
N ARG A 531 7.05 16.80 -44.03
CA ARG A 531 6.19 17.18 -42.89
C ARG A 531 4.93 16.33 -42.89
N SER B 2 80.20 22.34 15.97
CA SER B 2 78.97 21.80 15.43
C SER B 2 77.78 22.63 15.86
N ARG B 3 76.92 22.95 14.91
CA ARG B 3 75.82 23.90 15.14
C ARG B 3 74.68 23.21 15.89
N THR B 4 74.95 22.89 17.14
CA THR B 4 73.90 22.56 18.09
C THR B 4 73.19 23.84 18.51
N VAL B 5 71.91 23.71 18.89
CA VAL B 5 71.13 24.90 19.22
C VAL B 5 71.71 25.63 20.42
N ILE B 6 72.19 24.89 21.42
CA ILE B 6 72.90 25.52 22.53
C ILE B 6 74.16 26.20 22.01
N THR B 7 74.87 25.53 21.11
CA THR B 7 76.05 26.11 20.49
C THR B 7 75.70 27.38 19.72
N GLU B 8 74.60 27.36 18.96
CA GLU B 8 74.22 28.57 18.23
C GLU B 8 73.79 29.69 19.18
N VAL B 9 73.13 29.34 20.28
CA VAL B 9 72.88 30.29 21.36
C VAL B 9 74.16 30.99 21.77
N ILE B 10 75.16 30.20 22.16
CA ILE B 10 76.41 30.78 22.64
C ILE B 10 77.06 31.63 21.55
N ALA B 11 77.06 31.12 20.32
CA ALA B 11 77.71 31.84 19.23
C ALA B 11 77.02 33.17 18.95
N THR B 12 75.70 33.20 18.95
CA THR B 12 74.98 34.45 18.68
C THR B 12 75.17 35.45 19.82
N ALA B 13 75.08 34.98 21.06
CA ALA B 13 75.29 35.86 22.20
C ALA B 13 76.72 36.41 22.20
N ASP B 14 77.69 35.58 21.82
CA ASP B 14 79.08 36.03 21.76
C ASP B 14 79.29 37.01 20.61
N SER B 15 78.64 36.77 19.48
CA SER B 15 78.79 37.66 18.33
C SER B 15 78.20 39.03 18.63
N GLN B 16 77.04 39.07 19.30
CA GLN B 16 76.48 40.34 19.70
C GLN B 16 77.09 40.84 21.00
N GLY B 17 78.01 40.08 21.59
CA GLY B 17 78.79 40.55 22.71
C GLY B 17 77.98 40.91 23.94
N ARG B 18 77.03 40.06 24.31
CA ARG B 18 76.29 40.29 25.55
C ARG B 18 76.06 38.95 26.22
N PHE B 19 75.46 39.02 27.41
CA PHE B 19 75.13 37.83 28.17
C PHE B 19 73.91 37.14 27.57
N LEU B 20 73.49 36.08 28.23
CA LEU B 20 72.38 35.26 27.73
C LEU B 20 71.07 35.85 28.21
N ASN B 21 70.41 36.63 27.35
CA ASN B 21 69.12 37.19 27.74
C ASN B 21 68.04 36.13 27.56
N SER B 22 66.81 36.49 27.90
CA SER B 22 65.71 35.52 27.95
C SER B 22 65.48 34.89 26.59
N THR B 23 65.84 35.62 25.53
CA THR B 23 65.51 35.18 24.18
C THR B 23 66.11 33.81 23.87
N GLU B 24 67.41 33.64 24.12
CA GLU B 24 68.03 32.36 23.81
C GLU B 24 67.94 31.38 24.96
N LEU B 25 67.64 31.84 26.16
CA LEU B 25 67.24 30.92 27.22
C LEU B 25 65.97 30.17 26.81
N GLN B 26 65.07 30.86 26.13
CA GLN B 26 63.84 30.23 25.65
C GLN B 26 64.16 29.09 24.68
N ALA B 27 65.09 29.33 23.76
CA ALA B 27 65.50 28.32 22.78
C ALA B 27 66.22 27.15 23.45
N ALA B 28 67.10 27.44 24.40
CA ALA B 28 67.77 26.36 25.11
C ALA B 28 66.77 25.50 25.86
N PHE B 29 65.77 26.11 26.49
CA PHE B 29 64.70 25.35 27.11
C PHE B 29 63.97 24.49 26.10
N GLY B 30 63.63 25.06 24.94
CA GLY B 30 62.93 24.31 23.93
C GLY B 30 63.70 23.08 23.48
N ARG B 31 65.02 23.21 23.34
CA ARG B 31 65.83 22.02 23.08
C ARG B 31 65.77 21.04 24.23
N PHE B 32 65.91 21.54 25.46
CA PHE B 32 66.02 20.64 26.61
C PHE B 32 64.77 19.82 26.82
N GLU B 33 63.60 20.34 26.45
CA GLU B 33 62.38 19.54 26.54
C GLU B 33 62.32 18.47 25.46
N ARG B 34 62.64 18.83 24.21
CA ARG B 34 62.53 17.86 23.14
C ARG B 34 63.75 16.96 23.01
N ALA B 35 64.68 17.03 23.96
CA ALA B 35 65.78 16.07 23.95
C ALA B 35 65.27 14.66 24.13
N VAL B 36 64.22 14.48 24.92
CA VAL B 36 63.74 13.13 25.22
C VAL B 36 63.29 12.38 23.97
N PRO B 37 62.40 12.92 23.12
CA PRO B 37 62.06 12.20 21.89
C PRO B 37 63.25 11.95 20.98
N ALA B 38 64.15 12.92 20.86
CA ALA B 38 65.32 12.74 20.00
C ALA B 38 66.23 11.64 20.53
N ILE B 39 66.43 11.59 21.84
CA ILE B 39 67.31 10.57 22.41
C ILE B 39 66.69 9.19 22.32
N GLU B 40 65.38 9.08 22.55
CA GLU B 40 64.78 7.76 22.38
C GLU B 40 64.80 7.32 20.92
N ALA B 41 64.60 8.25 19.98
CA ALA B 41 64.74 7.90 18.57
C ALA B 41 66.16 7.45 18.26
N ALA B 42 67.15 8.12 18.85
CA ALA B 42 68.53 7.71 18.64
C ALA B 42 68.77 6.30 19.15
N ARG B 43 68.25 5.99 20.34
CA ARG B 43 68.44 4.64 20.89
C ARG B 43 67.76 3.60 20.01
N ALA B 44 66.54 3.89 19.57
CA ALA B 44 65.83 2.94 18.71
C ALA B 44 66.57 2.71 17.41
N LEU B 45 67.11 3.78 16.82
CA LEU B 45 67.90 3.63 15.59
C LEU B 45 69.15 2.82 15.83
N THR B 46 69.86 3.08 16.93
CA THR B 46 71.10 2.37 17.21
C THR B 46 70.86 0.90 17.45
N LYS B 47 69.68 0.53 17.96
CA LYS B 47 69.40 -0.89 18.15
C LYS B 47 69.21 -1.61 16.81
N ASN B 48 68.42 -1.04 15.91
CA ASN B 48 68.06 -1.68 14.65
C ASN B 48 69.02 -1.33 13.52
N GLN B 49 70.29 -1.07 13.82
CA GLN B 49 71.19 -0.51 12.82
C GLN B 49 71.51 -1.50 11.71
N ASP B 50 71.76 -2.77 12.06
CA ASP B 50 72.20 -3.74 11.06
C ASP B 50 71.09 -4.03 10.05
N ALA B 51 69.88 -4.25 10.55
CA ALA B 51 68.75 -4.49 9.65
C ALA B 51 68.53 -3.29 8.74
N LEU B 52 68.64 -2.08 9.29
CA LEU B 52 68.43 -0.88 8.49
C LEU B 52 69.49 -0.76 7.40
N VAL B 53 70.75 -1.02 7.74
CA VAL B 53 71.83 -0.92 6.76
C VAL B 53 71.62 -1.93 5.64
N LYS B 54 71.31 -3.18 6.00
CA LYS B 54 71.16 -4.21 4.98
C LYS B 54 69.94 -3.95 4.10
N GLY B 55 68.84 -3.50 4.70
CA GLY B 55 67.66 -3.19 3.91
C GLY B 55 67.90 -2.00 2.98
N ALA B 56 68.65 -1.01 3.45
CA ALA B 56 69.00 0.12 2.58
C ALA B 56 69.84 -0.35 1.40
N VAL B 57 70.81 -1.24 1.65
CA VAL B 57 71.62 -1.78 0.56
C VAL B 57 70.76 -2.51 -0.45
N GLN B 58 69.84 -3.34 0.04
CA GLN B 58 69.00 -4.11 -0.87
C GLN B 58 68.04 -3.21 -1.64
N ALA B 59 67.54 -2.16 -1.00
CA ALA B 59 66.70 -1.21 -1.70
C ALA B 59 67.48 -0.49 -2.79
N VAL B 60 68.74 -0.16 -2.50
CA VAL B 60 69.59 0.45 -3.52
C VAL B 60 69.75 -0.47 -4.72
N PHE B 61 70.05 -1.75 -4.47
CA PHE B 61 70.25 -2.66 -5.58
C PHE B 61 68.96 -2.94 -6.33
N LYS B 62 67.82 -2.93 -5.64
CA LYS B 62 66.55 -3.15 -6.30
C LYS B 62 66.18 -1.98 -7.20
N LYS B 63 66.32 -0.75 -6.70
CA LYS B 63 65.93 0.41 -7.48
C LYS B 63 66.89 0.63 -8.64
N PHE B 64 68.13 0.20 -8.49
CA PHE B 64 69.17 0.36 -9.51
C PHE B 64 69.76 -1.01 -9.80
N PRO B 65 69.00 -1.88 -10.47
CA PRO B 65 69.51 -3.24 -10.71
C PRO B 65 70.79 -3.26 -11.51
N TYR B 66 70.98 -2.29 -12.40
CA TYR B 66 72.12 -2.27 -13.29
C TYR B 66 73.45 -2.11 -12.55
N VAL B 67 73.42 -1.53 -11.34
CA VAL B 67 74.66 -1.22 -10.62
C VAL B 67 75.45 -2.49 -10.32
N THR B 68 74.76 -3.54 -9.86
CA THR B 68 75.44 -4.75 -9.43
C THR B 68 76.10 -5.50 -10.58
N GLN B 69 75.68 -5.26 -11.82
CA GLN B 69 76.16 -6.02 -12.96
C GLN B 69 77.64 -5.79 -13.18
N PRO B 70 78.33 -6.76 -13.78
CA PRO B 70 79.75 -6.60 -14.06
C PRO B 70 80.07 -5.28 -14.73
N GLY B 71 81.21 -4.71 -14.35
CA GLY B 71 81.77 -3.57 -15.05
C GLY B 71 81.57 -2.22 -14.41
N GLU B 72 80.83 -2.13 -13.32
CA GLU B 72 80.60 -0.84 -12.68
C GLU B 72 80.48 -1.04 -11.18
N LYS B 73 79.98 0.01 -10.50
CA LYS B 73 80.29 0.21 -9.09
C LYS B 73 79.76 -0.91 -8.21
N GLY B 74 78.56 -1.41 -8.49
CA GLY B 74 77.99 -2.44 -7.62
C GLY B 74 78.78 -3.72 -7.59
N TYR B 75 79.28 -4.17 -8.74
CA TYR B 75 80.02 -5.42 -8.79
C TYR B 75 81.33 -5.32 -8.01
N GLY B 76 81.70 -6.44 -7.39
CA GLY B 76 82.84 -6.47 -6.51
C GLY B 76 82.39 -6.49 -5.06
N ASP B 77 82.65 -7.60 -4.36
CA ASP B 77 82.18 -7.75 -2.99
C ASP B 77 82.65 -6.61 -2.10
N SER B 78 83.86 -6.09 -2.34
CA SER B 78 84.33 -4.94 -1.59
C SER B 78 83.41 -3.74 -1.80
N ASN B 79 82.78 -3.66 -2.98
CA ASN B 79 81.90 -2.54 -3.25
C ASN B 79 80.61 -2.63 -2.44
N GLN B 80 80.01 -3.81 -2.34
CA GLN B 80 78.87 -3.97 -1.43
C GLN B 80 79.28 -3.74 0.01
N ALA B 81 80.49 -4.15 0.39
CA ALA B 81 80.96 -3.89 1.74
C ALA B 81 81.04 -2.38 1.98
N LYS B 82 81.56 -1.63 1.02
CA LYS B 82 81.66 -0.19 1.16
C LYS B 82 80.29 0.46 1.15
N CYS B 83 79.36 -0.09 0.39
CA CYS B 83 77.96 0.37 0.43
C CYS B 83 77.39 0.23 1.84
N ALA B 84 77.51 -0.97 2.42
CA ALA B 84 77.02 -1.18 3.77
C ALA B 84 77.68 -0.22 4.74
N ARG B 85 78.98 0.00 4.58
CA ARG B 85 79.69 0.92 5.46
C ARG B 85 79.20 2.35 5.28
N ASP B 86 78.83 2.74 4.06
CA ASP B 86 78.35 4.09 3.81
C ASP B 86 76.98 4.33 4.44
N ILE B 87 76.05 3.40 4.24
CA ILE B 87 74.76 3.55 4.94
C ILE B 87 74.95 3.46 6.45
N GLY B 88 75.89 2.65 6.92
CA GLY B 88 76.20 2.66 8.33
C GLY B 88 76.66 4.02 8.82
N TYR B 89 77.54 4.67 8.04
CA TYR B 89 78.01 6.01 8.40
C TYR B 89 76.85 6.99 8.43
N TYR B 90 76.00 6.95 7.41
CA TYR B 90 74.89 7.90 7.36
C TYR B 90 73.96 7.70 8.54
N LEU B 91 73.65 6.44 8.87
CA LEU B 91 72.81 6.15 10.02
C LEU B 91 73.47 6.62 11.31
N ARG B 92 74.78 6.41 11.43
CA ARG B 92 75.49 6.80 12.63
C ARG B 92 75.43 8.31 12.83
N PHE B 93 75.63 9.08 11.77
CA PHE B 93 75.59 10.53 11.92
C PHE B 93 74.16 11.03 12.08
N ILE B 94 73.17 10.28 11.58
CA ILE B 94 71.79 10.59 11.91
C ILE B 94 71.56 10.43 13.41
N THR B 95 72.07 9.35 13.99
CA THR B 95 71.95 9.17 15.44
C THR B 95 72.66 10.28 16.19
N TYR B 96 73.83 10.69 15.70
CA TYR B 96 74.55 11.79 16.33
C TYR B 96 73.74 13.07 16.28
N SER B 97 73.14 13.37 15.13
CA SER B 97 72.36 14.59 15.00
C SER B 97 71.10 14.54 15.84
N LEU B 98 70.57 13.33 16.06
CA LEU B 98 69.43 13.18 16.96
C LEU B 98 69.82 13.43 18.41
N VAL B 99 70.92 12.82 18.85
CA VAL B 99 71.32 12.95 20.25
C VAL B 99 71.81 14.37 20.54
N ALA B 100 72.36 15.06 19.53
CA ALA B 100 72.87 16.40 19.73
C ALA B 100 71.81 17.48 19.52
N SER B 101 70.62 17.12 19.08
CA SER B 101 69.55 18.08 18.80
C SER B 101 70.05 19.18 17.87
N GLY B 102 70.73 18.78 16.80
CA GLY B 102 71.20 19.72 15.80
C GLY B 102 71.71 18.99 14.59
N THR B 103 71.61 19.65 13.43
CA THR B 103 72.16 19.08 12.21
C THR B 103 73.68 19.20 12.15
N GLY B 104 74.31 19.60 13.24
CA GLY B 104 75.73 19.81 13.28
C GLY B 104 76.55 18.59 12.90
N PRO B 105 76.29 17.46 13.56
CA PRO B 105 77.03 16.24 13.18
C PRO B 105 76.88 15.87 11.72
N LEU B 106 75.66 15.92 11.18
CA LEU B 106 75.48 15.68 9.75
C LEU B 106 76.24 16.71 8.93
N ASP B 107 76.08 17.99 9.27
CA ASP B 107 76.71 19.04 8.48
C ASP B 107 78.22 18.87 8.40
N ASP B 108 78.89 18.56 9.51
CA ASP B 108 80.35 18.51 9.51
C ASP B 108 80.89 17.11 9.28
N TYR B 109 80.05 16.08 9.17
CA TYR B 109 80.55 14.76 8.90
C TYR B 109 80.09 14.16 7.58
N VAL B 110 79.07 14.73 6.94
CA VAL B 110 78.63 14.24 5.64
C VAL B 110 78.60 15.40 4.65
N ILE B 111 77.78 16.41 4.94
CA ILE B 111 77.46 17.41 3.94
C ILE B 111 78.69 18.22 3.57
N ALA B 112 79.57 18.48 4.53
CA ALA B 112 80.78 19.25 4.29
C ALA B 112 81.71 18.46 3.38
N GLY B 113 81.85 18.90 2.13
CA GLY B 113 82.71 18.23 1.19
C GLY B 113 82.07 17.07 0.46
N LEU B 114 80.75 16.93 0.52
CA LEU B 114 80.09 15.75 -0.01
C LEU B 114 80.13 15.71 -1.52
N ARG B 115 79.80 16.82 -2.16
CA ARG B 115 79.65 16.83 -3.61
C ARG B 115 80.98 16.56 -4.31
N GLU B 116 82.06 17.16 -3.83
CA GLU B 116 83.37 16.95 -4.44
C GLU B 116 83.81 15.50 -4.28
N VAL B 117 83.55 14.91 -3.12
CA VAL B 117 83.89 13.51 -2.89
C VAL B 117 83.12 12.61 -3.85
N ASN B 118 81.81 12.80 -3.92
CA ASN B 118 80.99 11.97 -4.80
C ASN B 118 81.41 12.12 -6.25
N ARG B 119 81.70 13.36 -6.67
CA ARG B 119 82.12 13.60 -8.03
C ARG B 119 83.46 12.94 -8.32
N ALA B 120 84.40 13.02 -7.38
CA ALA B 120 85.73 12.49 -7.62
C ALA B 120 85.72 10.96 -7.67
N PHE B 121 84.86 10.32 -6.88
CA PHE B 121 84.79 8.87 -6.89
C PHE B 121 83.65 8.34 -7.75
N ASN B 122 82.93 9.21 -8.46
CA ASN B 122 81.85 8.81 -9.34
C ASN B 122 80.79 7.99 -8.61
N LEU B 123 80.44 8.43 -7.41
CA LEU B 123 79.38 7.82 -6.62
C LEU B 123 78.12 8.64 -6.84
N ASN B 124 77.04 7.96 -7.20
CA ASN B 124 75.79 8.65 -7.49
C ASN B 124 75.10 9.02 -6.19
N PRO B 125 74.75 10.30 -5.99
CA PRO B 125 73.97 10.67 -4.80
C PRO B 125 72.59 10.03 -4.78
N LEU B 126 72.08 9.59 -5.94
CA LEU B 126 70.77 8.95 -5.95
C LEU B 126 70.79 7.60 -5.25
N TRP B 127 71.93 6.88 -5.29
CA TRP B 127 72.05 5.66 -4.51
C TRP B 127 71.75 5.94 -3.04
N TYR B 128 72.41 6.93 -2.48
CA TYR B 128 72.23 7.23 -1.07
C TYR B 128 70.87 7.84 -0.80
N ILE B 129 70.30 8.57 -1.75
CA ILE B 129 68.94 9.06 -1.58
C ILE B 129 67.97 7.91 -1.44
N GLU B 130 68.14 6.87 -2.27
CA GLU B 130 67.26 5.71 -2.18
C GLU B 130 67.49 4.95 -0.87
N ALA B 131 68.74 4.82 -0.45
CA ALA B 131 69.01 4.15 0.82
C ALA B 131 68.36 4.90 1.98
N LEU B 132 68.48 6.22 2.00
CA LEU B 132 67.87 7.01 3.07
C LEU B 132 66.36 7.02 2.95
N ASN B 133 65.81 6.90 1.74
CA ASN B 133 64.38 6.72 1.60
C ASN B 133 63.90 5.43 2.25
N TYR B 134 64.65 4.34 2.05
CA TYR B 134 64.30 3.10 2.73
C TYR B 134 64.38 3.27 4.23
N ILE B 135 65.44 3.94 4.71
CA ILE B 135 65.60 4.14 6.14
C ILE B 135 64.43 4.94 6.70
N LYS B 136 64.00 5.96 5.96
CA LYS B 136 62.85 6.75 6.38
C LYS B 136 61.58 5.91 6.43
N GLY B 137 61.36 5.09 5.41
CA GLY B 137 60.18 4.23 5.41
C GLY B 137 60.17 3.27 6.58
N GLU B 138 61.32 2.65 6.88
CA GLU B 138 61.43 1.76 8.02
C GLU B 138 61.23 2.48 9.35
N THR B 139 61.88 3.62 9.55
CA THR B 139 61.75 4.34 10.81
C THR B 139 60.37 4.98 10.96
N GLY B 140 59.60 5.06 9.87
CA GLY B 140 58.21 5.47 10.01
C GLY B 140 57.42 4.51 10.89
N LYS B 141 57.80 3.23 10.88
CA LYS B 141 57.12 2.26 11.73
C LYS B 141 57.97 1.86 12.93
N LEU B 142 59.29 2.10 12.88
CA LEU B 142 60.12 1.77 14.05
C LEU B 142 59.93 2.78 15.16
N LEU B 143 59.41 3.97 14.86
CA LEU B 143 59.18 5.00 15.85
C LEU B 143 57.77 5.56 15.74
N SER B 144 57.27 6.08 16.86
CA SER B 144 55.97 6.71 16.93
C SER B 144 56.07 7.99 17.75
N GLY B 145 55.13 8.89 17.52
CA GLY B 145 55.11 10.14 18.26
C GLY B 145 56.10 11.16 17.70
N GLN B 146 56.50 12.08 18.58
CA GLN B 146 57.39 13.15 18.18
C GLN B 146 58.80 12.66 17.88
N SER B 147 59.17 11.49 18.41
CA SER B 147 60.45 10.89 18.04
C SER B 147 60.49 10.59 16.55
N LYS B 148 59.35 10.14 16.00
CA LYS B 148 59.27 9.93 14.56
C LYS B 148 59.50 11.24 13.81
N THR B 149 58.91 12.34 14.28
CA THR B 149 59.12 13.61 13.60
C THR B 149 60.58 14.04 13.66
N GLU B 150 61.23 13.85 14.80
CA GLU B 150 62.66 14.13 14.90
C GLU B 150 63.45 13.34 13.87
N ALA B 151 63.24 12.02 13.86
CA ALA B 151 64.01 11.16 12.96
C ALA B 151 63.75 11.53 11.51
N LEU B 152 62.50 11.83 11.17
CA LEU B 152 62.20 12.15 9.79
C LEU B 152 62.81 13.48 9.37
N LEU B 153 62.81 14.48 10.26
CA LEU B 153 63.46 15.74 9.92
C LEU B 153 64.95 15.52 9.65
N TYR B 154 65.62 14.74 10.49
CA TYR B 154 67.05 14.57 10.28
C TYR B 154 67.34 13.74 9.04
N ILE B 155 66.61 12.65 8.85
CA ILE B 155 66.82 11.80 7.68
C ILE B 155 66.55 12.59 6.41
N ASP B 156 65.52 13.43 6.42
CA ASP B 156 65.24 14.21 5.23
C ASP B 156 66.21 15.37 5.04
N HIS B 157 66.78 15.91 6.12
CA HIS B 157 67.84 16.89 5.96
C HIS B 157 69.02 16.26 5.23
N ALA B 158 69.36 15.02 5.60
CA ALA B 158 70.40 14.30 4.87
C ALA B 158 69.98 14.05 3.43
N ILE B 159 68.72 13.71 3.20
CA ILE B 159 68.25 13.43 1.84
C ILE B 159 68.38 14.68 0.98
N ASN B 160 67.92 15.81 1.49
CA ASN B 160 68.02 17.06 0.73
C ASN B 160 69.47 17.46 0.54
N ALA B 161 70.33 17.15 1.51
CA ALA B 161 71.75 17.39 1.32
C ALA B 161 72.29 16.60 0.14
N LEU B 162 71.87 15.34 0.02
CA LEU B 162 72.36 14.53 -1.09
C LEU B 162 71.90 15.08 -2.43
N SER B 163 70.64 15.50 -2.52
CA SER B 163 70.10 16.02 -3.76
C SER B 163 70.65 17.40 -4.06
N MET C 1 63.95 43.67 12.72
CA MET C 1 64.35 44.67 13.69
C MET C 1 64.48 44.07 15.08
N SER C 2 63.32 43.87 15.72
CA SER C 2 63.26 43.43 17.11
C SER C 2 63.78 42.01 17.24
N ARG C 3 64.48 41.73 18.33
CA ARG C 3 65.14 40.44 18.53
C ARG C 3 64.26 39.49 19.34
N THR C 4 63.20 39.04 18.69
CA THR C 4 62.42 37.91 19.17
C THR C 4 63.16 36.62 18.83
N VAL C 5 62.77 35.53 19.49
CA VAL C 5 63.33 34.23 19.17
C VAL C 5 63.13 33.91 17.69
N ILE C 6 61.90 34.09 17.21
CA ILE C 6 61.56 33.77 15.83
C ILE C 6 62.40 34.61 14.87
N THR C 7 62.51 35.89 15.16
CA THR C 7 63.26 36.78 14.27
C THR C 7 64.72 36.39 14.20
N GLU C 8 65.34 36.02 15.32
CA GLU C 8 66.75 35.64 15.26
C GLU C 8 66.93 34.29 14.59
N VAL C 9 66.04 33.35 14.87
CA VAL C 9 65.95 32.12 14.07
C VAL C 9 66.01 32.44 12.58
N ILE C 10 65.08 33.26 12.11
CA ILE C 10 64.99 33.52 10.69
C ILE C 10 66.22 34.26 10.19
N ALA C 11 66.71 35.23 10.94
CA ALA C 11 67.87 35.99 10.52
C ALA C 11 69.11 35.10 10.42
N THR C 12 69.27 34.18 11.36
CA THR C 12 70.40 33.27 11.31
C THR C 12 70.30 32.35 10.09
N ALA C 13 69.12 31.79 9.86
CA ALA C 13 68.96 30.92 8.69
C ALA C 13 69.16 31.70 7.40
N ASP C 14 68.78 32.98 7.39
CA ASP C 14 68.88 33.80 6.19
C ASP C 14 70.32 34.20 5.91
N SER C 15 71.06 34.57 6.96
CA SER C 15 72.46 34.93 6.79
C SER C 15 73.30 33.75 6.32
N GLN C 16 72.92 32.53 6.67
CA GLN C 16 73.55 31.33 6.16
C GLN C 16 72.95 30.87 4.85
N GLY C 17 71.89 31.52 4.39
CA GLY C 17 71.29 31.18 3.11
C GLY C 17 70.76 29.77 3.07
N ARG C 18 70.06 29.37 4.11
CA ARG C 18 69.54 28.01 4.21
C ARG C 18 68.12 28.07 4.73
N PHE C 19 67.40 26.98 4.54
CA PHE C 19 66.07 26.89 5.09
C PHE C 19 66.14 26.74 6.61
N LEU C 20 64.96 26.68 7.22
CA LEU C 20 64.84 26.56 8.66
C LEU C 20 64.94 25.09 9.04
N ASN C 21 66.03 24.71 9.68
CA ASN C 21 66.28 23.32 10.01
C ASN C 21 65.64 22.99 11.35
N SER C 22 65.87 21.76 11.83
CA SER C 22 65.15 21.27 13.00
C SER C 22 65.50 22.06 14.26
N THR C 23 66.76 22.50 14.39
CA THR C 23 67.16 23.22 15.59
C THR C 23 66.34 24.48 15.76
N GLU C 24 66.17 25.23 14.68
CA GLU C 24 65.41 26.46 14.75
C GLU C 24 63.94 26.19 15.05
N LEU C 25 63.42 25.08 14.54
CA LEU C 25 62.06 24.70 14.91
C LEU C 25 61.95 24.32 16.37
N GLN C 26 62.99 23.71 16.93
CA GLN C 26 63.05 23.47 18.38
C GLN C 26 62.95 24.79 19.13
N ALA C 27 63.75 25.77 18.71
CA ALA C 27 63.75 27.07 19.38
C ALA C 27 62.38 27.73 19.30
N ALA C 28 61.76 27.70 18.12
CA ALA C 28 60.43 28.25 17.96
C ALA C 28 59.42 27.52 18.83
N PHE C 29 59.55 26.21 18.94
CA PHE C 29 58.63 25.41 19.75
C PHE C 29 58.73 25.82 21.21
N GLY C 30 59.95 25.96 21.71
CA GLY C 30 60.13 26.40 23.09
C GLY C 30 59.55 27.77 23.33
N ARG C 31 59.73 28.68 22.37
CA ARG C 31 59.13 30.01 22.51
C ARG C 31 57.60 29.91 22.57
N PHE C 32 57.01 29.09 21.72
CA PHE C 32 55.57 28.96 21.70
C PHE C 32 55.05 28.36 23.00
N GLU C 33 55.85 27.51 23.64
CA GLU C 33 55.46 27.01 24.95
C GLU C 33 55.61 28.05 26.05
N ARG C 34 56.65 28.87 26.03
CA ARG C 34 56.76 29.93 27.02
C ARG C 34 55.80 31.07 26.77
N ALA C 35 55.08 31.05 25.66
CA ALA C 35 54.10 32.10 25.40
C ALA C 35 53.05 32.19 26.49
N VAL C 36 52.53 31.05 26.96
CA VAL C 36 51.44 31.04 27.93
C VAL C 36 51.83 31.75 29.23
N PRO C 37 52.96 31.40 29.87
CA PRO C 37 53.37 32.18 31.05
C PRO C 37 53.56 33.65 30.73
N ALA C 38 54.17 33.98 29.59
CA ALA C 38 54.42 35.38 29.26
C ALA C 38 53.13 36.14 29.07
N ILE C 39 52.15 35.55 28.38
CA ILE C 39 50.90 36.26 28.14
C ILE C 39 50.10 36.41 29.43
N GLU C 40 50.05 35.37 30.28
CA GLU C 40 49.34 35.55 31.53
C GLU C 40 50.04 36.56 32.43
N ALA C 41 51.37 36.60 32.40
CA ALA C 41 52.10 37.62 33.15
C ALA C 41 51.78 39.01 32.64
N ALA C 42 51.73 39.19 31.33
CA ALA C 42 51.43 40.50 30.77
C ALA C 42 50.01 40.93 31.12
N ARG C 43 49.08 39.98 31.10
CA ARG C 43 47.70 40.28 31.49
C ARG C 43 47.63 40.70 32.96
N ALA C 44 48.34 39.99 33.84
CA ALA C 44 48.32 40.36 35.26
C ALA C 44 48.96 41.72 35.49
N LEU C 45 50.07 42.00 34.80
CA LEU C 45 50.72 43.30 34.97
C LEU C 45 49.89 44.42 34.35
N THR C 46 49.10 44.10 33.33
CA THR C 46 48.30 45.11 32.67
C THR C 46 47.08 45.47 33.50
N LYS C 47 46.45 44.46 34.12
CA LYS C 47 45.32 44.74 35.00
C LYS C 47 45.74 45.61 36.17
N ASN C 48 46.88 45.32 36.77
CA ASN C 48 47.32 45.94 38.01
C ASN C 48 48.26 47.10 37.78
N GLN C 49 48.18 47.76 36.64
CA GLN C 49 49.17 48.76 36.27
C GLN C 49 49.10 49.99 37.17
N ASP C 50 47.90 50.38 37.59
CA ASP C 50 47.73 51.65 38.29
C ASP C 50 48.42 51.63 39.65
N ALA C 51 48.19 50.57 40.43
CA ALA C 51 48.86 50.43 41.71
C ALA C 51 50.36 50.34 41.53
N LEU C 52 50.80 49.63 40.49
CA LEU C 52 52.23 49.54 40.21
C LEU C 52 52.83 50.91 39.98
N VAL C 53 52.20 51.72 39.14
CA VAL C 53 52.75 53.02 38.79
C VAL C 53 52.76 53.95 40.01
N LYS C 54 51.64 53.99 40.72
CA LYS C 54 51.56 54.86 41.90
C LYS C 54 52.57 54.44 42.95
N GLY C 55 52.68 53.14 43.22
CA GLY C 55 53.64 52.68 44.19
C GLY C 55 55.07 52.94 43.78
N ALA C 56 55.37 52.81 42.49
CA ALA C 56 56.71 53.10 42.02
C ALA C 56 57.06 54.57 42.21
N VAL C 57 56.10 55.46 41.90
CA VAL C 57 56.32 56.88 42.15
C VAL C 57 56.61 57.12 43.62
N GLN C 58 55.81 56.51 44.50
CA GLN C 58 55.99 56.73 45.92
C GLN C 58 57.32 56.18 46.40
N ALA C 59 57.73 55.03 45.89
CA ALA C 59 59.01 54.44 46.29
C ALA C 59 60.18 55.31 45.85
N VAL C 60 60.11 55.86 44.64
CA VAL C 60 61.17 56.75 44.20
C VAL C 60 61.22 57.99 45.07
N PHE C 61 60.06 58.51 45.48
CA PHE C 61 60.05 59.63 46.41
C PHE C 61 60.70 59.26 47.74
N LYS C 62 60.37 58.07 48.27
CA LYS C 62 60.87 57.67 49.57
C LYS C 62 62.37 57.47 49.55
N LYS C 63 62.89 56.73 48.57
CA LYS C 63 64.32 56.46 48.52
C LYS C 63 65.13 57.73 48.29
N PHE C 64 64.58 58.70 47.59
CA PHE C 64 65.25 59.97 47.31
C PHE C 64 64.34 61.08 47.78
N PRO C 65 64.26 61.29 49.10
CA PRO C 65 63.34 62.32 49.61
C PRO C 65 63.78 63.73 49.26
N TYR C 66 64.99 63.90 48.74
CA TYR C 66 65.47 65.23 48.37
C TYR C 66 64.97 65.67 47.00
N VAL C 67 64.49 64.76 46.16
CA VAL C 67 64.05 65.17 44.83
C VAL C 67 62.75 65.94 44.91
N THR C 68 61.99 65.75 45.99
CA THR C 68 60.77 66.53 46.14
C THR C 68 61.02 67.88 46.79
N GLN C 69 62.27 68.17 47.15
CA GLN C 69 62.62 69.48 47.68
C GLN C 69 62.65 70.52 46.57
N PRO C 70 62.42 71.80 46.90
CA PRO C 70 62.40 72.83 45.85
C PRO C 70 63.72 72.95 45.12
N GLY C 71 63.63 73.27 43.84
CA GLY C 71 64.80 73.37 42.99
C GLY C 71 65.27 72.04 42.43
N GLU C 72 64.59 70.95 42.74
CA GLU C 72 64.98 69.62 42.30
C GLU C 72 64.02 69.15 41.22
N LYS C 73 64.36 68.01 40.61
CA LYS C 73 63.60 67.53 39.47
C LYS C 73 62.17 67.15 39.86
N GLY C 74 62.00 66.51 41.02
CA GLY C 74 60.69 66.04 41.40
C GLY C 74 59.72 67.13 41.77
N TYR C 75 60.25 68.33 42.05
CA TYR C 75 59.39 69.44 42.44
C TYR C 75 58.47 69.86 41.29
N GLY C 76 57.22 70.12 41.63
CA GLY C 76 56.22 70.49 40.67
C GLY C 76 55.24 69.34 40.45
N ASP C 77 54.00 69.70 40.12
CA ASP C 77 52.98 68.68 39.88
C ASP C 77 53.17 68.02 38.52
N SER C 78 53.54 68.80 37.50
CA SER C 78 53.74 68.25 36.17
C SER C 78 54.87 67.23 36.17
N ASN C 79 55.97 67.53 36.86
CA ASN C 79 57.10 66.60 36.90
C ASN C 79 56.67 65.25 37.46
N GLN C 80 55.87 65.25 38.52
CA GLN C 80 55.47 63.99 39.13
C GLN C 80 54.42 63.27 38.30
N ALA C 81 53.47 64.00 37.71
CA ALA C 81 52.48 63.36 36.87
C ALA C 81 53.13 62.67 35.68
N LYS C 82 54.05 63.36 35.02
CA LYS C 82 54.66 62.70 33.88
C LYS C 82 55.82 61.79 34.29
N CYS C 83 56.25 61.83 35.55
CA CYS C 83 57.00 60.71 36.10
C CYS C 83 56.15 59.45 36.11
N ALA C 84 54.90 59.60 36.55
CA ALA C 84 53.98 58.47 36.43
C ALA C 84 53.87 58.04 34.98
N ARG C 85 53.92 59.00 34.05
CA ARG C 85 53.95 58.66 32.63
C ARG C 85 55.17 57.83 32.26
N ASP C 86 56.35 58.23 32.74
CA ASP C 86 57.57 57.48 32.43
C ASP C 86 57.50 56.06 33.00
N ILE C 87 56.99 55.93 34.22
CA ILE C 87 56.88 54.61 34.83
C ILE C 87 55.90 53.76 34.05
N GLY C 88 54.80 54.35 33.59
CA GLY C 88 53.89 53.62 32.74
C GLY C 88 54.55 53.19 31.45
N TYR C 89 55.41 54.04 30.89
CA TYR C 89 56.16 53.67 29.70
C TYR C 89 56.98 52.43 29.96
N TYR C 90 57.78 52.46 31.03
CA TYR C 90 58.61 51.31 31.36
C TYR C 90 57.78 50.07 31.58
N LEU C 91 56.66 50.21 32.28
CA LEU C 91 55.81 49.05 32.58
C LEU C 91 55.24 48.44 31.32
N ARG C 92 54.69 49.25 30.42
CA ARG C 92 54.10 48.65 29.24
C ARG C 92 55.14 48.17 28.24
N PHE C 93 56.35 48.72 28.27
CA PHE C 93 57.40 48.15 27.44
C PHE C 93 57.89 46.83 28.01
N ILE C 94 57.85 46.67 29.32
CA ILE C 94 58.11 45.37 29.92
C ILE C 94 57.04 44.36 29.53
N THR C 95 55.78 44.80 29.51
CA THR C 95 54.72 43.90 29.06
C THR C 95 54.91 43.53 27.59
N TYR C 96 55.31 44.48 26.77
CA TYR C 96 55.62 44.19 25.37
C TYR C 96 56.71 43.13 25.28
N SER C 97 57.78 43.30 26.05
CA SER C 97 58.88 42.34 26.02
C SER C 97 58.44 40.98 26.48
N LEU C 98 57.56 40.93 27.48
CA LEU C 98 57.01 39.65 27.92
C LEU C 98 56.25 38.98 26.78
N VAL C 99 55.35 39.72 26.14
CA VAL C 99 54.51 39.13 25.11
C VAL C 99 55.35 38.64 23.94
N ALA C 100 56.32 39.44 23.51
CA ALA C 100 57.20 39.04 22.43
C ALA C 100 58.14 37.92 22.82
N SER C 101 58.25 37.60 24.11
CA SER C 101 59.19 36.59 24.58
C SER C 101 60.61 36.92 24.11
N GLY C 102 60.95 38.19 24.19
CA GLY C 102 62.29 38.65 23.89
C GLY C 102 62.39 40.10 24.29
N THR C 103 63.60 40.48 24.72
CA THR C 103 63.85 41.83 25.18
C THR C 103 63.86 42.86 24.06
N GLY C 104 63.39 42.50 22.88
CA GLY C 104 63.42 43.38 21.73
C GLY C 104 62.75 44.71 21.96
N PRO C 105 61.49 44.71 22.43
CA PRO C 105 60.83 45.98 22.71
C PRO C 105 61.56 46.86 23.71
N LEU C 106 62.13 46.30 24.77
CA LEU C 106 62.90 47.12 25.69
C LEU C 106 64.11 47.74 25.01
N ASP C 107 64.91 46.91 24.35
CA ASP C 107 66.13 47.41 23.72
C ASP C 107 65.81 48.44 22.66
N ASP C 108 64.66 48.31 22.02
CA ASP C 108 64.32 49.22 20.94
C ASP C 108 63.69 50.51 21.43
N TYR C 109 62.86 50.47 22.46
CA TYR C 109 62.11 51.63 22.87
C TYR C 109 62.79 52.39 24.01
N VAL C 110 63.21 51.72 25.08
CA VAL C 110 63.80 52.47 26.18
C VAL C 110 65.32 52.44 26.13
N ILE C 111 65.90 51.27 25.92
CA ILE C 111 67.33 51.10 26.13
C ILE C 111 68.14 51.83 25.06
N ALA C 112 67.69 51.76 23.81
CA ALA C 112 68.36 52.49 22.74
C ALA C 112 68.17 53.98 22.96
N GLY C 113 69.24 54.68 23.30
CA GLY C 113 69.16 56.09 23.58
C GLY C 113 68.86 56.45 25.01
N LEU C 114 68.83 55.47 25.92
CA LEU C 114 68.46 55.73 27.31
C LEU C 114 69.46 56.66 27.97
N ARG C 115 70.74 56.32 27.89
CA ARG C 115 71.77 57.07 28.62
C ARG C 115 71.86 58.51 28.13
N GLU C 116 71.79 58.71 26.81
CA GLU C 116 71.96 60.05 26.27
C GLU C 116 70.82 60.96 26.66
N VAL C 117 69.59 60.46 26.62
CA VAL C 117 68.45 61.26 27.03
C VAL C 117 68.52 61.55 28.53
N ASN C 118 68.88 60.54 29.32
CA ASN C 118 69.02 60.74 30.75
C ASN C 118 70.04 61.83 31.06
N ARG C 119 71.18 61.80 30.37
CA ARG C 119 72.19 62.84 30.54
C ARG C 119 71.65 64.20 30.13
N ALA C 120 71.11 64.29 28.92
CA ALA C 120 70.70 65.58 28.38
C ALA C 120 69.61 66.21 29.25
N PHE C 121 68.84 65.39 29.95
CA PHE C 121 67.83 65.91 30.85
C PHE C 121 68.22 65.75 32.31
N ASN C 122 69.43 65.27 32.59
CA ASN C 122 69.95 65.14 33.95
C ASN C 122 68.96 64.37 34.83
N LEU C 123 68.68 63.15 34.41
CA LEU C 123 67.76 62.26 35.11
C LEU C 123 68.55 61.10 35.67
N ASN C 124 68.39 60.86 36.95
CA ASN C 124 69.19 59.82 37.57
C ASN C 124 68.66 58.45 37.18
N PRO C 125 69.50 57.57 36.63
CA PRO C 125 69.07 56.18 36.44
C PRO C 125 68.66 55.50 37.72
N LEU C 126 69.17 55.97 38.86
CA LEU C 126 68.83 55.34 40.12
C LEU C 126 67.36 55.51 40.48
N TRP C 127 66.73 56.61 40.07
CA TRP C 127 65.30 56.76 40.32
C TRP C 127 64.52 55.63 39.68
N TYR C 128 64.74 55.42 38.39
CA TYR C 128 64.02 54.38 37.67
C TYR C 128 64.45 53.00 38.13
N ILE C 129 65.70 52.85 38.56
CA ILE C 129 66.12 51.57 39.11
C ILE C 129 65.35 51.27 40.39
N GLU C 130 65.15 52.26 41.25
CA GLU C 130 64.34 52.07 42.44
C GLU C 130 62.89 51.74 42.09
N ALA C 131 62.34 52.43 41.10
CA ALA C 131 60.97 52.12 40.69
C ALA C 131 60.84 50.71 40.16
N LEU C 132 61.80 50.28 39.34
CA LEU C 132 61.75 48.94 38.78
C LEU C 132 61.98 47.89 39.86
N ASN C 133 62.77 48.21 40.89
CA ASN C 133 62.88 47.31 42.03
C ASN C 133 61.58 47.21 42.79
N TYR C 134 60.86 48.32 42.92
CA TYR C 134 59.54 48.26 43.56
C TYR C 134 58.61 47.36 42.78
N ILE C 135 58.59 47.50 41.45
CA ILE C 135 57.74 46.64 40.64
C ILE C 135 58.20 45.20 40.73
N LYS C 136 59.52 44.99 40.82
CA LYS C 136 60.05 43.65 40.95
C LYS C 136 59.59 43.00 42.24
N GLY C 137 59.51 43.79 43.32
CA GLY C 137 58.98 43.28 44.56
C GLY C 137 57.49 42.97 44.48
N GLU C 138 56.72 43.88 43.86
CA GLU C 138 55.27 43.73 43.89
C GLU C 138 54.78 42.69 42.90
N THR C 139 55.57 42.37 41.86
CA THR C 139 55.16 41.34 40.93
C THR C 139 55.16 39.96 41.57
N GLY C 140 56.03 39.76 42.56
CA GLY C 140 55.98 38.51 43.31
C GLY C 140 54.63 38.30 43.97
N LYS C 141 54.01 39.38 44.44
CA LYS C 141 52.66 39.31 44.96
C LYS C 141 51.65 39.13 43.84
N LEU C 142 51.82 39.83 42.72
CA LEU C 142 50.83 39.72 41.65
C LEU C 142 50.92 38.38 40.92
N LEU C 143 52.14 37.87 40.71
CA LEU C 143 52.35 36.70 39.87
C LEU C 143 52.75 35.50 40.71
N SER C 144 52.70 34.34 40.08
CA SER C 144 53.16 33.10 40.71
C SER C 144 53.60 32.14 39.62
N GLY C 145 54.65 31.37 39.93
CA GLY C 145 55.13 30.34 39.03
C GLY C 145 56.09 30.84 37.97
N GLN C 146 56.03 30.25 36.77
CA GLN C 146 56.96 30.58 35.71
C GLN C 146 56.69 31.94 35.11
N SER C 147 55.42 32.39 35.11
CA SER C 147 55.13 33.73 34.63
C SER C 147 55.80 34.78 35.50
N LYS C 148 55.86 34.53 36.81
CA LYS C 148 56.58 35.38 37.72
C LYS C 148 58.06 35.45 37.34
N THR C 149 58.65 34.30 37.02
CA THR C 149 60.05 34.27 36.63
C THR C 149 60.28 35.05 35.34
N GLU C 150 59.39 34.90 34.37
CA GLU C 150 59.52 35.64 33.12
C GLU C 150 59.46 37.14 33.36
N ALA C 151 58.46 37.57 34.15
CA ALA C 151 58.33 38.99 34.42
C ALA C 151 59.58 39.53 35.08
N LEU C 152 60.16 38.76 36.02
CA LEU C 152 61.32 39.27 36.71
C LEU C 152 62.56 39.24 35.82
N LEU C 153 62.61 38.30 34.88
CA LEU C 153 63.69 38.32 33.90
C LEU C 153 63.66 39.62 33.10
N TYR C 154 62.47 40.02 32.66
CA TYR C 154 62.42 41.24 31.85
C TYR C 154 62.63 42.49 32.71
N ILE C 155 62.08 42.51 33.92
CA ILE C 155 62.31 43.65 34.80
C ILE C 155 63.78 43.81 35.12
N ASP C 156 64.47 42.70 35.36
CA ASP C 156 65.89 42.81 35.67
C ASP C 156 66.70 43.14 34.43
N HIS C 157 66.25 42.73 33.25
CA HIS C 157 66.92 43.22 32.04
C HIS C 157 66.82 44.73 31.95
N ALA C 158 65.65 45.29 32.25
CA ALA C 158 65.50 46.74 32.27
C ALA C 158 66.42 47.37 33.31
N ILE C 159 66.50 46.76 34.50
CA ILE C 159 67.35 47.31 35.55
C ILE C 159 68.81 47.30 35.14
N ASN C 160 69.27 46.16 34.62
CA ASN C 160 70.67 46.04 34.20
C ASN C 160 70.99 47.04 33.10
N ALA C 161 70.05 47.26 32.17
CA ALA C 161 70.23 48.30 31.19
C ALA C 161 70.43 49.65 31.85
N LEU C 162 69.59 49.97 32.84
CA LEU C 162 69.80 51.20 33.60
C LEU C 162 71.01 51.11 34.51
N SER C 163 71.35 49.93 35.01
CA SER C 163 72.40 49.79 36.00
C SER C 163 73.77 50.05 35.39
N SER D 2 98.69 61.24 22.84
CA SER D 2 98.46 62.48 23.56
C SER D 2 98.34 63.64 22.59
N ARG D 3 97.12 64.09 22.34
CA ARG D 3 96.86 65.13 21.35
C ARG D 3 97.16 66.50 21.94
N THR D 4 98.09 67.21 21.30
CA THR D 4 98.41 68.60 21.60
C THR D 4 98.44 69.34 20.27
N VAL D 5 98.86 70.61 20.31
CA VAL D 5 99.05 71.32 19.05
C VAL D 5 100.19 70.70 18.26
N ILE D 6 101.34 70.49 18.92
CA ILE D 6 102.49 69.88 18.25
C ILE D 6 102.17 68.47 17.79
N THR D 7 101.45 67.71 18.62
CA THR D 7 101.13 66.33 18.26
C THR D 7 100.26 66.28 17.01
N GLU D 8 99.23 67.14 16.93
CA GLU D 8 98.41 67.18 15.72
C GLU D 8 99.21 67.65 14.51
N VAL D 9 100.02 68.69 14.69
CA VAL D 9 101.00 69.12 13.70
C VAL D 9 101.77 67.94 13.12
N ILE D 10 102.33 67.11 14.01
CA ILE D 10 103.16 66.01 13.53
C ILE D 10 102.31 64.92 12.91
N ALA D 11 101.16 64.63 13.50
CA ALA D 11 100.31 63.54 13.02
C ALA D 11 99.81 63.81 11.62
N THR D 12 99.39 65.04 11.34
CA THR D 12 98.89 65.36 10.02
C THR D 12 99.97 65.20 8.97
N ALA D 13 101.12 65.84 9.19
CA ALA D 13 102.20 65.79 8.22
C ALA D 13 102.74 64.39 8.05
N ASP D 14 102.66 63.57 9.10
CA ASP D 14 103.12 62.19 8.99
C ASP D 14 102.13 61.34 8.20
N SER D 15 100.83 61.53 8.47
CA SER D 15 99.82 60.79 7.73
C SER D 15 99.90 61.13 6.24
N GLN D 16 100.05 62.40 5.91
CA GLN D 16 100.21 62.76 4.51
C GLN D 16 101.54 62.34 3.93
N GLY D 17 102.49 61.93 4.76
CA GLY D 17 103.81 61.63 4.25
C GLY D 17 104.50 62.82 3.67
N ARG D 18 104.55 63.93 4.40
CA ARG D 18 105.18 65.14 3.92
C ARG D 18 105.89 65.84 5.07
N PHE D 19 106.80 66.73 4.71
CA PHE D 19 107.47 67.55 5.69
C PHE D 19 106.53 68.58 6.28
N LEU D 20 106.84 69.00 7.50
CA LEU D 20 106.09 70.09 8.12
C LEU D 20 106.31 71.37 7.34
N ASN D 21 105.21 72.05 7.01
CA ASN D 21 105.29 73.25 6.18
C ASN D 21 104.57 74.40 6.88
N SER D 22 104.29 75.45 6.11
CA SER D 22 103.88 76.73 6.67
C SER D 22 102.71 76.59 7.63
N THR D 23 101.68 75.83 7.24
CA THR D 23 100.44 75.78 8.00
C THR D 23 100.68 75.35 9.45
N GLU D 24 101.17 74.15 9.62
CA GLU D 24 101.38 73.62 10.95
C GLU D 24 102.57 74.26 11.66
N LEU D 25 103.47 74.90 10.93
CA LEU D 25 104.46 75.73 11.63
C LEU D 25 103.82 76.94 12.28
N GLN D 26 102.87 77.59 11.60
CA GLN D 26 102.15 78.68 12.23
C GLN D 26 101.29 78.18 13.39
N ALA D 27 100.72 76.99 13.26
CA ALA D 27 99.98 76.41 14.37
C ALA D 27 100.87 76.21 15.59
N ALA D 28 102.06 75.62 15.39
CA ALA D 28 102.99 75.45 16.48
C ALA D 28 103.45 76.78 17.04
N PHE D 29 103.58 77.80 16.19
CA PHE D 29 103.95 79.13 16.66
C PHE D 29 102.87 79.68 17.58
N GLY D 30 101.61 79.55 17.18
CA GLY D 30 100.53 79.99 18.04
C GLY D 30 100.55 79.28 19.38
N ARG D 31 100.84 77.98 19.37
CA ARG D 31 100.95 77.24 20.61
C ARG D 31 102.09 77.76 21.48
N PHE D 32 103.25 78.03 20.86
CA PHE D 32 104.39 78.52 21.64
C PHE D 32 104.11 79.89 22.23
N GLU D 33 103.42 80.76 21.47
CA GLU D 33 103.08 82.06 22.00
C GLU D 33 102.07 81.95 23.13
N ARG D 34 101.10 81.06 23.02
CA ARG D 34 100.08 80.90 24.05
C ARG D 34 100.56 80.02 25.19
N ALA D 35 101.79 79.52 25.13
CA ALA D 35 102.33 78.76 26.25
C ALA D 35 102.43 79.58 27.53
N VAL D 36 103.01 80.77 27.47
CA VAL D 36 103.37 81.48 28.70
C VAL D 36 102.16 81.80 29.59
N PRO D 37 101.01 82.29 29.09
CA PRO D 37 99.90 82.48 30.02
C PRO D 37 99.35 81.17 30.55
N ALA D 38 99.29 80.13 29.71
CA ALA D 38 98.90 78.81 30.19
C ALA D 38 99.92 78.26 31.18
N ILE D 39 101.20 78.50 30.95
CA ILE D 39 102.23 78.03 31.88
C ILE D 39 102.06 78.69 33.24
N GLU D 40 101.84 80.01 33.27
CA GLU D 40 101.77 80.66 34.58
C GLU D 40 100.42 80.42 35.23
N ALA D 41 99.39 80.11 34.44
CA ALA D 41 98.15 79.61 35.03
C ALA D 41 98.36 78.23 35.65
N ALA D 42 99.21 77.41 35.03
CA ALA D 42 99.60 76.14 35.63
C ALA D 42 100.31 76.39 36.96
N ARG D 43 101.22 77.37 36.98
CA ARG D 43 101.85 77.79 38.23
C ARG D 43 100.78 78.08 39.28
N ALA D 44 99.80 78.90 38.91
CA ALA D 44 98.79 79.36 39.87
C ALA D 44 97.96 78.21 40.43
N LEU D 45 97.49 77.31 39.56
CA LEU D 45 96.67 76.20 40.07
C LEU D 45 97.50 75.20 40.86
N THR D 46 98.74 74.97 40.46
CA THR D 46 99.59 74.07 41.25
C THR D 46 99.87 74.63 42.63
N LYS D 47 100.04 75.95 42.74
CA LYS D 47 100.36 76.56 44.03
C LYS D 47 99.21 76.36 45.02
N ASN D 48 97.98 76.64 44.58
CA ASN D 48 96.83 76.68 45.47
C ASN D 48 96.03 75.39 45.47
N GLN D 49 96.68 74.26 45.22
CA GLN D 49 95.96 73.01 45.01
C GLN D 49 95.17 72.60 46.25
N ASP D 50 95.76 72.75 47.43
CA ASP D 50 95.13 72.22 48.64
C ASP D 50 93.83 72.94 48.95
N ALA D 51 93.86 74.28 48.93
CA ALA D 51 92.66 75.05 49.22
C ALA D 51 91.57 74.77 48.19
N LEU D 52 91.95 74.67 46.91
CA LEU D 52 90.96 74.40 45.87
C LEU D 52 90.32 73.03 46.07
N VAL D 53 91.11 72.01 46.38
CA VAL D 53 90.54 70.68 46.56
C VAL D 53 89.60 70.65 47.77
N LYS D 54 90.03 71.20 48.91
CA LYS D 54 89.17 71.17 50.08
C LYS D 54 87.90 71.98 49.87
N GLY D 55 88.02 73.15 49.24
CA GLY D 55 86.84 73.94 48.97
C GLY D 55 85.88 73.26 48.02
N ALA D 56 86.41 72.61 46.99
CA ALA D 56 85.55 71.90 46.04
C ALA D 56 84.84 70.74 46.70
N VAL D 57 85.56 70.02 47.57
CA VAL D 57 84.93 68.95 48.33
C VAL D 57 83.79 69.51 49.17
N GLN D 58 84.03 70.62 49.86
CA GLN D 58 82.97 71.20 50.69
C GLN D 58 81.81 71.71 49.85
N ALA D 59 82.09 72.28 48.69
CA ALA D 59 81.02 72.74 47.80
C ALA D 59 80.16 71.57 47.33
N VAL D 60 80.79 70.45 47.01
CA VAL D 60 80.04 69.26 46.63
C VAL D 60 79.18 68.78 47.79
N PHE D 61 79.75 68.71 48.99
CA PHE D 61 79.00 68.23 50.14
C PHE D 61 77.91 69.22 50.56
N LYS D 62 78.01 70.47 50.11
CA LYS D 62 76.94 71.42 50.37
C LYS D 62 75.82 71.30 49.33
N LYS D 63 76.18 71.22 48.05
CA LYS D 63 75.17 71.12 47.00
C LYS D 63 74.44 69.79 47.05
N PHE D 64 75.06 68.75 47.62
CA PHE D 64 74.45 67.44 47.80
C PHE D 64 74.56 67.07 49.28
N PRO D 65 73.75 67.68 50.14
CA PRO D 65 73.82 67.35 51.57
C PRO D 65 73.50 65.89 51.85
N TYR D 66 72.63 65.28 51.03
CA TYR D 66 72.20 63.92 51.28
C TYR D 66 73.34 62.92 51.17
N VAL D 67 74.43 63.26 50.48
CA VAL D 67 75.51 62.30 50.31
C VAL D 67 76.22 62.08 51.65
N THR D 68 76.22 63.10 52.51
CA THR D 68 76.89 63.02 53.81
C THR D 68 76.27 61.97 54.73
N GLN D 69 74.95 61.95 54.82
CA GLN D 69 74.27 61.12 55.81
C GLN D 69 74.50 59.64 55.52
N PRO D 70 74.38 58.77 56.53
CA PRO D 70 74.80 57.38 56.35
C PRO D 70 73.89 56.62 55.41
N GLY D 71 74.46 55.58 54.80
CA GLY D 71 73.79 54.85 53.74
C GLY D 71 74.03 55.41 52.35
N GLU D 72 74.78 56.49 52.24
CA GLU D 72 75.10 57.12 50.97
C GLU D 72 76.60 57.03 50.69
N LYS D 73 77.01 57.60 49.56
CA LYS D 73 78.41 57.49 49.16
C LYS D 73 79.33 58.38 49.99
N GLY D 74 78.80 59.47 50.55
CA GLY D 74 79.65 60.41 51.26
C GLY D 74 79.97 60.03 52.69
N TYR D 75 79.27 59.05 53.25
CA TYR D 75 79.52 58.66 54.63
C TYR D 75 80.88 57.97 54.73
N GLY D 76 81.68 58.37 55.70
CA GLY D 76 82.94 57.71 55.95
C GLY D 76 84.16 58.55 55.60
N ASP D 77 85.23 58.38 56.36
CA ASP D 77 86.46 59.10 56.07
C ASP D 77 87.14 58.55 54.82
N SER D 78 87.00 57.25 54.55
CA SER D 78 87.59 56.68 53.35
C SER D 78 86.94 57.27 52.10
N ASN D 79 85.60 57.35 52.08
CA ASN D 79 84.91 57.97 50.96
C ASN D 79 85.28 59.43 50.81
N GLN D 80 85.45 60.11 51.95
CA GLN D 80 85.83 61.51 51.94
C GLN D 80 87.21 61.70 51.32
N ALA D 81 88.18 60.87 51.74
CA ALA D 81 89.51 60.93 51.16
C ALA D 81 89.48 60.60 49.69
N LYS D 82 88.59 59.68 49.29
CA LYS D 82 88.45 59.38 47.87
C LYS D 82 87.91 60.57 47.10
N CYS D 83 86.97 61.31 47.68
CA CYS D 83 86.48 62.53 47.06
C CYS D 83 87.61 63.54 46.86
N ALA D 84 88.40 63.76 47.91
CA ALA D 84 89.52 64.70 47.80
C ALA D 84 90.53 64.22 46.77
N ARG D 85 90.81 62.92 46.76
CA ARG D 85 91.74 62.34 45.79
C ARG D 85 91.24 62.53 44.38
N ASP D 86 89.94 62.32 44.14
CA ASP D 86 89.39 62.47 42.79
C ASP D 86 89.47 63.91 42.32
N ILE D 87 89.09 64.85 43.20
CA ILE D 87 89.16 66.26 42.80
C ILE D 87 90.60 66.67 42.57
N GLY D 88 91.52 66.13 43.36
CA GLY D 88 92.93 66.40 43.12
C GLY D 88 93.41 65.84 41.80
N TYR D 89 92.92 64.66 41.44
CA TYR D 89 93.23 64.09 40.13
C TYR D 89 92.76 65.02 39.03
N TYR D 90 91.52 65.50 39.14
CA TYR D 90 90.97 66.41 38.13
C TYR D 90 91.82 67.67 38.02
N LEU D 91 92.17 68.27 39.15
CA LEU D 91 93.00 69.48 39.14
C LEU D 91 94.36 69.22 38.53
N ARG D 92 94.98 68.09 38.90
CA ARG D 92 96.30 67.77 38.38
C ARG D 92 96.26 67.63 36.87
N PHE D 93 95.23 66.96 36.35
CA PHE D 93 95.17 66.75 34.92
C PHE D 93 94.78 68.02 34.17
N ILE D 94 94.02 68.91 34.81
CA ILE D 94 93.75 70.20 34.19
C ILE D 94 95.03 71.02 34.10
N THR D 95 95.86 70.98 35.15
CA THR D 95 97.15 71.66 35.07
C THR D 95 98.03 71.02 34.00
N TYR D 96 97.95 69.70 33.86
CA TYR D 96 98.68 69.02 32.79
C TYR D 96 98.22 69.51 31.43
N SER D 97 96.91 69.70 31.25
CA SER D 97 96.41 70.22 29.98
C SER D 97 96.87 71.65 29.75
N LEU D 98 96.91 72.46 30.81
CA LEU D 98 97.41 73.82 30.68
C LEU D 98 98.86 73.84 30.23
N VAL D 99 99.70 73.04 30.88
CA VAL D 99 101.13 73.02 30.55
C VAL D 99 101.35 72.40 29.18
N ALA D 100 100.50 71.47 28.78
CA ALA D 100 100.64 70.78 27.51
C ALA D 100 100.03 71.53 26.34
N SER D 101 99.28 72.61 26.61
CA SER D 101 98.61 73.39 25.57
C SER D 101 97.69 72.51 24.74
N GLY D 102 97.13 71.48 25.37
CA GLY D 102 96.30 70.53 24.66
C GLY D 102 95.35 69.85 25.61
N THR D 103 94.27 69.31 25.05
CA THR D 103 93.29 68.56 25.81
C THR D 103 93.73 67.11 26.01
N GLY D 104 94.85 66.71 25.39
CA GLY D 104 95.34 65.35 25.44
C GLY D 104 95.45 64.74 26.82
N PRO D 105 96.05 65.42 27.79
CA PRO D 105 96.12 64.83 29.13
C PRO D 105 94.75 64.48 29.71
N LEU D 106 93.78 65.38 29.59
CA LEU D 106 92.44 65.08 30.07
C LEU D 106 91.84 63.90 29.33
N ASP D 107 91.90 63.93 28.00
CA ASP D 107 91.32 62.86 27.20
C ASP D 107 91.92 61.52 27.59
N ASP D 108 93.23 61.48 27.79
CA ASP D 108 93.91 60.22 28.07
C ASP D 108 93.69 59.73 29.49
N TYR D 109 93.58 60.66 30.45
CA TYR D 109 93.66 60.24 31.85
C TYR D 109 92.35 60.34 32.60
N VAL D 110 91.35 61.07 32.10
CA VAL D 110 90.05 61.18 32.73
C VAL D 110 88.92 60.82 31.78
N ILE D 111 88.88 61.47 30.62
CA ILE D 111 87.72 61.35 29.75
C ILE D 111 87.60 59.94 29.20
N ALA D 112 88.72 59.34 28.80
CA ALA D 112 88.68 57.97 28.32
C ALA D 112 88.30 57.03 29.44
N GLY D 113 87.21 56.28 29.24
CA GLY D 113 86.71 55.39 30.26
C GLY D 113 85.94 56.05 31.36
N LEU D 114 85.49 57.29 31.18
CA LEU D 114 84.85 58.02 32.25
C LEU D 114 83.49 57.43 32.60
N ARG D 115 82.58 57.41 31.61
CA ARG D 115 81.20 57.03 31.88
C ARG D 115 81.11 55.58 32.33
N GLU D 116 81.91 54.69 31.73
CA GLU D 116 81.85 53.28 32.09
C GLU D 116 82.15 53.08 33.57
N VAL D 117 83.22 53.68 34.06
CA VAL D 117 83.60 53.42 35.45
C VAL D 117 82.73 54.22 36.41
N ASN D 118 82.24 55.39 36.02
CA ASN D 118 81.28 56.08 36.88
C ASN D 118 80.01 55.26 37.04
N ARG D 119 79.55 54.63 35.96
CA ARG D 119 78.41 53.72 36.06
C ARG D 119 78.74 52.50 36.89
N ALA D 120 79.98 51.99 36.79
CA ALA D 120 80.36 50.79 37.52
C ALA D 120 80.54 51.06 39.00
N PHE D 121 81.11 52.21 39.36
CA PHE D 121 81.32 52.57 40.75
C PHE D 121 80.28 53.55 41.27
N ASN D 122 79.25 53.85 40.48
CA ASN D 122 78.09 54.65 40.89
C ASN D 122 78.49 56.07 41.30
N LEU D 123 79.51 56.63 40.68
CA LEU D 123 80.00 57.96 41.03
C LEU D 123 79.24 58.99 40.21
N ASN D 124 78.31 59.69 40.84
CA ASN D 124 77.45 60.61 40.12
C ASN D 124 78.28 61.71 39.47
N PRO D 125 78.16 61.92 38.15
CA PRO D 125 78.98 62.95 37.50
C PRO D 125 78.63 64.36 37.94
N LEU D 126 77.45 64.58 38.51
CA LEU D 126 77.11 65.93 38.95
C LEU D 126 77.93 66.33 40.17
N TRP D 127 78.40 65.37 40.95
CA TRP D 127 79.33 65.69 42.04
C TRP D 127 80.59 66.36 41.52
N TYR D 128 81.25 65.72 40.55
CA TYR D 128 82.46 66.30 40.00
C TYR D 128 82.15 67.52 39.16
N ILE D 129 80.95 67.61 38.58
CA ILE D 129 80.59 68.82 37.85
C ILE D 129 80.49 70.00 38.81
N GLU D 130 79.87 69.80 39.97
CA GLU D 130 79.81 70.89 40.95
C GLU D 130 81.19 71.22 41.50
N ALA D 131 82.04 70.22 41.73
CA ALA D 131 83.40 70.50 42.15
C ALA D 131 84.14 71.33 41.11
N LEU D 132 83.99 70.98 39.82
CA LEU D 132 84.68 71.71 38.78
C LEU D 132 84.10 73.12 38.63
N ASN D 133 82.81 73.29 38.88
CA ASN D 133 82.24 74.63 38.89
C ASN D 133 82.79 75.45 40.04
N TYR D 134 83.00 74.82 41.20
CA TYR D 134 83.67 75.53 42.29
C TYR D 134 85.05 75.99 41.85
N ILE D 135 85.85 75.08 41.31
CA ILE D 135 87.20 75.42 40.88
C ILE D 135 87.15 76.49 39.79
N LYS D 136 86.10 76.48 38.98
CA LYS D 136 85.90 77.53 37.99
C LYS D 136 85.71 78.88 38.68
N GLY D 137 84.89 78.91 39.72
CA GLY D 137 84.73 80.14 40.49
C GLY D 137 86.03 80.62 41.10
N GLU D 138 86.84 79.69 41.59
CA GLU D 138 88.11 80.07 42.22
C GLU D 138 89.12 80.58 41.19
N THR D 139 89.27 79.86 40.07
CA THR D 139 90.18 80.33 39.04
C THR D 139 89.69 81.63 38.42
N GLY D 140 88.40 81.96 38.58
CA GLY D 140 87.94 83.28 38.21
C GLY D 140 88.65 84.40 38.96
N LYS D 141 89.06 84.15 40.19
CA LYS D 141 89.71 85.16 41.02
C LYS D 141 91.21 84.95 41.18
N LEU D 142 91.69 83.71 41.12
CA LEU D 142 93.13 83.48 41.26
C LEU D 142 93.90 83.88 40.02
N LEU D 143 93.23 83.98 38.88
CA LEU D 143 93.88 84.31 37.63
C LEU D 143 93.23 85.51 36.96
N SER D 144 94.02 86.22 36.16
CA SER D 144 93.56 87.39 35.43
C SER D 144 94.14 87.34 34.02
N GLY D 145 93.45 87.97 33.09
CA GLY D 145 93.92 88.03 31.72
C GLY D 145 93.69 86.76 30.93
N GLN D 146 94.60 86.46 30.00
CA GLN D 146 94.41 85.31 29.13
C GLN D 146 94.51 84.00 29.91
N SER D 147 95.26 83.98 31.01
CA SER D 147 95.40 82.75 31.79
C SER D 147 94.08 82.35 32.41
N LYS D 148 93.30 83.33 32.85
CA LYS D 148 91.94 83.06 33.29
C LYS D 148 91.16 82.33 32.21
N THR D 149 91.26 82.81 30.97
CA THR D 149 90.54 82.18 29.87
C THR D 149 91.04 80.76 29.62
N GLU D 150 92.35 80.54 29.68
CA GLU D 150 92.88 79.19 29.51
C GLU D 150 92.33 78.23 30.56
N ALA D 151 92.44 78.62 31.83
CA ALA D 151 91.95 77.76 32.89
C ALA D 151 90.47 77.49 32.74
N LEU D 152 89.70 78.52 32.36
CA LEU D 152 88.26 78.34 32.21
C LEU D 152 87.93 77.40 31.06
N LEU D 153 88.64 77.53 29.93
CA LEU D 153 88.39 76.64 28.80
C LEU D 153 88.67 75.20 29.17
N TYR D 154 89.81 74.94 29.82
CA TYR D 154 90.13 73.54 30.14
C TYR D 154 89.18 72.99 31.20
N ILE D 155 88.82 73.80 32.20
CA ILE D 155 87.89 73.32 33.22
C ILE D 155 86.53 73.01 32.63
N ASP D 156 86.03 73.89 31.77
CA ASP D 156 84.68 73.68 31.27
C ASP D 156 84.68 72.62 30.18
N HIS D 157 85.82 72.38 29.53
CA HIS D 157 85.95 71.19 28.69
C HIS D 157 85.81 69.93 29.53
N ALA D 158 86.48 69.89 30.69
CA ALA D 158 86.32 68.75 31.57
C ALA D 158 84.87 68.59 32.01
N ILE D 159 84.20 69.71 32.28
CA ILE D 159 82.79 69.68 32.67
C ILE D 159 81.94 69.07 31.57
N ASN D 160 82.13 69.55 30.34
CA ASN D 160 81.37 69.05 29.20
C ASN D 160 81.61 67.57 29.01
N ALA D 161 82.86 67.12 29.16
CA ALA D 161 83.13 65.69 29.14
C ALA D 161 82.34 64.96 30.21
N LEU D 162 82.19 65.56 31.39
CA LEU D 162 81.35 64.96 32.42
C LEU D 162 79.87 65.11 32.10
N SER D 163 79.48 66.26 31.55
CA SER D 163 78.08 66.48 31.19
C SER D 163 77.84 66.08 29.74
N SER E 2 90.53 74.97 0.25
CA SER E 2 91.96 74.74 0.33
C SER E 2 92.33 74.28 1.74
N ARG E 3 93.60 73.99 1.96
CA ARG E 3 94.10 73.54 3.26
C ARG E 3 94.87 74.69 3.88
N THR E 4 94.14 75.57 4.56
CA THR E 4 94.67 76.67 5.33
C THR E 4 94.37 76.40 6.80
N VAL E 5 95.05 77.12 7.69
CA VAL E 5 95.09 76.75 9.10
C VAL E 5 93.68 76.56 9.65
N ILE E 6 92.80 77.52 9.38
CA ILE E 6 91.42 77.43 9.86
C ILE E 6 90.75 76.19 9.31
N THR E 7 91.06 75.85 8.07
CA THR E 7 90.41 74.69 7.45
C THR E 7 90.93 73.38 8.04
N GLU E 8 92.23 73.21 8.29
CA GLU E 8 92.63 71.99 8.98
C GLU E 8 92.03 71.93 10.38
N VAL E 9 91.92 73.07 11.05
CA VAL E 9 91.27 73.12 12.36
C VAL E 9 89.85 72.54 12.28
N ILE E 10 89.02 73.15 11.45
CA ILE E 10 87.63 72.73 11.36
C ILE E 10 87.53 71.31 10.83
N ALA E 11 88.42 70.94 9.91
CA ALA E 11 88.38 69.61 9.32
C ALA E 11 88.68 68.54 10.36
N THR E 12 89.69 68.76 11.20
CA THR E 12 89.99 67.77 12.24
C THR E 12 88.86 67.68 13.25
N ALA E 13 88.31 68.83 13.65
CA ALA E 13 87.18 68.79 14.57
C ALA E 13 86.01 68.02 13.97
N ASP E 14 85.72 68.28 12.69
CA ASP E 14 84.61 67.65 12.01
C ASP E 14 84.81 66.15 11.86
N SER E 15 85.99 65.73 11.41
CA SER E 15 86.25 64.32 11.23
C SER E 15 86.17 63.58 12.56
N GLN E 16 86.61 64.20 13.64
CA GLN E 16 86.51 63.56 14.93
C GLN E 16 85.14 63.74 15.57
N GLY E 17 84.22 64.43 14.91
CA GLY E 17 82.88 64.59 15.41
C GLY E 17 82.81 65.32 16.73
N ARG E 18 83.51 66.45 16.83
CA ARG E 18 83.60 67.15 18.10
C ARG E 18 83.61 68.64 17.86
N PHE E 19 83.34 69.38 18.93
CA PHE E 19 83.45 70.82 18.91
C PHE E 19 84.92 71.24 18.86
N LEU E 20 85.14 72.52 18.62
CA LEU E 20 86.48 73.06 18.62
C LEU E 20 86.95 73.31 20.06
N ASN E 21 88.07 72.70 20.41
CA ASN E 21 88.62 72.78 21.74
C ASN E 21 89.73 73.84 21.78
N SER E 22 90.45 73.90 22.90
CA SER E 22 91.43 74.95 23.10
C SER E 22 92.56 74.88 22.08
N THR E 23 93.02 73.69 21.75
CA THR E 23 94.11 73.55 20.77
C THR E 23 93.71 74.17 19.43
N GLU E 24 92.47 73.91 19.03
CA GLU E 24 92.02 74.36 17.72
C GLU E 24 92.02 75.89 17.67
N LEU E 25 91.50 76.51 18.71
CA LEU E 25 91.45 77.97 18.78
C LEU E 25 92.83 78.57 18.95
N GLN E 26 93.75 77.86 19.60
CA GLN E 26 95.12 78.36 19.68
C GLN E 26 95.79 78.37 18.32
N ALA E 27 95.60 77.31 17.53
CA ALA E 27 96.11 77.33 16.16
C ALA E 27 95.48 78.47 15.37
N ALA E 28 94.17 78.68 15.52
CA ALA E 28 93.52 79.78 14.84
C ALA E 28 94.07 81.13 15.27
N PHE E 29 94.41 81.26 16.55
CA PHE E 29 94.94 82.52 17.06
C PHE E 29 96.34 82.79 16.51
N GLY E 30 97.17 81.76 16.43
CA GLY E 30 98.44 81.91 15.74
C GLY E 30 98.26 82.33 14.30
N ARG E 31 97.25 81.77 13.63
CA ARG E 31 96.95 82.16 12.26
C ARG E 31 96.60 83.64 12.18
N PHE E 32 95.77 84.11 13.09
CA PHE E 32 95.34 85.51 13.05
C PHE E 32 96.48 86.46 13.39
N GLU E 33 97.43 86.03 14.23
CA GLU E 33 98.63 86.85 14.39
C GLU E 33 99.44 86.89 13.10
N ARG E 34 99.73 85.73 12.53
CA ARG E 34 100.60 85.71 11.36
C ARG E 34 99.95 86.34 10.14
N ALA E 35 98.66 86.65 10.22
CA ALA E 35 97.99 87.31 9.10
C ALA E 35 98.59 88.67 8.76
N VAL E 36 99.23 89.35 9.71
CA VAL E 36 99.69 90.72 9.48
C VAL E 36 100.91 90.75 8.56
N PRO E 37 102.04 90.10 8.92
CA PRO E 37 103.15 90.07 7.96
C PRO E 37 102.80 89.34 6.69
N ALA E 38 101.91 88.35 6.75
CA ALA E 38 101.53 87.59 5.56
C ALA E 38 100.81 88.48 4.55
N ILE E 39 99.81 89.23 4.99
CA ILE E 39 99.11 90.11 4.07
C ILE E 39 100.00 91.28 3.67
N GLU E 40 100.91 91.71 4.54
CA GLU E 40 101.88 92.73 4.12
C GLU E 40 102.75 92.23 2.98
N ALA E 41 103.23 90.99 3.08
CA ALA E 41 104.02 90.39 2.02
C ALA E 41 103.21 90.22 0.75
N ALA E 42 101.95 89.83 0.88
CA ALA E 42 101.09 89.71 -0.29
C ALA E 42 100.92 91.05 -0.98
N ARG E 43 100.75 92.12 -0.19
CA ARG E 43 100.65 93.46 -0.76
C ARG E 43 101.92 93.83 -1.52
N ALA E 44 103.07 93.59 -0.91
CA ALA E 44 104.33 93.95 -1.55
C ALA E 44 104.53 93.19 -2.84
N LEU E 45 104.22 91.88 -2.84
CA LEU E 45 104.39 91.08 -4.04
C LEU E 45 103.41 91.45 -5.13
N THR E 46 102.16 91.76 -4.77
CA THR E 46 101.18 92.22 -5.74
C THR E 46 101.61 93.53 -6.37
N LYS E 47 102.15 94.44 -5.57
CA LYS E 47 102.60 95.73 -6.09
C LYS E 47 103.73 95.57 -7.10
N ASN E 48 104.70 94.71 -6.83
CA ASN E 48 105.91 94.60 -7.63
C ASN E 48 105.87 93.41 -8.58
N GLN E 49 104.69 93.01 -9.02
CA GLN E 49 104.57 91.75 -9.77
C GLN E 49 105.26 91.83 -11.11
N ASP E 50 105.08 92.94 -11.84
CA ASP E 50 105.57 93.00 -13.21
C ASP E 50 107.09 92.94 -13.26
N ALA E 51 107.76 93.69 -12.37
CA ALA E 51 109.21 93.66 -12.34
C ALA E 51 109.72 92.28 -11.94
N LEU E 52 109.06 91.64 -10.97
CA LEU E 52 109.47 90.30 -10.56
C LEU E 52 109.32 89.30 -11.70
N VAL E 53 108.21 89.36 -12.41
CA VAL E 53 107.98 88.44 -13.52
C VAL E 53 109.01 88.64 -14.62
N LYS E 54 109.24 89.89 -15.01
CA LYS E 54 110.22 90.15 -16.07
C LYS E 54 111.61 89.70 -15.65
N GLY E 55 111.99 89.99 -14.41
CA GLY E 55 113.31 89.59 -13.95
C GLY E 55 113.46 88.09 -13.87
N ALA E 56 112.40 87.40 -13.47
CA ALA E 56 112.48 85.94 -13.39
C ALA E 56 112.60 85.33 -14.78
N VAL E 57 111.86 85.85 -15.75
CA VAL E 57 111.98 85.35 -17.12
C VAL E 57 113.39 85.59 -17.64
N GLN E 58 113.94 86.76 -17.36
CA GLN E 58 115.31 87.05 -17.78
C GLN E 58 116.31 86.13 -17.11
N ALA E 59 116.10 85.83 -15.83
CA ALA E 59 116.98 84.90 -15.14
C ALA E 59 116.91 83.51 -15.76
N VAL E 60 115.71 83.06 -16.13
CA VAL E 60 115.57 81.78 -16.80
C VAL E 60 116.35 81.77 -18.10
N PHE E 61 116.25 82.85 -18.87
CA PHE E 61 116.95 82.88 -20.15
C PHE E 61 118.45 83.02 -19.98
N LYS E 62 118.90 83.58 -18.87
CA LYS E 62 120.34 83.60 -18.63
C LYS E 62 120.85 82.23 -18.21
N LYS E 63 120.12 81.53 -17.34
CA LYS E 63 120.57 80.23 -16.87
C LYS E 63 120.50 79.16 -17.94
N PHE E 64 119.52 79.22 -18.83
CA PHE E 64 119.32 78.22 -19.86
C PHE E 64 119.29 78.92 -21.21
N PRO E 65 120.42 79.46 -21.66
CA PRO E 65 120.42 80.24 -22.91
C PRO E 65 119.96 79.44 -24.11
N TYR E 66 120.22 78.13 -24.11
CA TYR E 66 119.90 77.30 -25.26
C TYR E 66 118.41 77.26 -25.53
N VAL E 67 117.58 77.65 -24.55
CA VAL E 67 116.15 77.51 -24.69
C VAL E 67 115.62 78.46 -25.77
N THR E 68 116.30 79.59 -25.97
CA THR E 68 115.83 80.60 -26.91
C THR E 68 116.35 80.38 -28.33
N GLN E 69 117.16 79.36 -28.56
CA GLN E 69 117.63 79.06 -29.91
C GLN E 69 116.47 78.56 -30.76
N PRO E 70 116.56 78.70 -32.08
CA PRO E 70 115.44 78.28 -32.93
C PRO E 70 115.18 76.79 -32.81
N GLY E 71 113.90 76.44 -32.82
CA GLY E 71 113.49 75.07 -32.63
C GLY E 71 113.46 74.61 -31.20
N GLU E 72 113.80 75.47 -30.25
CA GLU E 72 113.77 75.13 -28.84
C GLU E 72 112.55 75.78 -28.20
N LYS E 73 112.22 75.30 -27.01
CA LYS E 73 110.94 75.63 -26.39
C LYS E 73 110.79 77.11 -26.13
N GLY E 74 111.88 77.85 -26.02
CA GLY E 74 111.80 79.27 -25.75
C GLY E 74 111.92 80.13 -26.98
N TYR E 75 111.92 79.50 -28.15
CA TYR E 75 112.02 80.26 -29.39
C TYR E 75 110.69 80.87 -29.77
N GLY E 76 110.73 82.13 -30.18
CA GLY E 76 109.54 82.84 -30.58
C GLY E 76 108.97 83.70 -29.47
N ASP E 77 107.98 84.51 -29.84
CA ASP E 77 107.39 85.43 -28.90
C ASP E 77 106.25 84.79 -28.13
N SER E 78 105.52 83.87 -28.76
CA SER E 78 104.43 83.21 -28.07
C SER E 78 104.93 82.35 -26.93
N ASN E 79 106.04 81.64 -27.15
CA ASN E 79 106.61 80.81 -26.10
C ASN E 79 107.06 81.64 -24.91
N GLN E 80 107.67 82.79 -25.18
CA GLN E 80 108.19 83.60 -24.08
C GLN E 80 107.06 84.34 -23.38
N ALA E 81 105.99 84.66 -24.11
CA ALA E 81 104.80 85.20 -23.47
C ALA E 81 104.16 84.16 -22.56
N LYS E 82 104.14 82.90 -22.99
CA LYS E 82 103.67 81.84 -22.11
C LYS E 82 104.56 81.71 -20.89
N CYS E 83 105.87 81.85 -21.06
CA CYS E 83 106.78 81.91 -19.93
C CYS E 83 106.38 82.99 -18.94
N ALA E 84 106.16 84.21 -19.43
CA ALA E 84 105.78 85.31 -18.55
C ALA E 84 104.46 85.03 -17.85
N ARG E 85 103.50 84.47 -18.58
CA ARG E 85 102.22 84.12 -17.99
C ARG E 85 102.39 83.11 -16.87
N ASP E 86 103.28 82.13 -17.07
CA ASP E 86 103.46 81.09 -16.07
C ASP E 86 104.12 81.64 -14.81
N ILE E 87 105.12 82.51 -14.99
CA ILE E 87 105.75 83.10 -13.81
C ILE E 87 104.76 83.98 -13.06
N GLY E 88 103.93 84.72 -13.79
CA GLY E 88 102.87 85.45 -13.13
C GLY E 88 101.92 84.56 -12.38
N TYR E 89 101.63 83.38 -12.93
CA TYR E 89 100.80 82.41 -12.23
C TYR E 89 101.41 82.03 -10.89
N TYR E 90 102.68 81.64 -10.90
CA TYR E 90 103.33 81.21 -9.68
C TYR E 90 103.32 82.33 -8.65
N LEU E 91 103.61 83.56 -9.09
CA LEU E 91 103.60 84.70 -8.19
C LEU E 91 102.21 84.92 -7.61
N ARG E 92 101.18 84.84 -8.44
CA ARG E 92 99.81 84.99 -8.00
C ARG E 92 99.46 84.00 -6.92
N PHE E 93 99.83 82.75 -7.12
CA PHE E 93 99.44 81.72 -6.16
C PHE E 93 100.29 81.77 -4.89
N ILE E 94 101.52 82.26 -4.97
CA ILE E 94 102.27 82.52 -3.75
C ILE E 94 101.62 83.62 -2.93
N THR E 95 101.16 84.68 -3.60
CA THR E 95 100.45 85.74 -2.86
C THR E 95 99.14 85.23 -2.27
N TYR E 96 98.43 84.37 -3.01
CA TYR E 96 97.23 83.75 -2.46
C TYR E 96 97.55 82.94 -1.21
N SER E 97 98.60 82.12 -1.28
CA SER E 97 98.99 81.31 -0.14
C SER E 97 99.40 82.17 1.05
N LEU E 98 100.10 83.27 0.80
CA LEU E 98 100.42 84.20 1.86
C LEU E 98 99.16 84.76 2.51
N VAL E 99 98.19 85.16 1.70
CA VAL E 99 96.96 85.71 2.24
C VAL E 99 96.20 84.66 3.04
N ALA E 100 96.06 83.46 2.50
CA ALA E 100 95.25 82.44 3.16
C ALA E 100 95.97 81.73 4.28
N SER E 101 97.26 81.96 4.47
CA SER E 101 98.06 81.34 5.52
C SER E 101 98.00 79.82 5.40
N GLY E 102 98.52 79.34 4.28
CA GLY E 102 98.59 77.93 4.04
C GLY E 102 99.05 77.71 2.62
N THR E 103 99.38 76.45 2.33
CA THR E 103 99.77 76.07 0.99
C THR E 103 98.62 75.52 0.18
N GLY E 104 97.39 75.75 0.63
CA GLY E 104 96.22 75.29 -0.07
C GLY E 104 96.09 75.83 -1.47
N PRO E 105 96.24 77.14 -1.66
CA PRO E 105 96.21 77.66 -3.04
C PRO E 105 97.29 77.08 -3.94
N LEU E 106 98.54 77.02 -3.47
CA LEU E 106 99.58 76.38 -4.26
C LEU E 106 99.26 74.91 -4.50
N ASP E 107 98.95 74.17 -3.43
CA ASP E 107 98.69 72.74 -3.55
C ASP E 107 97.55 72.46 -4.52
N ASP E 108 96.57 73.35 -4.57
CA ASP E 108 95.36 73.07 -5.32
C ASP E 108 95.41 73.59 -6.75
N TYR E 109 96.14 74.67 -7.02
CA TYR E 109 96.18 75.21 -8.37
C TYR E 109 97.51 75.08 -9.08
N VAL E 110 98.56 74.58 -8.44
CA VAL E 110 99.81 74.41 -9.16
C VAL E 110 100.33 72.99 -8.96
N ILE E 111 100.51 72.59 -7.70
CA ILE E 111 101.21 71.35 -7.43
C ILE E 111 100.38 70.15 -7.86
N ALA E 112 99.06 70.21 -7.68
CA ALA E 112 98.21 69.13 -8.11
C ALA E 112 98.23 69.07 -9.63
N GLY E 113 98.93 68.09 -10.17
CA GLY E 113 99.07 67.93 -11.60
C GLY E 113 100.32 68.51 -12.19
N LEU E 114 101.28 68.91 -11.38
CA LEU E 114 102.45 69.62 -11.91
C LEU E 114 103.29 68.71 -12.77
N ARG E 115 103.64 67.53 -12.26
CA ARG E 115 104.58 66.66 -12.95
C ARG E 115 104.03 66.13 -14.26
N GLU E 116 102.78 65.66 -14.25
CA GLU E 116 102.17 65.15 -15.48
C GLU E 116 102.14 66.22 -16.56
N VAL E 117 101.72 67.43 -16.21
CA VAL E 117 101.60 68.49 -17.18
C VAL E 117 102.97 68.86 -17.72
N ASN E 118 103.95 69.02 -16.83
CA ASN E 118 105.29 69.36 -17.26
C ASN E 118 105.88 68.28 -18.15
N ARG E 119 105.50 67.03 -17.92
CA ARG E 119 106.03 65.93 -18.72
C ARG E 119 105.35 65.86 -20.08
N ALA E 120 104.06 66.15 -20.13
CA ALA E 120 103.35 66.07 -21.40
C ALA E 120 103.83 67.13 -22.37
N PHE E 121 104.01 68.35 -21.88
CA PHE E 121 104.45 69.45 -22.71
C PHE E 121 105.96 69.62 -22.71
N ASN E 122 106.68 68.72 -22.05
CA ASN E 122 108.14 68.76 -22.01
C ASN E 122 108.66 70.08 -21.45
N LEU E 123 108.08 70.52 -20.36
CA LEU E 123 108.53 71.73 -19.68
C LEU E 123 109.49 71.32 -18.56
N ASN E 124 110.68 71.88 -18.61
CA ASN E 124 111.69 71.56 -17.63
C ASN E 124 111.36 72.24 -16.31
N PRO E 125 111.24 71.51 -15.20
CA PRO E 125 111.03 72.17 -13.92
C PRO E 125 112.15 73.11 -13.53
N LEU E 126 113.36 72.87 -14.03
CA LEU E 126 114.50 73.68 -13.63
C LEU E 126 114.33 75.14 -14.04
N TRP E 127 113.61 75.39 -15.13
CA TRP E 127 113.29 76.76 -15.49
C TRP E 127 112.51 77.45 -14.39
N TYR E 128 111.50 76.77 -13.88
CA TYR E 128 110.69 77.36 -12.82
C TYR E 128 111.45 77.43 -11.51
N ILE E 129 112.37 76.49 -11.27
CA ILE E 129 113.26 76.62 -10.12
C ILE E 129 114.07 77.90 -10.22
N GLU E 130 114.62 78.19 -11.40
CA GLU E 130 115.43 79.41 -11.55
C GLU E 130 114.58 80.65 -11.38
N ALA E 131 113.39 80.65 -11.96
CA ALA E 131 112.49 81.81 -11.80
C ALA E 131 112.13 82.03 -10.34
N LEU E 132 111.80 80.96 -9.63
CA LEU E 132 111.42 81.09 -8.23
C LEU E 132 112.61 81.47 -7.36
N ASN E 133 113.82 81.02 -7.73
CA ASN E 133 115.01 81.45 -7.05
C ASN E 133 115.22 82.95 -7.21
N TYR E 134 114.99 83.47 -8.41
CA TYR E 134 115.08 84.91 -8.61
C TYR E 134 114.04 85.66 -7.80
N ILE E 135 112.80 85.14 -7.77
CA ILE E 135 111.77 85.79 -6.97
C ILE E 135 112.16 85.79 -5.50
N LYS E 136 112.79 84.71 -5.05
CA LYS E 136 113.27 84.65 -3.67
C LYS E 136 114.35 85.69 -3.41
N GLY E 137 115.32 85.78 -4.32
CA GLY E 137 116.39 86.74 -4.14
C GLY E 137 115.87 88.16 -4.09
N GLU E 138 114.89 88.47 -4.93
CA GLU E 138 114.38 89.84 -4.98
C GLU E 138 113.44 90.13 -3.82
N THR E 139 112.65 89.16 -3.39
CA THR E 139 111.82 89.38 -2.20
C THR E 139 112.68 89.44 -0.95
N GLY E 140 113.94 89.04 -1.04
CA GLY E 140 114.89 89.38 0.00
C GLY E 140 115.13 90.87 0.09
N LYS E 141 115.35 91.54 -1.04
CA LYS E 141 115.57 92.98 -1.04
C LYS E 141 114.36 93.71 -0.48
N LEU E 142 113.18 93.43 -1.02
CA LEU E 142 111.95 93.89 -0.44
C LEU E 142 111.70 93.14 0.87
N LEU E 143 110.57 93.43 1.51
CA LEU E 143 110.03 92.55 2.55
C LEU E 143 111.05 92.29 3.67
N SER E 144 111.30 93.32 4.46
CA SER E 144 112.09 93.13 5.66
C SER E 144 111.25 92.48 6.75
N GLY E 145 111.89 91.60 7.54
CA GLY E 145 111.28 91.13 8.77
C GLY E 145 110.66 89.76 8.71
N GLN E 146 109.52 89.59 9.40
CA GLN E 146 108.75 88.37 9.33
C GLN E 146 108.07 88.20 7.98
N SER E 147 107.83 89.30 7.27
CA SER E 147 107.28 89.21 5.93
C SER E 147 108.22 88.43 5.02
N LYS E 148 109.52 88.64 5.17
CA LYS E 148 110.50 87.88 4.39
C LYS E 148 110.36 86.40 4.65
N THR E 149 110.30 86.00 5.92
CA THR E 149 110.22 84.58 6.23
C THR E 149 108.93 83.98 5.70
N GLU E 150 107.82 84.71 5.85
CA GLU E 150 106.55 84.22 5.33
C GLU E 150 106.61 84.01 3.83
N ALA E 151 107.19 84.98 3.10
CA ALA E 151 107.29 84.83 1.66
C ALA E 151 108.16 83.64 1.28
N LEU E 152 109.33 83.52 1.91
CA LEU E 152 110.26 82.46 1.55
C LEU E 152 109.71 81.09 1.87
N LEU E 153 108.88 80.96 2.89
CA LEU E 153 108.28 79.65 3.17
C LEU E 153 107.49 79.16 1.97
N TYR E 154 106.67 80.02 1.37
CA TYR E 154 105.84 79.59 0.26
C TYR E 154 106.64 79.46 -1.03
N ILE E 155 107.60 80.35 -1.24
CA ILE E 155 108.48 80.19 -2.40
C ILE E 155 109.22 78.85 -2.33
N ASP E 156 109.65 78.47 -1.13
CA ASP E 156 110.34 77.19 -0.96
C ASP E 156 109.38 76.02 -1.11
N HIS E 157 108.12 76.17 -0.69
CA HIS E 157 107.17 75.11 -0.94
C HIS E 157 107.01 74.86 -2.43
N ALA E 158 106.90 75.93 -3.20
CA ALA E 158 106.80 75.78 -4.65
C ALA E 158 108.05 75.12 -5.23
N ILE E 159 109.23 75.58 -4.81
CA ILE E 159 110.47 75.06 -5.34
C ILE E 159 110.63 73.59 -4.99
N ASN E 160 110.25 73.22 -3.77
CA ASN E 160 110.37 71.84 -3.34
C ASN E 160 109.39 70.95 -4.10
N ALA E 161 108.23 71.50 -4.43
CA ALA E 161 107.29 70.78 -5.28
C ALA E 161 107.88 70.53 -6.65
N LEU E 162 108.54 71.53 -7.22
CA LEU E 162 109.03 71.42 -8.58
C LEU E 162 110.21 70.46 -8.70
N SER E 163 110.78 70.04 -7.58
CA SER E 163 111.96 69.20 -7.61
C SER E 163 111.64 67.77 -7.18
N SER F 2 109.26 37.66 -14.01
CA SER F 2 109.13 38.87 -14.79
C SER F 2 108.02 38.72 -15.82
N ARG F 3 107.56 39.84 -16.37
CA ARG F 3 106.48 39.80 -17.35
C ARG F 3 106.98 39.22 -18.66
N THR F 4 106.73 37.93 -18.86
CA THR F 4 106.90 37.28 -20.14
C THR F 4 105.53 36.89 -20.65
N VAL F 5 105.50 36.21 -21.80
CA VAL F 5 104.25 35.62 -22.26
C VAL F 5 103.88 34.44 -21.36
N ILE F 6 104.87 33.59 -21.08
CA ILE F 6 104.63 32.39 -20.28
C ILE F 6 104.21 32.76 -18.87
N THR F 7 104.85 33.78 -18.29
CA THR F 7 104.50 34.19 -16.93
C THR F 7 103.11 34.79 -16.88
N GLU F 8 102.73 35.58 -17.88
CA GLU F 8 101.35 36.07 -17.92
C GLU F 8 100.36 34.92 -18.02
N VAL F 9 100.65 33.94 -18.88
CA VAL F 9 99.89 32.68 -18.93
C VAL F 9 99.72 32.09 -17.54
N ILE F 10 100.84 31.83 -16.86
CA ILE F 10 100.81 31.05 -15.63
C ILE F 10 100.12 31.84 -14.52
N ALA F 11 100.34 33.15 -14.48
CA ALA F 11 99.73 33.98 -13.44
C ALA F 11 98.23 34.11 -13.67
N THR F 12 97.81 34.25 -14.92
CA THR F 12 96.38 34.30 -15.20
C THR F 12 95.71 32.97 -14.86
N ALA F 13 96.40 31.85 -15.12
CA ALA F 13 95.86 30.56 -14.76
C ALA F 13 95.80 30.33 -13.25
N ASP F 14 96.83 30.74 -12.52
CA ASP F 14 96.88 30.55 -11.08
C ASP F 14 95.93 31.48 -10.35
N SER F 15 95.80 32.72 -10.84
CA SER F 15 94.92 33.69 -10.21
C SER F 15 93.47 33.20 -10.21
N GLN F 16 93.04 32.55 -11.28
CA GLN F 16 91.70 31.96 -11.33
C GLN F 16 91.67 30.54 -10.80
N GLY F 17 92.78 30.03 -10.26
CA GLY F 17 92.78 28.70 -9.68
C GLY F 17 92.44 27.61 -10.66
N ARG F 18 92.95 27.68 -11.88
CA ARG F 18 92.61 26.74 -12.93
C ARG F 18 93.88 26.30 -13.66
N PHE F 19 93.72 25.32 -14.54
CA PHE F 19 94.83 24.82 -15.32
C PHE F 19 95.12 25.70 -16.53
N LEU F 20 96.23 25.40 -17.18
CA LEU F 20 96.54 26.00 -18.46
C LEU F 20 95.66 25.40 -19.53
N ASN F 21 95.15 26.24 -20.43
CA ASN F 21 94.20 25.74 -21.43
C ASN F 21 94.44 26.35 -22.80
N SER F 22 93.44 26.26 -23.67
CA SER F 22 93.61 26.58 -25.08
C SER F 22 94.15 27.98 -25.28
N THR F 23 93.54 28.98 -24.67
CA THR F 23 93.98 30.35 -24.87
C THR F 23 95.42 30.54 -24.39
N GLU F 24 95.76 29.93 -23.26
CA GLU F 24 97.08 30.10 -22.68
C GLU F 24 98.15 29.34 -23.46
N LEU F 25 97.83 28.12 -23.90
CA LEU F 25 98.77 27.40 -24.75
C LEU F 25 98.93 28.06 -26.11
N GLN F 26 97.88 28.71 -26.62
CA GLN F 26 98.02 29.44 -27.87
C GLN F 26 98.94 30.64 -27.70
N ALA F 27 98.83 31.35 -26.57
CA ALA F 27 99.76 32.42 -26.28
C ALA F 27 101.19 31.91 -26.19
N ALA F 28 101.39 30.78 -25.51
CA ALA F 28 102.73 30.22 -25.41
C ALA F 28 103.26 29.81 -26.78
N PHE F 29 102.39 29.25 -27.62
CA PHE F 29 102.81 28.87 -28.97
C PHE F 29 103.23 30.10 -29.77
N GLY F 30 102.48 31.20 -29.63
CA GLY F 30 102.90 32.44 -30.25
C GLY F 30 104.27 32.89 -29.77
N ARG F 31 104.52 32.76 -28.47
CA ARG F 31 105.85 33.07 -27.93
C ARG F 31 106.93 32.22 -28.59
N PHE F 32 106.68 30.91 -28.69
CA PHE F 32 107.69 30.00 -29.22
C PHE F 32 107.93 30.24 -30.69
N GLU F 33 106.89 30.64 -31.42
CA GLU F 33 107.08 30.98 -32.82
C GLU F 33 107.89 32.27 -32.97
N ARG F 34 107.61 33.26 -32.12
CA ARG F 34 108.30 34.53 -32.20
C ARG F 34 109.71 34.49 -31.62
N ALA F 35 110.08 33.39 -30.96
CA ALA F 35 111.41 33.32 -30.36
C ALA F 35 112.52 33.48 -31.40
N VAL F 36 112.33 32.93 -32.59
CA VAL F 36 113.41 32.92 -33.58
C VAL F 36 113.83 34.34 -34.00
N PRO F 37 112.92 35.22 -34.43
CA PRO F 37 113.35 36.59 -34.71
C PRO F 37 113.91 37.30 -33.48
N ALA F 38 113.36 37.03 -32.30
CA ALA F 38 113.81 37.72 -31.10
C ALA F 38 115.21 37.29 -30.69
N ILE F 39 115.48 35.98 -30.71
CA ILE F 39 116.82 35.50 -30.41
C ILE F 39 117.81 36.00 -31.46
N GLU F 40 117.36 36.08 -32.71
CA GLU F 40 118.23 36.58 -33.78
C GLU F 40 118.59 38.04 -33.55
N ALA F 41 117.61 38.85 -33.18
CA ALA F 41 117.85 40.26 -32.92
C ALA F 41 118.75 40.44 -31.70
N ALA F 42 118.55 39.63 -30.67
CA ALA F 42 119.42 39.70 -29.50
C ALA F 42 120.86 39.40 -29.88
N ARG F 43 121.05 38.38 -30.72
CA ARG F 43 122.39 38.04 -31.19
C ARG F 43 123.02 39.20 -31.96
N ALA F 44 122.27 39.78 -32.89
CA ALA F 44 122.82 40.86 -33.71
C ALA F 44 123.12 42.10 -32.89
N LEU F 45 122.30 42.37 -31.87
CA LEU F 45 122.54 43.53 -31.02
C LEU F 45 123.69 43.29 -30.05
N THR F 46 123.88 42.05 -29.61
CA THR F 46 125.02 41.75 -28.74
C THR F 46 126.34 41.86 -29.51
N LYS F 47 126.33 41.49 -30.80
CA LYS F 47 127.54 41.73 -31.59
C LYS F 47 127.95 43.18 -31.61
N ASN F 48 127.02 44.11 -31.85
CA ASN F 48 127.36 45.50 -32.11
C ASN F 48 127.01 46.41 -30.95
N GLN F 49 127.23 45.96 -29.71
CA GLN F 49 126.91 46.79 -28.56
C GLN F 49 127.79 48.03 -28.51
N ASP F 50 129.09 47.89 -28.75
CA ASP F 50 130.01 49.00 -28.54
C ASP F 50 129.80 50.11 -29.54
N ALA F 51 129.68 49.77 -30.83
CA ALA F 51 129.44 50.79 -31.84
C ALA F 51 128.11 51.47 -31.61
N LEU F 52 127.07 50.71 -31.25
CA LEU F 52 125.76 51.30 -30.97
C LEU F 52 125.84 52.28 -29.81
N VAL F 53 126.52 51.89 -28.73
CA VAL F 53 126.60 52.77 -27.57
C VAL F 53 127.40 54.02 -27.89
N LYS F 54 128.53 53.87 -28.58
CA LYS F 54 129.33 55.04 -28.95
C LYS F 54 128.52 56.00 -29.81
N GLY F 55 127.82 55.45 -30.81
CA GLY F 55 127.02 56.29 -31.66
C GLY F 55 125.89 56.98 -30.92
N ALA F 56 125.27 56.27 -29.98
CA ALA F 56 124.16 56.87 -29.22
C ALA F 56 124.66 58.01 -28.33
N VAL F 57 125.81 57.82 -27.69
CA VAL F 57 126.36 58.89 -26.88
C VAL F 57 126.69 60.11 -27.74
N GLN F 58 127.33 59.88 -28.89
CA GLN F 58 127.64 61.00 -29.76
C GLN F 58 126.37 61.63 -30.32
N ALA F 59 125.34 60.83 -30.54
CA ALA F 59 124.07 61.38 -31.02
C ALA F 59 123.47 62.32 -30.00
N VAL F 60 123.49 61.93 -28.72
CA VAL F 60 123.03 62.82 -27.67
C VAL F 60 123.84 64.09 -27.68
N PHE F 61 125.16 63.97 -27.83
CA PHE F 61 126.00 65.16 -27.76
C PHE F 61 125.77 66.11 -28.92
N LYS F 62 125.50 65.60 -30.12
CA LYS F 62 125.08 66.49 -31.21
C LYS F 62 123.73 67.11 -30.93
N LYS F 63 122.77 66.33 -30.43
CA LYS F 63 121.42 66.84 -30.28
C LYS F 63 121.30 67.84 -29.15
N PHE F 64 122.09 67.70 -28.08
CA PHE F 64 122.06 68.61 -26.93
C PHE F 64 123.47 69.15 -26.72
N PRO F 65 123.94 70.02 -27.61
CA PRO F 65 125.34 70.47 -27.53
C PRO F 65 125.68 71.18 -26.24
N TYR F 66 124.72 71.90 -25.66
CA TYR F 66 124.97 72.62 -24.42
C TYR F 66 125.32 71.69 -23.27
N VAL F 67 124.98 70.41 -23.37
CA VAL F 67 125.24 69.47 -22.27
C VAL F 67 126.74 69.30 -22.08
N THR F 68 127.50 69.29 -23.16
CA THR F 68 128.95 69.14 -23.09
C THR F 68 129.64 70.38 -22.54
N GLN F 69 128.93 71.49 -22.38
CA GLN F 69 129.55 72.71 -21.91
C GLN F 69 129.99 72.57 -20.46
N PRO F 70 131.15 73.14 -20.11
CA PRO F 70 131.59 73.10 -18.72
C PRO F 70 130.53 73.66 -17.78
N GLY F 71 130.41 73.02 -16.61
CA GLY F 71 129.40 73.36 -15.65
C GLY F 71 128.07 72.65 -15.86
N GLU F 72 127.94 71.88 -16.94
CA GLU F 72 126.72 71.14 -17.24
C GLU F 72 126.94 69.66 -16.92
N LYS F 73 125.91 68.85 -17.22
CA LYS F 73 125.98 67.44 -16.90
C LYS F 73 127.03 66.70 -17.71
N GLY F 74 127.08 66.95 -19.02
CA GLY F 74 127.95 66.16 -19.88
C GLY F 74 129.40 66.57 -19.85
N TYR F 75 129.75 67.57 -19.07
CA TYR F 75 131.14 68.02 -19.02
C TYR F 75 131.96 67.11 -18.11
N GLY F 76 133.08 66.63 -18.63
CA GLY F 76 133.96 65.79 -17.84
C GLY F 76 133.91 64.36 -18.30
N ASP F 77 135.07 63.69 -18.28
CA ASP F 77 135.13 62.32 -18.75
C ASP F 77 134.30 61.37 -17.90
N SER F 78 134.22 61.63 -16.60
CA SER F 78 133.43 60.76 -15.74
C SER F 78 131.96 60.77 -16.12
N ASN F 79 131.42 61.95 -16.41
CA ASN F 79 130.01 62.05 -16.77
C ASN F 79 129.74 61.36 -18.10
N GLN F 80 130.66 61.47 -19.05
CA GLN F 80 130.46 60.80 -20.33
C GLN F 80 130.61 59.28 -20.19
N ALA F 81 131.46 58.83 -19.27
CA ALA F 81 131.52 57.40 -18.97
C ALA F 81 130.22 56.93 -18.36
N LYS F 82 129.63 57.75 -17.48
CA LYS F 82 128.31 57.42 -16.95
C LYS F 82 127.27 57.36 -18.06
N CYS F 83 127.34 58.29 -19.01
CA CYS F 83 126.42 58.26 -20.15
C CYS F 83 126.55 56.97 -20.93
N ALA F 84 127.78 56.58 -21.25
CA ALA F 84 127.99 55.35 -22.01
C ALA F 84 127.51 54.16 -21.22
N ARG F 85 127.75 54.14 -19.92
CA ARG F 85 127.28 53.05 -19.08
C ARG F 85 125.76 52.97 -19.09
N ASP F 86 125.08 54.11 -19.05
CA ASP F 86 123.63 54.11 -19.04
C ASP F 86 123.06 53.62 -20.37
N ILE F 87 123.62 54.07 -21.47
CA ILE F 87 123.17 53.58 -22.77
C ILE F 87 123.43 52.09 -22.88
N GLY F 88 124.56 51.62 -22.36
CA GLY F 88 124.81 50.19 -22.34
C GLY F 88 123.81 49.44 -21.51
N TYR F 89 123.42 50.02 -20.37
CA TYR F 89 122.39 49.44 -19.53
C TYR F 89 121.10 49.25 -20.32
N TYR F 90 120.65 50.32 -20.97
CA TYR F 90 119.42 50.26 -21.75
C TYR F 90 119.51 49.20 -22.84
N LEU F 91 120.63 49.18 -23.57
CA LEU F 91 120.79 48.20 -24.64
C LEU F 91 120.77 46.79 -24.10
N ARG F 92 121.43 46.55 -22.98
CA ARG F 92 121.47 45.23 -22.39
C ARG F 92 120.08 44.76 -21.99
N PHE F 93 119.29 45.67 -21.40
CA PHE F 93 117.96 45.27 -20.99
C PHE F 93 117.04 45.09 -22.18
N ILE F 94 117.30 45.81 -23.28
CA ILE F 94 116.56 45.57 -24.51
C ILE F 94 116.86 44.17 -25.03
N THR F 95 118.13 43.76 -25.01
CA THR F 95 118.46 42.40 -25.43
C THR F 95 117.82 41.36 -24.52
N TYR F 96 117.83 41.61 -23.20
CA TYR F 96 117.15 40.69 -22.29
C TYR F 96 115.67 40.58 -22.64
N SER F 97 115.02 41.71 -22.88
CA SER F 97 113.60 41.70 -23.20
C SER F 97 113.35 40.95 -24.50
N LEU F 98 114.26 41.10 -25.47
CA LEU F 98 114.14 40.36 -26.71
C LEU F 98 114.21 38.86 -26.45
N VAL F 99 115.15 38.44 -25.62
CA VAL F 99 115.30 37.00 -25.35
C VAL F 99 114.07 36.47 -24.64
N ALA F 100 113.57 37.22 -23.66
CA ALA F 100 112.46 36.74 -22.84
C ALA F 100 111.11 36.85 -23.55
N SER F 101 111.05 37.46 -24.72
CA SER F 101 109.79 37.73 -25.41
C SER F 101 108.82 38.43 -24.49
N GLY F 102 109.35 39.37 -23.71
CA GLY F 102 108.53 40.13 -22.81
C GLY F 102 109.27 41.37 -22.34
N THR F 103 108.49 42.39 -22.05
CA THR F 103 109.04 43.65 -21.54
C THR F 103 109.31 43.60 -20.06
N GLY F 104 109.23 42.42 -19.46
CA GLY F 104 109.48 42.25 -18.05
C GLY F 104 110.85 42.72 -17.62
N PRO F 105 111.89 42.35 -18.36
CA PRO F 105 113.23 42.89 -18.04
C PRO F 105 113.32 44.40 -18.10
N LEU F 106 112.93 45.04 -19.21
CA LEU F 106 112.93 46.49 -19.24
C LEU F 106 112.11 47.07 -18.12
N ASP F 107 110.89 46.56 -17.91
CA ASP F 107 110.06 47.07 -16.84
C ASP F 107 110.80 47.04 -15.51
N ASP F 108 111.17 45.85 -15.07
CA ASP F 108 111.70 45.65 -13.74
C ASP F 108 113.02 46.35 -13.53
N TYR F 109 113.86 46.40 -14.55
CA TYR F 109 115.22 46.86 -14.36
C TYR F 109 115.47 48.30 -14.80
N VAL F 110 114.54 48.91 -15.53
CA VAL F 110 114.73 50.27 -15.99
C VAL F 110 113.52 51.11 -15.59
N ILE F 111 112.33 50.64 -15.96
CA ILE F 111 111.16 51.51 -15.93
C ILE F 111 110.68 51.72 -14.51
N ALA F 112 110.70 50.67 -13.69
CA ALA F 112 110.28 50.81 -12.31
C ALA F 112 111.29 51.66 -11.56
N GLY F 113 110.85 52.82 -11.07
CA GLY F 113 111.72 53.75 -10.42
C GLY F 113 112.36 54.77 -11.33
N LEU F 114 112.07 54.75 -12.62
CA LEU F 114 112.80 55.56 -13.58
C LEU F 114 112.57 57.04 -13.36
N ARG F 115 111.31 57.45 -13.24
CA ARG F 115 110.98 58.87 -13.17
C ARG F 115 111.54 59.51 -11.92
N GLU F 116 111.41 58.84 -10.77
CA GLU F 116 111.91 59.40 -9.53
C GLU F 116 113.42 59.51 -9.54
N VAL F 117 114.11 58.50 -10.06
CA VAL F 117 115.56 58.53 -10.10
C VAL F 117 116.05 59.67 -11.00
N ASN F 118 115.46 59.78 -12.18
CA ASN F 118 115.86 60.85 -13.08
C ASN F 118 115.53 62.21 -12.52
N ARG F 119 114.42 62.33 -11.80
CA ARG F 119 114.10 63.58 -11.14
C ARG F 119 115.11 63.93 -10.07
N ALA F 120 115.51 62.94 -9.28
CA ALA F 120 116.46 63.18 -8.19
C ALA F 120 117.82 63.60 -8.73
N PHE F 121 118.27 62.97 -9.80
CA PHE F 121 119.60 63.27 -10.33
C PHE F 121 119.57 64.25 -11.49
N ASN F 122 118.40 64.79 -11.82
CA ASN F 122 118.24 65.80 -12.87
C ASN F 122 118.72 65.27 -14.22
N LEU F 123 118.37 64.03 -14.51
CA LEU F 123 118.70 63.41 -15.78
C LEU F 123 117.54 63.61 -16.75
N ASN F 124 117.76 64.42 -17.77
CA ASN F 124 116.72 64.71 -18.74
C ASN F 124 116.38 63.44 -19.51
N PRO F 125 115.12 62.99 -19.49
CA PRO F 125 114.78 61.78 -20.25
C PRO F 125 114.98 61.93 -21.74
N LEU F 126 114.98 63.17 -22.24
CA LEU F 126 115.12 63.38 -23.68
C LEU F 126 116.47 62.93 -24.18
N TRP F 127 117.50 63.01 -23.33
CA TRP F 127 118.80 62.47 -23.71
C TRP F 127 118.70 61.01 -24.07
N TYR F 128 118.11 60.21 -23.18
CA TYR F 128 118.00 58.79 -23.42
C TYR F 128 117.03 58.49 -24.54
N ILE F 129 116.01 59.33 -24.71
CA ILE F 129 115.09 59.15 -25.82
C ILE F 129 115.82 59.31 -27.14
N GLU F 130 116.68 60.33 -27.25
CA GLU F 130 117.39 60.54 -28.51
C GLU F 130 118.41 59.43 -28.73
N ALA F 131 119.07 58.98 -27.68
CA ALA F 131 120.02 57.87 -27.81
C ALA F 131 119.31 56.61 -28.29
N LEU F 132 118.14 56.33 -27.72
CA LEU F 132 117.35 55.19 -28.17
C LEU F 132 116.84 55.40 -29.59
N ASN F 133 116.63 56.65 -29.99
CA ASN F 133 116.26 56.92 -31.36
C ASN F 133 117.39 56.54 -32.30
N TYR F 134 118.63 56.87 -31.93
CA TYR F 134 119.77 56.49 -32.75
C TYR F 134 119.89 54.98 -32.83
N ILE F 135 119.70 54.30 -31.69
CA ILE F 135 119.75 52.84 -31.69
C ILE F 135 118.65 52.28 -32.59
N LYS F 136 117.47 52.88 -32.54
CA LYS F 136 116.38 52.49 -33.43
C LYS F 136 116.77 52.69 -34.88
N GLY F 137 117.48 53.76 -35.17
CA GLY F 137 117.93 54.01 -36.53
C GLY F 137 118.86 52.93 -37.04
N GLU F 138 119.86 52.56 -36.24
CA GLU F 138 120.77 51.54 -36.73
C GLU F 138 120.23 50.13 -36.57
N THR F 139 119.14 49.95 -35.83
CA THR F 139 118.50 48.65 -35.85
C THR F 139 117.89 48.36 -37.21
N GLY F 140 117.41 49.40 -37.90
CA GLY F 140 116.91 49.20 -39.25
C GLY F 140 117.97 48.72 -40.22
N LYS F 141 119.17 49.29 -40.14
CA LYS F 141 120.27 48.82 -40.97
C LYS F 141 120.74 47.43 -40.55
N LEU F 142 120.93 47.23 -39.25
CA LEU F 142 121.50 45.99 -38.75
C LEU F 142 120.55 44.80 -38.93
N LEU F 143 119.27 45.01 -38.66
CA LEU F 143 118.30 43.92 -38.64
C LEU F 143 117.30 44.10 -39.77
N SER F 144 116.87 42.98 -40.33
CA SER F 144 115.83 42.97 -41.35
C SER F 144 114.94 41.76 -41.11
N GLY F 145 113.69 41.87 -41.55
CA GLY F 145 112.75 40.77 -41.38
C GLY F 145 111.83 41.00 -40.21
N GLN F 146 111.75 40.02 -39.30
CA GLN F 146 110.90 40.17 -38.13
C GLN F 146 111.71 40.49 -36.88
N SER F 147 112.98 40.06 -36.85
CA SER F 147 113.88 40.51 -35.80
C SER F 147 113.94 42.03 -35.77
N LYS F 148 113.89 42.65 -36.94
CA LYS F 148 113.84 44.11 -37.02
C LYS F 148 112.65 44.66 -36.25
N THR F 149 111.45 44.11 -36.52
CA THR F 149 110.24 44.59 -35.86
C THR F 149 110.30 44.36 -34.36
N GLU F 150 110.79 43.19 -33.94
CA GLU F 150 110.88 42.91 -32.51
C GLU F 150 111.77 43.91 -31.80
N ALA F 151 112.97 44.13 -32.35
CA ALA F 151 113.89 45.07 -31.73
C ALA F 151 113.27 46.46 -31.67
N LEU F 152 112.63 46.88 -32.76
CA LEU F 152 112.04 48.21 -32.79
C LEU F 152 110.93 48.35 -31.78
N LEU F 153 110.11 47.31 -31.59
CA LEU F 153 109.01 47.44 -30.66
C LEU F 153 109.50 47.49 -29.21
N TYR F 154 110.56 46.74 -28.90
CA TYR F 154 111.11 46.85 -27.55
C TYR F 154 111.75 48.22 -27.32
N ILE F 155 112.48 48.72 -28.32
CA ILE F 155 113.05 50.06 -28.19
C ILE F 155 111.94 51.10 -28.04
N ASP F 156 110.84 50.93 -28.76
CA ASP F 156 109.72 51.86 -28.64
C ASP F 156 109.07 51.75 -27.28
N HIS F 157 109.03 50.57 -26.69
CA HIS F 157 108.54 50.44 -25.33
C HIS F 157 109.40 51.26 -24.38
N ALA F 158 110.72 51.16 -24.54
CA ALA F 158 111.62 51.96 -23.69
C ALA F 158 111.39 53.45 -23.90
N ILE F 159 111.25 53.88 -25.14
CA ILE F 159 111.08 55.30 -25.44
C ILE F 159 109.75 55.81 -24.90
N ASN F 160 108.69 55.01 -25.03
CA ASN F 160 107.41 55.40 -24.48
C ASN F 160 107.48 55.52 -22.97
N ALA F 161 108.21 54.61 -22.31
CA ALA F 161 108.38 54.74 -20.88
C ALA F 161 109.10 56.03 -20.52
N LEU F 162 110.15 56.36 -21.27
CA LEU F 162 110.87 57.60 -20.96
C LEU F 162 110.02 58.82 -21.24
N SER F 163 109.38 58.88 -22.40
CA SER F 163 108.57 60.03 -22.77
C SER F 163 107.23 60.01 -22.06
N SER G 2 83.77 37.04 -24.61
CA SER G 2 84.11 35.81 -23.90
C SER G 2 85.59 35.82 -23.54
N ARG G 3 86.06 34.78 -22.85
CA ARG G 3 87.47 34.72 -22.48
C ARG G 3 88.26 34.11 -23.65
N THR G 4 88.27 34.82 -24.76
CA THR G 4 89.13 34.48 -25.88
C THR G 4 90.45 35.20 -25.71
N VAL G 5 91.42 34.85 -26.56
CA VAL G 5 92.77 35.41 -26.40
C VAL G 5 92.74 36.92 -26.52
N ILE G 6 92.10 37.43 -27.57
CA ILE G 6 92.05 38.87 -27.78
C ILE G 6 91.37 39.56 -26.60
N THR G 7 90.26 39.01 -26.15
CA THR G 7 89.49 39.65 -25.10
C THR G 7 90.22 39.62 -23.75
N GLU G 8 90.85 38.50 -23.41
CA GLU G 8 91.58 38.46 -22.15
C GLU G 8 92.80 39.36 -22.19
N VAL G 9 93.50 39.37 -23.33
CA VAL G 9 94.58 40.32 -23.54
C VAL G 9 94.11 41.75 -23.27
N ILE G 10 93.04 42.16 -23.93
CA ILE G 10 92.57 43.53 -23.81
C ILE G 10 92.11 43.81 -22.39
N ALA G 11 91.47 42.84 -21.75
CA ALA G 11 90.94 43.03 -20.40
C ALA G 11 92.05 43.19 -19.38
N THR G 12 93.09 42.36 -19.47
CA THR G 12 94.21 42.51 -18.55
C THR G 12 95.00 43.77 -18.82
N ALA G 13 95.12 44.16 -20.08
CA ALA G 13 95.75 45.44 -20.40
C ALA G 13 94.98 46.58 -19.78
N ASP G 14 93.65 46.53 -19.86
CA ASP G 14 92.82 47.61 -19.34
C ASP G 14 92.86 47.66 -17.83
N SER G 15 92.79 46.50 -17.17
CA SER G 15 92.80 46.47 -15.72
C SER G 15 94.09 47.02 -15.13
N GLN G 16 95.13 47.14 -15.93
CA GLN G 16 96.36 47.78 -15.50
C GLN G 16 96.57 49.14 -16.14
N GLY G 17 95.60 49.62 -16.91
CA GLY G 17 95.64 50.98 -17.40
C GLY G 17 96.78 51.24 -18.37
N ARG G 18 97.16 50.25 -19.15
CA ARG G 18 98.28 50.37 -20.06
C ARG G 18 97.88 49.90 -21.44
N PHE G 19 98.66 50.31 -22.43
CA PHE G 19 98.43 49.92 -23.80
C PHE G 19 98.77 48.44 -23.98
N LEU G 20 98.66 47.98 -25.22
CA LEU G 20 99.02 46.63 -25.59
C LEU G 20 100.50 46.59 -25.91
N ASN G 21 101.25 45.82 -25.14
CA ASN G 21 102.69 45.74 -25.29
C ASN G 21 103.05 44.51 -26.13
N SER G 22 104.33 44.15 -26.13
CA SER G 22 104.80 43.03 -26.95
C SER G 22 104.15 41.72 -26.55
N THR G 23 104.05 41.44 -25.25
CA THR G 23 103.49 40.18 -24.79
C THR G 23 102.11 39.95 -25.40
N GLU G 24 101.26 40.96 -25.28
CA GLU G 24 99.89 40.88 -25.77
C GLU G 24 99.84 40.72 -27.28
N LEU G 25 100.67 41.49 -28.00
CA LEU G 25 100.66 41.40 -29.45
C LEU G 25 101.15 40.05 -29.94
N GLN G 26 102.12 39.45 -29.26
CA GLN G 26 102.57 38.12 -29.63
C GLN G 26 101.50 37.06 -29.34
N ALA G 27 100.78 37.21 -28.24
CA ALA G 27 99.66 36.31 -28.00
C ALA G 27 98.61 36.42 -29.10
N ALA G 28 98.28 37.65 -29.49
CA ALA G 28 97.31 37.84 -30.57
C ALA G 28 97.81 37.26 -31.87
N PHE G 29 99.11 37.40 -32.15
CA PHE G 29 99.69 36.81 -33.35
C PHE G 29 99.56 35.31 -33.35
N GLY G 30 99.84 34.68 -32.20
CA GLY G 30 99.65 33.25 -32.11
C GLY G 30 98.22 32.85 -32.37
N ARG G 31 97.28 33.65 -31.86
CA ARG G 31 95.86 33.36 -32.11
C ARG G 31 95.53 33.44 -33.59
N PHE G 32 95.99 34.50 -34.25
CA PHE G 32 95.69 34.68 -35.66
C PHE G 32 96.35 33.62 -36.52
N GLU G 33 97.49 33.07 -36.07
CA GLU G 33 98.08 31.96 -36.82
C GLU G 33 97.33 30.67 -36.58
N ARG G 34 96.97 30.37 -35.34
CA ARG G 34 96.26 29.13 -35.07
C ARG G 34 94.81 29.17 -35.54
N ALA G 35 94.36 30.33 -36.02
CA ALA G 35 93.04 30.41 -36.62
C ALA G 35 92.83 29.35 -37.70
N VAL G 36 93.83 29.11 -38.53
CA VAL G 36 93.68 28.24 -39.71
C VAL G 36 93.33 26.81 -39.30
N PRO G 37 94.10 26.14 -38.44
CA PRO G 37 93.67 24.81 -38.00
C PRO G 37 92.33 24.83 -37.27
N ALA G 38 92.06 25.87 -36.51
CA ALA G 38 90.83 25.94 -35.74
C ALA G 38 89.61 26.10 -36.65
N ILE G 39 89.70 26.98 -37.63
CA ILE G 39 88.59 27.14 -38.57
C ILE G 39 88.41 25.88 -39.39
N GLU G 40 89.50 25.21 -39.74
CA GLU G 40 89.38 23.93 -40.44
C GLU G 40 88.69 22.87 -39.60
N ALA G 41 89.01 22.77 -38.31
CA ALA G 41 88.30 21.84 -37.43
C ALA G 41 86.83 22.20 -37.33
N ALA G 42 86.52 23.48 -37.21
CA ALA G 42 85.12 23.90 -37.13
C ALA G 42 84.37 23.52 -38.39
N ARG G 43 84.98 23.71 -39.56
CA ARG G 43 84.36 23.28 -40.81
C ARG G 43 84.10 21.78 -40.80
N ALA G 44 85.10 21.00 -40.43
CA ALA G 44 84.93 19.55 -40.45
C ALA G 44 83.80 19.11 -39.54
N LEU G 45 83.73 19.66 -38.34
CA LEU G 45 82.69 19.26 -37.40
C LEU G 45 81.32 19.76 -37.81
N THR G 46 81.25 20.95 -38.41
CA THR G 46 79.97 21.50 -38.85
C THR G 46 79.41 20.72 -40.03
N LYS G 47 80.27 20.29 -40.95
CA LYS G 47 79.79 19.48 -42.07
C LYS G 47 79.24 18.15 -41.59
N ASN G 48 79.78 17.62 -40.51
CA ASN G 48 79.48 16.27 -40.05
C ASN G 48 78.68 16.26 -38.76
N GLN G 49 77.87 17.29 -38.51
CA GLN G 49 77.22 17.41 -37.22
C GLN G 49 76.15 16.35 -37.03
N ASP G 50 75.43 16.00 -38.10
CA ASP G 50 74.38 15.00 -37.96
C ASP G 50 74.95 13.64 -37.58
N ALA G 51 75.93 13.17 -38.35
CA ALA G 51 76.50 11.87 -38.05
C ALA G 51 77.15 11.86 -36.68
N LEU G 52 77.86 12.93 -36.33
CA LEU G 52 78.52 13.01 -35.04
C LEU G 52 77.51 12.93 -33.89
N VAL G 53 76.43 13.71 -33.98
CA VAL G 53 75.48 13.76 -32.88
C VAL G 53 74.69 12.48 -32.77
N LYS G 54 74.21 11.94 -33.89
CA LYS G 54 73.47 10.69 -33.81
C LYS G 54 74.35 9.55 -33.31
N GLY G 55 75.60 9.49 -33.76
CA GLY G 55 76.51 8.50 -33.23
C GLY G 55 76.76 8.67 -31.75
N ALA G 56 76.88 9.91 -31.29
CA ALA G 56 77.09 10.15 -29.87
C ALA G 56 75.89 9.69 -29.04
N VAL G 57 74.69 10.00 -29.51
CA VAL G 57 73.49 9.54 -28.82
C VAL G 57 73.45 8.03 -28.75
N GLN G 58 73.77 7.37 -29.87
CA GLN G 58 73.77 5.91 -29.90
C GLN G 58 74.84 5.34 -28.98
N ALA G 59 76.01 5.95 -28.92
CA ALA G 59 77.06 5.51 -28.03
C ALA G 59 76.63 5.62 -26.58
N VAL G 60 75.95 6.72 -26.24
CA VAL G 60 75.42 6.88 -24.88
C VAL G 60 74.43 5.77 -24.57
N PHE G 61 73.53 5.49 -25.51
CA PHE G 61 72.53 4.46 -25.26
C PHE G 61 73.14 3.07 -25.20
N LYS G 62 74.32 2.89 -25.77
CA LYS G 62 75.00 1.60 -25.66
C LYS G 62 75.76 1.47 -24.35
N LYS G 63 76.48 2.51 -23.93
CA LYS G 63 77.21 2.45 -22.66
C LYS G 63 76.28 2.59 -21.46
N PHE G 64 75.08 3.10 -21.66
CA PHE G 64 74.08 3.21 -20.60
C PHE G 64 72.81 2.53 -21.06
N PRO G 65 72.82 1.20 -21.17
CA PRO G 65 71.61 0.50 -21.63
C PRO G 65 70.44 0.70 -20.72
N TYR G 66 70.69 0.89 -19.43
CA TYR G 66 69.65 0.97 -18.43
C TYR G 66 68.87 2.28 -18.50
N VAL G 67 69.15 3.11 -19.50
CA VAL G 67 68.50 4.42 -19.58
C VAL G 67 67.29 4.37 -20.51
N THR G 68 67.35 3.50 -21.53
CA THR G 68 66.33 3.51 -22.56
C THR G 68 65.01 2.89 -22.08
N GLN G 69 65.06 1.99 -21.11
CA GLN G 69 63.86 1.26 -20.70
C GLN G 69 62.84 2.20 -20.05
N PRO G 70 61.57 1.83 -20.07
CA PRO G 70 60.56 2.68 -19.42
C PRO G 70 60.81 2.77 -17.92
N GLY G 71 60.46 3.92 -17.37
CA GLY G 71 60.65 4.20 -15.97
C GLY G 71 61.82 5.11 -15.64
N GLU G 72 62.67 5.43 -16.60
CA GLU G 72 63.79 6.32 -16.31
C GLU G 72 64.02 7.33 -17.42
N LYS G 73 65.18 8.00 -17.38
CA LYS G 73 65.34 9.25 -18.10
C LYS G 73 65.26 9.08 -19.61
N GLY G 74 65.87 8.04 -20.14
CA GLY G 74 65.98 7.95 -21.58
C GLY G 74 64.76 7.46 -22.33
N TYR G 75 63.79 6.88 -21.65
CA TYR G 75 62.62 6.34 -22.33
C TYR G 75 61.76 7.45 -22.89
N GLY G 76 61.33 7.30 -24.13
CA GLY G 76 60.42 8.25 -24.72
C GLY G 76 61.10 9.04 -25.82
N ASP G 77 60.32 9.37 -26.85
CA ASP G 77 60.86 10.12 -27.98
C ASP G 77 61.32 11.51 -27.55
N SER G 78 60.57 12.16 -26.66
CA SER G 78 60.95 13.50 -26.21
C SER G 78 62.28 13.49 -25.52
N ASN G 79 62.52 12.52 -24.64
CA ASN G 79 63.77 12.51 -23.89
C ASN G 79 64.96 12.25 -24.80
N GLN G 80 64.81 11.37 -25.78
CA GLN G 80 65.90 11.11 -26.72
C GLN G 80 66.11 12.30 -27.64
N ALA G 81 65.05 13.00 -28.01
CA ALA G 81 65.20 14.22 -28.78
C ALA G 81 65.98 15.26 -27.99
N LYS G 82 65.69 15.35 -26.68
CA LYS G 82 66.43 16.27 -25.84
C LYS G 82 67.88 15.85 -25.69
N CYS G 83 68.14 14.54 -25.66
CA CYS G 83 69.51 14.04 -25.69
C CYS G 83 70.25 14.56 -26.91
N ALA G 84 69.67 14.36 -28.09
CA ALA G 84 70.32 14.80 -29.32
C ALA G 84 70.50 16.31 -29.30
N ARG G 85 69.52 17.03 -28.79
CA ARG G 85 69.62 18.48 -28.71
C ARG G 85 70.78 18.91 -27.80
N ASP G 86 70.94 18.24 -26.66
CA ASP G 86 72.02 18.59 -25.74
C ASP G 86 73.38 18.33 -26.35
N ILE G 87 73.55 17.18 -26.99
CA ILE G 87 74.85 16.90 -27.60
C ILE G 87 75.09 17.87 -28.76
N GLY G 88 74.04 18.24 -29.49
CA GLY G 88 74.20 19.27 -30.51
C GLY G 88 74.64 20.58 -29.90
N TYR G 89 74.13 20.91 -28.71
CA TYR G 89 74.59 22.10 -28.00
C TYR G 89 76.08 22.02 -27.70
N TYR G 90 76.52 20.90 -27.12
CA TYR G 90 77.92 20.75 -26.77
C TYR G 90 78.80 20.89 -27.98
N LEU G 91 78.45 20.21 -29.06
CA LEU G 91 79.25 20.26 -30.29
C LEU G 91 79.23 21.66 -30.90
N ARG G 92 78.09 22.33 -30.85
CA ARG G 92 78.00 23.71 -31.33
C ARG G 92 78.97 24.59 -30.58
N PHE G 93 78.98 24.49 -29.26
CA PHE G 93 79.81 25.37 -28.47
C PHE G 93 81.28 24.99 -28.59
N ILE G 94 81.57 23.73 -28.87
CA ILE G 94 82.95 23.34 -29.16
C ILE G 94 83.42 23.99 -30.47
N THR G 95 82.58 23.97 -31.50
CA THR G 95 82.94 24.63 -32.75
C THR G 95 83.05 26.14 -32.55
N TYR G 96 82.21 26.71 -31.69
CA TYR G 96 82.35 28.12 -31.35
C TYR G 96 83.68 28.40 -30.68
N SER G 97 84.09 27.52 -29.76
CA SER G 97 85.38 27.70 -29.12
C SER G 97 86.51 27.63 -30.12
N LEU G 98 86.43 26.68 -31.06
CA LEU G 98 87.45 26.57 -32.10
C LEU G 98 87.52 27.84 -32.93
N VAL G 99 86.36 28.36 -33.34
CA VAL G 99 86.33 29.58 -34.13
C VAL G 99 86.90 30.75 -33.33
N ALA G 100 86.55 30.85 -32.06
CA ALA G 100 86.99 31.95 -31.22
C ALA G 100 88.38 31.72 -30.63
N SER G 101 88.92 30.52 -30.72
CA SER G 101 90.24 30.20 -30.18
C SER G 101 90.33 30.53 -28.70
N GLY G 102 89.31 30.15 -27.96
CA GLY G 102 89.33 30.24 -26.51
C GLY G 102 88.11 29.56 -25.94
N THR G 103 88.27 29.05 -24.74
CA THR G 103 87.19 28.31 -24.09
C THR G 103 86.03 29.19 -23.66
N GLY G 104 86.05 30.47 -24.02
CA GLY G 104 85.05 31.41 -23.61
C GLY G 104 83.62 30.98 -23.90
N PRO G 105 83.34 30.59 -25.14
CA PRO G 105 82.00 30.06 -25.43
C PRO G 105 81.65 28.85 -24.59
N LEU G 106 82.55 27.88 -24.50
CA LEU G 106 82.29 26.71 -23.67
C LEU G 106 82.03 27.12 -22.23
N ASP G 107 82.92 27.93 -21.66
CA ASP G 107 82.75 28.35 -20.27
C ASP G 107 81.39 29.01 -20.07
N ASP G 108 81.14 30.10 -20.79
CA ASP G 108 79.95 30.91 -20.57
C ASP G 108 78.68 30.13 -20.83
N TYR G 109 78.66 29.29 -21.86
CA TYR G 109 77.40 28.70 -22.29
C TYR G 109 77.16 27.31 -21.74
N VAL G 110 78.18 26.60 -21.28
CA VAL G 110 78.03 25.24 -20.81
C VAL G 110 78.51 25.09 -19.37
N ILE G 111 79.68 25.64 -19.05
CA ILE G 111 80.32 25.25 -17.80
C ILE G 111 79.75 26.04 -16.63
N ALA G 112 79.44 27.31 -16.84
CA ALA G 112 78.86 28.10 -15.78
C ALA G 112 77.43 27.66 -15.52
N GLY G 113 77.17 27.16 -14.32
CA GLY G 113 75.86 26.62 -14.00
C GLY G 113 75.67 25.17 -14.38
N LEU G 114 76.75 24.48 -14.77
CA LEU G 114 76.62 23.12 -15.26
C LEU G 114 76.17 22.17 -14.16
N ARG G 115 76.87 22.18 -13.02
CA ARG G 115 76.60 21.19 -11.98
C ARG G 115 75.24 21.42 -11.34
N GLU G 116 74.89 22.67 -11.11
CA GLU G 116 73.60 22.99 -10.51
C GLU G 116 72.46 22.58 -11.41
N VAL G 117 72.58 22.85 -12.72
CA VAL G 117 71.53 22.46 -13.65
C VAL G 117 71.40 20.95 -13.72
N ASN G 118 72.53 20.25 -13.81
CA ASN G 118 72.48 18.78 -13.87
C ASN G 118 71.85 18.23 -12.60
N ARG G 119 72.25 18.72 -11.44
CA ARG G 119 71.67 18.26 -10.19
C ARG G 119 70.18 18.53 -10.14
N ALA G 120 69.75 19.71 -10.60
CA ALA G 120 68.34 20.04 -10.56
C ALA G 120 67.52 19.12 -11.45
N PHE G 121 68.03 18.80 -12.63
CA PHE G 121 67.30 17.93 -13.55
C PHE G 121 67.76 16.49 -13.50
N ASN G 122 68.65 16.14 -12.57
CA ASN G 122 69.11 14.77 -12.39
C ASN G 122 69.68 14.18 -13.67
N LEU G 123 70.51 14.95 -14.36
CA LEU G 123 71.15 14.49 -15.58
C LEU G 123 72.57 14.06 -15.24
N ASN G 124 72.88 12.82 -15.49
CA ASN G 124 74.16 12.25 -15.10
C ASN G 124 75.26 12.77 -16.01
N PRO G 125 76.30 13.41 -15.47
CA PRO G 125 77.38 13.91 -16.34
C PRO G 125 78.08 12.84 -17.13
N LEU G 126 78.07 11.58 -16.65
CA LEU G 126 78.74 10.51 -17.36
C LEU G 126 78.14 10.27 -18.73
N TRP G 127 76.85 10.56 -18.90
CA TRP G 127 76.24 10.47 -20.22
C TRP G 127 76.94 11.38 -21.20
N TYR G 128 77.08 12.65 -20.84
CA TYR G 128 77.69 13.60 -21.75
C TYR G 128 79.18 13.34 -21.87
N ILE G 129 79.81 12.79 -20.84
CA ILE G 129 81.20 12.36 -20.98
C ILE G 129 81.32 11.28 -22.04
N GLU G 130 80.40 10.32 -22.04
CA GLU G 130 80.46 9.27 -23.05
C GLU G 130 80.19 9.83 -24.45
N ALA G 131 79.21 10.71 -24.58
CA ALA G 131 78.93 11.33 -25.88
C ALA G 131 80.15 12.10 -26.38
N LEU G 132 80.78 12.88 -25.52
CA LEU G 132 81.94 13.65 -25.92
C LEU G 132 83.14 12.75 -26.20
N ASN G 133 83.26 11.62 -25.51
CA ASN G 133 84.32 10.67 -25.83
C ASN G 133 84.11 10.08 -27.21
N TYR G 134 82.86 9.76 -27.56
CA TYR G 134 82.59 9.30 -28.92
C TYR G 134 82.92 10.37 -29.94
N ILE G 135 82.56 11.62 -29.66
CA ILE G 135 82.85 12.70 -30.60
C ILE G 135 84.35 12.89 -30.74
N LYS G 136 85.08 12.76 -29.65
CA LYS G 136 86.54 12.78 -29.68
C LYS G 136 87.08 11.68 -30.58
N GLY G 137 86.54 10.48 -30.44
CA GLY G 137 86.96 9.38 -31.29
C GLY G 137 86.69 9.63 -32.76
N GLU G 138 85.52 10.19 -33.08
CA GLU G 138 85.18 10.42 -34.48
C GLU G 138 85.99 11.58 -35.06
N THR G 139 86.29 12.60 -34.25
CA THR G 139 87.18 13.66 -34.72
C THR G 139 88.61 13.18 -34.92
N GLY G 140 89.01 12.13 -34.20
CA GLY G 140 90.28 11.50 -34.50
C GLY G 140 90.36 11.01 -35.92
N LYS G 141 89.23 10.63 -36.51
CA LYS G 141 89.17 10.14 -37.88
C LYS G 141 88.84 11.23 -38.89
N LEU G 142 88.01 12.20 -38.52
CA LEU G 142 87.65 13.29 -39.44
C LEU G 142 88.75 14.31 -39.63
N LEU G 143 89.62 14.48 -38.65
CA LEU G 143 90.59 15.55 -38.63
C LEU G 143 92.00 14.99 -38.54
N SER G 144 92.96 15.79 -38.99
CA SER G 144 94.35 15.38 -38.95
C SER G 144 95.21 16.58 -38.60
N GLY G 145 96.38 16.30 -38.05
CA GLY G 145 97.34 17.35 -37.80
C GLY G 145 96.90 18.27 -36.67
N GLN G 146 97.10 19.57 -36.88
CA GLN G 146 96.80 20.55 -35.85
C GLN G 146 95.29 20.71 -35.63
N SER G 147 94.50 20.46 -36.67
CA SER G 147 93.05 20.52 -36.51
C SER G 147 92.58 19.51 -35.47
N LYS G 148 93.11 18.30 -35.54
CA LYS G 148 92.76 17.29 -34.56
C LYS G 148 93.14 17.72 -33.16
N THR G 149 94.33 18.29 -33.00
CA THR G 149 94.77 18.70 -31.68
C THR G 149 93.87 19.78 -31.12
N GLU G 150 93.50 20.75 -31.95
CA GLU G 150 92.61 21.82 -31.50
C GLU G 150 91.26 21.26 -31.06
N ALA G 151 90.65 20.46 -31.93
CA ALA G 151 89.33 19.92 -31.60
C ALA G 151 89.39 19.08 -30.34
N LEU G 152 90.40 18.22 -30.22
CA LEU G 152 90.51 17.37 -29.05
C LEU G 152 90.75 18.20 -27.80
N LEU G 153 91.50 19.28 -27.93
CA LEU G 153 91.77 20.13 -26.78
C LEU G 153 90.47 20.69 -26.23
N TYR G 154 89.61 21.19 -27.12
CA TYR G 154 88.36 21.78 -26.64
C TYR G 154 87.39 20.71 -26.13
N ILE G 155 87.35 19.57 -26.80
CA ILE G 155 86.51 18.46 -26.33
C ILE G 155 86.94 18.01 -24.94
N ASP G 156 88.25 17.91 -24.72
CA ASP G 156 88.76 17.51 -23.41
C ASP G 156 88.46 18.57 -22.37
N HIS G 157 88.49 19.84 -22.75
CA HIS G 157 88.10 20.88 -21.81
C HIS G 157 86.67 20.69 -21.35
N ALA G 158 85.77 20.40 -22.29
CA ALA G 158 84.38 20.15 -21.93
C ALA G 158 84.25 18.91 -21.03
N ILE G 159 84.98 17.84 -21.35
CA ILE G 159 84.89 16.62 -20.55
C ILE G 159 85.40 16.85 -19.14
N ASN G 160 86.55 17.49 -19.00
CA ASN G 160 87.05 17.82 -17.67
C ASN G 160 86.07 18.66 -16.90
N ALA G 161 85.37 19.56 -17.59
CA ALA G 161 84.34 20.33 -16.90
C ALA G 161 83.19 19.46 -16.44
N LEU G 162 82.87 18.39 -17.18
CA LEU G 162 81.79 17.50 -16.76
C LEU G 162 82.19 16.66 -15.56
N SER G 163 83.39 16.09 -15.60
CA SER G 163 83.88 15.28 -14.51
C SER G 163 84.49 16.13 -13.42
N MET H 1 106.47 35.54 -11.66
CA MET H 1 107.34 34.43 -11.29
C MET H 1 108.65 34.48 -12.06
N ASN H 2 109.32 33.34 -12.14
CA ASN H 2 110.59 33.22 -12.84
C ASN H 2 110.52 32.08 -13.84
N ASP H 3 111.05 32.32 -15.03
CA ASP H 3 111.12 31.36 -16.12
C ASP H 3 112.58 31.03 -16.39
N VAL H 4 112.81 30.03 -17.26
CA VAL H 4 114.17 29.69 -17.64
C VAL H 4 114.83 30.86 -18.37
N PHE H 5 114.09 31.51 -19.25
CA PHE H 5 114.59 32.74 -19.86
C PHE H 5 114.81 33.80 -18.80
N THR H 6 113.86 33.94 -17.88
CA THR H 6 114.02 34.88 -16.78
C THR H 6 115.18 34.50 -15.88
N ARG H 7 115.37 33.21 -15.62
CA ARG H 7 116.50 32.78 -14.82
C ARG H 7 117.82 33.16 -15.47
N ALA H 8 117.95 32.88 -16.77
CA ALA H 8 119.18 33.22 -17.48
C ALA H 8 119.41 34.72 -17.46
N ILE H 9 118.35 35.50 -17.65
CA ILE H 9 118.48 36.96 -17.62
C ILE H 9 118.94 37.41 -16.24
N ALA H 10 118.40 36.81 -15.19
CA ALA H 10 118.81 37.16 -13.83
C ALA H 10 120.28 36.87 -13.61
N GLN H 11 120.76 35.70 -14.05
CA GLN H 11 122.16 35.36 -13.87
C GLN H 11 123.05 36.30 -14.66
N ALA H 12 122.64 36.64 -15.88
CA ALA H 12 123.42 37.59 -16.67
C ALA H 12 123.45 38.96 -16.01
N ASP H 13 122.34 39.36 -15.39
CA ASP H 13 122.30 40.68 -14.77
C ASP H 13 123.14 40.71 -13.50
N LEU H 14 123.21 39.61 -12.77
CA LEU H 14 124.02 39.58 -11.56
C LEU H 14 125.49 39.86 -11.89
N LYS H 15 126.00 39.27 -12.97
CA LYS H 15 127.32 39.63 -13.47
C LYS H 15 127.29 40.82 -14.40
N GLY H 16 126.10 41.34 -14.73
CA GLY H 16 125.99 42.60 -15.44
C GLY H 16 126.55 42.62 -16.84
N SER H 17 126.45 41.53 -17.59
CA SER H 17 126.92 41.50 -18.96
C SER H 17 125.97 40.69 -19.82
N PHE H 18 126.04 40.93 -21.12
CA PHE H 18 125.09 40.41 -22.08
C PHE H 18 125.09 38.89 -22.08
N LEU H 19 123.94 38.32 -22.46
CA LEU H 19 123.81 36.88 -22.52
C LEU H 19 124.79 36.31 -23.54
N LEU H 20 125.52 35.28 -23.15
CA LEU H 20 126.55 34.72 -24.02
C LEU H 20 125.94 33.85 -25.10
N GLU H 21 126.75 33.52 -26.11
CA GLU H 21 126.27 32.74 -27.23
C GLU H 21 125.80 31.36 -26.79
N SER H 22 126.47 30.77 -25.79
CA SER H 22 126.03 29.48 -25.27
C SER H 22 124.65 29.60 -24.63
N ASP H 23 124.43 30.66 -23.87
CA ASP H 23 123.12 30.88 -23.26
C ASP H 23 122.05 31.07 -24.32
N LEU H 24 122.36 31.87 -25.34
CA LEU H 24 121.39 32.08 -26.41
C LEU H 24 121.09 30.78 -27.14
N ASP H 25 122.10 29.94 -27.33
CA ASP H 25 121.88 28.66 -28.00
C ASP H 25 121.00 27.74 -27.16
N LYS H 26 121.25 27.68 -25.85
CA LYS H 26 120.41 26.87 -24.99
C LYS H 26 118.97 27.36 -25.01
N LEU H 27 118.77 28.68 -24.95
CA LEU H 27 117.41 29.21 -24.95
C LEU H 27 116.73 28.98 -26.30
N ALA H 28 117.50 29.05 -27.40
CA ALA H 28 116.94 28.74 -28.71
C ALA H 28 116.51 27.27 -28.78
N SER H 29 117.31 26.37 -28.21
CA SER H 29 116.91 24.98 -28.15
C SER H 29 115.64 24.81 -27.32
N PHE H 30 115.56 25.52 -26.20
CA PHE H 30 114.35 25.46 -25.38
C PHE H 30 113.14 25.90 -26.19
N ALA H 31 113.25 27.00 -26.92
CA ALA H 31 112.15 27.44 -27.76
C ALA H 31 111.86 26.45 -28.88
N LYS H 32 112.86 25.68 -29.29
CA LYS H 32 112.64 24.67 -30.33
C LYS H 32 111.83 23.49 -29.81
N GLU H 33 112.11 23.07 -28.57
CA GLU H 33 111.30 22.02 -27.95
C GLU H 33 110.08 22.56 -27.22
N GLY H 34 109.82 23.87 -27.32
CA GLY H 34 108.61 24.43 -26.74
C GLY H 34 107.33 23.77 -27.20
N VAL H 35 107.29 23.30 -28.45
CA VAL H 35 106.08 22.64 -28.94
C VAL H 35 105.86 21.33 -28.18
N LYS H 36 106.92 20.55 -28.00
CA LYS H 36 106.82 19.34 -27.21
C LYS H 36 106.42 19.66 -25.77
N ARG H 37 106.96 20.74 -25.24
CA ARG H 37 106.60 21.15 -23.88
C ARG H 37 105.12 21.47 -23.78
N LEU H 38 104.58 22.15 -24.79
CA LEU H 38 103.15 22.44 -24.83
C LEU H 38 102.33 21.15 -24.85
N ASP H 39 102.78 20.17 -25.65
CA ASP H 39 102.07 18.89 -25.66
C ASP H 39 102.11 18.21 -24.30
N ALA H 40 103.25 18.24 -23.62
CA ALA H 40 103.34 17.62 -22.31
C ALA H 40 102.42 18.30 -21.31
N VAL H 41 102.37 19.63 -21.36
CA VAL H 41 101.49 20.37 -20.46
C VAL H 41 100.03 20.06 -20.76
N ALA H 42 99.67 19.99 -22.04
CA ALA H 42 98.30 19.63 -22.41
C ALA H 42 97.97 18.23 -21.97
N ALA H 43 98.93 17.31 -22.04
CA ALA H 43 98.70 15.96 -21.56
C ALA H 43 98.43 15.95 -20.06
N LEU H 44 99.20 16.71 -19.29
CA LEU H 44 98.95 16.80 -17.86
C LEU H 44 97.58 17.42 -17.57
N THR H 45 97.22 18.46 -18.31
CA THR H 45 95.98 19.18 -18.05
C THR H 45 94.75 18.35 -18.42
N ASN H 46 94.76 17.74 -19.60
CA ASN H 46 93.57 17.10 -20.14
C ASN H 46 93.18 15.85 -19.37
N ASN H 47 94.09 15.28 -18.58
CA ASN H 47 93.81 14.09 -17.80
C ASN H 47 94.00 14.32 -16.31
N ALA H 48 94.01 15.58 -15.88
CA ALA H 48 94.23 15.87 -14.46
C ALA H 48 93.22 15.18 -13.55
N PRO H 49 91.91 15.22 -13.80
CA PRO H 49 90.99 14.45 -12.94
C PRO H 49 91.30 12.97 -12.91
N ALA H 50 91.66 12.38 -14.06
CA ALA H 50 92.01 10.96 -14.08
C ALA H 50 93.25 10.69 -13.24
N ILE H 51 94.23 11.59 -13.32
CA ILE H 51 95.45 11.43 -12.52
C ILE H 51 95.11 11.48 -11.04
N ILE H 52 94.30 12.46 -10.64
CA ILE H 52 93.93 12.59 -9.24
C ILE H 52 93.19 11.35 -8.76
N SER H 53 92.23 10.88 -9.56
CA SER H 53 91.41 9.74 -9.14
C SER H 53 92.26 8.47 -9.02
N ASP H 54 93.15 8.24 -9.99
CA ASP H 54 94.01 7.07 -9.93
C ASP H 54 94.94 7.13 -8.73
N ALA H 55 95.57 8.28 -8.51
CA ALA H 55 96.47 8.41 -7.38
C ALA H 55 95.72 8.21 -6.07
N ALA H 56 94.52 8.79 -5.95
CA ALA H 56 93.76 8.66 -4.72
C ALA H 56 93.33 7.22 -4.48
N HIS H 57 92.85 6.54 -5.53
CA HIS H 57 92.44 5.14 -5.36
C HIS H 57 93.60 4.28 -4.93
N LYS H 58 94.75 4.44 -5.60
CA LYS H 58 95.91 3.62 -5.25
C LYS H 58 96.40 3.93 -3.84
N LEU H 59 96.40 5.21 -3.46
CA LEU H 59 96.87 5.60 -2.13
C LEU H 59 95.97 5.05 -1.04
N PHE H 60 94.66 5.21 -1.20
CA PHE H 60 93.73 4.75 -0.19
C PHE H 60 93.62 3.24 -0.13
N ALA H 61 93.82 2.54 -1.24
CA ALA H 61 93.97 1.09 -1.17
C ALA H 61 95.25 0.73 -0.43
N GLU H 62 96.33 1.48 -0.67
CA GLU H 62 97.59 1.22 0.02
C GLU H 62 97.46 1.49 1.52
N GLN H 63 96.82 2.59 1.89
CA GLN H 63 96.75 3.05 3.27
C GLN H 63 95.29 3.23 3.65
N GLN H 64 94.72 2.22 4.29
CA GLN H 64 93.33 2.28 4.72
C GLN H 64 93.13 3.04 6.02
N GLU H 65 94.22 3.36 6.73
CA GLU H 65 94.08 4.06 8.00
C GLU H 65 93.57 5.49 7.79
N LEU H 66 93.69 6.02 6.57
CA LEU H 66 93.15 7.33 6.29
C LEU H 66 91.63 7.27 6.09
N ILE H 67 91.14 6.18 5.49
CA ILE H 67 89.70 6.04 5.27
C ILE H 67 88.98 5.82 6.59
N GLN H 68 89.51 4.95 7.43
CA GLN H 68 88.79 4.49 8.61
C GLN H 68 88.57 5.65 9.58
N PRO H 69 87.50 5.59 10.39
CA PRO H 69 87.20 6.69 11.31
C PRO H 69 88.37 6.96 12.25
N GLY H 70 88.61 8.25 12.50
CA GLY H 70 89.78 8.67 13.23
C GLY H 70 91.00 8.91 12.38
N GLY H 71 90.95 8.58 11.09
CA GLY H 71 92.06 8.85 10.21
C GLY H 71 92.13 10.32 9.84
N ASN H 72 93.19 10.66 9.10
CA ASN H 72 93.40 12.04 8.72
C ASN H 72 92.55 12.47 7.54
N ALA H 73 91.91 11.52 6.86
CA ALA H 73 91.04 11.83 5.74
C ALA H 73 89.69 11.15 5.89
N TYR H 74 89.18 11.09 7.11
CA TYR H 74 88.00 10.26 7.33
C TYR H 74 86.71 10.93 6.85
N PRO H 75 86.31 12.08 7.39
CA PRO H 75 85.01 12.63 6.98
C PRO H 75 85.09 13.17 5.57
N HIS H 76 83.93 13.58 5.07
CA HIS H 76 83.88 14.09 3.70
C HIS H 76 84.75 15.32 3.53
N ARG H 77 84.79 16.20 4.53
CA ARG H 77 85.55 17.43 4.38
C ARG H 77 87.04 17.16 4.30
N ARG H 78 87.53 16.19 5.07
CA ARG H 78 88.95 15.87 5.00
C ARG H 78 89.31 15.15 3.72
N MET H 79 88.40 14.32 3.20
CA MET H 79 88.60 13.74 1.88
C MET H 79 88.67 14.82 0.80
N ALA H 80 87.76 15.79 0.87
CA ALA H 80 87.73 16.85 -0.13
C ALA H 80 88.99 17.70 -0.06
N ALA H 81 89.47 17.96 1.16
CA ALA H 81 90.73 18.68 1.31
C ALA H 81 91.88 17.88 0.73
N CYS H 82 91.89 16.56 0.96
CA CYS H 82 92.89 15.69 0.36
C CYS H 82 92.90 15.83 -1.16
N LEU H 83 91.74 15.71 -1.78
CA LEU H 83 91.65 15.79 -3.23
C LEU H 83 92.06 17.16 -3.73
N ARG H 84 91.65 18.21 -3.02
CA ARG H 84 92.00 19.57 -3.43
C ARG H 84 93.50 19.80 -3.34
N ASP H 85 94.14 19.25 -2.32
CA ASP H 85 95.59 19.37 -2.19
C ASP H 85 96.30 18.64 -3.33
N MET H 86 95.87 17.42 -3.64
CA MET H 86 96.45 16.73 -4.78
C MET H 86 96.28 17.55 -6.05
N GLU H 87 95.08 18.10 -6.25
CA GLU H 87 94.79 18.86 -7.47
C GLU H 87 95.69 20.09 -7.57
N ILE H 88 95.85 20.82 -6.47
CA ILE H 88 96.65 22.04 -6.52
C ILE H 88 98.12 21.71 -6.72
N ILE H 89 98.60 20.62 -6.13
CA ILE H 89 99.98 20.21 -6.36
C ILE H 89 100.19 19.86 -7.82
N LEU H 90 99.25 19.13 -8.42
CA LEU H 90 99.34 18.81 -9.84
C LEU H 90 99.35 20.07 -10.68
N ARG H 91 98.51 21.03 -10.34
CA ARG H 91 98.42 22.26 -11.11
C ARG H 91 99.74 23.03 -11.07
N TYR H 92 100.35 23.09 -9.89
CA TYR H 92 101.65 23.76 -9.77
C TYR H 92 102.73 23.00 -10.53
N VAL H 93 102.67 21.67 -10.51
CA VAL H 93 103.63 20.88 -11.26
C VAL H 93 103.52 21.16 -12.76
N SER H 94 102.29 21.25 -13.26
CA SER H 94 102.10 21.57 -14.67
C SER H 94 102.57 22.98 -14.98
N TYR H 95 102.37 23.91 -14.04
CA TYR H 95 102.93 25.25 -14.21
C TYR H 95 104.44 25.21 -14.38
N ALA H 96 105.11 24.44 -13.51
CA ALA H 96 106.57 24.33 -13.60
C ALA H 96 106.97 23.68 -14.91
N LEU H 97 106.20 22.69 -15.37
CA LEU H 97 106.49 22.05 -16.65
C LEU H 97 106.41 23.05 -17.78
N LEU H 98 105.36 23.88 -17.81
CA LEU H 98 105.21 24.82 -18.90
C LEU H 98 106.30 25.88 -18.87
N ALA H 99 106.56 26.43 -17.70
CA ALA H 99 107.61 27.45 -17.60
C ALA H 99 108.99 26.84 -17.79
N GLY H 100 109.18 25.60 -17.35
CA GLY H 100 110.50 25.02 -17.30
C GLY H 100 111.28 25.41 -16.07
N ASP H 101 110.71 26.23 -15.19
CA ASP H 101 111.32 26.63 -13.94
C ASP H 101 110.47 26.13 -12.79
N ALA H 102 111.14 25.70 -11.72
CA ALA H 102 110.44 25.21 -10.53
C ALA H 102 110.05 26.34 -9.58
N SER H 103 110.29 27.60 -9.96
CA SER H 103 109.98 28.71 -9.06
C SER H 103 108.49 28.83 -8.79
N VAL H 104 107.66 28.63 -9.80
CA VAL H 104 106.22 28.82 -9.62
C VAL H 104 105.67 27.86 -8.58
N LEU H 105 106.32 26.70 -8.44
CA LEU H 105 105.92 25.73 -7.44
C LEU H 105 106.62 25.97 -6.10
N ASP H 106 107.87 26.40 -6.14
CA ASP H 106 108.65 26.53 -4.91
C ASP H 106 108.29 27.79 -4.12
N ASP H 107 107.83 28.84 -4.80
CA ASP H 107 107.75 30.15 -4.16
C ASP H 107 106.58 30.24 -3.18
N ARG H 108 105.36 30.07 -3.67
CA ARG H 108 104.19 30.35 -2.85
C ARG H 108 103.75 29.15 -2.02
N CYS H 109 103.87 27.93 -2.56
CA CYS H 109 103.26 26.75 -1.97
C CYS H 109 104.19 26.04 -1.00
N LEU H 110 105.32 25.54 -1.48
CA LEU H 110 106.09 24.53 -0.74
C LEU H 110 106.73 25.12 0.51
N ASN H 111 106.93 26.45 0.52
CA ASN H 111 107.56 27.07 1.68
C ASN H 111 106.68 26.98 2.92
N GLY H 112 105.39 27.30 2.79
CA GLY H 112 104.48 27.24 3.91
C GLY H 112 103.68 25.97 4.04
N LEU H 113 103.70 25.11 3.01
CA LEU H 113 102.96 23.87 3.08
C LEU H 113 103.47 22.96 4.19
N ARG H 114 104.78 23.02 4.47
CA ARG H 114 105.36 22.28 5.58
C ARG H 114 104.72 22.64 6.91
N GLU H 115 104.70 23.93 7.23
CA GLU H 115 104.11 24.36 8.49
C GLU H 115 102.62 24.06 8.51
N THR H 116 101.94 24.21 7.38
CA THR H 116 100.51 23.92 7.33
C THR H 116 100.22 22.46 7.66
N TYR H 117 100.88 21.54 6.97
CA TYR H 117 100.65 20.12 7.23
C TYR H 117 101.07 19.72 8.64
N ASN H 118 102.16 20.30 9.15
CA ASN H 118 102.53 19.99 10.52
C ASN H 118 101.46 20.45 11.51
N ALA H 119 100.91 21.64 11.29
CA ALA H 119 99.91 22.18 12.22
C ALA H 119 98.60 21.39 12.14
N LEU H 120 98.18 21.01 10.92
CA LEU H 120 96.88 20.36 10.77
C LEU H 120 96.88 18.92 11.28
N GLY H 121 98.04 18.30 11.41
CA GLY H 121 98.13 16.92 11.84
C GLY H 121 98.16 15.89 10.73
N THR H 122 98.42 16.31 9.50
CA THR H 122 98.45 15.35 8.38
C THR H 122 99.73 14.52 8.43
N PRO H 123 99.65 13.23 8.11
CA PRO H 123 100.86 12.43 7.93
C PRO H 123 101.60 12.85 6.66
N THR H 124 102.82 13.32 6.82
CA THR H 124 103.55 13.92 5.70
C THR H 124 104.03 12.86 4.71
N GLN H 125 104.45 11.70 5.21
CA GLN H 125 104.83 10.63 4.29
C GLN H 125 103.64 10.16 3.47
N SER H 126 102.44 10.25 4.03
CA SER H 126 101.24 9.93 3.25
C SER H 126 101.07 10.88 2.09
N VAL H 127 101.28 12.18 2.32
CA VAL H 127 101.12 13.15 1.25
C VAL H 127 102.22 12.99 0.22
N ALA H 128 103.44 12.69 0.66
CA ALA H 128 104.52 12.44 -0.29
C ALA H 128 104.22 11.22 -1.15
N ARG H 129 103.68 10.16 -0.53
CA ARG H 129 103.26 8.99 -1.30
C ARG H 129 102.15 9.35 -2.28
N ALA H 130 101.24 10.23 -1.87
CA ALA H 130 100.19 10.68 -2.78
C ALA H 130 100.78 11.37 -4.00
N VAL H 131 101.77 12.24 -3.79
CA VAL H 131 102.39 12.95 -4.91
C VAL H 131 103.16 11.98 -5.80
N GLN H 132 103.83 10.99 -5.19
CA GLN H 132 104.55 10.00 -6.00
C GLN H 132 103.58 9.18 -6.85
N LEU H 133 102.44 8.80 -6.28
CA LEU H 133 101.43 8.09 -7.06
C LEU H 133 100.89 8.97 -8.17
N MET H 134 100.75 10.27 -7.90
CA MET H 134 100.35 11.20 -8.95
C MET H 134 101.36 11.21 -10.08
N LYS H 135 102.65 11.23 -9.75
CA LYS H 135 103.68 11.15 -10.78
C LYS H 135 103.57 9.87 -11.59
N ASP H 136 103.38 8.74 -10.90
CA ASP H 136 103.28 7.46 -11.60
C ASP H 136 102.06 7.44 -12.53
N ALA H 137 100.94 7.98 -12.07
CA ALA H 137 99.75 8.05 -12.91
C ALA H 137 99.95 8.98 -14.09
N ALA H 138 100.64 10.11 -13.87
CA ALA H 138 100.81 11.11 -14.91
C ALA H 138 101.79 10.67 -15.98
N MET H 139 102.77 9.83 -15.63
CA MET H 139 103.75 9.41 -16.64
C MET H 139 103.07 8.65 -17.78
N VAL H 140 102.06 7.83 -17.46
CA VAL H 140 101.38 7.07 -18.50
C VAL H 140 100.74 8.02 -19.51
N HIS H 141 100.06 9.06 -19.01
CA HIS H 141 99.43 10.02 -19.91
C HIS H 141 100.47 10.83 -20.68
N LEU H 142 101.59 11.16 -20.04
CA LEU H 142 102.65 11.87 -20.75
C LEU H 142 103.22 11.02 -21.88
N LYS H 143 103.28 9.70 -21.68
CA LYS H 143 103.82 8.83 -22.71
C LYS H 143 102.85 8.64 -23.86
N SER H 144 101.55 8.72 -23.60
CA SER H 144 100.55 8.35 -24.59
C SER H 144 100.77 9.07 -25.90
N THR H 145 101.15 8.32 -26.92
CA THR H 145 101.52 8.87 -28.22
C THR H 145 100.30 9.04 -29.13
N ALA H 146 99.16 8.50 -28.74
CA ALA H 146 97.94 8.70 -29.52
C ALA H 146 97.62 10.18 -29.62
N ASN H 147 97.16 10.60 -30.79
CA ASN H 147 96.72 11.95 -31.12
C ASN H 147 97.87 12.96 -31.19
N VAL H 148 99.11 12.54 -30.94
CA VAL H 148 100.27 13.40 -31.13
C VAL H 148 101.24 12.68 -32.05
N THR H 149 102.06 13.45 -32.75
CA THR H 149 103.01 12.84 -33.67
C THR H 149 104.12 12.17 -32.88
N VAL H 150 104.64 11.06 -33.40
CA VAL H 150 105.61 10.26 -32.68
C VAL H 150 106.92 11.03 -32.61
N GLY H 151 107.47 11.11 -31.40
CA GLY H 151 108.70 11.85 -31.19
C GLY H 151 109.33 11.46 -29.88
N ASP H 152 110.46 12.09 -29.58
CA ASP H 152 111.22 11.80 -28.37
C ASP H 152 111.13 12.98 -27.41
N CYS H 153 110.76 12.70 -26.17
CA CYS H 153 110.62 13.74 -25.15
C CYS H 153 111.20 13.27 -23.83
N SER H 154 112.38 12.66 -23.88
CA SER H 154 113.01 12.18 -22.64
C SER H 154 113.35 13.33 -21.70
N SER H 155 113.74 14.48 -22.25
CA SER H 155 113.98 15.64 -21.40
C SER H 155 112.73 16.06 -20.66
N LEU H 156 111.59 16.05 -21.35
CA LEU H 156 110.34 16.44 -20.70
C LEU H 156 109.95 15.47 -19.60
N TYR H 157 110.09 14.16 -19.84
CA TYR H 157 109.77 13.20 -18.78
C TYR H 157 110.70 13.37 -17.59
N SER H 158 112.00 13.57 -17.86
CA SER H 158 112.94 13.78 -16.77
C SER H 158 112.58 15.01 -15.96
N GLU H 159 112.25 16.12 -16.63
CA GLU H 159 111.94 17.35 -15.93
C GLU H 159 110.64 17.24 -15.14
N ALA H 160 109.62 16.60 -15.73
CA ALA H 160 108.34 16.44 -15.02
C ALA H 160 108.50 15.55 -13.79
N ALA H 161 109.24 14.44 -13.93
CA ALA H 161 109.52 13.61 -12.77
C ALA H 161 110.32 14.38 -11.73
N THR H 162 111.21 15.27 -12.19
CA THR H 162 111.97 16.12 -11.28
C THR H 162 111.04 17.01 -10.47
N TYR H 163 110.09 17.67 -11.13
CA TYR H 163 109.16 18.54 -10.42
C TYR H 163 108.29 17.75 -9.44
N PHE H 164 107.79 16.60 -9.88
CA PHE H 164 106.96 15.78 -9.01
C PHE H 164 107.72 15.34 -7.77
N ASP H 165 108.90 14.76 -7.97
CA ASP H 165 109.68 14.27 -6.83
C ASP H 165 110.17 15.42 -5.96
N LYS H 166 110.41 16.58 -6.56
CA LYS H 166 110.82 17.74 -5.77
C LYS H 166 109.70 18.18 -4.84
N ALA H 167 108.47 18.28 -5.36
CA ALA H 167 107.35 18.66 -4.50
C ALA H 167 107.12 17.61 -3.41
N ALA H 168 107.20 16.33 -3.78
CA ALA H 168 107.01 15.27 -2.79
C ALA H 168 108.09 15.31 -1.70
N ALA H 169 109.34 15.57 -2.09
CA ALA H 169 110.40 15.65 -1.10
C ALA H 169 110.28 16.91 -0.26
N SER H 170 109.82 18.01 -0.86
CA SER H 170 109.60 19.24 -0.10
C SER H 170 108.57 19.01 0.99
N ILE H 171 107.41 18.45 0.63
CA ILE H 171 106.37 18.21 1.63
C ILE H 171 106.83 17.15 2.63
N ALA H 172 107.67 16.21 2.19
CA ALA H 172 108.19 15.19 3.07
C ALA H 172 109.06 15.79 4.17
N MET I 1 85.16 25.72 20.06
CA MET I 1 84.13 25.57 21.08
C MET I 1 83.26 24.34 20.85
N ASN I 2 82.84 23.71 21.94
CA ASN I 2 81.90 22.59 21.89
C ASN I 2 81.02 22.63 23.13
N ASP I 3 79.89 21.94 23.05
CA ASP I 3 79.11 21.60 24.22
C ASP I 3 79.37 20.14 24.56
N VAL I 4 78.67 19.63 25.58
CA VAL I 4 78.95 18.27 26.04
C VAL I 4 78.46 17.24 25.02
N PHE I 5 77.32 17.50 24.40
CA PHE I 5 76.78 16.58 23.41
C PHE I 5 77.75 16.35 22.27
N THR I 6 78.26 17.44 21.68
CA THR I 6 79.18 17.31 20.56
C THR I 6 80.51 16.73 21.01
N ARG I 7 80.89 16.96 22.26
CA ARG I 7 82.05 16.24 22.79
C ARG I 7 81.84 14.74 22.69
N ALA I 8 80.80 14.24 23.37
CA ALA I 8 80.54 12.81 23.39
C ALA I 8 80.46 12.25 21.97
N ILE I 9 79.87 13.03 21.05
CA ILE I 9 79.84 12.62 19.65
C ILE I 9 81.24 12.57 19.07
N ALA I 10 82.12 13.46 19.48
CA ALA I 10 83.48 13.47 18.96
C ALA I 10 84.24 12.21 19.39
N GLN I 11 84.14 11.83 20.67
CA GLN I 11 84.77 10.55 21.02
C GLN I 11 84.08 9.38 20.32
N ALA I 12 82.76 9.42 20.18
CA ALA I 12 82.07 8.36 19.47
C ALA I 12 82.58 8.22 18.04
N ASP I 13 82.91 9.35 17.41
CA ASP I 13 83.40 9.32 16.04
C ASP I 13 84.85 8.89 15.98
N LEU I 14 85.66 9.31 16.95
CA LEU I 14 87.06 8.90 16.97
C LEU I 14 87.18 7.39 17.12
N LYS I 15 86.40 6.80 18.02
CA LYS I 15 86.33 5.35 18.09
C LYS I 15 85.46 4.77 16.97
N GLY I 16 84.61 5.59 16.35
CA GLY I 16 83.89 5.21 15.16
C GLY I 16 82.64 4.40 15.38
N SER I 17 82.29 4.08 16.62
CA SER I 17 81.12 3.25 16.89
C SER I 17 79.93 4.12 17.27
N PHE I 18 78.76 3.52 17.26
CA PHE I 18 77.54 4.22 17.65
C PHE I 18 77.62 4.63 19.11
N LEU I 19 76.88 5.67 19.46
CA LEU I 19 76.85 6.12 20.85
C LEU I 19 76.23 5.04 21.73
N LEU I 20 76.95 4.66 22.78
CA LEU I 20 76.50 3.56 23.62
C LEU I 20 75.37 4.01 24.54
N GLU I 21 74.71 3.03 25.16
CA GLU I 21 73.57 3.34 26.01
C GLU I 21 73.99 4.19 27.21
N SER I 22 75.19 3.97 27.74
CA SER I 22 75.64 4.76 28.88
C SER I 22 75.79 6.23 28.51
N ASP I 23 76.35 6.50 27.34
CA ASP I 23 76.47 7.89 26.88
C ASP I 23 75.10 8.52 26.68
N LEU I 24 74.15 7.76 26.11
CA LEU I 24 72.80 8.27 25.92
C LEU I 24 72.14 8.59 27.25
N ASP I 25 72.31 7.72 28.24
CA ASP I 25 71.72 7.98 29.56
C ASP I 25 72.36 9.19 30.21
N LYS I 26 73.68 9.34 30.07
CA LYS I 26 74.35 10.51 30.62
C LYS I 26 73.84 11.80 29.98
N LEU I 27 73.63 11.77 28.66
CA LEU I 27 73.14 12.97 27.98
C LEU I 27 71.69 13.26 28.34
N ALA I 28 70.88 12.23 28.57
CA ALA I 28 69.51 12.46 29.02
C ALA I 28 69.47 13.01 30.44
N SER I 29 70.41 12.58 31.28
CA SER I 29 70.56 13.19 32.59
C SER I 29 70.91 14.66 32.46
N PHE I 30 71.82 14.98 31.54
CA PHE I 30 72.12 16.38 31.26
C PHE I 30 70.87 17.13 30.82
N ALA I 31 70.06 16.51 29.97
CA ALA I 31 68.86 17.16 29.46
C ALA I 31 67.88 17.48 30.57
N LYS I 32 67.67 16.54 31.49
CA LYS I 32 66.76 16.81 32.61
C LYS I 32 67.33 17.84 33.57
N GLU I 33 68.66 17.88 33.69
CA GLU I 33 69.30 18.92 34.51
C GLU I 33 69.30 20.27 33.81
N GLY I 34 68.94 20.30 32.52
CA GLY I 34 68.98 21.53 31.73
C GLY I 34 68.15 22.68 32.26
N VAL I 35 66.93 22.43 32.76
CA VAL I 35 66.11 23.53 33.26
C VAL I 35 66.74 24.16 34.50
N LYS I 36 67.35 23.33 35.34
CA LYS I 36 68.15 23.80 36.47
C LYS I 36 69.33 24.65 36.01
N ARG I 37 70.04 24.18 34.97
CA ARG I 37 71.18 24.94 34.46
C ARG I 37 70.74 26.26 33.84
N LEU I 38 69.53 26.30 33.26
CA LEU I 38 69.00 27.55 32.76
C LEU I 38 68.83 28.57 33.87
N ASP I 39 68.33 28.14 35.03
CA ASP I 39 68.25 29.02 36.18
C ASP I 39 69.62 29.50 36.62
N ALA I 40 70.60 28.59 36.65
CA ALA I 40 71.94 29.00 37.08
C ALA I 40 72.52 30.07 36.15
N VAL I 41 72.40 29.85 34.84
CA VAL I 41 72.91 30.82 33.89
C VAL I 41 72.14 32.13 33.99
N ALA I 42 70.83 32.05 34.25
CA ALA I 42 70.06 33.26 34.43
C ALA I 42 70.51 34.03 35.67
N ALA I 43 70.89 33.33 36.73
CA ALA I 43 71.44 33.99 37.90
C ALA I 43 72.75 34.70 37.56
N LEU I 44 73.61 34.05 36.80
CA LEU I 44 74.85 34.69 36.39
C LEU I 44 74.59 35.93 35.54
N THR I 45 73.67 35.84 34.57
CA THR I 45 73.47 36.93 33.64
C THR I 45 72.71 38.10 34.27
N ASN I 46 71.74 37.80 35.13
CA ASN I 46 70.92 38.86 35.71
C ASN I 46 71.70 39.68 36.72
N ASN I 47 72.75 39.10 37.31
CA ASN I 47 73.52 39.75 38.36
C ASN I 47 74.92 40.15 37.90
N ALA I 48 75.12 40.30 36.59
CA ALA I 48 76.44 40.62 36.08
C ALA I 48 77.00 41.93 36.64
N PRO I 49 76.29 43.06 36.58
CA PRO I 49 76.91 44.30 37.08
C PRO I 49 77.13 44.29 38.58
N ALA I 50 76.21 43.69 39.35
CA ALA I 50 76.42 43.61 40.79
C ALA I 50 77.63 42.74 41.12
N ILE I 51 77.78 41.62 40.41
CA ILE I 51 78.93 40.75 40.61
C ILE I 51 80.22 41.51 40.29
N ILE I 52 80.24 42.20 39.15
CA ILE I 52 81.44 42.92 38.75
C ILE I 52 81.77 44.03 39.74
N SER I 53 80.74 44.75 40.20
CA SER I 53 80.95 45.83 41.15
C SER I 53 81.52 45.30 42.46
N ASP I 54 80.96 44.21 42.98
CA ASP I 54 81.48 43.64 44.21
C ASP I 54 82.91 43.17 44.03
N ALA I 55 83.20 42.50 42.91
CA ALA I 55 84.55 42.03 42.67
C ALA I 55 85.53 43.19 42.62
N ALA I 56 85.16 44.28 41.95
CA ALA I 56 86.04 45.43 41.86
C ALA I 56 86.27 46.05 43.24
N HIS I 57 85.21 46.23 44.02
CA HIS I 57 85.36 46.82 45.35
C HIS I 57 86.33 45.99 46.18
N LYS I 58 86.09 44.68 46.25
CA LYS I 58 86.98 43.83 47.04
C LYS I 58 88.41 43.89 46.52
N LEU I 59 88.60 43.72 45.21
CA LEU I 59 89.96 43.63 44.66
C LEU I 59 90.73 44.91 44.89
N PHE I 60 90.11 46.05 44.65
CA PHE I 60 90.80 47.32 44.82
C PHE I 60 90.92 47.73 46.29
N ALA I 61 90.12 47.12 47.17
CA ALA I 61 90.34 47.35 48.60
C ALA I 61 91.52 46.53 49.11
N GLU I 62 91.60 45.26 48.71
CA GLU I 62 92.68 44.40 49.18
C GLU I 62 93.97 44.63 48.43
N GLN I 63 93.93 45.29 47.27
CA GLN I 63 95.12 45.62 46.49
C GLN I 63 94.99 47.06 46.02
N GLN I 64 95.44 48.00 46.86
CA GLN I 64 95.41 49.42 46.53
C GLN I 64 96.58 49.85 45.68
N GLU I 65 97.53 48.95 45.38
CA GLU I 65 98.62 49.30 44.50
C GLU I 65 98.13 49.53 43.08
N LEU I 66 96.93 49.02 42.76
CA LEU I 66 96.39 49.16 41.42
C LEU I 66 95.88 50.58 41.18
N ILE I 67 95.17 51.15 42.15
CA ILE I 67 94.55 52.45 41.97
C ILE I 67 95.59 53.57 41.92
N GLN I 68 96.62 53.47 42.76
CA GLN I 68 97.59 54.55 42.87
C GLN I 68 98.33 54.77 41.55
N PRO I 69 98.82 55.98 41.31
CA PRO I 69 99.52 56.26 40.05
C PRO I 69 100.67 55.30 39.83
N GLY I 70 100.81 54.85 38.59
CA GLY I 70 101.72 53.78 38.26
C GLY I 70 101.14 52.39 38.41
N GLY I 71 99.92 52.28 38.95
CA GLY I 71 99.29 50.99 39.08
C GLY I 71 98.77 50.48 37.76
N ASN I 72 98.43 49.19 37.74
CA ASN I 72 97.97 48.58 36.50
C ASN I 72 96.52 48.95 36.21
N ALA I 73 95.80 49.48 37.18
CA ALA I 73 94.46 50.02 36.96
C ALA I 73 94.36 51.48 37.36
N TYR I 74 95.49 52.19 37.45
CA TYR I 74 95.41 53.60 37.82
C TYR I 74 94.73 54.45 36.76
N PRO I 75 95.28 54.62 35.55
CA PRO I 75 94.66 55.56 34.62
C PRO I 75 93.23 55.14 34.35
N HIS I 76 92.39 56.15 34.17
CA HIS I 76 90.95 55.98 34.29
C HIS I 76 90.46 54.98 33.24
N ARG I 77 91.07 55.05 32.05
CA ARG I 77 90.84 54.06 30.99
C ARG I 77 91.33 52.67 31.37
N ARG I 78 92.39 52.57 32.18
CA ARG I 78 92.81 51.25 32.62
C ARG I 78 91.81 50.64 33.59
N MET I 79 91.21 51.45 34.44
CA MET I 79 90.11 50.95 35.28
C MET I 79 88.96 50.48 34.41
N ALA I 80 88.65 51.24 33.35
CA ALA I 80 87.63 50.80 32.41
C ALA I 80 88.00 49.44 31.81
N ALA I 81 89.25 49.26 31.41
CA ALA I 81 89.69 47.99 30.84
C ALA I 81 89.58 46.85 31.86
N CYS I 82 89.88 47.14 33.13
CA CYS I 82 89.75 46.14 34.18
C CYS I 82 88.31 45.65 34.29
N LEU I 83 87.37 46.58 34.38
CA LEU I 83 85.96 46.20 34.49
C LEU I 83 85.50 45.46 33.24
N ARG I 84 85.96 45.92 32.06
CA ARG I 84 85.62 45.25 30.82
C ARG I 84 86.09 43.80 30.81
N ASP I 85 87.33 43.56 31.24
CA ASP I 85 87.88 42.21 31.20
C ASP I 85 87.18 41.30 32.19
N MET I 86 86.86 41.81 33.39
CA MET I 86 86.11 40.97 34.32
C MET I 86 84.75 40.61 33.74
N GLU I 87 84.07 41.58 33.12
CA GLU I 87 82.78 41.28 32.52
C GLU I 87 82.91 40.25 31.41
N ILE I 88 83.96 40.35 30.59
CA ILE I 88 84.15 39.43 29.49
C ILE I 88 84.38 38.01 30.01
N ILE I 89 85.24 37.86 31.02
CA ILE I 89 85.52 36.52 31.53
C ILE I 89 84.29 35.95 32.22
N LEU I 90 83.50 36.80 32.88
CA LEU I 90 82.23 36.34 33.46
C LEU I 90 81.27 35.86 32.38
N ARG I 91 81.20 36.60 31.26
CA ARG I 91 80.36 36.20 30.15
C ARG I 91 80.79 34.85 29.60
N TYR I 92 82.10 34.65 29.49
CA TYR I 92 82.61 33.38 28.99
C TYR I 92 82.32 32.24 29.94
N VAL I 93 82.40 32.49 31.25
CA VAL I 93 82.05 31.47 32.22
C VAL I 93 80.57 31.11 32.12
N SER I 94 79.71 32.12 31.91
CA SER I 94 78.29 31.83 31.73
C SER I 94 78.04 31.03 30.46
N TYR I 95 78.75 31.35 29.38
CA TYR I 95 78.68 30.54 28.17
C TYR I 95 79.05 29.09 28.47
N ALA I 96 80.15 28.89 29.19
CA ALA I 96 80.58 27.54 29.52
C ALA I 96 79.54 26.82 30.36
N LEU I 97 78.95 27.53 31.32
CA LEU I 97 77.94 26.90 32.17
C LEU I 97 76.74 26.47 31.35
N LEU I 98 76.30 27.31 30.41
CA LEU I 98 75.20 26.93 29.55
C LEU I 98 75.57 25.71 28.72
N ALA I 99 76.76 25.72 28.12
CA ALA I 99 77.19 24.57 27.33
C ALA I 99 77.39 23.35 28.21
N GLY I 100 77.71 23.55 29.48
CA GLY I 100 78.12 22.45 30.30
C GLY I 100 79.43 21.83 29.88
N ASP I 101 80.26 22.58 29.16
CA ASP I 101 81.46 22.07 28.53
C ASP I 101 82.60 23.04 28.74
N ALA I 102 83.84 22.53 28.67
CA ALA I 102 85.00 23.29 29.12
C ALA I 102 85.61 24.14 28.01
N SER I 103 85.93 23.53 26.87
CA SER I 103 86.73 24.21 25.85
C SER I 103 86.02 25.38 25.20
N VAL I 104 84.71 25.55 25.43
CA VAL I 104 84.03 26.74 24.94
C VAL I 104 84.62 28.00 25.55
N LEU I 105 85.30 27.87 26.69
CA LEU I 105 86.06 29.00 27.21
C LEU I 105 87.54 28.87 26.85
N ASP I 106 88.07 27.65 26.86
CA ASP I 106 89.50 27.44 26.56
C ASP I 106 89.84 27.98 25.18
N ASP I 107 89.31 27.33 24.15
CA ASP I 107 89.58 27.71 22.76
C ASP I 107 89.00 29.08 22.44
N ARG I 108 88.17 29.62 23.33
CA ARG I 108 87.62 30.95 23.14
C ARG I 108 88.59 32.06 23.52
N CYS I 109 89.17 31.97 24.73
CA CYS I 109 89.87 33.09 25.34
C CYS I 109 91.16 32.67 26.04
N LEU I 110 91.19 31.47 26.63
CA LEU I 110 92.23 31.16 27.59
C LEU I 110 93.55 30.88 26.92
N ASN I 111 93.52 30.41 25.67
CA ASN I 111 94.74 30.13 24.94
C ASN I 111 95.51 31.39 24.61
N GLY I 112 94.92 32.56 24.85
CA GLY I 112 95.62 33.80 24.59
C GLY I 112 95.70 34.75 25.77
N LEU I 113 94.84 34.59 26.78
CA LEU I 113 94.83 35.52 27.91
C LEU I 113 96.17 35.57 28.63
N ARG I 114 96.73 34.41 28.97
CA ARG I 114 98.03 34.37 29.62
C ARG I 114 99.04 35.26 28.92
N GLU I 115 99.26 35.00 27.64
CA GLU I 115 100.34 35.64 26.92
C GLU I 115 100.03 37.10 26.59
N THR I 116 98.75 37.45 26.42
CA THR I 116 98.41 38.86 26.28
C THR I 116 98.72 39.63 27.54
N TYR I 117 98.26 39.15 28.70
CA TYR I 117 98.57 39.84 29.94
C TYR I 117 100.05 39.84 30.25
N ASN I 118 100.79 38.84 29.74
CA ASN I 118 102.24 38.89 29.84
C ASN I 118 102.82 40.03 29.03
N ALA I 119 102.41 40.14 27.76
CA ALA I 119 102.97 41.18 26.89
C ALA I 119 102.57 42.57 27.35
N LEU I 120 101.42 42.70 28.00
CA LEU I 120 100.91 44.00 28.41
C LEU I 120 101.54 44.48 29.71
N GLY I 121 102.16 43.59 30.48
CA GLY I 121 102.62 43.95 31.81
C GLY I 121 101.56 43.88 32.89
N THR I 122 100.40 43.33 32.59
CA THR I 122 99.35 43.21 33.59
C THR I 122 99.69 42.09 34.57
N PRO I 123 99.67 42.36 35.88
CA PRO I 123 100.01 41.31 36.87
C PRO I 123 98.96 40.21 36.85
N THR I 124 99.39 39.02 36.42
CA THR I 124 98.46 37.92 36.22
C THR I 124 97.82 37.42 37.50
N GLN I 125 98.53 37.46 38.63
CA GLN I 125 97.96 36.93 39.86
C GLN I 125 96.84 37.83 40.36
N SER I 126 96.94 39.15 40.12
CA SER I 126 95.83 40.04 40.46
C SER I 126 94.59 39.72 39.64
N VAL I 127 94.78 39.42 38.35
CA VAL I 127 93.66 39.00 37.50
C VAL I 127 93.03 37.72 38.02
N ALA I 128 93.87 36.75 38.41
CA ALA I 128 93.33 35.52 38.99
C ALA I 128 92.55 35.81 40.25
N ARG I 129 93.06 36.70 41.10
CA ARG I 129 92.36 37.06 42.33
C ARG I 129 91.01 37.69 42.02
N ALA I 130 90.96 38.56 41.02
CA ALA I 130 89.68 39.09 40.58
C ALA I 130 88.76 37.97 40.13
N VAL I 131 89.33 36.93 39.51
CA VAL I 131 88.52 35.80 39.09
C VAL I 131 87.90 35.08 40.29
N GLN I 132 88.69 34.84 41.36
CA GLN I 132 88.07 34.18 42.52
C GLN I 132 87.07 35.10 43.21
N LEU I 133 87.31 36.41 43.21
CA LEU I 133 86.32 37.32 43.80
C LEU I 133 85.00 37.28 43.01
N MET I 134 85.10 37.24 41.68
CA MET I 134 83.92 37.05 40.85
C MET I 134 83.26 35.72 41.17
N LYS I 135 84.07 34.67 41.37
CA LYS I 135 83.53 33.36 41.70
C LYS I 135 82.74 33.40 43.00
N ASP I 136 83.25 34.11 44.01
CA ASP I 136 82.54 34.21 45.27
C ASP I 136 81.22 34.95 45.10
N ALA I 137 81.23 36.10 44.43
CA ALA I 137 79.99 36.85 44.24
C ALA I 137 78.96 36.04 43.45
N ALA I 138 79.40 35.42 42.36
CA ALA I 138 78.50 34.61 41.55
C ALA I 138 78.00 33.41 42.32
N MET I 139 78.85 32.80 43.14
CA MET I 139 78.44 31.67 43.96
C MET I 139 77.34 32.08 44.92
N VAL I 140 77.47 33.25 45.52
CA VAL I 140 76.39 33.75 46.38
C VAL I 140 75.12 33.94 45.58
N HIS I 141 75.21 34.55 44.40
CA HIS I 141 74.01 34.84 43.64
C HIS I 141 73.30 33.57 43.16
N LEU I 142 74.06 32.57 42.74
CA LEU I 142 73.46 31.34 42.24
C LEU I 142 72.76 30.57 43.34
N LYS I 143 73.30 30.61 44.56
CA LYS I 143 72.69 29.86 45.64
C LYS I 143 71.37 30.46 46.13
N SER I 144 71.03 31.68 45.70
CA SER I 144 69.80 32.32 46.14
C SER I 144 68.60 31.49 45.74
N THR I 145 67.73 31.20 46.71
CA THR I 145 66.59 30.33 46.47
C THR I 145 65.26 31.07 46.41
N ALA I 146 65.23 32.34 46.79
CA ALA I 146 64.02 33.13 46.59
C ALA I 146 63.77 33.32 45.10
N ASN I 147 62.49 33.43 44.73
CA ASN I 147 62.04 33.63 43.36
C ASN I 147 62.25 32.41 42.48
N VAL I 148 62.83 31.33 43.00
CA VAL I 148 63.05 30.11 42.24
C VAL I 148 62.60 28.94 43.09
N THR I 149 61.92 27.97 42.47
CA THR I 149 61.52 26.78 43.19
C THR I 149 62.76 26.07 43.74
N VAL I 150 62.62 25.51 44.94
CA VAL I 150 63.78 25.02 45.67
C VAL I 150 64.14 23.62 45.20
N GLY I 151 65.43 23.37 45.04
CA GLY I 151 65.89 22.06 44.64
C GLY I 151 67.39 21.92 44.84
N ASP I 152 67.93 20.83 44.31
CA ASP I 152 69.35 20.52 44.47
C ASP I 152 70.14 21.09 43.31
N CYS I 153 71.26 21.74 43.63
CA CYS I 153 72.11 22.37 42.63
C CYS I 153 73.59 22.19 42.94
N SER I 154 73.93 21.12 43.67
CA SER I 154 75.33 20.91 44.05
C SER I 154 76.22 20.70 42.83
N SER I 155 75.75 19.92 41.86
CA SER I 155 76.54 19.68 40.65
C SER I 155 76.79 20.97 39.88
N LEU I 156 75.77 21.83 39.78
CA LEU I 156 75.97 23.08 39.08
C LEU I 156 76.95 23.99 39.82
N TYR I 157 76.91 23.97 41.14
CA TYR I 157 77.89 24.74 41.91
C TYR I 157 79.30 24.23 41.67
N SER I 158 79.46 22.90 41.65
CA SER I 158 80.76 22.31 41.37
C SER I 158 81.24 22.70 39.98
N GLU I 159 80.35 22.67 38.99
CA GLU I 159 80.73 23.02 37.63
C GLU I 159 81.13 24.48 37.51
N ALA I 160 80.38 25.38 38.16
CA ALA I 160 80.74 26.80 38.14
C ALA I 160 82.08 27.03 38.81
N ALA I 161 82.32 26.38 39.95
CA ALA I 161 83.61 26.50 40.62
C ALA I 161 84.73 25.98 39.72
N THR I 162 84.48 24.87 39.02
CA THR I 162 85.48 24.33 38.11
C THR I 162 85.82 25.33 37.01
N TYR I 163 84.80 25.94 36.42
CA TYR I 163 85.04 26.90 35.34
C TYR I 163 85.82 28.10 35.84
N PHE I 164 85.44 28.64 36.99
CA PHE I 164 86.15 29.80 37.53
C PHE I 164 87.59 29.45 37.87
N ASP I 165 87.81 28.30 38.50
CA ASP I 165 89.16 27.88 38.85
C ASP I 165 90.01 27.69 37.61
N LYS I 166 89.46 27.07 36.56
CA LYS I 166 90.28 26.81 35.39
C LYS I 166 90.56 28.07 34.61
N ALA I 167 89.63 29.03 34.60
CA ALA I 167 89.92 30.34 34.04
C ALA I 167 91.05 31.02 34.79
N ALA I 168 90.99 30.99 36.14
CA ALA I 168 92.03 31.61 36.94
C ALA I 168 93.38 30.92 36.71
N ALA I 169 93.37 29.59 36.59
CA ALA I 169 94.60 28.85 36.38
C ALA I 169 95.16 29.08 34.99
N SER I 170 94.30 29.40 34.02
CA SER I 170 94.80 29.80 32.72
C SER I 170 95.44 31.19 32.79
N ILE I 171 94.81 32.11 33.52
CA ILE I 171 95.45 33.39 33.80
C ILE I 171 96.76 33.18 34.56
N ALA I 172 96.70 32.41 35.63
CA ALA I 172 97.86 32.16 36.47
C ALA I 172 97.96 30.67 36.78
N MET J 1 101.89 58.73 20.09
CA MET J 1 103.24 59.33 20.10
C MET J 1 103.33 60.49 21.10
N ASN J 2 104.54 61.01 21.27
CA ASN J 2 104.89 61.72 22.49
C ASN J 2 105.62 63.02 22.19
N ASP J 3 105.54 63.96 23.14
CA ASP J 3 106.13 65.29 23.03
C ASP J 3 107.02 65.52 24.25
N VAL J 4 107.72 66.66 24.26
CA VAL J 4 108.53 66.99 25.42
C VAL J 4 107.63 67.38 26.60
N PHE J 5 106.60 68.18 26.35
CA PHE J 5 105.63 68.47 27.38
C PHE J 5 104.95 67.18 27.84
N THR J 6 104.58 66.32 26.89
CA THR J 6 103.96 65.06 27.23
C THR J 6 104.96 64.10 27.89
N ARG J 7 106.24 64.19 27.52
CA ARG J 7 107.27 63.46 28.27
C ARG J 7 107.25 63.87 29.74
N ALA J 8 107.27 65.18 29.98
CA ALA J 8 107.28 65.68 31.35
C ALA J 8 106.02 65.26 32.10
N ILE J 9 104.87 65.32 31.44
CA ILE J 9 103.62 64.87 32.05
C ILE J 9 103.66 63.38 32.36
N ALA J 10 104.28 62.59 31.49
CA ALA J 10 104.42 61.16 31.76
C ALA J 10 105.26 60.91 33.00
N GLN J 11 106.38 61.63 33.13
CA GLN J 11 107.18 61.50 34.36
C GLN J 11 106.38 61.94 35.58
N ALA J 12 105.62 63.03 35.45
CA ALA J 12 104.84 63.51 36.58
C ALA J 12 103.79 62.49 37.00
N ASP J 13 103.14 61.86 36.03
CA ASP J 13 102.06 60.92 36.35
C ASP J 13 102.61 59.62 36.92
N LEU J 14 103.72 59.12 36.37
CA LEU J 14 104.33 57.93 36.96
C LEU J 14 104.79 58.23 38.39
N LYS J 15 105.37 59.41 38.60
CA LYS J 15 105.65 59.85 39.96
C LYS J 15 104.38 60.00 40.78
N GLY J 16 103.27 60.33 40.14
CA GLY J 16 102.02 60.52 40.84
C GLY J 16 101.81 61.90 41.42
N SER J 17 102.56 62.90 40.97
CA SER J 17 102.52 64.23 41.56
C SER J 17 102.30 65.29 40.48
N PHE J 18 102.11 66.52 40.94
CA PHE J 18 102.01 67.66 40.04
C PHE J 18 103.36 67.90 39.36
N LEU J 19 103.39 68.90 38.49
CA LEU J 19 104.64 69.30 37.85
C LEU J 19 105.44 70.19 38.79
N LEU J 20 106.71 69.86 38.96
CA LEU J 20 107.58 70.67 39.80
C LEU J 20 107.97 71.96 39.08
N GLU J 21 108.36 72.95 39.87
CA GLU J 21 108.70 74.26 39.32
C GLU J 21 109.94 74.19 38.43
N SER J 22 110.86 73.26 38.74
CA SER J 22 112.03 73.08 37.88
C SER J 22 111.64 72.60 36.49
N ASP J 23 110.88 71.50 36.41
CA ASP J 23 110.45 71.02 35.12
C ASP J 23 109.56 72.04 34.42
N LEU J 24 108.74 72.75 35.19
CA LEU J 24 107.79 73.66 34.59
C LEU J 24 108.48 74.89 34.01
N ASP J 25 109.51 75.40 34.69
CA ASP J 25 110.25 76.52 34.12
C ASP J 25 111.11 76.05 32.95
N LYS J 26 111.58 74.80 33.01
CA LYS J 26 112.24 74.23 31.83
C LYS J 26 111.31 74.24 30.64
N LEU J 27 110.04 73.86 30.85
CA LEU J 27 109.07 73.86 29.77
C LEU J 27 108.79 75.27 29.26
N ALA J 28 108.75 76.25 30.17
CA ALA J 28 108.57 77.63 29.74
C ALA J 28 109.75 78.09 28.87
N SER J 29 110.97 77.72 29.26
CA SER J 29 112.13 78.08 28.46
C SER J 29 112.09 77.39 27.10
N PHE J 30 111.65 76.13 27.07
CA PHE J 30 111.47 75.45 25.80
C PHE J 30 110.45 76.16 24.93
N ALA J 31 109.38 76.65 25.54
CA ALA J 31 108.36 77.40 24.80
C ALA J 31 108.96 78.66 24.19
N LYS J 32 109.80 79.36 24.94
CA LYS J 32 110.44 80.55 24.35
C LYS J 32 111.39 80.18 23.21
N GLU J 33 112.18 79.12 23.39
CA GLU J 33 113.08 78.67 22.33
C GLU J 33 112.35 78.01 21.16
N GLY J 34 111.05 77.80 21.30
CA GLY J 34 110.28 77.20 20.23
C GLY J 34 110.36 77.94 18.92
N VAL J 35 110.58 79.25 18.95
CA VAL J 35 110.70 79.98 17.69
C VAL J 35 111.99 79.64 16.97
N LYS J 36 113.09 79.53 17.72
CA LYS J 36 114.32 79.02 17.13
C LYS J 36 114.10 77.63 16.58
N ARG J 37 113.33 76.81 17.29
CA ARG J 37 113.03 75.47 16.79
C ARG J 37 112.27 75.53 15.49
N LEU J 38 111.31 76.45 15.37
CA LEU J 38 110.54 76.59 14.15
C LEU J 38 111.47 76.95 12.99
N ASP J 39 112.42 77.85 13.23
CA ASP J 39 113.39 78.15 12.18
C ASP J 39 114.22 76.93 11.81
N ALA J 40 114.61 76.12 12.80
CA ALA J 40 115.38 74.93 12.49
C ALA J 40 114.59 73.95 11.64
N VAL J 41 113.32 73.73 12.00
CA VAL J 41 112.49 72.79 11.26
C VAL J 41 112.25 73.28 9.85
N ALA J 42 111.99 74.58 9.70
CA ALA J 42 111.81 75.13 8.36
C ALA J 42 113.08 75.03 7.55
N ALA J 43 114.24 75.19 8.20
CA ALA J 43 115.51 75.05 7.48
C ALA J 43 115.69 73.62 6.99
N LEU J 44 115.27 72.65 7.80
CA LEU J 44 115.34 71.25 7.36
C LEU J 44 114.37 70.98 6.23
N THR J 45 113.16 71.54 6.31
CA THR J 45 112.14 71.25 5.31
C THR J 45 112.44 71.91 3.98
N ASN J 46 112.80 73.19 3.99
CA ASN J 46 113.01 73.92 2.76
C ASN J 46 114.16 73.37 1.93
N ASN J 47 115.02 72.55 2.51
CA ASN J 47 116.23 72.10 1.84
C ASN J 47 116.32 70.59 1.75
N ALA J 48 115.20 69.90 1.96
CA ALA J 48 115.24 68.44 1.96
C ALA J 48 115.73 67.87 0.64
N PRO J 49 115.27 68.32 -0.53
CA PRO J 49 115.87 67.83 -1.77
C PRO J 49 117.36 68.10 -1.87
N ALA J 50 117.83 69.27 -1.42
CA ALA J 50 119.24 69.57 -1.51
C ALA J 50 120.06 68.68 -0.59
N ILE J 51 119.60 68.49 0.65
CA ILE J 51 120.30 67.62 1.58
C ILE J 51 120.35 66.20 1.03
N ILE J 52 119.22 65.71 0.54
CA ILE J 52 119.18 64.34 0.04
C ILE J 52 120.06 64.18 -1.19
N SER J 53 120.04 65.14 -2.10
CA SER J 53 120.85 65.04 -3.29
C SER J 53 122.33 65.05 -2.94
N ASP J 54 122.75 65.95 -2.05
CA ASP J 54 124.15 65.99 -1.66
C ASP J 54 124.57 64.69 -0.97
N ALA J 55 123.75 64.21 -0.04
CA ALA J 55 124.06 63.00 0.68
C ALA J 55 124.18 61.81 -0.26
N ALA J 56 123.25 61.68 -1.21
CA ALA J 56 123.29 60.56 -2.13
C ALA J 56 124.46 60.67 -3.10
N HIS J 57 124.75 61.88 -3.58
CA HIS J 57 125.88 62.07 -4.46
C HIS J 57 127.16 61.61 -3.80
N LYS J 58 127.43 62.09 -2.59
CA LYS J 58 128.67 61.66 -1.96
C LYS J 58 128.61 60.22 -1.47
N LEU J 59 127.42 59.70 -1.16
CA LEU J 59 127.30 58.30 -0.76
C LEU J 59 127.67 57.37 -1.89
N PHE J 60 127.20 57.67 -3.10
CA PHE J 60 127.55 56.84 -4.24
C PHE J 60 128.90 57.23 -4.83
N ALA J 61 129.49 58.34 -4.39
CA ALA J 61 130.91 58.54 -4.64
C ALA J 61 131.75 57.59 -3.79
N GLU J 62 131.47 57.53 -2.49
CA GLU J 62 132.25 56.67 -1.60
C GLU J 62 132.09 55.20 -1.95
N GLN J 63 130.86 54.76 -2.20
CA GLN J 63 130.56 53.35 -2.37
C GLN J 63 130.02 53.07 -3.76
N GLN J 64 130.93 52.83 -4.71
CA GLN J 64 130.54 52.39 -6.04
C GLN J 64 129.77 51.09 -6.04
N GLU J 65 130.04 50.19 -5.09
CA GLU J 65 129.48 48.86 -5.15
C GLU J 65 127.96 48.86 -5.13
N LEU J 66 127.34 49.90 -4.57
CA LEU J 66 125.89 49.92 -4.50
C LEU J 66 125.27 50.12 -5.88
N ILE J 67 125.95 50.83 -6.77
CA ILE J 67 125.38 51.18 -8.06
C ILE J 67 125.89 50.32 -9.21
N GLN J 68 126.87 49.46 -8.96
CA GLN J 68 127.24 48.48 -9.96
C GLN J 68 126.20 47.36 -9.98
N PRO J 69 126.12 46.61 -11.08
CA PRO J 69 125.26 45.43 -11.08
C PRO J 69 125.58 44.52 -9.91
N GLY J 70 124.53 44.04 -9.26
CA GLY J 70 124.69 43.29 -8.04
C GLY J 70 124.64 44.12 -6.78
N GLY J 71 124.76 45.44 -6.89
CA GLY J 71 124.64 46.31 -5.75
C GLY J 71 123.21 46.37 -5.26
N ASN J 72 123.05 47.00 -4.10
CA ASN J 72 121.72 47.11 -3.52
C ASN J 72 121.00 48.38 -3.93
N ALA J 73 121.64 49.26 -4.69
CA ALA J 73 120.97 50.40 -5.28
C ALA J 73 121.05 50.34 -6.80
N TYR J 74 121.13 49.15 -7.36
CA TYR J 74 121.52 49.06 -8.75
C TYR J 74 120.38 49.44 -9.68
N PRO J 75 119.27 48.70 -9.76
CA PRO J 75 118.25 49.05 -10.73
C PRO J 75 117.58 50.35 -10.32
N HIS J 76 116.86 50.96 -11.25
CA HIS J 76 116.13 52.18 -10.90
C HIS J 76 115.22 51.94 -9.72
N ARG J 77 114.69 50.72 -9.58
CA ARG J 77 113.76 50.44 -8.49
C ARG J 77 114.44 50.58 -7.14
N ARG J 78 115.62 49.97 -7.00
CA ARG J 78 116.29 49.99 -5.71
C ARG J 78 116.88 51.36 -5.42
N MET J 79 117.32 52.08 -6.47
CA MET J 79 117.76 53.45 -6.27
C MET J 79 116.62 54.33 -5.79
N ALA J 80 115.43 54.15 -6.37
CA ALA J 80 114.28 54.93 -5.94
C ALA J 80 113.91 54.60 -4.51
N ALA J 81 113.95 53.32 -4.14
CA ALA J 81 113.69 52.95 -2.75
C ALA J 81 114.71 53.59 -1.82
N CYS J 82 115.97 53.64 -2.24
CA CYS J 82 117.01 54.28 -1.45
C CYS J 82 116.69 55.74 -1.20
N LEU J 83 116.38 56.48 -2.25
CA LEU J 83 116.12 57.91 -2.08
C LEU J 83 114.85 58.13 -1.28
N ARG J 84 113.87 57.26 -1.44
CA ARG J 84 112.67 57.32 -0.63
C ARG J 84 112.97 57.12 0.85
N ASP J 85 113.87 56.19 1.17
CA ASP J 85 114.26 55.97 2.56
C ASP J 85 114.99 57.17 3.14
N MET J 86 115.88 57.76 2.35
CA MET J 86 116.53 58.99 2.77
C MET J 86 115.50 60.06 3.12
N GLU J 87 114.54 60.27 2.22
CA GLU J 87 113.43 61.19 2.46
C GLU J 87 112.71 60.88 3.77
N ILE J 88 112.40 59.60 4.00
CA ILE J 88 111.62 59.21 5.17
C ILE J 88 112.37 59.51 6.46
N ILE J 89 113.64 59.12 6.52
CA ILE J 89 114.43 59.32 7.73
C ILE J 89 114.57 60.81 8.02
N LEU J 90 114.85 61.60 6.99
CA LEU J 90 114.98 63.04 7.22
C LEU J 90 113.66 63.64 7.70
N ARG J 91 112.54 63.20 7.13
CA ARG J 91 111.25 63.70 7.55
C ARG J 91 110.99 63.42 9.02
N TYR J 92 111.28 62.19 9.45
CA TYR J 92 111.02 61.86 10.85
C TYR J 92 112.00 62.55 11.78
N VAL J 93 113.22 62.83 11.32
CA VAL J 93 114.15 63.61 12.14
C VAL J 93 113.62 65.02 12.33
N SER J 94 113.05 65.61 11.28
CA SER J 94 112.44 66.93 11.42
C SER J 94 111.26 66.89 12.40
N TYR J 95 110.46 65.83 12.35
CA TYR J 95 109.38 65.69 13.33
C TYR J 95 109.93 65.65 14.75
N ALA J 96 110.96 64.84 14.97
CA ALA J 96 111.56 64.74 16.30
C ALA J 96 112.13 66.08 16.75
N LEU J 97 112.72 66.82 15.82
CA LEU J 97 113.22 68.15 16.15
C LEU J 97 112.11 69.08 16.60
N LEU J 98 111.02 69.16 15.84
CA LEU J 98 109.93 70.06 16.24
C LEU J 98 109.32 69.64 17.56
N ALA J 99 109.09 68.35 17.76
CA ALA J 99 108.50 67.90 19.00
C ALA J 99 109.39 68.19 20.20
N GLY J 100 110.69 68.00 20.06
CA GLY J 100 111.60 68.14 21.18
C GLY J 100 111.99 66.84 21.82
N ASP J 101 111.43 65.73 21.38
CA ASP J 101 111.82 64.42 21.86
C ASP J 101 111.97 63.47 20.67
N ALA J 102 112.85 62.49 20.83
CA ALA J 102 113.09 61.50 19.80
C ALA J 102 112.10 60.34 19.87
N SER J 103 110.91 60.56 20.43
CA SER J 103 109.95 59.48 20.56
C SER J 103 109.37 59.08 19.22
N VAL J 104 108.95 60.05 18.40
CA VAL J 104 108.28 59.72 17.16
C VAL J 104 109.23 59.00 16.22
N LEU J 105 110.50 59.40 16.22
CA LEU J 105 111.47 58.81 15.31
C LEU J 105 111.59 57.31 15.52
N ASP J 106 111.83 56.87 16.75
CA ASP J 106 111.84 55.44 17.03
C ASP J 106 110.48 54.83 16.78
N ASP J 107 109.43 55.43 17.35
CA ASP J 107 108.13 54.76 17.43
C ASP J 107 107.51 54.56 16.05
N ARG J 108 107.93 55.32 15.05
CA ARG J 108 107.36 55.17 13.72
C ARG J 108 108.37 54.80 12.65
N CYS J 109 109.51 55.48 12.58
CA CYS J 109 110.43 55.24 11.48
C CYS J 109 111.30 54.00 11.71
N LEU J 110 111.45 53.56 12.95
CA LEU J 110 112.56 52.69 13.31
C LEU J 110 112.15 51.54 14.20
N ASN J 111 110.88 51.11 14.14
CA ASN J 111 110.46 49.94 14.91
C ASN J 111 111.13 48.67 14.40
N GLY J 112 111.07 48.45 13.09
CA GLY J 112 111.58 47.21 12.55
C GLY J 112 112.40 47.40 11.30
N LEU J 113 113.08 48.53 11.20
CA LEU J 113 113.79 48.85 9.97
C LEU J 113 115.06 48.04 9.82
N ARG J 114 115.69 47.68 10.95
CA ARG J 114 116.93 46.91 10.90
C ARG J 114 116.70 45.51 10.35
N GLU J 115 115.71 44.79 10.88
CA GLU J 115 115.47 43.46 10.37
C GLU J 115 114.87 43.51 8.96
N THR J 116 114.14 44.57 8.64
CA THR J 116 113.73 44.80 7.26
C THR J 116 114.94 44.83 6.34
N TYR J 117 115.92 45.68 6.66
CA TYR J 117 117.11 45.78 5.81
C TYR J 117 117.89 44.49 5.80
N ASN J 118 117.94 43.79 6.93
CA ASN J 118 118.66 42.52 6.97
C ASN J 118 118.02 41.50 6.06
N ALA J 119 116.69 41.39 6.10
CA ALA J 119 115.99 40.43 5.23
C ALA J 119 116.16 40.80 3.77
N LEU J 120 116.12 42.09 3.46
CA LEU J 120 116.20 42.51 2.07
C LEU J 120 117.62 42.42 1.51
N GLY J 121 118.61 42.25 2.38
CA GLY J 121 119.99 42.27 1.96
C GLY J 121 120.62 43.64 1.91
N THR J 122 119.91 44.67 2.35
CA THR J 122 120.45 46.01 2.34
C THR J 122 121.56 46.15 3.38
N PRO J 123 122.73 46.63 2.98
CA PRO J 123 123.80 46.87 3.97
C PRO J 123 123.45 48.00 4.91
N THR J 124 123.20 47.68 6.17
CA THR J 124 122.84 48.69 7.15
C THR J 124 123.96 49.68 7.39
N GLN J 125 125.20 49.26 7.15
CA GLN J 125 126.34 50.16 7.29
C GLN J 125 126.22 51.32 6.31
N SER J 126 125.87 51.03 5.06
CA SER J 126 125.74 52.09 4.07
C SER J 126 124.55 52.98 4.35
N VAL J 127 123.47 52.42 4.90
CA VAL J 127 122.35 53.26 5.31
C VAL J 127 122.77 54.23 6.39
N ALA J 128 123.50 53.74 7.40
CA ALA J 128 123.96 54.62 8.45
C ALA J 128 124.91 55.67 7.92
N ARG J 129 125.74 55.30 6.95
CA ARG J 129 126.63 56.27 6.32
C ARG J 129 125.83 57.35 5.61
N ALA J 130 124.76 56.96 4.93
CA ALA J 130 123.90 57.93 4.26
C ALA J 130 123.26 58.86 5.27
N VAL J 131 122.82 58.33 6.41
CA VAL J 131 122.23 59.19 7.43
C VAL J 131 123.26 60.16 7.99
N GLN J 132 124.50 59.71 8.12
CA GLN J 132 125.56 60.61 8.59
C GLN J 132 125.82 61.73 7.59
N LEU J 133 125.87 61.39 6.31
CA LEU J 133 126.05 62.42 5.28
C LEU J 133 124.87 63.38 5.26
N MET J 134 123.67 62.86 5.51
CA MET J 134 122.49 63.69 5.64
C MET J 134 122.64 64.65 6.81
N LYS J 135 123.18 64.17 7.93
CA LYS J 135 123.42 65.05 9.07
C LYS J 135 124.39 66.15 8.71
N ASP J 136 125.46 65.81 7.98
CA ASP J 136 126.41 66.83 7.56
C ASP J 136 125.73 67.92 6.74
N ALA J 137 124.98 67.51 5.72
CA ALA J 137 124.32 68.49 4.86
C ALA J 137 123.28 69.30 5.62
N ALA J 138 122.52 68.65 6.50
CA ALA J 138 121.52 69.36 7.27
C ALA J 138 122.14 70.37 8.21
N MET J 139 123.26 70.00 8.84
CA MET J 139 123.97 70.96 9.69
C MET J 139 124.44 72.14 8.86
N VAL J 140 124.95 71.89 7.66
CA VAL J 140 125.34 72.99 6.78
C VAL J 140 124.16 73.93 6.56
N HIS J 141 122.98 73.39 6.29
CA HIS J 141 121.82 74.22 6.00
C HIS J 141 121.20 74.85 7.23
N LEU J 142 121.47 74.32 8.42
CA LEU J 142 120.92 74.91 9.64
C LEU J 142 121.72 76.12 10.09
N LYS J 143 123.03 76.11 9.82
CA LYS J 143 123.91 77.20 10.23
C LYS J 143 123.59 78.50 9.54
N SER J 144 122.79 78.49 8.49
CA SER J 144 122.62 79.66 7.63
C SER J 144 122.12 80.85 8.44
N THR J 145 122.90 81.93 8.42
CA THR J 145 122.54 83.17 9.07
C THR J 145 121.73 84.09 8.16
N ALA J 146 121.72 83.83 6.86
CA ALA J 146 120.93 84.62 5.94
C ALA J 146 119.44 84.37 6.16
N ASN J 147 118.64 85.39 5.90
CA ASN J 147 117.18 85.27 5.89
C ASN J 147 116.64 84.92 7.27
N VAL J 148 117.41 85.22 8.31
CA VAL J 148 116.99 84.95 9.68
C VAL J 148 117.84 85.82 10.60
N THR J 149 117.29 86.16 11.76
CA THR J 149 118.02 87.01 12.69
C THR J 149 119.09 86.22 13.42
N VAL J 150 120.12 86.92 13.87
CA VAL J 150 121.31 86.27 14.40
C VAL J 150 121.14 85.99 15.88
N GLY J 151 121.60 84.81 16.30
CA GLY J 151 121.51 84.42 17.70
C GLY J 151 122.27 83.13 17.90
N ASP J 152 122.17 82.60 19.11
CA ASP J 152 122.78 81.33 19.45
C ASP J 152 121.70 80.26 19.51
N CYS J 153 121.95 79.14 18.83
CA CYS J 153 121.02 78.02 18.79
C CYS J 153 121.79 76.71 18.88
N SER J 154 122.96 76.74 19.52
CA SER J 154 123.78 75.55 19.64
C SER J 154 123.03 74.42 20.33
N SER J 155 122.04 74.75 21.16
CA SER J 155 121.17 73.72 21.71
C SER J 155 120.45 72.97 20.61
N LEU J 156 119.89 73.71 19.64
CA LEU J 156 119.23 73.09 18.51
C LEU J 156 120.20 72.25 17.69
N TYR J 157 121.41 72.77 17.45
CA TYR J 157 122.35 72.02 16.63
C TYR J 157 122.73 70.72 17.31
N SER J 158 122.99 70.77 18.61
CA SER J 158 123.29 69.54 19.35
C SER J 158 122.13 68.58 19.29
N GLU J 159 120.91 69.07 19.50
CA GLU J 159 119.75 68.19 19.54
C GLU J 159 119.50 67.54 18.19
N ALA J 160 119.67 68.31 17.10
CA ALA J 160 119.49 67.75 15.76
C ALA J 160 120.56 66.72 15.44
N ALA J 161 121.81 67.00 15.83
CA ALA J 161 122.88 66.02 15.64
C ALA J 161 122.56 64.74 16.40
N THR J 162 122.03 64.86 17.62
CA THR J 162 121.67 63.68 18.39
C THR J 162 120.55 62.90 17.72
N TYR J 163 119.58 63.60 17.15
CA TYR J 163 118.49 62.90 16.45
C TYR J 163 119.04 62.13 15.24
N PHE J 164 119.89 62.77 14.45
CA PHE J 164 120.47 62.09 13.29
C PHE J 164 121.29 60.89 13.71
N ASP J 165 122.09 61.06 14.77
CA ASP J 165 122.94 59.96 15.22
C ASP J 165 122.11 58.85 15.84
N LYS J 166 120.99 59.18 16.47
CA LYS J 166 120.12 58.16 17.03
C LYS J 166 119.47 57.35 15.93
N ALA J 167 119.02 58.01 14.87
CA ALA J 167 118.49 57.28 13.73
C ALA J 167 119.54 56.37 13.13
N ALA J 168 120.75 56.89 12.91
CA ALA J 168 121.81 56.10 12.32
C ALA J 168 122.20 54.92 13.20
N ALA J 169 122.25 55.13 14.51
CA ALA J 169 122.58 54.05 15.43
C ALA J 169 121.48 53.00 15.50
N SER J 170 120.22 53.41 15.31
CA SER J 170 119.15 52.42 15.25
C SER J 170 119.20 51.64 13.94
N ILE J 171 119.74 52.24 12.87
CA ILE J 171 119.83 51.54 11.59
C ILE J 171 120.73 50.33 11.70
N ALA J 172 121.94 50.50 12.24
CA ALA J 172 122.96 49.45 12.20
C ALA J 172 123.46 49.09 13.60
N MET K 1 61.52 43.71 9.37
CA MET K 1 61.46 42.36 9.92
C MET K 1 60.84 42.32 11.31
N ASN K 2 59.62 41.80 11.38
CA ASN K 2 58.98 41.51 12.64
C ASN K 2 57.94 40.42 12.42
N ASP K 3 57.57 39.76 13.50
CA ASP K 3 56.60 38.70 13.48
C ASP K 3 55.23 39.25 13.88
N VAL K 4 54.27 38.35 14.10
CA VAL K 4 52.93 38.78 14.46
C VAL K 4 52.93 39.46 15.82
N PHE K 5 53.72 38.93 16.77
CA PHE K 5 53.82 39.53 18.09
C PHE K 5 54.30 40.96 18.02
N THR K 6 55.40 41.18 17.31
CA THR K 6 55.95 42.52 17.21
C THR K 6 55.05 43.42 16.39
N ARG K 7 54.29 42.87 15.45
CA ARG K 7 53.29 43.67 14.76
C ARG K 7 52.28 44.23 15.74
N ALA K 8 51.71 43.35 16.57
CA ALA K 8 50.77 43.79 17.58
C ALA K 8 51.41 44.81 18.50
N ILE K 9 52.67 44.60 18.86
CA ILE K 9 53.37 45.54 19.74
C ILE K 9 53.49 46.90 19.07
N ALA K 10 53.80 46.93 17.78
CA ALA K 10 53.93 48.20 17.08
C ALA K 10 52.59 48.93 16.98
N GLN K 11 51.51 48.23 16.64
CA GLN K 11 50.21 48.89 16.64
C GLN K 11 49.83 49.40 18.03
N ALA K 12 50.13 48.63 19.08
CA ALA K 12 49.86 49.13 20.42
C ALA K 12 50.69 50.36 20.73
N ASP K 13 51.95 50.36 20.31
CA ASP K 13 52.87 51.45 20.66
C ASP K 13 52.49 52.75 19.97
N LEU K 14 52.07 52.69 18.71
CA LEU K 14 51.66 53.91 18.01
C LEU K 14 50.49 54.58 18.73
N LYS K 15 49.50 53.80 19.15
CA LYS K 15 48.45 54.38 19.98
C LYS K 15 48.99 54.83 21.32
N GLY K 16 49.90 54.05 21.91
CA GLY K 16 50.47 54.39 23.20
C GLY K 16 49.78 53.67 24.32
N SER K 17 49.25 52.48 24.05
CA SER K 17 48.40 51.77 24.99
C SER K 17 48.95 50.37 25.20
N PHE K 18 48.55 49.75 26.29
CA PHE K 18 48.83 48.35 26.51
C PHE K 18 48.15 47.52 25.43
N LEU K 19 48.60 46.28 25.27
CA LEU K 19 47.85 45.36 24.42
C LEU K 19 46.52 45.03 25.07
N LEU K 20 45.46 45.07 24.27
CA LEU K 20 44.14 44.78 24.78
C LEU K 20 44.00 43.29 25.05
N GLU K 21 42.97 42.93 25.80
CA GLU K 21 42.73 41.53 26.11
C GLU K 21 42.47 40.72 24.84
N SER K 22 41.76 41.33 23.87
CA SER K 22 41.53 40.65 22.60
C SER K 22 42.84 40.39 21.87
N ASP K 23 43.75 41.37 21.86
CA ASP K 23 45.04 41.17 21.21
C ASP K 23 45.84 40.08 21.87
N LEU K 24 45.86 40.07 23.21
CA LEU K 24 46.60 39.03 23.92
C LEU K 24 46.01 37.65 23.63
N ASP K 25 44.69 37.54 23.58
CA ASP K 25 44.06 36.28 23.22
C ASP K 25 44.44 35.85 21.81
N LYS K 26 44.48 36.81 20.88
CA LYS K 26 44.86 36.49 19.51
C LYS K 26 46.28 35.94 19.46
N LEU K 27 47.21 36.60 20.14
CA LEU K 27 48.59 36.14 20.13
C LEU K 27 48.74 34.80 20.83
N ALA K 28 47.96 34.56 21.89
CA ALA K 28 48.02 33.27 22.55
C ALA K 28 47.48 32.15 21.67
N SER K 29 46.42 32.43 20.91
CA SER K 29 45.94 31.45 19.95
C SER K 29 46.98 31.18 18.88
N PHE K 30 47.68 32.22 18.44
CA PHE K 30 48.77 32.02 17.50
C PHE K 30 49.82 31.09 18.09
N ALA K 31 50.18 31.31 19.35
CA ALA K 31 51.18 30.48 19.99
C ALA K 31 50.70 29.04 20.12
N LYS K 32 49.40 28.86 20.36
CA LYS K 32 48.86 27.52 20.52
C LYS K 32 48.80 26.77 19.20
N GLU K 33 48.59 27.48 18.09
CA GLU K 33 48.67 26.85 16.77
C GLU K 33 50.08 26.82 16.20
N GLY K 34 51.04 27.39 16.91
CA GLY K 34 52.42 27.39 16.46
C GLY K 34 52.98 26.02 16.13
N VAL K 35 52.47 24.96 16.74
CA VAL K 35 52.99 23.64 16.47
C VAL K 35 52.62 23.21 15.05
N LYS K 36 51.35 23.40 14.67
CA LYS K 36 50.95 23.17 13.29
C LYS K 36 51.71 24.08 12.35
N ARG K 37 52.01 25.30 12.80
CA ARG K 37 52.81 26.20 11.97
C ARG K 37 54.19 25.61 11.72
N LEU K 38 54.81 25.05 12.75
CA LEU K 38 56.11 24.42 12.57
C LEU K 38 56.02 23.23 11.64
N ASP K 39 54.94 22.47 11.73
CA ASP K 39 54.74 21.36 10.81
C ASP K 39 54.71 21.85 9.37
N ALA K 40 53.97 22.93 9.10
CA ALA K 40 53.88 23.44 7.74
C ALA K 40 55.23 23.97 7.26
N VAL K 41 55.95 24.68 8.12
CA VAL K 41 57.28 25.15 7.75
C VAL K 41 58.20 23.98 7.43
N ALA K 42 58.10 22.89 8.20
CA ALA K 42 58.93 21.73 7.92
C ALA K 42 58.52 21.05 6.62
N ALA K 43 57.23 21.05 6.31
CA ALA K 43 56.78 20.51 5.04
C ALA K 43 57.36 21.28 3.88
N LEU K 44 57.42 22.61 4.00
CA LEU K 44 58.07 23.41 2.97
C LEU K 44 59.56 23.13 2.89
N THR K 45 60.24 23.10 4.04
CA THR K 45 61.69 22.97 4.03
C THR K 45 62.15 21.61 3.52
N ASN K 46 61.41 20.55 3.86
CA ASN K 46 61.85 19.22 3.48
C ASN K 46 61.70 18.96 2.00
N ASN K 47 60.59 19.41 1.41
CA ASN K 47 60.24 19.07 0.04
C ASN K 47 60.55 20.20 -0.92
N ALA K 48 61.45 21.09 -0.53
CA ALA K 48 61.82 22.21 -1.40
C ALA K 48 62.40 21.76 -2.73
N PRO K 49 63.35 20.81 -2.79
CA PRO K 49 63.86 20.40 -4.10
C PRO K 49 62.78 19.88 -5.02
N ALA K 50 61.85 19.09 -4.51
CA ALA K 50 60.77 18.56 -5.34
C ALA K 50 59.86 19.69 -5.80
N ILE K 51 59.54 20.61 -4.90
CA ILE K 51 58.69 21.73 -5.26
C ILE K 51 59.28 22.51 -6.42
N ILE K 52 60.56 22.86 -6.31
CA ILE K 52 61.19 23.69 -7.33
C ILE K 52 61.42 22.92 -8.62
N SER K 53 61.77 21.63 -8.54
CA SER K 53 61.89 20.85 -9.76
C SER K 53 60.56 20.79 -10.49
N ASP K 54 59.46 20.58 -9.76
CA ASP K 54 58.15 20.51 -10.39
C ASP K 54 57.78 21.83 -11.03
N ALA K 55 57.96 22.93 -10.29
CA ALA K 55 57.61 24.24 -10.82
C ALA K 55 58.46 24.59 -12.03
N ALA K 56 59.75 24.21 -12.03
CA ALA K 56 60.60 24.43 -13.19
C ALA K 56 60.12 23.62 -14.39
N HIS K 57 59.78 22.35 -14.18
CA HIS K 57 59.30 21.52 -15.27
C HIS K 57 58.05 22.12 -15.89
N LYS K 58 57.08 22.50 -15.06
CA LYS K 58 55.87 23.10 -15.59
C LYS K 58 56.13 24.45 -16.26
N LEU K 59 57.01 25.27 -15.68
CA LEU K 59 57.26 26.58 -16.27
C LEU K 59 57.89 26.46 -17.64
N PHE K 60 58.84 25.54 -17.80
CA PHE K 60 59.50 25.42 -19.09
C PHE K 60 58.72 24.57 -20.07
N ALA K 61 57.78 23.76 -19.61
CA ALA K 61 56.86 23.11 -20.55
C ALA K 61 55.82 24.10 -21.05
N GLU K 62 55.36 24.97 -20.16
CA GLU K 62 54.40 25.99 -20.54
C GLU K 62 55.03 27.07 -21.40
N GLN K 63 56.21 27.55 -21.01
CA GLN K 63 56.85 28.67 -21.68
C GLN K 63 58.17 28.21 -22.28
N GLN K 64 58.10 27.58 -23.45
CA GLN K 64 59.26 27.02 -24.10
C GLN K 64 60.25 28.06 -24.57
N GLU K 65 59.83 29.32 -24.73
CA GLU K 65 60.74 30.32 -25.27
C GLU K 65 61.86 30.65 -24.31
N LEU K 66 61.74 30.27 -23.04
CA LEU K 66 62.77 30.61 -22.07
C LEU K 66 63.99 29.72 -22.23
N ILE K 67 63.79 28.47 -22.61
CA ILE K 67 64.85 27.48 -22.65
C ILE K 67 65.38 27.23 -24.06
N GLN K 68 64.95 28.00 -25.03
CA GLN K 68 65.52 27.75 -26.33
C GLN K 68 66.49 28.87 -26.71
N PRO K 69 67.38 28.64 -27.67
CA PRO K 69 68.49 29.57 -27.90
C PRO K 69 68.03 31.00 -28.08
N GLY K 70 68.54 31.87 -27.23
CA GLY K 70 68.08 33.22 -27.08
C GLY K 70 67.19 33.45 -25.89
N GLY K 71 66.60 32.40 -25.35
CA GLY K 71 65.69 32.54 -24.24
C GLY K 71 66.39 32.94 -22.97
N ASN K 72 65.60 33.51 -22.05
CA ASN K 72 66.20 34.07 -20.86
C ASN K 72 66.73 33.03 -19.90
N ALA K 73 66.33 31.77 -20.03
CA ALA K 73 66.86 30.70 -19.20
C ALA K 73 67.71 29.74 -20.03
N TYR K 74 68.24 30.20 -21.14
CA TYR K 74 68.78 29.24 -22.09
C TYR K 74 70.11 28.63 -21.67
N PRO K 75 71.21 29.38 -21.58
CA PRO K 75 72.49 28.74 -21.24
C PRO K 75 72.42 28.23 -19.81
N HIS K 76 73.34 27.33 -19.48
CA HIS K 76 73.35 26.81 -18.12
C HIS K 76 73.39 27.91 -17.08
N ARG K 77 74.09 29.01 -17.35
CA ARG K 77 74.20 30.05 -16.33
C ARG K 77 72.84 30.59 -15.97
N ARG K 78 72.03 30.90 -16.97
CA ARG K 78 70.75 31.54 -16.69
C ARG K 78 69.73 30.56 -16.17
N MET K 79 69.85 29.29 -16.56
CA MET K 79 69.01 28.27 -15.96
C MET K 79 69.31 28.13 -14.47
N ALA K 80 70.60 28.12 -14.13
CA ALA K 80 70.99 28.05 -12.73
C ALA K 80 70.50 29.27 -11.96
N ALA K 81 70.58 30.45 -12.57
CA ALA K 81 70.04 31.65 -11.93
C ALA K 81 68.55 31.53 -11.70
N CYS K 82 67.81 30.99 -12.66
CA CYS K 82 66.37 30.82 -12.51
C CYS K 82 66.04 29.88 -11.35
N LEU K 83 66.67 28.72 -11.33
CA LEU K 83 66.39 27.75 -10.27
C LEU K 83 66.82 28.28 -8.92
N ARG K 84 67.91 29.04 -8.88
CA ARG K 84 68.36 29.66 -7.65
C ARG K 84 67.35 30.66 -7.13
N ASP K 85 66.78 31.46 -8.03
CA ASP K 85 65.77 32.43 -7.62
C ASP K 85 64.55 31.73 -7.05
N MET K 86 64.14 30.62 -7.67
CA MET K 86 63.03 29.86 -7.12
C MET K 86 63.34 29.35 -5.72
N GLU K 87 64.54 28.77 -5.53
CA GLU K 87 65.05 28.44 -4.19
C GLU K 87 64.87 29.59 -3.22
N ILE K 88 65.35 30.77 -3.60
CA ILE K 88 65.39 31.92 -2.68
C ILE K 88 63.99 32.31 -2.27
N ILE K 89 63.10 32.46 -3.24
CA ILE K 89 61.75 32.93 -2.93
C ILE K 89 61.00 31.92 -2.09
N LEU K 90 61.21 30.63 -2.35
CA LEU K 90 60.60 29.62 -1.49
C LEU K 90 61.15 29.73 -0.06
N ARG K 91 62.44 29.99 0.06
CA ARG K 91 63.06 30.15 1.36
C ARG K 91 62.40 31.28 2.15
N TYR K 92 62.24 32.42 1.50
CA TYR K 92 61.68 33.57 2.20
C TYR K 92 60.20 33.40 2.48
N VAL K 93 59.49 32.66 1.63
CA VAL K 93 58.11 32.32 1.95
C VAL K 93 58.04 31.48 3.21
N SER K 94 58.91 30.49 3.34
CA SER K 94 58.90 29.68 4.56
C SER K 94 59.25 30.51 5.79
N TYR K 95 60.22 31.42 5.65
CA TYR K 95 60.52 32.35 6.73
C TYR K 95 59.27 33.10 7.16
N ALA K 96 58.55 33.68 6.19
CA ALA K 96 57.35 34.43 6.50
C ALA K 96 56.29 33.55 7.13
N LEU K 97 56.19 32.30 6.69
CA LEU K 97 55.23 31.38 7.27
C LEU K 97 55.51 31.13 8.73
N LEU K 98 56.78 30.95 9.07
CA LEU K 98 57.13 30.79 10.49
C LEU K 98 56.82 32.04 11.28
N ALA K 99 57.27 33.20 10.79
CA ALA K 99 57.10 34.43 11.54
C ALA K 99 55.65 34.79 11.73
N GLY K 100 54.77 34.32 10.86
CA GLY K 100 53.39 34.75 10.89
C GLY K 100 53.17 36.10 10.25
N ASP K 101 54.22 36.71 9.71
CA ASP K 101 54.13 38.01 9.07
C ASP K 101 54.99 38.01 7.82
N ALA K 102 54.49 38.64 6.76
CA ALA K 102 55.19 38.71 5.49
C ALA K 102 56.25 39.78 5.46
N SER K 103 56.56 40.40 6.59
CA SER K 103 57.51 41.50 6.61
C SER K 103 58.88 41.06 6.15
N VAL K 104 59.33 39.88 6.56
CA VAL K 104 60.65 39.41 6.12
C VAL K 104 60.67 39.21 4.61
N LEU K 105 59.61 38.61 4.07
CA LEU K 105 59.54 38.39 2.63
C LEU K 105 59.60 39.72 1.88
N ASP K 106 58.72 40.65 2.23
CA ASP K 106 58.66 41.93 1.52
C ASP K 106 59.93 42.73 1.71
N ASP K 107 60.45 42.79 2.93
CA ASP K 107 61.60 43.63 3.21
C ASP K 107 62.87 43.09 2.58
N ARG K 108 63.14 41.80 2.74
CA ARG K 108 64.44 41.27 2.39
C ARG K 108 64.48 40.60 1.03
N CYS K 109 63.34 40.19 0.48
CA CYS K 109 63.34 39.48 -0.79
C CYS K 109 62.67 40.28 -1.89
N LEU K 110 61.41 40.64 -1.72
CA LEU K 110 60.59 41.07 -2.84
C LEU K 110 60.86 42.50 -3.26
N ASN K 111 61.52 43.29 -2.41
CA ASN K 111 61.33 44.73 -2.48
C ASN K 111 61.84 45.31 -3.79
N GLY K 112 63.08 45.05 -4.15
CA GLY K 112 63.62 45.67 -5.33
C GLY K 112 63.78 44.68 -6.46
N LEU K 113 62.99 43.62 -6.42
CA LEU K 113 63.24 42.49 -7.29
C LEU K 113 62.62 42.70 -8.67
N ARG K 114 61.49 43.40 -8.73
CA ARG K 114 60.96 43.83 -10.02
C ARG K 114 61.95 44.70 -10.76
N GLU K 115 62.61 45.61 -10.05
CA GLU K 115 63.59 46.49 -10.68
C GLU K 115 64.79 45.70 -11.16
N THR K 116 65.21 44.69 -10.40
CA THR K 116 66.30 43.83 -10.83
C THR K 116 65.93 43.11 -12.11
N TYR K 117 64.72 42.57 -12.17
CA TYR K 117 64.32 41.79 -13.35
C TYR K 117 64.04 42.68 -14.54
N ASN K 118 63.67 43.93 -14.30
CA ASN K 118 63.55 44.87 -15.40
C ASN K 118 64.93 45.22 -15.95
N ALA K 119 65.88 45.53 -15.07
CA ALA K 119 67.21 45.88 -15.53
C ALA K 119 67.87 44.75 -16.28
N LEU K 120 67.74 43.53 -15.78
CA LEU K 120 68.36 42.38 -16.43
C LEU K 120 67.65 41.91 -17.67
N GLY K 121 66.47 42.47 -17.97
CA GLY K 121 65.68 41.99 -19.07
C GLY K 121 65.10 40.61 -18.85
N THR K 122 64.68 40.29 -17.66
CA THR K 122 64.03 39.05 -17.29
C THR K 122 62.52 39.22 -17.32
N PRO K 123 61.77 38.26 -17.83
CA PRO K 123 60.32 38.41 -17.86
C PRO K 123 59.70 38.30 -16.48
N THR K 124 59.28 39.43 -15.91
CA THR K 124 58.70 39.41 -14.58
C THR K 124 57.42 38.58 -14.54
N GLN K 125 56.65 38.57 -15.62
CA GLN K 125 55.45 37.75 -15.66
C GLN K 125 55.78 36.28 -15.58
N SER K 126 56.87 35.86 -16.23
CA SER K 126 57.29 34.47 -16.13
C SER K 126 57.75 34.13 -14.71
N VAL K 127 58.40 35.07 -14.04
CA VAL K 127 58.78 34.83 -12.65
C VAL K 127 57.56 34.68 -11.78
N ALA K 128 56.55 35.52 -12.00
CA ALA K 128 55.30 35.39 -11.24
C ALA K 128 54.64 34.05 -11.52
N ARG K 129 54.67 33.60 -12.77
CA ARG K 129 54.15 32.29 -13.10
C ARG K 129 54.89 31.18 -12.36
N ALA K 130 56.21 31.32 -12.25
CA ALA K 130 56.99 30.32 -11.53
C ALA K 130 56.64 30.31 -10.06
N VAL K 131 56.46 31.48 -9.47
CA VAL K 131 56.03 31.57 -8.08
C VAL K 131 54.68 30.91 -7.90
N GLN K 132 53.78 31.05 -8.87
CA GLN K 132 52.46 30.43 -8.76
C GLN K 132 52.54 28.91 -8.84
N LEU K 133 53.31 28.39 -9.79
CA LEU K 133 53.47 26.95 -9.89
C LEU K 133 54.09 26.39 -8.63
N MET K 134 55.07 27.10 -8.08
CA MET K 134 55.74 26.69 -6.87
C MET K 134 54.80 26.77 -5.68
N LYS K 135 53.85 27.72 -5.71
CA LYS K 135 52.74 27.71 -4.76
C LYS K 135 51.94 26.43 -4.82
N ASP K 136 51.52 26.02 -6.02
CA ASP K 136 50.67 24.84 -6.13
C ASP K 136 51.39 23.59 -5.65
N ALA K 137 52.66 23.44 -6.03
CA ALA K 137 53.44 22.30 -5.55
C ALA K 137 53.58 22.32 -4.03
N ALA K 138 53.86 23.50 -3.47
CA ALA K 138 54.00 23.61 -2.02
C ALA K 138 52.70 23.25 -1.32
N MET K 139 51.56 23.67 -1.89
CA MET K 139 50.28 23.33 -1.29
C MET K 139 50.04 21.83 -1.34
N VAL K 140 50.45 21.17 -2.41
CA VAL K 140 50.36 19.71 -2.45
C VAL K 140 51.17 19.11 -1.31
N HIS K 141 52.34 19.67 -1.04
CA HIS K 141 53.20 19.07 -0.03
C HIS K 141 52.76 19.38 1.39
N LEU K 142 52.16 20.54 1.63
CA LEU K 142 51.71 20.87 2.98
C LEU K 142 50.56 19.97 3.42
N LYS K 143 49.59 19.77 2.52
CA LYS K 143 48.39 19.02 2.86
C LYS K 143 48.67 17.53 3.07
N SER K 144 49.91 17.09 2.93
CA SER K 144 50.23 15.68 3.15
C SER K 144 50.01 15.32 4.61
N THR K 145 49.06 14.43 4.85
CA THR K 145 48.71 14.01 6.20
C THR K 145 49.60 12.89 6.72
N ALA K 146 50.50 12.39 5.88
CA ALA K 146 51.39 11.31 6.30
C ALA K 146 52.40 11.82 7.32
N ASN K 147 52.65 11.00 8.33
CA ASN K 147 53.67 11.22 9.35
C ASN K 147 53.40 12.43 10.24
N VAL K 148 52.19 12.98 10.20
CA VAL K 148 51.86 14.17 10.98
C VAL K 148 50.47 13.96 11.58
N THR K 149 50.31 14.37 12.85
CA THR K 149 49.03 14.19 13.53
C THR K 149 47.94 14.99 12.82
N VAL K 150 46.81 14.35 12.60
CA VAL K 150 45.77 14.89 11.75
C VAL K 150 44.97 15.95 12.49
N GLY K 151 44.61 17.00 11.77
CA GLY K 151 43.82 18.08 12.34
C GLY K 151 43.63 19.17 11.31
N ASP K 152 42.73 20.09 11.65
CA ASP K 152 42.43 21.18 10.73
C ASP K 152 43.59 22.16 10.66
N CYS K 153 43.97 22.53 9.44
CA CYS K 153 45.05 23.47 9.23
C CYS K 153 44.74 24.42 8.09
N SER K 154 43.46 24.73 7.88
CA SER K 154 43.05 25.55 6.75
C SER K 154 43.64 26.96 6.85
N SER K 155 43.75 27.48 8.06
CA SER K 155 44.30 28.82 8.24
C SER K 155 45.73 28.89 7.74
N LEU K 156 46.53 27.87 8.03
CA LEU K 156 47.90 27.84 7.55
C LEU K 156 47.96 27.77 6.03
N TYR K 157 47.10 26.95 5.42
CA TYR K 157 47.09 26.83 3.97
C TYR K 157 46.76 28.17 3.32
N SER K 158 45.72 28.83 3.83
CA SER K 158 45.34 30.13 3.28
C SER K 158 46.44 31.16 3.48
N GLU K 159 47.11 31.12 4.64
CA GLU K 159 48.17 32.08 4.92
C GLU K 159 49.36 31.88 3.98
N ALA K 160 49.75 30.62 3.76
CA ALA K 160 50.84 30.36 2.83
C ALA K 160 50.47 30.77 1.42
N ALA K 161 49.20 30.57 1.04
CA ALA K 161 48.75 31.02 -0.25
C ALA K 161 48.84 32.54 -0.36
N THR K 162 48.48 33.25 0.72
CA THR K 162 48.61 34.70 0.70
C THR K 162 50.05 35.12 0.51
N TYR K 163 50.98 34.44 1.18
CA TYR K 163 52.40 34.78 1.02
C TYR K 163 52.88 34.54 -0.40
N PHE K 164 52.53 33.40 -0.98
CA PHE K 164 52.93 33.11 -2.35
C PHE K 164 52.32 34.11 -3.33
N ASP K 165 51.05 34.46 -3.12
CA ASP K 165 50.40 35.43 -4.00
C ASP K 165 51.01 36.81 -3.86
N LYS K 166 51.40 37.19 -2.64
CA LYS K 166 52.05 38.47 -2.44
C LYS K 166 53.40 38.51 -3.15
N ALA K 167 54.15 37.42 -3.07
CA ALA K 167 55.41 37.35 -3.80
C ALA K 167 55.17 37.48 -5.30
N ALA K 168 54.17 36.76 -5.82
CA ALA K 168 53.89 36.82 -7.24
C ALA K 168 53.47 38.22 -7.67
N ALA K 169 52.65 38.88 -6.86
CA ALA K 169 52.15 40.21 -7.21
C ALA K 169 53.24 41.27 -7.09
N SER K 170 54.19 41.07 -6.19
CA SER K 170 55.29 42.04 -6.08
C SER K 170 56.26 41.89 -7.23
N ILE K 171 56.60 40.65 -7.60
CA ILE K 171 57.55 40.45 -8.69
C ILE K 171 56.98 40.94 -10.01
N ALA K 172 55.74 40.59 -10.30
CA ALA K 172 55.14 40.92 -11.57
C ALA K 172 55.00 42.42 -11.75
N MET L 1 86.06 72.85 1.70
CA MET L 1 85.84 73.80 2.78
C MET L 1 86.45 75.15 2.45
N ASN L 2 85.75 76.21 2.80
CA ASN L 2 86.19 77.56 2.53
C ASN L 2 86.01 78.43 3.77
N ASP L 3 86.94 79.36 3.96
CA ASP L 3 86.76 80.48 4.85
C ASP L 3 86.69 81.75 4.02
N VAL L 4 86.65 82.90 4.70
CA VAL L 4 86.61 84.17 3.98
C VAL L 4 87.84 84.32 3.09
N PHE L 5 89.00 83.88 3.58
CA PHE L 5 90.22 84.05 2.81
C PHE L 5 90.19 83.22 1.55
N THR L 6 89.88 81.93 1.67
CA THR L 6 89.85 81.08 0.49
C THR L 6 88.74 81.48 -0.45
N ARG L 7 87.64 82.03 0.08
CA ARG L 7 86.56 82.50 -0.78
C ARG L 7 87.00 83.68 -1.61
N ALA L 8 87.66 84.66 -0.98
CA ALA L 8 88.18 85.80 -1.73
C ALA L 8 89.19 85.34 -2.77
N ILE L 9 90.05 84.40 -2.39
CA ILE L 9 91.06 83.90 -3.31
C ILE L 9 90.42 83.20 -4.50
N ALA L 10 89.40 82.38 -4.26
CA ALA L 10 88.74 81.69 -5.36
C ALA L 10 88.04 82.67 -6.29
N GLN L 11 87.38 83.68 -5.74
CA GLN L 11 86.75 84.69 -6.58
C GLN L 11 87.79 85.41 -7.42
N ALA L 12 88.91 85.80 -6.82
CA ALA L 12 89.95 86.48 -7.59
C ALA L 12 90.53 85.59 -8.67
N ASP L 13 90.77 84.32 -8.35
CA ASP L 13 91.32 83.38 -9.32
C ASP L 13 90.35 83.14 -10.47
N LEU L 14 89.04 83.28 -10.22
CA LEU L 14 88.08 83.06 -11.28
C LEU L 14 88.30 84.01 -12.44
N LYS L 15 88.60 85.26 -12.14
CA LYS L 15 88.94 86.24 -13.16
C LYS L 15 90.45 86.33 -13.40
N GLY L 16 91.23 85.48 -12.75
CA GLY L 16 92.66 85.39 -13.01
C GLY L 16 93.44 86.61 -12.63
N SER L 17 93.07 87.24 -11.51
CA SER L 17 93.70 88.48 -11.09
C SER L 17 94.17 88.34 -9.65
N PHE L 18 95.17 89.15 -9.30
CA PHE L 18 95.67 89.19 -7.95
C PHE L 18 94.60 89.74 -7.01
N LEU L 19 94.83 89.58 -5.72
CA LEU L 19 93.90 90.12 -4.74
C LEU L 19 94.07 91.63 -4.66
N LEU L 20 92.97 92.35 -4.83
CA LEU L 20 93.01 93.81 -4.78
C LEU L 20 93.32 94.29 -3.37
N GLU L 21 93.71 95.56 -3.28
CA GLU L 21 93.98 96.14 -1.98
C GLU L 21 92.73 96.19 -1.12
N SER L 22 91.57 96.46 -1.73
CA SER L 22 90.32 96.46 -0.97
C SER L 22 90.10 95.11 -0.30
N ASP L 23 90.31 94.02 -1.05
CA ASP L 23 90.14 92.69 -0.48
C ASP L 23 91.14 92.44 0.62
N LEU L 24 92.38 92.89 0.45
CA LEU L 24 93.39 92.68 1.47
C LEU L 24 93.03 93.42 2.75
N ASP L 25 92.52 94.64 2.64
CA ASP L 25 92.11 95.36 3.85
C ASP L 25 90.92 94.70 4.51
N LYS L 26 89.98 94.16 3.73
CA LYS L 26 88.87 93.43 4.34
C LYS L 26 89.36 92.20 5.09
N LEU L 27 90.31 91.48 4.50
CA LEU L 27 90.83 90.29 5.18
C LEU L 27 91.68 90.66 6.39
N ALA L 28 92.39 91.78 6.32
CA ALA L 28 93.13 92.25 7.49
C ALA L 28 92.19 92.64 8.62
N SER L 29 91.05 93.25 8.28
CA SER L 29 90.00 93.44 9.28
C SER L 29 89.62 92.11 9.90
N PHE L 30 89.17 91.16 9.08
CA PHE L 30 88.74 89.87 9.60
C PHE L 30 89.78 89.28 10.53
N ALA L 31 91.05 89.36 10.16
CA ALA L 31 92.11 88.85 11.03
C ALA L 31 92.16 89.61 12.35
N LYS L 32 91.99 90.93 12.31
CA LYS L 32 92.10 91.72 13.54
C LYS L 32 90.96 91.42 14.50
N GLU L 33 89.73 91.29 13.99
CA GLU L 33 88.61 90.82 14.80
C GLU L 33 88.61 89.31 15.00
N GLY L 34 89.66 88.63 14.55
CA GLY L 34 89.77 87.20 14.79
C GLY L 34 89.69 86.80 16.24
N VAL L 35 90.21 87.62 17.16
CA VAL L 35 90.18 87.23 18.56
C VAL L 35 88.75 87.29 19.12
N LYS L 36 88.01 88.33 18.76
CA LYS L 36 86.59 88.37 19.12
C LYS L 36 85.85 87.18 18.54
N ARG L 37 86.19 86.81 17.31
CA ARG L 37 85.58 85.63 16.70
C ARG L 37 85.90 84.37 17.50
N LEU L 38 87.14 84.25 17.95
CA LEU L 38 87.54 83.09 18.75
C LEU L 38 86.75 83.02 20.04
N ASP L 39 86.54 84.15 20.71
CA ASP L 39 85.73 84.14 21.92
C ASP L 39 84.28 83.77 21.63
N ALA L 40 83.75 84.23 20.51
CA ALA L 40 82.39 83.81 20.14
C ALA L 40 82.32 82.30 19.94
N VAL L 41 83.30 81.75 19.23
CA VAL L 41 83.32 80.31 18.97
C VAL L 41 83.46 79.54 20.26
N ALA L 42 84.33 80.00 21.16
CA ALA L 42 84.48 79.34 22.44
C ALA L 42 83.21 79.40 23.26
N ALA L 43 82.51 80.53 23.22
CA ALA L 43 81.23 80.61 23.92
C ALA L 43 80.24 79.58 23.39
N LEU L 44 80.16 79.45 22.06
CA LEU L 44 79.29 78.45 21.48
C LEU L 44 79.69 77.04 21.89
N THR L 45 81.00 76.76 21.86
CA THR L 45 81.47 75.42 22.18
C THR L 45 81.21 75.06 23.63
N ASN L 46 81.61 75.94 24.55
CA ASN L 46 81.64 75.58 25.96
C ASN L 46 80.24 75.51 26.56
N ASN L 47 79.29 76.23 26.01
CA ASN L 47 77.94 76.27 26.56
C ASN L 47 76.99 75.37 25.78
N ALA L 48 77.53 74.51 24.92
CA ALA L 48 76.69 73.71 24.03
C ALA L 48 75.71 72.82 24.77
N PRO L 49 76.09 72.07 25.81
CA PRO L 49 75.07 71.28 26.51
C PRO L 49 73.95 72.13 27.07
N ALA L 50 74.27 73.30 27.61
CA ALA L 50 73.24 74.17 28.15
C ALA L 50 72.35 74.72 27.04
N ILE L 51 72.95 75.08 25.91
CA ILE L 51 72.18 75.57 24.78
C ILE L 51 71.18 74.51 24.32
N ILE L 52 71.67 73.29 24.12
CA ILE L 52 70.81 72.24 23.60
C ILE L 52 69.76 71.85 24.62
N SER L 53 70.11 71.84 25.91
CA SER L 53 69.14 71.50 26.93
C SER L 53 68.02 72.53 26.99
N ASP L 54 68.36 73.82 26.98
CA ASP L 54 67.35 74.86 27.00
C ASP L 54 66.48 74.79 25.75
N ALA L 55 67.10 74.59 24.60
CA ALA L 55 66.35 74.48 23.35
C ALA L 55 65.38 73.32 23.40
N ALA L 56 65.84 72.16 23.89
CA ALA L 56 64.98 70.99 23.98
C ALA L 56 63.83 71.22 24.93
N HIS L 57 64.10 71.82 26.08
CA HIS L 57 63.01 72.09 27.04
C HIS L 57 61.97 72.99 26.43
N LYS L 58 62.39 74.08 25.80
CA LYS L 58 61.41 74.98 25.19
C LYS L 58 60.64 74.27 24.09
N LEU L 59 61.34 73.57 23.19
CA LEU L 59 60.70 72.96 22.04
C LEU L 59 59.69 71.90 22.46
N PHE L 60 60.04 71.08 23.43
CA PHE L 60 59.11 70.06 23.88
C PHE L 60 58.17 70.56 24.96
N ALA L 61 58.23 71.85 25.28
CA ALA L 61 57.11 72.47 25.98
C ALA L 61 56.10 73.04 24.99
N GLU L 62 56.58 73.66 23.92
CA GLU L 62 55.66 74.15 22.88
C GLU L 62 54.99 72.98 22.17
N GLN L 63 55.77 72.02 21.70
CA GLN L 63 55.29 70.97 20.80
C GLN L 63 55.26 69.65 21.55
N GLN L 64 54.14 69.38 22.21
CA GLN L 64 53.96 68.10 22.87
C GLN L 64 53.86 66.96 21.89
N GLU L 65 53.29 67.20 20.71
CA GLU L 65 53.00 66.13 19.78
C GLU L 65 54.25 65.36 19.37
N LEU L 66 55.43 65.95 19.53
CA LEU L 66 56.66 65.23 19.23
C LEU L 66 56.91 64.09 20.21
N ILE L 67 56.74 64.36 21.51
CA ILE L 67 57.10 63.40 22.53
C ILE L 67 55.94 62.50 22.92
N GLN L 68 54.82 62.60 22.22
CA GLN L 68 53.75 61.64 22.41
C GLN L 68 54.02 60.38 21.61
N PRO L 69 53.46 59.26 22.02
CA PRO L 69 53.49 58.06 21.17
C PRO L 69 52.95 58.39 19.79
N GLY L 70 53.69 57.96 18.77
CA GLY L 70 53.41 58.35 17.42
C GLY L 70 54.06 59.64 16.98
N GLY L 71 54.69 60.36 17.89
CA GLY L 71 55.46 61.53 17.50
C GLY L 71 56.83 61.14 17.04
N ASN L 72 57.53 62.08 16.42
CA ASN L 72 58.80 61.73 15.82
C ASN L 72 59.94 61.78 16.82
N ALA L 73 59.68 62.19 18.04
CA ALA L 73 60.69 62.13 19.08
C ALA L 73 60.23 61.23 20.22
N TYR L 74 59.45 60.20 19.93
CA TYR L 74 58.87 59.45 21.03
C TYR L 74 59.80 58.50 21.78
N PRO L 75 60.30 57.42 21.20
CA PRO L 75 61.13 56.53 22.00
C PRO L 75 62.47 57.20 22.25
N HIS L 76 63.25 56.60 23.15
CA HIS L 76 64.59 57.12 23.39
C HIS L 76 65.44 57.12 22.14
N ARG L 77 65.21 56.17 21.23
CA ARG L 77 65.97 56.19 19.99
C ARG L 77 65.75 57.49 19.24
N ARG L 78 64.49 57.89 19.09
CA ARG L 78 64.18 59.09 18.31
C ARG L 78 64.54 60.36 19.07
N MET L 79 64.38 60.36 20.39
CA MET L 79 64.75 61.54 21.16
C MET L 79 66.26 61.75 21.19
N ALA L 80 67.01 60.65 21.34
CA ALA L 80 68.45 60.72 21.23
C ALA L 80 68.86 61.23 19.86
N ALA L 81 68.17 60.78 18.81
CA ALA L 81 68.45 61.28 17.47
C ALA L 81 68.16 62.77 17.35
N CYS L 82 67.08 63.22 17.99
CA CYS L 82 66.76 64.65 18.02
C CYS L 82 67.88 65.46 18.63
N LEU L 83 68.31 65.08 19.84
CA LEU L 83 69.36 65.82 20.52
C LEU L 83 70.68 65.75 19.77
N ARG L 84 70.96 64.59 19.17
CA ARG L 84 72.17 64.43 18.37
C ARG L 84 72.16 65.38 17.19
N ASP L 85 71.04 65.48 16.49
CA ASP L 85 70.96 66.39 15.36
C ASP L 85 71.14 67.83 15.80
N MET L 86 70.54 68.20 16.93
CA MET L 86 70.70 69.56 17.42
C MET L 86 72.17 69.86 17.72
N GLU L 87 72.87 68.93 18.37
CA GLU L 87 74.27 69.19 18.68
C GLU L 87 75.12 69.24 17.42
N ILE L 88 74.79 68.43 16.42
CA ILE L 88 75.55 68.44 15.18
C ILE L 88 75.35 69.75 14.42
N ILE L 89 74.11 70.23 14.37
CA ILE L 89 73.83 71.50 13.71
C ILE L 89 74.54 72.64 14.42
N LEU L 90 74.50 72.65 15.76
CA LEU L 90 75.21 73.69 16.51
C LEU L 90 76.70 73.61 16.27
N ARG L 91 77.24 72.40 16.21
CA ARG L 91 78.65 72.20 15.95
C ARG L 91 79.05 72.82 14.63
N TYR L 92 78.27 72.56 13.59
CA TYR L 92 78.61 73.11 12.29
C TYR L 92 78.40 74.61 12.24
N VAL L 93 77.44 75.14 13.01
CA VAL L 93 77.30 76.58 13.12
C VAL L 93 78.56 77.20 13.71
N SER L 94 79.10 76.58 14.75
CA SER L 94 80.34 77.10 15.35
C SER L 94 81.53 76.98 14.40
N TYR L 95 81.59 75.88 13.65
CA TYR L 95 82.62 75.76 12.63
C TYR L 95 82.53 76.91 11.64
N ALA L 96 81.32 77.22 11.18
CA ALA L 96 81.16 78.29 10.20
C ALA L 96 81.45 79.65 10.80
N LEU L 97 81.14 79.83 12.07
CA LEU L 97 81.44 81.08 12.74
C LEU L 97 82.94 81.30 12.85
N LEU L 98 83.69 80.25 13.19
CA LEU L 98 85.15 80.38 13.18
C LEU L 98 85.67 80.63 11.77
N ALA L 99 85.09 79.93 10.79
CA ALA L 99 85.56 80.07 9.43
C ALA L 99 85.26 81.45 8.87
N GLY L 100 84.20 82.09 9.33
CA GLY L 100 83.77 83.32 8.73
C GLY L 100 83.02 83.13 7.43
N ASP L 101 82.96 81.90 6.95
CA ASP L 101 82.22 81.54 5.76
C ASP L 101 81.26 80.42 6.14
N ALA L 102 80.16 80.34 5.42
CA ALA L 102 79.09 79.41 5.74
C ALA L 102 79.16 78.14 4.91
N SER L 103 80.26 77.94 4.19
CA SER L 103 80.32 76.85 3.21
C SER L 103 80.39 75.48 3.88
N VAL L 104 80.98 75.40 5.06
CA VAL L 104 81.06 74.10 5.72
C VAL L 104 79.66 73.64 6.12
N LEU L 105 78.83 74.56 6.57
CA LEU L 105 77.47 74.20 6.96
C LEU L 105 76.68 73.69 5.76
N ASP L 106 76.73 74.41 4.64
CA ASP L 106 76.00 74.00 3.44
C ASP L 106 76.53 72.70 2.87
N ASP L 107 77.85 72.53 2.83
CA ASP L 107 78.41 71.34 2.20
C ASP L 107 78.18 70.10 3.06
N ARG L 108 78.39 70.20 4.36
CA ARG L 108 78.34 69.03 5.21
C ARG L 108 76.97 68.85 5.87
N CYS L 109 76.56 69.83 6.66
CA CYS L 109 75.40 69.64 7.53
C CYS L 109 74.07 69.73 6.79
N LEU L 110 73.97 70.61 5.81
CA LEU L 110 72.69 70.94 5.21
C LEU L 110 72.58 70.45 3.77
N ASN L 111 73.44 69.52 3.36
CA ASN L 111 73.60 69.23 1.94
C ASN L 111 72.29 68.73 1.33
N GLY L 112 71.70 67.72 1.94
CA GLY L 112 70.40 67.25 1.50
C GLY L 112 69.52 66.99 2.70
N LEU L 113 69.69 67.80 3.73
CA LEU L 113 69.05 67.54 5.01
C LEU L 113 67.53 67.60 4.93
N ARG L 114 67.00 68.53 4.13
CA ARG L 114 65.54 68.62 3.97
C ARG L 114 64.99 67.36 3.33
N GLU L 115 65.65 66.85 2.30
CA GLU L 115 65.23 65.60 1.71
C GLU L 115 65.37 64.43 2.66
N THR L 116 66.45 64.40 3.44
CA THR L 116 66.60 63.37 4.47
C THR L 116 65.42 63.39 5.43
N TYR L 117 65.11 64.57 5.98
CA TYR L 117 64.05 64.70 6.97
C TYR L 117 62.69 64.40 6.38
N ASN L 118 62.43 64.88 5.17
CA ASN L 118 61.18 64.53 4.50
C ASN L 118 61.08 63.04 4.31
N ALA L 119 62.18 62.39 3.94
CA ALA L 119 62.17 60.95 3.76
C ALA L 119 61.87 60.23 5.07
N LEU L 120 62.51 60.64 6.15
CA LEU L 120 62.35 59.94 7.41
C LEU L 120 60.98 60.19 8.01
N GLY L 121 60.34 61.28 7.65
CA GLY L 121 59.08 61.67 8.24
C GLY L 121 59.18 62.74 9.28
N THR L 122 60.27 63.43 9.36
CA THR L 122 60.47 64.42 10.40
C THR L 122 59.79 65.72 10.04
N PRO L 123 59.10 66.36 10.97
CA PRO L 123 58.60 67.71 10.70
C PRO L 123 59.74 68.69 10.61
N THR L 124 60.08 69.11 9.41
CA THR L 124 61.21 70.04 9.25
C THR L 124 60.90 71.37 9.91
N GLN L 125 59.63 71.72 10.05
CA GLN L 125 59.26 72.91 10.78
C GLN L 125 59.68 72.80 12.25
N SER L 126 59.55 71.62 12.83
CA SER L 126 60.00 71.43 14.21
C SER L 126 61.51 71.50 14.32
N VAL L 127 62.25 71.00 13.33
CA VAL L 127 63.70 71.14 13.34
C VAL L 127 64.09 72.60 13.23
N ALA L 128 63.42 73.35 12.37
CA ALA L 128 63.71 74.78 12.25
C ALA L 128 63.39 75.52 13.54
N ARG L 129 62.31 75.12 14.20
CA ARG L 129 61.99 75.73 15.48
C ARG L 129 63.07 75.42 16.51
N ALA L 130 63.57 74.20 16.51
CA ALA L 130 64.66 73.84 17.41
C ALA L 130 65.91 74.66 17.13
N VAL L 131 66.20 74.91 15.85
CA VAL L 131 67.37 75.72 15.52
C VAL L 131 67.17 77.16 15.96
N GLN L 132 65.96 77.70 15.79
CA GLN L 132 65.69 79.05 16.26
C GLN L 132 65.83 79.15 17.77
N LEU L 133 65.33 78.14 18.49
CA LEU L 133 65.48 78.12 19.93
C LEU L 133 66.95 78.04 20.32
N MET L 134 67.73 77.24 19.60
CA MET L 134 69.16 77.18 19.85
C MET L 134 69.81 78.52 19.60
N LYS L 135 69.35 79.25 18.60
CA LYS L 135 69.89 80.59 18.35
C LYS L 135 69.59 81.51 19.52
N ASP L 136 68.36 81.47 20.01
CA ASP L 136 67.97 82.31 21.13
C ASP L 136 68.80 81.98 22.36
N ALA L 137 69.01 80.69 22.64
CA ALA L 137 69.84 80.29 23.76
C ALA L 137 71.29 80.70 23.55
N ALA L 138 71.81 80.56 22.33
CA ALA L 138 73.20 80.87 22.06
C ALA L 138 73.50 82.34 22.19
N MET L 139 72.58 83.22 21.78
CA MET L 139 72.85 84.65 21.89
C MET L 139 73.08 85.05 23.34
N VAL L 140 72.42 84.36 24.28
CA VAL L 140 72.61 84.67 25.70
C VAL L 140 74.06 84.46 26.09
N HIS L 141 74.65 83.34 25.68
CA HIS L 141 76.03 83.04 26.02
C HIS L 141 77.02 83.85 25.19
N LEU L 142 76.68 84.15 23.94
CA LEU L 142 77.52 84.99 23.11
C LEU L 142 77.67 86.38 23.69
N LYS L 143 76.64 86.87 24.38
CA LYS L 143 76.64 88.19 24.97
C LYS L 143 77.17 88.20 26.40
N SER L 144 77.63 87.07 26.90
CA SER L 144 78.17 87.00 28.25
C SER L 144 79.41 87.87 28.37
N THR L 145 79.33 88.91 29.19
CA THR L 145 80.45 89.81 29.41
C THR L 145 81.51 89.23 30.33
N ALA L 146 81.11 88.36 31.25
CA ALA L 146 82.07 87.80 32.19
C ALA L 146 83.11 86.98 31.46
N ASN L 147 84.31 86.91 32.05
CA ASN L 147 85.45 86.13 31.59
C ASN L 147 86.06 86.63 30.31
N VAL L 148 85.73 87.84 29.87
CA VAL L 148 86.27 88.38 28.62
C VAL L 148 86.28 89.90 28.71
N THR L 149 87.26 90.51 28.06
CA THR L 149 87.35 91.96 28.06
C THR L 149 86.18 92.56 27.29
N VAL L 150 85.66 93.66 27.80
CA VAL L 150 84.50 94.30 27.22
C VAL L 150 84.86 94.90 25.87
N GLY L 151 83.93 94.87 24.94
CA GLY L 151 84.17 95.41 23.61
C GLY L 151 82.93 95.26 22.77
N ASP L 152 83.09 95.59 21.49
CA ASP L 152 81.99 95.56 20.54
C ASP L 152 82.05 94.25 19.76
N CYS L 153 80.95 93.50 19.78
CA CYS L 153 80.83 92.25 19.06
C CYS L 153 79.49 92.16 18.35
N SER L 154 78.98 93.30 17.91
CA SER L 154 77.67 93.31 17.26
C SER L 154 77.71 92.58 15.93
N SER L 155 78.79 92.76 15.17
CA SER L 155 78.90 92.09 13.88
C SER L 155 78.92 90.57 14.04
N LEU L 156 79.63 90.09 15.06
CA LEU L 156 79.67 88.65 15.31
C LEU L 156 78.30 88.12 15.70
N TYR L 157 77.54 88.89 16.49
CA TYR L 157 76.18 88.48 16.83
C TYR L 157 75.32 88.38 15.59
N SER L 158 75.44 89.37 14.70
CA SER L 158 74.69 89.33 13.46
C SER L 158 75.10 88.13 12.61
N GLU L 159 76.39 87.82 12.57
CA GLU L 159 76.87 86.71 11.76
C GLU L 159 76.40 85.37 12.31
N ALA L 160 76.42 85.20 13.63
CA ALA L 160 75.93 83.98 14.22
C ALA L 160 74.45 83.82 13.98
N ALA L 161 73.69 84.91 14.11
CA ALA L 161 72.28 84.86 13.77
C ALA L 161 72.08 84.50 12.30
N THR L 162 72.97 84.98 11.44
CA THR L 162 72.88 84.66 10.02
C THR L 162 73.09 83.18 9.77
N TYR L 163 74.07 82.57 10.43
CA TYR L 163 74.30 81.14 10.21
C TYR L 163 73.18 80.30 10.80
N PHE L 164 72.66 80.69 11.96
CA PHE L 164 71.52 79.98 12.52
C PHE L 164 70.30 80.10 11.60
N ASP L 165 70.07 81.29 11.07
CA ASP L 165 68.96 81.51 10.15
C ASP L 165 69.15 80.72 8.86
N LYS L 166 70.39 80.62 8.37
CA LYS L 166 70.65 79.81 7.20
C LYS L 166 70.27 78.37 7.45
N ALA L 167 70.70 77.83 8.59
CA ALA L 167 70.37 76.46 8.92
C ALA L 167 68.86 76.26 9.00
N ALA L 168 68.18 77.17 9.70
CA ALA L 168 66.73 77.05 9.87
C ALA L 168 66.00 77.14 8.54
N ALA L 169 66.43 78.03 7.66
CA ALA L 169 65.78 78.17 6.37
C ALA L 169 66.06 77.00 5.45
N SER L 170 67.29 76.49 5.46
CA SER L 170 67.62 75.35 4.61
C SER L 170 66.88 74.11 5.04
N ILE L 171 66.76 73.87 6.35
CA ILE L 171 66.02 72.72 6.81
C ILE L 171 64.54 72.87 6.49
N ALA L 172 63.99 74.05 6.71
CA ALA L 172 62.57 74.30 6.46
C ALA L 172 62.33 75.75 6.07
N MET M 1 82.20 43.51 -23.98
CA MET M 1 83.41 43.44 -24.78
C MET M 1 83.42 42.17 -25.62
N ASN M 2 83.35 42.36 -26.93
CA ASN M 2 83.45 41.29 -27.90
C ASN M 2 84.58 41.59 -28.85
N ASP M 3 85.08 40.55 -29.50
CA ASP M 3 85.84 40.73 -30.72
C ASP M 3 84.93 40.34 -31.89
N VAL M 4 85.48 40.32 -33.09
CA VAL M 4 84.65 39.96 -34.24
C VAL M 4 84.22 38.50 -34.15
N PHE M 5 85.11 37.62 -33.68
CA PHE M 5 84.78 36.21 -33.57
C PHE M 5 83.63 35.98 -32.59
N THR M 6 83.70 36.61 -31.42
CA THR M 6 82.65 36.42 -30.44
C THR M 6 81.34 37.05 -30.90
N ARG M 7 81.40 38.13 -31.67
CA ARG M 7 80.19 38.70 -32.21
C ARG M 7 79.50 37.73 -33.17
N ALA M 8 80.29 37.15 -34.09
CA ALA M 8 79.75 36.14 -34.99
C ALA M 8 79.17 34.98 -34.21
N ILE M 9 79.85 34.57 -33.15
CA ILE M 9 79.40 33.45 -32.33
C ILE M 9 78.08 33.78 -31.65
N ALA M 10 77.94 35.01 -31.16
CA ALA M 10 76.71 35.40 -30.48
C ALA M 10 75.53 35.39 -31.44
N GLN M 11 75.74 35.90 -32.66
CA GLN M 11 74.66 35.84 -33.65
C GLN M 11 74.30 34.40 -33.98
N ALA M 12 75.30 33.57 -34.21
CA ALA M 12 75.04 32.17 -34.53
C ALA M 12 74.30 31.48 -33.40
N ASP M 13 74.65 31.78 -32.16
CA ASP M 13 73.94 31.23 -31.01
C ASP M 13 72.50 31.66 -30.98
N LEU M 14 72.24 32.94 -31.25
CA LEU M 14 70.86 33.40 -31.25
C LEU M 14 70.04 32.64 -32.28
N LYS M 15 70.61 32.44 -33.48
CA LYS M 15 69.93 31.60 -34.44
C LYS M 15 69.85 30.16 -34.01
N GLY M 16 70.64 29.75 -33.01
CA GLY M 16 70.72 28.36 -32.66
C GLY M 16 71.51 27.53 -33.63
N SER M 17 72.33 28.17 -34.46
CA SER M 17 72.94 27.52 -35.60
C SER M 17 74.44 27.45 -35.46
N PHE M 18 75.03 26.48 -36.15
CA PHE M 18 76.47 26.51 -36.36
C PHE M 18 76.81 27.67 -37.27
N LEU M 19 78.08 28.05 -37.27
CA LEU M 19 78.49 29.14 -38.14
C LEU M 19 78.46 28.68 -39.59
N LEU M 20 77.81 29.46 -40.43
CA LEU M 20 77.74 29.12 -41.84
C LEU M 20 79.12 29.22 -42.48
N GLU M 21 79.24 28.60 -43.64
CA GLU M 21 80.51 28.57 -44.35
C GLU M 21 81.02 29.97 -44.65
N SER M 22 80.13 30.83 -45.15
CA SER M 22 80.52 32.19 -45.47
C SER M 22 80.97 32.97 -44.25
N ASP M 23 80.35 32.71 -43.09
CA ASP M 23 80.79 33.33 -41.85
C ASP M 23 82.20 32.88 -41.50
N LEU M 24 82.46 31.57 -41.60
CA LEU M 24 83.80 31.09 -41.34
C LEU M 24 84.80 31.67 -42.31
N ASP M 25 84.39 31.94 -43.55
CA ASP M 25 85.30 32.52 -44.53
C ASP M 25 85.62 33.96 -44.19
N LYS M 26 84.61 34.74 -43.80
CA LYS M 26 84.88 36.10 -43.39
C LYS M 26 85.78 36.13 -42.16
N LEU M 27 85.62 35.15 -41.27
CA LEU M 27 86.48 35.11 -40.08
C LEU M 27 87.90 34.69 -40.42
N ALA M 28 88.05 33.72 -41.32
CA ALA M 28 89.39 33.34 -41.79
C ALA M 28 90.06 34.49 -42.52
N SER M 29 89.29 35.29 -43.25
CA SER M 29 89.83 36.50 -43.85
C SER M 29 90.30 37.47 -42.79
N PHE M 30 89.50 37.68 -41.74
CA PHE M 30 89.91 38.61 -40.70
C PHE M 30 91.20 38.17 -40.04
N ALA M 31 91.30 36.88 -39.72
CA ALA M 31 92.51 36.40 -39.06
C ALA M 31 93.69 36.32 -40.01
N LYS M 32 93.45 36.20 -41.31
CA LYS M 32 94.54 36.12 -42.28
C LYS M 32 95.18 37.48 -42.50
N GLU M 33 94.41 38.56 -42.38
CA GLU M 33 94.92 39.92 -42.34
C GLU M 33 95.24 40.39 -40.93
N GLY M 34 95.38 39.49 -39.96
CA GLY M 34 95.58 39.94 -38.60
C GLY M 34 96.94 40.56 -38.36
N VAL M 35 97.91 40.22 -39.22
CA VAL M 35 99.25 40.77 -39.04
C VAL M 35 99.26 42.27 -39.27
N LYS M 36 98.56 42.74 -40.30
CA LYS M 36 98.47 44.16 -40.54
C LYS M 36 97.76 44.85 -39.39
N ARG M 37 96.74 44.19 -38.83
CA ARG M 37 96.05 44.72 -37.68
C ARG M 37 97.00 44.90 -36.51
N LEU M 38 97.87 43.92 -36.28
CA LEU M 38 98.84 44.00 -35.20
C LEU M 38 99.83 45.13 -35.44
N ASP M 39 100.26 45.32 -36.69
CA ASP M 39 101.14 46.44 -37.00
C ASP M 39 100.46 47.78 -36.75
N ALA M 40 99.19 47.89 -37.11
CA ALA M 40 98.47 49.14 -36.87
C ALA M 40 98.31 49.41 -35.38
N VAL M 41 98.03 48.36 -34.62
CA VAL M 41 97.95 48.52 -33.16
C VAL M 41 99.29 48.94 -32.59
N ALA M 42 100.38 48.35 -33.08
CA ALA M 42 101.71 48.76 -32.63
C ALA M 42 102.00 50.20 -33.00
N ALA M 43 101.57 50.64 -34.19
CA ALA M 43 101.77 52.02 -34.59
C ALA M 43 101.02 52.96 -33.68
N LEU M 44 99.79 52.61 -33.31
CA LEU M 44 99.03 53.46 -32.37
C LEU M 44 99.66 53.47 -30.99
N THR M 45 100.06 52.30 -30.49
CA THR M 45 100.61 52.19 -29.15
C THR M 45 101.95 52.89 -29.03
N ASN M 46 102.83 52.69 -29.99
CA ASN M 46 104.20 53.18 -29.88
C ASN M 46 104.28 54.69 -29.97
N ASN M 47 103.38 55.32 -30.72
CA ASN M 47 103.43 56.75 -30.94
C ASN M 47 102.42 57.50 -30.11
N ALA M 48 101.84 56.86 -29.10
CA ALA M 48 100.74 57.49 -28.37
C ALA M 48 101.13 58.80 -27.70
N PRO M 49 102.27 58.92 -27.02
CA PRO M 49 102.65 60.25 -26.51
C PRO M 49 102.73 61.30 -27.59
N ALA M 50 103.26 60.97 -28.76
CA ALA M 50 103.32 61.94 -29.83
C ALA M 50 101.92 62.35 -30.29
N ILE M 51 101.03 61.38 -30.45
CA ILE M 51 99.66 61.68 -30.89
C ILE M 51 99.00 62.62 -29.90
N ILE M 52 99.12 62.33 -28.61
CA ILE M 52 98.43 63.13 -27.61
C ILE M 52 99.06 64.50 -27.51
N SER M 53 100.38 64.58 -27.61
CA SER M 53 101.04 65.88 -27.60
C SER M 53 100.58 66.75 -28.75
N ASP M 54 100.54 66.21 -29.96
CA ASP M 54 100.14 66.99 -31.11
C ASP M 54 98.68 67.41 -31.04
N ALA M 55 97.81 66.48 -30.67
CA ALA M 55 96.40 66.81 -30.51
C ALA M 55 96.20 67.90 -29.46
N ALA M 56 96.91 67.79 -28.33
CA ALA M 56 96.79 68.77 -27.28
C ALA M 56 97.26 70.14 -27.73
N HIS M 57 98.41 70.20 -28.40
CA HIS M 57 98.91 71.48 -28.87
C HIS M 57 97.94 72.13 -29.83
N LYS M 58 97.43 71.36 -30.79
CA LYS M 58 96.50 71.93 -31.75
C LYS M 58 95.20 72.35 -31.07
N LEU M 59 94.73 71.59 -30.10
CA LEU M 59 93.46 71.90 -29.44
C LEU M 59 93.57 73.18 -28.63
N PHE M 60 94.67 73.37 -27.92
CA PHE M 60 94.82 74.57 -27.13
C PHE M 60 95.30 75.76 -27.95
N ALA M 61 95.80 75.53 -29.16
CA ALA M 61 96.01 76.63 -30.08
C ALA M 61 94.71 77.11 -30.66
N GLU M 62 93.82 76.19 -31.03
CA GLU M 62 92.51 76.60 -31.52
C GLU M 62 91.69 77.25 -30.42
N GLN M 63 91.59 76.60 -29.27
CA GLN M 63 90.67 76.98 -28.21
C GLN M 63 91.46 77.47 -27.01
N GLN M 64 91.82 78.74 -27.02
CA GLN M 64 92.57 79.32 -25.92
C GLN M 64 91.70 79.48 -24.69
N GLU M 65 90.38 79.45 -24.84
CA GLU M 65 89.50 79.65 -23.70
C GLU M 65 89.59 78.52 -22.70
N LEU M 66 90.15 77.37 -23.09
CA LEU M 66 90.27 76.25 -22.19
C LEU M 66 91.37 76.48 -21.16
N ILE M 67 92.40 77.22 -21.53
CA ILE M 67 93.56 77.40 -20.69
C ILE M 67 93.65 78.81 -20.12
N GLN M 68 92.57 79.57 -20.20
CA GLN M 68 92.51 80.86 -19.53
C GLN M 68 91.87 80.68 -18.16
N PRO M 69 92.34 81.41 -17.16
CA PRO M 69 91.76 81.30 -15.82
C PRO M 69 90.24 81.37 -15.83
N GLY M 70 89.61 80.27 -15.44
CA GLY M 70 88.20 80.07 -15.64
C GLY M 70 87.87 79.06 -16.70
N GLY M 71 88.83 78.66 -17.52
CA GLY M 71 88.62 77.62 -18.50
C GLY M 71 88.60 76.26 -17.86
N ASN M 72 88.18 75.28 -18.63
CA ASN M 72 87.99 73.96 -18.06
C ASN M 72 89.28 73.18 -17.88
N ALA M 73 90.36 73.59 -18.56
CA ALA M 73 91.65 72.97 -18.35
C ALA M 73 92.63 73.92 -17.67
N TYR M 74 92.15 74.78 -16.79
CA TYR M 74 93.00 75.89 -16.41
C TYR M 74 94.13 75.46 -15.48
N PRO M 75 93.88 75.10 -14.22
CA PRO M 75 95.01 74.80 -13.35
C PRO M 75 95.67 73.53 -13.82
N HIS M 76 96.72 73.15 -13.12
CA HIS M 76 97.41 71.93 -13.51
C HIS M 76 96.51 70.72 -13.38
N ARG M 77 95.62 70.71 -12.38
CA ARG M 77 94.80 69.53 -12.16
C ARG M 77 93.93 69.24 -13.36
N ARG M 78 93.30 70.27 -13.89
CA ARG M 78 92.38 70.06 -14.99
C ARG M 78 93.11 69.73 -16.27
N MET M 79 94.29 70.31 -16.48
CA MET M 79 95.09 69.97 -17.64
C MET M 79 95.56 68.53 -17.57
N ALA M 80 95.96 68.08 -16.39
CA ALA M 80 96.39 66.69 -16.24
C ALA M 80 95.25 65.73 -16.49
N ALA M 81 94.06 66.06 -16.00
CA ALA M 81 92.89 65.22 -16.28
C ALA M 81 92.57 65.18 -17.76
N CYS M 82 92.70 66.33 -18.44
CA CYS M 82 92.47 66.38 -19.88
C CYS M 82 93.42 65.46 -20.64
N LEU M 83 94.71 65.54 -20.31
CA LEU M 83 95.69 64.69 -20.98
C LEU M 83 95.45 63.22 -20.68
N ARG M 84 95.07 62.89 -19.44
CA ARG M 84 94.72 61.51 -19.13
C ARG M 84 93.54 61.04 -19.96
N ASP M 85 92.56 61.91 -20.18
CA ASP M 85 91.43 61.55 -21.01
C ASP M 85 91.86 61.22 -22.44
N MET M 86 92.72 62.06 -23.01
CA MET M 86 93.21 61.74 -24.35
C MET M 86 93.95 60.41 -24.37
N GLU M 87 94.82 60.21 -23.38
CA GLU M 87 95.50 58.93 -23.20
C GLU M 87 94.53 57.77 -23.18
N ILE M 88 93.42 57.91 -22.45
CA ILE M 88 92.48 56.82 -22.26
C ILE M 88 91.74 56.52 -23.55
N ILE M 89 91.31 57.56 -24.26
CA ILE M 89 90.56 57.35 -25.48
C ILE M 89 91.45 56.72 -26.54
N LEU M 90 92.71 57.15 -26.63
CA LEU M 90 93.63 56.49 -27.54
C LEU M 90 93.86 55.03 -27.15
N ARG M 91 93.99 54.76 -25.85
CA ARG M 91 94.15 53.39 -25.37
C ARG M 91 93.00 52.52 -25.83
N TYR M 92 91.77 52.99 -25.65
CA TYR M 92 90.63 52.17 -25.99
C TYR M 92 90.46 52.04 -27.49
N VAL M 93 90.84 53.05 -28.26
CA VAL M 93 90.79 52.92 -29.70
C VAL M 93 91.77 51.86 -30.18
N SER M 94 92.95 51.79 -29.55
CA SER M 94 93.87 50.71 -29.88
C SER M 94 93.29 49.35 -29.49
N TYR M 95 92.61 49.27 -28.35
CA TYR M 95 91.96 48.01 -27.98
C TYR M 95 90.93 47.60 -29.02
N ALA M 96 90.15 48.56 -29.51
CA ALA M 96 89.12 48.24 -30.50
C ALA M 96 89.72 47.89 -31.84
N LEU M 97 90.84 48.50 -32.19
CA LEU M 97 91.51 48.15 -33.43
C LEU M 97 92.10 46.75 -33.35
N LEU M 98 92.55 46.34 -32.17
CA LEU M 98 93.04 44.98 -32.03
C LEU M 98 91.89 43.97 -32.10
N ALA M 99 90.80 44.24 -31.38
CA ALA M 99 89.69 43.30 -31.39
C ALA M 99 88.92 43.35 -32.70
N GLY M 100 88.85 44.50 -33.34
CA GLY M 100 88.07 44.64 -34.54
C GLY M 100 86.62 44.98 -34.31
N ASP M 101 86.19 45.13 -33.07
CA ASP M 101 84.83 45.46 -32.72
C ASP M 101 84.86 46.69 -31.83
N ALA M 102 83.93 47.61 -32.05
CA ALA M 102 83.85 48.82 -31.25
C ALA M 102 83.03 48.63 -29.99
N SER M 103 82.89 47.39 -29.52
CA SER M 103 82.14 47.16 -28.29
C SER M 103 82.92 47.55 -27.07
N VAL M 104 84.25 47.47 -27.13
CA VAL M 104 85.05 47.85 -25.98
C VAL M 104 84.86 49.31 -25.64
N LEU M 105 84.73 50.18 -26.65
CA LEU M 105 84.55 51.61 -26.38
C LEU M 105 83.24 51.87 -25.65
N ASP M 106 82.13 51.37 -26.17
CA ASP M 106 80.85 51.67 -25.53
C ASP M 106 80.68 50.91 -24.22
N ASP M 107 81.36 49.79 -24.06
CA ASP M 107 81.28 49.04 -22.82
C ASP M 107 82.10 49.70 -21.72
N ARG M 108 83.27 50.22 -22.07
CA ARG M 108 84.20 50.73 -21.06
C ARG M 108 84.50 52.21 -21.24
N CYS M 109 85.05 52.61 -22.39
CA CYS M 109 85.59 53.96 -22.51
C CYS M 109 84.48 55.01 -22.51
N LEU M 110 83.35 54.71 -23.13
CA LEU M 110 82.28 55.67 -23.29
C LEU M 110 81.06 55.31 -22.47
N ASN M 111 81.22 54.46 -21.46
CA ASN M 111 80.06 53.95 -20.74
C ASN M 111 79.23 55.07 -20.14
N GLY M 112 79.79 55.81 -19.21
CA GLY M 112 79.06 56.93 -18.65
C GLY M 112 79.76 58.25 -18.89
N LEU M 113 80.57 58.32 -19.94
CA LEU M 113 81.46 59.44 -20.13
C LEU M 113 80.71 60.75 -20.38
N ARG M 114 79.66 60.72 -21.21
CA ARG M 114 78.93 61.94 -21.50
C ARG M 114 78.31 62.53 -20.23
N GLU M 115 77.74 61.67 -19.39
CA GLU M 115 77.18 62.13 -18.13
C GLU M 115 78.26 62.72 -17.24
N THR M 116 79.43 62.09 -17.21
CA THR M 116 80.56 62.63 -16.47
C THR M 116 80.90 64.04 -16.93
N TYR M 117 81.02 64.22 -18.24
CA TYR M 117 81.40 65.52 -18.78
C TYR M 117 80.33 66.55 -18.53
N ASN M 118 79.06 66.16 -18.60
CA ASN M 118 77.99 67.11 -18.30
C ASN M 118 78.02 67.53 -16.85
N ALA M 119 78.21 66.58 -15.93
CA ALA M 119 78.19 66.91 -14.51
C ALA M 119 79.39 67.73 -14.11
N LEU M 120 80.54 67.51 -14.75
CA LEU M 120 81.71 68.32 -14.45
C LEU M 120 81.67 69.67 -15.15
N GLY M 121 80.82 69.83 -16.16
CA GLY M 121 80.82 71.06 -16.92
C GLY M 121 81.85 71.10 -18.02
N THR M 122 82.35 69.96 -18.44
CA THR M 122 83.31 69.92 -19.52
C THR M 122 82.65 70.20 -20.86
N PRO M 123 83.23 71.06 -21.68
CA PRO M 123 82.69 71.26 -23.03
C PRO M 123 82.91 70.05 -23.90
N THR M 124 81.83 69.30 -24.14
CA THR M 124 81.92 68.10 -24.96
C THR M 124 82.38 68.39 -26.38
N GLN M 125 82.09 69.59 -26.89
CA GLN M 125 82.53 69.95 -28.22
C GLN M 125 84.04 69.97 -28.30
N SER M 126 84.70 70.51 -27.29
CA SER M 126 86.15 70.53 -27.26
C SER M 126 86.72 69.14 -27.11
N VAL M 127 86.03 68.26 -26.40
CA VAL M 127 86.50 66.88 -26.27
C VAL M 127 86.42 66.17 -27.62
N ALA M 128 85.32 66.35 -28.34
CA ALA M 128 85.19 65.76 -29.66
C ALA M 128 86.23 66.34 -30.61
N ARG M 129 86.52 67.63 -30.47
CA ARG M 129 87.61 68.23 -31.23
C ARG M 129 88.94 67.57 -30.92
N ALA M 130 89.20 67.30 -29.64
CA ALA M 130 90.45 66.65 -29.25
C ALA M 130 90.55 65.26 -29.86
N VAL M 131 89.43 64.53 -29.87
CA VAL M 131 89.43 63.20 -30.48
C VAL M 131 89.70 63.29 -31.98
N GLN M 132 89.10 64.26 -32.66
CA GLN M 132 89.39 64.42 -34.09
C GLN M 132 90.86 64.73 -34.33
N LEU M 133 91.43 65.59 -33.49
CA LEU M 133 92.85 65.91 -33.63
C LEU M 133 93.71 64.67 -33.42
N MET M 134 93.36 63.85 -32.44
CA MET M 134 94.08 62.60 -32.25
C MET M 134 93.92 61.68 -33.44
N LYS M 135 92.73 61.64 -34.03
CA LYS M 135 92.52 60.82 -35.22
C LYS M 135 93.45 61.24 -36.35
N ASP M 136 93.53 62.54 -36.59
CA ASP M 136 94.40 63.05 -37.63
C ASP M 136 95.85 62.73 -37.36
N ALA M 137 96.28 62.94 -36.11
CA ALA M 137 97.67 62.65 -35.76
C ALA M 137 97.96 61.16 -35.84
N ALA M 138 96.96 60.33 -35.59
CA ALA M 138 97.15 58.88 -35.60
C ALA M 138 97.25 58.35 -37.01
N MET M 139 96.49 58.95 -37.94
CA MET M 139 96.54 58.50 -39.33
C MET M 139 97.94 58.64 -39.90
N VAL M 140 98.69 59.64 -39.47
CA VAL M 140 100.06 59.82 -39.94
C VAL M 140 100.91 58.61 -39.58
N HIS M 141 100.75 58.11 -38.36
CA HIS M 141 101.59 57.01 -37.92
C HIS M 141 101.08 55.69 -38.45
N LEU M 142 99.80 55.61 -38.78
CA LEU M 142 99.25 54.37 -39.32
C LEU M 142 99.67 54.15 -40.77
N LYS M 143 99.78 55.22 -41.54
CA LYS M 143 100.24 55.13 -42.92
C LYS M 143 101.75 55.06 -43.02
N SER M 144 102.46 55.25 -41.92
CA SER M 144 103.92 55.24 -41.95
C SER M 144 104.42 53.92 -42.48
N THR M 145 105.03 53.97 -43.66
CA THR M 145 105.43 52.75 -44.36
C THR M 145 106.82 52.29 -43.95
N ALA M 146 107.55 53.11 -43.20
CA ALA M 146 108.86 52.70 -42.70
C ALA M 146 108.72 51.50 -41.78
N ASN M 147 109.70 50.60 -41.85
CA ASN M 147 109.85 49.47 -40.95
C ASN M 147 108.78 48.40 -41.12
N VAL M 148 107.85 48.57 -42.05
CA VAL M 148 106.81 47.59 -42.31
C VAL M 148 106.74 47.29 -43.79
N THR M 149 106.27 46.09 -44.12
CA THR M 149 106.11 45.70 -45.51
C THR M 149 105.01 46.53 -46.16
N VAL M 150 105.26 46.96 -47.39
CA VAL M 150 104.27 47.73 -48.13
C VAL M 150 103.05 46.86 -48.39
N GLY M 151 101.87 47.44 -48.27
CA GLY M 151 100.67 46.69 -48.50
C GLY M 151 99.44 47.56 -48.40
N ASP M 152 98.30 46.95 -48.68
CA ASP M 152 97.03 47.65 -48.65
C ASP M 152 96.43 47.56 -47.26
N CYS M 153 96.45 48.67 -46.54
CA CYS M 153 95.91 48.74 -45.20
C CYS M 153 94.88 49.87 -45.10
N SER M 154 94.05 49.99 -46.12
CA SER M 154 93.01 51.01 -46.13
C SER M 154 91.84 50.63 -45.24
N SER M 155 91.54 49.34 -45.15
CA SER M 155 90.50 48.89 -44.24
C SER M 155 90.84 49.26 -42.81
N LEU M 156 92.11 49.10 -42.44
CA LEU M 156 92.53 49.47 -41.10
C LEU M 156 92.40 50.97 -40.86
N TYR M 157 92.77 51.77 -41.84
CA TYR M 157 92.67 53.21 -41.68
C TYR M 157 91.22 53.63 -41.49
N SER M 158 90.33 53.09 -42.32
CA SER M 158 88.92 53.42 -42.20
C SER M 158 88.35 52.94 -40.88
N GLU M 159 88.72 51.73 -40.45
CA GLU M 159 88.23 51.21 -39.19
C GLU M 159 88.66 52.07 -38.02
N ALA M 160 89.93 52.48 -38.00
CA ALA M 160 90.42 53.33 -36.93
C ALA M 160 89.72 54.69 -36.95
N ALA M 161 89.49 55.23 -38.14
CA ALA M 161 88.76 56.49 -38.24
C ALA M 161 87.38 56.35 -37.66
N THR M 162 86.72 55.23 -37.94
CA THR M 162 85.36 55.02 -37.41
C THR M 162 85.37 54.85 -35.89
N TYR M 163 86.42 54.24 -35.34
CA TYR M 163 86.51 54.16 -33.88
C TYR M 163 86.66 55.53 -33.25
N PHE M 164 87.55 56.34 -33.82
CA PHE M 164 87.71 57.71 -33.32
C PHE M 164 86.40 58.48 -33.44
N ASP M 165 85.71 58.32 -34.56
CA ASP M 165 84.45 59.02 -34.79
C ASP M 165 83.37 58.55 -33.83
N LYS M 166 83.31 57.25 -33.57
CA LYS M 166 82.34 56.73 -32.61
C LYS M 166 82.57 57.32 -31.24
N ALA M 167 83.83 57.39 -30.81
CA ALA M 167 84.11 58.11 -29.57
C ALA M 167 83.58 59.53 -29.63
N ALA M 168 84.12 60.34 -30.55
CA ALA M 168 83.82 61.75 -30.56
C ALA M 168 82.33 62.01 -30.74
N ALA M 169 81.60 61.04 -31.27
CA ALA M 169 80.15 61.20 -31.39
C ALA M 169 79.44 60.80 -30.11
N SER M 170 79.97 59.81 -29.39
CA SER M 170 79.34 59.43 -28.13
C SER M 170 79.54 60.50 -27.06
N ILE M 171 80.74 61.08 -26.99
CA ILE M 171 80.92 62.23 -26.10
C ILE M 171 80.02 63.38 -26.53
N ALA M 172 80.06 63.75 -27.79
CA ALA M 172 79.27 64.87 -28.27
C ALA M 172 77.84 64.40 -28.53
N ARG N 17 100.96 51.26 21.66
CA ARG N 17 101.96 50.25 21.35
C ARG N 17 101.43 49.25 20.33
N ILE N 18 102.36 48.68 19.56
CA ILE N 18 102.01 47.74 18.49
C ILE N 18 102.20 46.32 19.02
N TYR N 19 101.30 45.42 18.64
CA TYR N 19 101.35 44.03 19.06
C TYR N 19 101.27 43.14 17.82
N LYS N 20 102.26 42.27 17.66
CA LYS N 20 102.28 41.33 16.54
C LYS N 20 101.71 40.00 17.01
N ILE N 21 100.71 39.51 16.29
CA ILE N 21 100.03 38.27 16.64
C ILE N 21 100.34 37.23 15.58
N THR N 22 100.98 36.14 15.99
CA THR N 22 101.22 35.00 15.11
C THR N 22 100.06 34.03 15.28
N VAL N 23 99.16 33.99 14.30
CA VAL N 23 97.99 33.13 14.34
C VAL N 23 98.25 31.92 13.46
N SER N 24 97.93 30.75 13.98
CA SER N 24 97.95 29.50 13.21
C SER N 24 96.51 29.12 12.93
N GLU N 25 96.18 29.01 11.65
CA GLU N 25 94.85 28.57 11.26
C GLU N 25 94.76 27.07 11.45
N ALA N 26 93.74 26.62 12.16
CA ALA N 26 93.67 25.21 12.56
C ALA N 26 92.35 24.58 12.14
N GLY N 27 92.07 23.38 12.65
CA GLY N 27 90.87 22.67 12.25
C GLY N 27 89.59 23.40 12.56
N ALA N 28 89.58 24.22 13.62
CA ALA N 28 88.39 25.01 13.92
C ALA N 28 88.06 25.97 12.78
N TYR N 29 89.08 26.56 12.17
CA TYR N 29 88.88 27.42 11.00
C TYR N 29 88.61 26.60 9.75
N ALA N 30 89.26 25.45 9.62
CA ALA N 30 89.06 24.61 8.44
C ALA N 30 87.62 24.11 8.36
N THR N 31 87.02 23.78 9.49
CA THR N 31 85.61 23.39 9.49
C THR N 31 84.72 24.54 9.02
N ASN N 32 85.01 25.75 9.49
CA ASN N 32 84.20 26.90 9.08
C ASN N 32 84.32 27.16 7.58
N LYS N 33 85.53 27.02 7.03
CA LYS N 33 85.69 27.17 5.58
C LYS N 33 85.07 26.01 4.82
N HIS N 34 85.03 24.82 5.41
CA HIS N 34 84.38 23.70 4.74
C HIS N 34 82.87 23.90 4.70
N ARG N 35 82.31 24.55 5.72
CA ARG N 35 80.88 24.82 5.71
C ARG N 35 80.54 26.03 4.84
N THR N 36 81.09 27.19 5.16
CA THR N 36 80.74 28.41 4.44
C THR N 36 81.32 28.41 3.02
N GLY N 37 82.55 27.94 2.87
CA GLY N 37 83.21 27.96 1.58
C GLY N 37 84.37 28.94 1.54
N TYR N 38 84.96 29.06 0.36
CA TYR N 38 86.07 29.99 0.12
C TYR N 38 85.62 31.05 -0.87
N ARG N 39 85.03 32.13 -0.33
CA ARG N 39 84.74 33.32 -1.12
C ARG N 39 85.99 34.14 -1.37
N ALA N 40 87.09 33.81 -0.69
CA ALA N 40 88.41 34.39 -0.80
C ALA N 40 89.43 33.27 -1.02
N PRO N 41 90.57 33.55 -1.66
CA PRO N 41 91.49 32.47 -2.02
C PRO N 41 92.10 31.80 -0.79
N ILE N 42 92.40 30.51 -0.94
CA ILE N 42 92.98 29.73 0.15
C ILE N 42 94.41 30.20 0.41
N ARG N 43 94.81 30.17 1.68
CA ARG N 43 96.08 30.74 2.13
C ARG N 43 96.70 29.79 3.15
N GLN N 44 98.01 29.96 3.36
CA GLN N 44 98.71 29.18 4.37
C GLN N 44 98.17 29.50 5.76
N SER N 45 98.33 28.53 6.67
CA SER N 45 97.68 28.60 7.97
C SER N 45 98.38 29.59 8.90
N ASN N 46 99.70 29.66 8.83
CA ASN N 46 100.49 30.45 9.77
C ASN N 46 100.82 31.80 9.15
N TYR N 47 100.32 32.86 9.76
CA TYR N 47 100.67 34.21 9.36
C TYR N 47 100.61 35.11 10.58
N THR N 48 101.28 36.26 10.48
CA THR N 48 101.40 37.20 11.58
C THR N 48 100.59 38.44 11.28
N LEU N 49 99.83 38.91 12.27
CA LEU N 49 99.06 40.14 12.18
C LEU N 49 99.66 41.16 13.13
N THR N 50 99.76 42.41 12.68
CA THR N 50 100.27 43.50 13.49
C THR N 50 99.12 44.46 13.78
N VAL N 51 98.94 44.80 15.06
CA VAL N 51 97.81 45.63 15.47
C VAL N 51 98.28 46.75 16.39
N PRO N 52 97.56 47.87 16.43
CA PRO N 52 97.79 48.84 17.51
C PRO N 52 97.11 48.38 18.79
N TYR N 53 97.32 49.11 19.89
CA TYR N 53 96.62 48.76 21.12
C TYR N 53 95.12 48.96 20.97
N ASP N 54 94.73 50.04 20.30
CA ASP N 54 93.31 50.34 20.13
C ASP N 54 92.59 49.20 19.42
N ARG N 55 93.28 48.53 18.50
CA ARG N 55 92.69 47.50 17.68
C ARG N 55 92.93 46.09 18.22
N PHE N 56 93.77 45.94 19.24
CA PHE N 56 94.19 44.62 19.67
C PHE N 56 93.01 43.79 20.16
N LEU N 57 92.16 44.38 21.00
CA LEU N 57 91.00 43.62 21.49
C LEU N 57 90.07 43.20 20.36
N PRO N 58 89.61 44.10 19.47
CA PRO N 58 88.71 43.65 18.40
C PRO N 58 89.35 42.64 17.47
N GLU N 59 90.61 42.85 17.07
CA GLU N 59 91.24 41.90 16.16
C GLU N 59 91.40 40.53 16.82
N MET N 60 91.78 40.51 18.09
CA MET N 60 92.01 39.22 18.72
C MET N 60 90.71 38.48 18.96
N ILE N 61 89.65 39.18 19.39
CA ILE N 61 88.37 38.52 19.55
C ILE N 61 87.83 38.07 18.20
N ARG N 62 88.09 38.85 17.15
CA ARG N 62 87.68 38.43 15.81
C ARG N 62 88.39 37.15 15.38
N LEU N 63 89.69 37.08 15.62
CA LEU N 63 90.44 35.87 15.31
C LEU N 63 89.90 34.69 16.10
N HIS N 64 89.44 34.93 17.33
CA HIS N 64 88.80 33.85 18.09
C HIS N 64 87.48 33.43 17.46
N GLN N 65 86.64 34.39 17.08
CA GLN N 65 85.37 34.04 16.45
C GLN N 65 85.58 33.27 15.16
N SER N 66 86.64 33.59 14.42
CA SER N 66 86.95 32.86 13.20
C SER N 66 87.46 31.46 13.50
N GLY N 67 87.75 31.14 14.76
CA GLY N 67 88.27 29.85 15.14
C GLY N 67 89.77 29.72 15.05
N ALA N 68 90.46 30.78 14.62
CA ALA N 68 91.91 30.75 14.54
C ALA N 68 92.52 30.67 15.93
N LYS N 69 93.63 29.95 16.02
CA LYS N 69 94.38 29.81 17.27
C LYS N 69 95.66 30.64 17.19
N ILE N 70 95.81 31.57 18.11
CA ILE N 70 96.99 32.41 18.16
C ILE N 70 98.14 31.60 18.75
N VAL N 71 99.34 31.83 18.26
CA VAL N 71 100.50 31.14 18.82
C VAL N 71 101.26 32.06 19.76
N ASN N 72 101.76 33.18 19.24
CA ASN N 72 102.52 34.12 20.06
C ASN N 72 102.06 35.53 19.74
N VAL N 73 101.94 36.35 20.79
CA VAL N 73 101.67 37.77 20.66
C VAL N 73 102.85 38.52 21.24
N THR N 74 103.57 39.23 20.37
CA THR N 74 104.77 39.96 20.77
C THR N 74 104.50 41.45 20.68
N SER N 75 105.04 42.19 21.64
CA SER N 75 104.90 43.64 21.68
C SER N 75 106.10 44.30 21.00
N VAL N 76 105.87 45.53 20.52
CA VAL N 76 106.90 46.26 19.82
C VAL N 76 106.59 47.75 19.88
N SER O 2 30.51 -31.35 -33.67
CA SER O 2 30.29 -29.93 -33.93
C SER O 2 29.12 -29.74 -34.89
N ARG O 3 28.51 -28.55 -34.86
CA ARG O 3 27.31 -28.28 -35.64
C ARG O 3 27.72 -27.72 -36.99
N THR O 4 27.64 -28.56 -38.03
CA THR O 4 28.05 -28.22 -39.38
C THR O 4 26.82 -28.27 -40.29
N VAL O 5 27.04 -28.17 -41.60
CA VAL O 5 25.92 -28.05 -42.52
C VAL O 5 25.06 -29.32 -42.52
N ILE O 6 25.69 -30.48 -42.73
CA ILE O 6 24.94 -31.73 -42.69
C ILE O 6 24.34 -31.94 -41.32
N THR O 7 25.13 -31.68 -40.28
CA THR O 7 24.66 -31.82 -38.91
C THR O 7 23.49 -30.89 -38.61
N GLU O 8 23.55 -29.64 -39.08
CA GLU O 8 22.45 -28.72 -38.84
C GLU O 8 21.19 -29.16 -39.56
N VAL O 9 21.36 -29.72 -40.77
CA VAL O 9 20.25 -30.34 -41.47
C VAL O 9 19.60 -31.41 -40.61
N ILE O 10 20.41 -32.33 -40.10
CA ILE O 10 19.85 -33.46 -39.35
C ILE O 10 19.20 -32.99 -38.07
N ALA O 11 19.83 -32.02 -37.40
CA ALA O 11 19.28 -31.51 -36.15
C ALA O 11 17.95 -30.77 -36.38
N THR O 12 17.86 -29.99 -37.45
CA THR O 12 16.60 -29.33 -37.77
C THR O 12 15.51 -30.35 -38.11
N ALA O 13 15.88 -31.40 -38.85
CA ALA O 13 14.89 -32.40 -39.21
C ALA O 13 14.40 -33.17 -37.98
N ASP O 14 15.31 -33.48 -37.05
CA ASP O 14 14.92 -34.21 -35.86
C ASP O 14 14.18 -33.32 -34.88
N SER O 15 14.48 -32.02 -34.88
CA SER O 15 13.78 -31.12 -33.98
C SER O 15 12.29 -31.08 -34.28
N GLN O 16 11.95 -31.02 -35.56
CA GLN O 16 10.56 -31.02 -35.99
C GLN O 16 9.99 -32.42 -36.12
N GLY O 17 10.79 -33.45 -35.89
CA GLY O 17 10.29 -34.82 -35.95
C GLY O 17 9.86 -35.22 -37.34
N ARG O 18 10.58 -34.78 -38.36
CA ARG O 18 10.23 -35.08 -39.74
C ARG O 18 11.49 -35.38 -40.52
N PHE O 19 11.30 -35.68 -41.80
CA PHE O 19 12.36 -36.22 -42.63
C PHE O 19 13.26 -35.14 -43.17
N LEU O 20 14.13 -35.53 -44.11
CA LEU O 20 14.94 -34.60 -44.86
C LEU O 20 14.17 -34.14 -46.08
N ASN O 21 13.80 -32.86 -46.14
CA ASN O 21 12.98 -32.37 -47.24
C ASN O 21 13.87 -31.74 -48.32
N SER O 22 13.23 -31.02 -49.24
CA SER O 22 13.93 -30.48 -50.40
C SER O 22 14.99 -29.47 -50.00
N THR O 23 14.69 -28.60 -49.04
CA THR O 23 15.65 -27.58 -48.63
C THR O 23 16.87 -28.18 -47.95
N GLU O 24 16.66 -29.23 -47.16
CA GLU O 24 17.78 -29.86 -46.47
C GLU O 24 18.67 -30.59 -47.45
N LEU O 25 18.07 -31.24 -48.44
CA LEU O 25 18.82 -31.82 -49.54
C LEU O 25 19.55 -30.73 -50.32
N GLN O 26 18.91 -29.59 -50.48
CA GLN O 26 19.53 -28.40 -51.07
C GLN O 26 20.86 -28.09 -50.40
N ALA O 27 20.81 -27.83 -49.10
CA ALA O 27 22.01 -27.48 -48.35
C ALA O 27 23.05 -28.58 -48.42
N ALA O 28 22.63 -29.84 -48.33
CA ALA O 28 23.59 -30.95 -48.38
C ALA O 28 24.32 -30.99 -49.71
N PHE O 29 23.59 -30.79 -50.81
CA PHE O 29 24.22 -30.80 -52.13
C PHE O 29 25.21 -29.65 -52.27
N GLY O 30 24.83 -28.46 -51.78
CA GLY O 30 25.76 -27.34 -51.84
C GLY O 30 27.05 -27.63 -51.09
N ARG O 31 26.92 -28.18 -49.88
CA ARG O 31 28.12 -28.51 -49.10
C ARG O 31 28.98 -29.55 -49.81
N PHE O 32 28.35 -30.59 -50.36
CA PHE O 32 29.11 -31.67 -50.97
C PHE O 32 29.83 -31.20 -52.22
N GLU O 33 29.20 -30.31 -53.00
CA GLU O 33 29.90 -29.80 -54.17
C GLU O 33 30.99 -28.82 -53.79
N ARG O 34 30.79 -28.01 -52.75
CA ARG O 34 31.80 -27.03 -52.37
C ARG O 34 32.95 -27.61 -51.56
N ALA O 35 32.86 -28.88 -51.14
CA ALA O 35 33.95 -29.45 -50.35
C ALA O 35 35.30 -29.31 -51.04
N VAL O 36 35.34 -29.43 -52.37
CA VAL O 36 36.63 -29.50 -53.07
C VAL O 36 37.46 -28.23 -52.88
N PRO O 37 36.95 -27.03 -53.14
CA PRO O 37 37.73 -25.83 -52.79
C PRO O 37 38.08 -25.78 -51.31
N ALA O 38 37.17 -26.18 -50.44
CA ALA O 38 37.45 -26.13 -49.01
C ALA O 38 38.59 -27.06 -48.65
N ILE O 39 38.61 -28.28 -49.21
CA ILE O 39 39.63 -29.23 -48.82
C ILE O 39 40.97 -28.88 -49.46
N GLU O 40 40.96 -28.32 -50.67
CA GLU O 40 42.23 -27.85 -51.22
C GLU O 40 42.79 -26.70 -50.40
N ALA O 41 41.92 -25.80 -49.94
CA ALA O 41 42.37 -24.74 -49.04
C ALA O 41 42.92 -25.32 -47.75
N ALA O 42 42.29 -26.38 -47.24
CA ALA O 42 42.80 -27.04 -46.04
C ALA O 42 44.20 -27.59 -46.28
N ARG O 43 44.40 -28.23 -47.44
CA ARG O 43 45.72 -28.75 -47.78
C ARG O 43 46.76 -27.63 -47.85
N ALA O 44 46.42 -26.53 -48.52
CA ALA O 44 47.35 -25.42 -48.67
C ALA O 44 47.69 -24.80 -47.33
N LEU O 45 46.70 -24.62 -46.46
CA LEU O 45 46.96 -24.09 -45.13
C LEU O 45 47.81 -25.06 -44.31
N THR O 46 47.60 -26.36 -44.50
CA THR O 46 48.37 -27.34 -43.75
C THR O 46 49.84 -27.34 -44.16
N LYS O 47 50.10 -27.28 -45.47
CA LYS O 47 51.49 -27.34 -45.92
C LYS O 47 52.27 -26.11 -45.47
N ASN O 48 51.63 -24.95 -45.45
CA ASN O 48 52.28 -23.69 -45.09
C ASN O 48 52.05 -23.31 -43.64
N GLN O 49 51.90 -24.30 -42.75
CA GLN O 49 51.50 -23.98 -41.37
C GLN O 49 52.63 -23.30 -40.61
N ASP O 50 53.86 -23.78 -40.76
CA ASP O 50 54.95 -23.27 -39.93
C ASP O 50 55.30 -21.85 -40.34
N ALA O 51 55.39 -21.59 -41.64
CA ALA O 51 55.64 -20.24 -42.12
C ALA O 51 54.56 -19.29 -41.64
N LEU O 52 53.30 -19.71 -41.72
CA LEU O 52 52.20 -18.85 -41.30
C LEU O 52 52.28 -18.54 -39.81
N VAL O 53 52.55 -19.56 -38.98
CA VAL O 53 52.54 -19.33 -37.54
C VAL O 53 53.71 -18.44 -37.14
N LYS O 54 54.88 -18.63 -37.77
CA LYS O 54 56.02 -17.78 -37.42
C LYS O 54 55.78 -16.34 -37.89
N GLY O 55 55.20 -16.18 -39.08
CA GLY O 55 54.86 -14.84 -39.54
C GLY O 55 53.86 -14.15 -38.63
N ALA O 56 52.85 -14.88 -38.17
CA ALA O 56 51.85 -14.29 -37.29
C ALA O 56 52.43 -13.97 -35.92
N VAL O 57 53.32 -14.83 -35.42
CA VAL O 57 53.99 -14.56 -34.14
C VAL O 57 54.80 -13.28 -34.24
N GLN O 58 55.57 -13.14 -35.32
CA GLN O 58 56.36 -11.94 -35.49
C GLN O 58 55.47 -10.72 -35.72
N ALA O 59 54.31 -10.90 -36.36
CA ALA O 59 53.38 -9.81 -36.53
C ALA O 59 52.84 -9.33 -35.19
N VAL O 60 52.52 -10.26 -34.29
CA VAL O 60 52.09 -9.89 -32.95
C VAL O 60 53.20 -9.15 -32.22
N PHE O 61 54.44 -9.63 -32.34
CA PHE O 61 55.55 -8.92 -31.71
C PHE O 61 55.82 -7.59 -32.39
N LYS O 62 55.29 -7.42 -33.61
CA LYS O 62 55.47 -6.17 -34.34
C LYS O 62 54.46 -5.12 -33.88
N LYS O 63 53.18 -5.42 -33.98
CA LYS O 63 52.16 -4.44 -33.62
C LYS O 63 52.02 -4.26 -32.12
N PHE O 64 52.60 -5.17 -31.33
CA PHE O 64 52.64 -5.04 -29.88
C PHE O 64 54.08 -5.18 -29.43
N PRO O 65 54.92 -4.18 -29.70
CA PRO O 65 56.32 -4.27 -29.27
C PRO O 65 56.48 -4.36 -27.78
N TYR O 66 55.51 -3.86 -27.01
CA TYR O 66 55.68 -3.71 -25.57
C TYR O 66 55.55 -5.05 -24.85
N VAL O 67 54.91 -6.04 -25.48
CA VAL O 67 54.61 -7.28 -24.78
C VAL O 67 55.88 -8.05 -24.52
N THR O 68 56.96 -7.70 -25.21
CA THR O 68 58.18 -8.50 -25.20
C THR O 68 59.18 -8.08 -24.13
N GLN O 69 59.11 -6.85 -23.63
CA GLN O 69 60.08 -6.37 -22.65
C GLN O 69 59.94 -7.13 -21.33
N PRO O 70 61.00 -7.15 -20.51
CA PRO O 70 60.95 -7.88 -19.25
C PRO O 70 59.84 -7.38 -18.35
N GLY O 71 59.22 -8.30 -17.63
CA GLY O 71 58.10 -8.00 -16.79
C GLY O 71 56.76 -8.01 -17.49
N GLU O 72 56.74 -8.21 -18.81
CA GLU O 72 55.51 -8.28 -19.58
C GLU O 72 55.20 -9.71 -19.96
N LYS O 73 54.06 -9.89 -20.61
CA LYS O 73 53.51 -11.23 -20.82
C LYS O 73 54.23 -11.99 -21.93
N GLY O 74 54.72 -11.29 -22.96
CA GLY O 74 55.38 -11.98 -24.06
C GLY O 74 56.83 -12.33 -23.79
N TYR O 75 57.43 -11.74 -22.76
CA TYR O 75 58.81 -12.06 -22.43
C TYR O 75 58.91 -13.49 -21.93
N GLY O 76 59.99 -14.17 -22.33
CA GLY O 76 60.24 -15.53 -21.93
C GLY O 76 60.05 -16.50 -23.08
N ASP O 77 60.83 -17.58 -23.08
CA ASP O 77 60.71 -18.56 -24.16
C ASP O 77 59.43 -19.39 -24.03
N SER O 78 59.02 -19.68 -22.79
CA SER O 78 57.79 -20.44 -22.60
C SER O 78 56.59 -19.65 -23.10
N ASN O 79 56.54 -18.35 -22.82
CA ASN O 79 55.40 -17.55 -23.25
C ASN O 79 55.33 -17.44 -24.78
N GLN O 80 56.48 -17.28 -25.44
CA GLN O 80 56.46 -17.19 -26.90
C GLN O 80 56.20 -18.55 -27.54
N ALA O 81 56.65 -19.63 -26.88
CA ALA O 81 56.27 -20.96 -27.35
C ALA O 81 54.77 -21.16 -27.24
N LYS O 82 54.17 -20.66 -26.16
CA LYS O 82 52.73 -20.70 -26.02
C LYS O 82 52.04 -19.85 -27.09
N CYS O 83 52.64 -18.70 -27.43
CA CYS O 83 52.14 -17.90 -28.53
C CYS O 83 52.10 -18.69 -29.83
N ALA O 84 53.22 -19.32 -30.17
CA ALA O 84 53.29 -20.11 -31.40
C ALA O 84 52.29 -21.24 -31.38
N ARG O 85 52.20 -21.95 -30.25
CA ARG O 85 51.27 -23.08 -30.14
C ARG O 85 49.83 -22.60 -30.29
N ASP O 86 49.52 -21.43 -29.75
CA ASP O 86 48.15 -20.93 -29.82
C ASP O 86 47.79 -20.51 -31.24
N ILE O 87 48.72 -19.85 -31.93
CA ILE O 87 48.46 -19.49 -33.32
C ILE O 87 48.32 -20.74 -34.18
N GLY O 88 49.12 -21.77 -33.88
CA GLY O 88 48.95 -23.05 -34.57
C GLY O 88 47.60 -23.68 -34.27
N TYR O 89 47.14 -23.57 -33.02
CA TYR O 89 45.81 -24.04 -32.68
C TYR O 89 44.75 -23.36 -33.53
N TYR O 90 44.83 -22.04 -33.62
CA TYR O 90 43.84 -21.29 -34.39
C TYR O 90 43.86 -21.72 -35.85
N LEU O 91 45.06 -21.89 -36.41
CA LEU O 91 45.17 -22.33 -37.80
C LEU O 91 44.58 -23.73 -37.98
N ARG O 92 44.87 -24.64 -37.04
CA ARG O 92 44.35 -26.00 -37.14
C ARG O 92 42.84 -26.02 -37.10
N PHE O 93 42.24 -25.19 -36.24
CA PHE O 93 40.79 -25.18 -36.16
C PHE O 93 40.17 -24.49 -37.37
N ILE O 94 40.87 -23.53 -37.98
CA ILE O 94 40.42 -22.99 -39.25
C ILE O 94 40.38 -24.09 -40.31
N THR O 95 41.44 -24.90 -40.37
CA THR O 95 41.47 -25.98 -41.36
C THR O 95 40.39 -27.02 -41.06
N TYR O 96 40.15 -27.31 -39.79
CA TYR O 96 39.06 -28.20 -39.42
C TYR O 96 37.73 -27.67 -39.88
N SER O 97 37.49 -26.37 -39.70
CA SER O 97 36.23 -25.78 -40.12
C SER O 97 36.10 -25.80 -41.63
N LEU O 98 37.22 -25.64 -42.34
CA LEU O 98 37.18 -25.76 -43.79
C LEU O 98 36.79 -27.16 -44.21
N VAL O 99 37.38 -28.17 -43.57
CA VAL O 99 37.06 -29.55 -43.92
C VAL O 99 35.61 -29.87 -43.60
N ALA O 100 35.15 -29.48 -42.42
CA ALA O 100 33.78 -29.70 -42.01
C ALA O 100 32.78 -28.84 -42.76
N SER O 101 33.25 -27.80 -43.44
CA SER O 101 32.40 -26.84 -44.12
C SER O 101 31.40 -26.21 -43.16
N GLY O 102 31.87 -25.90 -41.96
CA GLY O 102 31.04 -25.23 -40.97
C GLY O 102 31.88 -24.79 -39.80
N THR O 103 31.53 -23.65 -39.23
CA THR O 103 32.28 -23.07 -38.13
C THR O 103 32.13 -23.84 -36.83
N GLY O 104 31.55 -25.03 -36.87
CA GLY O 104 31.33 -25.82 -35.68
C GLY O 104 32.61 -26.14 -34.95
N PRO O 105 33.62 -26.65 -35.66
CA PRO O 105 34.93 -26.80 -35.01
C PRO O 105 35.47 -25.51 -34.44
N LEU O 106 35.37 -24.41 -35.19
CA LEU O 106 35.84 -23.13 -34.67
C LEU O 106 35.09 -22.75 -33.41
N ASP O 107 33.74 -22.77 -33.48
CA ASP O 107 32.96 -22.37 -32.32
C ASP O 107 33.30 -23.22 -31.12
N ASP O 108 33.22 -24.54 -31.26
CA ASP O 108 33.35 -25.46 -30.14
C ASP O 108 34.77 -25.56 -29.60
N TYR O 109 35.79 -25.21 -30.38
CA TYR O 109 37.14 -25.40 -29.89
C TYR O 109 37.88 -24.11 -29.54
N VAL O 110 37.48 -22.96 -30.08
CA VAL O 110 38.08 -21.72 -29.59
C VAL O 110 37.00 -20.78 -29.06
N ILE O 111 35.86 -20.69 -29.75
CA ILE O 111 34.92 -19.61 -29.45
C ILE O 111 34.28 -19.82 -28.08
N ALA O 112 33.74 -21.01 -27.85
CA ALA O 112 33.08 -21.30 -26.58
C ALA O 112 34.12 -21.29 -25.46
N GLY O 113 33.95 -20.38 -24.51
CA GLY O 113 34.90 -20.24 -23.43
C GLY O 113 36.07 -19.35 -23.73
N LEU O 114 36.08 -18.65 -24.87
CA LEU O 114 37.21 -17.82 -25.23
C LEU O 114 37.34 -16.62 -24.30
N ARG O 115 36.24 -15.90 -24.07
CA ARG O 115 36.33 -14.62 -23.40
C ARG O 115 36.71 -14.76 -21.94
N GLU O 116 36.08 -15.67 -21.21
CA GLU O 116 36.40 -15.78 -19.79
C GLU O 116 37.74 -16.46 -19.56
N VAL O 117 38.16 -17.37 -20.45
CA VAL O 117 39.52 -17.89 -20.32
C VAL O 117 40.53 -16.77 -20.53
N ASN O 118 40.34 -15.97 -21.58
CA ASN O 118 41.27 -14.88 -21.84
C ASN O 118 41.25 -13.86 -20.70
N ARG O 119 40.09 -13.65 -20.11
CA ARG O 119 40.02 -12.80 -18.92
C ARG O 119 40.84 -13.37 -17.79
N ALA O 120 40.73 -14.68 -17.57
CA ALA O 120 41.43 -15.30 -16.45
C ALA O 120 42.94 -15.24 -16.63
N PHE O 121 43.44 -15.46 -17.84
CA PHE O 121 44.88 -15.52 -18.06
C PHE O 121 45.46 -14.22 -18.59
N ASN O 122 44.67 -13.15 -18.64
CA ASN O 122 45.13 -11.83 -19.07
C ASN O 122 45.70 -11.85 -20.48
N LEU O 123 45.09 -12.66 -21.34
CA LEU O 123 45.46 -12.69 -22.75
C LEU O 123 44.63 -11.65 -23.49
N ASN O 124 45.29 -10.75 -24.19
CA ASN O 124 44.58 -9.73 -24.94
C ASN O 124 44.06 -10.33 -26.24
N PRO O 125 42.77 -10.23 -26.52
CA PRO O 125 42.25 -10.76 -27.80
C PRO O 125 42.82 -10.05 -29.01
N LEU O 126 43.30 -8.82 -28.87
CA LEU O 126 43.85 -8.09 -29.99
C LEU O 126 45.11 -8.74 -30.54
N TRP O 127 45.89 -9.40 -29.69
CA TRP O 127 47.03 -10.17 -30.18
C TRP O 127 46.58 -11.18 -31.22
N TYR O 128 45.59 -12.00 -30.87
CA TYR O 128 45.14 -13.03 -31.76
C TYR O 128 44.39 -12.46 -32.95
N ILE O 129 43.72 -11.32 -32.77
CA ILE O 129 43.08 -10.66 -33.90
C ILE O 129 44.12 -10.23 -34.92
N GLU O 130 45.21 -9.62 -34.45
CA GLU O 130 46.23 -9.15 -35.38
C GLU O 130 46.94 -10.32 -36.03
N ALA O 131 47.20 -11.39 -35.28
CA ALA O 131 47.76 -12.60 -35.87
C ALA O 131 46.84 -13.15 -36.96
N LEU O 132 45.55 -13.28 -36.67
CA LEU O 132 44.63 -13.84 -37.65
C LEU O 132 44.47 -12.93 -38.85
N ASN O 133 44.59 -11.62 -38.66
CA ASN O 133 44.65 -10.72 -39.82
C ASN O 133 45.89 -10.99 -40.65
N TYR O 134 47.01 -11.30 -39.99
CA TYR O 134 48.18 -11.75 -40.73
C TYR O 134 47.87 -12.97 -41.59
N ILE O 135 47.29 -14.01 -40.99
CA ILE O 135 46.99 -15.21 -41.78
C ILE O 135 46.00 -14.87 -42.89
N LYS O 136 45.06 -13.97 -42.63
CA LYS O 136 44.11 -13.55 -43.64
C LYS O 136 44.82 -12.95 -44.85
N GLY O 137 45.71 -11.99 -44.60
CA GLY O 137 46.46 -11.39 -45.70
C GLY O 137 47.35 -12.38 -46.41
N GLU O 138 47.96 -13.30 -45.65
CA GLU O 138 48.85 -14.28 -46.26
C GLU O 138 48.08 -15.22 -47.19
N THR O 139 46.93 -15.72 -46.73
CA THR O 139 46.17 -16.66 -47.53
C THR O 139 45.45 -15.98 -48.68
N GLY O 140 45.17 -14.67 -48.57
CA GLY O 140 44.65 -13.95 -49.72
C GLY O 140 45.57 -14.07 -50.92
N LYS O 141 46.87 -14.18 -50.67
CA LYS O 141 47.84 -14.40 -51.74
C LYS O 141 48.06 -15.89 -51.97
N LEU O 142 48.10 -16.68 -50.91
CA LEU O 142 48.45 -18.10 -50.99
C LEU O 142 47.35 -18.94 -51.62
N LEU O 143 46.15 -18.42 -51.75
CA LEU O 143 45.01 -19.16 -52.27
C LEU O 143 44.44 -18.48 -53.50
N SER O 144 43.88 -19.30 -54.39
CA SER O 144 43.35 -18.83 -55.66
C SER O 144 41.91 -19.29 -55.82
N GLY O 145 41.04 -18.35 -56.19
CA GLY O 145 39.67 -18.72 -56.51
C GLY O 145 38.81 -18.84 -55.27
N GLN O 146 37.82 -19.74 -55.35
CA GLN O 146 36.83 -19.86 -54.28
C GLN O 146 37.49 -20.29 -52.97
N SER O 147 38.62 -20.98 -53.04
CA SER O 147 39.29 -21.40 -51.82
C SER O 147 39.74 -20.21 -50.99
N LYS O 148 40.15 -19.12 -51.65
CA LYS O 148 40.49 -17.90 -50.94
C LYS O 148 39.29 -17.40 -50.15
N THR O 149 38.12 -17.39 -50.78
CA THR O 149 36.91 -16.96 -50.08
C THR O 149 36.59 -17.89 -48.92
N GLU O 150 36.72 -19.20 -49.11
CA GLU O 150 36.42 -20.14 -48.05
C GLU O 150 37.32 -19.92 -46.84
N ALA O 151 38.62 -19.73 -47.07
CA ALA O 151 39.51 -19.50 -45.96
C ALA O 151 39.25 -18.14 -45.30
N LEU O 152 38.99 -17.11 -46.11
CA LEU O 152 38.89 -15.77 -45.56
C LEU O 152 37.60 -15.60 -44.77
N LEU O 153 36.52 -16.27 -45.17
CA LEU O 153 35.29 -16.20 -44.40
C LEU O 153 35.46 -16.81 -43.01
N TYR O 154 36.15 -17.94 -42.92
CA TYR O 154 36.39 -18.54 -41.60
C TYR O 154 37.34 -17.68 -40.78
N ILE O 155 38.34 -17.09 -41.42
CA ILE O 155 39.23 -16.19 -40.69
C ILE O 155 38.45 -15.00 -40.15
N ASP O 156 37.53 -14.46 -40.94
CA ASP O 156 36.79 -13.29 -40.50
C ASP O 156 35.77 -13.67 -39.42
N HIS O 157 35.26 -14.89 -39.47
CA HIS O 157 34.46 -15.38 -38.36
C HIS O 157 35.28 -15.45 -37.07
N ALA O 158 36.52 -15.92 -37.18
CA ALA O 158 37.40 -15.95 -36.02
C ALA O 158 37.67 -14.55 -35.50
N ILE O 159 37.84 -13.59 -36.41
CA ILE O 159 38.01 -12.19 -36.01
C ILE O 159 36.78 -11.67 -35.29
N ASN O 160 35.59 -11.93 -35.85
CA ASN O 160 34.37 -11.44 -35.24
C ASN O 160 34.17 -12.04 -33.86
N ALA O 161 34.57 -13.29 -33.69
CA ALA O 161 34.51 -13.92 -32.38
C ALA O 161 35.48 -13.27 -31.40
N LEU O 162 36.74 -13.12 -31.82
CA LEU O 162 37.73 -12.53 -30.92
C LEU O 162 37.44 -11.06 -30.63
N SER O 163 36.95 -10.32 -31.61
CA SER O 163 36.67 -8.90 -31.41
C SER O 163 35.57 -8.68 -30.39
N SER P 2 5.62 -18.03 -46.33
CA SER P 2 6.23 -19.27 -46.83
C SER P 2 7.64 -19.42 -46.30
N ARG P 3 8.08 -20.65 -46.08
CA ARG P 3 9.44 -20.92 -45.67
C ARG P 3 10.22 -21.46 -46.86
N THR P 4 11.19 -20.70 -47.32
CA THR P 4 12.07 -21.07 -48.41
C THR P 4 13.47 -21.20 -47.86
N VAL P 5 14.44 -21.40 -48.73
CA VAL P 5 15.83 -21.44 -48.28
C VAL P 5 16.20 -20.11 -47.63
N ILE P 6 15.85 -19.00 -48.28
CA ILE P 6 16.17 -17.69 -47.75
C ILE P 6 15.44 -17.45 -46.43
N THR P 7 14.15 -17.77 -46.42
CA THR P 7 13.36 -17.60 -45.19
C THR P 7 13.86 -18.51 -44.08
N GLU P 8 14.21 -19.75 -44.40
CA GLU P 8 14.73 -20.66 -43.38
C GLU P 8 16.05 -20.15 -42.80
N VAL P 9 16.96 -19.69 -43.65
CA VAL P 9 18.25 -19.24 -43.12
C VAL P 9 18.08 -17.96 -42.33
N ILE P 10 17.20 -17.07 -42.77
CA ILE P 10 16.99 -15.84 -42.02
C ILE P 10 16.31 -16.14 -40.68
N ALA P 11 15.39 -17.10 -40.67
CA ALA P 11 14.73 -17.48 -39.43
C ALA P 11 15.71 -18.09 -38.44
N THR P 12 16.57 -18.99 -38.91
CA THR P 12 17.52 -19.62 -38.00
C THR P 12 18.60 -18.64 -37.55
N ALA P 13 18.91 -17.65 -38.38
CA ALA P 13 19.84 -16.61 -37.94
C ALA P 13 19.20 -15.68 -36.94
N ASP P 14 17.92 -15.35 -37.14
CA ASP P 14 17.21 -14.45 -36.24
C ASP P 14 17.00 -15.09 -34.88
N SER P 15 16.58 -16.36 -34.85
CA SER P 15 16.29 -17.00 -33.58
C SER P 15 17.52 -17.05 -32.70
N GLN P 16 18.67 -17.32 -33.28
CA GLN P 16 19.92 -17.29 -32.53
C GLN P 16 20.48 -15.88 -32.38
N GLY P 17 19.83 -14.88 -32.97
CA GLY P 17 20.25 -13.51 -32.80
C GLY P 17 21.64 -13.23 -33.33
N ARG P 18 21.92 -13.70 -34.55
CA ARG P 18 23.24 -13.57 -35.13
C ARG P 18 23.11 -13.17 -36.59
N PHE P 19 24.14 -12.49 -37.07
CA PHE P 19 24.26 -12.19 -38.49
C PHE P 19 24.32 -13.49 -39.28
N LEU P 20 23.88 -13.41 -40.53
CA LEU P 20 23.92 -14.57 -41.42
C LEU P 20 25.37 -14.99 -41.62
N ASN P 21 25.69 -16.22 -41.22
CA ASN P 21 27.06 -16.70 -41.28
C ASN P 21 27.32 -17.36 -42.63
N SER P 22 28.49 -17.97 -42.77
CA SER P 22 28.95 -18.44 -44.06
C SER P 22 28.09 -19.58 -44.60
N THR P 23 27.70 -20.50 -43.74
CA THR P 23 26.92 -21.66 -44.21
C THR P 23 25.59 -21.21 -44.80
N GLU P 24 24.94 -20.25 -44.16
CA GLU P 24 23.68 -19.72 -44.69
C GLU P 24 23.91 -19.00 -46.02
N LEU P 25 25.01 -18.26 -46.14
CA LEU P 25 25.31 -17.60 -47.40
C LEU P 25 25.59 -18.62 -48.51
N GLN P 26 26.25 -19.72 -48.17
CA GLN P 26 26.48 -20.78 -49.14
C GLN P 26 25.17 -21.41 -49.59
N ALA P 27 24.27 -21.66 -48.64
CA ALA P 27 22.96 -22.21 -49.00
C ALA P 27 22.20 -21.27 -49.90
N ALA P 28 22.27 -19.96 -49.61
CA ALA P 28 21.60 -18.98 -50.44
C ALA P 28 22.17 -18.97 -51.85
N PHE P 29 23.50 -19.08 -51.95
CA PHE P 29 24.13 -19.14 -53.27
C PHE P 29 23.68 -20.36 -54.04
N GLY P 30 23.55 -21.49 -53.35
CA GLY P 30 23.06 -22.69 -54.02
C GLY P 30 21.65 -22.50 -54.55
N ARG P 31 20.78 -21.90 -53.74
CA ARG P 31 19.43 -21.61 -54.19
C ARG P 31 19.44 -20.68 -55.39
N PHE P 32 20.27 -19.64 -55.34
CA PHE P 32 20.31 -18.69 -56.45
C PHE P 32 20.80 -19.35 -57.72
N GLU P 33 21.80 -20.22 -57.61
CA GLU P 33 22.32 -20.90 -58.80
C GLU P 33 21.27 -21.83 -59.40
N ARG P 34 20.60 -22.60 -58.56
CA ARG P 34 19.66 -23.55 -59.15
C ARG P 34 18.25 -23.00 -59.30
N ALA P 35 18.06 -21.69 -59.12
CA ALA P 35 16.81 -21.05 -59.56
C ALA P 35 16.55 -21.32 -61.03
N VAL P 36 17.59 -21.24 -61.87
CA VAL P 36 17.37 -21.30 -63.31
C VAL P 36 16.70 -22.60 -63.76
N PRO P 37 17.17 -23.79 -63.35
CA PRO P 37 16.40 -24.99 -63.67
C PRO P 37 14.99 -24.98 -63.10
N ALA P 38 14.82 -24.45 -61.89
CA ALA P 38 13.49 -24.39 -61.29
C ALA P 38 12.56 -23.47 -62.05
N ILE P 39 13.05 -22.31 -62.48
CA ILE P 39 12.19 -21.41 -63.24
C ILE P 39 11.92 -21.97 -64.63
N GLU P 40 12.87 -22.70 -65.21
CA GLU P 40 12.60 -23.35 -66.49
C GLU P 40 11.50 -24.38 -66.34
N ALA P 41 11.57 -25.18 -65.26
CA ALA P 41 10.51 -26.16 -64.98
C ALA P 41 9.17 -25.47 -64.77
N ALA P 42 9.17 -24.34 -64.06
CA ALA P 42 7.94 -23.61 -63.82
C ALA P 42 7.33 -23.12 -65.12
N ARG P 43 8.17 -22.59 -66.02
CA ARG P 43 7.70 -22.14 -67.32
C ARG P 43 7.11 -23.30 -68.11
N ALA P 44 7.78 -24.45 -68.08
CA ALA P 44 7.28 -25.62 -68.80
C ALA P 44 5.93 -26.07 -68.27
N LEU P 45 5.78 -26.16 -66.95
CA LEU P 45 4.53 -26.60 -66.36
C LEU P 45 3.40 -25.60 -66.56
N THR P 46 3.70 -24.30 -66.48
CA THR P 46 2.66 -23.31 -66.73
C THR P 46 2.19 -23.36 -68.18
N LYS P 47 3.12 -23.51 -69.12
CA LYS P 47 2.72 -23.57 -70.53
C LYS P 47 1.84 -24.77 -70.81
N ASN P 48 2.16 -25.91 -70.21
CA ASN P 48 1.47 -27.16 -70.50
C ASN P 48 0.33 -27.45 -69.52
N GLN P 49 -0.16 -26.44 -68.81
CA GLN P 49 -1.07 -26.70 -67.71
C GLN P 49 -2.40 -27.28 -68.20
N ASP P 50 -2.80 -26.92 -69.41
CA ASP P 50 -4.12 -27.32 -69.89
C ASP P 50 -4.19 -28.84 -70.08
N ALA P 51 -3.32 -29.37 -70.94
CA ALA P 51 -3.30 -30.81 -71.15
C ALA P 51 -2.93 -31.54 -69.88
N LEU P 52 -2.12 -30.91 -69.03
CA LEU P 52 -1.76 -31.53 -67.74
C LEU P 52 -2.99 -31.77 -66.89
N VAL P 53 -3.81 -30.75 -66.68
CA VAL P 53 -4.96 -30.90 -65.79
C VAL P 53 -6.01 -31.80 -66.41
N LYS P 54 -6.26 -31.66 -67.72
CA LYS P 54 -7.23 -32.57 -68.34
C LYS P 54 -6.77 -34.02 -68.26
N GLY P 55 -5.50 -34.30 -68.55
CA GLY P 55 -5.02 -35.65 -68.43
C GLY P 55 -5.11 -36.17 -67.02
N ALA P 56 -4.82 -35.32 -66.03
CA ALA P 56 -4.88 -35.76 -64.64
C ALA P 56 -6.30 -36.10 -64.23
N VAL P 57 -7.28 -35.29 -64.62
CA VAL P 57 -8.66 -35.60 -64.29
C VAL P 57 -9.09 -36.89 -64.96
N GLN P 58 -8.70 -37.09 -66.21
CA GLN P 58 -9.05 -38.33 -66.89
C GLN P 58 -8.38 -39.53 -66.25
N ALA P 59 -7.15 -39.35 -65.75
CA ALA P 59 -6.50 -40.43 -65.04
C ALA P 59 -7.24 -40.79 -63.76
N VAL P 60 -7.69 -39.77 -63.03
CA VAL P 60 -8.47 -40.04 -61.83
C VAL P 60 -9.72 -40.83 -62.18
N PHE P 61 -10.41 -40.44 -63.25
CA PHE P 61 -11.65 -41.15 -63.60
C PHE P 61 -11.36 -42.57 -64.05
N LYS P 62 -10.28 -42.78 -64.80
CA LYS P 62 -9.90 -44.13 -65.20
C LYS P 62 -9.59 -45.01 -63.99
N LYS P 63 -8.85 -44.45 -63.02
CA LYS P 63 -8.46 -45.25 -61.86
C LYS P 63 -9.61 -45.44 -60.87
N PHE P 64 -10.56 -44.52 -60.82
CA PHE P 64 -11.72 -44.63 -59.95
C PHE P 64 -12.98 -44.48 -60.79
N PRO P 65 -13.28 -45.47 -61.65
CA PRO P 65 -14.50 -45.38 -62.44
C PRO P 65 -15.75 -45.42 -61.59
N TYR P 66 -15.63 -45.82 -60.32
CA TYR P 66 -16.74 -45.86 -59.39
C TYR P 66 -17.11 -44.47 -58.87
N VAL P 67 -16.52 -43.40 -59.40
CA VAL P 67 -16.82 -42.07 -58.86
C VAL P 67 -17.76 -41.29 -59.77
N THR P 68 -17.87 -41.67 -61.04
CA THR P 68 -18.64 -40.91 -62.00
C THR P 68 -20.10 -41.31 -62.05
N GLN P 69 -20.48 -42.43 -61.43
CA GLN P 69 -21.86 -42.87 -61.45
C GLN P 69 -22.72 -41.96 -60.58
N PRO P 70 -24.04 -41.95 -60.79
CA PRO P 70 -24.90 -41.10 -59.97
C PRO P 70 -24.87 -41.50 -58.51
N GLY P 71 -25.13 -40.52 -57.65
CA GLY P 71 -25.05 -40.72 -56.22
C GLY P 71 -23.65 -40.66 -55.65
N GLU P 72 -22.66 -40.35 -56.46
CA GLU P 72 -21.28 -40.30 -56.02
C GLU P 72 -20.66 -38.94 -56.35
N LYS P 73 -19.40 -38.78 -55.95
CA LYS P 73 -18.79 -37.46 -55.93
C LYS P 73 -18.52 -36.95 -57.33
N GLY P 74 -18.00 -37.80 -58.21
CA GLY P 74 -17.63 -37.36 -59.55
C GLY P 74 -18.78 -37.14 -60.49
N TYR P 75 -19.99 -37.56 -60.11
CA TYR P 75 -21.15 -37.32 -60.94
C TYR P 75 -21.43 -35.82 -61.02
N GLY P 76 -21.85 -35.37 -62.19
CA GLY P 76 -22.20 -33.97 -62.34
C GLY P 76 -21.18 -33.22 -63.18
N ASP P 77 -21.63 -32.09 -63.73
CA ASP P 77 -20.73 -31.23 -64.48
C ASP P 77 -19.96 -30.30 -63.56
N SER P 78 -20.64 -29.76 -62.55
CA SER P 78 -19.96 -28.89 -61.59
C SER P 78 -18.87 -29.65 -60.84
N ASN P 79 -19.15 -30.89 -60.45
CA ASN P 79 -18.15 -31.70 -59.77
C ASN P 79 -16.95 -31.95 -60.68
N GLN P 80 -17.19 -32.17 -61.97
CA GLN P 80 -16.09 -32.26 -62.93
C GLN P 80 -15.28 -30.96 -62.95
N ALA P 81 -15.98 -29.82 -63.05
CA ALA P 81 -15.31 -28.55 -63.25
C ALA P 81 -14.41 -28.19 -62.08
N LYS P 82 -14.91 -28.40 -60.87
CA LYS P 82 -14.11 -28.17 -59.68
C LYS P 82 -13.19 -29.32 -59.28
N CYS P 83 -13.33 -30.50 -59.88
CA CYS P 83 -12.19 -31.42 -59.92
C CYS P 83 -11.04 -30.80 -60.68
N ALA P 84 -11.32 -30.31 -61.89
CA ALA P 84 -10.27 -29.68 -62.68
C ALA P 84 -9.72 -28.45 -61.96
N ARG P 85 -10.59 -27.72 -61.28
CA ARG P 85 -10.14 -26.57 -60.50
C ARG P 85 -9.16 -26.99 -59.42
N ASP P 86 -9.45 -28.08 -58.71
CA ASP P 86 -8.55 -28.56 -57.67
C ASP P 86 -7.21 -29.00 -58.24
N ILE P 87 -7.23 -29.74 -59.35
CA ILE P 87 -5.96 -30.18 -59.92
C ILE P 87 -5.16 -28.99 -60.40
N GLY P 88 -5.83 -27.98 -60.93
CA GLY P 88 -5.14 -26.76 -61.32
C GLY P 88 -4.54 -26.04 -60.13
N TYR P 89 -5.25 -26.05 -59.00
CA TYR P 89 -4.66 -25.54 -57.76
C TYR P 89 -3.37 -26.26 -57.43
N TYR P 90 -3.39 -27.58 -57.46
CA TYR P 90 -2.20 -28.35 -57.11
C TYR P 90 -1.06 -28.02 -58.05
N LEU P 91 -1.33 -27.95 -59.35
CA LEU P 91 -0.31 -27.61 -60.32
C LEU P 91 0.26 -26.22 -60.07
N ARG P 92 -0.61 -25.26 -59.81
CA ARG P 92 -0.16 -23.89 -59.60
C ARG P 92 0.71 -23.78 -58.37
N PHE P 93 0.34 -24.48 -57.29
CA PHE P 93 1.16 -24.39 -56.09
C PHE P 93 2.44 -25.19 -56.23
N ILE P 94 2.45 -26.20 -57.10
CA ILE P 94 3.70 -26.87 -57.41
C ILE P 94 4.65 -25.96 -58.18
N THR P 95 4.12 -25.19 -59.13
CA THR P 95 4.96 -24.22 -59.81
C THR P 95 5.43 -23.12 -58.87
N TYR P 96 4.57 -22.70 -57.94
CA TYR P 96 5.00 -21.76 -56.92
C TYR P 96 6.16 -22.33 -56.13
N SER P 97 6.07 -23.61 -55.76
CA SER P 97 7.15 -24.25 -55.03
C SER P 97 8.43 -24.30 -55.83
N LEU P 98 8.32 -24.60 -57.13
CA LEU P 98 9.52 -24.59 -57.98
C LEU P 98 10.16 -23.22 -58.00
N VAL P 99 9.37 -22.19 -58.26
CA VAL P 99 9.90 -20.84 -58.36
C VAL P 99 10.54 -20.42 -57.05
N ALA P 100 9.88 -20.73 -55.93
CA ALA P 100 10.36 -20.30 -54.63
C ALA P 100 11.48 -21.16 -54.08
N SER P 101 11.83 -22.25 -54.77
CA SER P 101 12.93 -23.13 -54.34
C SER P 101 12.71 -23.59 -52.91
N GLY P 102 11.45 -23.84 -52.57
CA GLY P 102 11.10 -24.38 -51.27
C GLY P 102 9.66 -24.80 -51.29
N THR P 103 9.35 -25.80 -50.48
CA THR P 103 8.00 -26.35 -50.44
C THR P 103 7.04 -25.48 -49.66
N GLY P 104 7.44 -24.29 -49.26
CA GLY P 104 6.64 -23.41 -48.45
C GLY P 104 5.28 -23.09 -49.02
N PRO P 105 5.21 -22.72 -50.31
CA PRO P 105 3.89 -22.52 -50.92
C PRO P 105 3.00 -23.74 -50.83
N LEU P 106 3.55 -24.93 -51.07
CA LEU P 106 2.75 -26.13 -50.92
C LEU P 106 2.27 -26.32 -49.50
N ASP P 107 3.18 -26.28 -48.53
CA ASP P 107 2.76 -26.47 -47.14
C ASP P 107 1.66 -25.49 -46.79
N ASP P 108 1.95 -24.20 -46.94
CA ASP P 108 1.08 -23.12 -46.51
C ASP P 108 -0.27 -23.15 -47.19
N TYR P 109 -0.31 -23.43 -48.49
CA TYR P 109 -1.56 -23.28 -49.22
C TYR P 109 -2.34 -24.58 -49.35
N VAL P 110 -1.68 -25.72 -49.47
CA VAL P 110 -2.40 -26.97 -49.67
C VAL P 110 -2.24 -27.84 -48.43
N ILE P 111 -1.02 -28.01 -47.93
CA ILE P 111 -0.78 -29.05 -46.95
C ILE P 111 -1.34 -28.65 -45.60
N ALA P 112 -1.18 -27.39 -45.22
CA ALA P 112 -1.65 -26.92 -43.93
C ALA P 112 -3.17 -26.94 -43.90
N GLY P 113 -3.74 -27.93 -43.21
CA GLY P 113 -5.17 -28.09 -43.18
C GLY P 113 -5.72 -29.06 -44.20
N LEU P 114 -4.88 -29.89 -44.82
CA LEU P 114 -5.34 -30.77 -45.89
C LEU P 114 -6.30 -31.83 -45.38
N ARG P 115 -5.92 -32.52 -44.30
CA ARG P 115 -6.64 -33.72 -43.89
C ARG P 115 -8.04 -33.39 -43.39
N GLU P 116 -8.16 -32.32 -42.59
CA GLU P 116 -9.47 -32.00 -42.04
C GLU P 116 -10.42 -31.48 -43.11
N VAL P 117 -9.91 -30.73 -44.08
CA VAL P 117 -10.74 -30.33 -45.21
C VAL P 117 -11.21 -31.54 -46.01
N ASN P 118 -10.28 -32.43 -46.33
CA ASN P 118 -10.63 -33.61 -47.12
C ASN P 118 -11.60 -34.50 -46.37
N ARG P 119 -11.50 -34.50 -45.04
CA ARG P 119 -12.43 -35.30 -44.24
C ARG P 119 -13.80 -34.64 -44.17
N ALA P 120 -13.82 -33.32 -44.07
CA ALA P 120 -15.08 -32.60 -43.95
C ALA P 120 -15.90 -32.73 -45.22
N PHE P 121 -15.24 -32.63 -46.37
CA PHE P 121 -15.96 -32.71 -47.63
C PHE P 121 -15.91 -34.09 -48.25
N ASN P 122 -15.29 -35.05 -47.58
CA ASN P 122 -15.25 -36.45 -48.00
C ASN P 122 -14.55 -36.59 -49.37
N LEU P 123 -13.35 -36.02 -49.44
CA LEU P 123 -12.51 -36.11 -50.63
C LEU P 123 -11.45 -37.16 -50.37
N ASN P 124 -11.42 -38.18 -51.22
CA ASN P 124 -10.41 -39.21 -51.07
C ASN P 124 -9.06 -38.63 -51.46
N PRO P 125 -8.06 -38.67 -50.58
CA PRO P 125 -6.72 -38.24 -50.99
C PRO P 125 -6.14 -39.09 -52.09
N LEU P 126 -6.65 -40.30 -52.29
CA LEU P 126 -6.14 -41.15 -53.36
C LEU P 126 -6.55 -40.63 -54.74
N TRP P 127 -7.68 -39.95 -54.82
CA TRP P 127 -8.03 -39.25 -56.06
C TRP P 127 -6.89 -38.32 -56.46
N TYR P 128 -6.48 -37.47 -55.53
CA TYR P 128 -5.44 -36.50 -55.82
C TYR P 128 -4.08 -37.15 -55.97
N ILE P 129 -3.82 -38.25 -55.26
CA ILE P 129 -2.56 -38.96 -55.49
C ILE P 129 -2.52 -39.55 -56.88
N GLU P 130 -3.66 -40.03 -57.39
CA GLU P 130 -3.69 -40.51 -58.76
C GLU P 130 -3.44 -39.38 -59.75
N ALA P 131 -4.09 -38.23 -59.53
CA ALA P 131 -3.85 -37.09 -60.41
C ALA P 131 -2.39 -36.68 -60.40
N LEU P 132 -1.79 -36.58 -59.22
CA LEU P 132 -0.39 -36.17 -59.13
C LEU P 132 0.55 -37.24 -59.63
N ASN P 133 0.18 -38.51 -59.52
CA ASN P 133 1.00 -39.55 -60.12
C ASN P 133 0.98 -39.44 -61.64
N TYR P 134 -0.17 -39.11 -62.20
CA TYR P 134 -0.20 -38.87 -63.65
C TYR P 134 0.71 -37.71 -64.01
N ILE P 135 0.52 -36.57 -63.32
CA ILE P 135 1.35 -35.39 -63.57
C ILE P 135 2.82 -35.76 -63.45
N LYS P 136 3.14 -36.60 -62.48
CA LYS P 136 4.49 -37.13 -62.34
C LYS P 136 4.91 -37.88 -63.58
N GLY P 137 3.98 -38.64 -64.16
CA GLY P 137 4.29 -39.37 -65.38
C GLY P 137 4.70 -38.48 -66.53
N GLU P 138 3.92 -37.43 -66.81
CA GLU P 138 4.29 -36.62 -67.98
C GLU P 138 5.21 -35.46 -67.61
N THR P 139 5.63 -35.35 -66.35
CA THR P 139 6.74 -34.42 -66.10
C THR P 139 8.00 -34.87 -66.82
N GLY P 140 8.27 -36.17 -66.85
CA GLY P 140 9.39 -36.67 -67.62
C GLY P 140 9.26 -36.37 -69.10
N LYS P 141 8.04 -36.44 -69.63
CA LYS P 141 7.82 -36.10 -71.02
C LYS P 141 8.05 -34.62 -71.27
N LEU P 142 7.69 -33.77 -70.31
CA LEU P 142 7.79 -32.33 -70.54
C LEU P 142 9.12 -31.77 -70.07
N LEU P 143 9.79 -32.42 -69.13
CA LEU P 143 10.96 -31.86 -68.48
C LEU P 143 12.16 -32.78 -68.62
N SER P 144 13.35 -32.20 -68.45
CA SER P 144 14.61 -32.89 -68.61
C SER P 144 15.65 -32.34 -67.65
N GLY P 145 16.66 -33.15 -67.37
CA GLY P 145 17.82 -32.67 -66.62
C GLY P 145 17.49 -32.38 -65.17
N GLN P 146 18.12 -31.34 -64.63
CA GLN P 146 17.83 -30.93 -63.26
C GLN P 146 16.38 -30.49 -63.11
N SER P 147 15.85 -29.84 -64.14
CA SER P 147 14.47 -29.35 -64.10
C SER P 147 13.50 -30.47 -63.72
N LYS P 148 13.67 -31.64 -64.33
CA LYS P 148 12.75 -32.74 -64.07
C LYS P 148 12.83 -33.19 -62.61
N THR P 149 14.05 -33.35 -62.08
CA THR P 149 14.17 -33.80 -60.70
C THR P 149 13.61 -32.77 -59.74
N GLU P 150 13.83 -31.49 -60.03
CA GLU P 150 13.30 -30.44 -59.17
C GLU P 150 11.79 -30.47 -59.13
N ALA P 151 11.14 -30.63 -60.29
CA ALA P 151 9.69 -30.75 -60.29
C ALA P 151 9.22 -32.03 -59.60
N LEU P 152 9.94 -33.13 -59.80
CA LEU P 152 9.58 -34.39 -59.17
C LEU P 152 9.64 -34.28 -57.65
N LEU P 153 10.61 -33.53 -57.12
CA LEU P 153 10.70 -33.38 -55.67
C LEU P 153 9.41 -32.82 -55.11
N TYR P 154 8.89 -31.75 -55.72
CA TYR P 154 7.70 -31.11 -55.19
C TYR P 154 6.47 -31.96 -55.43
N ILE P 155 6.39 -32.64 -56.57
CA ILE P 155 5.24 -33.53 -56.79
C ILE P 155 5.22 -34.65 -55.76
N ASP P 156 6.38 -35.25 -55.49
CA ASP P 156 6.45 -36.28 -54.48
C ASP P 156 6.14 -35.72 -53.10
N HIS P 157 6.58 -34.50 -52.80
CA HIS P 157 6.25 -33.92 -51.51
C HIS P 157 4.74 -33.79 -51.33
N ALA P 158 4.06 -33.30 -52.37
CA ALA P 158 2.61 -33.17 -52.29
C ALA P 158 1.94 -34.53 -52.13
N ILE P 159 2.43 -35.53 -52.85
CA ILE P 159 1.86 -36.88 -52.75
C ILE P 159 2.10 -37.45 -51.35
N ASN P 160 3.29 -37.25 -50.80
CA ASN P 160 3.60 -37.73 -49.46
C ASN P 160 2.68 -37.09 -48.44
N ALA P 161 2.47 -35.79 -48.55
CA ALA P 161 1.55 -35.13 -47.62
C ALA P 161 0.14 -35.66 -47.77
N LEU P 162 -0.29 -35.90 -49.01
CA LEU P 162 -1.59 -36.52 -49.23
C LEU P 162 -1.64 -37.94 -48.71
N SER P 163 -0.50 -38.62 -48.62
CA SER P 163 -0.49 -40.00 -48.16
C SER P 163 -0.88 -40.10 -46.71
N SER Q 2 -9.37 -45.21 -18.03
CA SER Q 2 -10.52 -45.12 -18.90
C SER Q 2 -11.55 -44.14 -18.35
N ARG Q 3 -12.13 -43.33 -19.23
CA ARG Q 3 -13.07 -42.29 -18.82
C ARG Q 3 -14.45 -42.92 -18.67
N THR Q 4 -14.86 -43.15 -17.42
CA THR Q 4 -16.23 -43.51 -17.08
C THR Q 4 -16.79 -42.45 -16.15
N VAL Q 5 -18.08 -42.54 -15.83
CA VAL Q 5 -18.67 -41.57 -14.90
C VAL Q 5 -17.95 -41.65 -13.56
N ILE Q 6 -17.80 -42.86 -13.02
CA ILE Q 6 -17.15 -43.04 -11.73
C ILE Q 6 -15.71 -42.58 -11.79
N THR Q 7 -15.01 -42.95 -12.86
CA THR Q 7 -13.60 -42.57 -12.98
C THR Q 7 -13.44 -41.07 -13.13
N GLU Q 8 -14.32 -40.42 -13.89
CA GLU Q 8 -14.27 -38.96 -14.01
C GLU Q 8 -14.50 -38.28 -12.67
N VAL Q 9 -15.50 -38.73 -11.93
CA VAL Q 9 -15.74 -38.36 -10.53
C VAL Q 9 -14.47 -38.42 -9.69
N ILE Q 10 -13.86 -39.60 -9.64
CA ILE Q 10 -12.71 -39.80 -8.77
C ILE Q 10 -11.53 -38.97 -9.23
N ALA Q 11 -11.32 -38.87 -10.53
CA ALA Q 11 -10.20 -38.09 -11.05
C ALA Q 11 -10.37 -36.62 -10.71
N THR Q 12 -11.58 -36.09 -10.85
CA THR Q 12 -11.83 -34.70 -10.49
C THR Q 12 -11.54 -34.46 -9.02
N ALA Q 13 -12.10 -35.29 -8.15
CA ALA Q 13 -11.88 -35.11 -6.71
C ALA Q 13 -10.40 -35.28 -6.36
N ASP Q 14 -9.72 -36.21 -7.01
CA ASP Q 14 -8.30 -36.44 -6.74
C ASP Q 14 -7.46 -35.26 -7.19
N SER Q 15 -7.78 -34.69 -8.35
CA SER Q 15 -7.05 -33.52 -8.82
C SER Q 15 -7.23 -32.35 -7.87
N GLN Q 16 -8.43 -32.19 -7.33
CA GLN Q 16 -8.63 -31.14 -6.34
C GLN Q 16 -8.16 -31.51 -4.96
N GLY Q 17 -7.71 -32.75 -4.75
CA GLY Q 17 -7.23 -33.17 -3.45
C GLY Q 17 -8.28 -33.08 -2.36
N ARG Q 18 -9.50 -33.50 -2.66
CA ARG Q 18 -10.62 -33.37 -1.73
C ARG Q 18 -11.44 -34.65 -1.77
N PHE Q 19 -12.40 -34.73 -0.85
CA PHE Q 19 -13.27 -35.89 -0.76
C PHE Q 19 -14.40 -35.82 -1.78
N LEU Q 20 -14.99 -36.97 -2.04
CA LEU Q 20 -16.16 -37.05 -2.89
C LEU Q 20 -17.37 -36.50 -2.16
N ASN Q 21 -17.96 -35.44 -2.68
CA ASN Q 21 -19.10 -34.81 -2.02
C ASN Q 21 -20.32 -34.90 -2.95
N SER Q 22 -21.37 -34.17 -2.58
CA SER Q 22 -22.70 -34.40 -3.15
C SER Q 22 -22.68 -34.38 -4.67
N THR Q 23 -21.83 -33.55 -5.27
CA THR Q 23 -21.74 -33.51 -6.72
C THR Q 23 -21.32 -34.86 -7.29
N GLU Q 24 -20.16 -35.33 -6.87
CA GLU Q 24 -19.65 -36.63 -7.28
C GLU Q 24 -20.62 -37.76 -7.00
N LEU Q 25 -21.27 -37.73 -5.84
CA LEU Q 25 -22.20 -38.79 -5.50
C LEU Q 25 -23.44 -38.76 -6.37
N GLN Q 26 -23.91 -37.57 -6.74
CA GLN Q 26 -25.08 -37.49 -7.61
C GLN Q 26 -24.77 -37.95 -9.03
N ALA Q 27 -23.59 -37.59 -9.54
CA ALA Q 27 -23.17 -38.12 -10.83
C ALA Q 27 -23.06 -39.64 -10.78
N ALA Q 28 -22.47 -40.17 -9.71
CA ALA Q 28 -22.40 -41.62 -9.54
C ALA Q 28 -23.79 -42.23 -9.49
N PHE Q 29 -24.73 -41.56 -8.83
CA PHE Q 29 -26.08 -42.07 -8.72
C PHE Q 29 -26.75 -42.13 -10.09
N GLY Q 30 -26.57 -41.09 -10.90
CA GLY Q 30 -27.09 -41.13 -12.25
C GLY Q 30 -26.51 -42.26 -13.07
N ARG Q 31 -25.20 -42.50 -12.94
CA ARG Q 31 -24.59 -43.65 -13.59
C ARG Q 31 -25.24 -44.96 -13.15
N PHE Q 32 -25.36 -45.16 -11.83
CA PHE Q 32 -25.89 -46.41 -11.31
C PHE Q 32 -27.34 -46.61 -11.72
N GLU Q 33 -28.09 -45.52 -11.85
CA GLU Q 33 -29.47 -45.64 -12.29
C GLU Q 33 -29.55 -46.00 -13.76
N ARG Q 34 -28.78 -45.31 -14.62
CA ARG Q 34 -28.86 -45.61 -16.04
C ARG Q 34 -28.06 -46.84 -16.44
N ALA Q 35 -27.44 -47.53 -15.47
CA ALA Q 35 -26.78 -48.79 -15.78
C ALA Q 35 -27.72 -49.84 -16.34
N VAL Q 36 -28.91 -50.00 -15.77
CA VAL Q 36 -29.77 -51.12 -16.12
C VAL Q 36 -30.26 -51.07 -17.58
N PRO Q 37 -30.69 -49.95 -18.15
CA PRO Q 37 -31.00 -49.99 -19.59
C PRO Q 37 -29.75 -50.19 -20.44
N ALA Q 38 -28.61 -49.64 -19.99
CA ALA Q 38 -27.36 -49.84 -20.71
C ALA Q 38 -26.95 -51.31 -20.70
N ILE Q 39 -27.06 -51.98 -19.56
CA ILE Q 39 -26.70 -53.40 -19.53
C ILE Q 39 -27.71 -54.24 -20.28
N GLU Q 40 -28.98 -53.83 -20.28
CA GLU Q 40 -29.96 -54.50 -21.13
C GLU Q 40 -29.55 -54.39 -22.60
N ALA Q 41 -29.17 -53.19 -23.03
CA ALA Q 41 -28.73 -53.00 -24.42
C ALA Q 41 -27.49 -53.81 -24.72
N ALA Q 42 -26.55 -53.86 -23.79
CA ALA Q 42 -25.32 -54.62 -24.00
C ALA Q 42 -25.61 -56.10 -24.16
N ARG Q 43 -26.48 -56.64 -23.31
CA ARG Q 43 -26.86 -58.04 -23.45
C ARG Q 43 -27.56 -58.30 -24.77
N ALA Q 44 -28.45 -57.39 -25.19
CA ALA Q 44 -29.15 -57.56 -26.45
C ALA Q 44 -28.18 -57.56 -27.63
N LEU Q 45 -27.22 -56.64 -27.64
CA LEU Q 45 -26.27 -56.59 -28.74
C LEU Q 45 -25.32 -57.78 -28.72
N THR Q 46 -24.96 -58.26 -27.53
CA THR Q 46 -24.12 -59.44 -27.43
C THR Q 46 -24.83 -60.68 -27.96
N LYS Q 47 -26.13 -60.79 -27.71
CA LYS Q 47 -26.86 -61.98 -28.14
C LYS Q 47 -26.85 -62.10 -29.66
N ASN Q 48 -27.09 -61.00 -30.37
CA ASN Q 48 -27.21 -61.00 -31.83
C ASN Q 48 -25.93 -60.55 -32.51
N GLN Q 49 -24.78 -60.92 -31.95
CA GLN Q 49 -23.47 -60.64 -32.55
C GLN Q 49 -23.39 -61.00 -34.02
N ASP Q 50 -23.54 -62.29 -34.32
CA ASP Q 50 -23.19 -62.80 -35.64
C ASP Q 50 -24.08 -62.20 -36.73
N ALA Q 51 -25.38 -62.11 -36.47
CA ALA Q 51 -26.28 -61.52 -37.45
C ALA Q 51 -25.91 -60.06 -37.71
N LEU Q 52 -25.63 -59.31 -36.64
CA LEU Q 52 -25.27 -57.90 -36.79
C LEU Q 52 -24.00 -57.75 -37.62
N VAL Q 53 -22.97 -58.54 -37.32
CA VAL Q 53 -21.70 -58.39 -38.01
C VAL Q 53 -21.83 -58.79 -39.48
N LYS Q 54 -22.49 -59.92 -39.75
CA LYS Q 54 -22.65 -60.35 -41.13
C LYS Q 54 -23.49 -59.36 -41.93
N GLY Q 55 -24.56 -58.84 -41.33
CA GLY Q 55 -25.35 -57.83 -42.01
C GLY Q 55 -24.58 -56.56 -42.25
N ALA Q 56 -23.72 -56.17 -41.30
CA ALA Q 56 -22.90 -54.98 -41.49
C ALA Q 56 -21.92 -55.16 -42.63
N VAL Q 57 -21.30 -56.34 -42.73
CA VAL Q 57 -20.38 -56.61 -43.83
C VAL Q 57 -21.11 -56.58 -45.16
N GLN Q 58 -22.28 -57.23 -45.22
CA GLN Q 58 -23.06 -57.22 -46.46
C GLN Q 58 -23.50 -55.81 -46.82
N ALA Q 59 -23.81 -54.98 -45.82
CA ALA Q 59 -24.19 -53.60 -46.09
C ALA Q 59 -23.01 -52.80 -46.62
N VAL Q 60 -21.82 -53.02 -46.07
CA VAL Q 60 -20.63 -52.37 -46.60
C VAL Q 60 -20.45 -52.73 -48.06
N PHE Q 61 -20.62 -54.02 -48.38
CA PHE Q 61 -20.42 -54.45 -49.76
C PHE Q 61 -21.51 -53.95 -50.69
N LYS Q 62 -22.72 -53.77 -50.17
CA LYS Q 62 -23.79 -53.17 -50.95
C LYS Q 62 -23.51 -51.71 -51.26
N LYS Q 63 -23.06 -50.95 -50.26
CA LYS Q 63 -22.82 -49.52 -50.49
C LYS Q 63 -21.51 -49.29 -51.22
N PHE Q 64 -20.60 -50.25 -51.21
CA PHE Q 64 -19.31 -50.15 -51.89
C PHE Q 64 -19.12 -51.39 -52.77
N PRO Q 65 -19.86 -51.48 -53.87
CA PRO Q 65 -19.71 -52.65 -54.75
C PRO Q 65 -18.32 -52.80 -55.31
N TYR Q 66 -17.64 -51.69 -55.59
CA TYR Q 66 -16.34 -51.72 -56.23
C TYR Q 66 -15.26 -52.26 -55.30
N VAL Q 67 -15.54 -52.38 -54.01
CA VAL Q 67 -14.52 -52.87 -53.08
C VAL Q 67 -14.23 -54.34 -53.31
N THR Q 68 -15.27 -55.13 -53.55
CA THR Q 68 -15.10 -56.58 -53.60
C THR Q 68 -14.42 -57.05 -54.87
N GLN Q 69 -14.45 -56.27 -55.94
CA GLN Q 69 -13.89 -56.71 -57.20
C GLN Q 69 -12.38 -56.82 -57.10
N PRO Q 70 -11.76 -57.70 -57.91
CA PRO Q 70 -10.32 -57.95 -57.77
C PRO Q 70 -9.50 -56.69 -57.98
N GLY Q 71 -8.36 -56.64 -57.28
CA GLY Q 71 -7.51 -55.48 -57.31
C GLY Q 71 -7.83 -54.41 -56.29
N GLU Q 72 -8.75 -54.68 -55.37
CA GLU Q 72 -9.13 -53.72 -54.34
C GLU Q 72 -8.86 -54.32 -52.96
N LYS Q 73 -9.10 -53.49 -51.93
CA LYS Q 73 -8.76 -53.89 -50.58
C LYS Q 73 -9.67 -55.00 -50.08
N GLY Q 74 -10.89 -55.08 -50.60
CA GLY Q 74 -11.83 -56.07 -50.09
C GLY Q 74 -11.72 -57.45 -50.70
N TYR Q 75 -11.18 -57.57 -51.90
CA TYR Q 75 -11.18 -58.84 -52.61
C TYR Q 75 -10.32 -59.86 -51.89
N GLY Q 76 -10.82 -61.08 -51.81
CA GLY Q 76 -10.09 -62.14 -51.15
C GLY Q 76 -10.78 -62.65 -49.90
N ASP Q 77 -10.40 -63.85 -49.45
CA ASP Q 77 -10.97 -64.38 -48.23
C ASP Q 77 -10.37 -63.73 -46.99
N SER Q 78 -9.07 -63.42 -47.01
CA SER Q 78 -8.41 -62.86 -45.84
C SER Q 78 -8.94 -61.47 -45.54
N ASN Q 79 -9.14 -60.65 -46.57
CA ASN Q 79 -9.65 -59.30 -46.35
C ASN Q 79 -11.10 -59.34 -45.93
N GLN Q 80 -11.86 -60.30 -46.44
CA GLN Q 80 -13.21 -60.55 -45.94
C GLN Q 80 -13.19 -60.87 -44.45
N ALA Q 81 -12.29 -61.76 -44.05
CA ALA Q 81 -12.17 -62.14 -42.65
C ALA Q 81 -11.80 -60.96 -41.78
N LYS Q 82 -10.89 -60.12 -42.26
CA LYS Q 82 -10.52 -58.93 -41.50
C LYS Q 82 -11.66 -57.92 -41.43
N CYS Q 83 -12.49 -57.83 -42.47
CA CYS Q 83 -13.69 -57.01 -42.39
C CYS Q 83 -14.60 -57.48 -41.26
N ALA Q 84 -14.89 -58.78 -41.25
CA ALA Q 84 -15.73 -59.33 -40.20
C ALA Q 84 -15.14 -59.08 -38.83
N ARG Q 85 -13.83 -59.29 -38.70
CA ARG Q 85 -13.13 -59.08 -37.44
C ARG Q 85 -13.25 -57.63 -36.99
N ASP Q 86 -13.08 -56.68 -37.91
CA ASP Q 86 -13.12 -55.27 -37.54
C ASP Q 86 -14.51 -54.87 -37.06
N ILE Q 87 -15.54 -55.29 -37.77
CA ILE Q 87 -16.90 -54.96 -37.33
C ILE Q 87 -17.17 -55.61 -35.97
N GLY Q 88 -16.67 -56.82 -35.77
CA GLY Q 88 -16.83 -57.48 -34.49
C GLY Q 88 -16.12 -56.73 -33.36
N TYR Q 89 -14.94 -56.21 -33.64
CA TYR Q 89 -14.23 -55.40 -32.66
C TYR Q 89 -15.04 -54.17 -32.29
N TYR Q 90 -15.57 -53.47 -33.31
CA TYR Q 90 -16.33 -52.26 -33.05
C TYR Q 90 -17.55 -52.56 -32.21
N LEU Q 91 -18.28 -53.63 -32.55
CA LEU Q 91 -19.44 -54.02 -31.76
C LEU Q 91 -19.05 -54.38 -30.34
N ARG Q 92 -17.93 -55.10 -30.18
CA ARG Q 92 -17.47 -55.49 -28.86
C ARG Q 92 -17.19 -54.29 -27.99
N PHE Q 93 -16.54 -53.28 -28.54
CA PHE Q 93 -16.20 -52.12 -27.73
C PHE Q 93 -17.41 -51.22 -27.51
N ILE Q 94 -18.38 -51.25 -28.42
CA ILE Q 94 -19.64 -50.57 -28.13
C ILE Q 94 -20.32 -51.22 -26.92
N THR Q 95 -20.34 -52.55 -26.87
CA THR Q 95 -20.92 -53.23 -25.72
C THR Q 95 -20.13 -52.92 -24.45
N TYR Q 96 -18.80 -52.87 -24.57
CA TYR Q 96 -17.98 -52.50 -23.42
C TYR Q 96 -18.35 -51.12 -22.89
N SER Q 97 -18.49 -50.15 -23.79
CA SER Q 97 -18.80 -48.80 -23.36
C SER Q 97 -20.21 -48.69 -22.82
N LEU Q 98 -21.13 -49.51 -23.33
CA LEU Q 98 -22.46 -49.56 -22.77
C LEU Q 98 -22.44 -50.07 -21.33
N VAL Q 99 -21.68 -51.14 -21.08
CA VAL Q 99 -21.61 -51.67 -19.73
C VAL Q 99 -20.93 -50.69 -18.79
N ALA Q 100 -19.83 -50.07 -19.25
CA ALA Q 100 -19.02 -49.21 -18.41
C ALA Q 100 -19.52 -47.79 -18.35
N SER Q 101 -20.70 -47.49 -18.92
CA SER Q 101 -21.36 -46.20 -18.76
C SER Q 101 -20.43 -45.04 -19.08
N GLY Q 102 -19.70 -45.18 -20.19
CA GLY Q 102 -18.82 -44.13 -20.63
C GLY Q 102 -18.08 -44.58 -21.87
N THR Q 103 -17.79 -43.61 -22.73
CA THR Q 103 -17.15 -43.90 -24.00
C THR Q 103 -15.68 -44.28 -23.84
N GLY Q 104 -15.21 -44.43 -22.61
CA GLY Q 104 -13.82 -44.71 -22.34
C GLY Q 104 -13.27 -45.94 -23.03
N PRO Q 105 -13.99 -47.06 -23.02
CA PRO Q 105 -13.52 -48.22 -23.79
C PRO Q 105 -13.34 -47.92 -25.26
N LEU Q 106 -14.29 -47.21 -25.87
CA LEU Q 106 -14.15 -46.83 -27.28
C LEU Q 106 -12.94 -45.94 -27.49
N ASP Q 107 -12.81 -44.89 -26.68
CA ASP Q 107 -11.69 -43.97 -26.84
C ASP Q 107 -10.35 -44.67 -26.67
N ASP Q 108 -10.28 -45.63 -25.74
CA ASP Q 108 -9.00 -46.27 -25.46
C ASP Q 108 -8.67 -47.34 -26.51
N TYR Q 109 -9.67 -48.05 -27.00
CA TYR Q 109 -9.42 -49.23 -27.81
C TYR Q 109 -9.65 -49.02 -29.29
N VAL Q 110 -10.32 -47.95 -29.70
CA VAL Q 110 -10.59 -47.72 -31.11
C VAL Q 110 -10.16 -46.31 -31.49
N ILE Q 111 -10.71 -45.32 -30.80
CA ILE Q 111 -10.58 -43.93 -31.27
C ILE Q 111 -9.13 -43.49 -31.19
N ALA Q 112 -8.43 -43.83 -30.11
CA ALA Q 112 -7.03 -43.44 -29.99
C ALA Q 112 -6.20 -44.11 -31.07
N GLY Q 113 -5.57 -43.31 -31.91
CA GLY Q 113 -4.76 -43.81 -33.00
C GLY Q 113 -5.52 -44.28 -34.21
N LEU Q 114 -6.84 -44.01 -34.27
CA LEU Q 114 -7.66 -44.52 -35.34
C LEU Q 114 -7.22 -43.97 -36.70
N ARG Q 115 -7.02 -42.65 -36.78
CA ARG Q 115 -6.81 -42.02 -38.07
C ARG Q 115 -5.49 -42.45 -38.69
N GLU Q 116 -4.42 -42.51 -37.90
CA GLU Q 116 -3.13 -42.89 -38.46
C GLU Q 116 -3.05 -44.37 -38.80
N VAL Q 117 -3.70 -45.23 -38.02
CA VAL Q 117 -3.77 -46.63 -38.39
C VAL Q 117 -4.52 -46.79 -39.71
N ASN Q 118 -5.67 -46.12 -39.85
CA ASN Q 118 -6.47 -46.26 -41.05
C ASN Q 118 -5.76 -45.64 -42.25
N ARG Q 119 -4.94 -44.62 -42.00
CA ARG Q 119 -4.14 -44.05 -43.08
C ARG Q 119 -3.04 -44.99 -43.52
N ALA Q 120 -2.37 -45.62 -42.54
CA ALA Q 120 -1.28 -46.53 -42.88
C ALA Q 120 -1.78 -47.74 -43.65
N PHE Q 121 -2.91 -48.28 -43.26
CA PHE Q 121 -3.45 -49.43 -43.98
C PHE Q 121 -4.47 -49.07 -45.04
N ASN Q 122 -4.65 -47.78 -45.29
CA ASN Q 122 -5.52 -47.29 -46.37
C ASN Q 122 -6.94 -47.84 -46.23
N LEU Q 123 -7.43 -47.88 -45.00
CA LEU Q 123 -8.77 -48.33 -44.71
C LEU Q 123 -9.71 -47.14 -44.71
N ASN Q 124 -10.74 -47.21 -45.52
CA ASN Q 124 -11.65 -46.09 -45.65
C ASN Q 124 -12.56 -46.02 -44.43
N PRO Q 125 -12.60 -44.88 -43.74
CA PRO Q 125 -13.53 -44.75 -42.61
C PRO Q 125 -14.98 -44.89 -43.03
N LEU Q 126 -15.28 -44.68 -44.31
CA LEU Q 126 -16.65 -44.77 -44.79
C LEU Q 126 -17.16 -46.20 -44.74
N TRP Q 127 -16.29 -47.19 -44.91
CA TRP Q 127 -16.71 -48.58 -44.77
C TRP Q 127 -17.26 -48.84 -43.37
N TYR Q 128 -16.47 -48.46 -42.36
CA TYR Q 128 -16.89 -48.69 -40.99
C TYR Q 128 -18.07 -47.81 -40.62
N ILE Q 129 -18.16 -46.61 -41.19
CA ILE Q 129 -19.32 -45.77 -40.93
C ILE Q 129 -20.58 -46.42 -41.48
N GLU Q 130 -20.49 -47.02 -42.67
CA GLU Q 130 -21.65 -47.74 -43.22
C GLU Q 130 -22.00 -48.95 -42.36
N ALA Q 131 -20.99 -49.69 -41.91
CA ALA Q 131 -21.26 -50.83 -41.04
C ALA Q 131 -21.94 -50.39 -39.74
N LEU Q 132 -21.46 -49.30 -39.16
CA LEU Q 132 -22.05 -48.79 -37.93
C LEU Q 132 -23.45 -48.24 -38.16
N ASN Q 133 -23.70 -47.66 -39.34
CA ASN Q 133 -25.06 -47.22 -39.66
C ASN Q 133 -26.00 -48.41 -39.80
N TYR Q 134 -25.51 -49.51 -40.37
CA TYR Q 134 -26.30 -50.74 -40.37
C TYR Q 134 -26.56 -51.22 -38.95
N ILE Q 135 -25.54 -51.15 -38.10
CA ILE Q 135 -25.70 -51.55 -36.70
C ILE Q 135 -26.78 -50.71 -36.03
N LYS Q 136 -26.78 -49.41 -36.31
CA LYS Q 136 -27.83 -48.54 -35.80
C LYS Q 136 -29.20 -48.96 -36.31
N GLY Q 137 -29.28 -49.25 -37.61
CA GLY Q 137 -30.56 -49.63 -38.19
C GLY Q 137 -31.14 -50.89 -37.56
N GLU Q 138 -30.28 -51.85 -37.26
CA GLU Q 138 -30.77 -53.08 -36.62
C GLU Q 138 -30.98 -52.89 -35.13
N THR Q 139 -30.23 -51.98 -34.51
CA THR Q 139 -30.46 -51.65 -33.10
C THR Q 139 -31.82 -51.00 -32.92
N GLY Q 140 -32.28 -50.26 -33.92
CA GLY Q 140 -33.57 -49.59 -33.81
C GLY Q 140 -34.71 -50.57 -33.59
N LYS Q 141 -34.58 -51.78 -34.13
CA LYS Q 141 -35.61 -52.79 -33.98
C LYS Q 141 -35.26 -53.84 -32.93
N LEU Q 142 -33.97 -54.05 -32.67
CA LEU Q 142 -33.57 -55.03 -31.66
C LEU Q 142 -33.79 -54.50 -30.25
N LEU Q 143 -33.87 -53.19 -30.08
CA LEU Q 143 -34.00 -52.56 -28.78
C LEU Q 143 -35.10 -51.51 -28.83
N SER Q 144 -35.62 -51.17 -27.65
CA SER Q 144 -36.59 -50.09 -27.55
C SER Q 144 -36.44 -49.40 -26.20
N GLY Q 145 -36.64 -48.09 -26.20
CA GLY Q 145 -36.59 -47.34 -24.96
C GLY Q 145 -35.21 -46.80 -24.67
N GLN Q 146 -34.92 -46.65 -23.37
CA GLN Q 146 -33.65 -46.10 -22.93
C GLN Q 146 -32.49 -46.99 -23.32
N SER Q 147 -32.71 -48.30 -23.43
CA SER Q 147 -31.65 -49.17 -23.93
C SER Q 147 -31.28 -48.81 -25.35
N LYS Q 148 -32.27 -48.59 -26.20
CA LYS Q 148 -32.00 -48.19 -27.57
C LYS Q 148 -31.35 -46.82 -27.64
N THR Q 149 -31.78 -45.91 -26.76
CA THR Q 149 -31.15 -44.59 -26.71
C THR Q 149 -29.68 -44.69 -26.35
N GLU Q 150 -29.34 -45.50 -25.34
CA GLU Q 150 -27.96 -45.66 -24.95
C GLU Q 150 -27.12 -46.29 -26.06
N ALA Q 151 -27.64 -47.35 -26.67
CA ALA Q 151 -26.91 -48.00 -27.74
C ALA Q 151 -26.67 -47.05 -28.90
N LEU Q 152 -27.69 -46.27 -29.26
CA LEU Q 152 -27.52 -45.31 -30.34
C LEU Q 152 -26.49 -44.25 -30.00
N LEU Q 153 -26.51 -43.76 -28.76
CA LEU Q 153 -25.50 -42.81 -28.34
C LEU Q 153 -24.10 -43.36 -28.55
N TYR Q 154 -23.86 -44.60 -28.16
CA TYR Q 154 -22.50 -45.12 -28.27
C TYR Q 154 -22.11 -45.41 -29.71
N ILE Q 155 -23.02 -45.98 -30.50
CA ILE Q 155 -22.72 -46.25 -31.89
C ILE Q 155 -22.43 -44.96 -32.64
N ASP Q 156 -23.23 -43.93 -32.41
CA ASP Q 156 -23.04 -42.68 -33.13
C ASP Q 156 -21.87 -41.88 -32.57
N HIS Q 157 -21.46 -42.13 -31.32
CA HIS Q 157 -20.16 -41.62 -30.89
C HIS Q 157 -19.03 -42.25 -31.68
N ALA Q 158 -19.12 -43.56 -31.92
CA ALA Q 158 -18.11 -44.22 -32.75
C ALA Q 158 -18.11 -43.62 -34.15
N ILE Q 159 -19.29 -43.39 -34.71
CA ILE Q 159 -19.39 -42.83 -36.05
C ILE Q 159 -18.77 -41.44 -36.10
N ASN Q 160 -19.15 -40.57 -35.17
CA ASN Q 160 -18.61 -39.22 -35.15
C ASN Q 160 -17.10 -39.24 -34.96
N ALA Q 161 -16.58 -40.24 -34.25
CA ALA Q 161 -15.14 -40.42 -34.17
C ALA Q 161 -14.56 -40.76 -35.52
N LEU Q 162 -15.22 -41.63 -36.28
CA LEU Q 162 -14.74 -41.95 -37.62
C LEU Q 162 -14.85 -40.78 -38.57
N SER Q 163 -15.98 -40.09 -38.60
CA SER Q 163 -16.17 -38.95 -39.49
C SER Q 163 -15.55 -37.69 -38.90
N SER R 2 -21.22 -21.29 -10.55
CA SER R 2 -20.53 -21.91 -9.42
C SER R 2 -19.90 -23.24 -9.82
N ARG R 3 -20.09 -24.26 -8.99
CA ARG R 3 -19.41 -25.53 -9.15
C ARG R 3 -20.41 -26.63 -8.87
N THR R 4 -21.18 -27.02 -9.89
CA THR R 4 -22.29 -27.94 -9.77
C THR R 4 -22.24 -28.92 -10.91
N VAL R 5 -23.04 -29.99 -10.81
CA VAL R 5 -22.87 -31.16 -11.67
C VAL R 5 -22.89 -30.76 -13.16
N ILE R 6 -23.87 -29.95 -13.56
CA ILE R 6 -23.93 -29.48 -14.93
C ILE R 6 -22.68 -28.70 -15.28
N THR R 7 -22.24 -27.83 -14.38
CA THR R 7 -21.07 -27.02 -14.64
C THR R 7 -19.81 -27.86 -14.73
N GLU R 8 -19.66 -28.89 -13.90
CA GLU R 8 -18.49 -29.76 -14.03
C GLU R 8 -18.50 -30.48 -15.36
N VAL R 9 -19.67 -31.00 -15.74
CA VAL R 9 -19.83 -31.63 -17.04
C VAL R 9 -19.36 -30.69 -18.15
N ILE R 10 -19.92 -29.49 -18.19
CA ILE R 10 -19.65 -28.57 -19.29
C ILE R 10 -18.20 -28.12 -19.26
N ALA R 11 -17.63 -27.92 -18.07
CA ALA R 11 -16.25 -27.52 -17.95
C ALA R 11 -15.30 -28.61 -18.42
N THR R 12 -15.57 -29.86 -18.07
CA THR R 12 -14.74 -30.96 -18.55
C THR R 12 -14.80 -31.06 -20.06
N ALA R 13 -15.99 -30.97 -20.63
CA ALA R 13 -16.09 -30.99 -22.08
C ALA R 13 -15.36 -29.81 -22.70
N ASP R 14 -15.47 -28.65 -22.08
CA ASP R 14 -14.86 -27.43 -22.60
C ASP R 14 -13.35 -27.55 -22.63
N SER R 15 -12.76 -28.04 -21.56
CA SER R 15 -11.31 -28.13 -21.49
C SER R 15 -10.75 -29.21 -22.39
N GLN R 16 -11.53 -30.24 -22.68
CA GLN R 16 -11.09 -31.29 -23.57
C GLN R 16 -11.43 -31.01 -25.03
N GLY R 17 -12.01 -29.85 -25.32
CA GLY R 17 -12.27 -29.47 -26.69
C GLY R 17 -13.17 -30.43 -27.41
N ARG R 18 -14.26 -30.83 -26.77
CA ARG R 18 -15.18 -31.79 -27.37
C ARG R 18 -16.59 -31.62 -26.81
N PHE R 19 -17.52 -32.33 -27.44
CA PHE R 19 -18.93 -32.20 -27.15
C PHE R 19 -19.29 -32.91 -25.84
N LEU R 20 -20.59 -32.90 -25.54
CA LEU R 20 -21.09 -33.58 -24.36
C LEU R 20 -21.52 -34.99 -24.73
N ASN R 21 -20.91 -35.98 -24.11
CA ASN R 21 -21.15 -37.36 -24.46
C ASN R 21 -21.96 -38.06 -23.39
N SER R 22 -22.12 -39.36 -23.56
CA SER R 22 -23.07 -40.12 -22.75
C SER R 22 -22.71 -40.08 -21.27
N THR R 23 -21.42 -40.13 -20.95
CA THR R 23 -21.03 -40.07 -19.54
C THR R 23 -21.49 -38.77 -18.91
N GLU R 24 -21.32 -37.66 -19.62
CA GLU R 24 -21.67 -36.36 -19.08
C GLU R 24 -23.18 -36.17 -19.04
N LEU R 25 -23.89 -36.68 -20.04
CA LEU R 25 -25.34 -36.60 -20.03
C LEU R 25 -25.92 -37.48 -18.93
N GLN R 26 -25.26 -38.58 -18.59
CA GLN R 26 -25.74 -39.40 -17.48
C GLN R 26 -25.53 -38.71 -16.14
N ALA R 27 -24.39 -38.05 -15.95
CA ALA R 27 -24.22 -37.22 -14.77
C ALA R 27 -25.34 -36.18 -14.68
N ALA R 28 -25.61 -35.49 -15.79
CA ALA R 28 -26.66 -34.47 -15.79
C ALA R 28 -28.03 -35.07 -15.50
N PHE R 29 -28.30 -36.24 -16.06
CA PHE R 29 -29.52 -36.96 -15.75
C PHE R 29 -29.66 -37.14 -14.25
N GLY R 30 -28.69 -37.83 -13.65
CA GLY R 30 -28.74 -38.03 -12.21
C GLY R 30 -28.97 -36.76 -11.44
N ARG R 31 -28.39 -35.65 -11.89
CA ARG R 31 -28.66 -34.37 -11.23
C ARG R 31 -30.13 -33.98 -11.35
N PHE R 32 -30.70 -34.17 -12.54
CA PHE R 32 -32.08 -33.74 -12.77
C PHE R 32 -33.07 -34.55 -11.95
N GLU R 33 -32.84 -35.85 -11.77
CA GLU R 33 -33.69 -36.59 -10.83
C GLU R 33 -33.38 -36.30 -9.36
N ARG R 34 -32.12 -36.07 -9.00
CA ARG R 34 -31.88 -35.70 -7.62
C ARG R 34 -32.49 -34.36 -7.24
N ALA R 35 -32.88 -33.54 -8.23
CA ALA R 35 -33.41 -32.22 -7.92
C ALA R 35 -34.67 -32.27 -7.06
N VAL R 36 -35.45 -33.35 -7.16
CA VAL R 36 -36.75 -33.39 -6.47
C VAL R 36 -36.61 -33.40 -4.96
N PRO R 37 -35.95 -34.39 -4.34
CA PRO R 37 -35.74 -34.30 -2.88
C PRO R 37 -34.95 -33.06 -2.49
N ALA R 38 -34.05 -32.60 -3.35
CA ALA R 38 -33.24 -31.44 -3.02
C ALA R 38 -34.08 -30.16 -2.96
N ILE R 39 -34.94 -29.94 -3.96
CA ILE R 39 -35.80 -28.77 -3.90
C ILE R 39 -36.78 -28.88 -2.74
N GLU R 40 -37.27 -30.09 -2.46
CA GLU R 40 -38.16 -30.24 -1.31
C GLU R 40 -37.45 -29.89 -0.01
N ALA R 41 -36.22 -30.35 0.17
CA ALA R 41 -35.45 -30.01 1.36
C ALA R 41 -35.23 -28.51 1.45
N ALA R 42 -34.90 -27.88 0.33
CA ALA R 42 -34.68 -26.44 0.34
C ALA R 42 -35.93 -25.68 0.73
N ARG R 43 -37.07 -26.09 0.20
CA ARG R 43 -38.33 -25.44 0.56
C ARG R 43 -38.66 -25.62 2.03
N ALA R 44 -38.48 -26.83 2.56
CA ALA R 44 -38.76 -27.07 3.97
C ALA R 44 -37.84 -26.25 4.87
N LEU R 45 -36.55 -26.21 4.54
CA LEU R 45 -35.62 -25.42 5.35
C LEU R 45 -35.93 -23.93 5.26
N THR R 46 -36.32 -23.45 4.08
CA THR R 46 -36.70 -22.05 3.95
C THR R 46 -37.91 -21.71 4.80
N LYS R 47 -38.91 -22.60 4.82
CA LYS R 47 -40.13 -22.32 5.58
C LYS R 47 -39.84 -22.20 7.07
N ASN R 48 -38.84 -22.92 7.55
CA ASN R 48 -38.55 -22.98 8.98
C ASN R 48 -37.23 -22.30 9.33
N GLN R 49 -36.85 -21.29 8.56
CA GLN R 49 -35.53 -20.68 8.74
C GLN R 49 -35.41 -19.99 10.09
N ASP R 50 -36.45 -19.27 10.51
CA ASP R 50 -36.35 -18.48 11.73
C ASP R 50 -36.26 -19.38 12.97
N ALA R 51 -37.07 -20.44 13.01
CA ALA R 51 -37.00 -21.36 14.13
C ALA R 51 -35.63 -22.03 14.19
N LEU R 52 -35.12 -22.45 13.04
CA LEU R 52 -33.81 -23.09 12.99
C LEU R 52 -32.71 -22.13 13.46
N VAL R 53 -32.77 -20.88 13.03
CA VAL R 53 -31.73 -19.92 13.38
C VAL R 53 -31.77 -19.61 14.88
N LYS R 54 -32.97 -19.37 15.42
CA LYS R 54 -33.07 -19.11 16.85
C LYS R 54 -32.59 -20.30 17.66
N GLY R 55 -33.00 -21.50 17.28
CA GLY R 55 -32.55 -22.68 18.00
C GLY R 55 -31.05 -22.87 17.91
N ALA R 56 -30.46 -22.55 16.75
CA ALA R 56 -29.03 -22.70 16.59
C ALA R 56 -28.27 -21.73 17.48
N VAL R 57 -28.74 -20.49 17.56
CA VAL R 57 -28.11 -19.53 18.46
C VAL R 57 -28.21 -20.01 19.89
N GLN R 58 -29.38 -20.53 20.29
CA GLN R 58 -29.54 -20.99 21.66
C GLN R 58 -28.69 -22.20 21.96
N ALA R 59 -28.53 -23.11 21.01
CA ALA R 59 -27.63 -24.24 21.21
C ALA R 59 -26.19 -23.77 21.35
N VAL R 60 -25.81 -22.77 20.57
CA VAL R 60 -24.47 -22.22 20.70
C VAL R 60 -24.26 -21.67 22.10
N PHE R 61 -25.24 -20.95 22.62
CA PHE R 61 -25.09 -20.37 23.95
C PHE R 61 -25.17 -21.43 25.03
N LYS R 62 -25.85 -22.53 24.77
CA LYS R 62 -25.92 -23.62 25.73
C LYS R 62 -24.59 -24.35 25.83
N LYS R 63 -23.94 -24.59 24.69
CA LYS R 63 -22.70 -25.36 24.70
C LYS R 63 -21.50 -24.51 25.12
N PHE R 64 -21.57 -23.19 24.97
CA PHE R 64 -20.50 -22.28 25.34
C PHE R 64 -21.06 -21.21 26.26
N PRO R 65 -21.32 -21.55 27.52
CA PRO R 65 -21.95 -20.57 28.41
C PRO R 65 -21.11 -19.33 28.62
N TYR R 66 -19.78 -19.46 28.64
CA TYR R 66 -18.91 -18.35 28.96
C TYR R 66 -18.97 -17.23 27.95
N VAL R 67 -19.40 -17.50 26.73
CA VAL R 67 -19.30 -16.50 25.67
C VAL R 67 -20.27 -15.35 25.95
N THR R 68 -21.42 -15.66 26.55
CA THR R 68 -22.38 -14.62 26.91
C THR R 68 -21.88 -13.71 28.02
N GLN R 69 -20.94 -14.18 28.83
CA GLN R 69 -20.42 -13.40 29.94
C GLN R 69 -19.78 -12.12 29.43
N PRO R 70 -19.76 -11.06 30.24
CA PRO R 70 -19.24 -9.78 29.76
C PRO R 70 -17.75 -9.86 29.47
N GLY R 71 -17.31 -9.06 28.51
CA GLY R 71 -15.94 -9.11 28.05
C GLY R 71 -15.66 -10.15 27.00
N GLU R 72 -16.68 -10.86 26.52
CA GLU R 72 -16.51 -11.94 25.57
C GLU R 72 -17.37 -11.69 24.34
N LYS R 73 -17.21 -12.55 23.35
CA LYS R 73 -17.79 -12.34 22.03
C LYS R 73 -19.31 -12.43 22.03
N GLY R 74 -19.91 -13.05 23.03
CA GLY R 74 -21.35 -13.15 23.04
C GLY R 74 -22.06 -12.09 23.84
N TYR R 75 -21.30 -11.19 24.46
CA TYR R 75 -21.90 -10.19 25.33
C TYR R 75 -22.43 -9.03 24.51
N GLY R 76 -23.68 -8.69 24.73
CA GLY R 76 -24.26 -7.55 24.07
C GLY R 76 -25.27 -7.96 23.02
N ASP R 77 -26.10 -7.01 22.63
CA ASP R 77 -27.14 -7.30 21.65
C ASP R 77 -26.59 -7.36 20.24
N SER R 78 -25.62 -6.52 19.90
CA SER R 78 -25.08 -6.51 18.54
C SER R 78 -24.36 -7.82 18.23
N ASN R 79 -23.63 -8.34 19.22
CA ASN R 79 -22.95 -9.61 19.03
C ASN R 79 -23.94 -10.74 18.76
N GLN R 80 -25.08 -10.74 19.43
CA GLN R 80 -26.07 -11.80 19.19
C GLN R 80 -26.84 -11.57 17.90
N ALA R 81 -27.06 -10.32 17.52
CA ALA R 81 -27.59 -10.05 16.19
C ALA R 81 -26.68 -10.62 15.12
N LYS R 82 -25.37 -10.49 15.32
CA LYS R 82 -24.41 -11.06 14.39
C LYS R 82 -24.41 -12.59 14.45
N CYS R 83 -24.59 -13.15 15.64
CA CYS R 83 -24.86 -14.59 15.77
C CYS R 83 -25.91 -15.02 14.77
N ALA R 84 -27.10 -14.45 14.92
CA ALA R 84 -28.25 -14.89 14.12
C ALA R 84 -28.02 -14.62 12.65
N ARG R 85 -27.37 -13.51 12.33
CA ARG R 85 -27.07 -13.20 10.93
C ARG R 85 -26.17 -14.26 10.32
N ASP R 86 -25.13 -14.68 11.02
CA ASP R 86 -24.24 -15.70 10.49
C ASP R 86 -24.95 -17.03 10.32
N ILE R 87 -25.75 -17.42 11.30
CA ILE R 87 -26.47 -18.69 11.16
C ILE R 87 -27.42 -18.63 9.98
N GLY R 88 -28.07 -17.48 9.79
CA GLY R 88 -28.91 -17.31 8.62
C GLY R 88 -28.13 -17.39 7.32
N TYR R 89 -26.91 -16.85 7.32
CA TYR R 89 -26.03 -16.96 6.14
C TYR R 89 -25.77 -18.41 5.81
N TYR R 90 -25.35 -19.19 6.81
CA TYR R 90 -25.06 -20.59 6.57
C TYR R 90 -26.28 -21.34 6.07
N LEU R 91 -27.44 -21.09 6.68
CA LEU R 91 -28.66 -21.76 6.25
C LEU R 91 -29.02 -21.38 4.82
N ARG R 92 -28.88 -20.09 4.48
CA ARG R 92 -29.19 -19.65 3.14
C ARG R 92 -28.31 -20.34 2.12
N PHE R 93 -27.02 -20.44 2.40
CA PHE R 93 -26.12 -21.03 1.43
C PHE R 93 -26.26 -22.53 1.37
N ILE R 94 -26.71 -23.18 2.44
CA ILE R 94 -27.05 -24.59 2.37
C ILE R 94 -28.26 -24.79 1.47
N THR R 95 -29.28 -23.94 1.59
CA THR R 95 -30.43 -24.07 0.71
C THR R 95 -30.04 -23.80 -0.74
N TYR R 96 -29.18 -22.81 -0.97
CA TYR R 96 -28.63 -22.58 -2.29
C TYR R 96 -27.98 -23.83 -2.84
N SER R 97 -27.11 -24.46 -2.06
CA SER R 97 -26.40 -25.64 -2.53
C SER R 97 -27.35 -26.80 -2.77
N LEU R 98 -28.41 -26.91 -1.98
CA LEU R 98 -29.42 -27.93 -2.23
C LEU R 98 -30.09 -27.72 -3.57
N VAL R 99 -30.41 -26.47 -3.90
CA VAL R 99 -31.08 -26.20 -5.16
C VAL R 99 -30.13 -26.38 -6.33
N ALA R 100 -28.88 -25.94 -6.19
CA ALA R 100 -27.89 -26.04 -7.25
C ALA R 100 -27.39 -27.45 -7.46
N SER R 101 -27.65 -28.38 -6.55
CA SER R 101 -27.13 -29.74 -6.61
C SER R 101 -25.63 -29.74 -6.77
N GLY R 102 -24.97 -28.88 -5.99
CA GLY R 102 -23.54 -28.88 -5.90
C GLY R 102 -23.15 -28.04 -4.72
N THR R 103 -21.93 -28.27 -4.25
CA THR R 103 -21.44 -27.53 -3.10
C THR R 103 -20.90 -26.16 -3.46
N GLY R 104 -21.05 -25.76 -4.71
CA GLY R 104 -20.48 -24.54 -5.22
C GLY R 104 -20.92 -23.28 -4.52
N PRO R 105 -22.20 -23.14 -4.23
CA PRO R 105 -22.62 -21.98 -3.41
C PRO R 105 -21.91 -21.91 -2.07
N LEU R 106 -21.86 -22.99 -1.30
CA LEU R 106 -21.08 -22.98 -0.07
C LEU R 106 -19.62 -22.67 -0.33
N ASP R 107 -18.99 -23.37 -1.25
CA ASP R 107 -17.56 -23.18 -1.45
C ASP R 107 -17.22 -21.75 -1.86
N ASP R 108 -18.08 -21.13 -2.66
CA ASP R 108 -17.78 -19.80 -3.17
C ASP R 108 -18.16 -18.71 -2.19
N TYR R 109 -19.19 -18.92 -1.38
CA TYR R 109 -19.65 -17.83 -0.52
C TYR R 109 -19.23 -17.96 0.93
N VAL R 110 -19.00 -19.16 1.45
CA VAL R 110 -18.69 -19.36 2.85
C VAL R 110 -17.27 -19.89 3.03
N ILE R 111 -16.93 -20.98 2.34
CA ILE R 111 -15.70 -21.70 2.68
C ILE R 111 -14.47 -20.94 2.18
N ALA R 112 -14.55 -20.38 0.99
CA ALA R 112 -13.40 -19.65 0.43
C ALA R 112 -13.18 -18.37 1.23
N GLY R 113 -12.16 -18.37 2.07
CA GLY R 113 -11.91 -17.26 2.97
C GLY R 113 -12.42 -17.49 4.38
N LEU R 114 -12.89 -18.68 4.70
CA LEU R 114 -13.48 -18.95 6.01
C LEU R 114 -12.43 -18.86 7.11
N ARG R 115 -11.32 -19.57 6.94
CA ARG R 115 -10.31 -19.66 7.99
C ARG R 115 -9.68 -18.31 8.28
N GLU R 116 -9.32 -17.57 7.23
CA GLU R 116 -8.69 -16.27 7.43
C GLU R 116 -9.63 -15.30 8.14
N VAL R 117 -10.90 -15.31 7.77
CA VAL R 117 -11.85 -14.38 8.37
C VAL R 117 -12.11 -14.75 9.81
N ASN R 118 -12.27 -16.04 10.10
CA ASN R 118 -12.42 -16.47 11.48
C ASN R 118 -11.22 -16.09 12.31
N ARG R 119 -10.02 -16.30 11.78
CA ARG R 119 -8.81 -15.99 12.50
C ARG R 119 -8.66 -14.49 12.74
N ALA R 120 -9.13 -13.68 11.79
CA ALA R 120 -8.95 -12.23 11.91
C ALA R 120 -9.86 -11.64 12.97
N PHE R 121 -11.12 -12.06 12.98
CA PHE R 121 -12.09 -11.54 13.92
C PHE R 121 -12.18 -12.37 15.19
N ASN R 122 -11.34 -13.39 15.31
CA ASN R 122 -11.24 -14.21 16.51
C ASN R 122 -12.53 -14.98 16.76
N LEU R 123 -13.25 -15.29 15.70
CA LEU R 123 -14.40 -16.17 15.81
C LEU R 123 -13.94 -17.61 15.94
N ASN R 124 -14.70 -18.40 16.68
CA ASN R 124 -14.32 -19.77 16.95
C ASN R 124 -15.10 -20.69 16.03
N PRO R 125 -14.44 -21.55 15.27
CA PRO R 125 -15.19 -22.44 14.36
C PRO R 125 -16.11 -23.41 15.07
N LEU R 126 -15.83 -23.71 16.35
CA LEU R 126 -16.66 -24.66 17.07
C LEU R 126 -18.04 -24.10 17.36
N TRP R 127 -18.17 -22.78 17.45
CA TRP R 127 -19.49 -22.19 17.60
C TRP R 127 -20.37 -22.55 16.41
N TYR R 128 -19.84 -22.36 15.21
CA TYR R 128 -20.62 -22.64 14.01
C TYR R 128 -20.80 -24.12 13.81
N ILE R 129 -19.83 -24.93 14.21
CA ILE R 129 -20.04 -26.37 14.18
C ILE R 129 -21.21 -26.76 15.09
N GLU R 130 -21.28 -26.15 16.27
CA GLU R 130 -22.39 -26.43 17.17
C GLU R 130 -23.73 -26.01 16.56
N ALA R 131 -23.78 -24.84 15.95
CA ALA R 131 -25.01 -24.39 15.33
C ALA R 131 -25.41 -25.31 14.19
N LEU R 132 -24.45 -25.74 13.38
CA LEU R 132 -24.79 -26.60 12.27
C LEU R 132 -25.19 -27.99 12.73
N ASN R 133 -24.61 -28.45 13.85
CA ASN R 133 -25.06 -29.69 14.46
C ASN R 133 -26.51 -29.57 14.92
N TYR R 134 -26.88 -28.43 15.49
CA TYR R 134 -28.28 -28.24 15.86
C TYR R 134 -29.17 -28.28 14.63
N ILE R 135 -28.77 -27.60 13.56
CA ILE R 135 -29.57 -27.59 12.35
C ILE R 135 -29.69 -29.00 11.77
N LYS R 136 -28.62 -29.78 11.86
CA LYS R 136 -28.65 -31.17 11.42
C LYS R 136 -29.68 -31.97 12.22
N GLY R 137 -29.62 -31.85 13.54
CA GLY R 137 -30.58 -32.54 14.38
C GLY R 137 -32.01 -32.15 14.06
N GLU R 138 -32.25 -30.87 13.81
CA GLU R 138 -33.62 -30.42 13.56
C GLU R 138 -34.11 -30.85 12.18
N THR R 139 -33.27 -30.73 11.15
CA THR R 139 -33.68 -31.18 9.83
C THR R 139 -33.88 -32.68 9.80
N GLY R 140 -33.31 -33.40 10.77
CA GLY R 140 -33.70 -34.78 10.97
C GLY R 140 -35.19 -34.91 11.25
N LYS R 141 -35.79 -33.88 11.85
CA LYS R 141 -37.22 -33.93 12.15
C LYS R 141 -38.06 -33.28 11.06
N LEU R 142 -37.63 -32.15 10.52
CA LEU R 142 -38.40 -31.46 9.49
C LEU R 142 -38.44 -32.25 8.19
N LEU R 143 -37.43 -33.07 7.93
CA LEU R 143 -37.28 -33.76 6.66
C LEU R 143 -37.21 -35.27 6.88
N SER R 144 -37.40 -36.01 5.80
CA SER R 144 -37.29 -37.46 5.85
C SER R 144 -37.07 -38.01 4.45
N GLY R 145 -36.38 -39.14 4.39
CA GLY R 145 -36.14 -39.81 3.12
C GLY R 145 -34.91 -39.27 2.44
N GLN R 146 -35.00 -39.08 1.12
CA GLN R 146 -33.89 -38.54 0.37
C GLN R 146 -33.71 -37.04 0.62
N SER R 147 -34.80 -36.34 0.91
CA SER R 147 -34.68 -34.94 1.27
C SER R 147 -33.74 -34.75 2.44
N LYS R 148 -33.87 -35.61 3.44
CA LYS R 148 -33.06 -35.48 4.63
C LYS R 148 -31.61 -35.83 4.38
N THR R 149 -31.35 -36.86 3.56
CA THR R 149 -29.96 -37.20 3.28
C THR R 149 -29.29 -36.11 2.45
N GLU R 150 -30.02 -35.48 1.54
CA GLU R 150 -29.46 -34.36 0.80
C GLU R 150 -29.10 -33.21 1.73
N ALA R 151 -30.04 -32.81 2.58
CA ALA R 151 -29.77 -31.73 3.52
C ALA R 151 -28.59 -32.07 4.41
N LEU R 152 -28.50 -33.32 4.87
CA LEU R 152 -27.44 -33.70 5.78
C LEU R 152 -26.09 -33.71 5.07
N LEU R 153 -26.07 -34.12 3.80
CA LEU R 153 -24.80 -34.03 3.07
C LEU R 153 -24.31 -32.60 2.98
N TYR R 154 -25.21 -31.66 2.70
CA TYR R 154 -24.73 -30.28 2.59
C TYR R 154 -24.34 -29.71 3.95
N ILE R 155 -25.11 -30.01 5.00
CA ILE R 155 -24.78 -29.49 6.31
C ILE R 155 -23.46 -30.08 6.79
N ASP R 156 -23.24 -31.35 6.51
CA ASP R 156 -21.98 -31.98 6.88
C ASP R 156 -20.80 -31.49 6.06
N HIS R 157 -20.99 -31.13 4.79
CA HIS R 157 -19.93 -30.48 4.04
C HIS R 157 -19.55 -29.17 4.71
N ALA R 158 -20.54 -28.37 5.10
CA ALA R 158 -20.25 -27.12 5.78
C ALA R 158 -19.53 -27.34 7.10
N ILE R 159 -19.96 -28.35 7.86
CA ILE R 159 -19.31 -28.66 9.14
C ILE R 159 -17.86 -29.07 8.93
N ASN R 160 -17.62 -29.95 7.95
CA ASN R 160 -16.26 -30.38 7.67
C ASN R 160 -15.40 -29.21 7.20
N ALA R 161 -16.01 -28.26 6.49
CA ALA R 161 -15.29 -27.05 6.11
C ALA R 161 -14.86 -26.26 7.33
N LEU R 162 -15.75 -26.15 8.32
CA LEU R 162 -15.42 -25.41 9.54
C LEU R 162 -14.32 -26.12 10.34
N SER R 163 -14.27 -27.44 10.30
CA SER R 163 -13.27 -28.17 11.06
C SER R 163 -12.18 -28.71 10.16
N SER S 2 17.92 -23.11 9.24
CA SER S 2 17.12 -22.15 9.96
C SER S 2 17.43 -20.73 9.49
N ARG S 3 16.40 -19.90 9.39
CA ARG S 3 16.57 -18.51 8.99
C ARG S 3 17.23 -17.74 10.12
N THR S 4 18.51 -17.43 9.95
CA THR S 4 19.23 -16.50 10.80
C THR S 4 19.76 -15.38 9.92
N VAL S 5 20.42 -14.40 10.54
CA VAL S 5 21.06 -13.36 9.74
C VAL S 5 22.14 -13.97 8.86
N ILE S 6 22.96 -14.86 9.43
CA ILE S 6 24.02 -15.51 8.66
C ILE S 6 23.45 -16.33 7.52
N THR S 7 22.42 -17.13 7.80
CA THR S 7 21.85 -17.98 6.76
C THR S 7 21.20 -17.15 5.67
N GLU S 8 20.49 -16.08 6.03
CA GLU S 8 19.91 -15.22 5.00
C GLU S 8 20.97 -14.53 4.16
N VAL S 9 22.01 -14.01 4.81
CA VAL S 9 23.20 -13.50 4.13
C VAL S 9 23.69 -14.50 3.09
N ILE S 10 24.02 -15.70 3.54
CA ILE S 10 24.64 -16.67 2.66
C ILE S 10 23.67 -17.09 1.56
N ALA S 11 22.38 -17.16 1.88
CA ALA S 11 21.39 -17.58 0.90
C ALA S 11 21.19 -16.53 -0.19
N THR S 12 21.09 -15.26 0.19
CA THR S 12 20.94 -14.22 -0.83
C THR S 12 22.21 -14.07 -1.63
N ALA S 13 23.35 -14.45 -1.06
CA ALA S 13 24.58 -14.49 -1.85
C ALA S 13 24.57 -15.65 -2.84
N ASP S 14 24.15 -16.83 -2.39
CA ASP S 14 24.24 -18.02 -3.23
C ASP S 14 23.16 -18.04 -4.30
N SER S 15 22.00 -17.44 -4.02
CA SER S 15 20.92 -17.44 -4.99
C SER S 15 21.35 -16.79 -6.28
N GLN S 16 22.11 -15.71 -6.18
CA GLN S 16 22.64 -15.02 -7.34
C GLN S 16 24.10 -15.38 -7.62
N GLY S 17 24.61 -16.41 -6.98
CA GLY S 17 25.89 -16.98 -7.34
C GLY S 17 27.08 -16.04 -7.25
N ARG S 18 27.22 -15.33 -6.14
CA ARG S 18 28.34 -14.42 -5.96
C ARG S 18 28.98 -14.63 -4.61
N PHE S 19 30.19 -14.10 -4.46
CA PHE S 19 30.87 -14.09 -3.18
C PHE S 19 30.20 -13.13 -2.22
N LEU S 20 30.41 -13.36 -0.94
CA LEU S 20 29.88 -12.48 0.10
C LEU S 20 30.62 -11.15 0.04
N ASN S 21 29.88 -10.05 0.06
CA ASN S 21 30.50 -8.73 -0.01
C ASN S 21 30.10 -7.88 1.18
N SER S 22 30.40 -6.59 1.13
CA SER S 22 30.12 -5.71 2.26
C SER S 22 28.66 -5.76 2.67
N THR S 23 27.75 -5.80 1.70
CA THR S 23 26.33 -5.80 1.99
C THR S 23 25.94 -6.98 2.88
N GLU S 24 26.72 -8.05 2.85
CA GLU S 24 26.52 -9.24 3.66
C GLU S 24 27.28 -9.19 4.97
N LEU S 25 28.48 -8.63 4.93
CA LEU S 25 29.34 -8.61 6.12
C LEU S 25 28.85 -7.61 7.15
N GLN S 26 28.27 -6.49 6.71
CA GLN S 26 27.66 -5.57 7.66
C GLN S 26 26.48 -6.22 8.37
N ALA S 27 25.68 -6.97 7.63
CA ALA S 27 24.56 -7.69 8.23
C ALA S 27 25.05 -8.71 9.25
N ALA S 28 26.11 -9.44 8.91
CA ALA S 28 26.68 -10.39 9.89
C ALA S 28 27.24 -9.67 11.10
N PHE S 29 27.88 -8.52 10.88
CA PHE S 29 28.40 -7.72 11.98
C PHE S 29 27.31 -7.31 12.95
N GLY S 30 26.16 -6.89 12.43
CA GLY S 30 25.05 -6.55 13.29
C GLY S 30 24.61 -7.72 14.15
N ARG S 31 24.58 -8.92 13.56
CA ARG S 31 24.23 -10.11 14.32
C ARG S 31 25.22 -10.36 15.44
N PHE S 32 26.51 -10.27 15.12
CA PHE S 32 27.53 -10.54 16.12
C PHE S 32 27.46 -9.55 17.26
N GLU S 33 27.20 -8.28 16.95
CA GLU S 33 27.08 -7.28 18.00
C GLU S 33 25.82 -7.50 18.84
N ARG S 34 24.72 -7.89 18.20
CA ARG S 34 23.48 -8.06 18.95
C ARG S 34 23.42 -9.40 19.67
N ALA S 35 24.41 -10.27 19.47
CA ALA S 35 24.40 -11.55 20.16
C ALA S 35 24.40 -11.40 21.68
N VAL S 36 25.17 -10.46 22.21
CA VAL S 36 25.40 -10.36 23.64
C VAL S 36 24.10 -10.17 24.42
N PRO S 37 23.26 -9.18 24.09
CA PRO S 37 21.97 -9.09 24.79
C PRO S 37 21.11 -10.31 24.59
N ALA S 38 21.16 -10.92 23.40
CA ALA S 38 20.36 -12.11 23.14
C ALA S 38 20.81 -13.28 24.00
N ILE S 39 22.12 -13.46 24.15
CA ILE S 39 22.63 -14.53 25.00
C ILE S 39 22.30 -14.25 26.46
N GLU S 40 22.36 -12.98 26.88
CA GLU S 40 21.94 -12.64 28.24
C GLU S 40 20.49 -13.00 28.47
N ALA S 41 19.61 -12.65 27.52
CA ALA S 41 18.20 -12.96 27.66
C ALA S 41 17.96 -14.46 27.66
N ALA S 42 18.70 -15.21 26.84
CA ALA S 42 18.56 -16.67 26.84
C ALA S 42 18.98 -17.25 28.18
N ARG S 43 20.07 -16.73 28.76
CA ARG S 43 20.51 -17.20 30.07
C ARG S 43 19.43 -16.94 31.12
N ALA S 44 18.88 -15.72 31.11
CA ALA S 44 17.85 -15.37 32.09
C ALA S 44 16.61 -16.22 31.93
N LEU S 45 16.18 -16.44 30.69
CA LEU S 45 14.96 -17.20 30.45
C LEU S 45 15.16 -18.69 30.73
N THR S 46 16.40 -19.19 30.60
CA THR S 46 16.65 -20.58 30.93
C THR S 46 16.72 -20.78 32.44
N LYS S 47 17.25 -19.80 33.17
CA LYS S 47 17.26 -19.89 34.63
C LYS S 47 15.84 -20.04 35.17
N ASN S 48 14.92 -19.22 34.67
CA ASN S 48 13.60 -19.06 35.28
C ASN S 48 12.52 -19.84 34.54
N GLN S 49 12.87 -20.95 33.90
CA GLN S 49 11.90 -21.63 33.05
C GLN S 49 10.74 -22.18 33.85
N ASP S 50 11.00 -22.74 35.04
CA ASP S 50 9.94 -23.40 35.79
C ASP S 50 8.93 -22.39 36.31
N ALA S 51 9.40 -21.29 36.89
CA ALA S 51 8.49 -20.26 37.36
C ALA S 51 7.68 -19.70 36.21
N LEU S 52 8.33 -19.44 35.07
CA LEU S 52 7.63 -18.90 33.92
C LEU S 52 6.55 -19.86 33.44
N VAL S 53 6.85 -21.15 33.40
CA VAL S 53 5.90 -22.12 32.89
C VAL S 53 4.70 -22.25 33.83
N LYS S 54 4.98 -22.35 35.13
CA LYS S 54 3.87 -22.46 36.08
C LYS S 54 3.01 -21.20 36.07
N GLY S 55 3.64 -20.03 36.04
CA GLY S 55 2.87 -18.80 35.98
C GLY S 55 2.07 -18.67 34.71
N ALA S 56 2.62 -19.13 33.59
CA ALA S 56 1.89 -19.07 32.33
C ALA S 56 0.68 -19.99 32.35
N VAL S 57 0.83 -21.20 32.88
CA VAL S 57 -0.30 -22.11 32.96
C VAL S 57 -1.38 -21.53 33.86
N GLN S 58 -0.98 -20.96 35.00
CA GLN S 58 -1.95 -20.38 35.90
C GLN S 58 -2.63 -19.17 35.28
N ALA S 59 -1.89 -18.38 34.50
CA ALA S 59 -2.49 -17.25 33.81
C ALA S 59 -3.51 -17.71 32.79
N VAL S 60 -3.21 -18.79 32.07
CA VAL S 60 -4.17 -19.35 31.12
C VAL S 60 -5.43 -19.77 31.85
N PHE S 61 -5.29 -20.43 33.00
CA PHE S 61 -6.47 -20.87 33.73
C PHE S 61 -7.24 -19.72 34.36
N LYS S 62 -6.56 -18.65 34.74
CA LYS S 62 -7.26 -17.47 35.23
C LYS S 62 -8.06 -16.80 34.12
N LYS S 63 -7.49 -16.70 32.92
CA LYS S 63 -8.21 -16.04 31.83
C LYS S 63 -9.31 -16.94 31.28
N PHE S 64 -9.15 -18.25 31.36
CA PHE S 64 -10.13 -19.20 30.86
C PHE S 64 -10.53 -20.14 31.99
N PRO S 65 -11.35 -19.68 32.93
CA PRO S 65 -11.82 -20.60 33.97
C PRO S 65 -12.65 -21.73 33.40
N TYR S 66 -13.29 -21.51 32.25
CA TYR S 66 -14.18 -22.50 31.68
C TYR S 66 -13.46 -23.76 31.22
N VAL S 67 -12.16 -23.67 30.93
CA VAL S 67 -11.49 -24.78 30.27
C VAL S 67 -11.16 -25.86 31.27
N THR S 68 -11.04 -25.50 32.55
CA THR S 68 -10.75 -26.48 33.60
C THR S 68 -11.97 -27.32 33.93
N GLN S 69 -13.17 -26.81 33.66
CA GLN S 69 -14.39 -27.52 33.98
C GLN S 69 -14.42 -28.86 33.24
N PRO S 70 -15.05 -29.88 33.82
CA PRO S 70 -14.94 -31.22 33.25
C PRO S 70 -15.60 -31.32 31.89
N GLY S 71 -15.08 -32.22 31.07
CA GLY S 71 -15.52 -32.34 29.70
C GLY S 71 -14.87 -31.36 28.76
N GLU S 72 -14.02 -30.47 29.25
CA GLU S 72 -13.33 -29.48 28.45
C GLU S 72 -11.88 -29.88 28.28
N LYS S 73 -11.17 -29.11 27.44
CA LYS S 73 -9.80 -29.47 27.11
C LYS S 73 -8.88 -29.38 28.31
N GLY S 74 -9.08 -28.38 29.16
CA GLY S 74 -8.19 -28.17 30.28
C GLY S 74 -8.41 -29.08 31.46
N TYR S 75 -9.50 -29.85 31.45
CA TYR S 75 -9.79 -30.73 32.56
C TYR S 75 -8.79 -31.88 32.63
N GLY S 76 -8.53 -32.35 33.83
CA GLY S 76 -7.70 -33.52 34.00
C GLY S 76 -6.28 -33.15 34.38
N ASP S 77 -5.53 -34.15 34.85
CA ASP S 77 -4.12 -33.95 35.14
C ASP S 77 -3.26 -34.11 33.90
N SER S 78 -3.62 -35.05 33.02
CA SER S 78 -2.84 -35.26 31.80
C SER S 78 -2.89 -34.05 30.91
N ASN S 79 -4.07 -33.42 30.77
CA ASN S 79 -4.19 -32.26 29.91
C ASN S 79 -3.35 -31.11 30.42
N GLN S 80 -3.33 -30.88 31.73
CA GLN S 80 -2.52 -29.80 32.27
C GLN S 80 -1.04 -30.12 32.20
N ALA S 81 -0.68 -31.40 32.29
CA ALA S 81 0.69 -31.79 32.02
C ALA S 81 1.09 -31.45 30.59
N LYS S 82 0.19 -31.73 29.65
CA LYS S 82 0.43 -31.33 28.26
C LYS S 82 0.57 -29.83 28.12
N CYS S 83 -0.23 -29.08 28.87
CA CYS S 83 -0.14 -27.63 28.82
C CYS S 83 1.22 -27.15 29.27
N ALA S 84 1.67 -27.64 30.42
CA ALA S 84 2.99 -27.25 30.91
C ALA S 84 4.07 -27.64 29.92
N ARG S 85 3.93 -28.82 29.30
CA ARG S 85 4.92 -29.25 28.31
C ARG S 85 4.94 -28.34 27.10
N ASP S 86 3.77 -27.91 26.62
CA ASP S 86 3.71 -27.02 25.48
C ASP S 86 4.31 -25.66 25.78
N ILE S 87 4.02 -25.12 26.97
CA ILE S 87 4.61 -23.85 27.34
C ILE S 87 6.13 -24.00 27.45
N GLY S 88 6.59 -25.14 27.95
CA GLY S 88 8.02 -25.40 27.96
C GLY S 88 8.61 -25.42 26.57
N TYR S 89 7.91 -26.04 25.62
CA TYR S 89 8.35 -26.03 24.23
C TYR S 89 8.50 -24.60 23.72
N TYR S 90 7.45 -23.79 23.90
CA TYR S 90 7.48 -22.43 23.38
C TYR S 90 8.63 -21.63 23.98
N LEU S 91 8.80 -21.73 25.31
CA LEU S 91 9.90 -21.02 25.96
C LEU S 91 11.25 -21.52 25.48
N ARG S 92 11.39 -22.83 25.31
CA ARG S 92 12.65 -23.41 24.83
C ARG S 92 12.98 -22.89 23.44
N PHE S 93 11.99 -22.83 22.56
CA PHE S 93 12.25 -22.37 21.21
C PHE S 93 12.47 -20.87 21.16
N ILE S 94 11.87 -20.12 22.08
CA ILE S 94 12.17 -18.70 22.18
C ILE S 94 13.62 -18.49 22.57
N THR S 95 14.11 -19.29 23.52
CA THR S 95 15.53 -19.20 23.88
C THR S 95 16.42 -19.62 22.73
N TYR S 96 16.05 -20.69 22.02
CA TYR S 96 16.81 -21.08 20.83
C TYR S 96 16.89 -19.93 19.84
N SER S 97 15.76 -19.29 19.58
CA SER S 97 15.74 -18.20 18.59
C SER S 97 16.56 -17.02 19.07
N LEU S 98 16.57 -16.78 20.38
CA LEU S 98 17.43 -15.74 20.93
C LEU S 98 18.90 -16.07 20.69
N VAL S 99 19.28 -17.33 20.92
CA VAL S 99 20.67 -17.74 20.76
C VAL S 99 21.09 -17.65 19.31
N ALA S 100 20.26 -18.16 18.41
CA ALA S 100 20.57 -18.13 16.99
C ALA S 100 20.41 -16.75 16.37
N SER S 101 19.84 -15.79 17.10
CA SER S 101 19.57 -14.45 16.58
C SER S 101 18.70 -14.50 15.33
N GLY S 102 17.69 -15.34 15.36
CA GLY S 102 16.77 -15.43 14.24
C GLY S 102 15.51 -16.14 14.64
N THR S 103 14.45 -15.90 13.89
CA THR S 103 13.22 -16.62 14.13
C THR S 103 13.24 -18.02 13.54
N GLY S 104 14.39 -18.46 13.03
CA GLY S 104 14.51 -19.73 12.36
C GLY S 104 14.09 -20.91 13.19
N PRO S 105 14.56 -20.99 14.45
CA PRO S 105 14.08 -22.08 15.30
C PRO S 105 12.59 -22.01 15.58
N LEU S 106 12.07 -20.84 15.92
CA LEU S 106 10.63 -20.70 16.12
C LEU S 106 9.86 -21.09 14.87
N ASP S 107 10.26 -20.54 13.72
CA ASP S 107 9.56 -20.84 12.48
C ASP S 107 9.59 -22.32 12.16
N ASP S 108 10.74 -22.95 12.35
CA ASP S 108 10.91 -24.35 11.96
C ASP S 108 10.17 -25.29 12.90
N TYR S 109 10.15 -25.00 14.19
CA TYR S 109 9.66 -25.97 15.15
C TYR S 109 8.25 -25.68 15.65
N VAL S 110 7.76 -24.46 15.55
CA VAL S 110 6.42 -24.15 16.04
C VAL S 110 5.56 -23.63 14.91
N ILE S 111 6.04 -22.57 14.25
CA ILE S 111 5.17 -21.83 13.35
C ILE S 111 4.80 -22.66 12.13
N ALA S 112 5.71 -23.51 11.67
CA ALA S 112 5.43 -24.35 10.51
C ALA S 112 4.55 -25.51 10.93
N GLY S 113 3.33 -25.57 10.41
CA GLY S 113 2.38 -26.58 10.81
C GLY S 113 1.59 -26.23 12.05
N LEU S 114 1.66 -24.99 12.51
CA LEU S 114 0.99 -24.59 13.75
C LEU S 114 -0.52 -24.65 13.60
N ARG S 115 -1.04 -24.02 12.55
CA ARG S 115 -2.48 -23.89 12.39
C ARG S 115 -3.13 -25.25 12.17
N GLU S 116 -2.53 -26.08 11.33
CA GLU S 116 -3.11 -27.39 11.04
C GLU S 116 -3.17 -28.25 12.28
N VAL S 117 -2.10 -28.23 13.07
CA VAL S 117 -2.07 -29.03 14.29
C VAL S 117 -3.11 -28.53 15.28
N ASN S 118 -3.21 -27.22 15.43
CA ASN S 118 -4.16 -26.69 16.40
C ASN S 118 -5.60 -26.97 16.00
N ARG S 119 -5.91 -26.89 14.71
CA ARG S 119 -7.26 -27.21 14.26
C ARG S 119 -7.56 -28.70 14.40
N ALA S 120 -6.55 -29.54 14.16
CA ALA S 120 -6.77 -30.98 14.29
C ALA S 120 -7.13 -31.37 15.71
N PHE S 121 -6.47 -30.77 16.69
CA PHE S 121 -6.71 -31.09 18.09
C PHE S 121 -7.53 -30.05 18.82
N ASN S 122 -8.15 -29.11 18.11
CA ASN S 122 -9.04 -28.11 18.70
C ASN S 122 -8.34 -27.35 19.82
N LEU S 123 -7.06 -27.09 19.64
CA LEU S 123 -6.31 -26.25 20.56
C LEU S 123 -6.52 -24.80 20.18
N ASN S 124 -7.02 -24.02 21.11
CA ASN S 124 -7.28 -22.61 20.87
C ASN S 124 -5.98 -21.83 20.96
N PRO S 125 -5.56 -21.14 19.89
CA PRO S 125 -4.33 -20.34 19.98
C PRO S 125 -4.39 -19.24 21.02
N LEU S 126 -5.59 -18.84 21.43
CA LEU S 126 -5.72 -17.80 22.45
C LEU S 126 -5.12 -18.23 23.77
N TRP S 127 -5.16 -19.53 24.08
CA TRP S 127 -4.51 -20.01 25.29
C TRP S 127 -3.03 -19.70 25.28
N TYR S 128 -2.38 -19.99 24.17
CA TYR S 128 -0.95 -19.76 24.07
C TYR S 128 -0.64 -18.28 23.93
N ILE S 129 -1.54 -17.49 23.35
CA ILE S 129 -1.38 -16.04 23.41
C ILE S 129 -1.36 -15.57 24.86
N GLU S 130 -2.28 -16.09 25.69
CA GLU S 130 -2.29 -15.69 27.09
C GLU S 130 -1.03 -16.13 27.82
N ALA S 131 -0.58 -17.35 27.55
CA ALA S 131 0.65 -17.82 28.20
C ALA S 131 1.85 -16.98 27.79
N LEU S 132 1.97 -16.68 26.50
CA LEU S 132 3.07 -15.87 26.02
C LEU S 132 2.97 -14.44 26.51
N ASN S 133 1.75 -13.94 26.69
CA ASN S 133 1.59 -12.60 27.25
C ASN S 133 2.03 -12.56 28.70
N TYR S 134 1.73 -13.62 29.46
CA TYR S 134 2.26 -13.68 30.82
C TYR S 134 3.78 -13.73 30.80
N ILE S 135 4.35 -14.51 29.89
CA ILE S 135 5.81 -14.62 29.83
C ILE S 135 6.42 -13.29 29.45
N LYS S 136 5.76 -12.55 28.57
CA LYS S 136 6.21 -11.20 28.22
C LYS S 136 6.17 -10.27 29.43
N GLY S 137 5.07 -10.32 30.19
CA GLY S 137 4.97 -9.49 31.37
C GLY S 137 6.05 -9.80 32.38
N GLU S 138 6.36 -11.09 32.56
CA GLU S 138 7.43 -11.48 33.46
C GLU S 138 8.79 -11.11 32.92
N THR S 139 9.00 -11.21 31.62
CA THR S 139 10.25 -10.85 30.98
C THR S 139 10.51 -9.36 31.05
N GLY S 140 9.48 -8.54 31.17
CA GLY S 140 9.69 -7.14 31.51
C GLY S 140 10.47 -7.00 32.80
N LYS S 141 10.32 -7.96 33.70
CA LYS S 141 11.19 -8.13 34.86
C LYS S 141 12.25 -9.17 34.52
N LEU S 142 13.25 -9.28 35.37
CA LEU S 142 14.36 -10.22 35.19
C LEU S 142 15.23 -9.90 33.99
N LEU S 143 14.89 -8.85 33.24
CA LEU S 143 15.66 -8.40 32.08
C LEU S 143 15.49 -6.90 31.92
N SER S 144 16.54 -6.26 31.41
CA SER S 144 16.53 -4.81 31.24
C SER S 144 17.38 -4.44 30.04
N GLY S 145 16.98 -3.37 29.35
CA GLY S 145 17.80 -2.86 28.27
C GLY S 145 17.48 -3.53 26.96
N GLN S 146 18.52 -3.79 26.17
CA GLN S 146 18.31 -4.38 24.86
C GLN S 146 18.01 -5.87 24.93
N SER S 147 18.42 -6.52 26.03
CA SER S 147 18.09 -7.93 26.19
C SER S 147 16.59 -8.14 26.31
N LYS S 148 15.92 -7.27 27.05
CA LYS S 148 14.47 -7.33 27.13
C LYS S 148 13.85 -7.08 25.76
N THR S 149 14.43 -6.16 24.99
CA THR S 149 13.92 -5.88 23.65
C THR S 149 14.03 -7.10 22.75
N GLU S 150 15.18 -7.77 22.77
CA GLU S 150 15.34 -9.03 22.05
C GLU S 150 14.28 -10.05 22.46
N ALA S 151 14.16 -10.29 23.76
CA ALA S 151 13.26 -11.33 24.23
C ALA S 151 11.83 -11.04 23.82
N LEU S 152 11.39 -9.79 23.99
CA LEU S 152 10.01 -9.46 23.62
C LEU S 152 9.81 -9.47 22.12
N LEU S 153 10.84 -9.14 21.34
CA LEU S 153 10.68 -9.22 19.90
C LEU S 153 10.43 -10.66 19.47
N TYR S 154 11.15 -11.62 20.04
CA TYR S 154 10.90 -13.02 19.70
C TYR S 154 9.57 -13.52 20.26
N ILE S 155 9.26 -13.18 21.51
CA ILE S 155 8.01 -13.61 22.12
C ILE S 155 6.82 -13.10 21.30
N ASP S 156 6.87 -11.83 20.90
CA ASP S 156 5.73 -11.24 20.22
C ASP S 156 5.72 -11.70 18.76
N HIS S 157 6.86 -12.14 18.23
CA HIS S 157 6.82 -12.87 16.97
C HIS S 157 5.99 -14.14 17.09
N ALA S 158 6.25 -14.91 18.15
CA ALA S 158 5.44 -16.12 18.38
C ALA S 158 3.97 -15.78 18.57
N ILE S 159 3.69 -14.69 19.30
CA ILE S 159 2.32 -14.26 19.50
C ILE S 159 1.64 -13.95 18.18
N ASN S 160 2.30 -13.17 17.32
CA ASN S 160 1.72 -12.84 16.03
C ASN S 160 1.49 -14.07 15.18
N ALA S 161 2.40 -15.04 15.26
CA ALA S 161 2.21 -16.27 14.50
C ALA S 161 0.99 -17.03 14.99
N LEU S 162 0.74 -17.02 16.30
CA LEU S 162 -0.47 -17.66 16.81
C LEU S 162 -1.72 -16.89 16.45
N SER S 163 -1.64 -15.56 16.49
CA SER S 163 -2.81 -14.73 16.19
C SER S 163 -3.08 -14.69 14.68
N SER T 2 18.80 0.54 -5.26
CA SER T 2 20.02 -0.22 -5.43
C SER T 2 20.17 -1.25 -4.33
N ARG T 3 21.04 -2.22 -4.56
CA ARG T 3 21.23 -3.34 -3.64
C ARG T 3 22.09 -2.91 -2.46
N THR T 4 21.45 -2.56 -1.36
CA THR T 4 22.10 -2.20 -0.11
C THR T 4 21.68 -3.19 0.97
N VAL T 5 22.08 -2.94 2.21
CA VAL T 5 21.67 -3.81 3.30
C VAL T 5 20.16 -3.71 3.51
N ILE T 6 19.65 -2.49 3.64
CA ILE T 6 18.24 -2.28 3.93
C ILE T 6 17.38 -2.76 2.78
N THR T 7 17.80 -2.48 1.55
CA THR T 7 17.03 -2.89 0.39
C THR T 7 17.04 -4.40 0.22
N GLU T 8 18.16 -5.07 0.48
CA GLU T 8 18.15 -6.53 0.42
C GLU T 8 17.25 -7.10 1.50
N VAL T 9 17.30 -6.54 2.70
CA VAL T 9 16.42 -6.94 3.78
C VAL T 9 14.96 -6.85 3.36
N ILE T 10 14.59 -5.70 2.81
CA ILE T 10 13.20 -5.48 2.43
C ILE T 10 12.81 -6.37 1.26
N ALA T 11 13.74 -6.60 0.33
CA ALA T 11 13.46 -7.44 -0.82
C ALA T 11 13.24 -8.89 -0.41
N THR T 12 14.02 -9.38 0.54
CA THR T 12 13.80 -10.75 1.02
C THR T 12 12.51 -10.85 1.80
N ALA T 13 12.23 -9.87 2.67
CA ALA T 13 10.96 -9.89 3.40
C ALA T 13 9.78 -9.86 2.45
N ASP T 14 9.86 -9.05 1.40
CA ASP T 14 8.78 -8.87 0.46
C ASP T 14 8.61 -10.08 -0.45
N SER T 15 9.71 -10.69 -0.88
CA SER T 15 9.62 -11.84 -1.76
C SER T 15 8.95 -13.01 -1.07
N GLN T 16 9.08 -13.10 0.24
CA GLN T 16 8.36 -14.09 1.03
C GLN T 16 7.08 -13.54 1.61
N GLY T 17 6.73 -12.30 1.30
CA GLY T 17 5.44 -11.76 1.67
C GLY T 17 5.23 -11.65 3.16
N ARG T 18 6.23 -11.16 3.89
CA ARG T 18 6.18 -11.17 5.33
C ARG T 18 6.84 -9.91 5.87
N PHE T 19 6.55 -9.61 7.14
CA PHE T 19 7.04 -8.40 7.78
C PHE T 19 8.54 -8.51 8.06
N LEU T 20 9.06 -7.47 8.70
CA LEU T 20 10.45 -7.45 9.11
C LEU T 20 10.59 -8.02 10.51
N ASN T 21 11.35 -9.09 10.64
CA ASN T 21 11.53 -9.81 11.89
C ASN T 21 12.86 -9.44 12.54
N SER T 22 13.27 -10.23 13.52
CA SER T 22 14.48 -9.96 14.28
C SER T 22 15.72 -9.97 13.38
N THR T 23 15.83 -10.96 12.49
CA THR T 23 17.02 -11.07 11.65
C THR T 23 17.24 -9.82 10.83
N GLU T 24 16.19 -9.37 10.15
CA GLU T 24 16.26 -8.23 9.28
C GLU T 24 16.59 -6.95 10.04
N LEU T 25 15.98 -6.77 11.21
CA LEU T 25 16.28 -5.60 12.00
C LEU T 25 17.70 -5.63 12.53
N GLN T 26 18.24 -6.80 12.84
CA GLN T 26 19.63 -6.87 13.29
C GLN T 26 20.59 -6.54 12.16
N ALA T 27 20.26 -6.99 10.94
CA ALA T 27 21.06 -6.59 9.78
C ALA T 27 21.03 -5.07 9.58
N ALA T 28 19.84 -4.47 9.65
CA ALA T 28 19.74 -3.02 9.52
C ALA T 28 20.50 -2.32 10.62
N PHE T 29 20.51 -2.89 11.81
CA PHE T 29 21.26 -2.33 12.92
C PHE T 29 22.76 -2.33 12.62
N GLY T 30 23.25 -3.43 12.06
CA GLY T 30 24.65 -3.46 11.65
C GLY T 30 24.96 -2.39 10.60
N ARG T 31 24.05 -2.21 9.65
CA ARG T 31 24.23 -1.16 8.65
C ARG T 31 24.32 0.22 9.32
N PHE T 32 23.41 0.48 10.25
CA PHE T 32 23.37 1.80 10.89
C PHE T 32 24.59 2.03 11.77
N GLU T 33 25.17 0.99 12.37
CA GLU T 33 26.45 1.21 13.05
C GLU T 33 27.57 1.45 12.07
N ARG T 34 27.71 0.63 11.03
CA ARG T 34 28.85 0.83 10.14
C ARG T 34 28.73 2.10 9.32
N ALA T 35 27.59 2.77 9.36
CA ALA T 35 27.44 4.01 8.61
C ALA T 35 28.52 5.03 8.95
N VAL T 36 28.93 5.10 10.21
CA VAL T 36 29.88 6.12 10.64
C VAL T 36 31.23 5.96 9.93
N PRO T 37 31.92 4.82 10.07
CA PRO T 37 33.19 4.68 9.33
C PRO T 37 33.02 4.83 7.84
N ALA T 38 31.96 4.26 7.28
CA ALA T 38 31.75 4.34 5.84
C ALA T 38 31.50 5.78 5.38
N ILE T 39 30.65 6.51 6.11
CA ILE T 39 30.35 7.86 5.69
C ILE T 39 31.59 8.74 5.79
N GLU T 40 32.39 8.57 6.84
CA GLU T 40 33.52 9.49 6.89
C GLU T 40 34.68 9.04 6.01
N ALA T 41 34.74 7.75 5.65
CA ALA T 41 35.63 7.34 4.57
C ALA T 41 35.21 7.96 3.25
N ALA T 42 33.91 8.02 2.98
CA ALA T 42 33.43 8.70 1.79
C ALA T 42 33.77 10.18 1.84
N ARG T 43 33.67 10.79 3.01
CA ARG T 43 34.03 12.19 3.17
C ARG T 43 35.50 12.41 2.83
N ALA T 44 36.37 11.56 3.35
CA ALA T 44 37.80 11.69 3.08
C ALA T 44 38.12 11.44 1.62
N LEU T 45 37.42 10.50 0.99
CA LEU T 45 37.64 10.23 -0.43
C LEU T 45 37.14 11.38 -1.30
N THR T 46 36.03 11.99 -0.91
CA THR T 46 35.51 13.15 -1.64
C THR T 46 36.47 14.32 -1.54
N LYS T 47 37.04 14.54 -0.35
CA LYS T 47 37.94 15.67 -0.17
C LYS T 47 39.15 15.57 -1.09
N ASN T 48 39.76 14.39 -1.21
CA ASN T 48 40.99 14.23 -1.97
C ASN T 48 40.74 13.65 -3.37
N GLN T 49 39.61 13.99 -3.96
CA GLN T 49 39.22 13.37 -5.22
C GLN T 49 40.14 13.77 -6.36
N ASP T 50 40.51 15.05 -6.44
CA ASP T 50 41.28 15.53 -7.59
C ASP T 50 42.67 14.93 -7.60
N ALA T 51 43.35 14.93 -6.45
CA ALA T 51 44.66 14.33 -6.36
C ALA T 51 44.59 12.84 -6.67
N LEU T 52 43.56 12.16 -6.15
CA LEU T 52 43.43 10.73 -6.39
C LEU T 52 43.27 10.43 -7.87
N VAL T 53 42.44 11.21 -8.55
CA VAL T 53 42.21 10.96 -9.96
C VAL T 53 43.46 11.24 -10.78
N LYS T 54 44.14 12.35 -10.49
CA LYS T 54 45.35 12.67 -11.24
C LYS T 54 46.41 11.59 -11.03
N GLY T 55 46.56 11.13 -9.79
CA GLY T 55 47.53 10.08 -9.53
C GLY T 55 47.16 8.76 -10.18
N ALA T 56 45.86 8.44 -10.23
CA ALA T 56 45.46 7.19 -10.87
C ALA T 56 45.73 7.24 -12.37
N VAL T 57 45.46 8.38 -13.00
CA VAL T 57 45.77 8.52 -14.41
C VAL T 57 47.27 8.40 -14.65
N GLN T 58 48.07 9.10 -13.83
CA GLN T 58 49.51 9.02 -13.97
C GLN T 58 50.03 7.61 -13.77
N ALA T 59 49.46 6.87 -12.82
CA ALA T 59 49.83 5.48 -12.61
C ALA T 59 49.50 4.62 -13.82
N VAL T 60 48.33 4.85 -14.42
CA VAL T 60 47.99 4.12 -15.64
C VAL T 60 49.04 4.37 -16.71
N PHE T 61 49.44 5.63 -16.88
CA PHE T 61 50.40 5.93 -17.93
C PHE T 61 51.78 5.36 -17.63
N LYS T 62 52.18 5.41 -16.37
CA LYS T 62 53.46 4.82 -15.98
C LYS T 62 53.48 3.32 -16.22
N LYS T 63 52.40 2.62 -15.89
CA LYS T 63 52.36 1.18 -16.14
C LYS T 63 52.14 0.86 -17.61
N PHE T 64 51.48 1.74 -18.36
CA PHE T 64 51.16 1.51 -19.77
C PHE T 64 51.69 2.68 -20.59
N PRO T 65 53.02 2.79 -20.72
CA PRO T 65 53.56 3.90 -21.52
C PRO T 65 53.20 3.81 -22.99
N TYR T 66 52.78 2.63 -23.45
CA TYR T 66 52.57 2.44 -24.88
C TYR T 66 51.22 2.96 -25.33
N VAL T 67 50.42 3.52 -24.43
CA VAL T 67 49.13 4.06 -24.84
C VAL T 67 49.27 5.51 -25.27
N THR T 68 50.27 6.22 -24.75
CA THR T 68 50.27 7.67 -24.85
C THR T 68 50.96 8.17 -26.10
N GLN T 69 51.81 7.37 -26.75
CA GLN T 69 52.41 7.83 -27.99
C GLN T 69 51.38 7.83 -29.12
N PRO T 70 51.65 8.55 -30.21
CA PRO T 70 50.61 8.75 -31.23
C PRO T 70 50.09 7.43 -31.79
N GLY T 71 48.78 7.39 -32.01
CA GLY T 71 48.16 6.34 -32.78
C GLY T 71 47.22 5.41 -32.05
N GLU T 72 47.10 5.50 -30.73
CA GLU T 72 46.28 4.55 -29.99
C GLU T 72 45.50 5.28 -28.91
N LYS T 73 44.93 4.49 -27.98
CA LYS T 73 43.87 4.98 -27.11
C LYS T 73 44.33 6.10 -26.20
N GLY T 74 45.53 6.01 -25.66
CA GLY T 74 45.96 6.99 -24.67
C GLY T 74 46.42 8.32 -25.22
N TYR T 75 46.40 8.49 -26.53
CA TYR T 75 46.88 9.72 -27.15
C TYR T 75 45.77 10.74 -27.31
N GLY T 76 46.09 12.00 -27.03
CA GLY T 76 45.18 13.09 -27.28
C GLY T 76 44.60 13.65 -26.01
N ASP T 77 44.26 14.94 -26.04
CA ASP T 77 43.66 15.57 -24.88
C ASP T 77 42.27 14.99 -24.60
N SER T 78 41.52 14.66 -25.65
CA SER T 78 40.20 14.08 -25.45
C SER T 78 40.31 12.74 -24.73
N ASN T 79 41.24 11.91 -25.15
CA ASN T 79 41.38 10.59 -24.55
C ASN T 79 41.79 10.68 -23.09
N GLN T 80 42.74 11.57 -22.78
CA GLN T 80 43.19 11.71 -21.41
C GLN T 80 42.12 12.33 -20.53
N ALA T 81 41.33 13.25 -21.10
CA ALA T 81 40.20 13.80 -20.36
C ALA T 81 39.17 12.74 -20.07
N LYS T 82 38.90 11.86 -21.04
CA LYS T 82 38.00 10.74 -20.80
C LYS T 82 38.56 9.79 -19.77
N CYS T 83 39.89 9.65 -19.72
CA CYS T 83 40.50 8.84 -18.68
C CYS T 83 40.24 9.42 -17.31
N ALA T 84 40.43 10.73 -17.17
CA ALA T 84 40.14 11.39 -15.90
C ALA T 84 38.67 11.24 -15.56
N ARG T 85 37.80 11.35 -16.56
CA ARG T 85 36.38 11.21 -16.33
C ARG T 85 36.02 9.81 -15.85
N ASP T 86 36.64 8.79 -16.44
CA ASP T 86 36.37 7.42 -16.02
C ASP T 86 36.83 7.17 -14.60
N ILE T 87 38.04 7.61 -14.25
CA ILE T 87 38.53 7.38 -12.90
C ILE T 87 37.69 8.14 -11.90
N GLY T 88 37.25 9.34 -12.26
CA GLY T 88 36.34 10.07 -11.40
C GLY T 88 35.00 9.38 -11.27
N TYR T 89 34.52 8.76 -12.34
CA TYR T 89 33.30 7.97 -12.26
C TYR T 89 33.46 6.86 -11.25
N TYR T 90 34.55 6.10 -11.36
CA TYR T 90 34.77 4.98 -10.46
C TYR T 90 34.85 5.46 -9.02
N LEU T 91 35.58 6.54 -8.78
CA LEU T 91 35.70 7.07 -7.43
C LEU T 91 34.35 7.55 -6.90
N ARG T 92 33.57 8.21 -7.76
CA ARG T 92 32.26 8.70 -7.37
C ARG T 92 31.37 7.57 -6.92
N PHE T 93 31.33 6.50 -7.69
CA PHE T 93 30.48 5.39 -7.35
C PHE T 93 31.03 4.56 -6.21
N ILE T 94 32.35 4.58 -5.98
CA ILE T 94 32.87 3.96 -4.77
C ILE T 94 32.39 4.71 -3.54
N THR T 95 32.43 6.05 -3.58
CA THR T 95 31.93 6.82 -2.45
C THR T 95 30.44 6.63 -2.28
N TYR T 96 29.70 6.55 -3.39
CA TYR T 96 28.27 6.27 -3.32
C TYR T 96 28.01 4.94 -2.64
N SER T 97 28.77 3.92 -3.01
CA SER T 97 28.58 2.61 -2.41
C SER T 97 28.93 2.64 -0.93
N LEU T 98 29.96 3.38 -0.57
CA LEU T 98 30.32 3.53 0.84
C LEU T 98 29.20 4.15 1.63
N VAL T 99 28.61 5.22 1.11
CA VAL T 99 27.50 5.89 1.79
C VAL T 99 26.30 4.97 1.89
N ALA T 100 25.95 4.30 0.79
CA ALA T 100 24.76 3.46 0.76
C ALA T 100 24.97 2.12 1.45
N SER T 101 26.19 1.81 1.87
CA SER T 101 26.50 0.56 2.56
C SER T 101 26.07 -0.64 1.73
N GLY T 102 26.38 -0.59 0.45
CA GLY T 102 26.16 -1.74 -0.41
C GLY T 102 26.77 -1.47 -1.77
N THR T 103 27.08 -2.55 -2.46
CA THR T 103 27.64 -2.44 -3.79
C THR T 103 26.58 -2.13 -4.84
N GLY T 104 25.42 -1.66 -4.43
CA GLY T 104 24.34 -1.34 -5.34
C GLY T 104 24.69 -0.25 -6.33
N PRO T 105 25.25 0.87 -5.87
CA PRO T 105 25.69 1.88 -6.84
C PRO T 105 26.69 1.37 -7.86
N LEU T 106 27.72 0.65 -7.42
CA LEU T 106 28.67 0.08 -8.37
C LEU T 106 27.98 -0.93 -9.28
N ASP T 107 27.28 -1.90 -8.70
CA ASP T 107 26.68 -2.97 -9.51
C ASP T 107 25.69 -2.40 -10.52
N ASP T 108 24.99 -1.34 -10.17
CA ASP T 108 23.95 -0.79 -11.02
C ASP T 108 24.47 0.18 -12.05
N TYR T 109 25.50 0.96 -11.72
CA TYR T 109 25.95 1.99 -12.63
C TYR T 109 27.20 1.62 -13.40
N VAL T 110 28.19 1.00 -12.78
CA VAL T 110 29.44 0.65 -13.42
C VAL T 110 29.43 -0.79 -13.92
N ILE T 111 29.26 -1.74 -13.01
CA ILE T 111 29.56 -3.13 -13.34
C ILE T 111 28.57 -3.70 -14.34
N ALA T 112 27.31 -3.29 -14.26
CA ALA T 112 26.29 -3.79 -15.18
C ALA T 112 26.57 -3.31 -16.59
N GLY T 113 26.88 -4.23 -17.49
CA GLY T 113 27.24 -3.89 -18.85
C GLY T 113 28.69 -3.53 -19.06
N LEU T 114 29.53 -3.72 -18.04
CA LEU T 114 30.91 -3.23 -18.10
C LEU T 114 31.70 -3.90 -19.20
N ARG T 115 31.60 -5.23 -19.30
CA ARG T 115 32.44 -5.97 -20.23
C ARG T 115 32.03 -5.71 -21.66
N GLU T 116 30.73 -5.68 -21.94
CA GLU T 116 30.26 -5.42 -23.29
C GLU T 116 30.69 -4.05 -23.76
N VAL T 117 30.59 -3.06 -22.87
CA VAL T 117 30.98 -1.70 -23.23
C VAL T 117 32.49 -1.62 -23.44
N ASN T 118 33.27 -2.19 -22.53
CA ASN T 118 34.72 -2.11 -22.67
C ASN T 118 35.19 -2.82 -23.93
N ARG T 119 34.56 -3.94 -24.25
CA ARG T 119 34.87 -4.66 -25.48
C ARG T 119 34.52 -3.84 -26.71
N ALA T 120 33.37 -3.19 -26.69
CA ALA T 120 32.93 -2.46 -27.88
C ALA T 120 33.85 -1.29 -28.19
N PHE T 121 34.33 -0.59 -27.17
CA PHE T 121 35.20 0.56 -27.33
C PHE T 121 36.66 0.22 -27.18
N ASN T 122 36.99 -1.07 -27.02
CA ASN T 122 38.37 -1.52 -26.88
C ASN T 122 39.09 -0.81 -25.76
N LEU T 123 38.45 -0.76 -24.60
CA LEU T 123 39.07 -0.23 -23.40
C LEU T 123 39.56 -1.40 -22.56
N ASN T 124 40.84 -1.43 -22.31
CA ASN T 124 41.44 -2.51 -21.56
C ASN T 124 41.04 -2.40 -20.09
N PRO T 125 40.47 -3.46 -19.50
CA PRO T 125 40.17 -3.41 -18.07
C PRO T 125 41.40 -3.28 -17.20
N LEU T 126 42.58 -3.64 -17.71
CA LEU T 126 43.79 -3.55 -16.91
C LEU T 126 44.14 -2.11 -16.56
N TRP T 127 43.84 -1.17 -17.45
CA TRP T 127 44.05 0.24 -17.14
C TRP T 127 43.31 0.62 -15.87
N TYR T 128 42.02 0.29 -15.82
CA TYR T 128 41.21 0.63 -14.65
C TYR T 128 41.62 -0.19 -13.43
N ILE T 129 42.08 -1.42 -13.63
CA ILE T 129 42.60 -2.18 -12.50
C ILE T 129 43.79 -1.47 -11.88
N GLU T 130 44.69 -0.96 -12.71
CA GLU T 130 45.82 -0.21 -12.20
C GLU T 130 45.39 1.07 -11.51
N ALA T 131 44.42 1.77 -12.09
CA ALA T 131 43.94 2.99 -11.47
C ALA T 131 43.35 2.72 -10.10
N LEU T 132 42.58 1.65 -9.98
CA LEU T 132 41.97 1.31 -8.70
C LEU T 132 42.99 0.79 -7.71
N ASN T 133 44.03 0.11 -8.18
CA ASN T 133 45.10 -0.30 -7.28
C ASN T 133 45.84 0.90 -6.72
N TYR T 134 46.07 1.91 -7.56
CA TYR T 134 46.57 3.18 -7.05
C TYR T 134 45.63 3.71 -5.97
N ILE T 135 44.36 3.94 -6.32
CA ILE T 135 43.37 4.44 -5.38
C ILE T 135 43.45 3.69 -4.06
N LYS T 136 43.64 2.38 -4.13
CA LYS T 136 43.82 1.57 -2.93
C LYS T 136 45.08 1.98 -2.17
N GLY T 137 46.18 2.21 -2.89
CA GLY T 137 47.40 2.60 -2.21
C GLY T 137 47.25 3.89 -1.42
N GLU T 138 46.68 4.92 -2.04
CA GLU T 138 46.50 6.18 -1.31
C GLU T 138 45.32 6.17 -0.35
N THR T 139 44.34 5.29 -0.52
CA THR T 139 43.34 5.21 0.53
C THR T 139 43.88 4.46 1.73
N GLY T 140 44.93 3.67 1.56
CA GLY T 140 45.60 3.08 2.70
C GLY T 140 46.17 4.11 3.65
N LYS T 141 46.79 5.16 3.10
CA LYS T 141 47.38 6.18 3.95
C LYS T 141 46.41 7.30 4.28
N LEU T 142 45.42 7.54 3.43
CA LEU T 142 44.42 8.57 3.72
C LEU T 142 43.53 8.20 4.89
N LEU T 143 43.24 6.91 5.03
CA LEU T 143 42.20 6.43 5.93
C LEU T 143 42.79 5.50 6.97
N SER T 144 42.19 5.51 8.14
CA SER T 144 42.69 4.76 9.28
C SER T 144 41.57 3.90 9.85
N GLY T 145 41.98 2.82 10.52
CA GLY T 145 41.02 1.98 11.22
C GLY T 145 40.03 1.35 10.27
N GLN T 146 38.75 1.46 10.62
CA GLN T 146 37.73 0.74 9.87
C GLN T 146 37.43 1.40 8.53
N SER T 147 37.42 2.73 8.49
CA SER T 147 37.12 3.44 7.25
C SER T 147 37.99 2.93 6.12
N LYS T 148 39.27 2.75 6.39
CA LYS T 148 40.16 2.08 5.44
C LYS T 148 39.57 0.75 5.01
N THR T 149 39.03 -0.01 5.97
CA THR T 149 38.51 -1.34 5.65
C THR T 149 37.33 -1.26 4.68
N GLU T 150 36.34 -0.40 4.95
CA GLU T 150 35.21 -0.34 4.04
C GLU T 150 35.64 0.16 2.66
N ALA T 151 36.46 1.22 2.61
CA ALA T 151 36.86 1.74 1.32
C ALA T 151 37.62 0.67 0.53
N LEU T 152 38.43 -0.13 1.21
CA LEU T 152 39.11 -1.22 0.53
C LEU T 152 38.15 -2.27 0.02
N LEU T 153 37.15 -2.65 0.82
CA LEU T 153 36.16 -3.61 0.33
C LEU T 153 35.54 -3.14 -0.97
N TYR T 154 35.16 -1.87 -1.04
CA TYR T 154 34.46 -1.41 -2.23
C TYR T 154 35.39 -1.25 -3.42
N ILE T 155 36.59 -0.71 -3.20
CA ILE T 155 37.58 -0.62 -4.26
C ILE T 155 37.88 -2.00 -4.82
N ASP T 156 37.99 -3.00 -3.95
CA ASP T 156 38.30 -4.34 -4.42
C ASP T 156 37.11 -4.99 -5.09
N HIS T 157 35.89 -4.63 -4.71
CA HIS T 157 34.76 -5.15 -5.46
C HIS T 157 34.80 -4.63 -6.89
N ALA T 158 35.10 -3.34 -7.06
CA ALA T 158 35.25 -2.78 -8.40
C ALA T 158 36.36 -3.50 -9.17
N ILE T 159 37.52 -3.70 -8.52
CA ILE T 159 38.64 -4.38 -9.16
C ILE T 159 38.23 -5.77 -9.62
N ASN T 160 37.61 -6.53 -8.72
CA ASN T 160 37.20 -7.89 -9.04
C ASN T 160 36.25 -7.91 -10.22
N ALA T 161 35.33 -6.94 -10.28
CA ALA T 161 34.41 -6.88 -11.40
C ALA T 161 35.15 -6.62 -12.70
N LEU T 162 36.18 -5.78 -12.66
CA LEU T 162 36.98 -5.51 -13.85
C LEU T 162 37.84 -6.68 -14.28
N SER T 163 38.14 -7.62 -13.39
CA SER T 163 39.06 -8.70 -13.68
C SER T 163 38.35 -10.04 -13.82
N MET U 1 20.52 -26.20 5.83
CA MET U 1 21.52 -25.14 5.90
C MET U 1 21.65 -24.59 7.29
N ASN U 2 22.81 -24.81 7.91
CA ASN U 2 23.01 -24.48 9.30
C ASN U 2 24.22 -23.58 9.46
N ASP U 3 24.34 -23.01 10.65
CA ASP U 3 25.56 -22.39 11.14
C ASP U 3 25.88 -23.04 12.48
N VAL U 4 26.86 -22.48 13.20
CA VAL U 4 27.22 -23.08 14.49
C VAL U 4 26.03 -23.02 15.45
N PHE U 5 25.34 -21.88 15.47
CA PHE U 5 24.22 -21.71 16.38
C PHE U 5 23.08 -22.67 16.04
N THR U 6 22.75 -22.79 14.76
CA THR U 6 21.66 -23.67 14.37
C THR U 6 22.00 -25.13 14.63
N ARG U 7 23.25 -25.53 14.38
CA ARG U 7 23.65 -26.89 14.69
C ARG U 7 23.53 -27.17 16.18
N ALA U 8 24.04 -26.26 17.01
CA ALA U 8 23.93 -26.45 18.46
C ALA U 8 22.48 -26.55 18.89
N ILE U 9 21.62 -25.72 18.31
CA ILE U 9 20.20 -25.77 18.62
C ILE U 9 19.60 -27.10 18.18
N ALA U 10 20.07 -27.63 17.05
CA ALA U 10 19.58 -28.92 16.58
C ALA U 10 19.90 -30.03 17.57
N GLN U 11 21.15 -30.09 18.04
CA GLN U 11 21.47 -31.09 19.05
C GLN U 11 20.66 -30.88 20.33
N ALA U 12 20.53 -29.63 20.76
CA ALA U 12 19.76 -29.34 21.96
C ALA U 12 18.32 -29.81 21.82
N ASP U 13 17.76 -29.69 20.62
CA ASP U 13 16.37 -30.11 20.41
C ASP U 13 16.25 -31.62 20.31
N LEU U 14 17.26 -32.30 19.74
CA LEU U 14 17.22 -33.76 19.78
C LEU U 14 17.28 -34.29 21.20
N LYS U 15 18.12 -33.71 22.06
CA LYS U 15 18.04 -34.12 23.46
C LYS U 15 16.76 -33.64 24.12
N GLY U 16 16.09 -32.65 23.55
CA GLY U 16 14.83 -32.17 24.08
C GLY U 16 14.95 -31.16 25.19
N SER U 17 16.13 -30.61 25.43
CA SER U 17 16.38 -29.77 26.58
C SER U 17 16.92 -28.40 26.17
N PHE U 18 16.86 -27.46 27.11
CA PHE U 18 17.38 -26.12 26.88
C PHE U 18 18.87 -26.17 26.62
N LEU U 19 19.38 -25.11 26.01
CA LEU U 19 20.82 -24.99 25.82
C LEU U 19 21.52 -24.77 27.16
N LEU U 20 22.63 -25.45 27.34
CA LEU U 20 23.34 -25.39 28.61
C LEU U 20 24.22 -24.14 28.68
N GLU U 21 24.60 -23.79 29.90
CA GLU U 21 25.40 -22.58 30.07
C GLU U 21 26.77 -22.72 29.43
N SER U 22 27.31 -23.93 29.39
CA SER U 22 28.53 -24.16 28.63
C SER U 22 28.32 -23.88 27.16
N ASP U 23 27.20 -24.34 26.61
CA ASP U 23 26.88 -24.07 25.20
C ASP U 23 26.69 -22.58 24.96
N LEU U 24 26.01 -21.89 25.90
CA LEU U 24 25.83 -20.46 25.77
C LEU U 24 27.17 -19.73 25.79
N ASP U 25 28.07 -20.14 26.68
CA ASP U 25 29.40 -19.53 26.72
C ASP U 25 30.15 -19.78 25.42
N LYS U 26 30.08 -21.00 24.89
CA LYS U 26 30.76 -21.31 23.65
C LYS U 26 30.26 -20.43 22.51
N LEU U 27 28.94 -20.29 22.39
CA LEU U 27 28.39 -19.52 21.28
C LEU U 27 28.61 -18.02 21.47
N ALA U 28 28.61 -17.55 22.72
CA ALA U 28 28.97 -16.16 22.98
C ALA U 28 30.41 -15.89 22.58
N SER U 29 31.30 -16.85 22.84
CA SER U 29 32.68 -16.73 22.38
C SER U 29 32.74 -16.70 20.86
N PHE U 30 31.97 -17.57 20.21
CA PHE U 30 31.94 -17.58 18.75
C PHE U 30 31.51 -16.23 18.19
N ALA U 31 30.49 -15.63 18.80
CA ALA U 31 30.02 -14.34 18.32
C ALA U 31 30.98 -13.20 18.68
N LYS U 32 31.75 -13.35 19.76
CA LYS U 32 32.72 -12.31 20.11
C LYS U 32 33.89 -12.31 19.13
N GLU U 33 34.34 -13.47 18.71
CA GLU U 33 35.42 -13.59 17.73
C GLU U 33 34.91 -13.60 16.30
N GLY U 34 33.62 -13.32 16.08
CA GLY U 34 33.09 -13.29 14.73
C GLY U 34 33.62 -12.14 13.91
N VAL U 35 34.18 -11.14 14.58
CA VAL U 35 34.86 -10.05 13.88
C VAL U 35 36.04 -10.56 13.08
N LYS U 36 36.86 -11.41 13.68
CA LYS U 36 37.93 -12.06 12.95
C LYS U 36 37.39 -12.90 11.82
N ARG U 37 36.23 -13.53 12.03
CA ARG U 37 35.60 -14.31 10.99
C ARG U 37 35.25 -13.43 9.79
N LEU U 38 34.74 -12.24 10.06
CA LEU U 38 34.42 -11.32 8.96
C LEU U 38 35.68 -10.88 8.23
N ASP U 39 36.75 -10.63 8.97
CA ASP U 39 38.01 -10.30 8.32
C ASP U 39 38.49 -11.43 7.41
N ALA U 40 38.39 -12.67 7.88
CA ALA U 40 38.83 -13.80 7.07
C ALA U 40 37.97 -13.96 5.83
N VAL U 41 36.66 -13.80 5.96
CA VAL U 41 35.79 -13.94 4.80
C VAL U 41 36.05 -12.82 3.80
N ALA U 42 36.26 -11.60 4.28
CA ALA U 42 36.59 -10.50 3.38
C ALA U 42 37.90 -10.75 2.66
N ALA U 43 38.90 -11.29 3.37
CA ALA U 43 40.16 -11.63 2.73
C ALA U 43 39.97 -12.70 1.66
N LEU U 44 39.12 -13.68 1.92
CA LEU U 44 38.85 -14.71 0.93
C LEU U 44 38.15 -14.13 -0.30
N THR U 45 37.21 -13.21 -0.08
CA THR U 45 36.40 -12.69 -1.18
C THR U 45 37.18 -11.72 -2.04
N ASN U 46 37.85 -10.75 -1.41
CA ASN U 46 38.53 -9.70 -2.15
C ASN U 46 39.62 -10.23 -3.06
N ASN U 47 40.16 -11.41 -2.74
CA ASN U 47 41.29 -11.97 -3.47
C ASN U 47 40.93 -13.25 -4.21
N ALA U 48 39.64 -13.47 -4.44
CA ALA U 48 39.22 -14.71 -5.08
C ALA U 48 39.80 -14.91 -6.47
N PRO U 49 39.71 -13.95 -7.41
CA PRO U 49 40.34 -14.17 -8.71
C PRO U 49 41.83 -14.36 -8.62
N ALA U 50 42.52 -13.67 -7.70
CA ALA U 50 43.95 -13.89 -7.53
C ALA U 50 44.23 -15.31 -7.06
N ILE U 51 43.44 -15.81 -6.12
CA ILE U 51 43.62 -17.18 -5.64
C ILE U 51 43.42 -18.16 -6.77
N ILE U 52 42.37 -17.96 -7.56
CA ILE U 52 42.05 -18.90 -8.64
C ILE U 52 43.12 -18.85 -9.72
N SER U 53 43.59 -17.66 -10.08
CA SER U 53 44.65 -17.54 -11.07
C SER U 53 45.94 -18.19 -10.61
N ASP U 54 46.33 -17.95 -9.36
CA ASP U 54 47.54 -18.57 -8.84
C ASP U 54 47.41 -20.08 -8.84
N ALA U 55 46.28 -20.60 -8.37
CA ALA U 55 46.12 -22.05 -8.31
C ALA U 55 46.09 -22.65 -9.71
N ALA U 56 45.49 -21.96 -10.67
CA ALA U 56 45.47 -22.47 -12.04
C ALA U 56 46.87 -22.51 -12.62
N HIS U 57 47.66 -21.46 -12.41
CA HIS U 57 49.03 -21.46 -12.90
C HIS U 57 49.83 -22.59 -12.29
N LYS U 58 49.71 -22.78 -10.98
CA LYS U 58 50.43 -23.87 -10.32
C LYS U 58 49.98 -25.23 -10.84
N LEU U 59 48.67 -25.45 -10.94
CA LEU U 59 48.15 -26.74 -11.36
C LEU U 59 48.55 -27.06 -12.79
N PHE U 60 48.48 -26.08 -13.68
CA PHE U 60 48.83 -26.32 -15.07
C PHE U 60 50.33 -26.35 -15.29
N ALA U 61 51.12 -25.80 -14.37
CA ALA U 61 52.55 -26.05 -14.42
C ALA U 61 52.87 -27.48 -13.99
N GLU U 62 52.20 -27.97 -12.95
CA GLU U 62 52.47 -29.31 -12.46
C GLU U 62 51.82 -30.39 -13.33
N GLN U 63 50.50 -30.35 -13.48
CA GLN U 63 49.80 -31.33 -14.31
C GLN U 63 49.72 -30.77 -15.72
N GLN U 64 50.76 -31.04 -16.51
CA GLN U 64 50.85 -30.51 -17.86
C GLN U 64 49.98 -31.27 -18.84
N GLU U 65 49.57 -32.49 -18.48
CA GLU U 65 48.82 -33.32 -19.41
C GLU U 65 47.42 -32.78 -19.66
N LEU U 66 46.85 -32.04 -18.71
CA LEU U 66 45.52 -31.48 -18.90
C LEU U 66 45.48 -30.49 -20.05
N ILE U 67 46.53 -29.66 -20.16
CA ILE U 67 46.53 -28.59 -21.16
C ILE U 67 46.60 -29.17 -22.56
N GLN U 68 47.37 -30.24 -22.75
CA GLN U 68 47.63 -30.78 -24.07
C GLN U 68 46.35 -31.33 -24.69
N PRO U 69 46.28 -31.39 -26.02
CA PRO U 69 45.08 -31.96 -26.68
C PRO U 69 44.80 -33.36 -26.19
N GLY U 70 43.51 -33.66 -26.04
CA GLY U 70 43.08 -34.88 -25.41
C GLY U 70 43.00 -34.82 -23.90
N GLY U 71 43.56 -33.77 -23.28
CA GLY U 71 43.45 -33.60 -21.85
C GLY U 71 42.10 -33.05 -21.45
N ASN U 72 41.81 -33.15 -20.16
CA ASN U 72 40.47 -32.79 -19.69
C ASN U 72 40.24 -31.29 -19.76
N ALA U 73 41.31 -30.50 -19.64
CA ALA U 73 41.20 -29.05 -19.72
C ALA U 73 41.73 -28.51 -21.04
N TYR U 74 41.92 -29.34 -22.06
CA TYR U 74 42.37 -28.85 -23.35
C TYR U 74 41.33 -28.01 -24.08
N PRO U 75 40.20 -28.54 -24.52
CA PRO U 75 39.30 -27.71 -25.31
C PRO U 75 38.99 -26.47 -24.52
N HIS U 76 39.00 -25.34 -25.21
CA HIS U 76 39.20 -24.06 -24.55
C HIS U 76 38.03 -23.79 -23.60
N ARG U 77 36.85 -24.30 -23.97
CA ARG U 77 35.69 -24.31 -23.08
C ARG U 77 35.91 -25.16 -21.84
N ARG U 78 36.62 -26.29 -21.96
CA ARG U 78 36.87 -27.09 -20.77
C ARG U 78 37.77 -26.36 -19.79
N MET U 79 38.69 -25.53 -20.29
CA MET U 79 39.43 -24.65 -19.40
C MET U 79 38.50 -23.68 -18.71
N ALA U 80 37.53 -23.14 -19.45
CA ALA U 80 36.54 -22.26 -18.82
C ALA U 80 35.78 -22.99 -17.72
N ALA U 81 35.40 -24.24 -17.97
CA ALA U 81 34.67 -25.01 -16.96
C ALA U 81 35.55 -25.28 -15.74
N CYS U 82 36.83 -25.58 -15.96
CA CYS U 82 37.76 -25.75 -14.85
C CYS U 82 37.80 -24.51 -13.97
N LEU U 83 37.93 -23.34 -14.58
CA LEU U 83 37.97 -22.10 -13.83
C LEU U 83 36.66 -21.87 -13.09
N ARG U 84 35.53 -22.16 -13.73
CA ARG U 84 34.24 -21.98 -13.08
C ARG U 84 34.11 -22.89 -11.88
N ASP U 85 34.56 -24.14 -11.99
CA ASP U 85 34.47 -25.07 -10.87
C ASP U 85 35.35 -24.63 -9.72
N MET U 86 36.55 -24.15 -10.02
CA MET U 86 37.42 -23.64 -8.97
C MET U 86 36.77 -22.46 -8.24
N GLU U 87 36.17 -21.53 -8.99
CA GLU U 87 35.51 -20.40 -8.36
C GLU U 87 34.34 -20.85 -7.50
N ILE U 88 33.57 -21.84 -7.97
CA ILE U 88 32.44 -22.32 -7.19
C ILE U 88 32.92 -22.92 -5.87
N ILE U 89 33.98 -23.73 -5.92
CA ILE U 89 34.51 -24.32 -4.70
C ILE U 89 34.97 -23.24 -3.74
N LEU U 90 35.67 -22.23 -4.26
CA LEU U 90 36.13 -21.15 -3.39
C LEU U 90 34.96 -20.41 -2.77
N ARG U 91 33.93 -20.15 -3.56
CA ARG U 91 32.75 -19.43 -3.07
C ARG U 91 32.07 -20.19 -1.95
N TYR U 92 31.88 -21.50 -2.14
CA TYR U 92 31.21 -22.28 -1.11
C TYR U 92 32.08 -22.47 0.12
N VAL U 93 33.40 -22.55 -0.05
CA VAL U 93 34.28 -22.61 1.10
C VAL U 93 34.17 -21.34 1.93
N SER U 94 34.14 -20.18 1.27
CA SER U 94 33.98 -18.92 1.99
C SER U 94 32.62 -18.84 2.67
N TYR U 95 31.57 -19.34 2.00
CA TYR U 95 30.26 -19.46 2.64
C TYR U 95 30.36 -20.24 3.94
N ALA U 96 30.95 -21.43 3.87
CA ALA U 96 31.07 -22.29 5.05
C ALA U 96 31.92 -21.64 6.13
N LEU U 97 32.97 -20.92 5.73
CA LEU U 97 33.77 -20.20 6.71
C LEU U 97 32.95 -19.18 7.46
N LEU U 98 32.18 -18.37 6.75
CA LEU U 98 31.34 -17.39 7.43
C LEU U 98 30.34 -18.06 8.35
N ALA U 99 29.72 -19.14 7.88
CA ALA U 99 28.75 -19.84 8.72
C ALA U 99 29.41 -20.46 9.94
N GLY U 100 30.67 -20.90 9.82
CA GLY U 100 31.26 -21.72 10.84
C GLY U 100 30.84 -23.17 10.79
N ASP U 101 30.03 -23.54 9.83
CA ASP U 101 29.53 -24.90 9.66
C ASP U 101 29.75 -25.34 8.22
N ALA U 102 30.20 -26.57 8.06
CA ALA U 102 30.54 -27.07 6.73
C ALA U 102 29.34 -27.63 5.97
N SER U 103 28.15 -27.61 6.57
CA SER U 103 26.98 -28.22 5.94
C SER U 103 26.55 -27.48 4.67
N VAL U 104 26.69 -26.15 4.63
CA VAL U 104 26.29 -25.40 3.44
C VAL U 104 27.16 -25.77 2.25
N LEU U 105 28.45 -25.98 2.48
CA LEU U 105 29.33 -26.48 1.42
C LEU U 105 28.87 -27.82 0.92
N ASP U 106 28.66 -28.76 1.84
CA ASP U 106 28.34 -30.14 1.47
C ASP U 106 27.03 -30.23 0.71
N ASP U 107 25.92 -29.91 1.39
CA ASP U 107 24.59 -30.27 0.91
C ASP U 107 24.31 -29.62 -0.44
N ARG U 108 24.96 -28.51 -0.73
CA ARG U 108 24.63 -27.75 -1.92
C ARG U 108 25.68 -27.87 -3.02
N CYS U 109 26.94 -28.16 -2.71
CA CYS U 109 27.98 -28.20 -3.72
C CYS U 109 28.62 -29.56 -3.89
N LEU U 110 28.75 -30.35 -2.82
CA LEU U 110 29.63 -31.52 -2.87
C LEU U 110 28.89 -32.85 -2.93
N ASN U 111 27.59 -32.87 -2.64
CA ASN U 111 26.90 -34.14 -2.50
C ASN U 111 26.91 -34.95 -3.79
N GLY U 112 26.76 -34.29 -4.94
CA GLY U 112 26.76 -34.98 -6.21
C GLY U 112 27.96 -34.76 -7.10
N LEU U 113 28.92 -33.95 -6.66
CA LEU U 113 30.04 -33.56 -7.51
C LEU U 113 30.89 -34.75 -7.94
N ARG U 114 31.07 -35.73 -7.04
CA ARG U 114 31.82 -36.94 -7.38
C ARG U 114 31.19 -37.65 -8.57
N GLU U 115 29.88 -37.91 -8.48
CA GLU U 115 29.21 -38.63 -9.55
C GLU U 115 29.20 -37.82 -10.84
N THR U 116 29.08 -36.50 -10.73
CA THR U 116 29.17 -35.64 -11.90
C THR U 116 30.51 -35.82 -12.61
N TYR U 117 31.60 -35.71 -11.86
CA TYR U 117 32.92 -35.83 -12.48
C TYR U 117 33.11 -37.21 -13.07
N ASN U 118 32.65 -38.25 -12.37
CA ASN U 118 32.85 -39.61 -12.87
C ASN U 118 32.05 -39.85 -14.15
N ALA U 119 30.83 -39.34 -14.21
CA ALA U 119 30.04 -39.46 -15.43
C ALA U 119 30.69 -38.68 -16.56
N LEU U 120 31.27 -37.52 -16.25
CA LEU U 120 31.94 -36.71 -17.26
C LEU U 120 33.22 -37.36 -17.78
N GLY U 121 34.00 -37.96 -16.90
CA GLY U 121 35.35 -38.40 -17.25
C GLY U 121 36.45 -37.52 -16.72
N THR U 122 36.13 -36.51 -15.94
CA THR U 122 37.14 -35.64 -15.35
C THR U 122 37.97 -36.41 -14.34
N PRO U 123 39.30 -36.21 -14.30
CA PRO U 123 40.11 -36.82 -13.25
C PRO U 123 39.88 -36.10 -11.92
N THR U 124 39.25 -36.80 -10.98
CA THR U 124 38.91 -36.19 -9.70
C THR U 124 40.15 -35.83 -8.88
N GLN U 125 41.24 -36.58 -9.04
CA GLN U 125 42.44 -36.32 -8.27
C GLN U 125 43.05 -34.96 -8.61
N SER U 126 42.98 -34.57 -9.89
CA SER U 126 43.47 -33.24 -10.27
C SER U 126 42.57 -32.15 -9.71
N VAL U 127 41.27 -32.41 -9.59
CA VAL U 127 40.38 -31.45 -8.96
C VAL U 127 40.74 -31.30 -7.48
N ALA U 128 41.05 -32.41 -6.82
CA ALA U 128 41.47 -32.32 -5.42
C ALA U 128 42.77 -31.56 -5.29
N ARG U 129 43.69 -31.75 -6.24
CA ARG U 129 44.94 -31.00 -6.23
C ARG U 129 44.66 -29.50 -6.42
N ALA U 130 43.74 -29.16 -7.30
CA ALA U 130 43.37 -27.76 -7.48
C ALA U 130 42.79 -27.17 -6.21
N VAL U 131 41.97 -27.95 -5.50
CA VAL U 131 41.41 -27.48 -4.24
C VAL U 131 42.51 -27.23 -3.22
N GLN U 132 43.49 -28.13 -3.14
CA GLN U 132 44.59 -27.92 -2.19
C GLN U 132 45.42 -26.70 -2.57
N LEU U 133 45.65 -26.49 -3.87
CA LEU U 133 46.38 -25.31 -4.31
C LEU U 133 45.63 -24.04 -3.94
N MET U 134 44.30 -24.06 -4.10
CA MET U 134 43.48 -22.94 -3.66
C MET U 134 43.60 -22.75 -2.16
N LYS U 135 43.70 -23.84 -1.41
CA LYS U 135 43.89 -23.74 0.03
C LYS U 135 45.19 -23.04 0.36
N ASP U 136 46.26 -23.35 -0.36
CA ASP U 136 47.53 -22.70 -0.12
C ASP U 136 47.47 -21.20 -0.43
N ALA U 137 46.92 -20.84 -1.59
CA ALA U 137 46.82 -19.42 -1.94
C ALA U 137 45.92 -18.67 -0.96
N ALA U 138 44.81 -19.27 -0.57
CA ALA U 138 43.93 -18.66 0.40
C ALA U 138 44.61 -18.50 1.76
N MET U 139 45.40 -19.47 2.20
CA MET U 139 46.11 -19.30 3.46
C MET U 139 47.07 -18.12 3.38
N VAL U 140 47.78 -18.00 2.26
CA VAL U 140 48.66 -16.86 2.08
C VAL U 140 47.88 -15.56 2.19
N HIS U 141 46.67 -15.51 1.64
CA HIS U 141 45.94 -14.24 1.63
C HIS U 141 45.28 -13.93 2.97
N LEU U 142 44.77 -14.94 3.67
CA LEU U 142 44.21 -14.70 4.99
C LEU U 142 45.27 -14.28 5.99
N LYS U 143 46.44 -14.91 5.96
CA LYS U 143 47.45 -14.58 6.95
C LYS U 143 48.06 -13.20 6.76
N SER U 144 47.61 -12.46 5.75
CA SER U 144 48.17 -11.14 5.47
C SER U 144 47.87 -10.17 6.60
N THR U 145 48.87 -9.92 7.46
CA THR U 145 48.66 -9.11 8.64
C THR U 145 48.43 -7.64 8.34
N ALA U 146 48.69 -7.21 7.11
CA ALA U 146 48.36 -5.85 6.73
C ALA U 146 46.84 -5.70 6.65
N ASN U 147 46.40 -4.45 6.60
CA ASN U 147 45.01 -4.08 6.31
C ASN U 147 44.08 -4.36 7.48
N VAL U 148 44.58 -5.02 8.52
CA VAL U 148 43.79 -5.41 9.68
C VAL U 148 44.69 -5.29 10.91
N THR U 149 44.08 -5.05 12.06
CA THR U 149 44.86 -5.03 13.29
C THR U 149 45.33 -6.43 13.64
N VAL U 150 46.58 -6.53 14.08
CA VAL U 150 47.22 -7.83 14.30
C VAL U 150 46.50 -8.55 15.43
N GLY U 151 46.40 -9.87 15.31
CA GLY U 151 45.67 -10.65 16.29
C GLY U 151 45.87 -12.13 16.07
N ASP U 152 45.40 -12.91 17.02
CA ASP U 152 45.53 -14.36 16.96
C ASP U 152 44.30 -14.94 16.29
N CYS U 153 44.49 -15.54 15.12
CA CYS U 153 43.39 -16.13 14.36
C CYS U 153 43.76 -17.50 13.87
N SER U 154 44.48 -18.26 14.70
CA SER U 154 44.82 -19.63 14.32
C SER U 154 43.59 -20.49 14.15
N SER U 155 42.52 -20.19 14.90
CA SER U 155 41.27 -20.93 14.74
C SER U 155 40.71 -20.74 13.35
N LEU U 156 40.76 -19.52 12.83
CA LEU U 156 40.25 -19.27 11.47
C LEU U 156 41.07 -20.00 10.42
N TYR U 157 42.40 -19.98 10.57
CA TYR U 157 43.26 -20.69 9.64
C TYR U 157 42.94 -22.18 9.65
N SER U 158 42.79 -22.75 10.84
CA SER U 158 42.45 -24.16 10.95
C SER U 158 41.09 -24.46 10.34
N GLU U 159 40.10 -23.59 10.57
CA GLU U 159 38.77 -23.81 10.05
C GLU U 159 38.76 -23.76 8.53
N ALA U 160 39.46 -22.78 7.95
CA ALA U 160 39.53 -22.68 6.50
C ALA U 160 40.25 -23.88 5.91
N ALA U 161 41.35 -24.31 6.55
CA ALA U 161 42.04 -25.50 6.07
C ALA U 161 41.14 -26.72 6.12
N THR U 162 40.35 -26.86 7.18
CA THR U 162 39.41 -27.99 7.27
C THR U 162 38.39 -27.95 6.15
N TYR U 163 37.87 -26.76 5.84
CA TYR U 163 36.88 -26.66 4.76
C TYR U 163 37.50 -27.03 3.42
N PHE U 164 38.71 -26.55 3.15
CA PHE U 164 39.37 -26.88 1.89
C PHE U 164 39.67 -28.37 1.81
N ASP U 165 40.19 -28.95 2.89
CA ASP U 165 40.51 -30.37 2.90
C ASP U 165 39.26 -31.22 2.76
N LYS U 166 38.16 -30.80 3.38
CA LYS U 166 36.93 -31.58 3.30
C LYS U 166 36.34 -31.50 1.91
N ALA U 167 36.42 -30.33 1.27
CA ALA U 167 35.99 -30.22 -0.12
C ALA U 167 36.82 -31.12 -1.01
N ALA U 168 38.13 -31.14 -0.80
CA ALA U 168 39.00 -32.00 -1.61
C ALA U 168 38.67 -33.47 -1.39
N ALA U 169 38.46 -33.86 -0.13
CA ALA U 169 38.13 -35.24 0.17
C ALA U 169 36.81 -35.65 -0.45
N SER U 170 35.81 -34.78 -0.41
CA SER U 170 34.52 -35.12 -1.02
C SER U 170 34.64 -35.19 -2.54
N ILE U 171 35.48 -34.35 -3.15
CA ILE U 171 35.67 -34.42 -4.59
C ILE U 171 36.41 -35.70 -4.96
N ALA U 172 37.49 -36.01 -4.24
CA ALA U 172 38.32 -37.16 -4.58
C ALA U 172 38.60 -38.03 -3.36
N MET V 1 26.88 -37.48 -31.28
CA MET V 1 26.21 -37.14 -32.52
C MET V 1 27.11 -36.21 -33.35
N ASN V 2 27.69 -36.76 -34.41
CA ASN V 2 28.63 -36.02 -35.23
C ASN V 2 28.78 -36.68 -36.59
N ASP V 3 29.11 -35.87 -37.59
CA ASP V 3 29.21 -36.26 -38.97
C ASP V 3 30.55 -36.93 -39.23
N VAL V 4 30.71 -37.47 -40.45
CA VAL V 4 31.94 -38.14 -40.81
C VAL V 4 33.11 -37.16 -40.79
N PHE V 5 32.91 -35.96 -41.33
CA PHE V 5 33.94 -34.94 -41.28
C PHE V 5 34.24 -34.54 -39.84
N THR V 6 33.20 -34.33 -39.04
CA THR V 6 33.39 -34.00 -37.64
C THR V 6 34.01 -35.16 -36.88
N ARG V 7 33.69 -36.39 -37.26
CA ARG V 7 34.37 -37.53 -36.66
C ARG V 7 35.87 -37.49 -36.95
N ALA V 8 36.23 -37.30 -38.22
CA ALA V 8 37.65 -37.25 -38.57
C ALA V 8 38.36 -36.13 -37.83
N ILE V 9 37.71 -34.96 -37.73
CA ILE V 9 38.25 -33.87 -36.93
C ILE V 9 38.39 -34.29 -35.48
N ALA V 10 37.47 -35.11 -34.99
CA ALA V 10 37.54 -35.56 -33.61
C ALA V 10 38.82 -36.35 -33.36
N GLN V 11 39.09 -37.37 -34.18
CA GLN V 11 40.33 -38.11 -33.96
C GLN V 11 41.56 -37.23 -34.20
N ALA V 12 41.48 -36.34 -35.19
CA ALA V 12 42.61 -35.46 -35.48
C ALA V 12 42.96 -34.60 -34.28
N ASP V 13 41.94 -34.10 -33.57
CA ASP V 13 42.21 -33.30 -32.39
C ASP V 13 42.60 -34.16 -31.20
N LEU V 14 42.06 -35.37 -31.09
CA LEU V 14 42.49 -36.24 -29.99
C LEU V 14 43.99 -36.51 -30.07
N LYS V 15 44.51 -36.74 -31.28
CA LYS V 15 45.95 -36.79 -31.42
C LYS V 15 46.57 -35.41 -31.57
N GLY V 16 45.75 -34.37 -31.74
CA GLY V 16 46.23 -33.01 -31.74
C GLY V 16 46.82 -32.52 -33.03
N SER V 17 46.81 -33.34 -34.08
CA SER V 17 47.52 -32.99 -35.30
C SER V 17 46.57 -32.38 -36.33
N PHE V 18 47.14 -31.75 -37.35
CA PHE V 18 46.37 -31.38 -38.51
C PHE V 18 45.87 -32.63 -39.21
N LEU V 19 44.83 -32.47 -40.02
CA LEU V 19 44.29 -33.63 -40.72
C LEU V 19 45.32 -34.16 -41.71
N LEU V 20 45.51 -35.48 -41.67
CA LEU V 20 46.49 -36.11 -42.54
C LEU V 20 45.99 -36.13 -43.98
N GLU V 21 46.93 -36.33 -44.91
CA GLU V 21 46.59 -36.27 -46.32
C GLU V 21 45.71 -37.45 -46.73
N SER V 22 45.95 -38.64 -46.17
CA SER V 22 45.10 -39.78 -46.46
C SER V 22 43.68 -39.56 -45.95
N ASP V 23 43.55 -39.04 -44.72
CA ASP V 23 42.24 -38.76 -44.18
C ASP V 23 41.52 -37.70 -45.00
N LEU V 24 42.26 -36.68 -45.43
CA LEU V 24 41.67 -35.69 -46.33
C LEU V 24 41.22 -36.33 -47.63
N ASP V 25 42.00 -37.27 -48.14
CA ASP V 25 41.60 -37.96 -49.37
C ASP V 25 40.32 -38.74 -49.17
N LYS V 26 40.18 -39.40 -48.01
CA LYS V 26 38.94 -40.12 -47.72
C LYS V 26 37.75 -39.17 -47.64
N LEU V 27 37.93 -38.02 -46.98
CA LEU V 27 36.84 -37.06 -46.91
C LEU V 27 36.46 -36.53 -48.28
N ALA V 28 37.46 -36.29 -49.13
CA ALA V 28 37.17 -35.84 -50.50
C ALA V 28 36.44 -36.93 -51.29
N SER V 29 36.81 -38.19 -51.08
CA SER V 29 36.07 -39.28 -51.72
C SER V 29 34.62 -39.30 -51.27
N PHE V 30 34.40 -39.11 -49.97
CA PHE V 30 33.03 -39.05 -49.46
C PHE V 30 32.27 -37.89 -50.09
N ALA V 31 32.89 -36.73 -50.18
CA ALA V 31 32.20 -35.58 -50.75
C ALA V 31 31.98 -35.75 -52.25
N LYS V 32 32.78 -36.62 -52.88
CA LYS V 32 32.53 -36.95 -54.28
C LYS V 32 31.33 -37.89 -54.42
N GLU V 33 31.21 -38.86 -53.52
CA GLU V 33 30.05 -39.73 -53.48
C GLU V 33 28.80 -39.02 -52.98
N GLY V 34 28.95 -37.78 -52.50
CA GLY V 34 27.85 -37.09 -51.85
C GLY V 34 26.57 -37.02 -52.66
N VAL V 35 26.68 -36.85 -53.98
CA VAL V 35 25.46 -36.70 -54.77
C VAL V 35 24.69 -38.00 -54.86
N LYS V 36 25.40 -39.11 -55.07
CA LYS V 36 24.78 -40.43 -54.93
C LYS V 36 24.11 -40.58 -53.57
N ARG V 37 24.80 -40.14 -52.52
CA ARG V 37 24.24 -40.24 -51.18
C ARG V 37 22.96 -39.44 -51.03
N LEU V 38 22.91 -38.24 -51.61
CA LEU V 38 21.68 -37.47 -51.55
C LEU V 38 20.56 -38.12 -52.34
N ASP V 39 20.89 -38.74 -53.48
CA ASP V 39 19.86 -39.51 -54.19
C ASP V 39 19.33 -40.64 -53.31
N ALA V 40 20.22 -41.30 -52.58
CA ALA V 40 19.79 -42.40 -51.71
C ALA V 40 18.89 -41.91 -50.59
N VAL V 41 19.29 -40.85 -49.89
CA VAL V 41 18.49 -40.39 -48.77
C VAL V 41 17.18 -39.80 -49.27
N ALA V 42 17.18 -39.20 -50.47
CA ALA V 42 15.94 -38.71 -51.05
C ALA V 42 15.03 -39.87 -51.39
N ALA V 43 15.58 -40.99 -51.84
CA ALA V 43 14.77 -42.18 -52.06
C ALA V 43 14.14 -42.64 -50.75
N LEU V 44 14.92 -42.65 -49.68
CA LEU V 44 14.40 -43.11 -48.39
C LEU V 44 13.29 -42.19 -47.88
N THR V 45 13.54 -40.88 -47.86
CA THR V 45 12.55 -39.96 -47.33
C THR V 45 11.33 -39.88 -48.24
N ASN V 46 11.54 -40.12 -49.53
CA ASN V 46 10.46 -39.92 -50.49
C ASN V 46 9.42 -41.02 -50.42
N ASN V 47 9.85 -42.26 -50.22
CA ASN V 47 8.98 -43.42 -50.27
C ASN V 47 8.61 -43.94 -48.89
N ALA V 48 8.80 -43.13 -47.84
CA ALA V 48 8.69 -43.64 -46.48
C ALA V 48 7.34 -44.28 -46.17
N PRO V 49 6.19 -43.66 -46.47
CA PRO V 49 4.92 -44.33 -46.13
C PRO V 49 4.77 -45.69 -46.79
N ALA V 50 5.20 -45.83 -48.04
CA ALA V 50 5.12 -47.13 -48.70
C ALA V 50 6.03 -48.14 -48.02
N ILE V 51 7.23 -47.71 -47.63
CA ILE V 51 8.16 -48.60 -46.95
C ILE V 51 7.56 -49.10 -45.65
N ILE V 52 7.03 -48.18 -44.85
CA ILE V 52 6.43 -48.55 -43.58
C ILE V 52 5.26 -49.49 -43.79
N SER V 53 4.41 -49.17 -44.77
CA SER V 53 3.20 -49.96 -44.99
C SER V 53 3.55 -51.38 -45.43
N ASP V 54 4.50 -51.52 -46.36
CA ASP V 54 4.89 -52.85 -46.80
C ASP V 54 5.52 -53.64 -45.65
N ALA V 55 6.43 -53.01 -44.91
CA ALA V 55 7.05 -53.69 -43.79
C ALA V 55 6.02 -54.14 -42.77
N ALA V 56 5.00 -53.30 -42.54
CA ALA V 56 3.96 -53.66 -41.59
C ALA V 56 3.11 -54.81 -42.09
N HIS V 57 2.71 -54.76 -43.37
CA HIS V 57 1.92 -55.86 -43.93
C HIS V 57 2.65 -57.17 -43.76
N LYS V 58 3.93 -57.21 -44.13
CA LYS V 58 4.69 -58.44 -43.98
C LYS V 58 4.84 -58.82 -42.51
N LEU V 59 5.13 -57.85 -41.64
CA LEU V 59 5.43 -58.20 -40.25
C LEU V 59 4.20 -58.77 -39.55
N PHE V 60 3.03 -58.23 -39.84
CA PHE V 60 1.81 -58.75 -39.24
C PHE V 60 1.21 -59.88 -40.04
N ALA V 61 1.79 -60.23 -41.20
CA ALA V 61 1.49 -61.51 -41.82
C ALA V 61 2.33 -62.63 -41.21
N GLU V 62 3.60 -62.35 -40.91
CA GLU V 62 4.46 -63.36 -40.30
C GLU V 62 4.25 -63.51 -38.81
N GLN V 63 3.56 -62.56 -38.17
CA GLN V 63 3.35 -62.60 -36.72
C GLN V 63 1.94 -62.09 -36.45
N GLN V 64 0.99 -63.03 -36.29
CA GLN V 64 -0.38 -62.65 -35.99
C GLN V 64 -0.61 -62.37 -34.51
N GLU V 65 0.27 -62.88 -33.64
CA GLU V 65 0.03 -62.74 -32.21
C GLU V 65 0.08 -61.28 -31.78
N LEU V 66 0.80 -60.45 -32.53
CA LEU V 66 0.72 -59.01 -32.30
C LEU V 66 -0.66 -58.46 -32.63
N ILE V 67 -1.36 -59.09 -33.56
CA ILE V 67 -2.64 -58.56 -34.02
C ILE V 67 -3.79 -59.07 -33.15
N GLN V 68 -3.65 -60.27 -32.58
CA GLN V 68 -4.71 -60.84 -31.78
C GLN V 68 -4.92 -60.02 -30.51
N PRO V 69 -6.13 -60.05 -29.95
CA PRO V 69 -6.36 -59.39 -28.66
C PRO V 69 -5.40 -59.92 -27.62
N GLY V 70 -4.88 -59.02 -26.80
CA GLY V 70 -3.81 -59.35 -25.90
C GLY V 70 -2.45 -59.30 -26.55
N GLY V 71 -2.38 -59.05 -27.84
CA GLY V 71 -1.11 -58.87 -28.51
C GLY V 71 -0.54 -57.51 -28.25
N ASN V 72 0.66 -57.29 -28.77
CA ASN V 72 1.34 -56.03 -28.48
C ASN V 72 1.08 -54.98 -29.56
N ALA V 73 0.57 -55.39 -30.72
CA ALA V 73 0.08 -54.45 -31.72
C ALA V 73 -1.43 -54.31 -31.66
N TYR V 74 -2.01 -54.38 -30.46
CA TYR V 74 -3.45 -54.36 -30.27
C TYR V 74 -3.75 -53.58 -29.00
N PRO V 75 -4.68 -52.62 -29.03
CA PRO V 75 -5.56 -52.16 -30.09
C PRO V 75 -4.97 -51.04 -30.95
N HIS V 76 -5.85 -50.25 -31.59
CA HIS V 76 -5.41 -49.14 -32.43
C HIS V 76 -4.28 -48.34 -31.80
N ARG V 77 -4.35 -48.11 -30.50
CA ARG V 77 -3.34 -47.30 -29.84
C ARG V 77 -1.96 -47.93 -29.97
N ARG V 78 -1.85 -49.22 -29.66
CA ARG V 78 -0.57 -49.90 -29.77
C ARG V 78 -0.14 -50.07 -31.21
N MET V 79 -1.08 -50.29 -32.12
CA MET V 79 -0.74 -50.43 -33.53
C MET V 79 -0.17 -49.13 -34.08
N ALA V 80 -0.78 -48.00 -33.70
CA ALA V 80 -0.27 -46.70 -34.10
C ALA V 80 1.10 -46.44 -33.49
N ALA V 81 1.32 -46.89 -32.25
CA ALA V 81 2.65 -46.75 -31.67
C ALA V 81 3.67 -47.56 -32.44
N CYS V 82 3.30 -48.76 -32.89
CA CYS V 82 4.18 -49.59 -33.71
C CYS V 82 4.55 -48.89 -35.01
N LEU V 83 3.54 -48.36 -35.70
CA LEU V 83 3.79 -47.65 -36.96
C LEU V 83 4.67 -46.43 -36.73
N ARG V 84 4.42 -45.69 -35.66
CA ARG V 84 5.22 -44.52 -35.34
C ARG V 84 6.66 -44.91 -35.03
N ASP V 85 6.86 -46.03 -34.35
CA ASP V 85 8.22 -46.45 -34.03
C ASP V 85 8.98 -46.84 -35.28
N MET V 86 8.32 -47.54 -36.21
CA MET V 86 9.00 -47.82 -37.48
C MET V 86 9.32 -46.51 -38.21
N GLU V 87 8.39 -45.58 -38.21
CA GLU V 87 8.63 -44.26 -38.79
C GLU V 87 9.88 -43.61 -38.21
N ILE V 88 9.99 -43.59 -36.88
CA ILE V 88 11.13 -42.94 -36.23
C ILE V 88 12.42 -43.66 -36.58
N ILE V 89 12.39 -45.00 -36.60
CA ILE V 89 13.60 -45.76 -36.91
C ILE V 89 14.06 -45.47 -38.33
N LEU V 90 13.13 -45.42 -39.29
CA LEU V 90 13.53 -45.12 -40.67
C LEU V 90 14.05 -43.69 -40.78
N ARG V 91 13.44 -42.77 -40.05
CA ARG V 91 13.93 -41.39 -40.05
C ARG V 91 15.37 -41.33 -39.58
N TYR V 92 15.68 -42.02 -38.49
CA TYR V 92 17.05 -42.00 -37.99
C TYR V 92 17.99 -42.73 -38.93
N VAL V 93 17.51 -43.76 -39.62
CA VAL V 93 18.34 -44.46 -40.59
C VAL V 93 18.71 -43.53 -41.73
N SER V 94 17.75 -42.76 -42.23
CA SER V 94 18.06 -41.79 -43.27
C SER V 94 19.03 -40.73 -42.77
N TYR V 95 18.84 -40.29 -41.53
CA TYR V 95 19.76 -39.30 -40.95
C TYR V 95 21.18 -39.83 -40.93
N ALA V 96 21.35 -41.07 -40.47
CA ALA V 96 22.68 -41.67 -40.41
C ALA V 96 23.27 -41.84 -41.80
N LEU V 97 22.44 -42.24 -42.76
CA LEU V 97 22.93 -42.47 -44.12
C LEU V 97 23.41 -41.16 -44.74
N LEU V 98 22.68 -40.07 -44.52
CA LEU V 98 23.16 -38.79 -45.00
C LEU V 98 24.44 -38.37 -44.27
N ALA V 99 24.48 -38.58 -42.96
CA ALA V 99 25.66 -38.18 -42.20
C ALA V 99 26.87 -39.06 -42.51
N GLY V 100 26.64 -40.31 -42.89
CA GLY V 100 27.73 -41.23 -43.08
C GLY V 100 28.36 -41.73 -41.81
N ASP V 101 27.77 -41.43 -40.66
CA ASP V 101 28.28 -41.90 -39.37
C ASP V 101 27.22 -42.74 -38.69
N ALA V 102 27.66 -43.73 -37.93
CA ALA V 102 26.75 -44.64 -37.25
C ALA V 102 26.42 -44.21 -35.83
N SER V 103 27.24 -43.36 -35.23
CA SER V 103 26.99 -42.95 -33.85
C SER V 103 25.88 -41.90 -33.78
N VAL V 104 25.60 -41.20 -34.87
CA VAL V 104 24.45 -40.31 -34.91
C VAL V 104 23.16 -41.11 -34.80
N LEU V 105 23.26 -42.43 -34.99
CA LEU V 105 22.11 -43.31 -34.77
C LEU V 105 22.04 -43.76 -33.33
N ASP V 106 23.19 -44.12 -32.74
CA ASP V 106 23.20 -44.69 -31.40
C ASP V 106 22.97 -43.63 -30.34
N ASP V 107 23.36 -42.38 -30.62
CA ASP V 107 23.18 -41.32 -29.64
C ASP V 107 21.83 -40.63 -29.78
N ARG V 108 21.00 -41.05 -30.73
CA ARG V 108 19.71 -40.40 -30.96
C ARG V 108 18.57 -41.20 -30.33
N CYS V 109 18.49 -42.48 -30.63
CA CYS V 109 17.45 -43.31 -30.04
C CYS V 109 17.97 -44.60 -29.43
N LEU V 110 18.93 -45.25 -30.09
CA LEU V 110 19.27 -46.63 -29.74
C LEU V 110 19.82 -46.71 -28.33
N ASN V 111 20.26 -45.58 -27.76
CA ASN V 111 20.83 -45.60 -26.43
C ASN V 111 19.79 -46.00 -25.38
N GLY V 112 18.57 -45.50 -25.52
CA GLY V 112 17.52 -45.80 -24.56
C GLY V 112 16.38 -46.60 -25.14
N LEU V 113 16.47 -46.91 -26.44
CA LEU V 113 15.40 -47.63 -27.11
C LEU V 113 15.21 -49.02 -26.54
N ARG V 114 16.31 -49.72 -26.27
CA ARG V 114 16.22 -51.07 -25.73
C ARG V 114 15.65 -51.06 -24.32
N GLU V 115 16.12 -50.13 -23.48
CA GLU V 115 15.62 -50.05 -22.12
C GLU V 115 14.14 -49.71 -22.11
N THR V 116 13.71 -48.83 -23.01
CA THR V 116 12.29 -48.54 -23.15
C THR V 116 11.51 -49.78 -23.53
N TYR V 117 12.00 -50.54 -24.52
CA TYR V 117 11.24 -51.70 -24.97
C TYR V 117 11.22 -52.80 -23.93
N ASN V 118 12.22 -52.84 -23.06
CA ASN V 118 12.21 -53.81 -21.98
C ASN V 118 11.25 -53.39 -20.88
N ALA V 119 11.17 -52.08 -20.61
CA ALA V 119 10.19 -51.60 -19.64
C ALA V 119 8.77 -51.87 -20.12
N LEU V 120 8.48 -51.55 -21.39
CA LEU V 120 7.13 -51.75 -21.90
C LEU V 120 6.83 -53.22 -22.12
N GLY V 121 7.85 -54.06 -22.14
CA GLY V 121 7.68 -55.46 -22.42
C GLY V 121 7.49 -55.80 -23.88
N THR V 122 7.75 -54.85 -24.78
CA THR V 122 7.62 -55.13 -26.21
C THR V 122 8.67 -56.15 -26.63
N PRO V 123 8.29 -57.19 -27.37
CA PRO V 123 9.28 -58.16 -27.85
C PRO V 123 10.25 -57.51 -28.81
N THR V 124 11.51 -57.42 -28.38
CA THR V 124 12.52 -56.75 -29.19
C THR V 124 12.80 -57.49 -30.48
N GLN V 125 12.62 -58.81 -30.48
CA GLN V 125 12.86 -59.56 -31.70
C GLN V 125 11.87 -59.18 -32.79
N SER V 126 10.64 -58.84 -32.40
CA SER V 126 9.66 -58.38 -33.38
C SER V 126 10.07 -57.03 -33.96
N VAL V 127 10.60 -56.14 -33.12
CA VAL V 127 11.03 -54.84 -33.60
C VAL V 127 12.22 -55.00 -34.54
N ALA V 128 13.13 -55.91 -34.21
CA ALA V 128 14.25 -56.19 -35.10
C ALA V 128 13.77 -56.73 -36.44
N ARG V 129 12.79 -57.64 -36.42
CA ARG V 129 12.26 -58.16 -37.66
C ARG V 129 11.58 -57.07 -38.47
N ALA V 130 10.89 -56.16 -37.81
CA ALA V 130 10.27 -55.04 -38.50
C ALA V 130 11.31 -54.18 -39.18
N VAL V 131 12.41 -53.90 -38.48
CA VAL V 131 13.48 -53.09 -39.07
C VAL V 131 14.11 -53.82 -40.25
N GLN V 132 14.24 -55.15 -40.17
CA GLN V 132 14.80 -55.89 -41.29
C GLN V 132 13.88 -55.85 -42.51
N LEU V 133 12.57 -55.96 -42.29
CA LEU V 133 11.63 -55.82 -43.40
C LEU V 133 11.72 -54.43 -44.01
N MET V 134 11.83 -53.42 -43.15
CA MET V 134 12.04 -52.05 -43.61
C MET V 134 13.30 -51.95 -44.46
N LYS V 135 14.35 -52.64 -44.03
CA LYS V 135 15.58 -52.70 -44.81
C LYS V 135 15.35 -53.28 -46.19
N ASP V 136 14.59 -54.38 -46.26
CA ASP V 136 14.32 -54.98 -47.57
C ASP V 136 13.55 -54.04 -48.47
N ALA V 137 12.52 -53.38 -47.92
CA ALA V 137 11.75 -52.43 -48.71
C ALA V 137 12.61 -51.22 -49.11
N ALA V 138 13.54 -50.84 -48.24
CA ALA V 138 14.40 -49.70 -48.53
C ALA V 138 15.39 -50.03 -49.63
N MET V 139 15.90 -51.27 -49.66
CA MET V 139 16.75 -51.66 -50.78
C MET V 139 15.95 -51.75 -52.06
N VAL V 140 14.71 -52.22 -51.98
CA VAL V 140 13.87 -52.28 -53.17
C VAL V 140 13.63 -50.90 -53.74
N HIS V 141 13.33 -49.91 -52.89
CA HIS V 141 13.12 -48.55 -53.37
C HIS V 141 14.42 -47.83 -53.71
N LEU V 142 15.52 -48.23 -53.08
CA LEU V 142 16.82 -47.61 -53.35
C LEU V 142 17.36 -48.01 -54.70
N LYS V 143 17.25 -49.29 -55.07
CA LYS V 143 17.81 -49.77 -56.31
C LYS V 143 17.03 -49.30 -57.53
N SER V 144 15.87 -48.69 -57.33
CA SER V 144 15.06 -48.18 -58.44
C SER V 144 15.83 -47.08 -59.16
N THR V 145 16.04 -47.27 -60.46
CA THR V 145 16.83 -46.35 -61.27
C THR V 145 15.98 -45.40 -62.09
N ALA V 146 14.66 -45.47 -61.97
CA ALA V 146 13.79 -44.59 -62.74
C ALA V 146 13.97 -43.15 -62.30
N ASN V 147 14.00 -42.24 -63.27
CA ASN V 147 14.03 -40.79 -63.02
C ASN V 147 15.34 -40.36 -62.37
N VAL V 148 16.37 -41.21 -62.42
CA VAL V 148 17.68 -40.87 -61.90
C VAL V 148 18.73 -41.50 -62.80
N THR V 149 19.83 -40.79 -63.04
CA THR V 149 20.86 -41.31 -63.93
C THR V 149 21.50 -42.55 -63.32
N VAL V 150 21.96 -43.44 -64.19
CA VAL V 150 22.31 -44.80 -63.82
C VAL V 150 23.77 -44.86 -63.39
N GLY V 151 24.03 -45.64 -62.34
CA GLY V 151 25.38 -45.85 -61.88
C GLY V 151 25.40 -46.76 -60.68
N ASP V 152 26.61 -47.20 -60.34
CA ASP V 152 26.81 -48.08 -59.20
C ASP V 152 26.69 -47.29 -57.91
N CYS V 153 26.14 -47.94 -56.87
CA CYS V 153 26.01 -47.31 -55.56
C CYS V 153 26.26 -48.34 -54.47
N SER V 154 27.07 -49.36 -54.76
CA SER V 154 27.19 -50.51 -53.87
C SER V 154 27.59 -50.10 -52.47
N SER V 155 28.46 -49.09 -52.35
CA SER V 155 28.85 -48.59 -51.04
C SER V 155 27.63 -48.06 -50.28
N LEU V 156 26.71 -47.41 -50.99
CA LEU V 156 25.54 -46.83 -50.32
C LEU V 156 24.61 -47.90 -49.80
N TYR V 157 24.34 -48.93 -50.60
CA TYR V 157 23.49 -50.02 -50.10
C TYR V 157 24.17 -50.74 -48.95
N SER V 158 25.48 -50.95 -49.04
CA SER V 158 26.19 -51.59 -47.93
C SER V 158 26.05 -50.77 -46.66
N GLU V 159 26.25 -49.46 -46.76
CA GLU V 159 26.16 -48.58 -45.60
C GLU V 159 24.75 -48.54 -45.03
N ALA V 160 23.73 -48.50 -45.90
CA ALA V 160 22.35 -48.52 -45.42
C ALA V 160 22.04 -49.83 -44.71
N ALA V 161 22.52 -50.94 -45.27
CA ALA V 161 22.32 -52.23 -44.61
C ALA V 161 22.99 -52.26 -43.25
N THR V 162 24.20 -51.70 -43.16
CA THR V 162 24.87 -51.66 -41.86
C THR V 162 24.10 -50.82 -40.86
N TYR V 163 23.50 -49.71 -41.30
CA TYR V 163 22.75 -48.88 -40.36
C TYR V 163 21.48 -49.56 -39.90
N PHE V 164 20.75 -50.19 -40.82
CA PHE V 164 19.60 -50.98 -40.43
C PHE V 164 20.00 -52.08 -39.45
N ASP V 165 21.13 -52.74 -39.72
CA ASP V 165 21.61 -53.79 -38.83
C ASP V 165 21.96 -53.23 -37.47
N LYS V 166 22.57 -52.05 -37.42
CA LYS V 166 22.91 -51.45 -36.15
C LYS V 166 21.66 -51.17 -35.33
N ALA V 167 20.62 -50.62 -35.97
CA ALA V 167 19.37 -50.40 -35.24
C ALA V 167 18.78 -51.70 -34.72
N ALA V 168 18.63 -52.68 -35.61
CA ALA V 168 18.03 -53.96 -35.23
C ALA V 168 18.86 -54.72 -34.22
N ALA V 169 20.16 -54.42 -34.12
CA ALA V 169 21.01 -55.15 -33.18
C ALA V 169 21.14 -54.42 -31.85
N SER V 170 20.99 -53.09 -31.86
CA SER V 170 21.02 -52.36 -30.60
C SER V 170 19.69 -52.50 -29.87
N ILE V 171 18.59 -52.60 -30.60
CA ILE V 171 17.32 -52.86 -29.95
C ILE V 171 17.29 -54.27 -29.36
N ALA V 172 17.91 -55.21 -30.05
CA ALA V 172 17.84 -56.61 -29.64
C ALA V 172 19.20 -57.11 -29.17
N MET W 1 -7.06 -44.85 -14.57
CA MET W 1 -7.38 -45.44 -13.27
C MET W 1 -8.64 -46.28 -13.40
N ASN W 2 -8.74 -47.34 -12.61
CA ASN W 2 -9.62 -48.45 -12.92
C ASN W 2 -10.71 -48.58 -11.87
N ASP W 3 -11.87 -49.07 -12.31
CA ASP W 3 -12.96 -49.47 -11.43
C ASP W 3 -13.34 -50.92 -11.79
N VAL W 4 -14.44 -51.40 -11.19
CA VAL W 4 -14.84 -52.79 -11.42
C VAL W 4 -15.31 -52.99 -12.85
N PHE W 5 -16.00 -52.00 -13.42
CA PHE W 5 -16.52 -52.15 -14.77
C PHE W 5 -15.39 -52.18 -15.78
N THR W 6 -14.45 -51.24 -15.66
CA THR W 6 -13.32 -51.23 -16.58
C THR W 6 -12.38 -52.39 -16.31
N ARG W 7 -12.30 -52.85 -15.07
CA ARG W 7 -11.55 -54.07 -14.78
C ARG W 7 -12.14 -55.27 -15.51
N ALA W 8 -13.47 -55.40 -15.48
CA ALA W 8 -14.11 -56.48 -16.22
C ALA W 8 -13.89 -56.33 -17.72
N ILE W 9 -13.93 -55.09 -18.21
CA ILE W 9 -13.70 -54.84 -19.63
C ILE W 9 -12.29 -55.29 -20.03
N ALA W 10 -11.29 -54.94 -19.21
CA ALA W 10 -9.92 -55.32 -19.52
C ALA W 10 -9.73 -56.83 -19.46
N GLN W 11 -10.33 -57.47 -18.47
CA GLN W 11 -10.24 -58.93 -18.37
C GLN W 11 -10.90 -59.61 -19.56
N ALA W 12 -12.02 -59.06 -20.02
CA ALA W 12 -12.66 -59.60 -21.22
C ALA W 12 -11.80 -59.36 -22.44
N ASP W 13 -11.16 -58.21 -22.53
CA ASP W 13 -10.37 -57.87 -23.71
C ASP W 13 -9.14 -58.75 -23.84
N LEU W 14 -8.43 -58.97 -22.73
CA LEU W 14 -7.22 -59.79 -22.82
C LEU W 14 -7.54 -61.16 -23.42
N LYS W 15 -8.75 -61.65 -23.20
CA LYS W 15 -9.22 -62.85 -23.89
C LYS W 15 -9.86 -62.52 -25.23
N GLY W 16 -10.21 -61.26 -25.46
CA GLY W 16 -10.82 -60.86 -26.71
C GLY W 16 -12.25 -61.30 -26.89
N SER W 17 -13.01 -61.45 -25.80
CA SER W 17 -14.37 -61.94 -25.87
C SER W 17 -15.35 -60.92 -25.32
N PHE W 18 -16.59 -61.03 -25.78
CA PHE W 18 -17.65 -60.21 -25.21
C PHE W 18 -17.85 -60.59 -23.75
N LEU W 19 -18.25 -59.60 -22.95
CA LEU W 19 -18.52 -59.85 -21.54
C LEU W 19 -19.59 -60.93 -21.42
N LEU W 20 -19.32 -61.93 -20.59
CA LEU W 20 -20.20 -63.06 -20.51
C LEU W 20 -21.52 -62.66 -19.86
N GLU W 21 -22.50 -63.56 -19.95
CA GLU W 21 -23.75 -63.34 -19.22
C GLU W 21 -23.48 -63.24 -17.72
N SER W 22 -22.64 -64.13 -17.20
CA SER W 22 -22.29 -64.09 -15.78
C SER W 22 -21.70 -62.73 -15.40
N ASP W 23 -20.81 -62.20 -16.24
CA ASP W 23 -20.26 -60.88 -15.98
C ASP W 23 -21.35 -59.82 -15.97
N LEU W 24 -22.32 -59.93 -16.89
CA LEU W 24 -23.39 -58.96 -16.92
C LEU W 24 -24.23 -59.02 -15.65
N ASP W 25 -24.52 -60.21 -15.13
CA ASP W 25 -25.23 -60.31 -13.86
C ASP W 25 -24.43 -59.73 -12.71
N LYS W 26 -23.14 -60.04 -12.62
CA LYS W 26 -22.38 -59.46 -11.51
C LYS W 26 -22.31 -57.93 -11.60
N LEU W 27 -22.16 -57.39 -12.80
CA LEU W 27 -22.09 -55.94 -12.95
C LEU W 27 -23.45 -55.29 -12.69
N ALA W 28 -24.53 -55.91 -13.13
CA ALA W 28 -25.86 -55.39 -12.82
C ALA W 28 -26.14 -55.46 -11.32
N SER W 29 -25.69 -56.51 -10.65
CA SER W 29 -25.77 -56.53 -9.19
C SER W 29 -25.02 -55.36 -8.60
N PHE W 30 -23.77 -55.18 -8.99
CA PHE W 30 -22.98 -54.05 -8.50
C PHE W 30 -23.73 -52.73 -8.71
N ALA W 31 -24.43 -52.61 -9.83
CA ALA W 31 -25.16 -51.38 -10.10
C ALA W 31 -26.42 -51.26 -9.24
N LYS W 32 -27.02 -52.39 -8.83
CA LYS W 32 -28.20 -52.28 -7.98
C LYS W 32 -27.86 -51.79 -6.58
N GLU W 33 -26.83 -52.34 -5.94
CA GLU W 33 -26.46 -51.78 -4.64
C GLU W 33 -25.44 -50.65 -4.75
N GLY W 34 -25.43 -49.91 -5.85
CA GLY W 34 -24.62 -48.72 -5.90
C GLY W 34 -25.10 -47.64 -4.95
N VAL W 35 -26.41 -47.52 -4.78
CA VAL W 35 -26.97 -46.58 -3.82
C VAL W 35 -26.54 -46.96 -2.41
N LYS W 36 -26.45 -48.26 -2.15
CA LYS W 36 -25.96 -48.76 -0.88
C LYS W 36 -24.52 -48.33 -0.64
N ARG W 37 -23.72 -48.33 -1.70
CA ARG W 37 -22.31 -47.96 -1.60
C ARG W 37 -22.12 -46.45 -1.49
N LEU W 38 -23.01 -45.67 -2.09
CA LEU W 38 -22.92 -44.23 -1.99
C LEU W 38 -23.04 -43.77 -0.54
N ASP W 39 -23.89 -44.44 0.24
CA ASP W 39 -24.03 -44.09 1.64
C ASP W 39 -22.75 -44.39 2.42
N ALA W 40 -22.08 -45.50 2.12
CA ALA W 40 -20.80 -45.77 2.78
C ALA W 40 -19.75 -44.74 2.39
N VAL W 41 -19.71 -44.36 1.12
CA VAL W 41 -18.74 -43.35 0.72
C VAL W 41 -19.03 -42.03 1.42
N ALA W 42 -20.31 -41.66 1.53
CA ALA W 42 -20.65 -40.42 2.22
C ALA W 42 -20.36 -40.51 3.70
N ALA W 43 -20.50 -41.70 4.29
CA ALA W 43 -20.14 -41.87 5.70
C ALA W 43 -18.65 -41.67 5.91
N LEU W 44 -17.83 -42.20 5.00
CA LEU W 44 -16.39 -41.96 5.08
C LEU W 44 -16.07 -40.48 4.87
N THR W 45 -16.79 -39.84 3.95
CA THR W 45 -16.46 -38.47 3.57
C THR W 45 -16.85 -37.47 4.66
N ASN W 46 -18.05 -37.62 5.23
CA ASN W 46 -18.55 -36.66 6.20
C ASN W 46 -17.76 -36.70 7.50
N ASN W 47 -17.36 -37.88 7.93
CA ASN W 47 -16.79 -38.08 9.25
C ASN W 47 -15.27 -38.15 9.22
N ALA W 48 -14.66 -37.70 8.14
CA ALA W 48 -13.20 -37.80 7.99
C ALA W 48 -12.45 -37.06 9.08
N PRO W 49 -12.78 -35.81 9.43
CA PRO W 49 -12.06 -35.19 10.55
C PRO W 49 -12.22 -35.96 11.84
N ALA W 50 -13.41 -36.52 12.09
CA ALA W 50 -13.62 -37.33 13.28
C ALA W 50 -12.78 -38.59 13.25
N ILE W 51 -12.79 -39.29 12.12
CA ILE W 51 -12.03 -40.54 12.00
C ILE W 51 -10.55 -40.27 12.21
N ILE W 52 -10.03 -39.23 11.58
CA ILE W 52 -8.61 -38.94 11.67
C ILE W 52 -8.24 -38.48 13.07
N SER W 53 -9.07 -37.65 13.69
CA SER W 53 -8.76 -37.21 15.04
C SER W 53 -8.77 -38.38 16.01
N ASP W 54 -9.74 -39.27 15.89
CA ASP W 54 -9.80 -40.44 16.76
C ASP W 54 -8.58 -41.32 16.59
N ALA W 55 -8.23 -41.64 15.34
CA ALA W 55 -7.07 -42.49 15.10
C ALA W 55 -5.79 -41.83 15.59
N ALA W 56 -5.65 -40.52 15.37
CA ALA W 56 -4.46 -39.83 15.83
C ALA W 56 -4.36 -39.84 17.35
N HIS W 57 -5.48 -39.59 18.03
CA HIS W 57 -5.46 -39.63 19.49
C HIS W 57 -5.02 -41.00 19.99
N LYS W 58 -5.62 -42.06 19.45
CA LYS W 58 -5.24 -43.39 19.88
C LYS W 58 -3.79 -43.71 19.56
N LEU W 59 -3.31 -43.33 18.37
CA LEU W 59 -1.95 -43.64 18.00
C LEU W 59 -0.94 -42.92 18.88
N PHE W 60 -1.17 -41.65 19.18
CA PHE W 60 -0.24 -40.89 19.98
C PHE W 60 -0.41 -41.15 21.47
N ALA W 61 -1.49 -41.83 21.88
CA ALA W 61 -1.51 -42.41 23.21
C ALA W 61 -0.72 -43.70 23.26
N GLU W 62 -0.92 -44.58 22.29
CA GLU W 62 -0.25 -45.87 22.28
C GLU W 62 1.25 -45.71 22.13
N GLN W 63 1.70 -44.84 21.23
CA GLN W 63 3.11 -44.67 20.92
C GLN W 63 3.50 -43.24 21.26
N GLN W 64 3.86 -43.01 22.52
CA GLN W 64 4.32 -41.69 22.94
C GLN W 64 5.61 -41.28 22.25
N GLU W 65 6.46 -42.21 21.87
CA GLU W 65 7.80 -41.85 21.41
C GLU W 65 7.76 -41.03 20.13
N LEU W 66 6.64 -41.02 19.42
CA LEU W 66 6.52 -40.20 18.22
C LEU W 66 6.44 -38.71 18.58
N ILE W 67 5.85 -38.40 19.73
CA ILE W 67 5.55 -37.00 20.05
C ILE W 67 6.59 -36.34 20.94
N GLN W 68 7.47 -37.11 21.58
CA GLN W 68 8.57 -36.49 22.29
C GLN W 68 9.62 -36.00 21.30
N PRO W 69 10.52 -35.11 21.74
CA PRO W 69 11.62 -34.71 20.86
C PRO W 69 12.40 -35.91 20.36
N GLY W 70 12.71 -35.90 19.07
CA GLY W 70 13.32 -37.02 18.41
C GLY W 70 12.33 -37.96 17.75
N GLY W 71 11.07 -37.91 18.15
CA GLY W 71 10.07 -38.70 17.47
C GLY W 71 9.75 -38.13 16.12
N ASN W 72 8.95 -38.87 15.35
CA ASN W 72 8.66 -38.44 13.99
C ASN W 72 7.39 -37.63 13.87
N ALA W 73 6.69 -37.36 14.95
CA ALA W 73 5.62 -36.39 14.94
C ALA W 73 5.91 -35.22 15.86
N TYR W 74 7.18 -34.98 16.14
CA TYR W 74 7.51 -34.09 17.25
C TYR W 74 7.24 -32.63 16.91
N PRO W 75 7.93 -32.00 15.94
CA PRO W 75 7.65 -30.60 15.69
C PRO W 75 6.29 -30.47 15.05
N HIS W 76 5.76 -29.25 15.08
CA HIS W 76 4.48 -29.02 14.43
C HIS W 76 4.53 -29.43 12.96
N ARG W 77 5.69 -29.34 12.34
CA ARG W 77 5.76 -29.55 10.90
C ARG W 77 5.56 -31.03 10.58
N ARG W 78 6.21 -31.91 11.33
CA ARG W 78 6.01 -33.34 11.13
C ARG W 78 4.65 -33.78 11.62
N MET W 79 4.14 -33.16 12.67
CA MET W 79 2.80 -33.48 13.15
C MET W 79 1.77 -33.19 12.07
N ALA W 80 1.87 -32.01 11.46
CA ALA W 80 1.00 -31.64 10.36
C ALA W 80 1.18 -32.59 9.18
N ALA W 81 2.41 -33.01 8.91
CA ALA W 81 2.63 -33.97 7.85
C ALA W 81 1.92 -35.28 8.13
N CYS W 82 1.94 -35.73 9.38
CA CYS W 82 1.28 -36.99 9.74
C CYS W 82 -0.23 -36.88 9.58
N LEU W 83 -0.80 -35.79 10.09
CA LEU W 83 -2.24 -35.58 9.95
C LEU W 83 -2.63 -35.50 8.49
N ARG W 84 -1.82 -34.84 7.67
CA ARG W 84 -2.08 -34.77 6.24
C ARG W 84 -2.04 -36.15 5.60
N ASP W 85 -1.06 -36.99 5.98
CA ASP W 85 -0.97 -38.32 5.41
C ASP W 85 -2.18 -39.16 5.77
N MET W 86 -2.67 -39.06 7.00
CA MET W 86 -3.90 -39.76 7.36
C MET W 86 -5.06 -39.28 6.52
N GLU W 87 -5.17 -37.95 6.35
CA GLU W 87 -6.17 -37.37 5.47
C GLU W 87 -6.12 -38.02 4.08
N ILE W 88 -4.91 -38.09 3.51
CA ILE W 88 -4.74 -38.57 2.13
C ILE W 88 -5.13 -40.04 2.03
N ILE W 89 -4.67 -40.85 2.98
CA ILE W 89 -4.95 -42.28 2.91
C ILE W 89 -6.44 -42.54 3.04
N LEU W 90 -7.12 -41.84 3.95
CA LEU W 90 -8.57 -42.01 4.03
C LEU W 90 -9.23 -41.59 2.72
N ARG W 91 -8.74 -40.51 2.12
CA ARG W 91 -9.31 -40.04 0.86
C ARG W 91 -9.23 -41.12 -0.21
N TYR W 92 -8.06 -41.74 -0.33
CA TYR W 92 -7.89 -42.74 -1.38
C TYR W 92 -8.66 -44.02 -1.06
N VAL W 93 -8.79 -44.36 0.22
CA VAL W 93 -9.63 -45.49 0.59
C VAL W 93 -11.07 -45.26 0.16
N SER W 94 -11.58 -44.05 0.39
CA SER W 94 -12.95 -43.73 -0.01
C SER W 94 -13.09 -43.76 -1.52
N TYR W 95 -12.09 -43.27 -2.25
CA TYR W 95 -12.11 -43.37 -3.70
C TYR W 95 -12.21 -44.82 -4.15
N ALA W 96 -11.42 -45.70 -3.53
CA ALA W 96 -11.47 -47.11 -3.89
C ALA W 96 -12.83 -47.72 -3.57
N LEU W 97 -13.39 -47.34 -2.43
CA LEU W 97 -14.71 -47.85 -2.04
C LEU W 97 -15.76 -47.45 -3.05
N LEU W 98 -15.75 -46.20 -3.50
CA LEU W 98 -16.70 -45.78 -4.52
C LEU W 98 -16.48 -46.50 -5.84
N ALA W 99 -15.22 -46.61 -6.28
CA ALA W 99 -14.96 -47.28 -7.54
C ALA W 99 -15.24 -48.76 -7.49
N GLY W 100 -15.19 -49.37 -6.31
CA GLY W 100 -15.28 -50.80 -6.18
C GLY W 100 -13.99 -51.54 -6.40
N ASP W 101 -12.92 -50.83 -6.78
CA ASP W 101 -11.63 -51.44 -7.05
C ASP W 101 -10.55 -50.63 -6.35
N ALA W 102 -9.44 -51.31 -6.05
CA ALA W 102 -8.32 -50.70 -5.33
C ALA W 102 -7.27 -50.16 -6.28
N SER W 103 -7.56 -50.07 -7.57
CA SER W 103 -6.54 -49.66 -8.54
C SER W 103 -6.08 -48.23 -8.28
N VAL W 104 -7.01 -47.34 -7.91
CA VAL W 104 -6.62 -45.98 -7.57
C VAL W 104 -5.69 -45.96 -6.38
N LEU W 105 -5.98 -46.78 -5.38
CA LEU W 105 -5.20 -46.80 -4.15
C LEU W 105 -3.77 -47.26 -4.40
N ASP W 106 -3.58 -48.21 -5.31
CA ASP W 106 -2.25 -48.62 -5.74
C ASP W 106 -1.57 -47.60 -6.64
N ASP W 107 -2.30 -47.06 -7.62
CA ASP W 107 -1.69 -46.23 -8.64
C ASP W 107 -1.22 -44.90 -8.08
N ARG W 108 -2.08 -44.21 -7.34
CA ARG W 108 -1.75 -42.84 -6.97
C ARG W 108 -1.23 -42.71 -5.55
N CYS W 109 -1.86 -43.35 -4.58
CA CYS W 109 -1.47 -43.14 -3.19
C CYS W 109 -0.17 -43.85 -2.85
N LEU W 110 -0.08 -45.14 -3.13
CA LEU W 110 0.92 -46.00 -2.53
C LEU W 110 1.99 -46.46 -3.51
N ASN W 111 2.17 -45.76 -4.63
CA ASN W 111 3.07 -46.26 -5.66
C ASN W 111 4.50 -46.35 -5.16
N GLY W 112 4.95 -45.34 -4.41
CA GLY W 112 6.29 -45.37 -3.84
C GLY W 112 6.31 -44.88 -2.42
N LEU W 113 5.25 -45.18 -1.66
CA LEU W 113 5.08 -44.59 -0.34
C LEU W 113 6.06 -45.18 0.66
N ARG W 114 6.23 -46.50 0.66
CA ARG W 114 7.12 -47.14 1.62
C ARG W 114 8.56 -46.67 1.44
N GLU W 115 9.00 -46.50 0.19
CA GLU W 115 10.34 -45.97 -0.05
C GLU W 115 10.48 -44.55 0.49
N THR W 116 9.44 -43.73 0.33
CA THR W 116 9.48 -42.38 0.85
C THR W 116 9.64 -42.40 2.37
N TYR W 117 8.85 -43.22 3.04
CA TYR W 117 8.92 -43.30 4.49
C TYR W 117 10.27 -43.80 4.94
N ASN W 118 10.81 -44.81 4.25
CA ASN W 118 12.12 -45.33 4.60
C ASN W 118 13.19 -44.25 4.46
N ALA W 119 13.13 -43.48 3.38
CA ALA W 119 14.10 -42.41 3.20
C ALA W 119 13.94 -41.32 4.26
N LEU W 120 12.73 -41.09 4.76
CA LEU W 120 12.51 -40.02 5.70
C LEU W 120 12.63 -40.44 7.16
N GLY W 121 12.93 -41.71 7.42
CA GLY W 121 12.98 -42.19 8.78
C GLY W 121 11.64 -42.44 9.42
N THR W 122 10.58 -42.50 8.64
CA THR W 122 9.26 -42.71 9.21
C THR W 122 9.07 -44.19 9.52
N PRO W 123 8.71 -44.54 10.75
CA PRO W 123 8.44 -45.94 11.06
C PRO W 123 7.17 -46.41 10.38
N THR W 124 7.32 -47.23 9.34
CA THR W 124 6.16 -47.66 8.57
C THR W 124 5.19 -48.47 9.41
N GLN W 125 5.67 -49.09 10.50
CA GLN W 125 4.76 -49.79 11.39
C GLN W 125 3.83 -48.82 12.09
N SER W 126 4.34 -47.64 12.46
CA SER W 126 3.48 -46.62 13.04
C SER W 126 2.41 -46.16 12.07
N VAL W 127 2.78 -45.98 10.80
CA VAL W 127 1.80 -45.57 9.81
C VAL W 127 0.77 -46.68 9.58
N ALA W 128 1.21 -47.94 9.57
CA ALA W 128 0.27 -49.04 9.44
C ALA W 128 -0.69 -49.09 10.61
N ARG W 129 -0.18 -48.85 11.82
CA ARG W 129 -1.05 -48.79 12.99
C ARG W 129 -2.04 -47.64 12.87
N ALA W 130 -1.61 -46.52 12.32
CA ALA W 130 -2.51 -45.38 12.12
C ALA W 130 -3.62 -45.75 11.14
N VAL W 131 -3.27 -46.44 10.06
CA VAL W 131 -4.27 -46.87 9.09
C VAL W 131 -5.26 -47.84 9.73
N GLN W 132 -4.76 -48.75 10.56
CA GLN W 132 -5.66 -49.69 11.24
C GLN W 132 -6.59 -48.97 12.20
N LEU W 133 -6.09 -47.97 12.92
CA LEU W 133 -6.95 -47.18 13.81
C LEU W 133 -8.00 -46.42 13.02
N MET W 134 -7.62 -45.82 11.89
CA MET W 134 -8.63 -45.19 11.04
C MET W 134 -9.63 -46.22 10.54
N LYS W 135 -9.19 -47.45 10.28
CA LYS W 135 -10.14 -48.47 9.85
C LYS W 135 -11.14 -48.76 10.93
N ASP W 136 -10.68 -48.85 12.18
CA ASP W 136 -11.60 -49.06 13.29
C ASP W 136 -12.63 -47.94 13.38
N ALA W 137 -12.16 -46.68 13.35
CA ALA W 137 -13.08 -45.55 13.44
C ALA W 137 -14.04 -45.50 12.26
N ALA W 138 -13.54 -45.79 11.05
CA ALA W 138 -14.38 -45.80 9.86
C ALA W 138 -15.43 -46.88 9.93
N MET W 139 -15.07 -48.06 10.44
CA MET W 139 -16.09 -49.11 10.60
C MET W 139 -17.14 -48.69 11.62
N VAL W 140 -16.71 -48.01 12.69
CA VAL W 140 -17.67 -47.48 13.64
C VAL W 140 -18.66 -46.55 12.95
N HIS W 141 -18.18 -45.66 12.09
CA HIS W 141 -19.04 -44.70 11.42
C HIS W 141 -19.89 -45.30 10.30
N LEU W 142 -19.36 -46.25 9.54
CA LEU W 142 -20.11 -46.80 8.41
C LEU W 142 -21.31 -47.59 8.89
N LYS W 143 -21.18 -48.29 10.00
CA LYS W 143 -22.23 -49.15 10.51
C LYS W 143 -23.37 -48.36 11.15
N SER W 144 -23.21 -47.05 11.31
CA SER W 144 -24.28 -46.23 11.84
C SER W 144 -25.52 -46.33 10.96
N THR W 145 -26.64 -46.64 11.60
CA THR W 145 -27.91 -46.85 10.90
C THR W 145 -28.77 -45.60 10.94
N ALA W 146 -28.34 -44.58 11.67
CA ALA W 146 -29.07 -43.32 11.68
C ALA W 146 -29.02 -42.68 10.31
N ASN W 147 -30.15 -42.11 9.91
CA ASN W 147 -30.27 -41.37 8.65
C ASN W 147 -30.06 -42.23 7.42
N VAL W 148 -30.51 -43.48 7.45
CA VAL W 148 -30.33 -44.38 6.32
C VAL W 148 -31.31 -45.54 6.43
N THR W 149 -31.74 -46.04 5.28
CA THR W 149 -32.63 -47.19 5.25
C THR W 149 -31.88 -48.45 5.66
N VAL W 150 -32.50 -49.26 6.52
CA VAL W 150 -31.84 -50.45 7.03
C VAL W 150 -31.72 -51.48 5.93
N GLY W 151 -30.55 -52.11 5.84
CA GLY W 151 -30.34 -53.17 4.87
C GLY W 151 -29.04 -53.87 5.17
N ASP W 152 -28.85 -55.01 4.50
CA ASP W 152 -27.62 -55.77 4.68
C ASP W 152 -26.49 -55.11 3.91
N CYS W 153 -25.36 -54.87 4.60
CA CYS W 153 -24.24 -54.20 3.99
C CYS W 153 -22.92 -54.83 4.39
N SER W 154 -22.95 -56.09 4.80
CA SER W 154 -21.72 -56.77 5.21
C SER W 154 -20.70 -56.78 4.08
N SER W 155 -21.16 -56.80 2.83
CA SER W 155 -20.24 -56.74 1.70
C SER W 155 -19.46 -55.43 1.70
N LEU W 156 -20.14 -54.31 1.94
CA LEU W 156 -19.47 -53.03 1.94
C LEU W 156 -18.45 -52.92 3.07
N TYR W 157 -18.82 -53.37 4.28
CA TYR W 157 -17.86 -53.34 5.38
C TYR W 157 -16.66 -54.22 5.09
N SER W 158 -16.90 -55.42 4.55
CA SER W 158 -15.79 -56.30 4.22
C SER W 158 -14.88 -55.67 3.19
N GLU W 159 -15.46 -55.06 2.17
CA GLU W 159 -14.66 -54.45 1.10
C GLU W 159 -13.85 -53.27 1.62
N ALA W 160 -14.46 -52.43 2.45
CA ALA W 160 -13.72 -51.31 3.02
C ALA W 160 -12.61 -51.79 3.94
N ALA W 161 -12.85 -52.87 4.69
CA ALA W 161 -11.80 -53.44 5.51
C ALA W 161 -10.65 -53.94 4.65
N THR W 162 -10.97 -54.57 3.51
CA THR W 162 -9.92 -55.01 2.61
C THR W 162 -9.11 -53.82 2.10
N TYR W 163 -9.78 -52.71 1.78
CA TYR W 163 -9.04 -51.53 1.31
C TYR W 163 -8.12 -51.00 2.39
N PHE W 164 -8.62 -50.87 3.62
CA PHE W 164 -7.79 -50.35 4.70
C PHE W 164 -6.60 -51.28 4.98
N ASP W 165 -6.85 -52.58 5.03
CA ASP W 165 -5.78 -53.54 5.28
C ASP W 165 -4.77 -53.56 4.15
N LYS W 166 -5.24 -53.40 2.91
CA LYS W 166 -4.32 -53.40 1.78
C LYS W 166 -3.43 -52.17 1.81
N ALA W 167 -4.01 -51.02 2.17
CA ALA W 167 -3.20 -49.82 2.33
C ALA W 167 -2.15 -50.02 3.41
N ALA W 168 -2.55 -50.60 4.54
CA ALA W 168 -1.60 -50.84 5.62
C ALA W 168 -0.50 -51.79 5.19
N ALA W 169 -0.85 -52.82 4.41
CA ALA W 169 0.15 -53.75 3.89
C ALA W 169 1.13 -53.05 2.96
N SER W 170 0.63 -52.16 2.10
CA SER W 170 1.52 -51.48 1.18
C SER W 170 2.45 -50.51 1.90
N ILE W 171 1.97 -49.84 2.94
CA ILE W 171 2.83 -48.93 3.68
C ILE W 171 3.83 -49.71 4.53
N ALA W 172 3.36 -50.70 5.26
CA ALA W 172 4.23 -51.47 6.15
C ALA W 172 5.11 -52.40 5.34
N MET X 1 7.09 -13.91 -43.16
CA MET X 1 8.38 -13.37 -43.57
C MET X 1 8.54 -13.57 -45.07
N ASN X 2 8.65 -12.47 -45.81
CA ASN X 2 8.59 -12.50 -47.27
C ASN X 2 9.91 -12.11 -47.87
N ASP X 3 10.35 -12.86 -48.88
CA ASP X 3 11.36 -12.42 -49.82
C ASP X 3 10.67 -12.01 -51.11
N VAL X 4 11.46 -11.74 -52.15
CA VAL X 4 10.87 -11.32 -53.42
C VAL X 4 10.10 -12.47 -54.05
N PHE X 5 10.63 -13.69 -53.96
CA PHE X 5 9.95 -14.83 -54.58
C PHE X 5 8.59 -15.07 -53.94
N THR X 6 8.55 -15.07 -52.61
CA THR X 6 7.29 -15.32 -51.92
C THR X 6 6.33 -14.15 -52.07
N ARG X 7 6.85 -12.93 -52.13
CA ARG X 7 5.98 -11.79 -52.41
C ARG X 7 5.34 -11.90 -53.78
N ALA X 8 6.13 -12.31 -54.79
CA ALA X 8 5.57 -12.50 -56.12
C ALA X 8 4.52 -13.59 -56.12
N ILE X 9 4.78 -14.68 -55.40
CA ILE X 9 3.81 -15.75 -55.30
C ILE X 9 2.53 -15.27 -54.63
N ALA X 10 2.65 -14.44 -53.60
CA ALA X 10 1.48 -13.94 -52.90
C ALA X 10 0.63 -13.08 -53.82
N GLN X 11 1.26 -12.19 -54.58
CA GLN X 11 0.49 -11.38 -55.53
C GLN X 11 -0.17 -12.27 -56.59
N ALA X 12 0.59 -13.22 -57.13
CA ALA X 12 0.06 -14.10 -58.15
C ALA X 12 -1.11 -14.91 -57.63
N ASP X 13 -1.12 -15.21 -56.33
CA ASP X 13 -2.19 -16.03 -55.80
C ASP X 13 -3.41 -15.20 -55.45
N LEU X 14 -3.23 -13.95 -55.01
CA LEU X 14 -4.37 -13.07 -54.89
C LEU X 14 -5.06 -12.91 -56.23
N LYS X 15 -4.28 -12.83 -57.31
CA LYS X 15 -4.90 -12.84 -58.64
C LYS X 15 -5.45 -14.21 -59.00
N GLY X 16 -4.95 -15.28 -58.39
CA GLY X 16 -5.41 -16.61 -58.73
C GLY X 16 -4.81 -17.18 -59.99
N SER X 17 -3.61 -16.77 -60.35
CA SER X 17 -3.02 -17.12 -61.63
C SER X 17 -1.60 -17.61 -61.43
N PHE X 18 -1.10 -18.33 -62.41
CA PHE X 18 0.29 -18.76 -62.40
C PHE X 18 1.19 -17.54 -62.51
N LEU X 19 2.47 -17.75 -62.26
CA LEU X 19 3.42 -16.67 -62.41
C LEU X 19 3.57 -16.33 -63.88
N LEU X 20 3.43 -15.05 -64.20
CA LEU X 20 3.49 -14.61 -65.59
C LEU X 20 4.91 -14.72 -66.11
N GLU X 21 5.04 -14.57 -67.43
CA GLU X 21 6.36 -14.68 -68.04
C GLU X 21 7.29 -13.57 -67.57
N SER X 22 6.78 -12.34 -67.48
CA SER X 22 7.59 -11.24 -66.99
C SER X 22 7.95 -11.42 -65.52
N ASP X 23 7.04 -12.00 -64.73
CA ASP X 23 7.36 -12.28 -63.33
C ASP X 23 8.51 -13.27 -63.22
N LEU X 24 8.47 -14.34 -64.03
CA LEU X 24 9.55 -15.29 -64.04
C LEU X 24 10.85 -14.64 -64.49
N ASP X 25 10.78 -13.73 -65.45
CA ASP X 25 12.00 -13.03 -65.88
C ASP X 25 12.57 -12.18 -64.75
N LYS X 26 11.73 -11.45 -64.01
CA LYS X 26 12.24 -10.65 -62.91
C LYS X 26 12.86 -11.53 -61.83
N LEU X 27 12.23 -12.65 -61.51
CA LEU X 27 12.76 -13.52 -60.48
C LEU X 27 14.06 -14.17 -60.93
N ALA X 28 14.16 -14.51 -62.22
CA ALA X 28 15.41 -15.04 -62.74
C ALA X 28 16.52 -14.00 -62.67
N SER X 29 16.21 -12.74 -62.97
CA SER X 29 17.18 -11.67 -62.80
C SER X 29 17.63 -11.57 -61.36
N PHE X 30 16.68 -11.61 -60.41
CA PHE X 30 17.04 -11.52 -59.00
C PHE X 30 17.98 -12.65 -58.63
N ALA X 31 17.66 -13.87 -59.02
CA ALA X 31 18.56 -14.97 -58.74
C ALA X 31 19.92 -14.78 -59.39
N LYS X 32 19.95 -14.09 -60.53
CA LYS X 32 21.21 -13.85 -61.23
C LYS X 32 22.12 -12.93 -60.43
N GLU X 33 21.62 -11.77 -60.00
CA GLU X 33 22.46 -10.94 -59.14
C GLU X 33 22.49 -11.39 -57.69
N GLY X 34 21.91 -12.56 -57.38
CA GLY X 34 22.04 -13.10 -56.04
C GLY X 34 23.46 -13.19 -55.52
N VAL X 35 24.43 -13.43 -56.40
CA VAL X 35 25.82 -13.55 -55.95
C VAL X 35 26.35 -12.21 -55.46
N LYS X 36 26.05 -11.12 -56.17
CA LYS X 36 26.44 -9.79 -55.70
C LYS X 36 25.68 -9.41 -54.45
N ARG X 37 24.41 -9.81 -54.35
CA ARG X 37 23.65 -9.57 -53.15
C ARG X 37 24.28 -10.26 -51.94
N LEU X 38 24.74 -11.50 -52.14
CA LEU X 38 25.44 -12.21 -51.08
C LEU X 38 26.76 -11.52 -50.73
N ASP X 39 27.45 -10.99 -51.73
CA ASP X 39 28.66 -10.22 -51.43
C ASP X 39 28.35 -9.04 -50.53
N ALA X 40 27.25 -8.34 -50.81
CA ALA X 40 26.88 -7.20 -49.97
C ALA X 40 26.52 -7.65 -48.56
N VAL X 41 25.78 -8.75 -48.45
CA VAL X 41 25.37 -9.24 -47.13
C VAL X 41 26.58 -9.69 -46.33
N ALA X 42 27.53 -10.34 -46.99
CA ALA X 42 28.78 -10.72 -46.33
C ALA X 42 29.58 -9.50 -45.93
N ALA X 43 29.57 -8.45 -46.75
CA ALA X 43 30.25 -7.22 -46.38
C ALA X 43 29.66 -6.63 -45.10
N LEU X 44 28.33 -6.68 -44.98
CA LEU X 44 27.71 -6.14 -43.77
C LEU X 44 27.97 -7.03 -42.55
N THR X 45 27.97 -8.35 -42.73
CA THR X 45 28.17 -9.24 -41.58
C THR X 45 29.60 -9.23 -41.10
N ASN X 46 30.56 -9.24 -42.03
CA ASN X 46 31.96 -9.34 -41.63
C ASN X 46 32.45 -8.08 -40.96
N ASN X 47 31.82 -6.94 -41.24
CA ASN X 47 32.27 -5.65 -40.76
C ASN X 47 31.30 -5.03 -39.78
N ALA X 48 30.47 -5.82 -39.13
CA ALA X 48 29.51 -5.26 -38.19
C ALA X 48 30.17 -4.51 -37.04
N PRO X 49 31.17 -5.05 -36.34
CA PRO X 49 31.72 -4.30 -35.21
C PRO X 49 32.29 -2.95 -35.62
N ALA X 50 32.92 -2.87 -36.79
CA ALA X 50 33.47 -1.60 -37.24
C ALA X 50 32.35 -0.61 -37.57
N ILE X 51 31.29 -1.08 -38.20
CA ILE X 51 30.16 -0.21 -38.51
C ILE X 51 29.55 0.35 -37.24
N ILE X 52 29.30 -0.53 -36.26
CA ILE X 52 28.69 -0.11 -35.00
C ILE X 52 29.62 0.84 -34.26
N SER X 53 30.91 0.54 -34.21
CA SER X 53 31.86 1.38 -33.49
C SER X 53 31.98 2.76 -34.12
N ASP X 54 32.06 2.82 -35.45
CA ASP X 54 32.12 4.10 -36.13
C ASP X 54 30.87 4.92 -35.86
N ALA X 55 29.70 4.28 -36.00
CA ALA X 55 28.45 4.97 -35.77
C ALA X 55 28.36 5.49 -34.34
N ALA X 56 28.79 4.68 -33.38
CA ALA X 56 28.76 5.09 -31.98
C ALA X 56 29.69 6.26 -31.73
N HIS X 57 30.91 6.22 -32.27
CA HIS X 57 31.84 7.31 -32.06
C HIS X 57 31.27 8.62 -32.60
N LYS X 58 30.80 8.61 -33.85
CA LYS X 58 30.23 9.83 -34.40
C LYS X 58 28.99 10.27 -33.63
N LEU X 59 28.14 9.33 -33.23
CA LEU X 59 26.91 9.67 -32.54
C LEU X 59 27.17 10.33 -31.21
N PHE X 60 28.14 9.83 -30.46
CA PHE X 60 28.39 10.40 -29.14
C PHE X 60 29.27 11.64 -29.22
N ALA X 61 30.01 11.80 -30.32
CA ALA X 61 30.63 13.09 -30.57
C ALA X 61 29.58 14.16 -30.83
N GLU X 62 28.63 13.85 -31.72
CA GLU X 62 27.61 14.82 -32.09
C GLU X 62 26.73 15.17 -30.91
N GLN X 63 26.20 14.16 -30.23
CA GLN X 63 25.26 14.36 -29.13
C GLN X 63 25.94 13.84 -27.87
N GLN X 64 26.78 14.70 -27.29
CA GLN X 64 27.44 14.37 -26.04
C GLN X 64 26.47 14.47 -24.88
N GLU X 65 25.30 15.04 -25.13
CA GLU X 65 24.23 15.07 -24.16
C GLU X 65 23.83 13.67 -23.74
N LEU X 66 23.97 12.69 -24.64
CA LEU X 66 23.52 11.33 -24.42
C LEU X 66 24.34 10.57 -23.38
N ILE X 67 25.60 10.95 -23.18
CA ILE X 67 26.50 10.14 -22.37
C ILE X 67 26.97 10.87 -21.13
N GLN X 68 26.47 12.06 -20.86
CA GLN X 68 26.78 12.75 -19.63
C GLN X 68 25.90 12.21 -18.51
N PRO X 69 26.29 12.42 -17.25
CA PRO X 69 25.45 12.00 -16.14
C PRO X 69 24.02 12.48 -16.28
N GLY X 70 23.10 11.55 -16.46
CA GLY X 70 21.72 11.83 -16.73
C GLY X 70 21.28 11.45 -18.11
N GLY X 71 22.21 11.27 -19.03
CA GLY X 71 21.84 10.95 -20.39
C GLY X 71 21.25 9.57 -20.51
N ASN X 72 20.60 9.34 -21.64
CA ASN X 72 19.92 8.06 -21.82
C ASN X 72 20.89 6.93 -22.08
N ALA X 73 22.11 7.21 -22.52
CA ALA X 73 23.12 6.18 -22.71
C ALA X 73 24.24 6.31 -21.68
N TYR X 74 23.95 6.91 -20.55
CA TYR X 74 25.02 7.26 -19.64
C TYR X 74 25.58 6.04 -18.91
N PRO X 75 24.85 5.39 -18.02
CA PRO X 75 25.49 4.33 -17.24
C PRO X 75 25.87 3.18 -18.15
N HIS X 76 26.77 2.33 -17.65
CA HIS X 76 27.27 1.23 -18.46
C HIS X 76 26.14 0.38 -19.01
N ARG X 77 25.10 0.16 -18.22
CA ARG X 77 24.00 -0.68 -18.66
C ARG X 77 23.27 -0.08 -19.85
N ARG X 78 22.95 1.20 -19.79
CA ARG X 78 22.19 1.80 -20.88
C ARG X 78 23.04 2.02 -22.13
N MET X 79 24.33 2.29 -21.95
CA MET X 79 25.22 2.34 -23.11
C MET X 79 25.31 0.98 -23.80
N ALA X 80 25.40 -0.09 -23.01
CA ALA X 80 25.41 -1.42 -23.60
C ALA X 80 24.11 -1.71 -24.32
N ALA X 81 22.99 -1.28 -23.75
CA ALA X 81 21.71 -1.42 -24.44
C ALA X 81 21.69 -0.66 -25.76
N CYS X 82 22.31 0.52 -25.78
CA CYS X 82 22.43 1.30 -27.00
C CYS X 82 23.18 0.53 -28.08
N LEU X 83 24.34 0.00 -27.73
CA LEU X 83 25.13 -0.72 -28.71
C LEU X 83 24.40 -1.98 -29.17
N ARG X 84 23.70 -2.63 -28.25
CA ARG X 84 22.94 -3.82 -28.61
C ARG X 84 21.86 -3.48 -29.63
N ASP X 85 21.16 -2.37 -29.44
CA ASP X 85 20.15 -1.96 -30.40
C ASP X 85 20.76 -1.69 -31.76
N MET X 86 21.90 -1.02 -31.79
CA MET X 86 22.56 -0.77 -33.06
C MET X 86 22.87 -2.06 -33.79
N GLU X 87 23.41 -3.04 -33.07
CA GLU X 87 23.71 -4.33 -33.68
C GLU X 87 22.44 -5.03 -34.17
N ILE X 88 21.35 -4.94 -33.41
CA ILE X 88 20.10 -5.57 -33.82
C ILE X 88 19.60 -4.97 -35.12
N ILE X 89 19.56 -3.64 -35.20
CA ILE X 89 19.02 -2.98 -36.38
C ILE X 89 19.88 -3.28 -37.59
N LEU X 90 21.20 -3.29 -37.41
CA LEU X 90 22.08 -3.64 -38.52
C LEU X 90 21.87 -5.07 -38.97
N ARG X 91 21.67 -5.98 -38.03
CA ARG X 91 21.39 -7.37 -38.37
C ARG X 91 20.11 -7.50 -39.19
N TYR X 92 19.07 -6.78 -38.80
CA TYR X 92 17.82 -6.87 -39.55
C TYR X 92 17.95 -6.20 -40.91
N VAL X 93 18.76 -5.15 -41.03
CA VAL X 93 19.02 -4.58 -42.34
C VAL X 93 19.72 -5.59 -43.23
N SER X 94 20.70 -6.31 -42.70
CA SER X 94 21.38 -7.32 -43.50
C SER X 94 20.43 -8.43 -43.91
N TYR X 95 19.53 -8.83 -43.02
CA TYR X 95 18.51 -9.81 -43.40
C TYR X 95 17.67 -9.30 -44.55
N ALA X 96 17.26 -8.03 -44.48
CA ALA X 96 16.43 -7.46 -45.55
C ALA X 96 17.20 -7.41 -46.86
N LEU X 97 18.49 -7.14 -46.79
CA LEU X 97 19.32 -7.16 -47.98
C LEU X 97 19.38 -8.57 -48.57
N LEU X 98 19.49 -9.59 -47.74
CA LEU X 98 19.51 -10.95 -48.27
C LEU X 98 18.18 -11.32 -48.88
N ALA X 99 17.07 -11.03 -48.19
CA ALA X 99 15.78 -11.48 -48.66
C ALA X 99 15.33 -10.72 -49.90
N GLY X 100 15.83 -9.51 -50.10
CA GLY X 100 15.37 -8.71 -51.20
C GLY X 100 14.11 -7.93 -50.92
N ASP X 101 13.58 -8.04 -49.71
CA ASP X 101 12.39 -7.30 -49.30
C ASP X 101 12.58 -6.86 -47.86
N ALA X 102 11.95 -5.74 -47.53
CA ALA X 102 12.04 -5.18 -46.18
C ALA X 102 10.99 -5.73 -45.24
N SER X 103 10.26 -6.78 -45.65
CA SER X 103 9.16 -7.28 -44.82
C SER X 103 9.67 -7.76 -43.46
N VAL X 104 10.78 -8.50 -43.45
CA VAL X 104 11.32 -8.97 -42.18
C VAL X 104 11.75 -7.80 -41.32
N LEU X 105 12.39 -6.80 -41.91
CA LEU X 105 12.83 -5.65 -41.14
C LEU X 105 11.65 -4.97 -40.45
N ASP X 106 10.63 -4.63 -41.22
CA ASP X 106 9.47 -3.91 -40.66
C ASP X 106 8.73 -4.76 -39.65
N ASP X 107 8.51 -6.03 -39.98
CA ASP X 107 7.68 -6.87 -39.12
C ASP X 107 8.39 -7.18 -37.80
N ARG X 108 9.63 -7.62 -37.87
CA ARG X 108 10.31 -8.10 -36.68
C ARG X 108 11.15 -7.05 -35.97
N CYS X 109 11.31 -5.86 -36.52
CA CYS X 109 12.19 -4.90 -35.88
C CYS X 109 11.55 -3.53 -35.66
N LEU X 110 10.74 -3.06 -36.61
CA LEU X 110 10.40 -1.66 -36.65
C LEU X 110 8.97 -1.35 -36.26
N ASN X 111 8.09 -2.34 -36.28
CA ASN X 111 6.66 -2.04 -36.17
C ASN X 111 6.31 -1.46 -34.81
N GLY X 112 6.98 -1.89 -33.76
CA GLY X 112 6.76 -1.34 -32.44
C GLY X 112 7.93 -0.66 -31.80
N LEU X 113 9.03 -0.46 -32.52
CA LEU X 113 10.26 0.02 -31.90
C LEU X 113 10.13 1.45 -31.40
N ARG X 114 9.51 2.31 -32.21
CA ARG X 114 9.40 3.71 -31.81
C ARG X 114 8.61 3.86 -30.53
N GLU X 115 7.52 3.12 -30.37
CA GLU X 115 6.73 3.25 -29.16
C GLU X 115 7.41 2.57 -27.98
N THR X 116 8.26 1.57 -28.23
CA THR X 116 9.14 1.07 -27.19
C THR X 116 10.06 2.15 -26.66
N TYR X 117 10.71 2.87 -27.57
CA TYR X 117 11.59 3.95 -27.14
C TYR X 117 10.83 5.02 -26.38
N ASN X 118 9.64 5.36 -26.86
CA ASN X 118 8.83 6.36 -26.17
C ASN X 118 8.43 5.89 -24.79
N ALA X 119 8.08 4.61 -24.65
CA ALA X 119 7.73 4.06 -23.36
C ALA X 119 8.92 4.13 -22.41
N LEU X 120 10.11 3.83 -22.90
CA LEU X 120 11.27 3.86 -22.04
C LEU X 120 11.80 5.28 -21.83
N GLY X 121 11.34 6.23 -22.63
CA GLY X 121 11.90 7.56 -22.60
C GLY X 121 13.17 7.73 -23.41
N THR X 122 13.30 7.01 -24.51
CA THR X 122 14.50 7.12 -25.33
C THR X 122 14.28 8.11 -26.46
N PRO X 123 15.20 9.03 -26.68
CA PRO X 123 15.09 9.98 -27.79
C PRO X 123 15.17 9.27 -29.14
N THR X 124 14.07 9.27 -29.88
CA THR X 124 14.03 8.58 -31.15
C THR X 124 14.85 9.30 -32.22
N GLN X 125 15.01 10.61 -32.09
CA GLN X 125 15.85 11.35 -33.03
C GLN X 125 17.29 10.85 -32.98
N SER X 126 17.81 10.59 -31.78
CA SER X 126 19.17 10.10 -31.67
C SER X 126 19.32 8.69 -32.22
N VAL X 127 18.30 7.85 -32.03
CA VAL X 127 18.36 6.51 -32.61
C VAL X 127 18.39 6.59 -34.12
N ALA X 128 17.55 7.46 -34.70
CA ALA X 128 17.57 7.65 -36.14
C ALA X 128 18.93 8.17 -36.61
N ARG X 129 19.53 9.08 -35.84
CA ARG X 129 20.86 9.56 -36.19
C ARG X 129 21.88 8.43 -36.17
N ALA X 130 21.78 7.54 -35.18
CA ALA X 130 22.68 6.40 -35.12
C ALA X 130 22.49 5.49 -36.32
N VAL X 131 21.25 5.28 -36.75
CA VAL X 131 21.01 4.43 -37.91
C VAL X 131 21.57 5.07 -39.17
N GLN X 132 21.44 6.40 -39.29
CA GLN X 132 22.03 7.09 -40.44
C GLN X 132 23.54 6.95 -40.45
N LEU X 133 24.17 7.10 -39.29
CA LEU X 133 25.61 6.95 -39.21
C LEU X 133 26.02 5.52 -39.52
N MET X 134 25.19 4.54 -39.16
CA MET X 134 25.46 3.17 -39.55
C MET X 134 25.38 3.00 -41.05
N LYS X 135 24.42 3.66 -41.69
CA LYS X 135 24.34 3.62 -43.15
C LYS X 135 25.60 4.18 -43.77
N ASP X 136 26.09 5.29 -43.23
CA ASP X 136 27.32 5.87 -43.74
C ASP X 136 28.50 4.92 -43.58
N ALA X 137 28.69 4.38 -42.38
CA ALA X 137 29.81 3.49 -42.14
C ALA X 137 29.64 2.16 -42.85
N ALA X 138 28.44 1.87 -43.34
CA ALA X 138 28.22 0.61 -44.02
C ALA X 138 28.41 0.75 -45.52
N MET X 139 28.12 1.93 -46.08
CA MET X 139 28.38 2.12 -47.51
C MET X 139 29.86 2.02 -47.82
N VAL X 140 30.71 2.54 -46.94
CA VAL X 140 32.15 2.52 -47.20
C VAL X 140 32.67 1.09 -47.25
N HIS X 141 32.28 0.26 -46.30
CA HIS X 141 32.71 -1.14 -46.34
C HIS X 141 31.98 -1.92 -47.42
N LEU X 142 30.81 -1.45 -47.82
CA LEU X 142 30.01 -2.20 -48.78
C LEU X 142 30.57 -2.07 -50.19
N LYS X 143 31.18 -0.93 -50.49
CA LYS X 143 31.79 -0.65 -51.78
C LYS X 143 33.23 -1.17 -51.88
N SER X 144 33.79 -1.67 -50.78
CA SER X 144 35.17 -2.14 -50.78
C SER X 144 35.39 -3.16 -51.88
N THR X 145 36.20 -2.80 -52.86
CA THR X 145 36.48 -3.63 -54.02
C THR X 145 37.43 -4.78 -53.70
N ALA X 146 38.27 -4.63 -52.68
CA ALA X 146 39.24 -5.66 -52.35
C ALA X 146 38.53 -6.97 -52.03
N ASN X 147 39.21 -8.08 -52.35
CA ASN X 147 38.82 -9.42 -51.95
C ASN X 147 37.65 -9.97 -52.76
N VAL X 148 37.03 -9.17 -53.61
CA VAL X 148 35.91 -9.62 -54.43
C VAL X 148 36.10 -9.12 -55.86
N THR X 149 35.45 -9.80 -56.80
CA THR X 149 35.53 -9.44 -58.20
C THR X 149 34.97 -8.04 -58.44
N VAL X 150 35.65 -7.26 -59.27
CA VAL X 150 35.20 -5.92 -59.58
C VAL X 150 33.95 -6.00 -60.45
N GLY X 151 32.98 -5.13 -60.17
CA GLY X 151 31.76 -5.13 -60.94
C GLY X 151 30.85 -3.99 -60.53
N ASP X 152 29.62 -4.05 -61.04
CA ASP X 152 28.62 -3.03 -60.79
C ASP X 152 27.61 -3.52 -59.77
N CYS X 153 27.41 -2.74 -58.71
CA CYS X 153 26.43 -3.09 -57.69
C CYS X 153 25.67 -1.85 -57.21
N SER X 154 25.52 -0.85 -58.07
CA SER X 154 24.88 0.39 -57.66
C SER X 154 23.44 0.17 -57.22
N SER X 155 22.75 -0.77 -57.87
CA SER X 155 21.39 -1.10 -57.45
C SER X 155 21.36 -1.64 -56.04
N LEU X 156 22.35 -2.46 -55.68
CA LEU X 156 22.43 -2.98 -54.32
C LEU X 156 22.69 -1.87 -53.31
N TYR X 157 23.56 -0.93 -53.65
CA TYR X 157 23.82 0.20 -52.77
C TYR X 157 22.56 1.01 -52.54
N SER X 158 21.79 1.24 -53.60
CA SER X 158 20.53 1.96 -53.45
C SER X 158 19.55 1.18 -52.60
N GLU X 159 19.48 -0.13 -52.78
CA GLU X 159 18.55 -0.94 -52.00
C GLU X 159 18.90 -0.90 -50.52
N ALA X 160 20.19 -1.03 -50.20
CA ALA X 160 20.62 -0.97 -48.81
C ALA X 160 20.36 0.41 -48.22
N ALA X 161 20.58 1.45 -49.01
CA ALA X 161 20.27 2.79 -48.54
C ALA X 161 18.79 2.92 -48.21
N THR X 162 17.93 2.35 -49.05
CA THR X 162 16.51 2.39 -48.77
C THR X 162 16.17 1.66 -47.48
N TYR X 163 16.81 0.52 -47.23
CA TYR X 163 16.56 -0.20 -45.98
C TYR X 163 16.96 0.63 -44.76
N PHE X 164 18.16 1.21 -44.80
CA PHE X 164 18.63 2.02 -43.68
C PHE X 164 17.75 3.25 -43.48
N ASP X 165 17.35 3.90 -44.58
CA ASP X 165 16.51 5.09 -44.46
C ASP X 165 15.13 4.73 -43.95
N LYS X 166 14.61 3.57 -44.34
CA LYS X 166 13.31 3.17 -43.83
C LYS X 166 13.39 2.88 -42.35
N ALA X 167 14.50 2.29 -41.91
CA ALA X 167 14.70 2.10 -40.48
C ALA X 167 14.73 3.44 -39.75
N ALA X 168 15.46 4.40 -40.29
CA ALA X 168 15.59 5.69 -39.61
C ALA X 168 14.28 6.46 -39.60
N ALA X 169 13.49 6.35 -40.67
CA ALA X 169 12.21 7.03 -40.72
C ALA X 169 11.18 6.35 -39.85
N SER X 170 11.25 5.02 -39.73
CA SER X 170 10.34 4.31 -38.83
C SER X 170 10.64 4.65 -37.38
N ILE X 171 11.92 4.63 -36.99
CA ILE X 171 12.28 4.82 -35.59
C ILE X 171 12.02 6.26 -35.17
N ALA X 172 12.43 7.21 -35.99
CA ALA X 172 12.33 8.62 -35.63
C ALA X 172 10.88 9.02 -35.39
N MET Y 1 -18.85 -19.91 -14.37
CA MET Y 1 -19.91 -20.38 -15.26
C MET Y 1 -21.24 -20.39 -14.53
N ASN Y 2 -22.33 -20.31 -15.29
CA ASN Y 2 -23.66 -20.27 -14.72
C ASN Y 2 -24.57 -21.22 -15.46
N ASP Y 3 -25.40 -21.92 -14.72
CA ASP Y 3 -26.60 -22.53 -15.27
C ASP Y 3 -27.79 -21.75 -14.74
N VAL Y 4 -29.00 -22.22 -15.04
CA VAL Y 4 -30.18 -21.50 -14.61
C VAL Y 4 -30.27 -21.44 -13.09
N PHE Y 5 -29.94 -22.56 -12.43
CA PHE Y 5 -29.99 -22.62 -10.98
C PHE Y 5 -29.03 -21.60 -10.36
N THR Y 6 -27.82 -21.51 -10.91
CA THR Y 6 -26.81 -20.66 -10.31
C THR Y 6 -27.12 -19.19 -10.54
N ARG Y 7 -27.71 -18.83 -11.67
CA ARG Y 7 -28.18 -17.45 -11.80
C ARG Y 7 -29.24 -17.14 -10.77
N ALA Y 8 -30.23 -18.03 -10.62
CA ALA Y 8 -31.28 -17.77 -9.65
C ALA Y 8 -30.70 -17.55 -8.26
N ILE Y 9 -29.77 -18.42 -7.87
CA ILE Y 9 -29.09 -18.27 -6.59
C ILE Y 9 -28.34 -16.95 -6.54
N ALA Y 10 -27.80 -16.50 -7.66
CA ALA Y 10 -27.03 -15.25 -7.67
C ALA Y 10 -27.91 -14.04 -7.42
N GLN Y 11 -29.08 -13.97 -8.06
CA GLN Y 11 -29.95 -12.83 -7.76
C GLN Y 11 -30.47 -12.92 -6.33
N ALA Y 12 -30.83 -14.12 -5.89
CA ALA Y 12 -31.28 -14.28 -4.51
C ALA Y 12 -30.23 -13.80 -3.53
N ASP Y 13 -28.96 -14.11 -3.79
CA ASP Y 13 -27.88 -13.63 -2.93
C ASP Y 13 -27.72 -12.14 -3.03
N LEU Y 14 -27.89 -11.56 -4.21
CA LEU Y 14 -27.78 -10.10 -4.34
C LEU Y 14 -28.82 -9.41 -3.46
N LYS Y 15 -30.05 -9.90 -3.47
CA LYS Y 15 -31.01 -9.40 -2.50
C LYS Y 15 -30.66 -9.80 -1.08
N GLY Y 16 -29.86 -10.84 -0.90
CA GLY Y 16 -29.57 -11.34 0.42
C GLY Y 16 -30.63 -12.23 1.00
N SER Y 17 -31.55 -12.72 0.18
CA SER Y 17 -32.71 -13.45 0.66
C SER Y 17 -32.64 -14.90 0.22
N PHE Y 18 -33.50 -15.72 0.80
CA PHE Y 18 -33.68 -17.08 0.36
C PHE Y 18 -34.33 -17.09 -1.01
N LEU Y 19 -34.49 -18.29 -1.57
CA LEU Y 19 -35.19 -18.42 -2.83
C LEU Y 19 -36.68 -18.54 -2.58
N LEU Y 20 -37.46 -17.69 -3.24
CA LEU Y 20 -38.89 -17.70 -3.04
C LEU Y 20 -39.51 -18.97 -3.60
N GLU Y 21 -40.77 -19.20 -3.23
CA GLU Y 21 -41.44 -20.43 -3.64
C GLU Y 21 -41.63 -20.47 -5.15
N SER Y 22 -41.88 -19.33 -5.78
CA SER Y 22 -42.04 -19.28 -7.23
C SER Y 22 -40.74 -19.65 -7.94
N ASP Y 23 -39.60 -19.15 -7.43
CA ASP Y 23 -38.32 -19.49 -8.03
C ASP Y 23 -38.03 -20.98 -7.90
N LEU Y 24 -38.32 -21.55 -6.73
CA LEU Y 24 -38.15 -22.98 -6.54
C LEU Y 24 -39.06 -23.76 -7.48
N ASP Y 25 -40.26 -23.25 -7.73
CA ASP Y 25 -41.16 -23.92 -8.67
C ASP Y 25 -40.61 -23.89 -10.09
N LYS Y 26 -40.04 -22.74 -10.50
CA LYS Y 26 -39.44 -22.68 -11.83
C LYS Y 26 -38.27 -23.63 -11.97
N LEU Y 27 -37.43 -23.73 -10.93
CA LEU Y 27 -36.31 -24.67 -10.99
C LEU Y 27 -36.79 -26.12 -10.97
N ALA Y 28 -37.86 -26.41 -10.25
CA ALA Y 28 -38.43 -27.76 -10.29
C ALA Y 28 -38.95 -28.09 -11.67
N SER Y 29 -39.60 -27.13 -12.33
CA SER Y 29 -40.06 -27.36 -13.70
C SER Y 29 -38.88 -27.60 -14.64
N PHE Y 30 -37.81 -26.81 -14.47
CA PHE Y 30 -36.61 -27.02 -15.28
C PHE Y 30 -36.08 -28.44 -15.11
N ALA Y 31 -35.93 -28.87 -13.86
CA ALA Y 31 -35.36 -30.20 -13.64
C ALA Y 31 -36.28 -31.29 -14.13
N LYS Y 32 -37.59 -31.07 -14.09
CA LYS Y 32 -38.51 -32.03 -14.67
C LYS Y 32 -38.33 -32.12 -16.18
N GLU Y 33 -38.14 -30.98 -16.85
CA GLU Y 33 -37.97 -30.92 -18.29
C GLU Y 33 -36.55 -31.33 -18.70
N GLY Y 34 -35.68 -31.55 -17.72
CA GLY Y 34 -34.28 -31.86 -17.99
C GLY Y 34 -34.04 -33.04 -18.89
N VAL Y 35 -34.93 -34.03 -18.90
CA VAL Y 35 -34.71 -35.18 -19.78
C VAL Y 35 -34.91 -34.79 -21.23
N LYS Y 36 -35.94 -33.99 -21.52
CA LYS Y 36 -36.08 -33.44 -22.86
C LYS Y 36 -34.88 -32.57 -23.22
N ARG Y 37 -34.38 -31.82 -22.24
CA ARG Y 37 -33.18 -31.03 -22.48
C ARG Y 37 -32.02 -31.92 -22.90
N LEU Y 38 -31.87 -33.06 -22.22
CA LEU Y 38 -30.80 -34.00 -22.55
C LEU Y 38 -30.98 -34.56 -23.94
N ASP Y 39 -32.22 -34.86 -24.34
CA ASP Y 39 -32.45 -35.33 -25.70
C ASP Y 39 -32.06 -34.27 -26.72
N ALA Y 40 -32.42 -33.02 -26.47
CA ALA Y 40 -32.03 -31.94 -27.39
C ALA Y 40 -30.53 -31.83 -27.51
N VAL Y 41 -29.83 -31.86 -26.37
CA VAL Y 41 -28.38 -31.72 -26.38
C VAL Y 41 -27.74 -32.90 -27.10
N ALA Y 42 -28.26 -34.11 -26.90
CA ALA Y 42 -27.71 -35.27 -27.57
C ALA Y 42 -28.00 -35.24 -29.06
N ALA Y 43 -29.13 -34.66 -29.46
CA ALA Y 43 -29.39 -34.49 -30.89
C ALA Y 43 -28.39 -33.53 -31.51
N LEU Y 44 -28.07 -32.46 -30.80
CA LEU Y 44 -27.05 -31.54 -31.30
C LEU Y 44 -25.68 -32.20 -31.38
N THR Y 45 -25.30 -32.95 -30.35
CA THR Y 45 -24.00 -33.59 -30.30
C THR Y 45 -23.85 -34.70 -31.32
N ASN Y 46 -24.82 -35.60 -31.39
CA ASN Y 46 -24.72 -36.78 -32.23
C ASN Y 46 -24.66 -36.44 -33.70
N ASN Y 47 -25.43 -35.45 -34.12
CA ASN Y 47 -25.54 -35.07 -35.52
C ASN Y 47 -24.68 -33.86 -35.87
N ALA Y 48 -23.65 -33.60 -35.08
CA ALA Y 48 -22.84 -32.39 -35.29
C ALA Y 48 -22.11 -32.36 -36.62
N PRO Y 49 -21.38 -33.41 -37.02
CA PRO Y 49 -20.69 -33.33 -38.32
C PRO Y 49 -21.62 -33.08 -39.48
N ALA Y 50 -22.80 -33.69 -39.45
CA ALA Y 50 -23.79 -33.45 -40.49
C ALA Y 50 -24.22 -32.00 -40.53
N ILE Y 51 -24.46 -31.41 -39.35
CA ILE Y 51 -24.86 -30.02 -39.28
C ILE Y 51 -23.77 -29.11 -39.85
N ILE Y 52 -22.52 -29.35 -39.45
CA ILE Y 52 -21.43 -28.51 -39.92
C ILE Y 52 -21.25 -28.65 -41.43
N SER Y 53 -21.33 -29.88 -41.94
CA SER Y 53 -21.17 -30.07 -43.38
C SER Y 53 -22.29 -29.41 -44.16
N ASP Y 54 -23.53 -29.55 -43.70
CA ASP Y 54 -24.64 -28.92 -44.39
C ASP Y 54 -24.50 -27.42 -44.41
N ALA Y 55 -24.15 -26.84 -43.26
CA ALA Y 55 -23.97 -25.40 -43.19
C ALA Y 55 -22.83 -24.95 -44.10
N ALA Y 56 -21.74 -25.71 -44.16
CA ALA Y 56 -20.64 -25.34 -45.02
C ALA Y 56 -21.03 -25.39 -46.48
N HIS Y 57 -21.70 -26.47 -46.90
CA HIS Y 57 -22.13 -26.59 -48.28
C HIS Y 57 -23.04 -25.45 -48.67
N LYS Y 58 -24.05 -25.17 -47.85
CA LYS Y 58 -24.97 -24.09 -48.17
C LYS Y 58 -24.23 -22.76 -48.21
N LEU Y 59 -23.33 -22.53 -47.25
CA LEU Y 59 -22.66 -21.24 -47.16
C LEU Y 59 -21.76 -20.99 -48.36
N PHE Y 60 -21.02 -22.01 -48.79
CA PHE Y 60 -20.09 -21.82 -49.89
C PHE Y 60 -20.75 -21.96 -51.25
N ALA Y 61 -21.97 -22.49 -51.32
CA ALA Y 61 -22.75 -22.31 -52.53
C ALA Y 61 -23.33 -20.91 -52.60
N GLU Y 62 -23.78 -20.39 -51.47
CA GLU Y 62 -24.33 -19.04 -51.42
C GLU Y 62 -23.26 -18.00 -51.71
N GLN Y 63 -22.11 -18.13 -51.07
CA GLN Y 63 -21.02 -17.16 -51.14
C GLN Y 63 -19.80 -17.83 -51.74
N GLN Y 64 -19.74 -17.84 -53.07
CA GLN Y 64 -18.61 -18.43 -53.74
C GLN Y 64 -17.35 -17.59 -53.63
N GLU Y 65 -17.47 -16.31 -53.32
CA GLU Y 65 -16.29 -15.48 -53.17
C GLU Y 65 -15.40 -15.94 -52.03
N LEU Y 66 -15.95 -16.70 -51.09
CA LEU Y 66 -15.18 -17.16 -49.95
C LEU Y 66 -14.14 -18.19 -50.36
N ILE Y 67 -14.41 -18.95 -51.42
CA ILE Y 67 -13.54 -20.04 -51.83
C ILE Y 67 -12.79 -19.75 -53.11
N GLN Y 68 -12.83 -18.53 -53.61
CA GLN Y 68 -11.96 -18.13 -54.69
C GLN Y 68 -10.64 -17.63 -54.11
N PRO Y 69 -9.56 -17.73 -54.87
CA PRO Y 69 -8.31 -17.11 -54.43
C PRO Y 69 -8.53 -15.65 -54.09
N GLY Y 70 -8.06 -15.26 -52.92
CA GLY Y 70 -8.39 -13.97 -52.36
C GLY Y 70 -9.61 -13.99 -51.46
N GLY Y 71 -10.34 -15.09 -51.41
CA GLY Y 71 -11.41 -15.24 -50.45
C GLY Y 71 -10.89 -15.56 -49.07
N ASN Y 72 -11.77 -15.49 -48.10
CA ASN Y 72 -11.35 -15.72 -46.73
C ASN Y 72 -11.50 -17.16 -46.28
N ALA Y 73 -11.98 -18.04 -47.15
CA ALA Y 73 -11.91 -19.46 -46.92
C ALA Y 73 -11.24 -20.15 -48.11
N TYR Y 74 -10.29 -19.47 -48.73
CA TYR Y 74 -9.71 -20.02 -49.95
C TYR Y 74 -8.69 -21.13 -49.72
N PRO Y 75 -7.53 -20.87 -49.09
CA PRO Y 75 -6.54 -21.95 -49.01
C PRO Y 75 -7.05 -23.02 -48.07
N HIS Y 76 -6.46 -24.21 -48.08
CA HIS Y 76 -6.93 -25.25 -47.17
C HIS Y 76 -6.94 -24.76 -45.73
N ARG Y 77 -5.93 -23.97 -45.35
CA ARG Y 77 -5.77 -23.56 -43.96
C ARG Y 77 -6.94 -22.72 -43.49
N ARG Y 78 -7.37 -21.77 -44.29
CA ARG Y 78 -8.47 -20.91 -43.90
C ARG Y 78 -9.79 -21.68 -43.91
N MET Y 79 -9.91 -22.68 -44.77
CA MET Y 79 -11.11 -23.49 -44.79
C MET Y 79 -11.18 -24.37 -43.55
N ALA Y 80 -10.05 -24.93 -43.14
CA ALA Y 80 -9.99 -25.69 -41.90
C ALA Y 80 -10.33 -24.82 -40.71
N ALA Y 81 -9.80 -23.60 -40.66
CA ALA Y 81 -10.16 -22.70 -39.58
C ALA Y 81 -11.63 -22.36 -39.59
N CYS Y 82 -12.22 -22.15 -40.76
CA CYS Y 82 -13.65 -21.86 -40.87
C CYS Y 82 -14.48 -23.00 -40.30
N LEU Y 83 -14.19 -24.22 -40.72
CA LEU Y 83 -14.95 -25.36 -40.23
C LEU Y 83 -14.72 -25.58 -38.75
N ARG Y 84 -13.49 -25.33 -38.28
CA ARG Y 84 -13.18 -25.44 -36.88
C ARG Y 84 -14.01 -24.46 -36.05
N ASP Y 85 -14.12 -23.22 -36.52
CA ASP Y 85 -14.88 -22.22 -35.81
C ASP Y 85 -16.35 -22.57 -35.75
N MET Y 86 -16.89 -23.09 -36.85
CA MET Y 86 -18.29 -23.49 -36.86
C MET Y 86 -18.53 -24.61 -35.86
N GLU Y 87 -17.63 -25.60 -35.82
CA GLU Y 87 -17.74 -26.68 -34.84
C GLU Y 87 -17.67 -26.14 -33.41
N ILE Y 88 -16.76 -25.19 -33.16
CA ILE Y 88 -16.61 -24.63 -31.83
C ILE Y 88 -17.87 -23.92 -31.38
N ILE Y 89 -18.44 -23.11 -32.27
CA ILE Y 89 -19.64 -22.36 -31.92
C ILE Y 89 -20.80 -23.31 -31.66
N LEU Y 90 -20.96 -24.32 -32.51
CA LEU Y 90 -22.04 -25.29 -32.26
C LEU Y 90 -21.83 -25.99 -30.93
N ARG Y 91 -20.57 -26.26 -30.59
CA ARG Y 91 -20.28 -26.97 -29.36
C ARG Y 91 -20.62 -26.13 -28.13
N TYR Y 92 -20.31 -24.83 -28.16
CA TYR Y 92 -20.71 -23.96 -27.07
C TYR Y 92 -22.22 -23.73 -27.04
N VAL Y 93 -22.88 -23.80 -28.19
CA VAL Y 93 -24.34 -23.72 -28.18
C VAL Y 93 -24.94 -24.95 -27.51
N SER Y 94 -24.37 -26.12 -27.75
CA SER Y 94 -24.84 -27.31 -27.05
C SER Y 94 -24.59 -27.20 -25.55
N TYR Y 95 -23.44 -26.64 -25.15
CA TYR Y 95 -23.19 -26.39 -23.74
C TYR Y 95 -24.28 -25.51 -23.14
N ALA Y 96 -24.58 -24.39 -23.80
CA ALA Y 96 -25.59 -23.49 -23.29
C ALA Y 96 -26.97 -24.14 -23.25
N LEU Y 97 -27.25 -25.02 -24.20
CA LEU Y 97 -28.53 -25.72 -24.18
C LEU Y 97 -28.63 -26.63 -22.96
N LEU Y 98 -27.57 -27.37 -22.65
CA LEU Y 98 -27.62 -28.21 -21.46
C LEU Y 98 -27.71 -27.38 -20.19
N ALA Y 99 -26.95 -26.29 -20.11
CA ALA Y 99 -26.92 -25.50 -18.89
C ALA Y 99 -28.21 -24.71 -18.68
N GLY Y 100 -28.99 -24.52 -19.74
CA GLY Y 100 -30.11 -23.63 -19.66
C GLY Y 100 -29.73 -22.18 -19.60
N ASP Y 101 -28.45 -21.88 -19.75
CA ASP Y 101 -27.94 -20.51 -19.62
C ASP Y 101 -26.97 -20.24 -20.75
N ALA Y 102 -27.03 -19.02 -21.28
CA ALA Y 102 -26.13 -18.58 -22.33
C ALA Y 102 -24.85 -17.99 -21.80
N SER Y 103 -24.54 -18.21 -20.52
CA SER Y 103 -23.38 -17.56 -19.92
C SER Y 103 -22.07 -18.11 -20.48
N VAL Y 104 -21.96 -19.43 -20.63
CA VAL Y 104 -20.71 -20.00 -21.12
C VAL Y 104 -20.46 -19.56 -22.55
N LEU Y 105 -21.50 -19.48 -23.36
CA LEU Y 105 -21.35 -19.02 -24.73
C LEU Y 105 -20.75 -17.62 -24.77
N ASP Y 106 -21.30 -16.70 -23.99
CA ASP Y 106 -20.76 -15.34 -23.94
C ASP Y 106 -19.33 -15.32 -23.41
N ASP Y 107 -19.10 -15.96 -22.27
CA ASP Y 107 -17.81 -15.83 -21.59
C ASP Y 107 -16.70 -16.47 -22.39
N ARG Y 108 -16.95 -17.63 -22.99
CA ARG Y 108 -15.92 -18.35 -23.71
C ARG Y 108 -15.92 -18.03 -25.20
N CYS Y 109 -17.04 -18.26 -25.88
CA CYS Y 109 -17.04 -18.30 -27.35
C CYS Y 109 -17.15 -16.91 -27.94
N LEU Y 110 -18.03 -16.07 -27.40
CA LEU Y 110 -18.31 -14.77 -27.97
C LEU Y 110 -17.69 -13.65 -27.14
N ASN Y 111 -16.67 -13.95 -26.34
CA ASN Y 111 -16.11 -12.93 -25.46
C ASN Y 111 -15.58 -11.75 -26.26
N GLY Y 112 -14.77 -12.01 -27.27
CA GLY Y 112 -14.24 -10.95 -28.10
C GLY Y 112 -14.18 -11.35 -29.54
N LEU Y 113 -15.15 -12.14 -29.98
CA LEU Y 113 -15.03 -12.80 -31.28
C LEU Y 113 -15.24 -11.84 -32.43
N ARG Y 114 -16.07 -10.82 -32.23
CA ARG Y 114 -16.27 -9.85 -33.30
C ARG Y 114 -15.00 -9.07 -33.59
N GLU Y 115 -14.28 -8.64 -32.55
CA GLU Y 115 -13.02 -7.94 -32.80
C GLU Y 115 -11.97 -8.87 -33.38
N THR Y 116 -11.99 -10.14 -32.97
CA THR Y 116 -11.12 -11.12 -33.60
C THR Y 116 -11.36 -11.18 -35.10
N TYR Y 117 -12.62 -11.35 -35.49
CA TYR Y 117 -12.94 -11.50 -36.90
C TYR Y 117 -12.71 -10.21 -37.67
N ASN Y 118 -12.93 -9.07 -37.03
CA ASN Y 118 -12.65 -7.80 -37.68
C ASN Y 118 -11.17 -7.63 -37.95
N ALA Y 119 -10.33 -8.03 -36.99
CA ALA Y 119 -8.89 -7.91 -37.20
C ALA Y 119 -8.40 -8.91 -38.23
N LEU Y 120 -9.01 -10.09 -38.31
CA LEU Y 120 -8.54 -11.08 -39.26
C LEU Y 120 -8.92 -10.74 -40.70
N GLY Y 121 -9.81 -9.79 -40.90
CA GLY Y 121 -10.40 -9.62 -42.20
C GLY Y 121 -11.54 -10.57 -42.49
N THR Y 122 -12.05 -11.23 -41.49
CA THR Y 122 -13.12 -12.20 -41.69
C THR Y 122 -14.46 -11.50 -41.78
N PRO Y 123 -15.26 -11.76 -42.80
CA PRO Y 123 -16.58 -11.14 -42.88
C PRO Y 123 -17.51 -11.63 -41.79
N THR Y 124 -17.85 -10.75 -40.84
CA THR Y 124 -18.69 -11.16 -39.73
C THR Y 124 -20.11 -11.43 -40.18
N GLN Y 125 -20.55 -10.78 -41.25
CA GLN Y 125 -21.86 -11.10 -41.83
C GLN Y 125 -21.91 -12.53 -42.31
N SER Y 126 -20.84 -13.01 -42.93
CA SER Y 126 -20.81 -14.38 -43.41
C SER Y 126 -20.72 -15.37 -42.26
N VAL Y 127 -20.02 -15.01 -41.18
CA VAL Y 127 -19.97 -15.88 -40.02
C VAL Y 127 -21.35 -15.99 -39.38
N ALA Y 128 -22.05 -14.87 -39.26
CA ALA Y 128 -23.41 -14.90 -38.77
C ALA Y 128 -24.29 -15.75 -39.68
N ARG Y 129 -24.11 -15.64 -40.99
CA ARG Y 129 -24.86 -16.46 -41.93
C ARG Y 129 -24.60 -17.94 -41.70
N ALA Y 130 -23.34 -18.30 -41.45
CA ALA Y 130 -23.02 -19.69 -41.16
C ALA Y 130 -23.69 -20.15 -39.89
N VAL Y 131 -23.75 -19.30 -38.88
CA VAL Y 131 -24.46 -19.62 -37.65
C VAL Y 131 -25.94 -19.84 -37.92
N GLN Y 132 -26.54 -19.05 -38.82
CA GLN Y 132 -27.95 -19.26 -39.16
C GLN Y 132 -28.18 -20.57 -39.89
N LEU Y 133 -27.30 -20.93 -40.81
CA LEU Y 133 -27.43 -22.20 -41.49
C LEU Y 133 -27.27 -23.38 -40.53
N MET Y 134 -26.32 -23.26 -39.59
CA MET Y 134 -26.18 -24.25 -38.54
C MET Y 134 -27.44 -24.33 -37.70
N LYS Y 135 -28.06 -23.19 -37.40
CA LYS Y 135 -29.30 -23.20 -36.64
C LYS Y 135 -30.39 -23.96 -37.37
N ASP Y 136 -30.50 -23.74 -38.69
CA ASP Y 136 -31.52 -24.43 -39.46
C ASP Y 136 -31.30 -25.93 -39.44
N ALA Y 137 -30.06 -26.36 -39.68
CA ALA Y 137 -29.78 -27.79 -39.65
C ALA Y 137 -30.03 -28.39 -38.28
N ALA Y 138 -29.68 -27.64 -37.24
CA ALA Y 138 -29.91 -28.10 -35.88
C ALA Y 138 -31.40 -28.26 -35.61
N MET Y 139 -32.22 -27.31 -36.06
CA MET Y 139 -33.66 -27.46 -35.85
C MET Y 139 -34.20 -28.65 -36.62
N VAL Y 140 -33.64 -28.93 -37.80
CA VAL Y 140 -34.06 -30.12 -38.53
C VAL Y 140 -33.79 -31.37 -37.71
N HIS Y 141 -32.64 -31.43 -37.04
CA HIS Y 141 -32.34 -32.64 -36.28
C HIS Y 141 -33.08 -32.69 -34.95
N LEU Y 142 -33.28 -31.55 -34.31
CA LEU Y 142 -33.84 -31.52 -32.97
C LEU Y 142 -35.34 -31.79 -32.98
N LYS Y 143 -36.01 -31.50 -34.09
CA LYS Y 143 -37.42 -31.80 -34.23
C LYS Y 143 -37.68 -33.24 -34.62
N SER Y 144 -36.63 -34.02 -34.84
CA SER Y 144 -36.77 -35.40 -35.24
C SER Y 144 -37.39 -36.23 -34.13
N THR Y 145 -38.33 -37.07 -34.51
CA THR Y 145 -39.09 -37.88 -33.56
C THR Y 145 -38.58 -39.31 -33.47
N ALA Y 146 -37.84 -39.77 -34.47
CA ALA Y 146 -37.29 -41.12 -34.44
C ALA Y 146 -36.35 -41.27 -33.26
N ASN Y 147 -36.50 -42.38 -32.55
CA ASN Y 147 -35.65 -42.80 -31.44
C ASN Y 147 -35.81 -41.92 -30.20
N VAL Y 148 -36.90 -41.16 -30.09
CA VAL Y 148 -37.29 -40.47 -28.88
C VAL Y 148 -38.79 -40.67 -28.69
N THR Y 149 -39.25 -40.52 -27.45
CA THR Y 149 -40.67 -40.61 -27.16
C THR Y 149 -41.32 -39.27 -27.46
N VAL Y 150 -42.44 -39.31 -28.21
CA VAL Y 150 -43.04 -38.10 -28.74
C VAL Y 150 -43.50 -37.20 -27.60
N GLY Y 151 -43.31 -35.90 -27.77
CA GLY Y 151 -43.77 -34.97 -26.76
C GLY Y 151 -43.56 -33.55 -27.20
N ASP Y 152 -44.07 -32.63 -26.39
CA ASP Y 152 -43.99 -31.20 -26.68
C ASP Y 152 -42.67 -30.69 -26.16
N CYS Y 153 -41.86 -30.13 -27.05
CA CYS Y 153 -40.53 -29.64 -26.73
C CYS Y 153 -40.27 -28.29 -27.41
N SER Y 154 -41.33 -27.48 -27.51
CA SER Y 154 -41.22 -26.20 -28.19
C SER Y 154 -40.37 -25.21 -27.42
N SER Y 155 -40.43 -25.24 -26.09
CA SER Y 155 -39.60 -24.35 -25.29
C SER Y 155 -38.13 -24.61 -25.56
N LEU Y 156 -37.75 -25.87 -25.69
CA LEU Y 156 -36.38 -26.20 -26.02
C LEU Y 156 -36.00 -25.71 -27.41
N TYR Y 157 -36.93 -25.81 -28.37
CA TYR Y 157 -36.66 -25.30 -29.71
C TYR Y 157 -36.39 -23.80 -29.67
N SER Y 158 -37.26 -23.05 -29.00
CA SER Y 158 -37.11 -21.61 -28.95
C SER Y 158 -35.83 -21.22 -28.22
N GLU Y 159 -35.48 -21.95 -27.17
CA GLU Y 159 -34.27 -21.64 -26.42
C GLU Y 159 -33.02 -21.92 -27.24
N ALA Y 160 -33.02 -23.05 -27.96
CA ALA Y 160 -31.91 -23.34 -28.86
C ALA Y 160 -31.76 -22.26 -29.91
N ALA Y 161 -32.89 -21.81 -30.46
CA ALA Y 161 -32.85 -20.74 -31.43
C ALA Y 161 -32.30 -19.46 -30.83
N THR Y 162 -32.65 -19.16 -29.59
CA THR Y 162 -32.09 -17.96 -28.96
C THR Y 162 -30.59 -18.07 -28.77
N TYR Y 163 -30.09 -19.24 -28.40
CA TYR Y 163 -28.63 -19.39 -28.31
C TYR Y 163 -27.98 -19.17 -29.67
N PHE Y 164 -28.55 -19.76 -30.71
CA PHE Y 164 -27.97 -19.60 -32.04
C PHE Y 164 -27.97 -18.14 -32.47
N ASP Y 165 -29.11 -17.46 -32.34
CA ASP Y 165 -29.18 -16.11 -32.87
C ASP Y 165 -28.48 -15.12 -31.95
N LYS Y 166 -28.27 -15.48 -30.69
CA LYS Y 166 -27.43 -14.64 -29.83
C LYS Y 166 -25.98 -14.73 -30.24
N ALA Y 167 -25.52 -15.93 -30.61
CA ALA Y 167 -24.19 -16.05 -31.19
C ALA Y 167 -24.09 -15.22 -32.46
N ALA Y 168 -25.07 -15.33 -33.34
CA ALA Y 168 -25.01 -14.61 -34.61
C ALA Y 168 -25.11 -13.10 -34.40
N ALA Y 169 -25.85 -12.66 -33.39
CA ALA Y 169 -25.93 -11.23 -33.09
C ALA Y 169 -24.63 -10.70 -32.52
N SER Y 170 -23.98 -11.47 -31.64
CA SER Y 170 -22.71 -11.01 -31.09
C SER Y 170 -21.65 -10.93 -32.17
N ILE Y 171 -21.65 -11.89 -33.11
CA ILE Y 171 -20.69 -11.83 -34.21
C ILE Y 171 -21.01 -10.68 -35.15
N ALA Y 172 -22.26 -10.56 -35.56
CA ALA Y 172 -22.66 -9.53 -36.50
C ALA Y 172 -23.86 -8.74 -35.98
N MET Z 1 14.13 -0.54 -5.99
CA MET Z 1 13.59 0.27 -4.89
C MET Z 1 14.74 0.97 -4.19
N ASN Z 2 14.43 2.10 -3.57
CA ASN Z 2 15.44 2.97 -2.99
C ASN Z 2 15.21 3.11 -1.48
N ASP Z 3 16.29 3.36 -0.79
CA ASP Z 3 16.24 3.88 0.56
C ASP Z 3 16.58 5.37 0.51
N VAL Z 4 16.78 5.97 1.68
CA VAL Z 4 17.14 7.38 1.71
C VAL Z 4 18.51 7.59 1.07
N PHE Z 5 19.46 6.70 1.37
CA PHE Z 5 20.81 6.84 0.84
C PHE Z 5 20.83 6.71 -0.67
N THR Z 6 20.11 5.74 -1.20
CA THR Z 6 20.10 5.55 -2.64
C THR Z 6 19.35 6.68 -3.33
N ARG Z 7 18.31 7.22 -2.69
CA ARG Z 7 17.65 8.39 -3.24
C ARG Z 7 18.62 9.57 -3.35
N ALA Z 8 19.41 9.80 -2.30
CA ALA Z 8 20.40 10.87 -2.34
C ALA Z 8 21.44 10.63 -3.43
N ILE Z 9 21.94 9.40 -3.54
CA ILE Z 9 22.90 9.06 -4.57
C ILE Z 9 22.33 9.26 -5.96
N ALA Z 10 21.07 8.86 -6.18
CA ALA Z 10 20.46 9.04 -7.48
C ALA Z 10 20.34 10.52 -7.82
N GLN Z 11 19.97 11.34 -6.83
CA GLN Z 11 19.89 12.77 -7.10
C GLN Z 11 21.26 13.38 -7.37
N ALA Z 12 22.30 12.87 -6.71
CA ALA Z 12 23.63 13.40 -6.94
C ALA Z 12 24.20 12.96 -8.27
N ASP Z 13 23.80 11.78 -8.75
CA ASP Z 13 24.28 11.32 -10.05
C ASP Z 13 23.70 12.15 -11.19
N LEU Z 14 22.48 12.65 -11.02
CA LEU Z 14 21.93 13.53 -12.04
C LEU Z 14 22.74 14.79 -12.18
N LYS Z 15 23.50 15.15 -11.15
CA LYS Z 15 24.40 16.28 -11.16
C LYS Z 15 25.83 15.87 -11.50
N GLY Z 16 26.09 14.59 -11.71
CA GLY Z 16 27.46 14.15 -11.93
C GLY Z 16 28.38 14.47 -10.77
N SER Z 17 27.82 14.64 -9.58
CA SER Z 17 28.54 15.20 -8.44
C SER Z 17 28.65 14.17 -7.33
N PHE Z 18 29.71 14.30 -6.56
CA PHE Z 18 29.82 13.56 -5.31
C PHE Z 18 28.78 14.07 -4.32
N LEU Z 19 28.67 13.39 -3.20
CA LEU Z 19 27.72 13.83 -2.19
C LEU Z 19 28.32 14.96 -1.37
N LEU Z 20 27.54 16.00 -1.16
CA LEU Z 20 28.00 17.18 -0.46
C LEU Z 20 28.22 16.88 1.02
N GLU Z 21 28.98 17.75 1.67
CA GLU Z 21 29.21 17.63 3.10
C GLU Z 21 27.91 17.72 3.87
N SER Z 22 27.03 18.63 3.46
CA SER Z 22 25.73 18.77 4.10
C SER Z 22 24.88 17.51 3.91
N ASP Z 23 24.87 16.96 2.70
CA ASP Z 23 24.05 15.78 2.45
C ASP Z 23 24.61 14.57 3.20
N LEU Z 24 25.93 14.47 3.28
CA LEU Z 24 26.53 13.42 4.08
C LEU Z 24 26.20 13.60 5.56
N ASP Z 25 26.11 14.84 6.04
CA ASP Z 25 25.67 15.07 7.41
C ASP Z 25 24.23 14.62 7.62
N LYS Z 26 23.36 14.91 6.64
CA LYS Z 26 21.97 14.45 6.75
C LYS Z 26 21.92 12.93 6.82
N LEU Z 27 22.70 12.25 5.98
CA LEU Z 27 22.72 10.80 5.99
C LEU Z 27 23.30 10.24 7.28
N ALA Z 28 24.34 10.87 7.82
CA ALA Z 28 24.89 10.45 9.09
C ALA Z 28 23.87 10.61 10.21
N SER Z 29 23.13 11.73 10.21
CA SER Z 29 22.09 11.92 11.21
C SER Z 29 21.01 10.86 11.08
N PHE Z 30 20.60 10.55 9.84
CA PHE Z 30 19.64 9.47 9.63
C PHE Z 30 20.14 8.18 10.24
N ALA Z 31 21.41 7.88 10.04
CA ALA Z 31 21.96 6.64 10.54
C ALA Z 31 22.02 6.62 12.07
N LYS Z 32 22.41 7.74 12.67
CA LYS Z 32 22.56 7.79 14.12
C LYS Z 32 21.22 7.63 14.82
N GLU Z 33 20.15 8.14 14.22
CA GLU Z 33 18.80 7.97 14.74
C GLU Z 33 18.13 6.73 14.18
N GLY Z 34 18.91 5.72 13.82
CA GLY Z 34 18.34 4.51 13.24
C GLY Z 34 17.79 3.53 14.24
N VAL Z 35 18.24 3.60 15.49
CA VAL Z 35 17.70 2.70 16.50
C VAL Z 35 16.25 3.03 16.81
N LYS Z 36 15.92 4.32 16.83
CA LYS Z 36 14.54 4.74 16.99
C LYS Z 36 13.69 4.26 15.82
N ARG Z 37 14.22 4.36 14.61
CA ARG Z 37 13.53 3.86 13.44
C ARG Z 37 13.29 2.37 13.55
N LEU Z 38 14.28 1.63 14.04
CA LEU Z 38 14.13 0.20 14.23
C LEU Z 38 13.04 -0.11 15.24
N ASP Z 39 12.99 0.66 16.33
CA ASP Z 39 11.94 0.45 17.32
C ASP Z 39 10.56 0.74 16.75
N ALA Z 40 10.44 1.79 15.95
CA ALA Z 40 9.17 2.09 15.30
C ALA Z 40 8.75 0.97 14.37
N VAL Z 41 9.69 0.44 13.59
CA VAL Z 41 9.39 -0.64 12.68
C VAL Z 41 8.98 -1.89 13.45
N ALA Z 42 9.64 -2.16 14.57
CA ALA Z 42 9.26 -3.28 15.42
C ALA Z 42 7.87 -3.05 16.01
N ALA Z 43 7.53 -1.81 16.34
CA ALA Z 43 6.19 -1.53 16.84
C ALA Z 43 5.15 -1.82 15.78
N LEU Z 44 5.40 -1.45 14.53
CA LEU Z 44 4.44 -1.76 13.47
C LEU Z 44 4.36 -3.25 13.21
N THR Z 45 5.49 -3.94 13.21
CA THR Z 45 5.51 -5.36 12.88
C THR Z 45 4.86 -6.20 13.97
N ASN Z 46 5.23 -5.95 15.22
CA ASN Z 46 4.80 -6.79 16.32
C ASN Z 46 3.32 -6.63 16.62
N ASN Z 47 2.77 -5.46 16.36
CA ASN Z 47 1.38 -5.18 16.66
C ASN Z 47 0.52 -5.17 15.42
N ALA Z 48 0.94 -5.84 14.36
CA ALA Z 48 0.19 -5.82 13.11
C ALA Z 48 -1.19 -6.42 13.23
N PRO Z 49 -1.39 -7.63 13.81
CA PRO Z 49 -2.76 -8.13 13.94
C PRO Z 49 -3.67 -7.23 14.74
N ALA Z 50 -3.15 -6.62 15.81
CA ALA Z 50 -3.98 -5.68 16.58
C ALA Z 50 -4.38 -4.49 15.72
N ILE Z 51 -3.43 -3.94 14.97
CA ILE Z 51 -3.72 -2.78 14.14
C ILE Z 51 -4.79 -3.12 13.11
N ILE Z 52 -4.65 -4.28 12.46
CA ILE Z 52 -5.60 -4.62 11.40
C ILE Z 52 -6.96 -4.95 11.99
N SER Z 53 -7.01 -5.64 13.13
CA SER Z 53 -8.30 -5.94 13.74
C SER Z 53 -9.01 -4.68 14.20
N ASP Z 54 -8.28 -3.75 14.81
CA ASP Z 54 -8.88 -2.49 15.23
C ASP Z 54 -9.43 -1.74 14.03
N ALA Z 55 -8.63 -1.61 12.98
CA ALA Z 55 -9.07 -0.91 11.79
C ALA Z 55 -10.28 -1.59 11.17
N ALA Z 56 -10.29 -2.92 11.12
CA ALA Z 56 -11.43 -3.62 10.52
C ALA Z 56 -12.70 -3.40 11.33
N HIS Z 57 -12.62 -3.54 12.65
CA HIS Z 57 -13.80 -3.33 13.47
C HIS Z 57 -14.34 -1.93 13.27
N LYS Z 58 -13.48 -0.92 13.31
CA LYS Z 58 -13.96 0.45 13.14
C LYS Z 58 -14.50 0.68 11.74
N LEU Z 59 -13.84 0.12 10.73
CA LEU Z 59 -14.26 0.34 9.36
C LEU Z 59 -15.62 -0.27 9.09
N PHE Z 60 -15.88 -1.45 9.62
CA PHE Z 60 -17.17 -2.08 9.38
C PHE Z 60 -18.24 -1.62 10.35
N ALA Z 61 -17.86 -0.94 11.44
CA ALA Z 61 -18.85 -0.22 12.22
C ALA Z 61 -19.29 1.05 11.52
N GLU Z 62 -18.34 1.83 10.99
CA GLU Z 62 -18.70 3.05 10.30
C GLU Z 62 -19.49 2.77 9.03
N GLN Z 63 -19.06 1.80 8.24
CA GLN Z 63 -19.64 1.52 6.94
C GLN Z 63 -20.24 0.13 6.97
N GLN Z 64 -21.52 0.05 7.36
CA GLN Z 64 -22.20 -1.22 7.40
C GLN Z 64 -22.49 -1.77 6.02
N GLU Z 65 -22.50 -0.91 5.00
CA GLU Z 65 -22.83 -1.35 3.66
C GLU Z 65 -21.77 -2.26 3.06
N LEU Z 66 -20.58 -2.31 3.66
CA LEU Z 66 -19.52 -3.13 3.10
C LEU Z 66 -19.71 -4.60 3.42
N ILE Z 67 -20.54 -4.91 4.42
CA ILE Z 67 -20.70 -6.27 4.91
C ILE Z 67 -22.14 -6.75 4.77
N GLN Z 68 -22.98 -6.01 4.06
CA GLN Z 68 -24.28 -6.53 3.70
C GLN Z 68 -24.18 -7.34 2.43
N PRO Z 69 -25.14 -8.21 2.17
CA PRO Z 69 -25.24 -8.83 0.84
C PRO Z 69 -25.28 -7.77 -0.23
N GLY Z 70 -24.33 -7.84 -1.16
CA GLY Z 70 -24.13 -6.83 -2.16
C GLY Z 70 -23.01 -5.86 -1.85
N GLY Z 71 -22.49 -5.90 -0.64
CA GLY Z 71 -21.38 -5.05 -0.28
C GLY Z 71 -20.08 -5.56 -0.83
N ASN Z 72 -19.03 -4.77 -0.64
CA ASN Z 72 -17.75 -5.14 -1.19
C ASN Z 72 -16.96 -6.06 -0.30
N ALA Z 73 -17.45 -6.37 0.88
CA ALA Z 73 -16.81 -7.35 1.77
C ALA Z 73 -17.80 -8.39 2.23
N TYR Z 74 -18.80 -8.71 1.43
CA TYR Z 74 -19.83 -9.61 1.92
C TYR Z 74 -19.43 -11.06 2.11
N PRO Z 75 -19.20 -11.84 1.07
CA PRO Z 75 -18.89 -13.26 1.32
C PRO Z 75 -17.53 -13.35 1.95
N HIS Z 76 -17.21 -14.54 2.43
CA HIS Z 76 -15.94 -14.70 3.12
C HIS Z 76 -14.77 -14.38 2.21
N ARG Z 77 -14.91 -14.62 0.91
CA ARG Z 77 -13.80 -14.37 -0.01
C ARG Z 77 -13.46 -12.89 -0.06
N ARG Z 78 -14.47 -12.03 -0.16
CA ARG Z 78 -14.22 -10.61 -0.27
C ARG Z 78 -13.71 -10.04 1.03
N MET Z 79 -14.18 -10.54 2.17
CA MET Z 79 -13.63 -10.07 3.43
C MET Z 79 -12.20 -10.53 3.62
N ALA Z 80 -11.89 -11.77 3.22
CA ALA Z 80 -10.53 -12.25 3.32
C ALA Z 80 -9.60 -11.42 2.46
N ALA Z 81 -10.04 -11.07 1.25
CA ALA Z 81 -9.23 -10.22 0.38
C ALA Z 81 -9.04 -8.84 0.98
N CYS Z 82 -10.07 -8.30 1.64
CA CYS Z 82 -9.96 -7.01 2.29
C CYS Z 82 -8.92 -7.03 3.40
N LEU Z 83 -8.96 -8.07 4.23
CA LEU Z 83 -7.99 -8.19 5.31
C LEU Z 83 -6.58 -8.39 4.77
N ARG Z 84 -6.44 -9.15 3.68
CA ARG Z 84 -5.14 -9.28 3.03
C ARG Z 84 -4.63 -7.93 2.54
N ASP Z 85 -5.50 -7.12 1.95
CA ASP Z 85 -5.09 -5.81 1.46
C ASP Z 85 -4.58 -4.96 2.60
N MET Z 86 -5.31 -4.95 3.72
CA MET Z 86 -4.89 -4.16 4.86
C MET Z 86 -3.53 -4.63 5.38
N GLU Z 87 -3.35 -5.94 5.49
CA GLU Z 87 -2.08 -6.47 5.94
C GLU Z 87 -0.95 -6.06 5.02
N ILE Z 88 -1.20 -6.11 3.71
CA ILE Z 88 -0.18 -5.78 2.72
C ILE Z 88 0.20 -4.30 2.84
N ILE Z 89 -0.79 -3.44 2.97
CA ILE Z 89 -0.50 -2.01 3.05
C ILE Z 89 0.29 -1.70 4.32
N LEU Z 90 -0.07 -2.32 5.43
CA LEU Z 90 0.70 -2.09 6.65
C LEU Z 90 2.13 -2.63 6.51
N ARG Z 91 2.29 -3.78 5.86
CA ARG Z 91 3.60 -4.36 5.64
C ARG Z 91 4.49 -3.43 4.84
N TYR Z 92 3.96 -2.86 3.76
CA TYR Z 92 4.76 -1.96 2.95
C TYR Z 92 5.03 -0.65 3.67
N VAL Z 93 4.10 -0.17 4.49
CA VAL Z 93 4.37 1.05 5.25
C VAL Z 93 5.52 0.81 6.21
N SER Z 94 5.57 -0.37 6.83
CA SER Z 94 6.71 -0.69 7.68
C SER Z 94 8.01 -0.78 6.87
N TYR Z 95 7.94 -1.35 5.66
CA TYR Z 95 9.11 -1.34 4.78
C TYR Z 95 9.60 0.07 4.53
N ALA Z 96 8.68 1.00 4.27
CA ALA Z 96 9.06 2.38 3.99
C ALA Z 96 9.60 3.07 5.24
N LEU Z 97 9.04 2.76 6.39
CA LEU Z 97 9.57 3.34 7.62
C LEU Z 97 11.00 2.88 7.87
N LEU Z 98 11.29 1.61 7.58
CA LEU Z 98 12.68 1.16 7.70
C LEU Z 98 13.56 1.82 6.66
N ALA Z 99 13.14 1.83 5.41
CA ALA Z 99 13.95 2.38 4.33
C ALA Z 99 14.18 3.87 4.49
N GLY Z 100 13.19 4.60 4.94
CA GLY Z 100 13.27 6.05 5.00
C GLY Z 100 12.75 6.74 3.78
N ASP Z 101 12.31 6.00 2.77
CA ASP Z 101 11.81 6.56 1.53
C ASP Z 101 10.48 5.92 1.19
N ALA Z 102 9.57 6.73 0.68
CA ALA Z 102 8.30 6.25 0.16
C ALA Z 102 8.44 5.56 -1.18
N SER Z 103 9.67 5.34 -1.64
CA SER Z 103 9.88 4.71 -2.94
C SER Z 103 9.33 3.31 -2.98
N VAL Z 104 9.52 2.53 -1.92
CA VAL Z 104 9.00 1.17 -1.93
C VAL Z 104 7.50 1.15 -2.14
N LEU Z 105 6.78 2.11 -1.55
CA LEU Z 105 5.34 2.19 -1.71
C LEU Z 105 4.97 2.46 -3.16
N ASP Z 106 5.57 3.47 -3.78
CA ASP Z 106 5.20 3.84 -5.14
C ASP Z 106 5.64 2.79 -6.15
N ASP Z 107 6.78 2.15 -5.92
CA ASP Z 107 7.26 1.15 -6.85
C ASP Z 107 6.52 -0.17 -6.73
N ARG Z 108 6.10 -0.55 -5.53
CA ARG Z 108 5.46 -1.84 -5.33
C ARG Z 108 4.04 -1.74 -4.82
N CYS Z 109 3.81 -1.14 -3.65
CA CYS Z 109 2.51 -1.23 -3.02
C CYS Z 109 1.45 -0.51 -3.83
N LEU Z 110 1.73 0.72 -4.24
CA LEU Z 110 0.75 1.54 -4.91
C LEU Z 110 1.01 1.64 -6.41
N ASN Z 111 1.64 0.62 -6.99
CA ASN Z 111 2.02 0.71 -8.40
C ASN Z 111 0.80 0.66 -9.30
N GLY Z 112 0.06 -0.43 -9.28
CA GLY Z 112 -1.14 -0.50 -10.09
C GLY Z 112 -2.39 -0.67 -9.27
N LEU Z 113 -2.42 -0.06 -8.08
CA LEU Z 113 -3.43 -0.42 -7.11
C LEU Z 113 -4.73 0.34 -7.31
N ARG Z 114 -4.65 1.64 -7.62
CA ARG Z 114 -5.86 2.39 -7.89
C ARG Z 114 -6.61 1.84 -9.09
N GLU Z 115 -5.88 1.47 -10.15
CA GLU Z 115 -6.52 0.86 -11.31
C GLU Z 115 -7.07 -0.51 -10.98
N THR Z 116 -6.40 -1.25 -10.10
CA THR Z 116 -6.92 -2.54 -9.67
C THR Z 116 -8.26 -2.40 -8.99
N TYR Z 117 -8.36 -1.46 -8.04
CA TYR Z 117 -9.60 -1.26 -7.33
C TYR Z 117 -10.67 -0.70 -8.25
N ASN Z 118 -10.30 0.22 -9.14
CA ASN Z 118 -11.26 0.80 -10.06
C ASN Z 118 -11.86 -0.27 -10.96
N ALA Z 119 -11.04 -1.17 -11.47
CA ALA Z 119 -11.55 -2.23 -12.31
C ALA Z 119 -12.36 -3.24 -11.50
N LEU Z 120 -12.03 -3.43 -10.24
CA LEU Z 120 -12.81 -4.37 -9.44
C LEU Z 120 -14.14 -3.78 -9.00
N GLY Z 121 -14.20 -2.47 -8.83
CA GLY Z 121 -15.37 -1.84 -8.25
C GLY Z 121 -15.24 -1.54 -6.78
N THR Z 122 -14.07 -1.70 -6.21
CA THR Z 122 -13.88 -1.44 -4.81
C THR Z 122 -14.05 0.05 -4.54
N PRO Z 123 -14.83 0.44 -3.53
CA PRO Z 123 -14.89 1.85 -3.17
C PRO Z 123 -13.59 2.33 -2.55
N THR Z 124 -12.82 3.10 -3.30
CA THR Z 124 -11.51 3.53 -2.85
C THR Z 124 -11.59 4.51 -1.69
N GLN Z 125 -12.70 5.22 -1.54
CA GLN Z 125 -12.88 6.04 -0.34
C GLN Z 125 -12.84 5.17 0.91
N SER Z 126 -13.46 4.00 0.84
CA SER Z 126 -13.45 3.09 1.98
C SER Z 126 -12.07 2.49 2.22
N VAL Z 127 -11.32 2.20 1.16
CA VAL Z 127 -9.97 1.71 1.34
C VAL Z 127 -9.10 2.77 2.01
N ALA Z 128 -9.21 4.02 1.55
CA ALA Z 128 -8.47 5.11 2.18
C ALA Z 128 -8.92 5.30 3.62
N ARG Z 129 -10.20 5.05 3.90
CA ARG Z 129 -10.68 5.11 5.27
C ARG Z 129 -10.06 4.02 6.12
N ALA Z 130 -9.97 2.81 5.59
CA ALA Z 130 -9.28 1.73 6.30
C ALA Z 130 -7.83 2.07 6.55
N VAL Z 131 -7.18 2.71 5.58
CA VAL Z 131 -5.78 3.09 5.77
C VAL Z 131 -5.64 4.16 6.85
N GLN Z 132 -6.56 5.12 6.88
CA GLN Z 132 -6.54 6.12 7.95
C GLN Z 132 -6.79 5.49 9.31
N LEU Z 133 -7.71 4.54 9.39
CA LEU Z 133 -7.94 3.84 10.64
C LEU Z 133 -6.71 3.08 11.08
N MET Z 134 -6.02 2.45 10.12
CA MET Z 134 -4.76 1.79 10.45
C MET Z 134 -3.73 2.77 10.94
N LYS Z 135 -3.68 3.96 10.36
CA LYS Z 135 -2.77 4.99 10.84
C LYS Z 135 -3.05 5.35 12.29
N ASP Z 136 -4.33 5.54 12.61
CA ASP Z 136 -4.71 5.83 13.99
C ASP Z 136 -4.32 4.70 14.91
N ALA Z 137 -4.60 3.46 14.52
CA ALA Z 137 -4.24 2.30 15.32
C ALA Z 137 -2.74 2.13 15.48
N ALA Z 138 -1.96 2.59 14.51
CA ALA Z 138 -0.52 2.40 14.55
C ALA Z 138 0.18 3.51 15.32
N MET Z 139 -0.39 4.70 15.35
CA MET Z 139 0.21 5.77 16.13
C MET Z 139 0.23 5.45 17.61
N VAL Z 140 -0.78 4.75 18.11
CA VAL Z 140 -0.83 4.46 19.54
C VAL Z 140 0.26 3.46 19.92
N HIS Z 141 0.62 2.59 18.99
CA HIS Z 141 1.69 1.65 19.24
C HIS Z 141 3.06 2.26 18.99
N LEU Z 142 3.16 3.18 18.04
CA LEU Z 142 4.42 3.89 17.83
C LEU Z 142 4.75 4.75 19.03
N LYS Z 143 3.76 5.46 19.57
CA LYS Z 143 3.98 6.37 20.68
C LYS Z 143 4.17 5.65 22.02
N SER Z 144 3.89 4.36 22.08
CA SER Z 144 3.98 3.64 23.35
C SER Z 144 5.42 3.62 23.84
N THR Z 145 5.67 4.28 24.97
CA THR Z 145 7.01 4.36 25.54
C THR Z 145 7.33 3.19 26.47
N ALA Z 146 6.40 2.27 26.65
CA ALA Z 146 6.68 1.11 27.48
C ALA Z 146 7.75 0.24 26.83
N ASN Z 147 8.65 -0.28 27.66
CA ASN Z 147 9.64 -1.26 27.27
C ASN Z 147 10.63 -0.74 26.23
N VAL Z 148 10.81 0.58 26.14
CA VAL Z 148 11.79 1.16 25.24
C VAL Z 148 12.31 2.45 25.87
N THR Z 149 13.59 2.74 25.62
CA THR Z 149 14.20 3.94 26.16
C THR Z 149 13.46 5.18 25.67
N VAL Z 150 13.11 6.07 26.60
CA VAL Z 150 12.28 7.21 26.27
C VAL Z 150 13.12 8.28 25.59
N GLY Z 151 12.56 8.88 24.55
CA GLY Z 151 13.26 9.94 23.85
C GLY Z 151 12.32 10.65 22.90
N ASP Z 152 12.89 11.55 22.12
CA ASP Z 152 12.14 12.31 21.13
C ASP Z 152 12.09 11.48 19.87
N CYS Z 153 10.88 11.15 19.42
CA CYS Z 153 10.66 10.38 18.21
C CYS Z 153 9.49 10.94 17.41
N SER Z 154 9.23 12.24 17.56
CA SER Z 154 8.10 12.84 16.86
C SER Z 154 8.30 12.80 15.35
N SER Z 155 9.56 12.90 14.92
CA SER Z 155 9.85 12.84 13.49
C SER Z 155 9.41 11.51 12.90
N LEU Z 156 9.64 10.42 13.61
CA LEU Z 156 9.22 9.11 13.12
C LEU Z 156 7.71 9.00 13.07
N TYR Z 157 7.02 9.57 14.05
CA TYR Z 157 5.56 9.58 14.00
C TYR Z 157 5.07 10.34 12.78
N SER Z 158 5.67 11.51 12.50
CA SER Z 158 5.28 12.29 11.34
C SER Z 158 5.58 11.55 10.05
N GLU Z 159 6.73 10.88 9.98
CA GLU Z 159 7.10 10.16 8.77
C GLU Z 159 6.15 9.00 8.51
N ALA Z 160 5.83 8.23 9.55
CA ALA Z 160 4.89 7.12 9.39
C ALA Z 160 3.51 7.64 9.02
N ALA Z 161 3.10 8.75 9.62
CA ALA Z 161 1.83 9.37 9.24
C ALA Z 161 1.83 9.70 7.76
N THR Z 162 2.91 10.30 7.26
CA THR Z 162 2.96 10.68 5.85
C THR Z 162 2.96 9.47 4.94
N TYR Z 163 3.56 8.36 5.37
CA TYR Z 163 3.52 7.16 4.53
C TYR Z 163 2.10 6.61 4.45
N PHE Z 164 1.41 6.58 5.59
CA PHE Z 164 0.01 6.15 5.57
C PHE Z 164 -0.82 7.08 4.70
N ASP Z 165 -0.56 8.39 4.78
CA ASP Z 165 -1.25 9.36 3.95
C ASP Z 165 -0.95 9.16 2.47
N LYS Z 166 0.30 8.85 2.13
CA LYS Z 166 0.64 8.61 0.74
C LYS Z 166 -0.11 7.39 0.20
N ALA Z 167 -0.20 6.33 1.00
CA ALA Z 167 -1.00 5.18 0.59
C ALA Z 167 -2.45 5.59 0.35
N ALA Z 168 -3.05 6.27 1.32
CA ALA Z 168 -4.45 6.64 1.22
C ALA Z 168 -4.71 7.56 0.03
N ALA Z 169 -3.80 8.51 -0.20
CA ALA Z 169 -3.93 9.44 -1.31
C ALA Z 169 -3.81 8.76 -2.66
N SER Z 170 -2.88 7.82 -2.79
CA SER Z 170 -2.81 7.05 -4.01
C SER Z 170 -4.07 6.24 -4.26
N ILE Z 171 -4.64 5.66 -3.20
CA ILE Z 171 -5.89 4.92 -3.38
C ILE Z 171 -7.01 5.83 -3.86
N ALA Z 172 -7.45 6.77 -3.01
CA ALA Z 172 -8.61 7.58 -3.30
C ALA Z 172 -8.33 8.63 -4.36
N ARG AA 17 1.51 -46.27 -17.62
CA ARG AA 17 1.97 -46.18 -16.24
C ARG AA 17 2.95 -45.03 -16.06
N ILE AA 18 3.69 -45.07 -14.96
CA ILE AA 18 4.71 -44.07 -14.67
C ILE AA 18 6.08 -44.73 -14.76
N TYR AA 19 7.01 -44.03 -15.40
CA TYR AA 19 8.36 -44.53 -15.63
C TYR AA 19 9.37 -43.54 -15.08
N LYS AA 20 10.38 -44.05 -14.38
CA LYS AA 20 11.46 -43.24 -13.85
C LYS AA 20 12.66 -43.33 -14.77
N ILE AA 21 13.09 -42.18 -15.29
CA ILE AA 21 14.22 -42.08 -16.20
C ILE AA 21 15.36 -41.43 -15.44
N THR AA 22 16.48 -42.12 -15.32
CA THR AA 22 17.68 -41.57 -14.70
C THR AA 22 18.55 -40.97 -15.78
N VAL AA 23 18.86 -39.69 -15.64
CA VAL AA 23 19.49 -38.91 -16.69
C VAL AA 23 20.93 -38.62 -16.28
N SER AA 24 21.83 -38.60 -17.26
CA SER AA 24 23.20 -38.18 -17.06
C SER AA 24 23.61 -37.28 -18.21
N GLU AA 25 24.64 -36.46 -17.97
CA GLU AA 25 25.19 -35.60 -19.01
C GLU AA 25 26.70 -35.72 -19.00
N ALA AA 26 27.26 -36.28 -20.07
CA ALA AA 26 28.67 -36.62 -20.12
C ALA AA 26 29.44 -35.76 -21.12
N GLY AA 27 28.84 -34.68 -21.60
CA GLY AA 27 29.57 -33.78 -22.46
C GLY AA 27 28.80 -33.14 -23.59
N ALA AA 28 27.84 -33.87 -24.18
CA ALA AA 28 26.99 -33.26 -25.20
C ALA AA 28 26.18 -32.11 -24.61
N TYR AA 29 25.53 -32.38 -23.47
CA TYR AA 29 24.89 -31.31 -22.72
C TYR AA 29 25.90 -30.27 -22.28
N ALA AA 30 27.10 -30.72 -21.88
CA ALA AA 30 28.13 -29.80 -21.44
C ALA AA 30 28.54 -28.85 -22.55
N THR AA 31 28.77 -29.37 -23.76
CA THR AA 31 29.20 -28.49 -24.84
C THR AA 31 28.06 -27.61 -25.32
N ASN AA 32 26.82 -28.11 -25.26
CA ASN AA 32 25.68 -27.25 -25.60
C ASN AA 32 25.58 -26.07 -24.63
N LYS AA 33 25.75 -26.34 -23.33
CA LYS AA 33 25.74 -25.27 -22.34
C LYS AA 33 26.94 -24.34 -22.53
N HIS AA 34 28.09 -24.88 -22.92
CA HIS AA 34 29.25 -24.05 -23.19
C HIS AA 34 29.01 -23.10 -24.34
N ARG AA 35 28.37 -23.57 -25.41
CA ARG AA 35 28.05 -22.69 -26.54
C ARG AA 35 27.02 -21.64 -26.12
N THR AA 36 25.92 -22.09 -25.52
CA THR AA 36 24.83 -21.17 -25.23
C THR AA 36 25.11 -20.31 -24.01
N GLY AA 37 25.92 -20.81 -23.08
CA GLY AA 37 26.21 -20.10 -21.85
C GLY AA 37 25.24 -20.47 -20.75
N TYR AA 38 25.72 -20.37 -19.50
CA TYR AA 38 24.90 -20.74 -18.36
C TYR AA 38 23.82 -19.70 -18.15
N ARG AA 39 22.60 -20.18 -18.13
CA ARG AA 39 21.43 -19.42 -18.54
C ARG AA 39 20.27 -19.64 -17.58
N ALA AA 40 20.30 -20.75 -16.84
CA ALA AA 40 19.70 -20.98 -15.54
C ALA AA 40 20.82 -21.54 -14.67
N PRO AA 41 20.73 -21.43 -13.34
CA PRO AA 41 21.85 -21.83 -12.48
C PRO AA 41 22.29 -23.27 -12.70
N ILE AA 42 23.59 -23.49 -12.55
CA ILE AA 42 24.19 -24.79 -12.83
C ILE AA 42 23.68 -25.85 -11.85
N ARG AA 43 23.61 -27.09 -12.32
CA ARG AA 43 23.11 -28.20 -11.52
C ARG AA 43 23.96 -29.43 -11.77
N GLN AA 44 23.82 -30.41 -10.86
CA GLN AA 44 24.58 -31.65 -10.98
C GLN AA 44 24.07 -32.48 -12.16
N SER AA 45 24.92 -33.39 -12.63
CA SER AA 45 24.65 -34.11 -13.87
C SER AA 45 23.59 -35.17 -13.67
N ASN AA 46 23.84 -36.16 -12.83
CA ASN AA 46 22.96 -37.31 -12.71
C ASN AA 46 21.72 -36.95 -11.92
N TYR AA 47 20.55 -37.09 -12.55
CA TYR AA 47 19.30 -36.84 -11.86
C TYR AA 47 18.21 -37.69 -12.52
N THR AA 48 17.14 -37.91 -11.76
CA THR AA 48 16.06 -38.81 -12.15
C THR AA 48 14.75 -38.05 -12.18
N LEU AA 49 13.95 -38.29 -13.22
CA LEU AA 49 12.64 -37.67 -13.35
C LEU AA 49 11.59 -38.75 -13.58
N THR AA 50 10.45 -38.60 -12.94
CA THR AA 50 9.32 -39.49 -13.14
C THR AA 50 8.43 -38.93 -14.23
N VAL AA 51 8.04 -39.79 -15.17
CA VAL AA 51 7.23 -39.35 -16.30
C VAL AA 51 6.08 -40.31 -16.50
N PRO AA 52 4.87 -39.83 -16.76
CA PRO AA 52 3.77 -40.72 -17.10
C PRO AA 52 3.93 -41.27 -18.50
N TYR AA 53 3.04 -42.20 -18.85
CA TYR AA 53 3.10 -42.80 -20.17
C TYR AA 53 2.74 -41.79 -21.25
N ASP AA 54 1.79 -40.89 -20.97
CA ASP AA 54 1.38 -39.93 -21.98
C ASP AA 54 2.53 -38.99 -22.36
N ARG AA 55 3.35 -38.62 -21.39
CA ARG AA 55 4.47 -37.71 -21.61
C ARG AA 55 5.78 -38.45 -21.81
N PHE AA 56 5.74 -39.79 -21.87
CA PHE AA 56 6.96 -40.57 -21.94
C PHE AA 56 7.76 -40.30 -23.20
N LEU AA 57 7.12 -40.38 -24.36
CA LEU AA 57 7.84 -40.15 -25.61
C LEU AA 57 8.40 -38.74 -25.73
N PRO AA 58 7.61 -37.66 -25.55
CA PRO AA 58 8.18 -36.32 -25.73
C PRO AA 58 9.35 -36.05 -24.80
N GLU AA 59 9.28 -36.52 -23.56
CA GLU AA 59 10.38 -36.31 -22.62
C GLU AA 59 11.62 -37.04 -23.10
N MET AA 60 11.44 -38.24 -23.65
CA MET AA 60 12.57 -39.00 -24.19
C MET AA 60 13.23 -38.27 -25.35
N ILE AA 61 12.42 -37.81 -26.30
CA ILE AA 61 12.97 -37.07 -27.44
C ILE AA 61 13.67 -35.81 -26.96
N ARG AA 62 13.08 -35.11 -25.99
CA ARG AA 62 13.66 -33.89 -25.47
C ARG AA 62 15.02 -34.15 -24.84
N LEU AA 63 15.13 -35.23 -24.06
CA LEU AA 63 16.42 -35.58 -23.49
C LEU AA 63 17.44 -35.90 -24.57
N HIS AA 64 17.02 -36.65 -25.60
CA HIS AA 64 17.96 -37.01 -26.66
C HIS AA 64 18.43 -35.77 -27.42
N GLN AA 65 17.51 -34.84 -27.68
CA GLN AA 65 17.87 -33.63 -28.40
C GLN AA 65 18.84 -32.77 -27.61
N SER AA 66 18.66 -32.71 -26.30
CA SER AA 66 19.47 -31.87 -25.43
C SER AA 66 20.90 -32.39 -25.27
N GLY AA 67 21.19 -33.58 -25.77
CA GLY AA 67 22.46 -34.22 -25.52
C GLY AA 67 22.51 -35.01 -24.24
N ALA AA 68 21.38 -35.17 -23.56
CA ALA AA 68 21.35 -35.91 -22.31
C ALA AA 68 21.57 -37.39 -22.56
N LYS AA 69 22.13 -38.05 -21.56
CA LYS AA 69 22.38 -39.49 -21.55
C LYS AA 69 21.47 -40.13 -20.51
N ILE AA 70 20.65 -41.09 -20.93
CA ILE AA 70 19.79 -41.81 -20.01
C ILE AA 70 20.44 -43.16 -19.71
N VAL AA 71 20.71 -43.40 -18.44
CA VAL AA 71 21.43 -44.60 -18.06
C VAL AA 71 20.50 -45.80 -17.90
N ASN AA 72 19.29 -45.58 -17.41
CA ASN AA 72 18.30 -46.65 -17.32
C ASN AA 72 16.92 -46.04 -17.15
N VAL AA 73 15.90 -46.81 -17.52
CA VAL AA 73 14.51 -46.45 -17.29
C VAL AA 73 13.86 -47.60 -16.52
N THR AA 74 13.09 -47.27 -15.51
CA THR AA 74 12.39 -48.26 -14.70
C THR AA 74 10.89 -48.01 -14.78
N SER AA 75 10.13 -49.10 -14.83
CA SER AA 75 8.67 -49.04 -14.84
C SER AA 75 8.16 -49.38 -13.45
N VAL AA 76 7.17 -48.63 -12.98
CA VAL AA 76 6.58 -48.88 -11.68
C VAL AA 76 5.08 -48.66 -11.72
N MET BA 1 -77.53 -34.56 18.45
CA MET BA 1 -77.08 -33.17 18.38
C MET BA 1 -75.74 -33.13 17.64
N GLY BA 2 -74.69 -32.71 18.32
CA GLY BA 2 -73.38 -32.63 17.72
C GLY BA 2 -72.66 -31.39 18.20
N LEU BA 3 -72.24 -30.58 17.24
CA LEU BA 3 -71.56 -29.33 17.55
C LEU BA 3 -72.56 -28.29 18.01
N PRO BA 4 -72.11 -27.30 18.78
CA PRO BA 4 -72.94 -26.14 19.05
C PRO BA 4 -73.13 -25.30 17.79
N LEU BA 5 -74.23 -24.56 17.76
CA LEU BA 5 -74.52 -23.68 16.66
C LEU BA 5 -73.65 -22.43 16.75
N LEU BA 6 -73.67 -21.62 15.70
CA LEU BA 6 -72.94 -20.36 15.70
C LEU BA 6 -73.71 -19.32 16.51
N ASP BA 7 -73.18 -18.09 16.53
CA ASP BA 7 -73.85 -16.99 17.21
C ASP BA 7 -75.06 -16.52 16.40
N THR BA 8 -76.07 -16.02 17.11
CA THR BA 8 -77.29 -15.58 16.44
C THR BA 8 -77.10 -14.24 15.74
N LYS BA 9 -76.36 -13.31 16.36
CA LYS BA 9 -75.95 -12.06 15.73
C LYS BA 9 -77.19 -11.26 15.31
N TYR BA 10 -77.92 -10.82 16.34
CA TYR BA 10 -79.28 -10.31 16.22
C TYR BA 10 -79.35 -9.07 15.35
N SER BA 11 -80.58 -8.65 15.06
CA SER BA 11 -80.86 -7.44 14.32
C SER BA 11 -82.12 -6.80 14.88
N SER BA 12 -82.26 -5.50 14.66
CA SER BA 12 -83.40 -4.77 15.21
C SER BA 12 -84.66 -5.12 14.41
N LYS BA 13 -85.65 -5.65 15.10
CA LYS BA 13 -86.90 -6.07 14.49
C LYS BA 13 -88.06 -5.67 15.39
N PRO BA 14 -89.26 -5.50 14.83
CA PRO BA 14 -90.40 -5.11 15.67
C PRO BA 14 -90.71 -6.07 16.80
N HIS BA 15 -90.60 -7.37 16.56
CA HIS BA 15 -90.93 -8.35 17.59
C HIS BA 15 -90.01 -8.25 18.78
N ARG BA 16 -88.76 -7.83 18.56
CA ARG BA 16 -87.79 -7.76 19.66
C ARG BA 16 -88.21 -6.72 20.68
N VAL BA 17 -88.97 -5.73 20.24
CA VAL BA 17 -89.41 -4.62 21.10
C VAL BA 17 -90.91 -4.44 20.84
N ALA BA 18 -91.73 -5.11 21.64
CA ALA BA 18 -93.17 -5.08 21.45
C ALA BA 18 -93.87 -4.90 22.77
N SER BA 19 -93.29 -4.09 23.65
CA SER BA 19 -93.95 -3.76 24.91
C SER BA 19 -95.25 -3.02 24.69
N ILE BA 20 -95.35 -2.26 23.60
CA ILE BA 20 -96.47 -1.36 23.34
C ILE BA 20 -97.44 -2.07 22.42
N PRO BA 21 -98.75 -1.87 22.58
CA PRO BA 21 -99.70 -2.47 21.63
C PRO BA 21 -99.40 -2.00 20.21
N ALA BA 22 -99.63 -2.90 19.26
CA ALA BA 22 -99.44 -2.59 17.85
C ALA BA 22 -100.36 -1.44 17.45
N VAL BA 23 -100.09 -0.87 16.28
CA VAL BA 23 -100.84 0.31 15.84
C VAL BA 23 -102.32 -0.02 15.65
N ASN BA 24 -102.63 -1.07 14.89
CA ASN BA 24 -104.01 -1.39 14.54
C ASN BA 24 -104.36 -2.75 15.12
N ALA BA 25 -105.49 -2.82 15.81
CA ALA BA 25 -105.92 -4.08 16.42
C ALA BA 25 -106.37 -5.06 15.37
N GLU BA 26 -107.11 -4.59 14.35
CA GLU BA 26 -107.58 -5.48 13.31
C GLU BA 26 -106.42 -6.05 12.51
N ASP BA 27 -105.29 -5.35 12.48
CA ASP BA 27 -104.11 -5.86 11.80
C ASP BA 27 -103.29 -6.77 12.69
N LYS BA 28 -103.66 -6.90 13.95
CA LYS BA 28 -103.01 -7.88 14.81
C LYS BA 28 -103.47 -9.27 14.41
N PRO BA 29 -102.55 -10.20 14.14
CA PRO BA 29 -102.95 -11.56 13.79
C PRO BA 29 -103.79 -12.21 14.87
N TRP BA 30 -104.74 -13.02 14.45
CA TRP BA 30 -105.60 -13.74 15.39
C TRP BA 30 -104.80 -14.80 16.14
N VAL BA 31 -104.83 -14.70 17.45
CA VAL BA 31 -104.07 -15.58 18.33
C VAL BA 31 -105.01 -16.75 18.64
N LEU BA 32 -104.95 -17.78 17.81
CA LEU BA 32 -105.82 -18.93 17.95
C LEU BA 32 -105.25 -19.90 18.98
N ASP BA 33 -106.12 -20.46 19.81
CA ASP BA 33 -105.68 -21.19 20.98
C ASP BA 33 -106.51 -22.45 21.16
N ARG BA 34 -106.35 -23.08 22.33
CA ARG BA 34 -106.97 -24.37 22.60
C ARG BA 34 -108.49 -24.26 22.74
N TYR BA 35 -108.97 -23.17 23.32
CA TYR BA 35 -110.41 -23.01 23.49
C TYR BA 35 -111.15 -22.95 22.15
N ASP BA 36 -110.43 -22.72 21.05
CA ASP BA 36 -111.03 -22.85 19.72
C ASP BA 36 -111.27 -24.30 19.33
N LEU BA 37 -110.59 -25.24 19.96
CA LEU BA 37 -110.65 -26.63 19.55
C LEU BA 37 -111.93 -27.31 20.02
N ARG BA 38 -112.65 -26.72 20.97
CA ARG BA 38 -113.77 -27.42 21.60
C ARG BA 38 -115.00 -27.45 20.68
N ASP BA 39 -115.26 -26.35 19.99
CA ASP BA 39 -116.37 -26.32 19.04
C ASP BA 39 -115.99 -27.11 17.79
N GLU BA 40 -116.95 -27.33 16.91
CA GLU BA 40 -116.70 -28.01 15.65
C GLU BA 40 -116.31 -27.04 14.54
N GLN BA 41 -117.14 -26.01 14.31
CA GLN BA 41 -116.80 -25.00 13.32
C GLN BA 41 -115.53 -24.25 13.72
N GLY BA 42 -115.38 -23.96 15.02
CA GLY BA 42 -114.15 -23.36 15.49
C GLY BA 42 -112.95 -24.26 15.22
N LEU BA 43 -113.11 -25.57 15.38
CA LEU BA 43 -112.02 -26.48 15.09
C LEU BA 43 -111.68 -26.49 13.61
N GLN BA 44 -112.70 -26.43 12.75
CA GLN BA 44 -112.44 -26.35 11.32
C GLN BA 44 -111.71 -25.06 10.96
N SER BA 45 -112.09 -23.95 11.58
CA SER BA 45 -111.40 -22.69 11.32
C SER BA 45 -109.96 -22.75 11.82
N PHE BA 46 -109.73 -23.38 12.97
CA PHE BA 46 -108.37 -23.55 13.46
C PHE BA 46 -107.53 -24.38 12.52
N ILE BA 47 -108.10 -25.47 12.00
CA ILE BA 47 -107.36 -26.32 11.08
C ILE BA 47 -107.04 -25.58 9.80
N PHE BA 48 -108.00 -24.82 9.27
CA PHE BA 48 -107.74 -24.02 8.09
C PHE BA 48 -106.64 -23.00 8.36
N ALA BA 49 -106.66 -22.39 9.53
CA ALA BA 49 -105.64 -21.39 9.85
C ALA BA 49 -104.27 -22.02 9.98
N ALA BA 50 -104.19 -23.21 10.55
CA ALA BA 50 -102.91 -23.92 10.61
C ALA BA 50 -102.39 -24.24 9.22
N TYR BA 51 -103.26 -24.72 8.34
CA TYR BA 51 -102.81 -25.01 6.98
C TYR BA 51 -102.42 -23.74 6.25
N ARG BA 52 -103.12 -22.63 6.48
CA ARG BA 52 -102.72 -21.39 5.86
C ARG BA 52 -101.39 -20.89 6.39
N GLN BA 53 -101.16 -21.06 7.69
CA GLN BA 53 -99.93 -20.56 8.28
C GLN BA 53 -98.72 -21.35 7.81
N ILE BA 54 -98.82 -22.67 7.75
CA ILE BA 54 -97.68 -23.51 7.40
C ILE BA 54 -97.61 -23.78 5.91
N PHE BA 55 -98.70 -24.23 5.31
CA PHE BA 55 -98.75 -24.63 3.91
C PHE BA 55 -99.03 -23.48 2.94
N SER BA 56 -99.55 -22.37 3.43
CA SER BA 56 -99.71 -21.12 2.68
C SER BA 56 -100.90 -21.12 1.71
N GLU BA 57 -101.99 -21.79 2.05
CA GLU BA 57 -103.30 -21.48 1.46
C GLU BA 57 -103.43 -21.90 0.00
N HIS BA 58 -102.33 -22.24 -0.63
CA HIS BA 58 -102.38 -22.80 -1.97
C HIS BA 58 -102.09 -24.28 -1.97
N LEU BA 59 -101.53 -24.78 -0.88
CA LEU BA 59 -101.37 -26.20 -0.66
C LEU BA 59 -102.51 -26.77 0.15
N ILE BA 60 -103.56 -26.00 0.38
CA ILE BA 60 -104.74 -26.53 1.05
C ILE BA 60 -105.57 -27.22 -0.01
N LEU BA 61 -105.26 -28.48 -0.24
CA LEU BA 61 -105.97 -29.32 -1.19
C LEU BA 61 -106.40 -30.58 -0.46
N GLU BA 62 -107.42 -31.25 -0.99
CA GLU BA 62 -107.88 -32.48 -0.36
C GLU BA 62 -106.81 -33.55 -0.38
N SER BA 63 -105.81 -33.43 -1.26
CA SER BA 63 -104.73 -34.41 -1.29
C SER BA 63 -103.63 -34.09 -0.30
N ASN BA 64 -103.50 -32.83 0.11
CA ASN BA 64 -102.48 -32.45 1.07
C ASN BA 64 -102.98 -32.50 2.50
N ARG BA 65 -104.24 -32.86 2.71
CA ARG BA 65 -104.87 -32.73 4.01
C ARG BA 65 -104.42 -33.87 4.92
N GLN BA 66 -103.90 -33.52 6.09
CA GLN BA 66 -103.48 -34.52 7.07
C GLN BA 66 -104.68 -34.95 7.89
N THR BA 67 -105.25 -36.10 7.56
CA THR BA 67 -106.44 -36.58 8.23
C THR BA 67 -106.16 -37.03 9.67
N GLU BA 68 -105.07 -37.76 9.88
CA GLU BA 68 -104.79 -38.31 11.20
C GLU BA 68 -104.48 -37.23 12.22
N LEU BA 69 -103.70 -36.22 11.82
CA LEU BA 69 -103.44 -35.12 12.73
C LEU BA 69 -104.72 -34.38 13.07
N GLU BA 70 -105.60 -34.22 12.08
CA GLU BA 70 -106.87 -33.55 12.37
C GLU BA 70 -107.71 -34.35 13.35
N SER BA 71 -107.73 -35.68 13.20
CA SER BA 71 -108.47 -36.50 14.15
C SER BA 71 -107.86 -36.42 15.54
N GLN BA 72 -106.54 -36.48 15.65
CA GLN BA 72 -105.90 -36.38 16.96
C GLN BA 72 -106.19 -35.03 17.59
N LEU BA 73 -106.16 -33.96 16.79
CA LEU BA 73 -106.49 -32.63 17.29
C LEU BA 73 -107.93 -32.58 17.76
N ARG BA 74 -108.82 -33.25 17.04
CA ARG BA 74 -110.22 -33.31 17.46
C ARG BA 74 -110.37 -34.01 18.81
N ASN BA 75 -109.64 -35.11 19.02
CA ASN BA 75 -109.74 -35.80 20.31
C ASN BA 75 -109.26 -34.91 21.45
N GLY BA 76 -108.17 -34.17 21.23
CA GLY BA 76 -107.49 -33.50 22.31
C GLY BA 76 -106.26 -34.23 22.79
N LYS BA 77 -105.86 -35.30 22.12
CA LYS BA 77 -104.65 -36.03 22.45
C LYS BA 77 -103.40 -35.35 21.91
N LEU BA 78 -103.57 -34.25 21.17
CA LEU BA 78 -102.48 -33.61 20.44
C LEU BA 78 -102.43 -32.14 20.81
N LEU BA 79 -101.25 -31.67 21.20
CA LEU BA 79 -101.04 -30.25 21.42
C LEU BA 79 -100.98 -29.51 20.09
N VAL BA 80 -101.27 -28.22 20.13
CA VAL BA 80 -101.19 -27.41 18.92
C VAL BA 80 -99.75 -27.39 18.42
N LYS BA 81 -98.78 -27.36 19.34
CA LYS BA 81 -97.39 -27.45 18.95
C LYS BA 81 -97.11 -28.74 18.21
N ASP BA 82 -97.67 -29.86 18.69
CA ASP BA 82 -97.46 -31.13 18.02
C ASP BA 82 -98.16 -31.17 16.67
N PHE BA 83 -99.32 -30.52 16.55
CA PHE BA 83 -99.96 -30.42 15.24
C PHE BA 83 -99.10 -29.65 14.26
N VAL BA 84 -98.50 -28.55 14.71
CA VAL BA 84 -97.63 -27.75 13.84
C VAL BA 84 -96.40 -28.55 13.46
N ARG BA 85 -95.80 -29.26 14.41
CA ARG BA 85 -94.64 -30.07 14.12
C ARG BA 85 -94.97 -31.19 13.15
N GLY BA 86 -96.13 -31.82 13.31
CA GLY BA 86 -96.56 -32.85 12.39
C GLY BA 86 -96.81 -32.32 10.99
N LEU BA 87 -97.35 -31.11 10.88
CA LEU BA 87 -97.47 -30.50 9.57
C LEU BA 87 -96.08 -30.23 8.97
N GLY BA 88 -95.13 -29.81 9.80
CA GLY BA 88 -93.78 -29.63 9.30
C GLY BA 88 -93.14 -30.93 8.86
N LYS BA 89 -93.24 -31.97 9.67
CA LYS BA 89 -92.69 -33.28 9.33
C LYS BA 89 -93.73 -34.10 8.56
N SER BA 90 -94.09 -33.61 7.38
CA SER BA 90 -95.06 -34.28 6.55
C SER BA 90 -94.51 -34.35 5.14
N GLU BA 91 -95.00 -35.35 4.39
CA GLU BA 91 -94.48 -35.55 3.04
C GLU BA 91 -94.83 -34.39 2.13
N VAL BA 92 -96.02 -33.80 2.32
CA VAL BA 92 -96.39 -32.65 1.52
C VAL BA 92 -95.48 -31.46 1.81
N PHE BA 93 -95.20 -31.21 3.09
CA PHE BA 93 -94.36 -30.06 3.40
C PHE BA 93 -92.99 -30.21 2.80
N ARG BA 94 -92.38 -31.39 2.92
CA ARG BA 94 -91.09 -31.61 2.29
C ARG BA 94 -91.18 -31.45 0.78
N ARG BA 95 -92.07 -32.21 0.15
CA ARG BA 95 -92.12 -32.29 -1.30
C ARG BA 95 -92.46 -30.96 -1.93
N LEU BA 96 -93.14 -30.08 -1.21
CA LEU BA 96 -93.55 -28.81 -1.80
C LEU BA 96 -92.69 -27.64 -1.38
N VAL BA 97 -92.12 -27.64 -0.18
CA VAL BA 97 -91.43 -26.49 0.36
C VAL BA 97 -89.93 -26.74 0.49
N LEU BA 98 -89.54 -27.93 0.96
CA LEU BA 98 -88.11 -28.20 1.12
C LEU BA 98 -87.44 -28.40 -0.22
N GLU BA 99 -88.08 -29.17 -1.10
CA GLU BA 99 -87.42 -29.60 -2.33
C GLU BA 99 -87.08 -28.46 -3.28
N PRO BA 100 -87.99 -27.53 -3.61
CA PRO BA 100 -87.60 -26.46 -4.53
C PRO BA 100 -86.46 -25.60 -4.02
N ASN BA 101 -86.40 -25.38 -2.72
CA ASN BA 101 -85.52 -24.39 -2.12
C ASN BA 101 -84.19 -25.00 -1.72
N THR BA 102 -83.22 -24.13 -1.53
CA THR BA 102 -81.99 -24.53 -0.86
C THR BA 102 -82.28 -24.74 0.61
N ASN BA 103 -81.26 -25.12 1.36
CA ASN BA 103 -81.42 -25.18 2.80
C ASN BA 103 -81.75 -23.81 3.35
N TYR BA 104 -81.22 -22.77 2.72
CA TYR BA 104 -81.25 -21.44 3.30
C TYR BA 104 -82.60 -20.78 3.10
N ARG BA 105 -83.14 -20.86 1.88
CA ARG BA 105 -84.47 -20.33 1.66
C ARG BA 105 -85.51 -21.15 2.39
N PHE BA 106 -85.29 -22.45 2.54
CA PHE BA 106 -86.18 -23.26 3.37
C PHE BA 106 -86.13 -22.81 4.82
N VAL BA 107 -84.94 -22.48 5.32
CA VAL BA 107 -84.82 -21.96 6.67
C VAL BA 107 -85.57 -20.66 6.81
N GLU BA 108 -85.45 -19.79 5.81
CA GLU BA 108 -86.16 -18.51 5.86
C GLU BA 108 -87.67 -18.70 5.89
N ILE BA 109 -88.18 -19.58 5.03
CA ILE BA 109 -89.60 -19.87 5.01
C ILE BA 109 -90.04 -20.44 6.35
N CYS BA 110 -89.25 -21.35 6.90
CA CYS BA 110 -89.61 -21.94 8.18
C CYS BA 110 -89.58 -20.94 9.31
N LEU BA 111 -88.62 -20.01 9.32
CA LEU BA 111 -88.66 -18.96 10.32
C LEU BA 111 -89.93 -18.14 10.18
N LYS BA 112 -90.27 -17.75 8.96
CA LYS BA 112 -91.44 -16.92 8.74
C LYS BA 112 -92.74 -17.63 9.07
N ARG BA 113 -92.78 -18.96 8.98
CA ARG BA 113 -94.03 -19.68 9.16
C ARG BA 113 -94.19 -20.33 10.53
N PHE BA 114 -93.10 -20.77 11.15
CA PHE BA 114 -93.17 -21.37 12.46
C PHE BA 114 -92.88 -20.36 13.56
N LEU BA 115 -91.98 -19.41 13.30
CA LEU BA 115 -91.65 -18.42 14.30
C LEU BA 115 -92.30 -17.08 14.03
N GLY BA 116 -92.80 -16.86 12.82
CA GLY BA 116 -93.53 -15.66 12.53
C GLY BA 116 -92.72 -14.42 12.29
N ARG BA 117 -91.40 -14.55 12.15
CA ARG BA 117 -90.56 -13.40 11.90
C ARG BA 117 -89.52 -13.73 10.85
N GLU BA 118 -89.22 -12.73 10.02
CA GLU BA 118 -88.22 -12.88 9.00
C GLU BA 118 -86.84 -13.03 9.67
N PRO BA 119 -85.90 -13.66 8.98
CA PRO BA 119 -84.59 -13.88 9.59
C PRO BA 119 -83.90 -12.57 9.94
N TYR BA 120 -83.08 -12.63 10.98
CA TYR BA 120 -82.30 -11.45 11.37
C TYR BA 120 -81.40 -11.01 10.24
N ASN BA 121 -80.76 -11.97 9.58
CA ASN BA 121 -79.76 -11.73 8.56
C ASN BA 121 -79.39 -13.07 7.93
N LYS BA 122 -78.53 -13.04 6.93
CA LYS BA 122 -78.16 -14.26 6.22
C LYS BA 122 -77.40 -15.22 7.11
N GLN BA 123 -76.61 -14.70 8.05
CA GLN BA 123 -75.88 -15.58 8.96
C GLN BA 123 -76.81 -16.42 9.81
N GLU BA 124 -78.04 -15.97 10.03
CA GLU BA 124 -79.00 -16.82 10.72
C GLU BA 124 -79.44 -18.00 9.84
N LEU BA 125 -79.67 -17.75 8.55
CA LEU BA 125 -79.92 -18.85 7.64
C LEU BA 125 -78.76 -19.82 7.64
N ILE BA 126 -77.53 -19.30 7.64
CA ILE BA 126 -76.35 -20.15 7.65
C ILE BA 126 -76.30 -20.99 8.91
N LYS BA 127 -76.53 -20.39 10.07
CA LYS BA 127 -76.41 -21.13 11.32
C LYS BA 127 -77.51 -22.16 11.49
N TRP BA 128 -78.71 -21.88 10.96
CA TRP BA 128 -79.79 -22.85 11.07
C TRP BA 128 -79.68 -23.97 10.07
N SER BA 129 -79.16 -23.69 8.87
CA SER BA 129 -79.18 -24.67 7.80
C SER BA 129 -78.33 -25.88 8.09
N ILE BA 130 -77.37 -25.77 9.01
CA ILE BA 130 -76.52 -26.93 9.28
C ILE BA 130 -77.31 -28.01 10.00
N ILE BA 131 -78.37 -27.63 10.73
CA ILE BA 131 -79.21 -28.64 11.34
C ILE BA 131 -79.87 -29.49 10.27
N ILE BA 132 -80.39 -28.84 9.22
CA ILE BA 132 -80.89 -29.59 8.07
C ILE BA 132 -79.78 -30.44 7.49
N ALA BA 133 -78.68 -29.82 7.12
CA ALA BA 133 -77.62 -30.50 6.39
C ALA BA 133 -77.13 -31.73 7.13
N GLU BA 134 -77.16 -31.71 8.45
CA GLU BA 134 -76.56 -32.78 9.23
C GLU BA 134 -77.56 -33.72 9.88
N LYS BA 135 -78.85 -33.35 9.98
CA LYS BA 135 -79.81 -34.18 10.69
C LYS BA 135 -81.17 -34.29 10.02
N GLY BA 136 -81.41 -33.56 8.94
CA GLY BA 136 -82.70 -33.61 8.29
C GLY BA 136 -83.63 -32.50 8.75
N TYR BA 137 -84.54 -32.13 7.85
CA TYR BA 137 -85.50 -31.10 8.20
C TYR BA 137 -86.42 -31.55 9.31
N HIS BA 138 -86.53 -32.85 9.56
CA HIS BA 138 -87.26 -33.34 10.73
C HIS BA 138 -86.66 -32.81 12.01
N ALA BA 139 -85.36 -32.98 12.18
CA ALA BA 139 -84.69 -32.45 13.36
C ALA BA 139 -84.69 -30.94 13.35
N PHE BA 140 -84.64 -30.32 12.17
CA PHE BA 140 -84.74 -28.86 12.13
C PHE BA 140 -86.09 -28.39 12.65
N ILE BA 141 -87.17 -29.04 12.24
CA ILE BA 141 -88.50 -28.66 12.68
C ILE BA 141 -88.65 -28.86 14.18
N ASP BA 142 -88.14 -29.98 14.69
CA ASP BA 142 -88.17 -30.19 16.13
C ASP BA 142 -87.36 -29.11 16.86
N ALA BA 143 -86.22 -28.72 16.30
CA ALA BA 143 -85.39 -27.70 16.92
C ALA BA 143 -86.12 -26.37 16.99
N VAL BA 144 -86.84 -26.01 15.92
CA VAL BA 144 -87.59 -24.76 15.93
C VAL BA 144 -88.75 -24.83 16.92
N VAL BA 145 -89.56 -25.88 16.86
CA VAL BA 145 -90.78 -25.91 17.64
C VAL BA 145 -90.50 -26.21 19.11
N ASP BA 146 -89.38 -26.83 19.42
CA ASP BA 146 -88.98 -27.04 20.81
C ASP BA 146 -88.04 -25.94 21.31
N GLY BA 147 -87.72 -24.99 20.46
CA GLY BA 147 -86.77 -23.97 20.83
C GLY BA 147 -87.29 -23.02 21.88
N ALA BA 148 -86.38 -22.21 22.40
CA ALA BA 148 -86.76 -21.21 23.39
C ALA BA 148 -87.68 -20.16 22.80
N GLU BA 149 -87.37 -19.70 21.59
CA GLU BA 149 -88.13 -18.60 21.01
C GLU BA 149 -89.56 -19.00 20.72
N TYR BA 150 -89.77 -20.21 20.20
CA TYR BA 150 -91.13 -20.67 19.97
C TYR BA 150 -91.89 -20.85 21.27
N ALA BA 151 -91.23 -21.41 22.28
CA ALA BA 151 -91.90 -21.60 23.56
C ALA BA 151 -92.30 -20.27 24.19
N GLU BA 152 -91.45 -19.25 24.02
CA GLU BA 152 -91.78 -17.93 24.54
C GLU BA 152 -92.89 -17.26 23.74
N ALA BA 153 -92.81 -17.31 22.42
CA ALA BA 153 -93.73 -16.53 21.60
C ALA BA 153 -95.12 -17.13 21.60
N PHE BA 154 -95.22 -18.44 21.43
CA PHE BA 154 -96.51 -19.08 21.24
C PHE BA 154 -96.86 -20.09 22.32
N GLY BA 155 -95.95 -20.99 22.66
CA GLY BA 155 -96.25 -22.00 23.65
C GLY BA 155 -96.91 -23.22 23.03
N GLU BA 156 -97.35 -24.12 23.92
CA GLU BA 156 -97.87 -25.41 23.46
C GLU BA 156 -99.30 -25.31 22.95
N ASP BA 157 -100.01 -24.24 23.28
CA ASP BA 157 -101.43 -24.21 22.94
C ASP BA 157 -101.78 -23.16 21.90
N THR BA 158 -100.84 -22.30 21.53
CA THR BA 158 -101.13 -21.27 20.54
C THR BA 158 -100.60 -21.67 19.17
N LEU BA 159 -101.33 -21.28 18.15
CA LEU BA 159 -100.96 -21.48 16.76
C LEU BA 159 -100.15 -20.29 16.27
N PRO BA 160 -99.02 -20.55 15.62
CA PRO BA 160 -98.13 -19.46 15.22
C PRO BA 160 -98.83 -18.44 14.33
N TYR BA 161 -98.46 -17.19 14.54
CA TYR BA 161 -98.96 -16.07 13.76
C TYR BA 161 -97.79 -15.15 13.51
N GLN BA 162 -97.87 -14.37 12.45
CA GLN BA 162 -96.74 -13.55 12.10
C GLN BA 162 -96.61 -12.40 13.08
N ARG BA 163 -95.40 -12.22 13.61
CA ARG BA 163 -95.14 -11.16 14.58
C ARG BA 163 -94.75 -9.89 13.83
N ARG BA 164 -95.71 -9.41 13.05
CA ARG BA 164 -95.55 -8.29 12.15
C ARG BA 164 -96.94 -7.70 11.90
N PRO BA 165 -97.05 -6.40 11.66
CA PRO BA 165 -98.38 -5.78 11.61
C PRO BA 165 -99.38 -6.40 10.65
N LEU BA 166 -98.98 -7.36 9.83
CA LEU BA 166 -99.87 -8.15 9.00
C LEU BA 166 -100.51 -7.31 7.89
N SER BA 167 -100.25 -6.01 7.89
CA SER BA 167 -100.43 -5.23 6.67
C SER BA 167 -99.39 -5.60 5.63
N GLN BA 168 -98.38 -6.39 6.02
CA GLN BA 168 -97.34 -6.89 5.14
C GLN BA 168 -97.19 -8.39 5.37
N PRO BA 169 -98.11 -9.17 4.81
CA PRO BA 169 -98.13 -10.62 5.11
C PRO BA 169 -96.92 -11.34 4.53
N PHE BA 170 -96.54 -12.43 5.22
CA PHE BA 170 -95.35 -13.18 4.83
C PHE BA 170 -95.60 -14.04 3.59
N ASN BA 171 -96.75 -14.70 3.53
CA ASN BA 171 -96.99 -15.63 2.43
C ASN BA 171 -96.99 -14.93 1.09
N LEU BA 172 -97.39 -13.66 1.06
CA LEU BA 172 -97.40 -12.93 -0.20
C LEU BA 172 -95.98 -12.72 -0.71
N THR BA 173 -95.05 -12.38 0.18
CA THR BA 173 -93.70 -12.06 -0.25
C THR BA 173 -92.87 -13.31 -0.50
N THR BA 174 -93.16 -14.39 0.22
CA THR BA 174 -92.35 -15.60 0.11
C THR BA 174 -93.16 -16.75 -0.47
N PRO BA 175 -93.02 -17.06 -1.74
CA PRO BA 175 -93.61 -18.28 -2.28
C PRO BA 175 -92.78 -19.49 -1.88
N ARG BA 176 -93.35 -20.67 -2.10
CA ARG BA 176 -92.62 -21.89 -1.75
C ARG BA 176 -91.41 -22.06 -2.64
N LEU BA 177 -91.45 -21.57 -3.87
CA LEU BA 177 -90.31 -21.58 -4.77
C LEU BA 177 -90.15 -20.21 -5.37
N ALA BA 178 -88.90 -19.83 -5.65
CA ALA BA 178 -88.59 -18.52 -6.19
C ALA BA 178 -87.33 -18.62 -7.03
N ASP BA 179 -87.44 -18.26 -8.30
CA ASP BA 179 -86.31 -18.11 -9.20
C ASP BA 179 -85.55 -19.43 -9.38
N ILE BA 180 -86.30 -20.46 -9.71
CA ILE BA 180 -85.76 -21.77 -10.04
C ILE BA 180 -86.39 -22.21 -11.36
N PHE BA 181 -85.73 -23.10 -12.07
CA PHE BA 181 -86.33 -23.69 -13.25
C PHE BA 181 -86.95 -25.02 -12.86
N GLN BA 182 -88.21 -25.19 -13.23
CA GLN BA 182 -88.98 -26.36 -12.84
C GLN BA 182 -89.01 -27.37 -13.97
N ASP BA 183 -88.72 -28.62 -13.61
CA ASP BA 183 -88.56 -29.67 -14.60
C ASP BA 183 -89.91 -29.99 -15.25
N ASP BA 184 -91.01 -29.77 -14.52
CA ASP BA 184 -92.34 -29.98 -15.09
C ASP BA 184 -92.84 -28.78 -15.89
N GLN BA 185 -92.29 -27.59 -15.69
CA GLN BA 185 -92.63 -26.43 -16.49
C GLN BA 185 -91.72 -26.25 -17.69
N ARG BA 186 -92.02 -25.18 -18.42
CA ARG BA 186 -91.41 -24.84 -19.68
C ARG BA 186 -91.00 -23.38 -19.59
N SER BA 187 -89.90 -23.04 -20.26
CA SER BA 187 -89.44 -21.67 -20.20
C SER BA 187 -90.47 -20.75 -20.86
N PRO BA 188 -90.62 -19.54 -20.37
CA PRO BA 188 -91.67 -18.66 -20.92
C PRO BA 188 -91.55 -18.42 -22.42
N TRP BA 189 -90.33 -18.38 -22.95
CA TRP BA 189 -90.17 -18.19 -24.39
C TRP BA 189 -90.54 -19.44 -25.18
N GLU BA 190 -90.42 -20.62 -24.57
CA GLU BA 190 -90.66 -21.86 -25.30
C GLU BA 190 -92.13 -22.01 -25.62
N ARG BA 191 -92.40 -22.86 -26.61
CA ARG BA 191 -93.75 -23.10 -27.09
C ARG BA 191 -94.02 -24.60 -27.03
N TYR BA 192 -95.28 -24.95 -26.90
CA TYR BA 192 -95.65 -26.36 -26.83
C TYR BA 192 -95.32 -27.06 -28.14
N ALA BA 193 -94.70 -28.23 -28.04
CA ALA BA 193 -94.30 -29.03 -29.20
C ALA BA 193 -94.90 -30.42 -29.03
N GLY BA 194 -96.16 -30.57 -29.45
CA GLY BA 194 -96.86 -31.82 -29.30
C GLY BA 194 -98.18 -31.84 -30.04
N PRO BA 195 -98.97 -32.88 -29.80
CA PRO BA 195 -100.27 -32.97 -30.47
C PRO BA 195 -101.18 -31.80 -30.12
N LYS BA 196 -101.93 -31.34 -31.10
CA LYS BA 196 -102.84 -30.22 -30.89
C LYS BA 196 -104.24 -30.70 -30.53
N PHE BA 197 -104.59 -31.93 -30.87
CA PHE BA 197 -105.80 -32.65 -30.47
C PHE BA 197 -107.09 -31.98 -30.94
N PHE BA 198 -107.01 -30.82 -31.58
CA PHE BA 198 -108.21 -30.11 -32.02
C PHE BA 198 -107.81 -28.89 -32.84
N VAL BA 199 -108.80 -28.32 -33.52
CA VAL BA 199 -108.62 -27.09 -34.31
C VAL BA 199 -109.76 -26.16 -33.92
N GLY BA 200 -109.53 -25.31 -32.91
CA GLY BA 200 -110.49 -24.27 -32.62
C GLY BA 200 -110.14 -22.94 -33.23
N TRP BA 201 -110.66 -22.68 -34.43
CA TRP BA 201 -110.43 -21.47 -35.23
C TRP BA 201 -109.04 -20.88 -35.05
N LYS BA 202 -107.99 -21.68 -35.23
CA LYS BA 202 -106.68 -21.06 -35.38
C LYS BA 202 -106.54 -20.37 -36.73
N ASP BA 203 -107.46 -20.66 -37.66
CA ASP BA 203 -107.47 -19.95 -38.94
C ASP BA 203 -107.69 -18.46 -38.75
N THR BA 204 -108.56 -18.10 -37.81
CA THR BA 204 -108.96 -16.70 -37.65
C THR BA 204 -107.76 -15.79 -37.45
N VAL BA 205 -106.74 -16.26 -36.74
CA VAL BA 205 -105.55 -15.45 -36.54
C VAL BA 205 -104.44 -15.93 -37.47
N GLU BA 206 -103.99 -17.17 -37.29
CA GLU BA 206 -102.82 -17.63 -38.02
C GLU BA 206 -103.15 -17.92 -39.47
N GLY BA 207 -104.28 -18.58 -39.73
CA GLY BA 207 -104.53 -19.08 -41.07
C GLY BA 207 -104.71 -17.99 -42.09
N TYR BA 208 -105.45 -16.94 -41.75
CA TYR BA 208 -105.83 -15.95 -42.74
C TYR BA 208 -104.62 -15.18 -43.22
N THR BA 209 -104.49 -15.07 -44.54
CA THR BA 209 -103.46 -14.28 -45.18
C THR BA 209 -104.05 -13.53 -46.36
N VAL BA 210 -103.43 -12.40 -46.70
CA VAL BA 210 -103.91 -11.61 -47.84
C VAL BA 210 -103.69 -12.36 -49.14
N PHE BA 211 -102.54 -13.04 -49.27
CA PHE BA 211 -102.24 -13.75 -50.51
C PHE BA 211 -103.23 -14.89 -50.73
N GLY BA 212 -103.68 -15.03 -51.97
CA GLY BA 212 -104.59 -16.08 -52.34
C GLY BA 212 -103.98 -17.00 -53.39
N PRO BA 213 -104.68 -18.09 -53.71
CA PRO BA 213 -104.17 -19.01 -54.72
C PRO BA 213 -104.10 -18.32 -56.07
N PRO BA 214 -103.12 -18.69 -56.90
CA PRO BA 214 -102.97 -18.04 -58.21
C PRO BA 214 -104.20 -18.24 -59.09
N LYS BA 215 -104.50 -17.22 -59.87
CA LYS BA 215 -105.54 -17.29 -60.88
C LYS BA 215 -105.05 -18.09 -62.09
N PRO BA 216 -105.96 -18.56 -62.93
CA PRO BA 216 -105.54 -19.33 -64.11
C PRO BA 216 -104.67 -18.49 -65.05
N GLY BA 217 -103.72 -19.16 -65.69
CA GLY BA 217 -102.78 -18.49 -66.55
C GLY BA 217 -101.65 -17.79 -65.83
N ASP BA 218 -101.46 -18.04 -64.53
CA ASP BA 218 -100.51 -17.28 -63.75
C ASP BA 218 -99.07 -17.72 -63.99
N SER BA 219 -98.84 -19.00 -64.23
CA SER BA 219 -97.52 -19.58 -64.51
C SER BA 219 -96.65 -19.62 -63.27
N LYS BA 220 -97.11 -19.02 -62.17
CA LYS BA 220 -96.54 -19.34 -60.87
C LYS BA 220 -96.91 -20.74 -60.46
N ALA BA 221 -98.12 -21.16 -60.82
CA ALA BA 221 -98.57 -22.52 -60.56
C ALA BA 221 -97.69 -23.56 -61.23
N PHE BA 222 -96.95 -23.18 -62.26
CA PHE BA 222 -96.06 -24.08 -62.95
C PHE BA 222 -94.62 -23.92 -62.52
N LEU BA 223 -94.32 -22.95 -61.68
CA LEU BA 223 -93.03 -22.89 -61.02
C LEU BA 223 -93.03 -23.92 -59.90
N ASP BA 224 -91.89 -24.59 -59.75
CA ASP BA 224 -91.60 -25.79 -58.97
C ASP BA 224 -92.06 -27.06 -59.66
N ILE BA 225 -92.80 -26.96 -60.75
CA ILE BA 225 -92.72 -27.96 -61.81
C ILE BA 225 -91.61 -27.57 -62.78
N ALA BA 226 -91.37 -26.26 -62.87
CA ALA BA 226 -90.23 -25.76 -63.61
C ALA BA 226 -88.92 -26.18 -62.97
N LEU BA 227 -88.90 -26.23 -61.63
CA LEU BA 227 -87.66 -26.51 -60.92
C LEU BA 227 -87.31 -27.99 -61.00
N SER BA 228 -88.31 -28.86 -61.02
CA SER BA 228 -88.05 -30.28 -61.19
C SER BA 228 -87.42 -30.55 -62.56
N ILE BA 229 -87.97 -29.95 -63.62
CA ILE BA 229 -87.40 -30.13 -64.96
C ILE BA 229 -86.02 -29.51 -65.04
N ALA BA 230 -85.78 -28.47 -64.24
CA ALA BA 230 -84.58 -27.65 -64.38
C ALA BA 230 -83.31 -28.50 -64.32
N SER BA 231 -82.53 -28.43 -65.39
CA SER BA 231 -81.25 -29.11 -65.48
C SER BA 231 -80.22 -28.13 -66.01
N GLN BA 232 -79.04 -28.13 -65.40
CA GLN BA 232 -77.99 -27.21 -65.81
C GLN BA 232 -77.48 -27.56 -67.20
N ASN BA 233 -77.03 -26.54 -67.93
CA ASN BA 233 -76.54 -26.70 -69.30
C ASN BA 233 -75.03 -26.61 -69.32
N VAL BA 234 -74.39 -27.49 -70.10
CA VAL BA 234 -72.94 -27.49 -70.20
C VAL BA 234 -72.47 -26.29 -71.03
N SER BA 235 -73.03 -26.11 -72.23
CA SER BA 235 -72.59 -25.11 -73.18
C SER BA 235 -71.11 -25.28 -73.48
N PRO BA 236 -70.72 -26.34 -74.18
CA PRO BA 236 -69.30 -26.60 -74.40
C PRO BA 236 -68.64 -25.53 -75.27
N THR BA 237 -67.33 -25.40 -75.07
CA THR BA 237 -66.54 -24.38 -75.75
C THR BA 237 -66.55 -24.61 -77.26
N ARG BA 238 -66.72 -23.52 -78.01
CA ARG BA 238 -66.84 -23.53 -79.44
C ARG BA 238 -65.61 -22.90 -80.09
N VAL BA 239 -65.47 -23.12 -81.39
CA VAL BA 239 -64.43 -22.44 -82.15
C VAL BA 239 -64.84 -20.99 -82.36
N SER BA 240 -63.87 -20.08 -82.23
CA SER BA 240 -64.16 -18.66 -82.37
C SER BA 240 -64.57 -18.33 -83.80
N VAL BA 241 -65.41 -17.30 -83.94
CA VAL BA 241 -65.78 -16.82 -85.27
C VAL BA 241 -64.55 -16.39 -86.03
N TRP BA 242 -63.58 -15.79 -85.35
CA TRP BA 242 -62.33 -15.40 -85.99
C TRP BA 242 -61.56 -16.57 -86.55
N ASP BA 243 -61.62 -17.72 -85.89
CA ASP BA 243 -60.97 -18.91 -86.43
C ASP BA 243 -61.71 -19.51 -87.61
N ILE BA 244 -63.02 -19.28 -87.70
CA ILE BA 244 -63.83 -19.87 -88.77
C ILE BA 244 -63.63 -19.08 -90.05
N LYS BA 245 -63.40 -19.78 -91.15
CA LYS BA 245 -63.17 -19.15 -92.44
C LYS BA 245 -64.50 -19.03 -93.19
N ILE BA 246 -64.85 -17.82 -93.58
CA ILE BA 246 -66.15 -17.55 -94.18
C ILE BA 246 -66.19 -18.12 -95.60
N PRO BA 247 -67.17 -18.96 -95.93
CA PRO BA 247 -67.16 -19.63 -97.23
C PRO BA 247 -67.27 -18.66 -98.39
N ASP BA 248 -66.70 -19.06 -99.52
CA ASP BA 248 -66.70 -18.26 -100.74
C ASP BA 248 -67.77 -18.79 -101.70
N MET BA 249 -68.59 -17.89 -102.21
CA MET BA 249 -69.73 -18.24 -103.06
C MET BA 249 -69.52 -17.86 -104.52
N THR BA 250 -68.29 -17.56 -104.94
CA THR BA 250 -68.05 -17.08 -106.30
C THR BA 250 -67.96 -18.23 -107.30
N SER CA 2 -89.78 -18.15 44.41
CA SER CA 2 -88.77 -17.40 45.15
C SER CA 2 -87.40 -17.53 44.53
N ARG CA 3 -86.99 -16.51 43.78
CA ARG CA 3 -85.77 -16.63 42.99
C ARG CA 3 -84.67 -15.78 43.63
N THR CA 4 -83.95 -16.38 44.56
CA THR CA 4 -82.73 -15.80 45.13
C THR CA 4 -81.53 -16.48 44.49
N VAL CA 5 -80.35 -15.90 44.72
CA VAL CA 5 -79.22 -16.15 43.83
C VAL CA 5 -78.94 -17.65 43.68
N ILE CA 6 -79.00 -18.39 44.78
CA ILE CA 6 -78.79 -19.83 44.70
C ILE CA 6 -79.91 -20.47 43.89
N THR CA 7 -81.13 -19.97 44.04
CA THR CA 7 -82.23 -20.54 43.27
C THR CA 7 -82.04 -20.33 41.78
N GLU CA 8 -81.52 -19.17 41.34
CA GLU CA 8 -81.19 -19.08 39.92
C GLU CA 8 -80.03 -19.98 39.56
N VAL CA 9 -79.06 -20.17 40.47
CA VAL CA 9 -78.01 -21.16 40.21
C VAL CA 9 -78.63 -22.49 39.78
N ILE CA 10 -79.41 -23.09 40.66
CA ILE CA 10 -80.01 -24.39 40.33
C ILE CA 10 -80.96 -24.27 39.14
N ALA CA 11 -81.69 -23.16 39.03
CA ALA CA 11 -82.68 -23.04 37.96
C ALA CA 11 -82.01 -23.06 36.59
N THR CA 12 -80.94 -22.32 36.42
CA THR CA 12 -80.25 -22.34 35.14
C THR CA 12 -79.44 -23.62 34.94
N ALA CA 13 -78.99 -24.26 36.01
CA ALA CA 13 -78.25 -25.50 35.85
C ALA CA 13 -79.13 -26.68 35.51
N ASP CA 14 -80.35 -26.72 36.01
CA ASP CA 14 -81.19 -27.90 35.85
C ASP CA 14 -81.80 -27.96 34.46
N SER CA 15 -82.14 -26.81 33.88
CA SER CA 15 -82.73 -26.82 32.54
C SER CA 15 -81.80 -27.47 31.53
N GLN CA 16 -80.51 -27.43 31.78
CA GLN CA 16 -79.53 -28.12 30.97
C GLN CA 16 -79.12 -29.42 31.65
N GLY CA 17 -78.57 -30.33 30.85
CA GLY CA 17 -78.24 -31.65 31.33
C GLY CA 17 -76.95 -31.78 32.08
N ARG CA 18 -76.21 -30.69 32.30
CA ARG CA 18 -74.91 -30.78 32.93
C ARG CA 18 -75.00 -30.25 34.36
N PHE CA 19 -73.93 -30.50 35.11
CA PHE CA 19 -73.89 -30.19 36.53
C PHE CA 19 -73.68 -28.70 36.75
N LEU CA 20 -73.44 -28.36 38.02
CA LEU CA 20 -72.99 -27.04 38.39
C LEU CA 20 -71.55 -26.84 37.95
N ASN CA 21 -71.33 -25.95 37.00
CA ASN CA 21 -69.99 -25.69 36.51
C ASN CA 21 -69.25 -24.79 37.48
N SER CA 22 -68.12 -24.23 37.05
CA SER CA 22 -67.34 -23.37 37.93
C SER CA 22 -68.11 -22.10 38.30
N THR CA 23 -68.67 -21.40 37.30
CA THR CA 23 -69.16 -20.05 37.52
C THR CA 23 -70.25 -20.01 38.59
N GLU CA 24 -71.15 -20.98 38.59
CA GLU CA 24 -72.21 -21.01 39.60
C GLU CA 24 -71.63 -21.22 40.99
N LEU CA 25 -70.68 -22.16 41.12
CA LEU CA 25 -70.00 -22.35 42.39
C LEU CA 25 -69.38 -21.06 42.88
N GLN CA 26 -68.69 -20.35 42.00
CA GLN CA 26 -67.94 -19.18 42.42
C GLN CA 26 -68.89 -18.00 42.69
N ALA CA 27 -70.03 -17.94 42.01
CA ALA CA 27 -71.02 -16.93 42.32
C ALA CA 27 -71.64 -17.17 43.68
N ALA CA 28 -71.94 -18.44 44.00
CA ALA CA 28 -72.39 -18.77 45.34
C ALA CA 28 -71.33 -18.38 46.37
N PHE CA 29 -70.06 -18.56 46.04
CA PHE CA 29 -69.01 -18.12 46.95
C PHE CA 29 -69.03 -16.61 47.13
N GLY CA 30 -69.21 -15.87 46.04
CA GLY CA 30 -69.26 -14.43 46.14
C GLY CA 30 -70.43 -13.93 46.97
N ARG CA 31 -71.54 -14.65 46.93
CA ARG CA 31 -72.70 -14.26 47.72
C ARG CA 31 -72.55 -14.67 49.19
N PHE CA 32 -71.84 -15.78 49.44
CA PHE CA 32 -71.73 -16.27 50.81
C PHE CA 32 -71.03 -15.26 51.71
N GLU CA 33 -70.01 -14.57 51.19
CA GLU CA 33 -69.32 -13.57 52.00
C GLU CA 33 -70.25 -12.41 52.35
N ARG CA 34 -71.02 -11.91 51.38
CA ARG CA 34 -71.91 -10.80 51.68
C ARG CA 34 -73.16 -11.22 52.44
N ALA CA 35 -73.35 -12.52 52.68
CA ALA CA 35 -74.38 -12.90 53.63
C ALA CA 35 -74.21 -12.15 54.95
N VAL CA 36 -72.98 -12.05 55.45
CA VAL CA 36 -72.74 -11.42 56.75
C VAL CA 36 -73.13 -9.95 56.78
N PRO CA 37 -72.72 -9.10 55.83
CA PRO CA 37 -73.26 -7.73 55.82
C PRO CA 37 -74.77 -7.73 55.68
N ALA CA 38 -75.33 -8.66 54.92
CA ALA CA 38 -76.77 -8.74 54.76
C ALA CA 38 -77.46 -9.05 56.08
N ILE CA 39 -76.94 -10.04 56.82
CA ILE CA 39 -77.57 -10.38 58.09
C ILE CA 39 -77.43 -9.24 59.09
N GLU CA 40 -76.29 -8.54 59.06
CA GLU CA 40 -76.13 -7.42 59.97
C GLU CA 40 -77.10 -6.30 59.62
N ALA CA 41 -77.29 -6.02 58.33
CA ALA CA 41 -78.27 -5.02 57.91
C ALA CA 41 -79.67 -5.42 58.33
N ALA CA 42 -80.01 -6.69 58.17
CA ALA CA 42 -81.34 -7.16 58.56
C ALA CA 42 -81.56 -6.99 60.06
N ARG CA 43 -80.55 -7.34 60.86
CA ARG CA 43 -80.66 -7.16 62.30
C ARG CA 43 -80.81 -5.69 62.67
N ALA CA 44 -80.01 -4.82 62.06
CA ALA CA 44 -80.05 -3.41 62.39
C ALA CA 44 -81.41 -2.80 62.02
N LEU CA 45 -81.93 -3.14 60.85
CA LEU CA 45 -83.24 -2.63 60.46
C LEU CA 45 -84.34 -3.23 61.32
N THR CA 46 -84.21 -4.50 61.72
CA THR CA 46 -85.21 -5.12 62.57
C THR CA 46 -85.27 -4.43 63.93
N LYS CA 47 -84.12 -4.03 64.46
CA LYS CA 47 -84.11 -3.36 65.76
C LYS CA 47 -84.86 -2.03 65.72
N ASN CA 48 -84.84 -1.34 64.57
CA ASN CA 48 -85.35 0.03 64.48
C ASN CA 48 -86.61 0.13 63.62
N GLN CA 49 -87.41 -0.93 63.56
CA GLN CA 49 -88.54 -0.94 62.63
C GLN CA 49 -89.63 0.05 63.06
N ASP CA 50 -89.82 0.22 64.37
CA ASP CA 50 -90.98 0.93 64.90
C ASP CA 50 -90.94 2.42 64.53
N ALA CA 51 -89.88 3.10 64.95
CA ALA CA 51 -89.74 4.52 64.63
C ALA CA 51 -89.71 4.73 63.13
N LEU CA 52 -89.15 3.78 62.39
CA LEU CA 52 -89.14 3.89 60.94
C LEU CA 52 -90.55 3.84 60.36
N VAL CA 53 -91.40 2.94 60.87
CA VAL CA 53 -92.79 2.85 60.41
C VAL CA 53 -93.49 4.18 60.62
N LYS CA 54 -93.51 4.65 61.87
CA LYS CA 54 -94.22 5.91 62.14
C LYS CA 54 -93.59 7.11 61.43
N GLY CA 55 -92.27 7.15 61.33
CA GLY CA 55 -91.64 8.25 60.63
C GLY CA 55 -92.03 8.28 59.16
N ALA CA 56 -92.05 7.13 58.50
CA ALA CA 56 -92.47 7.08 57.11
C ALA CA 56 -93.93 7.49 56.96
N VAL CA 57 -94.78 7.02 57.86
CA VAL CA 57 -96.21 7.38 57.80
C VAL CA 57 -96.35 8.89 57.86
N GLN CA 58 -95.72 9.53 58.85
CA GLN CA 58 -95.88 10.96 59.00
C GLN CA 58 -95.17 11.76 57.90
N ALA CA 59 -94.07 11.25 57.35
CA ALA CA 59 -93.43 11.95 56.24
C ALA CA 59 -94.30 11.95 54.99
N VAL CA 60 -94.87 10.77 54.66
CA VAL CA 60 -95.79 10.71 53.53
C VAL CA 60 -97.01 11.59 53.78
N PHE CA 61 -97.48 11.65 55.03
CA PHE CA 61 -98.52 12.59 55.38
C PHE CA 61 -98.06 14.04 55.15
N LYS CA 62 -96.80 14.31 55.41
CA LYS CA 62 -96.29 15.68 55.36
C LYS CA 62 -96.22 16.18 53.93
N LYS CA 63 -95.66 15.39 53.02
CA LYS CA 63 -95.40 15.91 51.68
C LYS CA 63 -96.68 16.11 50.87
N PHE CA 64 -97.63 15.19 50.97
CA PHE CA 64 -98.90 15.33 50.28
C PHE CA 64 -99.99 15.66 51.29
N PRO CA 65 -100.72 16.76 51.13
CA PRO CA 65 -101.69 17.16 52.15
C PRO CA 65 -103.11 16.62 52.00
N TYR CA 66 -103.57 16.34 50.77
CA TYR CA 66 -104.97 15.97 50.61
C TYR CA 66 -105.29 14.61 51.23
N VAL CA 67 -104.28 13.77 51.45
CA VAL CA 67 -104.51 12.53 52.21
C VAL CA 67 -104.85 12.86 53.66
N THR CA 68 -104.27 13.95 54.18
CA THR CA 68 -104.58 14.35 55.55
C THR CA 68 -105.98 14.95 55.68
N GLN CA 69 -106.39 15.76 54.71
CA GLN CA 69 -107.70 16.39 54.80
C GLN CA 69 -108.79 15.36 54.57
N PRO CA 70 -109.95 15.51 55.20
CA PRO CA 70 -110.97 14.45 55.15
C PRO CA 70 -111.49 14.20 53.75
N GLY CA 71 -111.79 12.93 53.48
CA GLY CA 71 -112.30 12.52 52.19
C GLY CA 71 -111.35 11.72 51.33
N GLU CA 72 -110.24 11.22 51.89
CA GLU CA 72 -109.31 10.39 51.13
C GLU CA 72 -108.98 9.14 51.92
N LYS CA 73 -108.11 8.31 51.34
CA LYS CA 73 -107.77 7.02 51.93
C LYS CA 73 -107.05 7.16 53.25
N GLY CA 74 -106.29 8.25 53.43
CA GLY CA 74 -105.59 8.45 54.68
C GLY CA 74 -106.54 8.66 55.85
N TYR CA 75 -107.56 9.50 55.66
CA TYR CA 75 -108.49 9.77 56.74
C TYR CA 75 -109.27 8.52 57.11
N GLY CA 76 -109.40 8.29 58.41
CA GLY CA 76 -110.00 7.06 58.95
C GLY CA 76 -108.98 6.41 59.86
N ASP CA 77 -109.37 6.21 61.12
CA ASP CA 77 -108.43 5.71 62.11
C ASP CA 77 -107.95 4.32 61.74
N SER CA 78 -108.86 3.42 61.38
CA SER CA 78 -108.44 2.10 60.93
C SER CA 78 -107.59 2.20 59.68
N ASN CA 79 -107.91 3.14 58.79
CA ASN CA 79 -107.13 3.32 57.57
C ASN CA 79 -105.67 3.62 57.89
N GLN CA 80 -105.43 4.60 58.76
CA GLN CA 80 -104.05 4.93 59.11
C GLN CA 80 -103.39 3.80 59.90
N ALA CA 81 -104.14 3.15 60.79
CA ALA CA 81 -103.56 2.09 61.61
C ALA CA 81 -103.07 0.94 60.75
N LYS CA 82 -103.93 0.40 59.89
CA LYS CA 82 -103.47 -0.69 59.06
C LYS CA 82 -102.68 -0.21 57.86
N CYS CA 83 -102.62 1.10 57.61
CA CYS CA 83 -101.63 1.64 56.69
C CYS CA 83 -100.22 1.59 57.30
N ALA CA 84 -100.11 1.90 58.59
CA ALA CA 84 -98.86 1.67 59.30
C ALA CA 84 -98.53 0.19 59.32
N ARG CA 85 -99.56 -0.66 59.45
CA ARG CA 85 -99.36 -2.09 59.32
C ARG CA 85 -98.81 -2.47 57.94
N ASP CA 86 -99.31 -1.80 56.89
CA ASP CA 86 -98.86 -2.12 55.54
C ASP CA 86 -97.42 -1.65 55.30
N ILE CA 87 -97.06 -0.47 55.80
CA ILE CA 87 -95.66 -0.07 55.67
C ILE CA 87 -94.77 -0.95 56.54
N GLY CA 88 -95.31 -1.48 57.64
CA GLY CA 88 -94.61 -2.51 58.37
C GLY CA 88 -94.42 -3.77 57.54
N TYR CA 89 -95.44 -4.13 56.75
CA TYR CA 89 -95.28 -5.21 55.78
C TYR CA 89 -94.11 -4.95 54.86
N TYR CA 90 -94.03 -3.73 54.32
CA TYR CA 90 -92.95 -3.40 53.41
C TYR CA 90 -91.59 -3.50 54.09
N LEU CA 91 -91.48 -3.02 55.32
CA LEU CA 91 -90.21 -3.14 56.02
C LEU CA 91 -89.87 -4.61 56.30
N ARG CA 92 -90.88 -5.40 56.67
CA ARG CA 92 -90.65 -6.83 56.88
C ARG CA 92 -90.11 -7.48 55.61
N PHE CA 93 -90.67 -7.11 54.46
CA PHE CA 93 -90.24 -7.75 53.23
C PHE CA 93 -88.87 -7.26 52.78
N ILE CA 94 -88.53 -6.01 53.04
CA ILE CA 94 -87.19 -5.55 52.66
C ILE CA 94 -86.16 -6.24 53.54
N THR CA 95 -86.47 -6.43 54.83
CA THR CA 95 -85.58 -7.22 55.67
C THR CA 95 -85.52 -8.67 55.21
N TYR CA 96 -86.63 -9.21 54.72
CA TYR CA 96 -86.64 -10.57 54.21
C TYR CA 96 -85.70 -10.71 53.02
N SER CA 97 -85.75 -9.75 52.10
CA SER CA 97 -84.83 -9.78 50.98
C SER CA 97 -83.40 -9.65 51.45
N LEU CA 98 -83.15 -8.78 52.44
CA LEU CA 98 -81.80 -8.65 52.99
C LEU CA 98 -81.31 -9.97 53.55
N VAL CA 99 -82.16 -10.70 54.26
CA VAL CA 99 -81.78 -12.02 54.75
C VAL CA 99 -81.52 -12.96 53.59
N ALA CA 100 -82.40 -12.96 52.58
CA ALA CA 100 -82.30 -13.89 51.47
C ALA CA 100 -81.14 -13.55 50.53
N SER CA 101 -80.56 -12.36 50.64
CA SER CA 101 -79.52 -11.90 49.73
C SER CA 101 -79.98 -11.99 48.28
N GLY CA 102 -81.21 -11.54 48.03
CA GLY CA 102 -81.76 -11.52 46.69
C GLY CA 102 -83.11 -10.85 46.70
N THR CA 103 -83.55 -10.46 45.51
CA THR CA 103 -84.83 -9.79 45.32
C THR CA 103 -86.01 -10.76 45.42
N GLY CA 104 -85.78 -11.97 45.92
CA GLY CA 104 -86.77 -13.01 45.91
C GLY CA 104 -88.05 -12.66 46.65
N PRO CA 105 -87.97 -12.46 47.97
CA PRO CA 105 -89.19 -12.22 48.74
C PRO CA 105 -89.97 -11.00 48.31
N LEU CA 106 -89.30 -9.93 47.87
CA LEU CA 106 -90.02 -8.74 47.42
C LEU CA 106 -90.82 -9.03 46.15
N ASP CA 107 -90.15 -9.59 45.13
CA ASP CA 107 -90.84 -9.85 43.87
C ASP CA 107 -91.85 -10.98 43.99
N ASP CA 108 -91.66 -11.88 44.95
CA ASP CA 108 -92.67 -12.90 45.20
C ASP CA 108 -93.98 -12.26 45.62
N TYR CA 109 -93.91 -11.30 46.53
CA TYR CA 109 -95.09 -10.85 47.25
C TYR CA 109 -95.59 -9.49 46.76
N VAL CA 110 -94.79 -8.43 46.93
CA VAL CA 110 -95.35 -7.10 46.76
C VAL CA 110 -95.32 -6.66 45.30
N ILE CA 111 -94.19 -6.84 44.61
CA ILE CA 111 -94.14 -6.47 43.20
C ILE CA 111 -95.06 -7.35 42.37
N ALA CA 112 -95.16 -8.63 42.73
CA ALA CA 112 -96.00 -9.56 42.00
C ALA CA 112 -97.45 -9.07 41.93
N GLY CA 113 -97.88 -8.66 40.74
CA GLY CA 113 -99.20 -8.06 40.61
C GLY CA 113 -99.35 -6.74 41.32
N LEU CA 114 -98.33 -5.89 41.26
CA LEU CA 114 -98.40 -4.60 41.95
C LEU CA 114 -99.41 -3.67 41.29
N ARG CA 115 -99.20 -3.36 40.01
CA ARG CA 115 -99.99 -2.32 39.34
C ARG CA 115 -101.47 -2.68 39.32
N GLU CA 116 -101.79 -3.96 39.15
CA GLU CA 116 -103.19 -4.38 39.16
C GLU CA 116 -103.85 -4.03 40.49
N VAL CA 117 -103.15 -4.26 41.60
CA VAL CA 117 -103.70 -3.93 42.89
C VAL CA 117 -103.76 -2.42 43.09
N ASN CA 118 -102.72 -1.70 42.67
CA ASN CA 118 -102.71 -0.25 42.85
C ASN CA 118 -103.87 0.40 42.12
N ARG CA 119 -104.09 0.00 40.87
CA ARG CA 119 -105.24 0.53 40.13
C ARG CA 119 -106.55 0.02 40.69
N ALA CA 120 -106.57 -1.23 41.18
CA ALA CA 120 -107.80 -1.80 41.71
C ALA CA 120 -108.26 -1.03 42.95
N PHE CA 121 -107.31 -0.60 43.78
CA PHE CA 121 -107.63 0.10 45.01
C PHE CA 121 -107.20 1.57 44.99
N ASN CA 122 -107.04 2.15 43.80
CA ASN CA 122 -106.79 3.58 43.55
C ASN CA 122 -105.78 4.18 44.53
N LEU CA 123 -104.72 3.42 44.80
CA LEU CA 123 -103.63 3.84 45.69
C LEU CA 123 -102.41 4.08 44.82
N ASN CA 124 -102.20 5.34 44.42
CA ASN CA 124 -101.12 5.65 43.50
C ASN CA 124 -99.76 5.37 44.13
N PRO CA 125 -98.77 4.96 43.33
CA PRO CA 125 -97.48 4.53 43.90
C PRO CA 125 -96.68 5.65 44.53
N LEU CA 126 -97.10 6.91 44.36
CA LEU CA 126 -96.27 8.02 44.82
C LEU CA 126 -96.10 8.03 46.34
N TRP CA 127 -97.15 7.72 47.09
CA TRP CA 127 -97.02 7.83 48.53
C TRP CA 127 -96.05 6.78 49.05
N TYR CA 128 -96.19 5.54 48.59
CA TYR CA 128 -95.29 4.49 49.02
C TYR CA 128 -93.88 4.73 48.51
N ILE CA 129 -93.73 5.34 47.34
CA ILE CA 129 -92.39 5.58 46.81
C ILE CA 129 -91.69 6.62 47.67
N GLU CA 130 -92.46 7.60 48.15
CA GLU CA 130 -91.95 8.56 49.13
C GLU CA 130 -91.55 7.87 50.42
N ALA CA 131 -92.38 6.95 50.89
CA ALA CA 131 -92.02 6.19 52.09
C ALA CA 131 -90.69 5.48 51.89
N LEU CA 132 -90.48 4.92 50.69
CA LEU CA 132 -89.20 4.29 50.36
C LEU CA 132 -88.06 5.28 50.41
N ASN CA 133 -88.27 6.49 49.88
CA ASN CA 133 -87.21 7.51 49.96
C ASN CA 133 -86.87 7.85 51.40
N TYR CA 134 -87.90 7.97 52.25
CA TYR CA 134 -87.66 8.25 53.67
C TYR CA 134 -86.87 7.12 54.32
N ILE CA 135 -87.27 5.88 54.06
CA ILE CA 135 -86.59 4.73 54.65
C ILE CA 135 -85.14 4.69 54.17
N LYS CA 136 -84.91 5.04 52.92
CA LYS CA 136 -83.54 5.14 52.41
C LYS CA 136 -82.77 6.20 53.14
N GLY CA 137 -83.40 7.34 53.42
CA GLY CA 137 -82.74 8.39 54.18
C GLY CA 137 -82.28 7.92 55.54
N GLU CA 138 -83.12 7.14 56.22
CA GLU CA 138 -82.70 6.61 57.51
C GLU CA 138 -81.62 5.54 57.37
N THR CA 139 -81.78 4.60 56.43
CA THR CA 139 -80.80 3.53 56.29
C THR CA 139 -79.45 4.05 55.78
N GLY CA 140 -79.42 5.25 55.21
CA GLY CA 140 -78.15 5.82 54.81
C GLY CA 140 -77.27 6.15 56.00
N LYS CA 141 -77.87 6.65 57.08
CA LYS CA 141 -77.09 7.01 58.27
C LYS CA 141 -77.00 5.87 59.27
N LEU CA 142 -78.07 5.08 59.40
CA LEU CA 142 -78.10 4.06 60.45
C LEU CA 142 -77.09 2.96 60.16
N LEU CA 143 -76.85 2.67 58.89
CA LEU CA 143 -75.94 1.59 58.51
C LEU CA 143 -74.78 2.15 57.68
N SER CA 144 -73.62 1.54 57.82
CA SER CA 144 -72.44 1.94 57.09
C SER CA 144 -71.70 0.71 56.58
N GLY CA 145 -70.83 0.93 55.61
CA GLY CA 145 -70.05 -0.14 55.02
C GLY CA 145 -70.83 -0.97 54.01
N GLN CA 146 -70.46 -2.25 53.87
CA GLN CA 146 -71.16 -3.13 52.94
C GLN CA 146 -72.62 -3.30 53.33
N SER CA 147 -72.92 -3.18 54.63
CA SER CA 147 -74.31 -3.25 55.07
C SER CA 147 -75.12 -2.09 54.53
N LYS CA 148 -74.53 -0.89 54.50
CA LYS CA 148 -75.20 0.24 53.88
C LYS CA 148 -75.45 -0.02 52.42
N THR CA 149 -74.48 -0.64 51.73
CA THR CA 149 -74.67 -0.98 50.32
C THR CA 149 -75.82 -1.98 50.15
N GLU CA 150 -75.87 -3.00 51.02
CA GLU CA 150 -76.96 -3.97 50.96
C GLU CA 150 -78.31 -3.29 51.14
N ALA CA 151 -78.41 -2.40 52.12
CA ALA CA 151 -79.67 -1.69 52.33
C ALA CA 151 -80.04 -0.86 51.11
N LEU CA 152 -79.06 -0.11 50.58
CA LEU CA 152 -79.35 0.82 49.49
C LEU CA 152 -79.75 0.09 48.22
N LEU CA 153 -79.10 -1.04 47.92
CA LEU CA 153 -79.41 -1.73 46.67
C LEU CA 153 -80.84 -2.27 46.68
N TYR CA 154 -81.28 -2.82 47.81
CA TYR CA 154 -82.64 -3.32 47.87
C TYR CA 154 -83.66 -2.20 47.94
N ILE CA 155 -83.33 -1.10 48.62
CA ILE CA 155 -84.24 0.05 48.59
C ILE CA 155 -84.37 0.56 47.16
N ASP CA 156 -83.28 0.53 46.40
CA ASP CA 156 -83.33 0.97 45.01
C ASP CA 156 -84.13 0.00 44.15
N HIS CA 157 -83.99 -1.30 44.41
CA HIS CA 157 -84.83 -2.25 43.69
C HIS CA 157 -86.30 -2.01 43.98
N ALA CA 158 -86.63 -1.72 45.24
CA ALA CA 158 -88.02 -1.42 45.58
C ALA CA 158 -88.49 -0.14 44.92
N ILE CA 159 -87.65 0.89 44.91
CA ILE CA 159 -88.05 2.18 44.33
C ILE CA 159 -88.25 2.04 42.83
N ASN CA 160 -87.46 1.18 42.18
CA ASN CA 160 -87.58 1.01 40.74
C ASN CA 160 -88.78 0.13 40.39
N ALA CA 161 -88.91 -1.02 41.05
CA ALA CA 161 -89.99 -1.94 40.73
C ALA CA 161 -91.35 -1.34 41.09
N LEU CA 162 -91.43 -0.63 42.21
CA LEU CA 162 -92.68 -0.01 42.61
C LEU CA 162 -93.10 1.08 41.63
N SER CA 163 -92.17 1.93 41.24
CA SER CA 163 -92.46 3.02 40.32
C SER CA 163 -92.28 2.56 38.87
N MET DA 1 -67.87 -14.84 21.87
CA MET DA 1 -69.20 -15.25 22.33
C MET DA 1 -69.04 -16.10 23.58
N SER DA 2 -67.94 -15.91 24.30
CA SER DA 2 -67.59 -16.81 25.38
C SER DA 2 -68.57 -16.67 26.54
N ARG DA 3 -68.72 -17.76 27.29
CA ARG DA 3 -69.67 -17.83 28.40
C ARG DA 3 -68.91 -17.59 29.69
N THR DA 4 -68.73 -16.32 30.04
CA THR DA 4 -68.06 -15.93 31.28
C THR DA 4 -69.08 -15.30 32.22
N VAL DA 5 -68.60 -14.83 33.37
CA VAL DA 5 -69.50 -14.30 34.38
C VAL DA 5 -70.20 -13.05 33.86
N ILE DA 6 -69.42 -12.10 33.34
CA ILE DA 6 -70.00 -10.84 32.87
C ILE DA 6 -70.95 -11.10 31.70
N THR DA 7 -70.53 -11.96 30.78
CA THR DA 7 -71.38 -12.32 29.64
C THR DA 7 -72.66 -13.02 30.08
N GLU DA 8 -72.59 -13.92 31.07
CA GLU DA 8 -73.80 -14.54 31.57
C GLU DA 8 -74.72 -13.52 32.21
N VAL DA 9 -74.17 -12.60 32.99
CA VAL DA 9 -74.95 -11.50 33.56
C VAL DA 9 -75.69 -10.73 32.49
N ILE DA 10 -74.96 -10.26 31.48
CA ILE DA 10 -75.58 -9.39 30.49
C ILE DA 10 -76.58 -10.17 29.66
N ALA DA 11 -76.28 -11.43 29.35
CA ALA DA 11 -77.18 -12.24 28.56
C ALA DA 11 -78.47 -12.52 29.31
N THR DA 12 -78.39 -12.84 30.60
CA THR DA 12 -79.62 -13.09 31.35
C THR DA 12 -80.38 -11.82 31.63
N ALA DA 13 -79.70 -10.66 31.66
CA ALA DA 13 -80.42 -9.40 31.78
C ALA DA 13 -81.14 -9.05 30.50
N ASP DA 14 -80.48 -9.22 29.35
CA ASP DA 14 -81.09 -8.90 28.08
C ASP DA 14 -82.23 -9.87 27.75
N SER DA 15 -82.06 -11.14 28.06
CA SER DA 15 -83.13 -12.09 27.81
C SER DA 15 -84.40 -11.69 28.54
N GLN DA 16 -84.26 -11.16 29.75
CA GLN DA 16 -85.39 -10.70 30.53
C GLN DA 16 -85.79 -9.28 30.20
N GLY DA 17 -85.04 -8.61 29.33
CA GLY DA 17 -85.39 -7.26 28.92
C GLY DA 17 -85.39 -6.24 30.03
N ARG DA 18 -84.34 -6.25 30.85
CA ARG DA 18 -84.29 -5.40 32.03
C ARG DA 18 -82.86 -4.97 32.30
N PHE DA 19 -82.73 -3.93 33.11
CA PHE DA 19 -81.41 -3.47 33.51
C PHE DA 19 -80.75 -4.52 34.41
N LEU DA 20 -79.52 -4.21 34.80
CA LEU DA 20 -78.76 -5.12 35.66
C LEU DA 20 -79.17 -4.91 37.11
N ASN DA 21 -79.82 -5.92 37.69
CA ASN DA 21 -80.24 -5.81 39.09
C ASN DA 21 -79.03 -5.90 40.00
N SER DA 22 -79.23 -5.78 41.30
CA SER DA 22 -78.08 -5.74 42.20
C SER DA 22 -77.38 -7.08 42.28
N THR DA 23 -78.12 -8.18 42.15
CA THR DA 23 -77.51 -9.51 42.25
C THR DA 23 -76.48 -9.71 41.14
N GLU DA 24 -76.80 -9.25 39.95
CA GLU DA 24 -75.87 -9.38 38.83
C GLU DA 24 -74.60 -8.59 39.08
N LEU DA 25 -74.73 -7.39 39.63
CA LEU DA 25 -73.56 -6.60 39.99
C LEU DA 25 -72.77 -7.30 41.09
N GLN DA 26 -73.48 -8.00 41.99
CA GLN DA 26 -72.81 -8.76 43.04
C GLN DA 26 -71.94 -9.85 42.45
N ALA DA 27 -72.48 -10.59 41.49
CA ALA DA 27 -71.71 -11.65 40.84
C ALA DA 27 -70.53 -11.07 40.07
N ALA DA 28 -70.74 -9.94 39.39
CA ALA DA 28 -69.64 -9.29 38.69
C ALA DA 28 -68.54 -8.90 39.65
N PHE DA 29 -68.89 -8.41 40.84
CA PHE DA 29 -67.88 -7.97 41.77
C PHE DA 29 -67.13 -9.17 42.35
N GLY DA 30 -67.84 -10.29 42.54
CA GLY DA 30 -67.16 -11.51 42.91
C GLY DA 30 -66.14 -11.92 41.88
N ARG DA 31 -66.50 -11.83 40.60
CA ARG DA 31 -65.55 -12.13 39.53
C ARG DA 31 -64.35 -11.19 39.58
N PHE DA 32 -64.60 -9.90 39.84
CA PHE DA 32 -63.50 -8.95 39.88
C PHE DA 32 -62.55 -9.22 41.04
N GLU DA 33 -63.07 -9.57 42.22
CA GLU DA 33 -62.16 -10.06 43.26
C GLU DA 33 -61.37 -11.26 42.76
N ARG DA 34 -62.07 -12.24 42.24
CA ARG DA 34 -61.52 -13.53 41.87
C ARG DA 34 -60.42 -13.42 40.83
N ALA DA 35 -60.45 -12.38 40.01
CA ALA DA 35 -59.49 -12.25 38.92
C ALA DA 35 -58.04 -12.24 39.40
N VAL DA 36 -57.77 -11.68 40.59
CA VAL DA 36 -56.38 -11.52 41.02
C VAL DA 36 -55.66 -12.85 41.20
N PRO DA 37 -56.17 -13.81 41.98
CA PRO DA 37 -55.51 -15.12 41.99
C PRO DA 37 -55.51 -15.80 40.64
N ALA DA 38 -56.54 -15.58 39.83
CA ALA DA 38 -56.58 -16.18 38.50
C ALA DA 38 -55.47 -15.64 37.62
N ILE DA 39 -55.25 -14.31 37.64
CA ILE DA 39 -54.16 -13.76 36.86
C ILE DA 39 -52.82 -14.22 37.40
N GLU DA 40 -52.72 -14.34 38.73
CA GLU DA 40 -51.48 -14.87 39.31
C GLU DA 40 -51.19 -16.28 38.83
N ALA DA 41 -52.21 -17.13 38.82
CA ALA DA 41 -52.03 -18.51 38.36
C ALA DA 41 -51.71 -18.55 36.87
N ALA DA 42 -52.38 -17.71 36.08
CA ALA DA 42 -52.07 -17.64 34.66
C ALA DA 42 -50.64 -17.22 34.43
N ARG DA 43 -50.14 -16.25 35.20
CA ARG DA 43 -48.76 -15.82 35.06
C ARG DA 43 -47.81 -16.95 35.44
N ALA DA 44 -48.01 -17.55 36.61
CA ALA DA 44 -47.11 -18.60 37.07
C ALA DA 44 -47.22 -19.86 36.24
N LEU DA 45 -48.24 -19.96 35.38
CA LEU DA 45 -48.40 -21.10 34.49
C LEU DA 45 -47.83 -20.83 33.11
N THR DA 46 -48.07 -19.64 32.55
CA THR DA 46 -47.46 -19.28 31.27
C THR DA 46 -45.96 -19.15 31.38
N LYS DA 47 -45.46 -18.72 32.55
CA LYS DA 47 -44.03 -18.56 32.75
C LYS DA 47 -43.33 -19.91 32.63
N ASN DA 48 -43.91 -20.94 33.23
CA ASN DA 48 -43.31 -22.27 33.26
C ASN DA 48 -43.96 -23.23 32.27
N GLN DA 49 -44.37 -22.74 31.09
CA GLN DA 49 -45.10 -23.57 30.16
C GLN DA 49 -44.22 -24.65 29.55
N ASP DA 50 -42.96 -24.34 29.29
CA ASP DA 50 -42.11 -25.28 28.56
C ASP DA 50 -41.80 -26.51 29.38
N ALA DA 51 -41.47 -26.31 30.66
CA ALA DA 51 -41.25 -27.45 31.54
C ALA DA 51 -42.51 -28.30 31.66
N LEU DA 52 -43.67 -27.65 31.78
CA LEU DA 52 -44.91 -28.38 31.88
C LEU DA 52 -45.15 -29.22 30.63
N VAL DA 53 -44.93 -28.65 29.46
CA VAL DA 53 -45.21 -29.37 28.21
C VAL DA 53 -44.27 -30.56 28.06
N LYS DA 54 -42.97 -30.36 28.30
CA LYS DA 54 -42.05 -31.48 28.20
C LYS DA 54 -42.41 -32.57 29.20
N GLY DA 55 -42.68 -32.19 30.45
CA GLY DA 55 -43.02 -33.18 31.44
C GLY DA 55 -44.29 -33.93 31.10
N ALA DA 56 -45.25 -33.24 30.50
CA ALA DA 56 -46.50 -33.88 30.13
C ALA DA 56 -46.29 -34.91 29.03
N VAL DA 57 -45.49 -34.57 28.02
CA VAL DA 57 -45.21 -35.54 26.97
C VAL DA 57 -44.51 -36.77 27.55
N GLN DA 58 -43.49 -36.54 28.39
CA GLN DA 58 -42.78 -37.66 28.97
C GLN DA 58 -43.68 -38.50 29.87
N ALA DA 59 -44.58 -37.86 30.62
CA ALA DA 59 -45.48 -38.60 31.49
C ALA DA 59 -46.44 -39.45 30.68
N VAL DA 60 -46.93 -38.92 29.56
CA VAL DA 60 -47.80 -39.72 28.69
C VAL DA 60 -47.05 -40.93 28.17
N PHE DA 61 -45.79 -40.73 27.76
CA PHE DA 61 -45.02 -41.87 27.28
C PHE DA 61 -44.81 -42.91 28.38
N LYS DA 62 -44.52 -42.45 29.59
CA LYS DA 62 -44.29 -43.38 30.70
C LYS DA 62 -45.56 -44.17 31.00
N LYS DA 63 -46.72 -43.52 30.99
CA LYS DA 63 -47.97 -44.23 31.26
C LYS DA 63 -48.42 -45.09 30.08
N PHE DA 64 -48.01 -44.75 28.86
CA PHE DA 64 -48.41 -45.46 27.65
C PHE DA 64 -47.16 -45.87 26.90
N PRO DA 65 -46.48 -46.93 27.33
CA PRO DA 65 -45.32 -47.40 26.57
C PRO DA 65 -45.67 -47.85 25.16
N TYR DA 66 -46.87 -48.40 24.95
CA TYR DA 66 -47.16 -49.07 23.70
C TYR DA 66 -47.32 -48.11 22.53
N VAL DA 67 -47.52 -46.81 22.81
CA VAL DA 67 -47.70 -45.88 21.69
C VAL DA 67 -46.39 -45.63 20.97
N THR DA 68 -45.26 -45.99 21.57
CA THR DA 68 -43.97 -45.60 21.02
C THR DA 68 -43.47 -46.55 19.93
N GLN DA 69 -43.76 -47.85 20.05
CA GLN DA 69 -43.21 -48.83 19.11
C GLN DA 69 -43.76 -48.63 17.70
N PRO DA 70 -43.01 -49.07 16.69
CA PRO DA 70 -43.43 -48.83 15.30
C PRO DA 70 -44.78 -49.44 15.00
N GLY DA 71 -45.52 -48.80 14.09
CA GLY DA 71 -46.87 -49.20 13.81
C GLY DA 71 -47.90 -48.58 14.73
N GLU DA 72 -47.51 -47.61 15.55
CA GLU DA 72 -48.40 -46.98 16.51
C GLU DA 72 -48.46 -45.48 16.20
N LYS DA 73 -49.33 -44.78 16.95
CA LYS DA 73 -49.52 -43.36 16.73
C LYS DA 73 -48.30 -42.56 17.19
N GLY DA 74 -47.73 -42.93 18.33
CA GLY DA 74 -46.64 -42.17 18.91
C GLY DA 74 -45.31 -42.26 18.20
N TYR DA 75 -45.07 -43.31 17.43
CA TYR DA 75 -43.82 -43.44 16.71
C TYR DA 75 -43.75 -42.39 15.60
N GLY DA 76 -42.65 -41.65 15.56
CA GLY DA 76 -42.50 -40.59 14.60
C GLY DA 76 -42.12 -39.27 15.24
N ASP DA 77 -41.13 -38.61 14.66
CA ASP DA 77 -40.69 -37.30 15.15
C ASP DA 77 -41.81 -36.27 15.02
N SER DA 78 -42.51 -36.26 13.89
CA SER DA 78 -43.62 -35.33 13.71
C SER DA 78 -44.70 -35.59 14.75
N ASN DA 79 -44.95 -36.86 15.07
CA ASN DA 79 -45.93 -37.15 16.10
C ASN DA 79 -45.48 -36.65 17.46
N GLN DA 80 -44.16 -36.64 17.72
CA GLN DA 80 -43.66 -36.04 18.95
C GLN DA 80 -43.96 -34.54 18.96
N ALA DA 81 -43.72 -33.88 17.82
CA ALA DA 81 -44.01 -32.46 17.72
C ALA DA 81 -45.49 -32.17 17.95
N LYS DA 82 -46.35 -33.02 17.40
CA LYS DA 82 -47.79 -32.82 17.58
C LYS DA 82 -48.22 -33.15 19.01
N CYS DA 83 -47.53 -34.06 19.68
CA CYS DA 83 -47.70 -34.23 21.12
C CYS DA 83 -47.53 -32.90 21.82
N ALA DA 84 -46.34 -32.31 21.65
CA ALA DA 84 -46.03 -31.08 22.36
C ALA DA 84 -47.01 -29.98 21.99
N ARG DA 85 -47.37 -29.89 20.71
CA ARG DA 85 -48.29 -28.85 20.27
C ARG DA 85 -49.66 -29.00 20.90
N ASP DA 86 -50.19 -30.22 20.95
CA ASP DA 86 -51.49 -30.44 21.55
C ASP DA 86 -51.49 -30.09 23.03
N ILE DA 87 -50.47 -30.53 23.76
CA ILE DA 87 -50.43 -30.23 25.18
C ILE DA 87 -50.24 -28.74 25.39
N GLY DA 88 -49.46 -28.07 24.54
CA GLY DA 88 -49.34 -26.63 24.62
C GLY DA 88 -50.66 -25.94 24.37
N TYR DA 89 -51.46 -26.46 23.44
CA TYR DA 89 -52.79 -25.92 23.22
C TYR DA 89 -53.63 -25.99 24.47
N TYR DA 90 -53.67 -27.18 25.09
CA TYR DA 90 -54.48 -27.36 26.29
C TYR DA 90 -54.03 -26.41 27.40
N LEU DA 91 -52.72 -26.31 27.59
CA LEU DA 91 -52.20 -25.42 28.63
C LEU DA 91 -52.54 -23.96 28.33
N ARG DA 92 -52.42 -23.56 27.07
CA ARG DA 92 -52.72 -22.19 26.69
C ARG DA 92 -54.17 -21.86 26.96
N PHE DA 93 -55.07 -22.77 26.66
CA PHE DA 93 -56.48 -22.49 26.90
C PHE DA 93 -56.83 -22.56 28.36
N ILE DA 94 -56.11 -23.36 29.15
CA ILE DA 94 -56.30 -23.31 30.60
C ILE DA 94 -55.91 -21.94 31.13
N THR DA 95 -54.80 -21.39 30.64
CA THR DA 95 -54.41 -20.04 31.06
C THR DA 95 -55.42 -19.00 30.58
N TYR DA 96 -55.95 -19.17 29.38
CA TYR DA 96 -57.00 -18.26 28.91
C TYR DA 96 -58.21 -18.32 29.82
N SER DA 97 -58.62 -19.51 30.20
CA SER DA 97 -59.78 -19.68 31.06
C SER DA 97 -59.53 -19.08 32.43
N LEU DA 98 -58.30 -19.22 32.94
CA LEU DA 98 -57.95 -18.55 34.18
C LEU DA 98 -58.10 -17.05 34.06
N VAL DA 99 -57.59 -16.48 32.97
CA VAL DA 99 -57.67 -15.04 32.78
C VAL DA 99 -59.12 -14.59 32.70
N ALA DA 100 -59.92 -15.30 31.90
CA ALA DA 100 -61.32 -14.96 31.68
C ALA DA 100 -62.20 -15.31 32.87
N SER DA 101 -61.68 -16.03 33.86
CA SER DA 101 -62.45 -16.45 35.03
C SER DA 101 -63.72 -17.17 34.62
N GLY DA 102 -63.54 -18.15 33.75
CA GLY DA 102 -64.64 -19.00 33.31
C GLY DA 102 -64.07 -20.16 32.55
N THR DA 103 -64.95 -21.04 32.10
CA THR DA 103 -64.55 -22.15 31.26
C THR DA 103 -64.70 -21.83 29.79
N GLY DA 104 -65.07 -20.60 29.47
CA GLY DA 104 -65.40 -20.19 28.12
C GLY DA 104 -64.37 -20.54 27.08
N PRO DA 105 -63.10 -20.22 27.34
CA PRO DA 105 -62.05 -20.64 26.41
C PRO DA 105 -61.96 -22.14 26.23
N LEU DA 106 -61.98 -22.93 27.30
CA LEU DA 106 -61.94 -24.38 27.11
C LEU DA 106 -63.13 -24.87 26.31
N ASP DA 107 -64.35 -24.50 26.72
CA ASP DA 107 -65.51 -24.99 26.01
C ASP DA 107 -65.47 -24.59 24.55
N ASP DA 108 -65.09 -23.36 24.25
CA ASP DA 108 -65.15 -22.86 22.89
C ASP DA 108 -64.03 -23.40 22.02
N TYR DA 109 -62.86 -23.69 22.58
CA TYR DA 109 -61.72 -24.04 21.73
C TYR DA 109 -61.37 -25.50 21.76
N VAL DA 110 -61.46 -26.16 22.91
CA VAL DA 110 -61.05 -27.54 23.06
C VAL DA 110 -62.25 -28.46 23.19
N ILE DA 111 -63.17 -28.14 24.08
CA ILE DA 111 -64.20 -29.10 24.47
C ILE DA 111 -65.21 -29.28 23.34
N ALA DA 112 -65.59 -28.21 22.67
CA ALA DA 112 -66.57 -28.30 21.59
C ALA DA 112 -65.91 -28.89 20.35
N GLY DA 113 -66.38 -30.06 19.92
CA GLY DA 113 -65.78 -30.74 18.82
C GLY DA 113 -64.69 -31.71 19.21
N LEU DA 114 -64.57 -32.05 20.48
CA LEU DA 114 -63.47 -32.89 20.93
C LEU DA 114 -63.64 -34.32 20.44
N ARG DA 115 -64.83 -34.87 20.62
CA ARG DA 115 -64.98 -36.31 20.49
C ARG DA 115 -64.99 -36.73 19.02
N GLU DA 116 -65.64 -35.95 18.17
CA GLU DA 116 -65.62 -36.21 16.74
C GLU DA 116 -64.20 -36.14 16.19
N VAL DA 117 -63.42 -35.15 16.61
CA VAL DA 117 -62.06 -35.01 16.11
C VAL DA 117 -61.20 -36.17 16.59
N ASN DA 118 -61.32 -36.53 17.87
CA ASN DA 118 -60.55 -37.65 18.40
C ASN DA 118 -60.90 -38.94 17.68
N ARG DA 119 -62.18 -39.16 17.43
CA ARG DA 119 -62.61 -40.36 16.70
C ARG DA 119 -62.09 -40.35 15.27
N ALA DA 120 -62.12 -39.19 14.61
CA ALA DA 120 -61.71 -39.12 13.23
C ALA DA 120 -60.22 -39.38 13.08
N PHE DA 121 -59.41 -38.90 14.02
CA PHE DA 121 -57.98 -39.11 13.98
C PHE DA 121 -57.52 -40.23 14.90
N ASN DA 122 -58.45 -40.89 15.57
CA ASN DA 122 -58.15 -42.05 16.40
C ASN DA 122 -57.17 -41.70 17.52
N LEU DA 123 -57.29 -40.49 18.04
CA LEU DA 123 -56.51 -40.05 19.18
C LEU DA 123 -57.20 -40.52 20.45
N ASN DA 124 -56.43 -41.14 21.33
CA ASN DA 124 -56.99 -41.66 22.57
C ASN DA 124 -57.12 -40.53 23.58
N PRO DA 125 -58.29 -40.30 24.16
CA PRO DA 125 -58.41 -39.29 25.20
C PRO DA 125 -57.54 -39.55 26.40
N LEU DA 126 -57.18 -40.81 26.66
CA LEU DA 126 -56.41 -41.14 27.85
C LEU DA 126 -55.03 -40.51 27.82
N TRP DA 127 -54.47 -40.30 26.62
CA TRP DA 127 -53.18 -39.63 26.53
C TRP DA 127 -53.25 -38.24 27.13
N TYR DA 128 -54.24 -37.45 26.70
CA TYR DA 128 -54.38 -36.10 27.23
C TYR DA 128 -54.85 -36.12 28.67
N ILE DA 129 -55.61 -37.13 29.07
CA ILE DA 129 -55.96 -37.25 30.48
C ILE DA 129 -54.71 -37.37 31.33
N GLU DA 130 -53.78 -38.24 30.92
CA GLU DA 130 -52.54 -38.41 31.65
C GLU DA 130 -51.71 -37.13 31.64
N ALA DA 131 -51.61 -36.47 30.48
CA ALA DA 131 -50.83 -35.25 30.40
C ALA DA 131 -51.39 -34.18 31.32
N LEU DA 132 -52.71 -34.02 31.34
CA LEU DA 132 -53.33 -33.02 32.19
C LEU DA 132 -53.20 -33.39 33.65
N ASN DA 133 -53.22 -34.68 33.99
CA ASN DA 133 -52.99 -35.06 35.38
C ASN DA 133 -51.56 -34.74 35.79
N TYR DA 134 -50.61 -34.91 34.89
CA TYR DA 134 -49.25 -34.49 35.17
C TYR DA 134 -49.19 -32.98 35.41
N ILE DA 135 -49.85 -32.22 34.55
CA ILE DA 135 -49.84 -30.76 34.70
C ILE DA 135 -50.48 -30.38 36.03
N LYS DA 136 -51.52 -31.09 36.43
CA LYS DA 136 -52.14 -30.86 37.72
C LYS DA 136 -51.15 -31.11 38.85
N GLY DA 137 -50.44 -32.23 38.77
CA GLY DA 137 -49.45 -32.53 39.80
C GLY DA 137 -48.39 -31.44 39.91
N GLU DA 138 -47.93 -30.94 38.77
CA GLU DA 138 -46.90 -29.90 38.80
C GLU DA 138 -47.45 -28.57 39.31
N THR DA 139 -48.59 -28.13 38.79
CA THR DA 139 -49.15 -26.87 39.26
C THR DA 139 -49.55 -26.93 40.72
N GLY DA 140 -49.62 -28.13 41.30
CA GLY DA 140 -49.60 -28.23 42.75
C GLY DA 140 -48.33 -27.64 43.35
N LYS DA 141 -47.18 -27.86 42.71
CA LYS DA 141 -45.92 -27.32 43.21
C LYS DA 141 -45.70 -25.87 42.82
N LEU DA 142 -46.02 -25.52 41.57
CA LEU DA 142 -45.77 -24.16 41.10
C LEU DA 142 -46.58 -23.14 41.89
N LEU DA 143 -47.86 -23.41 42.11
CA LEU DA 143 -48.75 -22.47 42.75
C LEU DA 143 -49.03 -22.89 44.18
N SER DA 144 -49.65 -22.00 44.95
CA SER DA 144 -50.05 -22.28 46.31
C SER DA 144 -51.20 -21.35 46.70
N GLY DA 145 -52.09 -21.84 47.54
CA GLY DA 145 -53.16 -21.02 48.05
C GLY DA 145 -54.37 -20.97 47.16
N GLN DA 146 -54.96 -19.79 46.99
CA GLN DA 146 -56.17 -19.66 46.21
C GLN DA 146 -55.89 -19.89 44.73
N SER DA 147 -54.74 -19.42 44.25
CA SER DA 147 -54.40 -19.58 42.85
C SER DA 147 -54.26 -21.05 42.47
N LYS DA 148 -53.72 -21.86 43.39
CA LYS DA 148 -53.60 -23.29 43.13
C LYS DA 148 -54.97 -23.93 42.90
N THR DA 149 -55.92 -23.65 43.78
CA THR DA 149 -57.27 -24.18 43.60
C THR DA 149 -57.87 -23.68 42.31
N GLU DA 150 -57.65 -22.41 41.99
CA GLU DA 150 -58.25 -21.82 40.80
C GLU DA 150 -57.73 -22.47 39.53
N ALA DA 151 -56.44 -22.79 39.49
CA ALA DA 151 -55.89 -23.51 38.35
C ALA DA 151 -56.40 -24.94 38.31
N LEU DA 152 -56.50 -25.59 39.48
CA LEU DA 152 -56.95 -26.97 39.52
C LEU DA 152 -58.38 -27.10 39.04
N LEU DA 153 -59.21 -26.10 39.29
CA LEU DA 153 -60.58 -26.16 38.79
C LEU DA 153 -60.62 -26.32 37.29
N TYR DA 154 -59.83 -25.54 36.56
CA TYR DA 154 -59.90 -25.59 35.11
C TYR DA 154 -59.18 -26.83 34.56
N ILE DA 155 -58.08 -27.24 35.19
CA ILE DA 155 -57.47 -28.50 34.76
C ILE DA 155 -58.44 -29.65 34.96
N ASP DA 156 -59.15 -29.67 36.10
CA ASP DA 156 -60.14 -30.70 36.35
C ASP DA 156 -61.28 -30.64 35.34
N HIS DA 157 -61.70 -29.43 34.98
CA HIS DA 157 -62.78 -29.33 34.00
C HIS DA 157 -62.36 -29.90 32.65
N ALA DA 158 -61.13 -29.61 32.23
CA ALA DA 158 -60.62 -30.19 30.99
C ALA DA 158 -60.56 -31.69 31.07
N ILE DA 159 -60.08 -32.23 32.19
CA ILE DA 159 -60.01 -33.69 32.36
C ILE DA 159 -61.41 -34.29 32.34
N ASN DA 160 -62.36 -33.68 33.04
CA ASN DA 160 -63.72 -34.22 33.07
C ASN DA 160 -64.32 -34.27 31.68
N ALA DA 161 -64.09 -33.22 30.88
CA ALA DA 161 -64.68 -33.22 29.55
C ALA DA 161 -63.93 -34.12 28.58
N LEU DA 162 -62.65 -34.39 28.83
CA LEU DA 162 -61.94 -35.38 28.02
C LEU DA 162 -62.51 -36.77 28.24
N SER DA 163 -63.01 -37.04 29.44
CA SER DA 163 -63.56 -38.35 29.75
C SER DA 163 -64.82 -38.64 28.93
N SER EA 2 -89.76 -53.62 16.13
CA SER EA 2 -88.51 -52.97 15.75
C SER EA 2 -88.61 -52.34 14.37
N ARG EA 3 -87.54 -52.45 13.60
CA ARG EA 3 -87.48 -51.87 12.26
C ARG EA 3 -87.06 -52.94 11.26
N THR EA 4 -87.85 -53.09 10.21
CA THR EA 4 -87.56 -54.02 9.14
C THR EA 4 -87.81 -53.27 7.83
N VAL EA 5 -87.89 -54.01 6.72
CA VAL EA 5 -88.31 -53.38 5.48
C VAL EA 5 -89.82 -53.18 5.48
N ILE EA 6 -90.58 -54.24 5.80
CA ILE EA 6 -92.03 -54.10 5.82
C ILE EA 6 -92.46 -53.21 6.98
N THR EA 7 -91.66 -53.14 8.05
CA THR EA 7 -91.97 -52.21 9.12
C THR EA 7 -91.92 -50.77 8.62
N GLU EA 8 -90.89 -50.43 7.84
CA GLU EA 8 -90.82 -49.11 7.23
C GLU EA 8 -91.95 -48.89 6.24
N VAL EA 9 -92.28 -49.93 5.47
CA VAL EA 9 -93.47 -49.89 4.61
C VAL EA 9 -94.68 -49.40 5.39
N ILE EA 10 -95.05 -50.13 6.45
CA ILE EA 10 -96.24 -49.80 7.20
C ILE EA 10 -96.10 -48.43 7.86
N ALA EA 11 -94.88 -48.09 8.32
CA ALA EA 11 -94.68 -46.83 9.01
C ALA EA 11 -94.89 -45.64 8.07
N THR EA 12 -94.30 -45.70 6.87
CA THR EA 12 -94.46 -44.60 5.94
C THR EA 12 -95.89 -44.52 5.40
N ALA EA 13 -96.53 -45.68 5.23
CA ALA EA 13 -97.94 -45.68 4.83
C ALA EA 13 -98.80 -45.03 5.89
N ASP EA 14 -98.48 -45.28 7.17
CA ASP EA 14 -99.26 -44.69 8.24
C ASP EA 14 -98.96 -43.21 8.40
N SER EA 15 -97.72 -42.80 8.12
CA SER EA 15 -97.38 -41.39 8.16
C SER EA 15 -98.11 -40.61 7.08
N GLN EA 16 -98.03 -41.10 5.84
CA GLN EA 16 -98.80 -40.49 4.77
C GLN EA 16 -100.28 -40.77 4.91
N GLY EA 17 -100.66 -41.69 5.78
CA GLY EA 17 -102.05 -41.95 6.08
C GLY EA 17 -102.85 -42.52 4.92
N ARG EA 18 -102.24 -43.39 4.13
CA ARG EA 18 -102.94 -43.96 2.99
C ARG EA 18 -102.68 -45.45 2.93
N PHE EA 19 -103.57 -46.14 2.22
CA PHE EA 19 -103.46 -47.57 2.00
C PHE EA 19 -102.15 -47.93 1.30
N LEU EA 20 -101.70 -49.14 1.55
CA LEU EA 20 -100.49 -49.64 0.93
C LEU EA 20 -100.61 -49.60 -0.59
N ASN EA 21 -99.57 -49.08 -1.24
CA ASN EA 21 -99.58 -48.82 -2.67
C ASN EA 21 -98.56 -49.70 -3.39
N SER EA 22 -98.39 -49.42 -4.69
CA SER EA 22 -97.51 -50.25 -5.51
C SER EA 22 -96.07 -50.19 -5.03
N THR EA 23 -95.58 -48.99 -4.70
CA THR EA 23 -94.18 -48.83 -4.33
C THR EA 23 -93.81 -49.73 -3.17
N GLU EA 24 -94.57 -49.65 -2.08
CA GLU EA 24 -94.18 -50.35 -0.87
C GLU EA 24 -94.58 -51.82 -0.89
N LEU EA 25 -95.57 -52.21 -1.70
CA LEU EA 25 -95.77 -53.65 -1.90
C LEU EA 25 -94.65 -54.26 -2.73
N GLN EA 26 -94.18 -53.53 -3.76
CA GLN EA 26 -92.98 -53.94 -4.46
C GLN EA 26 -91.81 -54.10 -3.51
N ALA EA 27 -91.65 -53.14 -2.59
CA ALA EA 27 -90.60 -53.25 -1.58
C ALA EA 27 -90.80 -54.48 -0.70
N ALA EA 28 -92.06 -54.78 -0.35
CA ALA EA 28 -92.33 -55.94 0.50
C ALA EA 28 -91.92 -57.23 -0.18
N PHE EA 29 -92.23 -57.40 -1.47
CA PHE EA 29 -91.84 -58.66 -2.12
C PHE EA 29 -90.36 -58.66 -2.43
N GLY EA 30 -89.77 -57.50 -2.72
CA GLY EA 30 -88.33 -57.43 -2.84
C GLY EA 30 -87.63 -57.84 -1.56
N ARG EA 31 -88.29 -57.60 -0.42
CA ARG EA 31 -87.82 -58.12 0.86
C ARG EA 31 -88.00 -59.62 0.94
N PHE EA 32 -89.18 -60.11 0.58
CA PHE EA 32 -89.49 -61.52 0.70
C PHE EA 32 -88.62 -62.41 -0.19
N GLU EA 33 -88.21 -61.91 -1.36
CA GLU EA 33 -87.33 -62.71 -2.21
C GLU EA 33 -85.96 -62.87 -1.57
N ARG EA 34 -85.42 -61.78 -1.00
CA ARG EA 34 -84.18 -61.84 -0.25
C ARG EA 34 -84.34 -62.41 1.13
N ALA EA 35 -85.53 -62.92 1.46
CA ALA EA 35 -85.74 -63.49 2.79
C ALA EA 35 -84.97 -64.79 2.95
N VAL EA 36 -85.06 -65.69 1.99
CA VAL EA 36 -84.49 -67.03 2.15
C VAL EA 36 -82.96 -67.04 2.04
N PRO EA 37 -82.30 -66.25 1.19
CA PRO EA 37 -80.83 -66.20 1.30
C PRO EA 37 -80.37 -65.65 2.64
N ALA EA 38 -81.10 -64.67 3.19
CA ALA EA 38 -80.77 -64.16 4.51
C ALA EA 38 -81.01 -65.20 5.59
N ILE EA 39 -82.05 -66.02 5.44
CA ILE EA 39 -82.28 -67.10 6.40
C ILE EA 39 -81.16 -68.12 6.33
N GLU EA 40 -80.70 -68.44 5.11
CA GLU EA 40 -79.56 -69.34 4.98
C GLU EA 40 -78.32 -68.75 5.62
N ALA EA 41 -78.12 -67.43 5.45
CA ALA EA 41 -76.99 -66.77 6.10
C ALA EA 41 -77.10 -66.86 7.61
N ALA EA 42 -78.30 -66.63 8.14
CA ALA EA 42 -78.50 -66.71 9.59
C ALA EA 42 -78.23 -68.11 10.11
N ARG EA 43 -78.69 -69.12 9.40
CA ARG EA 43 -78.44 -70.50 9.82
C ARG EA 43 -76.96 -70.81 9.79
N ALA EA 44 -76.28 -70.45 8.71
CA ALA EA 44 -74.85 -70.74 8.61
C ALA EA 44 -74.06 -70.03 9.70
N LEU EA 45 -74.41 -68.77 9.98
CA LEU EA 45 -73.72 -68.03 11.03
C LEU EA 45 -74.06 -68.59 12.41
N THR EA 46 -75.25 -69.16 12.57
CA THR EA 46 -75.64 -69.75 13.84
C THR EA 46 -74.88 -71.03 14.11
N LYS EA 47 -74.69 -71.87 13.08
CA LYS EA 47 -74.01 -73.14 13.26
C LYS EA 47 -72.61 -72.96 13.84
N ASN EA 48 -71.92 -71.91 13.43
CA ASN EA 48 -70.49 -71.76 13.70
C ASN EA 48 -70.21 -70.79 14.85
N GLN EA 49 -71.21 -70.47 15.67
CA GLN EA 49 -71.07 -69.41 16.67
C GLN EA 49 -69.90 -69.67 17.59
N ASP EA 50 -69.69 -70.94 17.97
CA ASP EA 50 -68.67 -71.27 18.96
C ASP EA 50 -67.27 -70.96 18.44
N ALA EA 51 -66.98 -71.27 17.18
CA ALA EA 51 -65.67 -70.97 16.63
C ALA EA 51 -65.45 -69.46 16.51
N LEU EA 52 -66.50 -68.73 16.11
CA LEU EA 52 -66.38 -67.29 15.89
C LEU EA 52 -66.14 -66.53 17.19
N VAL EA 53 -66.84 -66.88 18.29
CA VAL EA 53 -66.65 -66.10 19.50
C VAL EA 53 -65.19 -66.19 19.97
N LYS EA 54 -64.63 -67.40 19.99
CA LYS EA 54 -63.21 -67.56 20.29
C LYS EA 54 -62.36 -66.78 19.29
N GLY EA 55 -62.40 -67.19 18.01
CA GLY EA 55 -61.60 -66.52 17.00
C GLY EA 55 -61.60 -65.01 17.15
N ALA EA 56 -62.77 -64.43 17.45
CA ALA EA 56 -62.86 -62.99 17.64
C ALA EA 56 -62.10 -62.52 18.86
N VAL EA 57 -62.26 -63.18 20.01
CA VAL EA 57 -61.59 -62.65 21.20
C VAL EA 57 -60.07 -62.84 21.11
N GLN EA 58 -59.61 -63.98 20.59
CA GLN EA 58 -58.16 -64.09 20.37
C GLN EA 58 -57.66 -63.17 19.27
N ALA EA 59 -58.48 -62.85 18.27
CA ALA EA 59 -58.06 -61.84 17.30
C ALA EA 59 -57.90 -60.49 17.98
N VAL EA 60 -58.82 -60.16 18.88
CA VAL EA 60 -58.72 -58.92 19.64
C VAL EA 60 -57.41 -58.89 20.42
N PHE EA 61 -57.09 -60.00 21.08
CA PHE EA 61 -55.85 -60.04 21.86
C PHE EA 61 -54.62 -59.91 20.97
N LYS EA 62 -54.66 -60.51 19.78
CA LYS EA 62 -53.55 -60.32 18.83
C LYS EA 62 -53.42 -58.86 18.42
N LYS EA 63 -54.55 -58.19 18.19
CA LYS EA 63 -54.50 -56.80 17.74
C LYS EA 63 -54.03 -55.86 18.84
N PHE EA 64 -54.42 -56.12 20.09
CA PHE EA 64 -54.06 -55.29 21.24
C PHE EA 64 -53.35 -56.17 22.26
N PRO EA 65 -52.05 -56.40 22.08
CA PRO EA 65 -51.33 -57.21 23.07
C PRO EA 65 -51.35 -56.61 24.47
N TYR EA 66 -51.42 -55.29 24.57
CA TYR EA 66 -51.25 -54.64 25.86
C TYR EA 66 -52.45 -54.82 26.78
N VAL EA 67 -53.65 -54.93 26.24
CA VAL EA 67 -54.84 -55.02 27.08
C VAL EA 67 -54.81 -56.29 27.92
N THR EA 68 -54.13 -57.33 27.42
CA THR EA 68 -54.04 -58.59 28.16
C THR EA 68 -53.13 -58.46 29.37
N GLN EA 69 -52.06 -57.65 29.27
CA GLN EA 69 -51.07 -57.57 30.32
C GLN EA 69 -51.67 -57.04 31.62
N PRO EA 70 -51.13 -57.47 32.76
CA PRO EA 70 -51.73 -57.11 34.05
C PRO EA 70 -51.69 -55.62 34.28
N GLY EA 71 -52.60 -55.16 35.14
CA GLY EA 71 -52.77 -53.74 35.36
C GLY EA 71 -53.61 -53.05 34.33
N GLU EA 72 -54.30 -53.80 33.47
CA GLU EA 72 -55.14 -53.26 32.42
C GLU EA 72 -56.56 -53.79 32.57
N LYS EA 73 -57.38 -53.51 31.56
CA LYS EA 73 -58.81 -53.79 31.65
C LYS EA 73 -59.13 -55.22 31.21
N GLY EA 74 -58.51 -55.69 30.12
CA GLY EA 74 -58.81 -57.01 29.62
C GLY EA 74 -58.37 -58.13 30.54
N TYR EA 75 -57.46 -57.82 31.46
CA TYR EA 75 -56.98 -58.82 32.40
C TYR EA 75 -58.13 -59.31 33.27
N GLY EA 76 -58.21 -60.63 33.46
CA GLY EA 76 -59.25 -61.18 34.32
C GLY EA 76 -60.13 -62.16 33.57
N ASP EA 77 -60.35 -63.32 34.20
CA ASP EA 77 -61.18 -64.35 33.57
C ASP EA 77 -62.62 -63.86 33.37
N SER EA 78 -63.14 -63.11 34.34
CA SER EA 78 -64.48 -62.56 34.18
C SER EA 78 -64.52 -61.55 33.04
N ASN EA 79 -63.45 -60.77 32.87
CA ASN EA 79 -63.36 -59.88 31.72
C ASN EA 79 -63.31 -60.68 30.42
N GLN EA 80 -62.61 -61.82 30.42
CA GLN EA 80 -62.62 -62.71 29.26
C GLN EA 80 -64.04 -63.18 28.94
N ALA EA 81 -64.78 -63.59 29.96
CA ALA EA 81 -66.16 -64.04 29.76
C ALA EA 81 -67.02 -62.91 29.24
N LYS EA 82 -66.76 -61.69 29.71
CA LYS EA 82 -67.46 -60.52 29.18
C LYS EA 82 -67.14 -60.31 27.71
N CYS EA 83 -65.88 -60.53 27.32
CA CYS EA 83 -65.51 -60.47 25.92
C CYS EA 83 -66.35 -61.43 25.10
N ALA EA 84 -66.40 -62.68 25.53
CA ALA EA 84 -67.15 -63.70 24.80
C ALA EA 84 -68.63 -63.35 24.75
N ARG EA 85 -69.18 -62.87 25.86
CA ARG EA 85 -70.59 -62.50 25.90
C ARG EA 85 -70.90 -61.35 24.96
N ASP EA 86 -70.01 -60.35 24.90
CA ASP EA 86 -70.21 -59.22 24.01
C ASP EA 86 -70.21 -59.67 22.56
N ILE EA 87 -69.25 -60.53 22.19
CA ILE EA 87 -69.19 -60.99 20.81
C ILE EA 87 -70.41 -61.86 20.49
N GLY EA 88 -70.86 -62.66 21.45
CA GLY EA 88 -72.08 -63.43 21.25
C GLY EA 88 -73.28 -62.54 21.00
N TYR EA 89 -73.41 -61.47 21.77
CA TYR EA 89 -74.49 -60.51 21.54
C TYR EA 89 -74.39 -59.91 20.15
N TYR EA 90 -73.20 -59.49 19.75
CA TYR EA 90 -73.03 -58.85 18.45
C TYR EA 90 -73.43 -59.77 17.32
N LEU EA 91 -72.92 -61.00 17.32
CA LEU EA 91 -73.25 -61.91 16.23
C LEU EA 91 -74.71 -62.36 16.32
N ARG EA 92 -75.26 -62.44 17.53
CA ARG EA 92 -76.68 -62.76 17.68
C ARG EA 92 -77.53 -61.70 17.00
N PHE EA 93 -77.20 -60.43 17.22
CA PHE EA 93 -78.01 -59.37 16.62
C PHE EA 93 -77.74 -59.23 15.14
N ILE EA 94 -76.55 -59.62 14.67
CA ILE EA 94 -76.33 -59.72 13.24
C ILE EA 94 -77.25 -60.79 12.63
N THR EA 95 -77.38 -61.93 13.32
CA THR EA 95 -78.32 -62.96 12.86
C THR EA 95 -79.75 -62.44 12.87
N TYR EA 96 -80.13 -61.70 13.91
CA TYR EA 96 -81.48 -61.15 13.95
C TYR EA 96 -81.72 -60.20 12.79
N SER EA 97 -80.76 -59.31 12.52
CA SER EA 97 -80.88 -58.40 11.39
C SER EA 97 -80.98 -59.17 10.08
N LEU EA 98 -80.25 -60.28 9.97
CA LEU EA 98 -80.37 -61.14 8.79
C LEU EA 98 -81.79 -61.69 8.67
N VAL EA 99 -82.35 -62.17 9.77
CA VAL EA 99 -83.68 -62.77 9.73
C VAL EA 99 -84.73 -61.74 9.38
N ALA EA 100 -84.65 -60.54 9.97
CA ALA EA 100 -85.64 -59.51 9.77
C ALA EA 100 -85.43 -58.68 8.52
N SER EA 101 -84.37 -58.96 7.75
CA SER EA 101 -84.06 -58.25 6.51
C SER EA 101 -83.89 -56.75 6.73
N GLY EA 102 -83.59 -56.35 7.96
CA GLY EA 102 -83.37 -54.96 8.26
C GLY EA 102 -82.56 -54.81 9.52
N THR EA 103 -81.80 -53.72 9.59
CA THR EA 103 -80.89 -53.48 10.70
C THR EA 103 -81.59 -53.02 11.96
N GLY EA 104 -82.90 -53.17 12.04
CA GLY EA 104 -83.66 -52.73 13.18
C GLY EA 104 -83.28 -53.37 14.50
N PRO EA 105 -83.25 -54.70 14.56
CA PRO EA 105 -82.83 -55.34 15.82
C PRO EA 105 -81.43 -54.96 16.24
N LEU EA 106 -80.49 -54.93 15.29
CA LEU EA 106 -79.15 -54.46 15.59
C LEU EA 106 -79.17 -53.02 16.08
N ASP EA 107 -79.87 -52.13 15.38
CA ASP EA 107 -80.02 -50.75 15.81
C ASP EA 107 -80.47 -50.69 17.26
N ASP EA 108 -81.64 -51.22 17.55
CA ASP EA 108 -82.27 -51.14 18.84
C ASP EA 108 -81.44 -51.73 19.95
N TYR EA 109 -80.78 -52.86 19.73
CA TYR EA 109 -80.16 -53.57 20.83
C TYR EA 109 -78.66 -53.36 20.93
N VAL EA 110 -78.05 -52.66 19.98
CA VAL EA 110 -76.63 -52.37 20.09
C VAL EA 110 -76.39 -50.88 19.92
N ILE EA 111 -76.85 -50.34 18.79
CA ILE EA 111 -76.40 -49.01 18.38
C ILE EA 111 -77.02 -47.93 19.26
N ALA EA 112 -78.24 -48.15 19.72
CA ALA EA 112 -78.90 -47.17 20.57
C ALA EA 112 -78.14 -47.05 21.89
N GLY EA 113 -77.53 -45.89 22.11
CA GLY EA 113 -76.78 -45.64 23.31
C GLY EA 113 -75.40 -46.24 23.35
N LEU EA 114 -74.84 -46.63 22.20
CA LEU EA 114 -73.55 -47.29 22.17
C LEU EA 114 -72.45 -46.39 22.70
N ARG EA 115 -72.39 -45.15 22.22
CA ARG EA 115 -71.23 -44.29 22.46
C ARG EA 115 -71.07 -43.98 23.94
N GLU EA 116 -72.17 -43.65 24.62
CA GLU EA 116 -72.03 -43.26 26.01
C GLU EA 116 -71.79 -44.47 26.91
N VAL EA 117 -72.34 -45.63 26.55
CA VAL EA 117 -71.98 -46.85 27.25
C VAL EA 117 -70.49 -47.12 27.15
N ASN EA 118 -69.95 -47.01 25.93
CA ASN EA 118 -68.52 -47.21 25.75
C ASN EA 118 -67.73 -46.18 26.52
N ARG EA 119 -68.25 -44.96 26.62
CA ARG EA 119 -67.56 -43.89 27.32
C ARG EA 119 -67.51 -44.13 28.82
N ALA EA 120 -68.64 -44.54 29.40
CA ALA EA 120 -68.74 -44.62 30.86
C ALA EA 120 -68.01 -45.83 31.41
N PHE EA 121 -68.03 -46.95 30.68
CA PHE EA 121 -67.35 -48.15 31.11
C PHE EA 121 -65.93 -48.24 30.59
N ASN EA 122 -65.43 -47.18 29.93
CA ASN EA 122 -64.07 -47.14 29.40
C ASN EA 122 -63.83 -48.25 28.39
N LEU EA 123 -64.85 -48.59 27.62
CA LEU EA 123 -64.75 -49.62 26.60
C LEU EA 123 -64.25 -48.98 25.31
N ASN EA 124 -63.21 -49.56 24.74
CA ASN EA 124 -62.66 -49.02 23.50
C ASN EA 124 -63.43 -49.59 22.31
N PRO EA 125 -64.08 -48.76 21.50
CA PRO EA 125 -64.81 -49.30 20.36
C PRO EA 125 -63.92 -50.00 19.36
N LEU EA 126 -62.64 -49.63 19.26
CA LEU EA 126 -61.74 -50.29 18.31
C LEU EA 126 -61.64 -51.78 18.59
N TRP EA 127 -61.78 -52.18 19.85
CA TRP EA 127 -61.81 -53.60 20.18
C TRP EA 127 -62.89 -54.32 19.38
N TYR EA 128 -64.12 -53.80 19.46
CA TYR EA 128 -65.21 -54.45 18.75
C TYR EA 128 -65.13 -54.25 17.25
N ILE EA 129 -64.53 -53.14 16.81
CA ILE EA 129 -64.36 -52.95 15.37
C ILE EA 129 -63.47 -54.04 14.79
N GLU EA 130 -62.34 -54.32 15.43
CA GLU EA 130 -61.49 -55.38 14.87
C GLU EA 130 -62.01 -56.77 15.20
N ALA EA 131 -62.81 -56.94 16.25
CA ALA EA 131 -63.49 -58.22 16.44
C ALA EA 131 -64.46 -58.49 15.29
N LEU EA 132 -65.28 -57.51 14.94
CA LEU EA 132 -66.16 -57.65 13.79
C LEU EA 132 -65.37 -57.74 12.50
N ASN EA 133 -64.17 -57.16 12.45
CA ASN EA 133 -63.32 -57.33 11.28
C ASN EA 133 -62.90 -58.79 11.12
N TYR EA 134 -62.53 -59.45 12.22
CA TYR EA 134 -62.25 -60.87 12.13
C TYR EA 134 -63.48 -61.65 11.70
N ILE EA 135 -64.63 -61.32 12.29
CA ILE EA 135 -65.86 -62.03 11.93
C ILE EA 135 -66.17 -61.86 10.46
N LYS EA 136 -66.00 -60.64 9.93
CA LYS EA 136 -66.20 -60.38 8.52
C LYS EA 136 -65.24 -61.19 7.66
N GLY EA 137 -63.97 -61.25 8.07
CA GLY EA 137 -63.00 -62.03 7.31
C GLY EA 137 -63.36 -63.50 7.26
N GLU EA 138 -63.84 -64.06 8.36
CA GLU EA 138 -64.16 -65.49 8.36
C GLU EA 138 -65.50 -65.79 7.70
N THR EA 139 -66.46 -64.85 7.74
CA THR EA 139 -67.65 -65.03 6.91
C THR EA 139 -67.33 -64.86 5.45
N GLY EA 140 -66.18 -64.24 5.13
CA GLY EA 140 -65.73 -64.22 3.76
C GLY EA 140 -65.56 -65.61 3.17
N LYS EA 141 -65.31 -66.60 4.03
CA LYS EA 141 -65.16 -67.98 3.56
C LYS EA 141 -66.32 -68.88 4.01
N LEU EA 142 -66.97 -68.56 5.12
CA LEU EA 142 -68.03 -69.44 5.61
C LEU EA 142 -69.31 -69.34 4.79
N LEU EA 143 -69.41 -68.31 3.93
CA LEU EA 143 -70.58 -68.11 3.09
C LEU EA 143 -70.17 -67.60 1.72
N SER EA 144 -71.09 -67.76 0.77
CA SER EA 144 -70.86 -67.29 -0.58
C SER EA 144 -72.20 -66.93 -1.22
N GLY EA 145 -72.18 -65.91 -2.07
CA GLY EA 145 -73.37 -65.51 -2.78
C GLY EA 145 -74.20 -64.49 -2.02
N GLN EA 146 -75.52 -64.60 -2.18
CA GLN EA 146 -76.44 -63.62 -1.60
C GLN EA 146 -76.33 -63.59 -0.09
N SER EA 147 -76.27 -64.77 0.54
CA SER EA 147 -76.16 -64.85 1.98
C SER EA 147 -74.89 -64.16 2.46
N LYS EA 148 -73.79 -64.37 1.74
CA LYS EA 148 -72.54 -63.74 2.11
C LYS EA 148 -72.63 -62.22 2.00
N THR EA 149 -73.29 -61.72 0.95
CA THR EA 149 -73.47 -60.28 0.82
C THR EA 149 -74.30 -59.72 1.96
N GLU EA 150 -75.36 -60.42 2.35
CA GLU EA 150 -76.18 -59.97 3.47
C GLU EA 150 -75.38 -59.88 4.75
N ALA EA 151 -74.65 -60.96 5.08
CA ALA EA 151 -73.85 -60.96 6.29
C ALA EA 151 -72.80 -59.86 6.26
N LEU EA 152 -72.16 -59.67 5.11
CA LEU EA 152 -71.13 -58.64 4.98
C LEU EA 152 -71.71 -57.26 5.22
N LEU EA 153 -72.87 -56.96 4.62
CA LEU EA 153 -73.47 -55.65 4.81
C LEU EA 153 -73.82 -55.40 6.26
N TYR EA 154 -74.40 -56.41 6.93
CA TYR EA 154 -74.80 -56.20 8.32
C TYR EA 154 -73.57 -56.01 9.22
N ILE EA 155 -72.52 -56.81 9.01
CA ILE EA 155 -71.31 -56.67 9.79
C ILE EA 155 -70.69 -55.29 9.58
N ASP EA 156 -70.62 -54.85 8.32
CA ASP EA 156 -70.01 -53.55 8.02
C ASP EA 156 -70.84 -52.42 8.61
N HIS EA 157 -72.16 -52.55 8.60
CA HIS EA 157 -72.99 -51.51 9.19
C HIS EA 157 -72.78 -51.42 10.70
N ALA EA 158 -72.68 -52.57 11.37
CA ALA EA 158 -72.36 -52.55 12.79
C ALA EA 158 -71.00 -51.91 13.05
N ILE EA 159 -70.02 -52.22 12.19
CA ILE EA 159 -68.69 -51.63 12.34
C ILE EA 159 -68.76 -50.12 12.21
N ASN EA 160 -69.46 -49.63 11.18
CA ASN EA 160 -69.60 -48.18 11.00
C ASN EA 160 -70.29 -47.54 12.18
N ALA EA 161 -71.30 -48.22 12.74
CA ALA EA 161 -71.94 -47.70 13.94
C ALA EA 161 -70.95 -47.58 15.09
N LEU EA 162 -70.08 -48.58 15.25
CA LEU EA 162 -69.09 -48.52 16.32
C LEU EA 162 -68.08 -47.40 16.09
N SER EA 163 -67.59 -47.25 14.87
CA SER EA 163 -66.54 -46.29 14.59
C SER EA 163 -67.05 -44.85 14.59
N SER FA 2 -90.82 -36.10 -9.22
CA SER FA 2 -91.87 -37.03 -8.83
C SER FA 2 -91.41 -37.89 -7.67
N ARG FA 3 -92.14 -38.98 -7.42
CA ARG FA 3 -91.88 -39.85 -6.28
C ARG FA 3 -91.86 -41.29 -6.76
N THR FA 4 -90.74 -41.96 -6.54
CA THR FA 4 -90.56 -43.35 -6.92
C THR FA 4 -90.13 -44.13 -5.68
N VAL FA 5 -89.65 -45.36 -5.90
CA VAL FA 5 -89.04 -46.10 -4.82
C VAL FA 5 -87.72 -45.46 -4.42
N ILE FA 6 -86.89 -45.13 -5.41
CA ILE FA 6 -85.57 -44.58 -5.15
C ILE FA 6 -85.69 -43.23 -4.45
N THR FA 7 -86.62 -42.39 -4.91
CA THR FA 7 -86.79 -41.09 -4.30
C THR FA 7 -87.34 -41.20 -2.89
N GLU FA 8 -88.27 -42.13 -2.64
CA GLU FA 8 -88.70 -42.37 -1.26
C GLU FA 8 -87.53 -42.78 -0.39
N VAL FA 9 -86.70 -43.69 -0.88
CA VAL FA 9 -85.50 -44.10 -0.16
C VAL FA 9 -84.61 -42.91 0.17
N ILE FA 10 -84.33 -42.08 -0.83
CA ILE FA 10 -83.40 -40.98 -0.64
C ILE FA 10 -83.98 -39.93 0.29
N ALA FA 11 -85.27 -39.63 0.14
CA ALA FA 11 -85.91 -38.66 1.02
C ALA FA 11 -85.95 -39.15 2.45
N THR FA 12 -86.28 -40.43 2.65
CA THR FA 12 -86.29 -40.96 4.01
C THR FA 12 -84.91 -40.95 4.64
N ALA FA 13 -83.89 -41.28 3.85
CA ALA FA 13 -82.53 -41.19 4.39
C ALA FA 13 -82.15 -39.76 4.70
N ASP FA 14 -82.54 -38.83 3.85
CA ASP FA 14 -82.13 -37.43 3.99
C ASP FA 14 -82.85 -36.73 5.12
N SER FA 15 -84.08 -37.15 5.44
CA SER FA 15 -84.82 -36.50 6.51
C SER FA 15 -84.29 -36.88 7.87
N GLN FA 16 -83.64 -38.03 7.98
CA GLN FA 16 -82.88 -38.38 9.19
C GLN FA 16 -81.39 -38.11 9.04
N GLY FA 17 -80.95 -37.57 7.92
CA GLY FA 17 -79.55 -37.20 7.77
C GLY FA 17 -78.62 -38.38 7.91
N ARG FA 18 -78.95 -39.50 7.28
CA ARG FA 18 -78.17 -40.72 7.41
C ARG FA 18 -77.87 -41.27 6.03
N PHE FA 19 -76.83 -42.09 5.97
CA PHE FA 19 -76.47 -42.76 4.74
C PHE FA 19 -77.51 -43.83 4.40
N LEU FA 20 -77.51 -44.27 3.16
CA LEU FA 20 -78.42 -45.33 2.76
C LEU FA 20 -77.96 -46.65 3.35
N ASN FA 21 -78.79 -47.25 4.21
CA ASN FA 21 -78.44 -48.50 4.84
C ASN FA 21 -79.03 -49.66 4.04
N SER FA 22 -78.99 -50.86 4.63
CA SER FA 22 -79.29 -52.07 3.88
C SER FA 22 -80.76 -52.14 3.48
N THR FA 23 -81.67 -51.66 4.35
CA THR FA 23 -83.08 -51.75 4.04
C THR FA 23 -83.42 -50.98 2.77
N GLU FA 24 -82.85 -49.78 2.64
CA GLU FA 24 -83.08 -48.96 1.46
C GLU FA 24 -82.56 -49.64 0.22
N LEU FA 25 -81.40 -50.28 0.31
CA LEU FA 25 -80.84 -50.94 -0.86
C LEU FA 25 -81.63 -52.17 -1.25
N GLN FA 26 -82.18 -52.90 -0.28
CA GLN FA 26 -83.06 -54.01 -0.61
C GLN FA 26 -84.33 -53.52 -1.30
N ALA FA 27 -84.89 -52.40 -0.84
CA ALA FA 27 -86.03 -51.82 -1.52
C ALA FA 27 -85.66 -51.43 -2.96
N ALA FA 28 -84.49 -50.85 -3.14
CA ALA FA 28 -84.05 -50.45 -4.47
C ALA FA 28 -83.88 -51.66 -5.37
N PHE FA 29 -83.32 -52.75 -4.85
CA PHE FA 29 -83.16 -53.96 -5.64
C PHE FA 29 -84.51 -54.54 -6.02
N GLY FA 30 -85.46 -54.53 -5.08
CA GLY FA 30 -86.81 -54.93 -5.42
C GLY FA 30 -87.40 -54.11 -6.54
N ARG FA 31 -87.12 -52.81 -6.56
CA ARG FA 31 -87.57 -51.98 -7.68
C ARG FA 31 -86.89 -52.37 -8.99
N PHE FA 32 -85.58 -52.55 -8.97
CA PHE FA 32 -84.84 -52.79 -10.20
C PHE FA 32 -85.22 -54.13 -10.81
N GLU FA 33 -85.59 -55.10 -9.98
CA GLU FA 33 -86.01 -56.38 -10.53
C GLU FA 33 -87.42 -56.31 -11.10
N ARG FA 34 -88.29 -55.49 -10.51
CA ARG FA 34 -89.64 -55.30 -11.03
C ARG FA 34 -89.66 -54.45 -12.28
N ALA FA 35 -88.60 -53.71 -12.55
CA ALA FA 35 -88.63 -52.76 -13.67
C ALA FA 35 -88.91 -53.45 -14.99
N VAL FA 36 -88.39 -54.66 -15.20
CA VAL FA 36 -88.54 -55.32 -16.49
C VAL FA 36 -90.01 -55.58 -16.84
N PRO FA 37 -90.81 -56.24 -15.99
CA PRO FA 37 -92.24 -56.36 -16.32
C PRO FA 37 -92.94 -55.03 -16.44
N ALA FA 38 -92.60 -54.06 -15.58
CA ALA FA 38 -93.27 -52.77 -15.62
C ALA FA 38 -92.97 -52.02 -16.90
N ILE FA 39 -91.71 -52.03 -17.34
CA ILE FA 39 -91.39 -51.39 -18.61
C ILE FA 39 -92.02 -52.13 -19.77
N GLU FA 40 -92.17 -53.46 -19.67
CA GLU FA 40 -92.87 -54.19 -20.71
C GLU FA 40 -94.34 -53.77 -20.78
N ALA FA 41 -94.97 -53.60 -19.62
CA ALA FA 41 -96.35 -53.13 -19.59
C ALA FA 41 -96.47 -51.73 -20.16
N ALA FA 42 -95.51 -50.85 -19.84
CA ALA FA 42 -95.53 -49.51 -20.38
C ALA FA 42 -95.36 -49.52 -21.90
N ARG FA 43 -94.47 -50.38 -22.41
CA ARG FA 43 -94.30 -50.49 -23.85
C ARG FA 43 -95.57 -50.97 -24.53
N ALA FA 44 -96.22 -51.97 -23.94
CA ALA FA 44 -97.47 -52.47 -24.51
C ALA FA 44 -98.55 -51.40 -24.49
N LEU FA 45 -98.65 -50.65 -23.41
CA LEU FA 45 -99.66 -49.62 -23.30
C LEU FA 45 -99.39 -48.46 -24.24
N THR FA 46 -98.12 -48.15 -24.49
CA THR FA 46 -97.80 -47.11 -25.47
C THR FA 46 -98.12 -47.56 -26.88
N LYS FA 47 -97.88 -48.85 -27.18
CA LYS FA 47 -98.20 -49.37 -28.50
C LYS FA 47 -99.69 -49.23 -28.82
N ASN FA 48 -100.53 -49.34 -27.79
CA ASN FA 48 -101.98 -49.38 -27.94
C ASN FA 48 -102.64 -48.06 -27.60
N GLN FA 49 -102.01 -46.94 -28.00
CA GLN FA 49 -102.54 -45.61 -27.72
C GLN FA 49 -103.98 -45.44 -28.19
N ASP FA 50 -104.18 -45.46 -29.50
CA ASP FA 50 -105.40 -44.91 -30.06
C ASP FA 50 -106.58 -45.84 -29.82
N ALA FA 51 -106.35 -47.15 -29.91
CA ALA FA 51 -107.41 -48.10 -29.63
C ALA FA 51 -107.92 -47.94 -28.21
N LEU FA 52 -107.02 -47.90 -27.23
CA LEU FA 52 -107.44 -47.78 -25.84
C LEU FA 52 -108.16 -46.45 -25.60
N VAL FA 53 -107.62 -45.36 -26.13
CA VAL FA 53 -108.23 -44.06 -25.86
C VAL FA 53 -109.64 -43.98 -26.43
N LYS FA 54 -109.79 -44.34 -27.72
CA LYS FA 54 -111.12 -44.25 -28.32
C LYS FA 54 -112.09 -45.22 -27.66
N GLY FA 55 -111.64 -46.43 -27.34
CA GLY FA 55 -112.52 -47.36 -26.66
C GLY FA 55 -112.99 -46.83 -25.33
N ALA FA 56 -112.11 -46.18 -24.58
CA ALA FA 56 -112.51 -45.60 -23.30
C ALA FA 56 -113.53 -44.49 -23.49
N VAL FA 57 -113.33 -43.64 -24.50
CA VAL FA 57 -114.27 -42.56 -24.74
C VAL FA 57 -115.65 -43.13 -25.09
N GLN FA 58 -115.69 -44.13 -25.96
CA GLN FA 58 -116.98 -44.72 -26.32
C GLN FA 58 -117.61 -45.45 -25.13
N ALA FA 59 -116.79 -46.06 -24.28
CA ALA FA 59 -117.34 -46.68 -23.07
C ALA FA 59 -118.00 -45.65 -22.18
N VAL FA 60 -117.35 -44.49 -22.02
CA VAL FA 60 -117.93 -43.42 -21.22
C VAL FA 60 -119.25 -42.96 -21.84
N PHE FA 61 -119.27 -42.86 -23.17
CA PHE FA 61 -120.49 -42.43 -23.85
C PHE FA 61 -121.62 -43.44 -23.67
N LYS FA 62 -121.30 -44.74 -23.72
CA LYS FA 62 -122.33 -45.75 -23.52
C LYS FA 62 -122.87 -45.74 -22.11
N LYS FA 63 -121.99 -45.67 -21.11
CA LYS FA 63 -122.45 -45.72 -19.73
C LYS FA 63 -123.21 -44.45 -19.34
N PHE FA 64 -122.90 -43.32 -19.97
CA PHE FA 64 -123.58 -42.06 -19.72
C PHE FA 64 -124.09 -41.55 -21.06
N PRO FA 65 -125.16 -42.16 -21.59
CA PRO FA 65 -125.67 -41.72 -22.89
C PRO FA 65 -126.18 -40.30 -22.89
N TYR FA 66 -126.59 -39.78 -21.73
CA TYR FA 66 -127.18 -38.46 -21.66
C TYR FA 66 -126.17 -37.37 -21.95
N VAL FA 67 -124.90 -37.61 -21.63
CA VAL FA 67 -123.94 -36.51 -21.67
C VAL FA 67 -123.70 -36.05 -23.10
N THR FA 68 -123.88 -36.93 -24.08
CA THR FA 68 -123.69 -36.56 -25.47
C THR FA 68 -124.81 -35.68 -26.00
N GLN FA 69 -125.93 -35.60 -25.29
CA GLN FA 69 -127.05 -34.79 -25.75
C GLN FA 69 -126.68 -33.31 -25.73
N PRO FA 70 -127.21 -32.53 -26.66
CA PRO FA 70 -126.94 -31.09 -26.66
C PRO FA 70 -127.41 -30.44 -25.37
N GLY FA 71 -126.68 -29.43 -24.94
CA GLY FA 71 -126.90 -28.81 -23.65
C GLY FA 71 -126.22 -29.48 -22.49
N GLU FA 72 -125.45 -30.54 -22.73
CA GLU FA 72 -124.71 -31.24 -21.70
C GLU FA 72 -123.21 -31.03 -21.93
N LYS FA 73 -122.41 -31.68 -21.07
CA LYS FA 73 -120.96 -31.55 -21.19
C LYS FA 73 -120.43 -32.25 -22.43
N GLY FA 74 -120.93 -33.45 -22.74
CA GLY FA 74 -120.34 -34.24 -23.81
C GLY FA 74 -120.75 -33.83 -25.20
N TYR FA 75 -121.63 -32.85 -25.35
CA TYR FA 75 -122.05 -32.42 -26.67
C TYR FA 75 -120.98 -31.53 -27.30
N GLY FA 76 -120.78 -31.70 -28.60
CA GLY FA 76 -119.92 -30.82 -29.34
C GLY FA 76 -118.54 -31.41 -29.54
N ASP FA 77 -117.94 -31.10 -30.70
CA ASP FA 77 -116.66 -31.68 -31.06
C ASP FA 77 -115.56 -31.28 -30.10
N SER FA 78 -115.60 -30.03 -29.61
CA SER FA 78 -114.58 -29.56 -28.69
C SER FA 78 -114.57 -30.38 -27.41
N ASN FA 79 -115.76 -30.66 -26.87
CA ASN FA 79 -115.84 -31.40 -25.62
C ASN FA 79 -115.42 -32.85 -25.80
N GLN FA 80 -115.79 -33.46 -26.93
CA GLN FA 80 -115.33 -34.82 -27.19
C GLN FA 80 -113.81 -34.87 -27.37
N ALA FA 81 -113.24 -33.86 -28.03
CA ALA FA 81 -111.79 -33.79 -28.14
C ALA FA 81 -111.14 -33.65 -26.77
N LYS FA 82 -111.73 -32.84 -25.90
CA LYS FA 82 -111.21 -32.72 -24.55
C LYS FA 82 -111.35 -34.01 -23.77
N CYS FA 83 -112.40 -34.78 -24.03
CA CYS FA 83 -112.53 -36.11 -23.43
C CYS FA 83 -111.38 -37.02 -23.87
N ALA FA 84 -111.14 -37.08 -25.17
CA ALA FA 84 -110.05 -37.91 -25.66
C ALA FA 84 -108.73 -37.46 -25.06
N ARG FA 85 -108.53 -36.15 -24.96
CA ARG FA 85 -107.30 -35.62 -24.40
C ARG FA 85 -107.15 -36.01 -22.93
N ASP FA 86 -108.23 -35.93 -22.16
CA ASP FA 86 -108.14 -36.27 -20.75
C ASP FA 86 -107.82 -37.75 -20.55
N ILE FA 87 -108.48 -38.63 -21.32
CA ILE FA 87 -108.18 -40.04 -21.17
C ILE FA 87 -106.76 -40.35 -21.62
N GLY FA 88 -106.29 -39.64 -22.65
CA GLY FA 88 -104.90 -39.78 -23.03
C GLY FA 88 -103.96 -39.35 -21.92
N TYR FA 89 -104.31 -38.27 -21.22
CA TYR FA 89 -103.52 -37.84 -20.07
C TYR FA 89 -103.44 -38.94 -19.03
N TYR FA 90 -104.59 -39.52 -18.69
CA TYR FA 90 -104.62 -40.56 -17.66
C TYR FA 90 -103.77 -41.75 -18.08
N LEU FA 91 -103.90 -42.19 -19.32
CA LEU FA 91 -103.12 -43.33 -19.79
C LEU FA 91 -101.63 -43.01 -19.77
N ARG FA 92 -101.26 -41.81 -20.21
CA ARG FA 92 -99.86 -41.40 -20.24
C ARG FA 92 -99.27 -41.42 -18.86
N PHE FA 93 -100.00 -40.91 -17.87
CA PHE FA 93 -99.47 -40.87 -16.52
C PHE FA 93 -99.46 -42.25 -15.89
N ILE FA 94 -100.34 -43.14 -16.31
CA ILE FA 94 -100.27 -44.51 -15.82
C ILE FA 94 -99.02 -45.19 -16.34
N THR FA 95 -98.70 -44.96 -17.62
CA THR FA 95 -97.45 -45.52 -18.15
C THR FA 95 -96.23 -44.89 -17.49
N TYR FA 96 -96.31 -43.60 -17.18
CA TYR FA 96 -95.24 -42.94 -16.44
C TYR FA 96 -95.06 -43.60 -15.08
N SER FA 97 -96.16 -43.90 -14.40
CA SER FA 97 -96.08 -44.58 -13.11
C SER FA 97 -95.49 -45.96 -13.24
N LEU FA 98 -95.84 -46.68 -14.30
CA LEU FA 98 -95.26 -48.00 -14.53
C LEU FA 98 -93.75 -47.91 -14.69
N VAL FA 99 -93.31 -47.00 -15.55
CA VAL FA 99 -91.88 -46.82 -15.79
C VAL FA 99 -91.17 -46.41 -14.50
N ALA FA 100 -91.74 -45.45 -13.78
CA ALA FA 100 -91.15 -45.00 -12.52
C ALA FA 100 -91.25 -46.04 -11.42
N SER FA 101 -92.13 -47.03 -11.57
CA SER FA 101 -92.40 -48.02 -10.53
C SER FA 101 -92.78 -47.32 -9.22
N GLY FA 102 -93.59 -46.28 -9.33
CA GLY FA 102 -94.09 -45.58 -8.17
C GLY FA 102 -95.24 -44.70 -8.59
N THR FA 103 -96.15 -44.47 -7.67
CA THR FA 103 -97.33 -43.69 -8.00
C THR FA 103 -97.06 -42.23 -8.00
N GLY FA 104 -95.81 -41.81 -8.08
CA GLY FA 104 -95.47 -40.41 -8.10
C GLY FA 104 -95.99 -39.65 -9.29
N PRO FA 105 -95.79 -40.15 -10.51
CA PRO FA 105 -96.35 -39.43 -11.66
C PRO FA 105 -97.84 -39.19 -11.56
N LEU FA 106 -98.61 -40.21 -11.19
CA LEU FA 106 -100.04 -40.02 -11.02
C LEU FA 106 -100.33 -39.04 -9.89
N ASP FA 107 -99.76 -39.29 -8.71
CA ASP FA 107 -100.11 -38.50 -7.54
C ASP FA 107 -99.76 -37.03 -7.74
N ASP FA 108 -98.67 -36.73 -8.43
CA ASP FA 108 -98.26 -35.36 -8.64
C ASP FA 108 -98.94 -34.69 -9.82
N TYR FA 109 -99.26 -35.43 -10.89
CA TYR FA 109 -99.81 -34.75 -12.04
C TYR FA 109 -101.33 -34.78 -12.05
N VAL FA 110 -101.94 -35.94 -11.82
CA VAL FA 110 -103.39 -36.06 -11.88
C VAL FA 110 -104.01 -35.78 -10.52
N ILE FA 111 -103.68 -36.60 -9.53
CA ILE FA 111 -104.44 -36.65 -8.30
C ILE FA 111 -104.36 -35.33 -7.54
N ALA FA 112 -103.18 -34.74 -7.42
CA ALA FA 112 -103.02 -33.55 -6.59
C ALA FA 112 -103.76 -32.39 -7.21
N GLY FA 113 -104.90 -32.03 -6.64
CA GLY FA 113 -105.77 -31.04 -7.24
C GLY FA 113 -106.90 -31.60 -8.06
N LEU FA 114 -107.22 -32.87 -7.91
CA LEU FA 114 -108.24 -33.49 -8.74
C LEU FA 114 -109.64 -33.02 -8.34
N ARG FA 115 -109.94 -33.03 -7.04
CA ARG FA 115 -111.27 -32.67 -6.59
C ARG FA 115 -111.56 -31.20 -6.86
N GLU FA 116 -110.60 -30.34 -6.58
CA GLU FA 116 -110.82 -28.90 -6.77
C GLU FA 116 -111.10 -28.58 -8.23
N VAL FA 117 -110.33 -29.15 -9.14
CA VAL FA 117 -110.51 -28.86 -10.55
C VAL FA 117 -111.80 -29.47 -11.06
N ASN FA 118 -112.08 -30.73 -10.69
CA ASN FA 118 -113.30 -31.37 -11.15
C ASN FA 118 -114.53 -30.64 -10.63
N ARG FA 119 -114.47 -30.14 -9.41
CA ARG FA 119 -115.59 -29.39 -8.85
C ARG FA 119 -115.73 -28.03 -9.50
N ALA FA 120 -114.61 -27.39 -9.84
CA ALA FA 120 -114.70 -26.07 -10.46
C ALA FA 120 -115.28 -26.15 -11.86
N PHE FA 121 -114.87 -27.14 -12.64
CA PHE FA 121 -115.32 -27.29 -14.01
C PHE FA 121 -116.54 -28.21 -14.12
N ASN FA 122 -117.07 -28.65 -12.99
CA ASN FA 122 -118.25 -29.51 -12.96
C ASN FA 122 -118.00 -30.79 -13.75
N LEU FA 123 -116.78 -31.30 -13.69
CA LEU FA 123 -116.46 -32.59 -14.26
C LEU FA 123 -116.84 -33.68 -13.28
N ASN FA 124 -117.34 -34.79 -13.82
CA ASN FA 124 -117.79 -35.89 -12.99
C ASN FA 124 -116.68 -36.91 -12.86
N PRO FA 125 -116.26 -37.29 -11.66
CA PRO FA 125 -115.27 -38.35 -11.53
C PRO FA 125 -115.75 -39.68 -12.09
N LEU FA 126 -117.06 -39.88 -12.17
CA LEU FA 126 -117.59 -41.14 -12.63
C LEU FA 126 -117.27 -41.39 -14.10
N TRP FA 127 -117.20 -40.33 -14.91
CA TRP FA 127 -116.80 -40.53 -16.29
C TRP FA 127 -115.42 -41.16 -16.37
N TYR FA 128 -114.49 -40.62 -15.61
CA TYR FA 128 -113.13 -41.14 -15.64
C TYR FA 128 -113.03 -42.50 -14.97
N ILE FA 129 -113.84 -42.76 -13.96
CA ILE FA 129 -113.86 -44.09 -13.36
C ILE FA 129 -114.33 -45.12 -14.38
N GLU FA 130 -115.37 -44.80 -15.14
CA GLU FA 130 -115.83 -45.71 -16.19
C GLU FA 130 -114.75 -45.91 -17.26
N ALA FA 131 -114.12 -44.83 -17.69
CA ALA FA 131 -113.08 -44.94 -18.70
C ALA FA 131 -111.92 -45.79 -18.21
N LEU FA 132 -111.51 -45.60 -16.96
CA LEU FA 132 -110.42 -46.37 -16.40
C LEU FA 132 -110.81 -47.82 -16.20
N ASN FA 133 -112.08 -48.10 -15.92
CA ASN FA 133 -112.52 -49.49 -15.84
C ASN FA 133 -112.48 -50.15 -17.20
N TYR FA 134 -112.84 -49.42 -18.25
CA TYR FA 134 -112.64 -49.94 -19.60
C TYR FA 134 -111.18 -50.21 -19.87
N ILE FA 135 -110.30 -49.29 -19.49
CA ILE FA 135 -108.88 -49.47 -19.74
C ILE FA 135 -108.37 -50.67 -18.97
N LYS FA 136 -108.88 -50.85 -17.74
CA LYS FA 136 -108.54 -52.00 -16.93
C LYS FA 136 -108.96 -53.29 -17.60
N GLY FA 137 -110.18 -53.31 -18.16
CA GLY FA 137 -110.64 -54.51 -18.85
C GLY FA 137 -109.78 -54.85 -20.05
N GLU FA 138 -109.49 -53.85 -20.88
CA GLU FA 138 -108.66 -54.11 -22.06
C GLU FA 138 -107.22 -54.43 -21.70
N THR FA 139 -106.76 -54.01 -20.53
CA THR FA 139 -105.40 -54.34 -20.12
C THR FA 139 -105.22 -55.85 -19.94
N GLY FA 140 -106.22 -56.53 -19.38
CA GLY FA 140 -106.13 -57.96 -19.22
C GLY FA 140 -105.94 -58.70 -20.53
N LYS FA 141 -106.62 -58.25 -21.58
CA LYS FA 141 -106.36 -58.80 -22.90
C LYS FA 141 -104.96 -58.43 -23.38
N LEU FA 142 -104.58 -57.16 -23.20
CA LEU FA 142 -103.39 -56.66 -23.88
C LEU FA 142 -102.11 -57.09 -23.16
N LEU FA 143 -102.19 -57.40 -21.88
CA LEU FA 143 -101.05 -57.77 -21.06
C LEU FA 143 -101.27 -59.12 -20.42
N SER FA 144 -100.19 -59.89 -20.29
CA SER FA 144 -100.25 -61.20 -19.66
C SER FA 144 -99.09 -61.35 -18.68
N GLY FA 145 -99.38 -61.91 -17.53
CA GLY FA 145 -98.35 -62.23 -16.55
C GLY FA 145 -98.23 -61.15 -15.48
N GLN FA 146 -97.01 -60.76 -15.18
CA GLN FA 146 -96.74 -59.72 -14.19
C GLN FA 146 -97.05 -58.32 -14.70
N SER FA 147 -96.76 -58.07 -15.98
CA SER FA 147 -97.04 -56.77 -16.58
C SER FA 147 -98.50 -56.38 -16.38
N LYS FA 148 -99.41 -57.32 -16.61
CA LYS FA 148 -100.82 -57.07 -16.38
C LYS FA 148 -101.08 -56.71 -14.93
N THR FA 149 -100.43 -57.41 -14.00
CA THR FA 149 -100.62 -57.11 -12.58
C THR FA 149 -100.20 -55.68 -12.26
N GLU FA 150 -99.03 -55.26 -12.75
CA GLU FA 150 -98.55 -53.91 -12.46
C GLU FA 150 -99.50 -52.86 -13.04
N ALA FA 151 -99.87 -53.02 -14.31
CA ALA FA 151 -100.76 -52.05 -14.93
C ALA FA 151 -102.08 -51.96 -14.20
N LEU FA 152 -102.62 -53.12 -13.79
CA LEU FA 152 -103.87 -53.11 -13.04
C LEU FA 152 -103.68 -52.41 -11.70
N LEU FA 153 -102.52 -52.56 -11.07
CA LEU FA 153 -102.27 -51.88 -9.81
C LEU FA 153 -102.34 -50.37 -9.98
N TYR FA 154 -101.70 -49.84 -11.01
CA TYR FA 154 -101.69 -48.39 -11.17
C TYR FA 154 -103.06 -47.86 -11.60
N ILE FA 155 -103.77 -48.59 -12.46
CA ILE FA 155 -105.11 -48.15 -12.85
C ILE FA 155 -106.04 -48.21 -11.65
N ASP FA 156 -105.88 -49.23 -10.80
CA ASP FA 156 -106.68 -49.31 -9.59
C ASP FA 156 -106.40 -48.13 -8.68
N HIS FA 157 -105.13 -47.73 -8.56
CA HIS FA 157 -104.81 -46.58 -7.73
C HIS FA 157 -105.50 -45.33 -8.27
N ALA FA 158 -105.49 -45.14 -9.58
CA ALA FA 158 -106.16 -43.98 -10.15
C ALA FA 158 -107.66 -44.02 -9.87
N ILE FA 159 -108.28 -45.19 -10.02
CA ILE FA 159 -109.72 -45.31 -9.78
C ILE FA 159 -110.04 -45.01 -8.32
N ASN FA 160 -109.25 -45.54 -7.40
CA ASN FA 160 -109.46 -45.24 -5.99
C ASN FA 160 -109.29 -43.76 -5.71
N ALA FA 161 -108.34 -43.12 -6.38
CA ALA FA 161 -108.15 -41.69 -6.18
C ALA FA 161 -109.36 -40.89 -6.64
N LEU FA 162 -109.91 -41.24 -7.80
CA LEU FA 162 -111.06 -40.51 -8.32
C LEU FA 162 -112.28 -40.67 -7.42
N SER FA 163 -112.53 -41.88 -6.96
CA SER FA 163 -113.74 -42.16 -6.18
C SER FA 163 -113.61 -41.70 -4.74
N SER GA 2 -124.79 -24.82 18.48
CA SER GA 2 -124.43 -24.25 17.19
C SER GA 2 -123.76 -22.88 17.35
N ARG GA 3 -123.69 -22.13 16.26
CA ARG GA 3 -123.00 -20.84 16.21
C ARG GA 3 -123.98 -19.76 15.79
N THR GA 4 -124.00 -18.66 16.52
CA THR GA 4 -124.84 -17.51 16.18
C THR GA 4 -124.14 -16.23 16.59
N VAL GA 5 -124.81 -15.11 16.37
CA VAL GA 5 -124.22 -13.81 16.63
C VAL GA 5 -123.88 -13.65 18.10
N ILE GA 6 -124.83 -13.99 18.97
CA ILE GA 6 -124.58 -13.91 20.41
C ILE GA 6 -123.53 -14.92 20.82
N THR GA 7 -123.56 -16.10 20.21
CA THR GA 7 -122.51 -17.09 20.48
C THR GA 7 -121.15 -16.55 20.07
N GLU GA 8 -121.05 -15.92 18.89
CA GLU GA 8 -119.78 -15.34 18.48
C GLU GA 8 -119.32 -14.27 19.46
N VAL GA 9 -120.25 -13.41 19.88
CA VAL GA 9 -119.90 -12.33 20.79
C VAL GA 9 -119.37 -12.90 22.12
N ILE GA 10 -120.12 -13.82 22.71
CA ILE GA 10 -119.74 -14.37 24.00
C ILE GA 10 -118.43 -15.13 23.90
N ALA GA 11 -118.28 -15.95 22.85
CA ALA GA 11 -117.07 -16.73 22.69
C ALA GA 11 -115.85 -15.85 22.47
N THR GA 12 -116.00 -14.81 21.66
CA THR GA 12 -114.89 -13.89 21.45
C THR GA 12 -114.51 -13.18 22.75
N ALA GA 13 -115.50 -12.64 23.45
CA ALA GA 13 -115.22 -11.91 24.67
C ALA GA 13 -114.57 -12.80 25.72
N ASP GA 14 -115.05 -14.05 25.85
CA ASP GA 14 -114.44 -14.97 26.80
C ASP GA 14 -113.05 -15.37 26.36
N SER GA 15 -112.83 -15.50 25.05
CA SER GA 15 -111.51 -15.86 24.54
C SER GA 15 -110.47 -14.81 24.93
N GLN GA 16 -110.84 -13.53 24.81
CA GLN GA 16 -109.99 -12.44 25.29
C GLN GA 16 -110.14 -12.22 26.79
N GLY GA 17 -111.08 -12.90 27.44
CA GLY GA 17 -111.29 -12.69 28.86
C GLY GA 17 -111.58 -11.25 29.21
N ARG GA 18 -112.37 -10.58 28.39
CA ARG GA 18 -112.55 -9.15 28.49
C ARG GA 18 -114.02 -8.87 28.20
N PHE GA 19 -114.58 -7.89 28.90
CA PHE GA 19 -116.02 -7.68 28.83
C PHE GA 19 -116.50 -7.37 27.43
N LEU GA 20 -117.81 -7.39 27.25
CA LEU GA 20 -118.39 -7.04 25.97
C LEU GA 20 -118.20 -5.56 25.72
N ASN GA 21 -117.41 -5.22 24.69
CA ASN GA 21 -117.18 -3.82 24.37
C ASN GA 21 -118.34 -3.30 23.52
N SER GA 22 -118.18 -2.09 23.00
CA SER GA 22 -119.27 -1.44 22.28
C SER GA 22 -119.74 -2.28 21.11
N THR GA 23 -118.80 -2.72 20.26
CA THR GA 23 -119.18 -3.35 19.00
C THR GA 23 -119.95 -4.65 19.23
N GLU GA 24 -119.57 -5.42 20.24
CA GLU GA 24 -120.31 -6.64 20.55
C GLU GA 24 -121.73 -6.33 21.00
N LEU GA 25 -121.89 -5.36 21.90
CA LEU GA 25 -123.22 -4.95 22.34
C LEU GA 25 -124.07 -4.57 21.15
N GLN GA 26 -123.53 -3.77 20.25
CA GLN GA 26 -124.33 -3.18 19.19
C GLN GA 26 -124.59 -4.15 18.05
N ALA GA 27 -123.69 -5.10 17.81
CA ALA GA 27 -124.00 -6.20 16.91
C ALA GA 27 -125.14 -7.05 17.46
N ALA GA 28 -125.11 -7.33 18.76
CA ALA GA 28 -126.22 -8.04 19.38
C ALA GA 28 -127.51 -7.23 19.26
N PHE GA 29 -127.38 -5.91 19.36
CA PHE GA 29 -128.53 -5.03 19.14
C PHE GA 29 -129.12 -5.25 17.76
N GLY GA 30 -128.27 -5.14 16.74
CA GLY GA 30 -128.74 -5.31 15.37
C GLY GA 30 -129.37 -6.67 15.14
N ARG GA 31 -128.81 -7.70 15.77
CA ARG GA 31 -129.45 -9.01 15.71
C ARG GA 31 -130.84 -8.98 16.32
N PHE GA 32 -131.00 -8.28 17.43
CA PHE GA 32 -132.33 -8.24 18.04
C PHE GA 32 -133.34 -7.51 17.16
N GLU GA 33 -132.94 -6.44 16.46
CA GLU GA 33 -133.91 -5.93 15.47
C GLU GA 33 -134.16 -6.94 14.35
N ARG GA 34 -133.11 -7.58 13.83
CA ARG GA 34 -133.30 -8.54 12.75
C ARG GA 34 -134.18 -9.72 13.15
N ALA GA 35 -134.31 -9.98 14.45
CA ALA GA 35 -135.06 -11.14 14.90
C ALA GA 35 -136.52 -11.09 14.47
N VAL GA 36 -137.05 -9.89 14.24
CA VAL GA 36 -138.48 -9.77 13.93
C VAL GA 36 -138.82 -10.31 12.54
N PRO GA 37 -138.24 -9.79 11.44
CA PRO GA 37 -138.58 -10.38 10.14
C PRO GA 37 -138.18 -11.84 10.02
N ALA GA 38 -137.10 -12.24 10.70
CA ALA GA 38 -136.57 -13.59 10.53
C ALA GA 38 -137.55 -14.63 11.02
N ILE GA 39 -138.17 -14.41 12.18
CA ILE GA 39 -139.10 -15.40 12.72
C ILE GA 39 -140.34 -15.49 11.83
N GLU GA 40 -140.80 -14.37 11.31
CA GLU GA 40 -141.93 -14.39 10.38
C GLU GA 40 -141.58 -15.16 9.11
N ALA GA 41 -140.35 -14.97 8.61
CA ALA GA 41 -139.91 -15.74 7.45
C ALA GA 41 -139.89 -17.23 7.75
N ALA GA 42 -139.39 -17.59 8.94
CA ALA GA 42 -139.38 -19.00 9.33
C ALA GA 42 -140.78 -19.56 9.39
N ARG GA 43 -141.73 -18.79 9.93
CA ARG GA 43 -143.12 -19.19 9.93
C ARG GA 43 -143.60 -19.47 8.52
N ALA GA 44 -143.40 -18.49 7.62
CA ALA GA 44 -143.90 -18.62 6.26
C ALA GA 44 -143.31 -19.84 5.57
N LEU GA 45 -142.03 -20.13 5.85
CA LEU GA 45 -141.42 -21.32 5.28
C LEU GA 45 -142.03 -22.59 5.85
N THR GA 46 -142.24 -22.64 7.16
CA THR GA 46 -142.69 -23.90 7.77
C THR GA 46 -144.16 -24.16 7.47
N LYS GA 47 -144.93 -23.14 7.10
CA LYS GA 47 -146.30 -23.39 6.68
C LYS GA 47 -146.34 -24.27 5.43
N ASN GA 48 -145.44 -24.02 4.49
CA ASN GA 48 -145.55 -24.56 3.14
C ASN GA 48 -144.54 -25.67 2.85
N GLN GA 49 -144.12 -26.42 3.87
CA GLN GA 49 -143.05 -27.39 3.67
C GLN GA 49 -143.42 -28.45 2.64
N ASP GA 50 -144.64 -29.00 2.72
CA ASP GA 50 -145.01 -30.11 1.85
C ASP GA 50 -145.00 -29.71 0.38
N ALA GA 51 -145.68 -28.61 0.06
CA ALA GA 51 -145.73 -28.16 -1.33
C ALA GA 51 -144.33 -27.88 -1.85
N LEU GA 52 -143.49 -27.27 -1.03
CA LEU GA 52 -142.13 -26.97 -1.46
C LEU GA 52 -141.35 -28.24 -1.75
N VAL GA 53 -141.46 -29.24 -0.88
CA VAL GA 53 -140.69 -30.48 -1.06
C VAL GA 53 -141.14 -31.20 -2.32
N LYS GA 54 -142.45 -31.39 -2.50
CA LYS GA 54 -142.90 -32.04 -3.74
C LYS GA 54 -142.53 -31.22 -4.97
N GLY GA 55 -142.71 -29.91 -4.94
CA GLY GA 55 -142.29 -29.13 -6.10
C GLY GA 55 -140.83 -29.34 -6.42
N ALA GA 56 -139.98 -29.35 -5.39
CA ALA GA 56 -138.55 -29.52 -5.59
C ALA GA 56 -138.22 -30.87 -6.19
N VAL GA 57 -138.87 -31.94 -5.74
CA VAL GA 57 -138.44 -33.26 -6.19
C VAL GA 57 -138.71 -33.45 -7.68
N GLN GA 58 -139.88 -33.05 -8.17
CA GLN GA 58 -140.06 -33.12 -9.63
C GLN GA 58 -139.31 -32.01 -10.35
N ALA GA 59 -138.88 -30.95 -9.67
CA ALA GA 59 -137.89 -30.08 -10.29
C ALA GA 59 -136.61 -30.86 -10.59
N VAL GA 60 -136.18 -31.67 -9.62
CA VAL GA 60 -135.01 -32.52 -9.81
C VAL GA 60 -135.22 -33.45 -10.99
N PHE GA 61 -136.34 -34.16 -10.97
CA PHE GA 61 -136.59 -35.15 -12.01
C PHE GA 61 -136.81 -34.50 -13.36
N LYS GA 62 -137.16 -33.20 -13.36
CA LYS GA 62 -137.33 -32.48 -14.61
C LYS GA 62 -135.98 -32.13 -15.22
N LYS GA 63 -135.10 -31.49 -14.44
CA LYS GA 63 -133.84 -31.06 -15.05
C LYS GA 63 -132.88 -32.23 -15.19
N PHE GA 64 -133.06 -33.29 -14.40
CA PHE GA 64 -132.31 -34.54 -14.56
C PHE GA 64 -133.29 -35.66 -14.83
N PRO GA 65 -133.75 -35.83 -16.07
CA PRO GA 65 -134.58 -37.00 -16.39
C PRO GA 65 -133.85 -38.31 -16.20
N TYR GA 66 -132.53 -38.32 -16.38
CA TYR GA 66 -131.77 -39.56 -16.43
C TYR GA 66 -131.71 -40.28 -15.10
N VAL GA 67 -131.93 -39.58 -13.98
CA VAL GA 67 -131.83 -40.24 -12.69
C VAL GA 67 -132.93 -41.28 -12.52
N THR GA 68 -134.08 -41.06 -13.15
CA THR GA 68 -135.22 -41.96 -12.93
C THR GA 68 -135.16 -43.21 -13.79
N GLN GA 69 -134.24 -43.28 -14.75
CA GLN GA 69 -134.10 -44.50 -15.52
C GLN GA 69 -133.54 -45.61 -14.64
N PRO GA 70 -133.86 -46.87 -14.93
CA PRO GA 70 -133.39 -47.96 -14.07
C PRO GA 70 -131.87 -48.04 -14.02
N GLY GA 71 -131.37 -48.44 -12.86
CA GLY GA 71 -129.94 -48.53 -12.66
C GLY GA 71 -129.28 -47.22 -12.25
N GLU GA 72 -130.03 -46.14 -12.16
CA GLU GA 72 -129.54 -44.86 -11.68
C GLU GA 72 -130.06 -44.60 -10.28
N LYS GA 73 -129.54 -43.53 -9.67
CA LYS GA 73 -129.84 -43.26 -8.27
C LYS GA 73 -131.30 -42.90 -8.07
N GLY GA 74 -131.88 -42.11 -8.98
CA GLY GA 74 -133.24 -41.64 -8.79
C GLY GA 74 -134.30 -42.72 -8.93
N TYR GA 75 -133.98 -43.82 -9.62
CA TYR GA 75 -134.94 -44.89 -9.81
C TYR GA 75 -135.21 -45.60 -8.50
N GLY GA 76 -136.48 -45.88 -8.24
CA GLY GA 76 -136.87 -46.54 -7.01
C GLY GA 76 -137.75 -45.68 -6.13
N ASP GA 77 -138.62 -46.33 -5.36
CA ASP GA 77 -139.55 -45.59 -4.50
C ASP GA 77 -138.88 -45.15 -3.21
N SER GA 78 -138.14 -46.05 -2.57
CA SER GA 78 -137.42 -45.69 -1.36
C SER GA 78 -136.37 -44.63 -1.65
N ASN GA 79 -135.79 -44.67 -2.84
CA ASN GA 79 -134.80 -43.67 -3.23
C ASN GA 79 -135.42 -42.27 -3.27
N GLN GA 80 -136.61 -42.16 -3.86
CA GLN GA 80 -137.30 -40.88 -3.90
C GLN GA 80 -137.81 -40.47 -2.53
N ALA GA 81 -138.15 -41.44 -1.68
CA ALA GA 81 -138.51 -41.10 -0.31
C ALA GA 81 -137.32 -40.51 0.43
N LYS GA 82 -136.14 -41.07 0.22
CA LYS GA 82 -134.92 -40.48 0.79
C LYS GA 82 -134.69 -39.08 0.23
N CYS GA 83 -134.99 -38.88 -1.06
CA CYS GA 83 -134.90 -37.53 -1.62
C CYS GA 83 -135.81 -36.56 -0.87
N ALA GA 84 -137.05 -36.95 -0.65
CA ALA GA 84 -137.99 -36.07 0.05
C ALA GA 84 -137.52 -35.79 1.46
N ARG GA 85 -137.00 -36.80 2.14
CA ARG GA 85 -136.48 -36.59 3.49
C ARG GA 85 -135.31 -35.62 3.48
N ASP GA 86 -134.41 -35.75 2.50
CA ASP GA 86 -133.26 -34.85 2.43
C ASP GA 86 -133.70 -33.41 2.19
N ILE GA 87 -134.67 -33.21 1.29
CA ILE GA 87 -135.14 -31.85 1.02
C ILE GA 87 -135.84 -31.28 2.24
N GLY GA 88 -136.57 -32.12 2.97
CA GLY GA 88 -137.13 -31.68 4.23
C GLY GA 88 -136.08 -31.27 5.22
N TYR GA 89 -134.98 -32.02 5.28
CA TYR GA 89 -133.87 -31.65 6.16
C TYR GA 89 -133.33 -30.28 5.79
N TYR GA 90 -133.12 -30.06 4.50
CA TYR GA 90 -132.60 -28.77 4.04
C TYR GA 90 -133.55 -27.64 4.41
N LEU GA 91 -134.85 -27.83 4.20
CA LEU GA 91 -135.79 -26.76 4.51
C LEU GA 91 -135.85 -26.50 6.00
N ARG GA 92 -135.81 -27.57 6.82
CA ARG GA 92 -135.81 -27.39 8.26
C ARG GA 92 -134.58 -26.63 8.72
N PHE GA 93 -133.43 -26.93 8.15
CA PHE GA 93 -132.22 -26.23 8.56
C PHE GA 93 -132.20 -24.79 8.07
N ILE GA 94 -132.79 -24.51 6.91
CA ILE GA 94 -132.94 -23.13 6.48
C ILE GA 94 -133.79 -22.36 7.48
N THR GA 95 -134.89 -22.97 7.93
CA THR GA 95 -135.73 -22.33 8.94
C THR GA 95 -134.96 -22.13 10.25
N TYR GA 96 -134.18 -23.15 10.64
CA TYR GA 96 -133.37 -23.04 11.86
C TYR GA 96 -132.41 -21.87 11.77
N SER GA 97 -131.73 -21.72 10.63
CA SER GA 97 -130.81 -20.62 10.44
C SER GA 97 -131.53 -19.28 10.44
N LEU GA 98 -132.72 -19.22 9.83
CA LEU GA 98 -133.50 -17.99 9.85
C LEU GA 98 -133.82 -17.59 11.28
N VAL GA 99 -134.25 -18.54 12.09
CA VAL GA 99 -134.55 -18.24 13.48
C VAL GA 99 -133.29 -17.80 14.23
N ALA GA 100 -132.18 -18.52 14.07
CA ALA GA 100 -130.97 -18.23 14.81
C ALA GA 100 -130.23 -17.00 14.29
N SER GA 101 -130.64 -16.44 13.15
CA SER GA 101 -129.99 -15.30 12.51
C SER GA 101 -128.52 -15.57 12.22
N GLY GA 102 -128.19 -16.82 11.96
CA GLY GA 102 -126.83 -17.17 11.57
C GLY GA 102 -126.85 -18.47 10.80
N THR GA 103 -125.84 -18.64 9.96
CA THR GA 103 -125.78 -19.88 9.22
C THR GA 103 -125.21 -21.00 10.02
N GLY GA 104 -124.92 -20.73 11.29
CA GLY GA 104 -124.33 -21.70 12.18
C GLY GA 104 -125.05 -23.03 12.23
N PRO GA 105 -126.38 -23.01 12.42
CA PRO GA 105 -127.12 -24.27 12.34
C PRO GA 105 -126.91 -25.00 11.04
N LEU GA 106 -127.12 -24.33 9.91
CA LEU GA 106 -126.94 -24.98 8.62
C LEU GA 106 -125.50 -25.41 8.42
N ASP GA 107 -124.53 -24.57 8.81
CA ASP GA 107 -123.12 -24.98 8.73
C ASP GA 107 -122.90 -26.28 9.47
N ASP GA 108 -123.10 -26.26 10.79
CA ASP GA 108 -122.76 -27.41 11.63
C ASP GA 108 -123.58 -28.65 11.30
N TYR GA 109 -124.75 -28.50 10.67
CA TYR GA 109 -125.60 -29.66 10.49
C TYR GA 109 -125.67 -30.14 9.05
N VAL GA 110 -125.18 -29.37 8.10
CA VAL GA 110 -125.12 -29.78 6.70
C VAL GA 110 -123.72 -29.64 6.14
N ILE GA 111 -123.13 -28.45 6.24
CA ILE GA 111 -121.88 -28.18 5.56
C ILE GA 111 -120.75 -29.00 6.14
N ALA GA 112 -120.77 -29.21 7.46
CA ALA GA 112 -119.73 -29.99 8.11
C ALA GA 112 -119.66 -31.39 7.52
N GLY GA 113 -118.60 -31.66 6.76
CA GLY GA 113 -118.43 -32.96 6.13
C GLY GA 113 -119.47 -33.29 5.09
N LEU GA 114 -119.97 -32.30 4.36
CA LEU GA 114 -120.93 -32.56 3.30
C LEU GA 114 -120.28 -33.28 2.13
N ARG GA 115 -119.10 -32.81 1.71
CA ARG GA 115 -118.52 -33.27 0.46
C ARG GA 115 -118.15 -34.74 0.51
N GLU GA 116 -117.52 -35.18 1.60
CA GLU GA 116 -117.08 -36.58 1.67
C GLU GA 116 -118.28 -37.51 1.79
N VAL GA 117 -119.32 -37.06 2.48
CA VAL GA 117 -120.54 -37.87 2.57
C VAL GA 117 -121.20 -37.99 1.20
N ASN GA 118 -121.25 -36.90 0.44
CA ASN GA 118 -121.84 -36.97 -0.89
C ASN GA 118 -121.02 -37.86 -1.81
N ARG GA 119 -119.70 -37.79 -1.71
CA ARG GA 119 -118.86 -38.65 -2.54
C ARG GA 119 -118.98 -40.11 -2.15
N ALA GA 120 -119.17 -40.39 -0.86
CA ALA GA 120 -119.26 -41.77 -0.41
C ALA GA 120 -120.48 -42.47 -1.01
N PHE GA 121 -121.62 -41.78 -1.03
CA PHE GA 121 -122.85 -42.37 -1.54
C PHE GA 121 -123.17 -41.93 -2.96
N ASN GA 122 -122.24 -41.25 -3.63
CA ASN GA 122 -122.40 -40.83 -5.02
C ASN GA 122 -123.66 -40.00 -5.23
N LEU GA 123 -123.95 -39.14 -4.27
CA LEU GA 123 -125.06 -38.20 -4.39
C LEU GA 123 -124.57 -36.95 -5.10
N ASN GA 124 -124.95 -36.80 -6.36
CA ASN GA 124 -124.50 -35.67 -7.15
C ASN GA 124 -125.06 -34.39 -6.56
N PRO GA 125 -124.22 -33.43 -6.16
CA PRO GA 125 -124.73 -32.22 -5.51
C PRO GA 125 -125.69 -31.41 -6.37
N LEU GA 126 -125.48 -31.39 -7.69
CA LEU GA 126 -126.26 -30.50 -8.55
C LEU GA 126 -127.75 -30.72 -8.36
N TRP GA 127 -128.15 -31.94 -8.03
CA TRP GA 127 -129.52 -32.21 -7.62
C TRP GA 127 -129.93 -31.25 -6.52
N TYR GA 128 -129.09 -31.14 -5.49
CA TYR GA 128 -129.46 -30.34 -4.33
C TYR GA 128 -129.32 -28.85 -4.61
N ILE GA 129 -128.31 -28.45 -5.41
CA ILE GA 129 -128.25 -27.04 -5.82
C ILE GA 129 -129.54 -26.63 -6.50
N GLU GA 130 -130.02 -27.42 -7.45
CA GLU GA 130 -131.22 -26.98 -8.16
C GLU GA 130 -132.49 -27.18 -7.34
N ALA GA 131 -132.51 -28.13 -6.41
CA ALA GA 131 -133.64 -28.18 -5.47
C ALA GA 131 -133.70 -26.91 -4.64
N LEU GA 132 -132.56 -26.45 -4.15
CA LEU GA 132 -132.53 -25.20 -3.41
C LEU GA 132 -132.81 -24.01 -4.32
N ASN GA 133 -132.46 -24.11 -5.60
CA ASN GA 133 -132.86 -23.07 -6.55
C ASN GA 133 -134.37 -23.00 -6.66
N TYR GA 134 -135.04 -24.15 -6.71
CA TYR GA 134 -136.50 -24.17 -6.74
C TYR GA 134 -137.07 -23.56 -5.46
N ILE GA 135 -136.51 -23.92 -4.31
CA ILE GA 135 -136.99 -23.33 -3.06
C ILE GA 135 -136.77 -21.82 -3.08
N LYS GA 136 -135.65 -21.38 -3.66
CA LYS GA 136 -135.35 -19.96 -3.78
C LYS GA 136 -136.41 -19.26 -4.62
N GLY GA 137 -136.74 -19.85 -5.77
CA GLY GA 137 -137.76 -19.26 -6.61
C GLY GA 137 -139.12 -19.21 -5.94
N GLU GA 138 -139.48 -20.28 -5.23
CA GLU GA 138 -140.78 -20.31 -4.58
C GLU GA 138 -140.88 -19.34 -3.40
N THR GA 139 -139.82 -19.22 -2.59
CA THR GA 139 -139.84 -18.22 -1.55
C THR GA 139 -139.70 -16.81 -2.10
N GLY GA 140 -139.27 -16.68 -3.35
CA GLY GA 140 -139.29 -15.37 -4.00
C GLY GA 140 -140.67 -14.78 -4.11
N LYS GA 141 -141.70 -15.63 -4.14
CA LYS GA 141 -143.08 -15.16 -4.12
C LYS GA 141 -143.77 -15.41 -2.80
N LEU GA 142 -143.37 -16.45 -2.06
CA LEU GA 142 -143.98 -16.73 -0.77
C LEU GA 142 -143.72 -15.61 0.23
N LEU GA 143 -142.51 -15.08 0.25
CA LEU GA 143 -142.13 -14.06 1.21
C LEU GA 143 -142.09 -12.69 0.55
N SER GA 144 -142.03 -11.66 1.38
CA SER GA 144 -141.97 -10.28 0.92
C SER GA 144 -141.14 -9.44 1.88
N GLY GA 145 -140.21 -8.67 1.32
CA GLY GA 145 -139.49 -7.71 2.14
C GLY GA 145 -138.25 -8.28 2.78
N GLN GA 146 -137.97 -7.84 4.00
CA GLN GA 146 -136.76 -8.27 4.70
C GLN GA 146 -136.80 -9.77 4.98
N SER GA 147 -137.98 -10.30 5.28
CA SER GA 147 -138.10 -11.74 5.42
C SER GA 147 -137.69 -12.44 4.12
N LYS GA 148 -138.10 -11.89 2.98
CA LYS GA 148 -137.74 -12.49 1.71
C LYS GA 148 -136.24 -12.43 1.50
N THR GA 149 -135.62 -11.27 1.72
CA THR GA 149 -134.19 -11.18 1.46
C THR GA 149 -133.39 -12.07 2.40
N GLU GA 150 -133.89 -12.26 3.63
CA GLU GA 150 -133.22 -13.15 4.56
C GLU GA 150 -133.31 -14.60 4.11
N ALA GA 151 -134.51 -15.04 3.70
CA ALA GA 151 -134.63 -16.40 3.19
C ALA GA 151 -133.74 -16.60 1.97
N LEU GA 152 -133.76 -15.63 1.05
CA LEU GA 152 -132.91 -15.71 -0.13
C LEU GA 152 -131.43 -15.80 0.23
N LEU GA 153 -130.97 -15.02 1.21
CA LEU GA 153 -129.55 -15.12 1.54
C LEU GA 153 -129.19 -16.45 2.18
N TYR GA 154 -130.07 -17.01 3.01
CA TYR GA 154 -129.75 -18.32 3.59
C TYR GA 154 -129.76 -19.42 2.53
N ILE GA 155 -130.72 -19.37 1.61
CA ILE GA 155 -130.69 -20.34 0.50
C ILE GA 155 -129.44 -20.14 -0.35
N ASP GA 156 -129.02 -18.89 -0.56
CA ASP GA 156 -127.78 -18.65 -1.30
C ASP GA 156 -126.58 -19.23 -0.58
N HIS GA 157 -126.54 -19.10 0.75
CA HIS GA 157 -125.43 -19.68 1.49
C HIS GA 157 -125.41 -21.19 1.32
N ALA GA 158 -126.57 -21.82 1.42
CA ALA GA 158 -126.63 -23.27 1.23
C ALA GA 158 -126.21 -23.67 -0.18
N ILE GA 159 -126.64 -22.92 -1.19
CA ILE GA 159 -126.30 -23.25 -2.57
C ILE GA 159 -124.81 -23.10 -2.80
N ASN GA 160 -124.22 -22.02 -2.28
CA ASN GA 160 -122.78 -21.83 -2.41
C ASN GA 160 -122.03 -22.97 -1.74
N ALA GA 161 -122.51 -23.41 -0.58
CA ALA GA 161 -121.88 -24.54 0.09
C ALA GA 161 -121.97 -25.80 -0.74
N LEU GA 162 -123.13 -26.06 -1.35
CA LEU GA 162 -123.26 -27.26 -2.19
C LEU GA 162 -122.31 -27.19 -3.39
N SER GA 163 -122.24 -26.03 -4.05
CA SER GA 163 -121.38 -25.89 -5.22
C SER GA 163 -119.91 -25.92 -4.83
N SER HA 2 -107.41 1.04 11.44
CA SER HA 2 -107.98 1.18 12.77
C SER HA 2 -109.05 0.13 13.00
N ARG HA 3 -109.41 -0.07 14.26
CA ARG HA 3 -110.49 -0.97 14.59
C ARG HA 3 -111.82 -0.30 14.29
N THR HA 4 -112.66 -0.97 13.51
CA THR HA 4 -113.94 -0.44 13.08
C THR HA 4 -114.86 -1.63 12.84
N VAL HA 5 -116.15 -1.38 12.79
CA VAL HA 5 -117.07 -2.47 12.49
C VAL HA 5 -116.75 -3.08 11.13
N ILE HA 6 -116.67 -2.24 10.10
CA ILE HA 6 -116.36 -2.72 8.76
C ILE HA 6 -114.98 -3.36 8.72
N THR HA 7 -114.02 -2.73 9.38
CA THR HA 7 -112.65 -3.22 9.34
C THR HA 7 -112.53 -4.55 10.08
N GLU HA 8 -113.22 -4.71 11.20
CA GLU HA 8 -113.27 -6.00 11.87
C GLU HA 8 -113.97 -7.05 10.99
N VAL HA 9 -115.00 -6.65 10.27
CA VAL HA 9 -115.65 -7.57 9.33
C VAL HA 9 -114.62 -8.12 8.35
N ILE HA 10 -113.85 -7.21 7.75
CA ILE HA 10 -112.90 -7.62 6.73
C ILE HA 10 -111.79 -8.48 7.33
N ALA HA 11 -111.30 -8.10 8.52
CA ALA HA 11 -110.24 -8.86 9.16
C ALA HA 11 -110.70 -10.26 9.52
N THR HA 12 -111.91 -10.39 10.07
CA THR HA 12 -112.43 -11.71 10.43
C THR HA 12 -112.64 -12.56 9.19
N ALA HA 13 -113.17 -11.98 8.11
CA ALA HA 13 -113.35 -12.75 6.90
C ALA HA 13 -112.01 -13.21 6.33
N ASP HA 14 -111.01 -12.34 6.34
CA ASP HA 14 -109.72 -12.68 5.76
C ASP HA 14 -109.00 -13.72 6.60
N SER HA 15 -109.17 -13.67 7.93
CA SER HA 15 -108.50 -14.64 8.78
C SER HA 15 -108.92 -16.05 8.42
N GLN HA 16 -110.20 -16.26 8.18
CA GLN HA 16 -110.71 -17.56 7.79
C GLN HA 16 -110.73 -17.76 6.28
N GLY HA 17 -110.19 -16.83 5.52
CA GLY HA 17 -110.03 -16.98 4.09
C GLY HA 17 -111.33 -17.20 3.37
N ARG HA 18 -112.35 -16.40 3.70
CA ARG HA 18 -113.68 -16.58 3.15
C ARG HA 18 -114.25 -15.23 2.77
N PHE HA 19 -115.38 -15.27 2.09
CA PHE HA 19 -116.08 -14.05 1.72
C PHE HA 19 -116.86 -13.50 2.90
N LEU HA 20 -117.36 -12.27 2.74
CA LEU HA 20 -118.15 -11.65 3.79
C LEU HA 20 -119.52 -12.30 3.84
N ASN HA 21 -119.77 -13.09 4.87
CA ASN HA 21 -120.99 -13.87 4.94
C ASN HA 21 -122.15 -13.01 5.41
N SER HA 22 -123.29 -13.66 5.71
CA SER HA 22 -124.52 -12.92 5.98
C SER HA 22 -124.42 -12.10 7.25
N THR HA 23 -124.00 -12.73 8.36
CA THR HA 23 -123.96 -12.02 9.63
C THR HA 23 -123.00 -10.86 9.57
N GLU HA 24 -121.96 -10.97 8.75
CA GLU HA 24 -120.91 -9.98 8.79
C GLU HA 24 -121.41 -8.71 8.08
N LEU HA 25 -122.09 -8.91 6.95
CA LEU HA 25 -122.80 -7.84 6.27
C LEU HA 25 -123.89 -7.25 7.14
N GLN HA 26 -124.54 -8.05 7.97
CA GLN HA 26 -125.54 -7.50 8.87
C GLN HA 26 -124.90 -6.54 9.86
N ALA HA 27 -123.72 -6.89 10.37
CA ALA HA 27 -122.99 -5.97 11.23
C ALA HA 27 -122.63 -4.68 10.50
N ALA HA 28 -122.18 -4.81 9.24
CA ALA HA 28 -121.87 -3.62 8.46
C ALA HA 28 -123.10 -2.74 8.28
N PHE HA 29 -124.26 -3.37 8.02
CA PHE HA 29 -125.50 -2.62 7.86
C PHE HA 29 -125.88 -1.90 9.15
N GLY HA 30 -125.71 -2.58 10.28
CA GLY HA 30 -125.95 -1.92 11.55
C GLY HA 30 -125.07 -0.70 11.72
N ARG HA 31 -123.80 -0.79 11.31
CA ARG HA 31 -122.92 0.36 11.41
C ARG HA 31 -123.39 1.50 10.51
N PHE HA 32 -123.84 1.17 9.30
CA PHE HA 32 -124.30 2.21 8.39
C PHE HA 32 -125.55 2.89 8.93
N GLU HA 33 -126.45 2.13 9.56
CA GLU HA 33 -127.60 2.76 10.20
C GLU HA 33 -127.20 3.63 11.37
N ARG HA 34 -126.29 3.15 12.20
CA ARG HA 34 -125.84 3.85 13.39
C ARG HA 34 -125.00 5.08 13.07
N ALA HA 35 -124.53 5.23 11.84
CA ALA HA 35 -123.66 6.34 11.51
C ALA HA 35 -124.34 7.69 11.74
N VAL HA 36 -125.62 7.81 11.39
CA VAL HA 36 -126.28 9.12 11.45
C VAL HA 36 -126.29 9.71 12.86
N PRO HA 37 -126.77 9.01 13.89
CA PRO HA 37 -126.67 9.60 15.24
C PRO HA 37 -125.26 9.93 15.65
N ALA HA 38 -124.30 9.06 15.32
CA ALA HA 38 -122.92 9.29 15.69
C ALA HA 38 -122.36 10.52 14.99
N ILE HA 39 -122.67 10.68 13.71
CA ILE HA 39 -122.16 11.84 12.98
C ILE HA 39 -122.77 13.12 13.53
N GLU HA 40 -124.07 13.11 13.85
CA GLU HA 40 -124.67 14.30 14.45
C GLU HA 40 -124.04 14.62 15.80
N ALA HA 41 -123.78 13.60 16.61
CA ALA HA 41 -123.15 13.83 17.91
C ALA HA 41 -121.74 14.39 17.74
N ALA HA 42 -120.99 13.88 16.77
CA ALA HA 42 -119.64 14.37 16.54
C ALA HA 42 -119.66 15.80 16.03
N ARG HA 43 -120.62 16.13 15.18
CA ARG HA 43 -120.76 17.50 14.70
C ARG HA 43 -121.12 18.44 15.84
N ALA HA 44 -122.01 18.02 16.73
CA ALA HA 44 -122.37 18.85 17.87
C ALA HA 44 -121.17 19.06 18.79
N LEU HA 45 -120.39 18.01 19.05
CA LEU HA 45 -119.17 18.21 19.82
C LEU HA 45 -118.18 19.10 19.09
N THR HA 46 -118.13 19.02 17.76
CA THR HA 46 -117.19 19.83 17.00
C THR HA 46 -117.51 21.31 17.14
N LYS HA 47 -118.80 21.68 17.10
CA LYS HA 47 -119.13 23.09 17.28
C LYS HA 47 -118.73 23.59 18.65
N ASN HA 48 -118.98 22.80 19.69
CA ASN HA 48 -118.79 23.25 21.06
C ASN HA 48 -117.42 22.87 21.60
N GLN HA 49 -116.42 22.76 20.73
CA GLN HA 49 -115.11 22.30 21.16
C GLN HA 49 -114.47 23.26 22.15
N ASP HA 50 -114.57 24.57 21.88
CA ASP HA 50 -113.84 25.56 22.67
C ASP HA 50 -114.39 25.66 24.08
N ALA HA 51 -115.71 25.80 24.19
CA ALA HA 51 -116.32 25.88 25.52
C ALA HA 51 -116.06 24.61 26.31
N LEU HA 52 -116.15 23.46 25.65
CA LEU HA 52 -115.93 22.19 26.33
C LEU HA 52 -114.50 22.09 26.87
N VAL HA 53 -113.51 22.41 26.03
CA VAL HA 53 -112.12 22.26 26.47
C VAL HA 53 -111.80 23.27 27.56
N LYS HA 54 -112.29 24.51 27.41
CA LYS HA 54 -112.05 25.52 28.44
C LYS HA 54 -112.65 25.12 29.77
N GLY HA 55 -113.91 24.69 29.75
CA GLY HA 55 -114.53 24.26 30.98
C GLY HA 55 -113.84 23.06 31.58
N ALA HA 56 -113.36 22.14 30.73
CA ALA HA 56 -112.66 20.97 31.25
C ALA HA 56 -111.38 21.35 31.96
N VAL HA 57 -110.63 22.29 31.39
CA VAL HA 57 -109.44 22.81 32.07
C VAL HA 57 -109.84 23.41 33.41
N GLN HA 58 -110.93 24.18 33.43
CA GLN HA 58 -111.38 24.79 34.67
C GLN HA 58 -111.75 23.75 35.71
N ALA HA 59 -112.43 22.69 35.29
CA ALA HA 59 -112.81 21.63 36.22
C ALA HA 59 -111.58 20.93 36.77
N VAL HA 60 -110.59 20.69 35.93
CA VAL HA 60 -109.35 20.10 36.40
C VAL HA 60 -108.72 20.98 37.47
N PHE HA 61 -108.68 22.29 37.22
CA PHE HA 61 -108.10 23.19 38.21
C PHE HA 61 -108.92 23.21 39.49
N LYS HA 62 -110.24 23.08 39.37
CA LYS HA 62 -111.10 23.14 40.55
C LYS HA 62 -110.92 21.91 41.43
N LYS HA 63 -110.97 20.72 40.83
CA LYS HA 63 -110.85 19.50 41.65
C LYS HA 63 -109.41 19.27 42.09
N PHE HA 64 -108.43 19.89 41.44
CA PHE HA 64 -107.02 19.74 41.77
C PHE HA 64 -106.43 21.12 41.97
N PRO HA 65 -106.74 21.76 43.10
CA PRO HA 65 -106.25 23.13 43.31
C PRO HA 65 -104.74 23.23 43.44
N TYR HA 66 -104.10 22.20 44.02
CA TYR HA 66 -102.69 22.32 44.36
C TYR HA 66 -101.81 22.41 43.12
N VAL HA 67 -102.21 21.75 42.03
CA VAL HA 67 -101.38 21.79 40.82
C VAL HA 67 -101.32 23.22 40.28
N THR HA 68 -102.32 24.03 40.57
CA THR HA 68 -102.27 25.44 40.18
C THR HA 68 -101.21 26.19 40.95
N GLN HA 69 -100.94 25.79 42.19
CA GLN HA 69 -99.96 26.46 43.02
C GLN HA 69 -98.56 26.29 42.44
N PRO HA 70 -97.69 27.29 42.63
CA PRO HA 70 -96.34 27.19 42.08
C PRO HA 70 -95.56 26.03 42.68
N GLY HA 71 -94.66 25.48 41.88
CA GLY HA 71 -93.94 24.28 42.27
C GLY HA 71 -94.65 22.99 41.96
N GLU HA 72 -95.82 23.04 41.34
CA GLU HA 72 -96.56 21.85 40.93
C GLU HA 72 -96.68 21.83 39.41
N LYS HA 73 -97.28 20.75 38.91
CA LYS HA 73 -97.32 20.52 37.47
C LYS HA 73 -98.12 21.59 36.74
N GLY HA 74 -99.30 21.93 37.28
CA GLY HA 74 -100.20 22.81 36.54
C GLY HA 74 -99.82 24.27 36.56
N TYR HA 75 -98.96 24.68 37.49
CA TYR HA 75 -98.55 26.06 37.54
C TYR HA 75 -97.76 26.44 36.30
N GLY HA 76 -97.96 27.66 35.82
CA GLY HA 76 -97.28 28.12 34.63
C GLY HA 76 -98.23 28.30 33.46
N ASP HA 77 -97.99 29.34 32.66
CA ASP HA 77 -98.85 29.62 31.52
C ASP HA 77 -98.75 28.51 30.48
N SER HA 78 -97.53 28.04 30.22
CA SER HA 78 -97.34 26.99 29.23
C SER HA 78 -98.04 25.71 29.64
N ASN HA 79 -98.02 25.37 30.94
CA ASN HA 79 -98.69 24.16 31.37
C ASN HA 79 -100.20 24.26 31.19
N GLN HA 80 -100.75 25.47 31.28
CA GLN HA 80 -102.18 25.64 31.03
C GLN HA 80 -102.48 25.59 29.53
N ALA HA 81 -101.59 26.15 28.71
CA ALA HA 81 -101.72 25.97 27.27
C ALA HA 81 -101.73 24.48 26.93
N LYS HA 82 -100.88 23.71 27.61
CA LYS HA 82 -100.83 22.28 27.36
C LYS HA 82 -102.05 21.57 27.95
N CYS HA 83 -102.64 22.12 29.01
CA CYS HA 83 -103.95 21.66 29.45
C CYS HA 83 -104.93 21.70 28.30
N ALA HA 84 -105.06 22.88 27.70
CA ALA HA 84 -106.02 23.06 26.62
C ALA HA 84 -105.68 22.16 25.45
N ARG HA 85 -104.39 22.04 25.13
CA ARG HA 85 -103.99 21.22 23.99
C ARG HA 85 -104.31 19.75 24.23
N ASP HA 86 -104.02 19.23 25.42
CA ASP HA 86 -104.31 17.83 25.71
C ASP HA 86 -105.80 17.55 25.69
N ILE HA 87 -106.60 18.42 26.30
CA ILE HA 87 -108.04 18.16 26.31
C ILE HA 87 -108.61 18.29 24.92
N GLY HA 88 -108.08 19.21 24.11
CA GLY HA 88 -108.47 19.26 22.73
C GLY HA 88 -108.15 17.98 21.99
N TYR HA 89 -106.99 17.40 22.28
CA TYR HA 89 -106.65 16.10 21.69
C TYR HA 89 -107.66 15.05 22.07
N TYR HA 90 -107.97 14.94 23.37
CA TYR HA 90 -108.89 13.91 23.81
C TYR HA 90 -110.27 14.07 23.17
N LEU HA 91 -110.77 15.30 23.15
CA LEU HA 91 -112.08 15.55 22.57
C LEU HA 91 -112.08 15.28 21.07
N ARG HA 92 -111.01 15.67 20.38
CA ARG HA 92 -110.93 15.44 18.95
C ARG HA 92 -110.92 13.96 18.64
N PHE HA 93 -110.20 13.17 19.43
CA PHE HA 93 -110.17 11.74 19.19
C PHE HA 93 -111.49 11.09 19.56
N ILE HA 94 -112.20 11.63 20.54
CA ILE HA 94 -113.54 11.13 20.82
C ILE HA 94 -114.45 11.36 19.62
N THR HA 95 -114.38 12.54 19.01
CA THR HA 95 -115.19 12.80 17.82
C THR HA 95 -114.76 11.90 16.67
N TYR HA 96 -113.46 11.62 16.56
CA TYR HA 96 -112.98 10.68 15.56
C TYR HA 96 -113.62 9.32 15.76
N SER HA 97 -113.69 8.86 17.01
CA SER HA 97 -114.32 7.59 17.30
C SER HA 97 -115.80 7.62 16.97
N LEU HA 98 -116.48 8.72 17.30
CA LEU HA 98 -117.89 8.85 16.96
C LEU HA 98 -118.09 8.69 15.46
N VAL HA 99 -117.32 9.40 14.65
CA VAL HA 99 -117.49 9.30 13.21
C VAL HA 99 -117.13 7.89 12.72
N ALA HA 100 -116.04 7.33 13.24
CA ALA HA 100 -115.62 6.00 12.82
C ALA HA 100 -116.51 4.90 13.36
N SER HA 101 -117.36 5.20 14.35
CA SER HA 101 -118.25 4.21 14.96
C SER HA 101 -117.46 3.03 15.50
N GLY HA 102 -116.34 3.33 16.13
CA GLY HA 102 -115.55 2.32 16.82
C GLY HA 102 -114.46 2.99 17.61
N THR HA 103 -114.02 2.33 18.67
CA THR HA 103 -112.97 2.91 19.51
C THR HA 103 -111.61 2.82 18.87
N GLY HA 104 -111.55 2.49 17.58
CA GLY HA 104 -110.31 2.35 16.88
C GLY HA 104 -109.42 3.57 16.94
N PRO HA 105 -109.96 4.75 16.61
CA PRO HA 105 -109.14 5.96 16.76
C PRO HA 105 -108.66 6.22 18.17
N LEU HA 106 -109.50 5.94 19.16
CA LEU HA 106 -109.09 6.18 20.54
C LEU HA 106 -107.92 5.30 20.92
N ASP HA 107 -108.02 3.99 20.72
CA ASP HA 107 -106.91 3.12 21.04
C ASP HA 107 -105.71 3.40 20.14
N ASP HA 108 -105.97 3.81 18.90
CA ASP HA 108 -104.89 4.11 17.97
C ASP HA 108 -104.02 5.23 18.52
N TYR HA 109 -104.65 6.29 19.02
CA TYR HA 109 -103.90 7.51 19.32
C TYR HA 109 -103.67 7.71 20.82
N VAL HA 110 -104.74 7.75 21.62
CA VAL HA 110 -104.53 8.10 23.02
C VAL HA 110 -104.30 6.85 23.87
N ILE HA 111 -105.11 5.81 23.68
CA ILE HA 111 -105.10 4.72 24.64
C ILE HA 111 -103.80 3.93 24.57
N ALA HA 112 -103.33 3.61 23.38
CA ALA HA 112 -102.14 2.78 23.24
C ALA HA 112 -100.92 3.58 23.66
N GLY HA 113 -100.17 3.05 24.62
CA GLY HA 113 -99.04 3.75 25.16
C GLY HA 113 -99.37 4.83 26.16
N LEU HA 114 -100.63 4.94 26.57
CA LEU HA 114 -101.03 6.02 27.47
C LEU HA 114 -100.36 5.89 28.82
N ARG HA 115 -100.34 4.67 29.37
CA ARG HA 115 -99.92 4.48 30.75
C ARG HA 115 -98.48 4.90 30.95
N GLU HA 116 -97.58 4.42 30.10
CA GLU HA 116 -96.17 4.71 30.29
C GLU HA 116 -95.81 6.13 29.87
N VAL HA 117 -96.58 6.73 28.96
CA VAL HA 117 -96.37 8.14 28.67
C VAL HA 117 -96.71 8.99 29.88
N ASN HA 118 -97.88 8.74 30.49
CA ASN HA 118 -98.24 9.48 31.70
C ASN HA 118 -97.22 9.24 32.80
N ARG HA 119 -96.78 7.99 32.97
CA ARG HA 119 -95.82 7.68 34.01
C ARG HA 119 -94.50 8.41 33.78
N ALA HA 120 -94.05 8.46 32.52
CA ALA HA 120 -92.76 9.06 32.23
C ALA HA 120 -92.81 10.57 32.41
N PHE HA 121 -93.92 11.20 32.02
CA PHE HA 121 -94.02 12.65 32.14
C PHE HA 121 -94.69 13.09 33.44
N ASN HA 122 -94.95 12.18 34.36
CA ASN HA 122 -95.58 12.48 35.65
C ASN HA 122 -96.91 13.19 35.44
N LEU HA 123 -97.68 12.72 34.48
CA LEU HA 123 -99.02 13.23 34.21
C LEU HA 123 -100.01 12.35 34.96
N ASN HA 124 -100.62 12.89 35.98
CA ASN HA 124 -101.57 12.13 36.77
C ASN HA 124 -102.83 11.88 35.95
N PRO HA 125 -103.21 10.62 35.73
CA PRO HA 125 -104.40 10.35 34.90
C PRO HA 125 -105.68 10.89 35.51
N LEU HA 126 -105.68 11.20 36.80
CA LEU HA 126 -106.89 11.71 37.44
C LEU HA 126 -107.31 13.05 36.87
N TRP HA 127 -106.34 13.88 36.45
CA TRP HA 127 -106.70 15.14 35.80
C TRP HA 127 -107.57 14.90 34.59
N TYR HA 128 -107.14 14.00 33.71
CA TYR HA 128 -107.89 13.73 32.51
C TYR HA 128 -109.18 13.00 32.82
N ILE HA 129 -109.21 12.16 33.85
CA ILE HA 129 -110.47 11.54 34.25
C ILE HA 129 -111.48 12.60 34.65
N GLU HA 130 -111.04 13.58 35.43
CA GLU HA 130 -111.94 14.67 35.81
C GLU HA 130 -112.43 15.45 34.60
N ALA HA 131 -111.53 15.80 33.69
CA ALA HA 131 -111.94 16.57 32.52
C ALA HA 131 -112.93 15.78 31.68
N LEU HA 132 -112.69 14.48 31.49
CA LEU HA 132 -113.59 13.68 30.68
C LEU HA 132 -114.93 13.49 31.36
N ASN HA 133 -114.95 13.38 32.69
CA ASN HA 133 -116.23 13.35 33.38
C ASN HA 133 -117.00 14.64 33.18
N TYR HA 134 -116.30 15.77 33.15
CA TYR HA 134 -117.03 17.03 33.02
C TYR HA 134 -117.57 17.13 31.59
N ILE HA 135 -116.79 16.70 30.60
CA ILE HA 135 -117.28 16.67 29.23
C ILE HA 135 -118.47 15.73 29.12
N LYS HA 136 -118.44 14.64 29.87
CA LYS HA 136 -119.58 13.74 29.92
C LYS HA 136 -120.82 14.46 30.44
N GLY HA 137 -120.63 15.23 31.52
CA GLY HA 137 -121.75 16.00 32.05
C GLY HA 137 -122.33 16.96 31.04
N GLU HA 138 -121.46 17.70 30.32
CA GLU HA 138 -121.97 18.63 29.33
C GLU HA 138 -122.59 17.93 28.12
N THR HA 139 -121.97 16.88 27.61
CA THR HA 139 -122.54 16.19 26.48
C THR HA 139 -123.85 15.52 26.82
N GLY HA 140 -124.14 15.33 28.12
CA GLY HA 140 -125.49 15.02 28.51
C GLY HA 140 -126.48 16.10 28.10
N LYS HA 141 -126.07 17.37 28.18
CA LYS HA 141 -126.93 18.50 27.85
C LYS HA 141 -126.95 18.78 26.35
N LEU HA 142 -125.80 18.67 25.69
CA LEU HA 142 -125.72 19.06 24.29
C LEU HA 142 -126.48 18.08 23.39
N LEU HA 143 -126.52 16.82 23.79
CA LEU HA 143 -127.09 15.77 22.97
C LEU HA 143 -128.27 15.13 23.68
N SER HA 144 -129.16 14.51 22.90
CA SER HA 144 -130.28 13.79 23.45
C SER HA 144 -130.61 12.61 22.55
N GLY HA 145 -130.97 11.50 23.17
CA GLY HA 145 -131.35 10.31 22.44
C GLY HA 145 -130.18 9.39 22.13
N GLN HA 146 -130.21 8.78 20.95
CA GLN HA 146 -129.16 7.86 20.56
C GLN HA 146 -127.80 8.55 20.52
N SER HA 147 -127.76 9.78 20.01
CA SER HA 147 -126.50 10.49 19.88
C SER HA 147 -125.82 10.67 21.23
N LYS HA 148 -126.60 11.01 22.24
CA LYS HA 148 -126.07 11.12 23.60
C LYS HA 148 -125.48 9.80 24.05
N THR HA 149 -126.15 8.70 23.71
CA THR HA 149 -125.63 7.38 24.10
C THR HA 149 -124.30 7.09 23.42
N GLU HA 150 -124.17 7.41 22.13
CA GLU HA 150 -122.90 7.18 21.45
C GLU HA 150 -121.78 7.99 22.10
N ALA HA 151 -122.03 9.27 22.32
CA ALA HA 151 -121.01 10.11 22.92
C ALA HA 151 -120.60 9.57 24.29
N LEU HA 152 -121.57 9.25 25.14
CA LEU HA 152 -121.24 8.77 26.48
C LEU HA 152 -120.52 7.44 26.41
N LEU HA 153 -120.87 6.61 25.43
CA LEU HA 153 -120.17 5.35 25.25
C LEU HA 153 -118.69 5.56 25.00
N TYR HA 154 -118.36 6.43 24.05
CA TYR HA 154 -116.95 6.60 23.73
C TYR HA 154 -116.22 7.32 24.87
N ILE HA 155 -116.87 8.28 25.50
CA ILE HA 155 -116.24 8.97 26.62
C ILE HA 155 -116.00 8.01 27.77
N ASP HA 156 -116.93 7.10 28.02
CA ASP HA 156 -116.74 6.17 29.13
C ASP HA 156 -115.70 5.12 28.80
N HIS HA 157 -115.55 4.79 27.52
CA HIS HA 157 -114.42 3.93 27.14
C HIS HA 157 -113.10 4.61 27.46
N ALA HA 158 -112.97 5.88 27.09
CA ALA HA 158 -111.76 6.61 27.44
C ALA HA 158 -111.57 6.67 28.94
N ILE HA 159 -112.68 6.80 29.69
CA ILE HA 159 -112.60 6.86 31.15
C ILE HA 159 -112.07 5.55 31.72
N ASN HA 160 -112.62 4.42 31.28
CA ASN HA 160 -112.12 3.13 31.75
C ASN HA 160 -110.66 2.96 31.42
N ALA HA 161 -110.26 3.34 30.22
CA ALA HA 161 -108.86 3.19 29.83
C ALA HA 161 -107.94 4.05 30.70
N LEU HA 162 -108.39 5.26 31.03
CA LEU HA 162 -107.57 6.14 31.85
C LEU HA 162 -107.42 5.61 33.26
N SER HA 163 -108.44 4.94 33.77
CA SER HA 163 -108.44 4.45 35.14
C SER HA 163 -107.97 3.01 35.22
N MET IA 1 -121.83 -23.91 25.34
CA MET IA 1 -121.86 -22.60 24.70
C MET IA 1 -123.04 -22.56 23.73
N ASN IA 2 -124.23 -22.25 24.25
CA ASN IA 2 -125.45 -22.21 23.47
C ASN IA 2 -126.41 -21.19 24.06
N ASP IA 3 -127.22 -20.60 23.19
CA ASP IA 3 -128.19 -19.57 23.55
C ASP IA 3 -129.60 -20.16 23.50
N VAL IA 4 -130.57 -19.38 23.97
CA VAL IA 4 -131.95 -19.88 24.04
C VAL IA 4 -132.46 -20.27 22.67
N PHE IA 5 -132.11 -19.48 21.64
CA PHE IA 5 -132.45 -19.86 20.28
C PHE IA 5 -131.83 -21.22 19.96
N THR IA 6 -130.56 -21.39 20.31
CA THR IA 6 -129.89 -22.65 20.04
C THR IA 6 -130.49 -23.79 20.85
N ARG IA 7 -130.96 -23.52 22.07
CA ARG IA 7 -131.71 -24.54 22.79
C ARG IA 7 -132.92 -24.98 21.98
N ALA IA 8 -133.85 -24.05 21.74
CA ALA IA 8 -135.07 -24.42 21.02
C ALA IA 8 -134.74 -25.18 19.75
N ILE IA 9 -133.69 -24.74 19.04
CA ILE IA 9 -133.24 -25.48 17.85
C ILE IA 9 -132.80 -26.89 18.23
N ALA IA 10 -132.11 -27.04 19.35
CA ALA IA 10 -131.55 -28.33 19.72
C ALA IA 10 -132.66 -29.34 20.04
N GLN IA 11 -133.62 -28.94 20.89
CA GLN IA 11 -134.74 -29.85 21.15
C GLN IA 11 -135.59 -30.07 19.91
N ALA IA 12 -135.74 -29.05 19.06
CA ALA IA 12 -136.51 -29.25 17.84
C ALA IA 12 -135.84 -30.26 16.93
N ASP IA 13 -134.51 -30.28 16.90
CA ASP IA 13 -133.80 -31.24 16.07
C ASP IA 13 -133.79 -32.63 16.70
N LEU IA 14 -133.64 -32.71 18.02
CA LEU IA 14 -133.69 -34.00 18.68
C LEU IA 14 -135.05 -34.64 18.48
N LYS IA 15 -136.12 -33.84 18.52
CA LYS IA 15 -137.42 -34.34 18.13
C LYS IA 15 -137.57 -34.44 16.61
N GLY IA 16 -136.68 -33.82 15.84
CA GLY IA 16 -136.70 -33.94 14.40
C GLY IA 16 -137.79 -33.17 13.71
N SER IA 17 -138.54 -32.34 14.42
CA SER IA 17 -139.61 -31.55 13.83
C SER IA 17 -139.21 -30.08 13.74
N PHE IA 18 -139.92 -29.35 12.89
CA PHE IA 18 -139.65 -27.93 12.74
C PHE IA 18 -139.92 -27.20 14.06
N LEU IA 19 -139.49 -25.94 14.10
CA LEU IA 19 -139.75 -25.12 15.28
C LEU IA 19 -141.23 -24.79 15.35
N LEU IA 20 -141.87 -25.16 16.45
CA LEU IA 20 -143.31 -24.99 16.58
C LEU IA 20 -143.67 -23.52 16.73
N GLU IA 21 -144.97 -23.23 16.53
CA GLU IA 21 -145.44 -21.86 16.63
C GLU IA 21 -145.22 -21.29 18.01
N SER IA 22 -145.46 -22.08 19.06
CA SER IA 22 -145.24 -21.61 20.42
C SER IA 22 -143.78 -21.26 20.65
N ASP IA 23 -142.87 -22.09 20.13
CA ASP IA 23 -141.45 -21.82 20.30
C ASP IA 23 -141.05 -20.52 19.62
N LEU IA 24 -141.51 -20.30 18.39
CA LEU IA 24 -141.21 -19.05 17.71
C LEU IA 24 -141.81 -17.87 18.45
N ASP IA 25 -143.00 -18.04 19.01
CA ASP IA 25 -143.64 -16.96 19.76
C ASP IA 25 -142.81 -16.58 20.98
N LYS IA 26 -142.39 -17.58 21.76
CA LYS IA 26 -141.62 -17.28 22.96
C LYS IA 26 -140.25 -16.70 22.61
N LEU IA 27 -139.64 -17.18 21.54
CA LEU IA 27 -138.37 -16.59 21.10
C LEU IA 27 -138.55 -15.15 20.66
N ALA IA 28 -139.64 -14.85 19.95
CA ALA IA 28 -139.90 -13.47 19.54
C ALA IA 28 -140.12 -12.57 20.75
N SER IA 29 -140.86 -13.08 21.75
CA SER IA 29 -141.05 -12.31 22.98
C SER IA 29 -139.71 -12.06 23.68
N PHE IA 30 -138.84 -13.07 23.69
CA PHE IA 30 -137.50 -12.90 24.24
C PHE IA 30 -136.72 -11.84 23.48
N ALA IA 31 -136.80 -11.86 22.14
CA ALA IA 31 -136.02 -10.93 21.35
C ALA IA 31 -136.50 -9.50 21.52
N LYS IA 32 -137.81 -9.28 21.51
CA LYS IA 32 -138.33 -7.92 21.55
C LYS IA 32 -137.95 -7.21 22.84
N GLU IA 33 -137.73 -7.96 23.91
CA GLU IA 33 -137.18 -7.41 25.16
C GLU IA 33 -135.67 -7.52 25.22
N GLY IA 34 -135.02 -7.94 24.12
CA GLY IA 34 -133.58 -8.10 24.13
C GLY IA 34 -132.84 -6.80 24.40
N VAL IA 35 -133.41 -5.67 23.97
CA VAL IA 35 -132.78 -4.38 24.24
C VAL IA 35 -132.68 -4.14 25.74
N LYS IA 36 -133.70 -4.57 26.50
CA LYS IA 36 -133.65 -4.51 27.95
C LYS IA 36 -132.41 -5.25 28.47
N ARG IA 37 -132.16 -6.43 27.92
CA ARG IA 37 -131.00 -7.21 28.34
C ARG IA 37 -129.71 -6.51 27.96
N LEU IA 38 -129.67 -5.90 26.77
CA LEU IA 38 -128.42 -5.33 26.28
C LEU IA 38 -128.01 -4.10 27.07
N ASP IA 39 -128.95 -3.19 27.34
CA ASP IA 39 -128.61 -2.03 28.15
C ASP IA 39 -128.22 -2.45 29.56
N ALA IA 40 -128.90 -3.45 30.11
CA ALA IA 40 -128.56 -3.94 31.44
C ALA IA 40 -127.14 -4.48 31.48
N VAL IA 41 -126.77 -5.30 30.48
CA VAL IA 41 -125.43 -5.89 30.50
C VAL IA 41 -124.37 -4.83 30.21
N ALA IA 42 -124.71 -3.82 29.40
CA ALA IA 42 -123.77 -2.73 29.18
C ALA IA 42 -123.53 -1.94 30.46
N ALA IA 43 -124.59 -1.66 31.23
CA ALA IA 43 -124.42 -0.99 32.50
C ALA IA 43 -123.61 -1.85 33.47
N LEU IA 44 -123.87 -3.15 33.48
CA LEU IA 44 -123.08 -4.06 34.31
C LEU IA 44 -121.60 -4.01 33.93
N THR IA 45 -121.31 -4.02 32.62
CA THR IA 45 -119.95 -3.91 32.15
C THR IA 45 -119.31 -2.62 32.61
N ASN IA 46 -120.01 -1.50 32.46
CA ASN IA 46 -119.44 -0.20 32.80
C ASN IA 46 -119.19 -0.08 34.29
N ASN IA 47 -120.07 -0.64 35.12
CA ASN IA 47 -119.95 -0.56 36.57
C ASN IA 47 -119.14 -1.69 37.15
N ALA IA 48 -118.65 -2.62 36.32
CA ALA IA 48 -117.88 -3.76 36.82
C ALA IA 48 -116.69 -3.40 37.70
N PRO IA 49 -115.84 -2.42 37.35
CA PRO IA 49 -114.75 -2.06 38.29
C PRO IA 49 -115.27 -1.60 39.65
N ALA IA 50 -116.39 -0.88 39.67
CA ALA IA 50 -117.01 -0.52 40.94
C ALA IA 50 -117.48 -1.77 41.68
N ILE IA 51 -118.04 -2.74 40.95
CA ILE IA 51 -118.40 -4.01 41.57
C ILE IA 51 -117.17 -4.65 42.21
N ILE IA 52 -116.05 -4.63 41.51
CA ILE IA 52 -114.84 -5.26 42.01
C ILE IA 52 -114.36 -4.57 43.29
N SER IA 53 -114.30 -3.25 43.29
CA SER IA 53 -113.85 -2.53 44.47
C SER IA 53 -114.78 -2.77 45.66
N ASP IA 54 -116.09 -2.67 45.43
CA ASP IA 54 -117.05 -2.85 46.50
C ASP IA 54 -117.02 -4.27 47.05
N ALA IA 55 -116.91 -5.26 46.15
CA ALA IA 55 -116.84 -6.64 46.59
C ALA IA 55 -115.59 -6.89 47.41
N ALA IA 56 -114.46 -6.33 46.98
CA ALA IA 56 -113.25 -6.46 47.79
C ALA IA 56 -113.47 -5.89 49.18
N HIS IA 57 -114.05 -4.69 49.26
CA HIS IA 57 -114.22 -4.04 50.55
C HIS IA 57 -115.12 -4.86 51.47
N LYS IA 58 -116.28 -5.29 50.97
CA LYS IA 58 -117.20 -6.04 51.83
C LYS IA 58 -116.75 -7.46 52.12
N LEU IA 59 -116.03 -8.10 51.19
CA LEU IA 59 -115.44 -9.40 51.51
C LEU IA 59 -114.39 -9.30 52.60
N PHE IA 60 -113.48 -8.34 52.50
CA PHE IA 60 -112.51 -8.15 53.58
C PHE IA 60 -113.21 -7.73 54.86
N ALA IA 61 -114.34 -7.05 54.76
CA ALA IA 61 -115.12 -6.70 55.94
C ALA IA 61 -115.63 -7.96 56.65
N GLU IA 62 -116.51 -8.73 55.99
CA GLU IA 62 -117.14 -9.84 56.68
C GLU IA 62 -116.15 -10.96 56.97
N GLN IA 63 -115.28 -11.27 56.02
CA GLN IA 63 -114.27 -12.31 56.19
C GLN IA 63 -112.95 -11.65 56.55
N GLN IA 64 -112.48 -11.90 57.77
CA GLN IA 64 -111.26 -11.29 58.26
C GLN IA 64 -110.06 -12.24 58.19
N GLU IA 65 -110.27 -13.53 58.44
CA GLU IA 65 -109.16 -14.48 58.49
C GLU IA 65 -108.39 -14.52 57.17
N LEU IA 66 -109.02 -14.10 56.08
CA LEU IA 66 -108.39 -14.20 54.77
C LEU IA 66 -107.18 -13.27 54.66
N ILE IA 67 -107.22 -12.11 55.33
CA ILE IA 67 -106.21 -11.09 55.07
C ILE IA 67 -104.93 -11.37 55.84
N GLN IA 68 -105.01 -12.04 56.98
CA GLN IA 68 -103.81 -12.29 57.76
C GLN IA 68 -102.92 -13.33 57.09
N PRO IA 69 -101.61 -13.29 57.35
CA PRO IA 69 -100.72 -14.32 56.82
C PRO IA 69 -101.14 -15.70 57.32
N GLY IA 70 -100.98 -16.68 56.45
CA GLY IA 70 -101.47 -18.02 56.69
C GLY IA 70 -102.84 -18.29 56.09
N GLY IA 71 -103.59 -17.24 55.76
CA GLY IA 71 -104.85 -17.42 55.07
C GLY IA 71 -104.65 -17.58 53.58
N ASN IA 72 -105.76 -17.87 52.89
CA ASN IA 72 -105.72 -18.11 51.45
C ASN IA 72 -105.76 -16.83 50.64
N ALA IA 73 -105.54 -15.67 51.25
CA ALA IA 73 -105.59 -14.41 50.52
C ALA IA 73 -104.54 -13.41 50.98
N TYR IA 74 -103.64 -13.79 51.90
CA TYR IA 74 -102.70 -12.81 52.44
C TYR IA 74 -101.79 -12.19 51.39
N PRO IA 75 -101.05 -12.95 50.59
CA PRO IA 75 -100.04 -12.31 49.74
C PRO IA 75 -100.67 -11.41 48.71
N HIS IA 76 -99.88 -10.44 48.26
CA HIS IA 76 -100.34 -9.45 47.31
C HIS IA 76 -100.79 -10.11 46.00
N ARG IA 77 -99.96 -11.01 45.46
CA ARG IA 77 -100.33 -11.67 44.21
C ARG IA 77 -101.51 -12.61 44.42
N ARG IA 78 -101.61 -13.26 45.58
CA ARG IA 78 -102.78 -14.09 45.84
C ARG IA 78 -104.05 -13.25 45.87
N MET IA 79 -104.00 -12.07 46.48
CA MET IA 79 -105.16 -11.19 46.44
C MET IA 79 -105.49 -10.76 45.03
N ALA IA 80 -104.47 -10.47 44.22
CA ALA IA 80 -104.72 -10.11 42.82
C ALA IA 80 -105.41 -11.26 42.09
N ALA IA 81 -105.00 -12.49 42.37
CA ALA IA 81 -105.67 -13.65 41.77
C ALA IA 81 -107.11 -13.75 42.24
N CYS IA 82 -107.37 -13.45 43.51
CA CYS IA 82 -108.76 -13.42 44.00
C CYS IA 82 -109.59 -12.38 43.27
N LEU IA 83 -109.01 -11.20 43.06
CA LEU IA 83 -109.70 -10.16 42.30
C LEU IA 83 -110.01 -10.64 40.89
N ARG IA 84 -109.05 -11.29 40.25
CA ARG IA 84 -109.31 -11.81 38.90
C ARG IA 84 -110.40 -12.87 38.92
N ASP IA 85 -110.42 -13.73 39.93
CA ASP IA 85 -111.43 -14.78 39.99
C ASP IA 85 -112.83 -14.19 40.12
N MET IA 86 -113.00 -13.24 41.03
CA MET IA 86 -114.31 -12.61 41.15
C MET IA 86 -114.67 -11.85 39.88
N GLU IA 87 -113.68 -11.21 39.27
CA GLU IA 87 -113.90 -10.54 37.99
C GLU IA 87 -114.43 -11.50 36.93
N ILE IA 88 -113.80 -12.67 36.80
CA ILE IA 88 -114.22 -13.58 35.74
C ILE IA 88 -115.58 -14.17 36.05
N ILE IA 89 -115.88 -14.45 37.32
CA ILE IA 89 -117.19 -15.03 37.60
C ILE IA 89 -118.29 -14.00 37.36
N LEU IA 90 -118.02 -12.73 37.68
CA LEU IA 90 -118.98 -11.68 37.32
C LEU IA 90 -119.15 -11.58 35.82
N ARG IA 91 -118.05 -11.66 35.08
CA ARG IA 91 -118.13 -11.62 33.62
C ARG IA 91 -118.94 -12.78 33.08
N TYR IA 92 -118.76 -13.96 33.65
CA TYR IA 92 -119.47 -15.14 33.19
C TYR IA 92 -120.96 -15.02 33.49
N VAL IA 93 -121.31 -14.45 34.64
CA VAL IA 93 -122.71 -14.23 34.93
C VAL IA 93 -123.31 -13.20 33.98
N SER IA 94 -122.53 -12.19 33.59
CA SER IA 94 -123.00 -11.25 32.58
C SER IA 94 -123.24 -11.95 31.25
N TYR IA 95 -122.34 -12.85 30.87
CA TYR IA 95 -122.54 -13.64 29.66
C TYR IA 95 -123.82 -14.45 29.74
N ALA IA 96 -124.05 -15.08 30.90
CA ALA IA 96 -125.27 -15.85 31.10
C ALA IA 96 -126.50 -14.97 30.99
N LEU IA 97 -126.45 -13.76 31.56
CA LEU IA 97 -127.54 -12.82 31.43
C LEU IA 97 -127.85 -12.53 29.97
N LEU IA 98 -126.82 -12.22 29.18
CA LEU IA 98 -127.06 -11.90 27.78
C LEU IA 98 -127.60 -13.10 27.01
N ALA IA 99 -127.00 -14.27 27.21
CA ALA IA 99 -127.38 -15.43 26.42
C ALA IA 99 -128.82 -15.86 26.71
N GLY IA 100 -129.24 -15.82 27.97
CA GLY IA 100 -130.52 -16.34 28.35
C GLY IA 100 -130.49 -17.74 28.92
N ASP IA 101 -129.35 -18.42 28.87
CA ASP IA 101 -129.18 -19.70 29.52
C ASP IA 101 -127.83 -19.74 30.23
N ALA IA 102 -127.75 -20.57 31.27
CA ALA IA 102 -126.57 -20.62 32.12
C ALA IA 102 -125.60 -21.74 31.75
N SER IA 103 -125.90 -22.55 30.74
CA SER IA 103 -124.98 -23.63 30.40
C SER IA 103 -123.68 -23.07 29.85
N VAL IA 104 -123.73 -21.88 29.24
CA VAL IA 104 -122.51 -21.19 28.85
C VAL IA 104 -121.67 -20.89 30.08
N LEU IA 105 -122.30 -20.79 31.24
CA LEU IA 105 -121.59 -20.61 32.49
C LEU IA 105 -121.09 -21.96 33.03
N ASP IA 106 -121.89 -23.00 32.87
CA ASP IA 106 -121.58 -24.28 33.51
C ASP IA 106 -120.51 -25.05 32.76
N ASP IA 107 -120.72 -25.30 31.46
CA ASP IA 107 -119.85 -26.21 30.73
C ASP IA 107 -118.42 -25.68 30.61
N ARG IA 108 -118.26 -24.36 30.62
CA ARG IA 108 -116.97 -23.77 30.26
C ARG IA 108 -115.95 -23.89 31.37
N CYS IA 109 -116.26 -23.38 32.57
CA CYS IA 109 -115.24 -23.27 33.60
C CYS IA 109 -115.69 -23.84 34.95
N LEU IA 110 -117.00 -23.87 35.18
CA LEU IA 110 -117.51 -24.30 36.49
C LEU IA 110 -117.22 -25.77 36.76
N ASN IA 111 -117.24 -26.61 35.71
CA ASN IA 111 -116.97 -28.02 35.91
C ASN IA 111 -115.55 -28.23 36.44
N GLY IA 112 -114.58 -27.50 35.89
CA GLY IA 112 -113.21 -27.66 36.33
C GLY IA 112 -112.88 -26.89 37.60
N LEU IA 113 -113.62 -25.81 37.88
CA LEU IA 113 -113.32 -25.00 39.05
C LEU IA 113 -113.55 -25.79 40.34
N ARG IA 114 -114.41 -26.81 40.29
CA ARG IA 114 -114.59 -27.69 41.43
C ARG IA 114 -113.26 -28.29 41.87
N GLU IA 115 -112.66 -29.10 41.01
CA GLU IA 115 -111.39 -29.71 41.36
C GLU IA 115 -110.29 -28.67 41.50
N THR IA 116 -110.41 -27.53 40.81
CA THR IA 116 -109.42 -26.47 40.98
C THR IA 116 -109.37 -25.98 42.41
N TYR IA 117 -110.54 -25.68 42.98
CA TYR IA 117 -110.58 -25.19 44.36
C TYR IA 117 -110.34 -26.31 45.35
N ASN IA 118 -110.72 -27.54 45.00
CA ASN IA 118 -110.43 -28.66 45.89
C ASN IA 118 -108.92 -28.89 46.01
N ALA IA 119 -108.21 -28.85 44.87
CA ALA IA 119 -106.76 -29.06 44.90
C ALA IA 119 -106.04 -27.86 45.48
N LEU IA 120 -106.52 -26.65 45.19
CA LEU IA 120 -105.92 -25.47 45.79
C LEU IA 120 -106.08 -25.49 47.30
N GLY IA 121 -107.24 -25.94 47.79
CA GLY IA 121 -107.51 -25.97 49.20
C GLY IA 121 -108.30 -24.79 49.73
N THR IA 122 -108.55 -23.78 48.90
CA THR IA 122 -109.36 -22.65 49.33
C THR IA 122 -110.81 -23.09 49.52
N PRO IA 123 -111.41 -22.83 50.67
CA PRO IA 123 -112.81 -23.24 50.89
C PRO IA 123 -113.75 -22.58 49.89
N THR IA 124 -114.73 -23.36 49.43
CA THR IA 124 -115.65 -22.89 48.41
C THR IA 124 -116.85 -22.14 48.99
N GLN IA 125 -117.11 -22.29 50.29
CA GLN IA 125 -118.23 -21.57 50.89
C GLN IA 125 -117.95 -20.07 50.95
N SER IA 126 -116.70 -19.69 51.22
CA SER IA 126 -116.35 -18.27 51.14
C SER IA 126 -116.51 -17.77 49.72
N VAL IA 127 -116.20 -18.61 48.74
CA VAL IA 127 -116.40 -18.23 47.34
C VAL IA 127 -117.88 -18.00 47.06
N ALA IA 128 -118.74 -18.90 47.55
CA ALA IA 128 -120.18 -18.76 47.31
C ALA IA 128 -120.73 -17.52 48.00
N ARG IA 129 -120.25 -17.23 49.21
CA ARG IA 129 -120.71 -16.02 49.91
C ARG IA 129 -120.26 -14.77 49.17
N ALA IA 130 -119.03 -14.80 48.61
CA ALA IA 130 -118.58 -13.72 47.76
C ALA IA 130 -119.48 -13.58 46.54
N VAL IA 131 -119.92 -14.70 45.98
CA VAL IA 131 -120.81 -14.67 44.82
C VAL IA 131 -122.12 -13.98 45.19
N GLN IA 132 -122.69 -14.32 46.34
CA GLN IA 132 -123.95 -13.70 46.75
C GLN IA 132 -123.78 -12.21 47.02
N LEU IA 133 -122.69 -11.83 47.71
CA LEU IA 133 -122.45 -10.41 47.96
C LEU IA 133 -122.25 -9.66 46.65
N MET IA 134 -121.54 -10.27 45.70
CA MET IA 134 -121.36 -9.66 44.40
C MET IA 134 -122.69 -9.54 43.66
N LYS IA 135 -123.58 -10.49 43.85
CA LYS IA 135 -124.91 -10.38 43.26
C LYS IA 135 -125.64 -9.17 43.84
N ASP IA 136 -125.51 -8.96 45.16
CA ASP IA 136 -126.07 -7.76 45.76
C ASP IA 136 -125.50 -6.49 45.14
N ALA IA 137 -124.17 -6.42 45.05
CA ALA IA 137 -123.52 -5.23 44.53
C ALA IA 137 -123.90 -4.98 43.08
N ALA IA 138 -124.01 -6.04 42.28
CA ALA IA 138 -124.45 -5.91 40.90
C ALA IA 138 -125.88 -5.40 40.82
N MET IA 139 -126.76 -5.95 41.66
CA MET IA 139 -128.15 -5.49 41.69
C MET IA 139 -128.23 -4.01 42.01
N VAL IA 140 -127.30 -3.53 42.83
CA VAL IA 140 -127.28 -2.10 43.16
C VAL IA 140 -127.16 -1.25 41.89
N HIS IA 141 -126.17 -1.56 41.05
CA HIS IA 141 -126.01 -0.77 39.83
C HIS IA 141 -127.03 -1.15 38.76
N LEU IA 142 -127.65 -2.32 38.90
CA LEU IA 142 -128.74 -2.66 37.99
C LEU IA 142 -129.98 -1.81 38.26
N LYS IA 143 -130.23 -1.48 39.52
CA LYS IA 143 -131.36 -0.63 39.86
C LYS IA 143 -131.25 0.74 39.20
N SER IA 144 -130.02 1.17 38.90
CA SER IA 144 -129.78 2.51 38.40
C SER IA 144 -130.58 2.77 37.13
N THR IA 145 -131.57 3.66 37.23
CA THR IA 145 -132.53 3.92 36.18
C THR IA 145 -132.22 5.21 35.41
N ALA IA 146 -131.29 6.01 35.90
CA ALA IA 146 -130.99 7.30 35.29
C ALA IA 146 -130.33 7.11 33.92
N ASN IA 147 -130.41 8.16 33.10
CA ASN IA 147 -129.75 8.31 31.81
C ASN IA 147 -130.37 7.40 30.75
N VAL IA 148 -131.26 6.47 31.13
CA VAL IA 148 -131.91 5.59 30.19
C VAL IA 148 -133.42 5.62 30.48
N THR IA 149 -134.21 5.23 29.49
CA THR IA 149 -135.66 5.21 29.63
C THR IA 149 -136.08 4.29 30.78
N VAL IA 150 -137.16 4.65 31.44
CA VAL IA 150 -137.69 3.85 32.55
C VAL IA 150 -138.50 2.69 31.99
N GLY IA 151 -138.39 1.53 32.64
CA GLY IA 151 -139.15 0.38 32.19
C GLY IA 151 -139.04 -0.76 33.19
N ASP IA 152 -139.84 -1.80 32.93
CA ASP IA 152 -139.89 -2.95 33.79
C ASP IA 152 -138.72 -3.89 33.52
N CYS IA 153 -138.06 -4.33 34.59
CA CYS IA 153 -136.93 -5.25 34.46
C CYS IA 153 -136.93 -6.35 35.50
N SER IA 154 -138.08 -6.67 36.10
CA SER IA 154 -138.12 -7.69 37.14
C SER IA 154 -137.66 -9.05 36.61
N SER IA 155 -137.99 -9.36 35.36
CA SER IA 155 -137.55 -10.62 34.78
C SER IA 155 -136.03 -10.71 34.73
N LEU IA 156 -135.37 -9.61 34.31
CA LEU IA 156 -133.91 -9.61 34.25
C LEU IA 156 -133.29 -9.71 35.63
N TYR IA 157 -133.87 -9.04 36.62
CA TYR IA 157 -133.36 -9.14 37.99
C TYR IA 157 -133.47 -10.56 38.52
N SER IA 158 -134.61 -11.19 38.30
CA SER IA 158 -134.79 -12.58 38.71
C SER IA 158 -133.81 -13.50 37.99
N GLU IA 159 -133.62 -13.27 36.68
CA GLU IA 159 -132.73 -14.11 35.91
C GLU IA 159 -131.29 -13.98 36.38
N ALA IA 160 -130.85 -12.75 36.66
CA ALA IA 160 -129.51 -12.55 37.19
C ALA IA 160 -129.35 -13.22 38.56
N ALA IA 161 -130.36 -13.06 39.43
CA ALA IA 161 -130.27 -13.67 40.75
C ALA IA 161 -130.20 -15.19 40.65
N THR IA 162 -131.02 -15.80 39.79
CA THR IA 162 -130.99 -17.26 39.69
C THR IA 162 -129.69 -17.75 39.05
N TYR IA 163 -129.14 -16.99 38.11
CA TYR IA 163 -127.84 -17.40 37.55
C TYR IA 163 -126.73 -17.29 38.59
N PHE IA 164 -126.76 -16.25 39.41
CA PHE IA 164 -125.81 -16.13 40.50
C PHE IA 164 -125.96 -17.30 41.47
N ASP IA 165 -127.21 -17.67 41.77
CA ASP IA 165 -127.46 -18.81 42.64
C ASP IA 165 -126.93 -20.10 42.03
N LYS IA 166 -127.13 -20.28 40.73
CA LYS IA 166 -126.62 -21.48 40.06
C LYS IA 166 -125.10 -21.54 40.14
N ALA IA 167 -124.43 -20.41 39.90
CA ALA IA 167 -122.98 -20.39 39.98
C ALA IA 167 -122.49 -20.69 41.40
N ALA IA 168 -123.11 -20.06 42.40
CA ALA IA 168 -122.69 -20.29 43.78
C ALA IA 168 -122.92 -21.73 44.20
N ALA IA 169 -124.09 -22.29 43.88
CA ALA IA 169 -124.38 -23.66 44.26
C ALA IA 169 -123.52 -24.65 43.49
N SER IA 170 -123.08 -24.29 42.29
CA SER IA 170 -122.09 -25.11 41.60
C SER IA 170 -120.78 -25.10 42.36
N ILE IA 171 -120.29 -23.90 42.70
CA ILE IA 171 -119.07 -23.80 43.50
C ILE IA 171 -119.30 -24.45 44.86
N ALA IA 172 -120.47 -24.24 45.45
CA ALA IA 172 -120.83 -24.89 46.71
C ALA IA 172 -120.87 -26.40 46.54
N MET JA 1 -89.36 -25.53 44.74
CA MET JA 1 -87.92 -25.41 44.97
C MET JA 1 -87.58 -24.11 45.68
N ASN JA 2 -87.14 -24.24 46.94
CA ASN JA 2 -86.89 -23.11 47.80
C ASN JA 2 -85.68 -23.40 48.67
N ASP JA 3 -84.79 -22.41 48.80
CA ASP JA 3 -83.64 -22.53 49.67
C ASP JA 3 -84.06 -22.47 51.13
N VAL JA 4 -83.19 -22.98 52.00
CA VAL JA 4 -83.48 -22.94 53.44
C VAL JA 4 -83.51 -21.51 53.95
N PHE JA 5 -82.72 -20.61 53.35
CA PHE JA 5 -82.97 -19.20 53.56
C PHE JA 5 -84.41 -18.85 53.22
N THR JA 6 -84.84 -19.24 52.02
CA THR JA 6 -86.21 -18.98 51.60
C THR JA 6 -87.20 -19.76 52.45
N ARG JA 7 -86.82 -20.94 52.94
CA ARG JA 7 -87.73 -21.70 53.81
C ARG JA 7 -87.96 -20.94 55.11
N ALA JA 8 -86.90 -20.35 55.67
CA ALA JA 8 -87.06 -19.54 56.86
C ALA JA 8 -87.91 -18.31 56.57
N ILE JA 9 -87.68 -17.67 55.41
CA ILE JA 9 -88.52 -16.53 55.03
C ILE JA 9 -89.97 -16.94 54.89
N ALA JA 10 -90.24 -18.09 54.29
CA ALA JA 10 -91.60 -18.54 54.07
C ALA JA 10 -92.31 -18.85 55.38
N GLN JA 11 -91.62 -19.49 56.32
CA GLN JA 11 -92.24 -19.75 57.62
C GLN JA 11 -92.45 -18.46 58.41
N ALA JA 12 -91.50 -17.53 58.33
CA ALA JA 12 -91.70 -16.23 58.97
C ALA JA 12 -92.92 -15.52 58.39
N ASP JA 13 -93.13 -15.66 57.08
CA ASP JA 13 -94.37 -15.21 56.47
C ASP JA 13 -95.57 -15.95 57.04
N LEU JA 14 -95.42 -17.26 57.27
CA LEU JA 14 -96.54 -18.05 57.76
C LEU JA 14 -97.04 -17.52 59.10
N LYS JA 15 -96.12 -17.26 60.04
CA LYS JA 15 -96.57 -16.52 61.22
C LYS JA 15 -96.73 -15.03 60.96
N GLY JA 16 -96.17 -14.52 59.86
CA GLY JA 16 -96.37 -13.14 59.48
C GLY JA 16 -95.50 -12.14 60.20
N SER JA 17 -94.60 -12.57 61.05
CA SER JA 17 -93.71 -11.66 61.78
C SER JA 17 -92.30 -11.77 61.21
N PHE JA 18 -91.38 -11.01 61.80
CA PHE JA 18 -90.01 -11.02 61.33
C PHE JA 18 -89.35 -12.35 61.68
N LEU JA 19 -88.15 -12.55 61.14
CA LEU JA 19 -87.37 -13.73 61.50
C LEU JA 19 -86.84 -13.58 62.91
N LEU JA 20 -86.93 -14.65 63.70
CA LEU JA 20 -86.34 -14.66 65.03
C LEU JA 20 -84.82 -14.52 64.92
N GLU JA 21 -84.23 -13.84 65.91
CA GLU JA 21 -82.80 -13.58 65.86
C GLU JA 21 -81.99 -14.86 65.99
N SER JA 22 -82.50 -15.86 66.73
CA SER JA 22 -81.85 -17.16 66.76
C SER JA 22 -81.85 -17.80 65.38
N ASP JA 23 -82.95 -17.64 64.64
CA ASP JA 23 -83.00 -18.14 63.28
C ASP JA 23 -81.94 -17.48 62.41
N LEU JA 24 -81.77 -16.17 62.55
CA LEU JA 24 -80.74 -15.48 61.76
C LEU JA 24 -79.34 -15.90 62.19
N ASP JA 25 -79.16 -16.22 63.47
CA ASP JA 25 -77.88 -16.77 63.91
C ASP JA 25 -77.61 -18.10 63.23
N LYS JA 26 -78.65 -18.95 63.15
CA LYS JA 26 -78.54 -20.20 62.43
C LYS JA 26 -78.16 -19.97 60.97
N LEU JA 27 -78.81 -19.00 60.33
CA LEU JA 27 -78.50 -18.71 58.93
C LEU JA 27 -77.10 -18.16 58.78
N ALA JA 28 -76.61 -17.40 59.76
CA ALA JA 28 -75.23 -16.94 59.75
C ALA JA 28 -74.26 -18.11 59.79
N SER JA 29 -74.52 -19.07 60.67
CA SER JA 29 -73.66 -20.25 60.73
C SER JA 29 -73.70 -21.02 59.41
N PHE JA 30 -74.90 -21.17 58.85
CA PHE JA 30 -75.04 -21.80 57.54
C PHE JA 30 -74.18 -21.10 56.50
N ALA JA 31 -74.33 -19.78 56.37
CA ALA JA 31 -73.57 -19.05 55.36
C ALA JA 31 -72.08 -19.09 55.65
N LYS JA 32 -71.70 -19.24 56.91
CA LYS JA 32 -70.28 -19.30 57.24
C LYS JA 32 -69.68 -20.63 56.79
N GLU JA 33 -70.39 -21.74 56.99
CA GLU JA 33 -69.92 -23.02 56.49
C GLU JA 33 -70.23 -23.22 55.02
N GLY JA 34 -70.89 -22.24 54.40
CA GLY JA 34 -71.16 -22.31 52.97
C GLY JA 34 -69.92 -22.51 52.11
N VAL JA 35 -68.77 -21.99 52.55
CA VAL JA 35 -67.53 -22.25 51.82
C VAL JA 35 -67.19 -23.74 51.86
N LYS JA 36 -67.29 -24.34 53.05
CA LYS JA 36 -67.11 -25.78 53.18
C LYS JA 36 -68.04 -26.52 52.22
N ARG JA 37 -69.31 -26.13 52.20
CA ARG JA 37 -70.27 -26.90 51.40
C ARG JA 37 -70.07 -26.65 49.91
N LEU JA 38 -69.58 -25.47 49.52
CA LEU JA 38 -69.22 -25.24 48.13
C LEU JA 38 -68.07 -26.14 47.73
N ASP JA 39 -67.08 -26.29 48.61
CA ASP JA 39 -66.00 -27.24 48.32
C ASP JA 39 -66.53 -28.66 48.19
N ALA JA 40 -67.48 -29.02 49.06
CA ALA JA 40 -68.06 -30.37 48.99
C ALA JA 40 -68.79 -30.60 47.68
N VAL JA 41 -69.61 -29.65 47.26
CA VAL JA 41 -70.38 -29.85 46.03
C VAL JA 41 -69.47 -29.74 44.81
N ALA JA 42 -68.36 -28.99 44.92
CA ALA JA 42 -67.37 -29.00 43.85
C ALA JA 42 -66.72 -30.37 43.73
N ALA JA 43 -66.41 -31.00 44.86
CA ALA JA 43 -65.92 -32.37 44.82
C ALA JA 43 -66.96 -33.31 44.22
N LEU JA 44 -68.23 -33.08 44.53
CA LEU JA 44 -69.30 -33.90 43.96
C LEU JA 44 -69.39 -33.74 42.44
N THR JA 45 -69.33 -32.51 41.94
CA THR JA 45 -69.54 -32.28 40.51
C THR JA 45 -68.31 -32.68 39.71
N ASN JA 46 -67.11 -32.49 40.26
CA ASN JA 46 -65.90 -32.81 39.52
C ASN JA 46 -65.71 -34.32 39.41
N ASN JA 47 -66.12 -35.06 40.43
CA ASN JA 47 -65.95 -36.51 40.46
C ASN JA 47 -67.20 -37.25 40.01
N ALA JA 48 -68.16 -36.55 39.43
CA ALA JA 48 -69.43 -37.19 39.06
C ALA JA 48 -69.27 -38.36 38.11
N PRO JA 49 -68.53 -38.25 37.00
CA PRO JA 49 -68.34 -39.45 36.15
C PRO JA 49 -67.65 -40.59 36.89
N ALA JA 50 -66.65 -40.29 37.71
CA ALA JA 50 -65.99 -41.35 38.47
C ALA JA 50 -66.94 -41.97 39.47
N ILE JA 51 -67.74 -41.14 40.16
CA ILE JA 51 -68.69 -41.66 41.13
C ILE JA 51 -69.69 -42.58 40.44
N ILE JA 52 -70.21 -42.15 39.30
CA ILE JA 52 -71.24 -42.95 38.63
C ILE JA 52 -70.63 -44.22 38.06
N SER JA 53 -69.38 -44.17 37.60
CA SER JA 53 -68.72 -45.37 37.12
C SER JA 53 -68.57 -46.39 38.24
N ASP JA 54 -68.11 -45.93 39.41
CA ASP JA 54 -68.00 -46.84 40.54
C ASP JA 54 -69.35 -47.40 40.95
N ALA JA 55 -70.37 -46.55 40.99
CA ALA JA 55 -71.70 -46.99 41.37
C ALA JA 55 -72.22 -48.05 40.42
N ALA JA 56 -72.10 -47.82 39.11
CA ALA JA 56 -72.56 -48.80 38.14
C ALA JA 56 -71.76 -50.10 38.25
N HIS JA 57 -70.45 -50.00 38.42
CA HIS JA 57 -69.62 -51.20 38.51
C HIS JA 57 -70.07 -52.07 39.68
N LYS JA 58 -70.17 -51.49 40.87
CA LYS JA 58 -70.63 -52.28 42.01
C LYS JA 58 -72.07 -52.75 41.87
N LEU JA 59 -72.96 -51.91 41.34
CA LEU JA 59 -74.36 -52.27 41.26
C LEU JA 59 -74.57 -53.44 40.31
N PHE JA 60 -73.88 -53.44 39.18
CA PHE JA 60 -73.97 -54.56 38.25
C PHE JA 60 -73.16 -55.75 38.74
N ALA JA 61 -72.19 -55.53 39.63
CA ALA JA 61 -71.49 -56.66 40.25
C ALA JA 61 -72.41 -57.41 41.19
N GLU JA 62 -73.12 -56.68 42.07
CA GLU JA 62 -73.99 -57.34 43.02
C GLU JA 62 -75.29 -57.81 42.39
N GLN JA 63 -75.79 -57.07 41.40
CA GLN JA 63 -77.03 -57.42 40.71
C GLN JA 63 -76.70 -57.74 39.26
N GLN JA 64 -76.87 -59.00 38.88
CA GLN JA 64 -76.56 -59.47 37.54
C GLN JA 64 -77.80 -59.64 36.67
N GLU JA 65 -78.99 -59.75 37.28
CA GLU JA 65 -80.21 -60.03 36.54
C GLU JA 65 -80.54 -58.95 35.53
N LEU JA 66 -80.03 -57.73 35.73
CA LEU JA 66 -80.33 -56.63 34.82
C LEU JA 66 -79.57 -56.77 33.51
N ILE JA 67 -78.31 -57.23 33.58
CA ILE JA 67 -77.48 -57.30 32.38
C ILE JA 67 -77.96 -58.40 31.45
N GLN JA 68 -78.34 -59.55 32.00
CA GLN JA 68 -78.68 -60.69 31.17
C GLN JA 68 -79.88 -60.38 30.29
N PRO JA 69 -80.00 -61.04 29.14
CA PRO JA 69 -81.12 -60.74 28.24
C PRO JA 69 -82.45 -60.87 28.95
N GLY JA 70 -83.32 -59.89 28.73
CA GLY JA 70 -84.54 -59.77 29.50
C GLY JA 70 -84.39 -58.97 30.77
N GLY JA 71 -83.17 -58.59 31.13
CA GLY JA 71 -82.99 -57.74 32.29
C GLY JA 71 -83.34 -56.30 32.01
N ASN JA 72 -83.44 -55.52 33.08
CA ASN JA 72 -83.94 -54.16 32.97
C ASN JA 72 -82.94 -53.19 32.36
N ALA JA 73 -81.65 -53.53 32.33
CA ALA JA 73 -80.63 -52.67 31.73
C ALA JA 73 -79.84 -53.44 30.68
N TYR JA 74 -80.49 -54.37 29.99
CA TYR JA 74 -79.87 -55.25 29.01
C TYR JA 74 -79.62 -54.60 27.65
N PRO JA 75 -80.62 -54.03 26.98
CA PRO JA 75 -80.52 -53.81 25.54
C PRO JA 75 -79.45 -52.85 25.07
N HIS JA 76 -78.54 -52.42 25.94
CA HIS JA 76 -77.45 -51.48 25.65
C HIS JA 76 -78.00 -50.08 25.48
N ARG JA 77 -79.32 -49.91 25.45
CA ARG JA 77 -79.98 -48.62 25.50
C ARG JA 77 -80.74 -48.40 26.80
N ARG JA 78 -81.18 -49.47 27.45
CA ARG JA 78 -81.81 -49.30 28.75
C ARG JA 78 -80.79 -49.01 29.83
N MET JA 79 -79.59 -49.60 29.74
CA MET JA 79 -78.56 -49.26 30.71
C MET JA 79 -78.03 -47.85 30.43
N ALA JA 80 -78.19 -47.38 29.20
CA ALA JA 80 -77.99 -45.97 28.91
C ALA JA 80 -78.87 -45.10 29.80
N ALA JA 81 -80.17 -45.42 29.83
CA ALA JA 81 -81.07 -44.69 30.70
C ALA JA 81 -80.73 -44.90 32.16
N CYS JA 82 -80.18 -46.07 32.50
CA CYS JA 82 -79.70 -46.30 33.87
C CYS JA 82 -78.64 -45.27 34.26
N LEU JA 83 -77.60 -45.17 33.44
CA LEU JA 83 -76.53 -44.22 33.73
C LEU JA 83 -77.01 -42.78 33.73
N ARG JA 84 -77.86 -42.43 32.76
CA ARG JA 84 -78.36 -41.06 32.70
C ARG JA 84 -79.25 -40.74 33.88
N ASP JA 85 -80.09 -41.70 34.31
CA ASP JA 85 -80.94 -41.51 35.46
C ASP JA 85 -80.12 -41.29 36.72
N MET JA 86 -79.09 -42.10 36.93
CA MET JA 86 -78.28 -41.91 38.13
C MET JA 86 -77.50 -40.59 38.08
N GLU JA 87 -77.04 -40.20 36.89
CA GLU JA 87 -76.40 -38.89 36.77
C GLU JA 87 -77.36 -37.76 37.12
N ILE JA 88 -78.61 -37.86 36.66
CA ILE JA 88 -79.62 -36.85 36.98
C ILE JA 88 -79.89 -36.83 38.48
N ILE JA 89 -79.98 -38.01 39.10
CA ILE JA 89 -80.22 -38.06 40.55
C ILE JA 89 -79.06 -37.42 41.32
N LEU JA 90 -77.83 -37.68 40.90
CA LEU JA 90 -76.71 -37.07 41.60
C LEU JA 90 -76.69 -35.57 41.38
N ARG JA 91 -77.08 -35.12 40.19
CA ARG JA 91 -77.26 -33.69 39.97
C ARG JA 91 -78.29 -33.11 40.93
N TYR JA 92 -79.39 -33.82 41.13
CA TYR JA 92 -80.44 -33.36 42.04
C TYR JA 92 -79.93 -33.29 43.47
N VAL JA 93 -79.17 -34.31 43.89
CA VAL JA 93 -78.65 -34.33 45.25
C VAL JA 93 -77.63 -33.22 45.45
N SER JA 94 -76.81 -32.96 44.43
CA SER JA 94 -75.89 -31.82 44.52
C SER JA 94 -76.66 -30.51 44.62
N TYR JA 95 -77.75 -30.39 43.86
CA TYR JA 95 -78.60 -29.22 43.97
C TYR JA 95 -79.12 -29.06 45.39
N ALA JA 96 -79.56 -30.16 45.99
CA ALA JA 96 -80.06 -30.11 47.35
C ALA JA 96 -78.98 -29.69 48.33
N LEU JA 97 -77.78 -30.27 48.19
CA LEU JA 97 -76.71 -29.97 49.12
C LEU JA 97 -76.30 -28.51 49.04
N LEU JA 98 -76.22 -27.96 47.83
CA LEU JA 98 -75.89 -26.55 47.69
C LEU JA 98 -77.02 -25.68 48.24
N ALA JA 99 -78.27 -26.00 47.90
CA ALA JA 99 -79.39 -25.16 48.31
C ALA JA 99 -79.70 -25.31 49.79
N GLY JA 100 -79.19 -26.36 50.43
CA GLY JA 100 -79.38 -26.54 51.86
C GLY JA 100 -80.72 -27.12 52.26
N ASP JA 101 -81.57 -27.49 51.32
CA ASP JA 101 -82.85 -28.12 51.64
C ASP JA 101 -83.20 -29.15 50.57
N ALA JA 102 -84.03 -30.12 50.97
CA ALA JA 102 -84.57 -31.12 50.06
C ALA JA 102 -85.77 -30.62 49.29
N SER JA 103 -86.16 -29.35 49.49
CA SER JA 103 -87.30 -28.80 48.77
C SER JA 103 -87.04 -28.77 47.27
N VAL JA 104 -85.82 -28.42 46.86
CA VAL JA 104 -85.43 -28.54 45.45
C VAL JA 104 -85.54 -29.98 44.97
N LEU JA 105 -85.20 -30.94 45.84
CA LEU JA 105 -85.27 -32.33 45.46
C LEU JA 105 -86.72 -32.77 45.29
N ASP JA 106 -87.58 -32.45 46.27
CA ASP JA 106 -88.99 -32.82 46.19
C ASP JA 106 -89.69 -32.15 45.01
N ASP JA 107 -89.36 -30.88 44.75
CA ASP JA 107 -90.07 -30.12 43.72
C ASP JA 107 -89.91 -30.76 42.36
N ARG JA 108 -88.69 -31.15 42.00
CA ARG JA 108 -88.41 -31.69 40.68
C ARG JA 108 -88.20 -33.19 40.79
N CYS JA 109 -89.09 -33.94 40.15
CA CYS JA 109 -88.99 -35.36 39.80
C CYS JA 109 -89.21 -36.32 40.98
N LEU JA 110 -89.26 -35.86 42.23
CA LEU JA 110 -89.48 -36.85 43.28
C LEU JA 110 -90.92 -37.34 43.33
N ASN JA 111 -91.86 -36.46 43.01
CA ASN JA 111 -93.25 -36.91 42.92
C ASN JA 111 -93.44 -37.92 41.80
N GLY JA 112 -92.75 -37.72 40.68
CA GLY JA 112 -93.00 -38.53 39.50
C GLY JA 112 -92.07 -39.70 39.28
N LEU JA 113 -90.92 -39.73 39.96
CA LEU JA 113 -89.96 -40.79 39.69
C LEU JA 113 -90.49 -42.15 40.10
N ARG JA 114 -91.07 -42.23 41.31
CA ARG JA 114 -91.67 -43.48 41.77
C ARG JA 114 -92.68 -44.01 40.76
N GLU JA 115 -93.60 -43.15 40.32
CA GLU JA 115 -94.71 -43.69 39.56
C GLU JA 115 -94.36 -43.86 38.09
N THR JA 116 -93.41 -43.08 37.56
CA THR JA 116 -92.91 -43.36 36.23
C THR JA 116 -92.11 -44.66 36.20
N TYR JA 117 -91.37 -44.95 37.27
CA TYR JA 117 -90.71 -46.25 37.34
C TYR JA 117 -91.71 -47.37 37.50
N ASN JA 118 -92.83 -47.13 38.19
CA ASN JA 118 -93.90 -48.11 38.24
C ASN JA 118 -94.46 -48.38 36.85
N ALA JA 119 -94.69 -47.30 36.08
CA ALA JA 119 -95.24 -47.46 34.74
C ALA JA 119 -94.26 -48.15 33.81
N LEU JA 120 -92.97 -47.82 33.91
CA LEU JA 120 -91.97 -48.41 33.04
C LEU JA 120 -91.61 -49.83 33.47
N GLY JA 121 -92.10 -50.26 34.63
CA GLY JA 121 -91.73 -51.56 35.16
C GLY JA 121 -90.39 -51.60 35.84
N THR JA 122 -89.73 -50.46 36.01
CA THR JA 122 -88.42 -50.43 36.65
C THR JA 122 -88.52 -50.88 38.10
N PRO JA 123 -87.62 -51.75 38.57
CA PRO JA 123 -87.63 -52.12 39.98
C PRO JA 123 -87.15 -50.96 40.84
N THR JA 124 -88.00 -50.54 41.78
CA THR JA 124 -87.67 -49.40 42.62
C THR JA 124 -86.55 -49.72 43.62
N GLN JA 125 -86.48 -50.96 44.09
CA GLN JA 125 -85.41 -51.34 45.01
C GLN JA 125 -84.05 -51.26 44.34
N SER JA 126 -83.98 -51.59 43.05
CA SER JA 126 -82.73 -51.45 42.31
C SER JA 126 -82.27 -50.00 42.28
N VAL JA 127 -83.19 -49.08 42.03
CA VAL JA 127 -82.84 -47.66 41.99
C VAL JA 127 -82.45 -47.16 43.37
N ALA JA 128 -83.13 -47.63 44.41
CA ALA JA 128 -82.75 -47.25 45.77
C ALA JA 128 -81.35 -47.73 46.10
N ARG JA 129 -81.03 -48.97 45.72
CA ARG JA 129 -79.68 -49.48 45.90
C ARG JA 129 -78.67 -48.66 45.12
N ALA JA 130 -79.04 -48.25 43.91
CA ALA JA 130 -78.13 -47.43 43.10
C ALA JA 130 -77.84 -46.10 43.79
N VAL JA 131 -78.88 -45.46 44.33
CA VAL JA 131 -78.69 -44.20 45.04
C VAL JA 131 -77.82 -44.40 46.27
N GLN JA 132 -78.03 -45.50 47.00
CA GLN JA 132 -77.21 -45.76 48.18
C GLN JA 132 -75.74 -45.98 47.81
N LEU JA 133 -75.48 -46.74 46.75
CA LEU JA 133 -74.11 -46.95 46.30
C LEU JA 133 -73.48 -45.63 45.87
N MET JA 134 -74.26 -44.78 45.21
CA MET JA 134 -73.78 -43.46 44.84
C MET JA 134 -73.45 -42.62 46.07
N LYS JA 135 -74.27 -42.73 47.12
CA LYS JA 135 -73.96 -42.07 48.38
C LYS JA 135 -72.62 -42.54 48.91
N ASP JA 136 -72.41 -43.85 48.92
CA ASP JA 136 -71.15 -44.38 49.43
C ASP JA 136 -69.97 -43.85 48.62
N ALA JA 137 -70.08 -43.87 47.30
CA ALA JA 137 -69.00 -43.36 46.45
C ALA JA 137 -68.75 -41.88 46.71
N ALA JA 138 -69.82 -41.10 46.86
CA ALA JA 138 -69.67 -39.68 47.10
C ALA JA 138 -69.01 -39.40 48.45
N MET JA 139 -69.37 -40.16 49.48
CA MET JA 139 -68.68 -40.00 50.77
C MET JA 139 -67.22 -40.36 50.63
N VAL JA 140 -66.90 -41.45 49.92
CA VAL JA 140 -65.51 -41.82 49.73
C VAL JA 140 -64.75 -40.70 49.03
N HIS JA 141 -65.40 -40.03 48.08
CA HIS JA 141 -64.72 -38.99 47.34
C HIS JA 141 -64.58 -37.71 48.16
N LEU JA 142 -65.58 -37.40 48.99
CA LEU JA 142 -65.52 -36.16 49.78
C LEU JA 142 -64.64 -36.32 51.01
N LYS JA 143 -64.38 -37.55 51.46
CA LYS JA 143 -63.42 -37.75 52.54
C LYS JA 143 -62.03 -37.35 52.10
N SER JA 144 -61.74 -37.39 50.80
CA SER JA 144 -60.44 -36.99 50.29
C SER JA 144 -60.17 -35.52 50.59
N THR JA 145 -59.17 -35.27 51.41
CA THR JA 145 -58.79 -33.93 51.83
C THR JA 145 -57.74 -33.32 50.90
N ALA JA 146 -57.26 -34.07 49.93
CA ALA JA 146 -56.18 -33.60 49.08
C ALA JA 146 -56.60 -32.36 48.30
N ASN JA 147 -55.64 -31.45 48.10
CA ASN JA 147 -55.78 -30.21 47.33
C ASN JA 147 -56.70 -29.19 47.97
N VAL JA 148 -57.23 -29.47 49.17
CA VAL JA 148 -58.05 -28.52 49.90
C VAL JA 148 -57.58 -28.48 51.34
N THR JA 149 -57.84 -27.35 51.99
CA THR JA 149 -57.41 -27.17 53.37
C THR JA 149 -58.17 -28.10 54.31
N VAL JA 150 -57.51 -28.48 55.40
CA VAL JA 150 -58.08 -29.45 56.33
C VAL JA 150 -59.10 -28.76 57.22
N GLY JA 151 -60.17 -29.48 57.55
CA GLY JA 151 -61.17 -28.95 58.46
C GLY JA 151 -62.16 -30.03 58.81
N ASP JA 152 -63.16 -29.65 59.61
CA ASP JA 152 -64.20 -30.57 60.04
C ASP JA 152 -65.45 -30.35 59.20
N CYS JA 153 -66.02 -31.44 58.69
CA CYS JA 153 -67.21 -31.36 57.86
C CYS JA 153 -68.24 -32.42 58.22
N SER JA 154 -68.40 -32.73 59.52
CA SER JA 154 -69.35 -33.75 59.92
C SER JA 154 -70.79 -33.33 59.59
N SER JA 155 -71.11 -32.06 59.78
CA SER JA 155 -72.45 -31.59 59.47
C SER JA 155 -72.76 -31.77 57.98
N LEU JA 156 -71.81 -31.43 57.12
CA LEU JA 156 -72.00 -31.62 55.68
C LEU JA 156 -72.20 -33.09 55.35
N TYR JA 157 -71.40 -33.96 55.97
CA TYR JA 157 -71.52 -35.40 55.70
C TYR JA 157 -72.89 -35.91 56.12
N SER JA 158 -73.36 -35.48 57.29
CA SER JA 158 -74.68 -35.90 57.77
C SER JA 158 -75.78 -35.40 56.83
N GLU JA 159 -75.66 -34.15 56.36
CA GLU JA 159 -76.67 -33.60 55.47
C GLU JA 159 -76.69 -34.35 54.14
N ALA JA 160 -75.50 -34.68 53.61
CA ALA JA 160 -75.43 -35.43 52.36
C ALA JA 160 -76.01 -36.83 52.53
N ALA JA 161 -75.71 -37.47 53.66
CA ALA JA 161 -76.30 -38.78 53.92
C ALA JA 161 -77.81 -38.69 53.98
N THR JA 162 -78.34 -37.67 54.65
CA THR JA 162 -79.78 -37.50 54.71
C THR JA 162 -80.36 -37.27 53.33
N TYR JA 163 -79.68 -36.48 52.50
CA TYR JA 163 -80.20 -36.18 51.17
C TYR JA 163 -80.25 -37.42 50.30
N PHE JA 164 -79.15 -38.17 50.23
CA PHE JA 164 -79.15 -39.40 49.44
C PHE JA 164 -80.17 -40.41 49.97
N ASP JA 165 -80.22 -40.56 51.30
CA ASP JA 165 -81.14 -41.53 51.89
C ASP JA 165 -82.58 -41.13 51.64
N LYS JA 166 -82.87 -39.83 51.68
CA LYS JA 166 -84.22 -39.35 51.45
C LYS JA 166 -84.61 -39.51 49.99
N ALA JA 167 -83.66 -39.31 49.07
CA ALA JA 167 -83.93 -39.60 47.67
C ALA JA 167 -84.24 -41.07 47.46
N ALA JA 168 -83.46 -41.95 48.10
CA ALA JA 168 -83.73 -43.37 48.01
C ALA JA 168 -85.10 -43.73 48.57
N ALA JA 169 -85.46 -43.13 49.71
CA ALA JA 169 -86.77 -43.39 50.31
C ALA JA 169 -87.89 -42.85 49.42
N SER JA 170 -87.65 -41.74 48.75
CA SER JA 170 -88.63 -41.20 47.81
C SER JA 170 -88.84 -42.14 46.64
N ILE JA 171 -87.76 -42.73 46.13
CA ILE JA 171 -87.89 -43.65 45.01
C ILE JA 171 -88.62 -44.93 45.42
N ALA JA 172 -88.23 -45.53 46.55
CA ALA JA 172 -88.88 -46.75 47.00
C ALA JA 172 -89.54 -46.57 48.36
N MET KA 1 -93.47 -50.79 16.44
CA MET KA 1 -94.42 -51.71 15.83
C MET KA 1 -93.69 -52.95 15.32
N ASN KA 2 -94.31 -54.11 15.51
CA ASN KA 2 -93.66 -55.37 15.17
C ASN KA 2 -94.36 -56.06 14.00
N ASP KA 3 -93.64 -56.98 13.38
CA ASP KA 3 -94.24 -57.98 12.49
C ASP KA 3 -93.98 -59.34 13.11
N VAL KA 4 -94.48 -60.39 12.43
CA VAL KA 4 -94.35 -61.73 12.99
C VAL KA 4 -92.88 -62.09 13.16
N PHE KA 5 -92.03 -61.68 12.22
CA PHE KA 5 -90.61 -61.94 12.37
C PHE KA 5 -90.04 -61.18 13.55
N THR KA 6 -90.46 -59.93 13.75
CA THR KA 6 -90.05 -59.20 14.94
C THR KA 6 -90.62 -59.83 16.20
N ARG KA 7 -91.80 -60.45 16.11
CA ARG KA 7 -92.34 -61.19 17.25
C ARG KA 7 -91.41 -62.32 17.64
N ALA KA 8 -91.02 -63.15 16.66
CA ALA KA 8 -90.12 -64.26 16.94
C ALA KA 8 -88.78 -63.75 17.46
N ILE KA 9 -88.28 -62.66 16.89
CA ILE KA 9 -87.06 -62.03 17.40
C ILE KA 9 -87.23 -61.64 18.86
N ALA KA 10 -88.39 -61.08 19.21
CA ALA KA 10 -88.64 -60.67 20.58
C ALA KA 10 -88.58 -61.85 21.52
N GLN KA 11 -89.28 -62.94 21.18
CA GLN KA 11 -89.24 -64.11 22.06
C GLN KA 11 -87.84 -64.68 22.16
N ALA KA 12 -87.13 -64.78 21.03
CA ALA KA 12 -85.80 -65.37 21.04
C ALA KA 12 -84.83 -64.54 21.88
N ASP KA 13 -84.92 -63.22 21.78
CA ASP KA 13 -84.06 -62.36 22.57
C ASP KA 13 -84.46 -62.38 24.04
N LEU KA 14 -85.74 -62.59 24.32
CA LEU KA 14 -86.18 -62.77 25.70
C LEU KA 14 -85.56 -64.02 26.30
N LYS KA 15 -85.48 -65.10 25.52
CA LYS KA 15 -84.89 -66.33 26.01
C LYS KA 15 -83.37 -66.32 25.94
N GLY KA 16 -82.77 -65.34 25.29
CA GLY KA 16 -81.33 -65.24 25.15
C GLY KA 16 -80.74 -66.06 24.02
N SER KA 17 -81.33 -67.21 23.72
CA SER KA 17 -80.81 -68.11 22.70
C SER KA 17 -81.01 -67.51 21.31
N PHE KA 18 -80.66 -68.29 20.30
CA PHE KA 18 -80.83 -67.84 18.93
C PHE KA 18 -82.18 -68.34 18.41
N LEU KA 19 -82.41 -68.12 17.12
CA LEU KA 19 -83.60 -68.66 16.48
C LEU KA 19 -83.43 -70.16 16.26
N LEU KA 20 -84.37 -70.95 16.77
CA LEU KA 20 -84.28 -72.39 16.64
C LEU KA 20 -84.55 -72.83 15.21
N GLU KA 21 -84.26 -74.11 14.94
CA GLU KA 21 -84.52 -74.66 13.62
C GLU KA 21 -85.99 -74.61 13.26
N SER KA 22 -86.86 -74.96 14.20
CA SER KA 22 -88.30 -74.89 13.95
C SER KA 22 -88.75 -73.46 13.69
N ASP KA 23 -88.26 -72.52 14.51
CA ASP KA 23 -88.63 -71.12 14.32
C ASP KA 23 -88.17 -70.61 12.98
N LEU KA 24 -86.91 -70.89 12.62
CA LEU KA 24 -86.36 -70.40 11.36
C LEU KA 24 -87.09 -71.02 10.18
N ASP KA 25 -87.42 -72.31 10.27
CA ASP KA 25 -88.16 -72.96 9.19
C ASP KA 25 -89.56 -72.36 9.05
N LYS KA 26 -90.23 -72.10 10.17
CA LYS KA 26 -91.55 -71.49 10.10
C LYS KA 26 -91.48 -70.09 9.49
N LEU KA 27 -90.45 -69.32 9.86
CA LEU KA 27 -90.31 -67.99 9.27
C LEU KA 27 -90.05 -68.05 7.78
N ALA KA 28 -89.22 -69.00 7.33
CA ALA KA 28 -89.00 -69.15 5.90
C ALA KA 28 -90.27 -69.58 5.18
N SER KA 29 -91.04 -70.47 5.81
CA SER KA 29 -92.30 -70.91 5.22
C SER KA 29 -93.29 -69.75 5.08
N PHE KA 30 -93.34 -68.88 6.08
CA PHE KA 30 -94.13 -67.66 5.95
C PHE KA 30 -93.57 -66.76 4.86
N ALA KA 31 -92.25 -66.66 4.77
CA ALA KA 31 -91.62 -65.73 3.83
C ALA KA 31 -91.94 -66.12 2.39
N LYS KA 32 -91.87 -67.41 2.06
CA LYS KA 32 -92.23 -67.82 0.71
C LYS KA 32 -93.71 -67.61 0.42
N GLU KA 33 -94.52 -67.46 1.46
CA GLU KA 33 -95.93 -67.09 1.35
C GLU KA 33 -96.10 -65.57 1.34
N GLY KA 34 -95.01 -64.81 1.29
CA GLY KA 34 -95.12 -63.37 1.22
C GLY KA 34 -95.78 -62.88 -0.06
N VAL KA 35 -95.35 -63.43 -1.20
CA VAL KA 35 -95.98 -63.11 -2.47
C VAL KA 35 -97.43 -63.61 -2.50
N LYS KA 36 -97.72 -64.64 -1.72
CA LYS KA 36 -99.08 -65.05 -1.43
C LYS KA 36 -99.86 -63.95 -0.73
N ARG KA 37 -99.23 -63.28 0.23
CA ARG KA 37 -99.91 -62.31 1.10
C ARG KA 37 -100.10 -60.96 0.41
N LEU KA 38 -99.18 -60.60 -0.47
CA LEU KA 38 -99.30 -59.32 -1.17
C LEU KA 38 -100.56 -59.26 -2.00
N ASP KA 39 -100.94 -60.37 -2.63
CA ASP KA 39 -102.16 -60.37 -3.42
C ASP KA 39 -103.38 -60.11 -2.55
N ALA KA 40 -103.42 -60.71 -1.36
CA ALA KA 40 -104.54 -60.48 -0.45
C ALA KA 40 -104.59 -59.03 -0.01
N VAL KA 41 -103.45 -58.46 0.38
CA VAL KA 41 -103.46 -57.08 0.85
C VAL KA 41 -103.79 -56.13 -0.29
N ALA KA 42 -103.33 -56.44 -1.51
CA ALA KA 42 -103.69 -55.63 -2.66
C ALA KA 42 -105.18 -55.69 -2.95
N ALA KA 43 -105.77 -56.88 -2.80
CA ALA KA 43 -107.22 -56.99 -2.99
C ALA KA 43 -107.96 -56.17 -1.95
N LEU KA 44 -107.46 -56.15 -0.71
CA LEU KA 44 -108.06 -55.31 0.31
C LEU KA 44 -107.93 -53.83 -0.05
N THR KA 45 -106.79 -53.43 -0.58
CA THR KA 45 -106.53 -52.02 -0.86
C THR KA 45 -107.35 -51.54 -2.06
N ASN KA 46 -107.16 -52.16 -3.22
CA ASN KA 46 -107.70 -51.64 -4.47
C ASN KA 46 -109.22 -51.56 -4.43
N ASN KA 47 -109.86 -52.33 -3.56
CA ASN KA 47 -111.32 -52.34 -3.48
C ASN KA 47 -111.83 -51.70 -2.19
N ALA KA 48 -110.97 -51.00 -1.45
CA ALA KA 48 -111.37 -50.47 -0.15
C ALA KA 48 -112.56 -49.53 -0.23
N PRO KA 49 -112.63 -48.55 -1.15
CA PRO KA 49 -113.85 -47.74 -1.22
C PRO KA 49 -115.09 -48.55 -1.48
N ALA KA 50 -115.00 -49.57 -2.35
CA ALA KA 50 -116.14 -50.43 -2.61
C ALA KA 50 -116.56 -51.19 -1.36
N ILE KA 51 -115.58 -51.76 -0.64
CA ILE KA 51 -115.86 -52.51 0.58
C ILE KA 51 -116.60 -51.62 1.56
N ILE KA 52 -116.07 -50.42 1.80
CA ILE KA 52 -116.65 -49.54 2.81
C ILE KA 52 -118.02 -49.03 2.35
N SER KA 53 -118.17 -48.78 1.05
CA SER KA 53 -119.46 -48.33 0.55
C SER KA 53 -120.55 -49.38 0.78
N ASP KA 54 -120.28 -50.63 0.39
CA ASP KA 54 -121.29 -51.67 0.57
C ASP KA 54 -121.54 -51.92 2.05
N ALA KA 55 -120.47 -51.89 2.87
CA ALA KA 55 -120.63 -52.11 4.29
C ALA KA 55 -121.52 -51.04 4.91
N ALA KA 56 -121.32 -49.78 4.54
CA ALA KA 56 -122.17 -48.71 5.04
C ALA KA 56 -123.60 -48.87 4.55
N HIS KA 57 -123.78 -49.24 3.29
CA HIS KA 57 -125.12 -49.43 2.76
C HIS KA 57 -125.86 -50.51 3.55
N LYS KA 58 -125.22 -51.65 3.77
CA LYS KA 58 -125.86 -52.73 4.51
C LYS KA 58 -126.11 -52.34 5.96
N LEU KA 59 -125.14 -51.64 6.58
CA LEU KA 59 -125.29 -51.25 7.97
C LEU KA 59 -126.46 -50.31 8.16
N PHE KA 60 -126.64 -49.37 7.24
CA PHE KA 60 -127.76 -48.45 7.35
C PHE KA 60 -129.06 -49.06 6.83
N ALA KA 61 -128.97 -50.15 6.09
CA ALA KA 61 -130.17 -50.86 5.68
C ALA KA 61 -130.71 -51.71 6.84
N GLU KA 62 -129.82 -52.30 7.64
CA GLU KA 62 -130.28 -53.15 8.74
C GLU KA 62 -130.60 -52.32 9.98
N GLN KA 63 -129.91 -51.21 10.18
CA GLN KA 63 -130.22 -50.27 11.26
C GLN KA 63 -130.66 -48.95 10.65
N GLN KA 64 -131.83 -48.45 11.07
CA GLN KA 64 -132.39 -47.23 10.50
C GLN KA 64 -132.32 -46.06 11.46
N GLU KA 65 -132.37 -46.33 12.77
CA GLU KA 65 -132.41 -45.26 13.77
C GLU KA 65 -131.11 -44.47 13.82
N LEU KA 66 -130.03 -44.99 13.21
CA LEU KA 66 -128.77 -44.27 13.22
C LEU KA 66 -128.86 -42.98 12.40
N ILE KA 67 -129.46 -43.05 11.21
CA ILE KA 67 -129.60 -41.86 10.39
C ILE KA 67 -130.80 -41.04 10.84
N GLN KA 68 -131.66 -41.61 11.67
CA GLN KA 68 -132.85 -40.91 12.13
C GLN KA 68 -132.42 -39.71 12.96
N PRO KA 69 -133.12 -38.58 12.86
CA PRO KA 69 -132.78 -37.43 13.69
C PRO KA 69 -132.73 -37.80 15.16
N GLY KA 70 -131.70 -37.32 15.84
CA GLY KA 70 -131.33 -37.81 17.14
C GLY KA 70 -130.42 -39.01 17.11
N GLY KA 71 -130.18 -39.58 15.93
CA GLY KA 71 -129.28 -40.70 15.81
C GLY KA 71 -127.82 -40.31 15.95
N ASN KA 72 -126.98 -41.32 16.16
CA ASN KA 72 -125.56 -41.07 16.34
C ASN KA 72 -124.93 -40.52 15.07
N ALA KA 73 -125.23 -41.12 13.92
CA ALA KA 73 -124.66 -40.69 12.66
C ALA KA 73 -125.62 -39.82 11.86
N TYR KA 74 -126.41 -38.98 12.51
CA TYR KA 74 -127.46 -38.27 11.79
C TYR KA 74 -126.92 -37.07 11.01
N PRO KA 75 -126.22 -36.10 11.64
CA PRO KA 75 -125.72 -34.97 10.85
C PRO KA 75 -124.61 -35.40 9.92
N HIS KA 76 -124.31 -34.55 8.93
CA HIS KA 76 -123.28 -34.90 7.95
C HIS KA 76 -121.93 -35.10 8.62
N ARG KA 77 -121.63 -34.32 9.65
CA ARG KA 77 -120.33 -34.47 10.30
C ARG KA 77 -120.20 -35.84 10.92
N ARG KA 78 -121.24 -36.34 11.59
CA ARG KA 78 -121.12 -37.63 12.26
C ARG KA 78 -121.21 -38.78 11.27
N MET KA 79 -121.97 -38.63 10.19
CA MET KA 79 -121.96 -39.65 9.14
C MET KA 79 -120.57 -39.75 8.51
N ALA KA 80 -119.95 -38.60 8.25
CA ALA KA 80 -118.59 -38.60 7.74
C ALA KA 80 -117.62 -39.22 8.74
N ALA KA 81 -117.85 -38.99 10.03
CA ALA KA 81 -117.02 -39.61 11.05
C ALA KA 81 -117.16 -41.13 11.02
N CYS KA 82 -118.40 -41.62 10.83
CA CYS KA 82 -118.61 -43.06 10.72
C CYS KA 82 -117.87 -43.64 9.53
N LEU KA 83 -118.00 -42.99 8.37
CA LEU KA 83 -117.33 -43.50 7.19
C LEU KA 83 -115.82 -43.46 7.35
N ARG KA 84 -115.30 -42.43 8.00
CA ARG KA 84 -113.86 -42.33 8.24
C ARG KA 84 -113.40 -43.38 9.23
N ASP KA 85 -114.22 -43.72 10.21
CA ASP KA 85 -113.86 -44.81 11.12
C ASP KA 85 -113.76 -46.14 10.38
N MET KA 86 -114.74 -46.42 9.51
CA MET KA 86 -114.67 -47.65 8.73
C MET KA 86 -113.43 -47.64 7.84
N GLU KA 87 -113.13 -46.49 7.24
CA GLU KA 87 -111.91 -46.31 6.45
C GLU KA 87 -110.68 -46.72 7.25
N ILE KA 88 -110.53 -46.15 8.45
CA ILE KA 88 -109.30 -46.36 9.22
C ILE KA 88 -109.22 -47.79 9.73
N ILE KA 89 -110.36 -48.37 10.13
CA ILE KA 89 -110.37 -49.76 10.58
C ILE KA 89 -109.91 -50.68 9.46
N LEU KA 90 -110.48 -50.50 8.27
CA LEU KA 90 -110.08 -51.36 7.15
C LEU KA 90 -108.60 -51.16 6.82
N ARG KA 91 -108.13 -49.92 6.85
CA ARG KA 91 -106.74 -49.65 6.51
C ARG KA 91 -105.80 -50.34 7.50
N TYR KA 92 -106.13 -50.29 8.79
CA TYR KA 92 -105.24 -50.91 9.76
C TYR KA 92 -105.36 -52.43 9.74
N VAL KA 93 -106.53 -52.96 9.40
CA VAL KA 93 -106.65 -54.40 9.22
C VAL KA 93 -105.78 -54.87 8.07
N SER KA 94 -105.77 -54.12 6.97
CA SER KA 94 -104.89 -54.45 5.86
C SER KA 94 -103.42 -54.35 6.27
N TYR KA 95 -103.07 -53.31 7.03
CA TYR KA 95 -101.71 -53.18 7.55
C TYR KA 95 -101.32 -54.42 8.32
N ALA KA 96 -102.19 -54.83 9.25
CA ALA KA 96 -101.90 -56.00 10.07
C ALA KA 96 -101.77 -57.25 9.22
N LEU KA 97 -102.66 -57.39 8.23
CA LEU KA 97 -102.61 -58.56 7.36
C LEU KA 97 -101.28 -58.67 6.63
N LEU KA 98 -100.81 -57.55 6.08
CA LEU KA 98 -99.50 -57.58 5.44
C LEU KA 98 -98.41 -57.91 6.46
N ALA KA 99 -98.50 -57.32 7.65
CA ALA KA 99 -97.48 -57.55 8.66
C ALA KA 99 -97.48 -59.01 9.12
N GLY KA 100 -98.63 -59.65 9.13
CA GLY KA 100 -98.74 -60.97 9.71
C GLY KA 100 -98.77 -60.97 11.22
N ASP KA 101 -98.68 -59.80 11.85
CA ASP KA 101 -98.66 -59.67 13.30
C ASP KA 101 -99.76 -58.72 13.73
N ALA KA 102 -100.37 -59.02 14.86
CA ALA KA 102 -101.44 -58.19 15.41
C ALA KA 102 -100.91 -56.97 16.16
N SER KA 103 -99.59 -56.85 16.30
CA SER KA 103 -99.02 -55.78 17.13
C SER KA 103 -99.35 -54.40 16.61
N VAL KA 104 -99.20 -54.17 15.30
CA VAL KA 104 -99.37 -52.82 14.76
C VAL KA 104 -100.80 -52.34 14.95
N LEU KA 105 -101.77 -53.15 14.53
CA LEU KA 105 -103.17 -52.75 14.60
C LEU KA 105 -103.61 -52.54 16.04
N ASP KA 106 -103.31 -53.50 16.91
CA ASP KA 106 -103.76 -53.41 18.29
C ASP KA 106 -103.06 -52.26 19.03
N ASP KA 107 -101.82 -51.98 18.67
CA ASP KA 107 -101.09 -50.92 19.37
C ASP KA 107 -101.50 -49.53 18.90
N ARG KA 108 -101.76 -49.35 17.61
CA ARG KA 108 -101.95 -48.01 17.06
C ARG KA 108 -103.42 -47.68 16.82
N CYS KA 109 -104.18 -48.57 16.19
CA CYS KA 109 -105.55 -48.23 15.84
C CYS KA 109 -106.52 -48.60 16.95
N LEU KA 110 -106.34 -49.78 17.55
CA LEU KA 110 -107.32 -50.36 18.46
C LEU KA 110 -107.02 -50.05 19.93
N ASN KA 111 -105.97 -49.30 20.23
CA ASN KA 111 -105.56 -49.14 21.61
C ASN KA 111 -106.57 -48.33 22.41
N GLY KA 112 -106.98 -47.18 21.87
CA GLY KA 112 -107.85 -46.29 22.63
C GLY KA 112 -109.15 -45.97 21.94
N LEU KA 113 -109.59 -46.81 21.01
CA LEU KA 113 -110.83 -46.53 20.29
C LEU KA 113 -112.06 -46.78 21.17
N ARG KA 114 -112.06 -47.86 21.94
CA ARG KA 114 -113.25 -48.21 22.71
C ARG KA 114 -113.54 -47.15 23.76
N GLU KA 115 -112.52 -46.67 24.46
CA GLU KA 115 -112.71 -45.64 25.47
C GLU KA 115 -113.20 -44.34 24.85
N THR KA 116 -112.64 -43.95 23.70
CA THR KA 116 -113.10 -42.76 23.01
C THR KA 116 -114.56 -42.90 22.60
N TYR KA 117 -114.94 -44.06 22.07
CA TYR KA 117 -116.34 -44.30 21.70
C TYR KA 117 -117.26 -44.23 22.90
N ASN KA 118 -116.83 -44.79 24.03
CA ASN KA 118 -117.64 -44.69 25.24
C ASN KA 118 -117.79 -43.25 25.67
N ALA KA 119 -116.72 -42.46 25.57
CA ALA KA 119 -116.80 -41.05 25.95
C ALA KA 119 -117.76 -40.27 25.05
N LEU KA 120 -117.67 -40.52 23.74
CA LEU KA 120 -118.54 -39.83 22.78
C LEU KA 120 -119.98 -40.32 22.82
N GLY KA 121 -120.25 -41.47 23.43
CA GLY KA 121 -121.58 -42.04 23.46
C GLY KA 121 -121.96 -42.83 22.22
N THR KA 122 -121.04 -43.07 21.31
CA THR KA 122 -121.35 -43.86 20.12
C THR KA 122 -121.57 -45.32 20.51
N PRO KA 123 -122.61 -45.96 19.96
CA PRO KA 123 -122.82 -47.38 20.24
C PRO KA 123 -121.72 -48.23 19.60
N THR KA 124 -121.00 -48.98 20.44
CA THR KA 124 -119.88 -49.78 19.95
C THR KA 124 -120.36 -51.04 19.23
N GLN KA 125 -121.52 -51.57 19.60
CA GLN KA 125 -122.03 -52.76 18.95
C GLN KA 125 -122.40 -52.50 17.50
N SER KA 126 -122.85 -51.27 17.20
CA SER KA 126 -123.08 -50.91 15.81
C SER KA 126 -121.77 -50.87 15.03
N VAL KA 127 -120.69 -50.41 15.66
CA VAL KA 127 -119.39 -50.47 15.03
C VAL KA 127 -118.99 -51.92 14.77
N ALA KA 128 -119.30 -52.81 15.72
CA ALA KA 128 -119.04 -54.22 15.51
C ALA KA 128 -119.81 -54.76 14.31
N ARG KA 129 -121.09 -54.39 14.20
CA ARG KA 129 -121.86 -54.83 13.04
C ARG KA 129 -121.24 -54.33 11.74
N ALA KA 130 -120.79 -53.07 11.75
CA ALA KA 130 -120.16 -52.50 10.56
C ALA KA 130 -118.89 -53.26 10.20
N VAL KA 131 -118.12 -53.67 11.21
CA VAL KA 131 -116.86 -54.34 10.89
C VAL KA 131 -117.10 -55.78 10.46
N GLN KA 132 -118.15 -56.44 10.96
CA GLN KA 132 -118.52 -57.72 10.35
C GLN KA 132 -118.97 -57.55 8.90
N LEU KA 133 -119.74 -56.51 8.60
CA LEU KA 133 -120.12 -56.29 7.21
C LEU KA 133 -118.89 -56.05 6.34
N MET KA 134 -117.94 -55.29 6.88
CA MET KA 134 -116.67 -55.06 6.20
C MET KA 134 -115.91 -56.37 5.99
N LYS KA 135 -115.95 -57.26 6.97
CA LYS KA 135 -115.36 -58.59 6.84
C LYS KA 135 -116.02 -59.36 5.71
N ASP KA 136 -117.35 -59.29 5.63
CA ASP KA 136 -118.07 -60.00 4.59
C ASP KA 136 -117.65 -59.51 3.21
N ALA KA 137 -117.63 -58.20 3.02
CA ALA KA 137 -117.21 -57.64 1.73
C ALA KA 137 -115.74 -57.93 1.46
N ALA KA 138 -114.92 -57.97 2.51
CA ALA KA 138 -113.51 -58.27 2.34
C ALA KA 138 -113.31 -59.69 1.84
N MET KA 139 -114.03 -60.65 2.40
CA MET KA 139 -113.98 -62.01 1.86
C MET KA 139 -114.47 -62.03 0.42
N VAL KA 140 -115.56 -61.31 0.14
CA VAL KA 140 -116.10 -61.27 -1.22
C VAL KA 140 -115.03 -60.82 -2.20
N HIS KA 141 -114.28 -59.78 -1.85
CA HIS KA 141 -113.30 -59.24 -2.79
C HIS KA 141 -111.99 -60.01 -2.77
N LEU KA 142 -111.69 -60.70 -1.67
CA LEU KA 142 -110.49 -61.52 -1.63
C LEU KA 142 -110.65 -62.78 -2.47
N LYS KA 143 -111.80 -63.44 -2.35
CA LYS KA 143 -112.01 -64.73 -2.99
C LYS KA 143 -111.99 -64.64 -4.51
N SER KA 144 -112.09 -63.44 -5.07
CA SER KA 144 -112.10 -63.27 -6.52
C SER KA 144 -110.77 -63.73 -7.11
N THR KA 145 -110.85 -64.68 -8.03
CA THR KA 145 -109.65 -65.25 -8.66
C THR KA 145 -109.25 -64.51 -9.93
N ALA KA 146 -110.05 -63.53 -10.35
CA ALA KA 146 -109.75 -62.80 -11.58
C ALA KA 146 -108.43 -62.06 -11.45
N ASN KA 147 -107.70 -61.98 -12.57
CA ASN KA 147 -106.50 -61.18 -12.72
C ASN KA 147 -105.30 -61.73 -11.96
N VAL KA 148 -105.46 -62.83 -11.21
CA VAL KA 148 -104.38 -63.41 -10.44
C VAL KA 148 -104.40 -64.92 -10.63
N THR KA 149 -103.26 -65.56 -10.39
CA THR KA 149 -103.15 -67.00 -10.60
C THR KA 149 -103.94 -67.75 -9.53
N VAL KA 150 -104.48 -68.91 -9.94
CA VAL KA 150 -105.27 -69.74 -9.05
C VAL KA 150 -104.36 -70.44 -8.05
N GLY KA 151 -104.82 -70.55 -6.82
CA GLY KA 151 -104.02 -71.18 -5.78
C GLY KA 151 -104.84 -71.36 -4.51
N ASP KA 152 -104.18 -71.90 -3.49
CA ASP KA 152 -104.82 -72.19 -2.21
C ASP KA 152 -104.47 -71.09 -1.22
N CYS KA 153 -105.50 -70.45 -0.66
CA CYS KA 153 -105.33 -69.25 0.14
C CYS KA 153 -106.04 -69.36 1.49
N SER KA 154 -106.27 -70.59 1.96
CA SER KA 154 -107.09 -70.76 3.16
C SER KA 154 -106.42 -70.15 4.38
N SER KA 155 -105.09 -70.23 4.45
CA SER KA 155 -104.37 -69.65 5.59
C SER KA 155 -104.57 -68.14 5.65
N LEU KA 156 -104.48 -67.46 4.50
CA LEU KA 156 -104.67 -66.02 4.48
C LEU KA 156 -106.09 -65.64 4.86
N TYR KA 157 -107.08 -66.36 4.33
CA TYR KA 157 -108.47 -66.09 4.70
C TYR KA 157 -108.69 -66.30 6.19
N SER KA 158 -108.14 -67.39 6.74
CA SER KA 158 -108.32 -67.65 8.17
C SER KA 158 -107.67 -66.57 9.02
N GLU KA 159 -106.47 -66.14 8.64
CA GLU KA 159 -105.79 -65.11 9.42
C GLU KA 159 -106.53 -63.78 9.34
N ALA KA 160 -107.03 -63.42 8.15
CA ALA KA 160 -107.82 -62.20 8.02
C ALA KA 160 -109.11 -62.29 8.83
N ALA KA 161 -109.73 -63.47 8.85
CA ALA KA 161 -110.91 -63.67 9.66
C ALA KA 161 -110.61 -63.42 11.14
N THR KA 162 -109.51 -64.00 11.62
CA THR KA 162 -109.11 -63.76 13.00
C THR KA 162 -108.86 -62.28 13.25
N TYR KA 163 -108.27 -61.60 12.27
CA TYR KA 163 -107.92 -60.20 12.45
C TYR KA 163 -109.16 -59.34 12.59
N PHE KA 164 -110.12 -59.52 11.67
CA PHE KA 164 -111.38 -58.78 11.75
C PHE KA 164 -112.13 -59.12 13.02
N ASP KA 165 -112.11 -60.39 13.42
CA ASP KA 165 -112.82 -60.79 14.64
C ASP KA 165 -112.21 -60.15 15.86
N LYS KA 166 -110.88 -60.09 15.95
CA LYS KA 166 -110.29 -59.53 17.16
C LYS KA 166 -110.50 -58.03 17.19
N ALA KA 167 -110.48 -57.37 16.02
CA ALA KA 167 -110.78 -55.95 15.98
C ALA KA 167 -112.20 -55.69 16.47
N ALA KA 168 -113.14 -56.52 16.02
CA ALA KA 168 -114.52 -56.39 16.48
C ALA KA 168 -114.62 -56.60 17.98
N ALA KA 169 -113.92 -57.62 18.50
CA ALA KA 169 -113.96 -57.89 19.93
C ALA KA 169 -113.38 -56.72 20.72
N SER KA 170 -112.27 -56.16 20.25
CA SER KA 170 -111.66 -55.03 20.94
C SER KA 170 -112.59 -53.83 20.96
N ILE KA 171 -113.22 -53.51 19.83
CA ILE KA 171 -114.15 -52.39 19.80
C ILE KA 171 -115.34 -52.67 20.71
N ALA KA 172 -115.87 -53.89 20.65
CA ALA KA 172 -116.98 -54.29 21.50
C ALA KA 172 -116.55 -54.34 22.96
N MET LA 1 -71.28 -10.78 22.30
CA MET LA 1 -70.93 -10.23 23.59
C MET LA 1 -69.52 -10.66 24.01
N ASN LA 2 -68.57 -9.72 23.96
CA ASN LA 2 -67.23 -9.93 24.46
C ASN LA 2 -66.89 -8.82 25.44
N ASP LA 3 -66.46 -9.20 26.64
CA ASP LA 3 -65.89 -8.20 27.52
C ASP LA 3 -64.43 -8.00 27.15
N VAL LA 4 -63.68 -7.26 27.97
CA VAL LA 4 -62.31 -6.95 27.62
C VAL LA 4 -61.43 -8.18 27.71
N PHE LA 5 -61.65 -9.05 28.70
CA PHE LA 5 -60.86 -10.25 28.84
C PHE LA 5 -61.02 -11.16 27.64
N THR LA 6 -62.26 -11.32 27.18
CA THR LA 6 -62.53 -12.23 26.08
C THR LA 6 -61.87 -11.75 24.79
N ARG LA 7 -61.85 -10.44 24.53
CA ARG LA 7 -61.18 -9.98 23.31
C ARG LA 7 -59.68 -10.08 23.46
N ALA LA 8 -59.15 -9.78 24.64
CA ALA LA 8 -57.72 -10.01 24.82
C ALA LA 8 -57.36 -11.44 24.51
N ILE LA 9 -58.20 -12.38 24.97
CA ILE LA 9 -57.98 -13.79 24.71
C ILE LA 9 -58.11 -14.11 23.23
N ALA LA 10 -59.12 -13.56 22.55
CA ALA LA 10 -59.31 -13.86 21.14
C ALA LA 10 -58.15 -13.33 20.30
N GLN LA 11 -57.66 -12.13 20.63
CA GLN LA 11 -56.52 -11.57 19.93
C GLN LA 11 -55.27 -12.38 20.21
N ALA LA 12 -55.10 -12.87 21.43
CA ALA LA 12 -53.97 -13.75 21.72
C ALA LA 12 -54.06 -15.04 20.92
N ASP LA 13 -55.27 -15.58 20.78
CA ASP LA 13 -55.42 -16.88 20.13
C ASP LA 13 -55.24 -16.78 18.64
N LEU LA 14 -55.68 -15.68 18.03
CA LEU LA 14 -55.42 -15.47 16.61
C LEU LA 14 -53.93 -15.46 16.32
N LYS LA 15 -53.16 -14.82 17.20
CA LYS LA 15 -51.70 -14.92 17.09
C LYS LA 15 -51.20 -16.26 17.57
N GLY LA 16 -52.05 -17.03 18.26
CA GLY LA 16 -51.64 -18.32 18.75
C GLY LA 16 -50.59 -18.26 19.84
N SER LA 17 -50.63 -17.22 20.67
CA SER LA 17 -49.62 -17.03 21.70
C SER LA 17 -50.28 -16.81 23.04
N PHE LA 18 -49.54 -17.09 24.10
CA PHE LA 18 -50.03 -16.85 25.45
C PHE LA 18 -50.22 -15.35 25.66
N LEU LA 19 -50.81 -15.01 26.80
CA LEU LA 19 -50.99 -13.61 27.15
C LEU LA 19 -49.71 -13.10 27.81
N LEU LA 20 -49.20 -11.98 27.31
CA LEU LA 20 -47.92 -11.47 27.76
C LEU LA 20 -48.04 -10.90 29.17
N GLU LA 21 -46.88 -10.61 29.76
CA GLU LA 21 -46.84 -10.04 31.10
C GLU LA 21 -47.57 -8.70 31.15
N SER LA 22 -47.29 -7.83 30.19
CA SER LA 22 -47.91 -6.51 30.19
C SER LA 22 -49.42 -6.59 30.00
N ASP LA 23 -49.86 -7.51 29.13
CA ASP LA 23 -51.30 -7.65 28.90
C ASP LA 23 -52.00 -8.14 30.16
N LEU LA 24 -51.38 -9.06 30.88
CA LEU LA 24 -51.93 -9.51 32.14
C LEU LA 24 -51.96 -8.37 33.14
N ASP LA 25 -50.94 -7.51 33.12
CA ASP LA 25 -50.95 -6.33 33.99
C ASP LA 25 -52.14 -5.43 33.67
N LYS LA 26 -52.41 -5.23 32.38
CA LYS LA 26 -53.55 -4.39 32.01
C LYS LA 26 -54.86 -5.01 32.45
N LEU LA 27 -55.01 -6.31 32.28
CA LEU LA 27 -56.25 -6.96 32.67
C LEU LA 27 -56.43 -6.93 34.19
N ALA LA 28 -55.34 -7.09 34.94
CA ALA LA 28 -55.42 -6.96 36.38
C ALA LA 28 -55.79 -5.55 36.80
N SER LA 29 -55.28 -4.55 36.09
CA SER LA 29 -55.69 -3.17 36.38
C SER LA 29 -57.18 -2.99 36.14
N PHE LA 30 -57.68 -3.54 35.03
CA PHE LA 30 -59.11 -3.48 34.75
C PHE LA 30 -59.91 -4.11 35.88
N ALA LA 31 -59.49 -5.29 36.32
CA ALA LA 31 -60.21 -5.98 37.39
C ALA LA 31 -60.14 -5.19 38.69
N LYS LA 32 -59.02 -4.52 38.92
CA LYS LA 32 -58.89 -3.71 40.13
C LYS LA 32 -59.87 -2.55 40.13
N GLU LA 33 -60.01 -1.87 38.99
CA GLU LA 33 -60.94 -0.75 38.95
C GLU LA 33 -62.37 -1.18 38.66
N GLY LA 34 -62.60 -2.48 38.54
CA GLY LA 34 -63.95 -2.99 38.39
C GLY LA 34 -64.95 -2.51 39.44
N VAL LA 35 -64.49 -2.15 40.64
CA VAL LA 35 -65.42 -1.61 41.64
C VAL LA 35 -65.95 -0.26 41.20
N LYS LA 36 -65.06 0.59 40.68
CA LYS LA 36 -65.51 1.87 40.12
C LYS LA 36 -66.43 1.62 38.94
N ARG LA 37 -66.09 0.66 38.10
CA ARG LA 37 -66.94 0.33 36.97
C ARG LA 37 -68.34 -0.08 37.42
N LEU LA 38 -68.42 -0.88 38.48
CA LEU LA 38 -69.72 -1.30 39.01
C LEU LA 38 -70.49 -0.12 39.57
N ASP LA 39 -69.81 0.81 40.24
CA ASP LA 39 -70.51 2.00 40.71
C ASP LA 39 -71.07 2.81 39.55
N ALA LA 40 -70.32 2.93 38.46
CA ALA LA 40 -70.84 3.64 37.29
C ALA LA 40 -72.07 2.93 36.73
N VAL LA 41 -72.00 1.60 36.64
CA VAL LA 41 -73.14 0.84 36.12
C VAL LA 41 -74.36 1.05 37.00
N ALA LA 42 -74.17 1.04 38.32
CA ALA LA 42 -75.29 1.23 39.24
C ALA LA 42 -75.84 2.66 39.14
N ALA LA 43 -74.96 3.63 38.92
CA ALA LA 43 -75.42 5.00 38.74
C ALA LA 43 -76.30 5.13 37.53
N LEU LA 44 -75.94 4.49 36.43
CA LEU LA 44 -76.83 4.47 35.27
C LEU LA 44 -78.12 3.71 35.56
N THR LA 45 -78.03 2.55 36.20
CA THR LA 45 -79.20 1.70 36.38
C THR LA 45 -80.25 2.33 37.29
N ASN LA 46 -79.83 2.80 38.46
CA ASN LA 46 -80.80 3.31 39.43
C ASN LA 46 -81.48 4.57 38.94
N ASN LA 47 -80.76 5.40 38.19
CA ASN LA 47 -81.25 6.70 37.79
C ASN LA 47 -81.83 6.70 36.38
N ALA LA 48 -82.09 5.52 35.82
CA ALA LA 48 -82.50 5.45 34.41
C ALA LA 48 -83.76 6.23 34.12
N PRO LA 49 -84.86 6.11 34.88
CA PRO LA 49 -86.05 6.90 34.54
C PRO LA 49 -85.78 8.40 34.55
N ALA LA 50 -84.98 8.88 35.49
CA ALA LA 50 -84.64 10.30 35.54
C ALA LA 50 -83.89 10.72 34.29
N ILE LA 51 -82.93 9.90 33.86
CA ILE LA 51 -82.14 10.23 32.66
C ILE LA 51 -83.03 10.26 31.43
N ILE LA 52 -83.89 9.26 31.28
CA ILE LA 52 -84.75 9.21 30.11
C ILE LA 52 -85.70 10.39 30.09
N SER LA 53 -86.31 10.70 31.23
CA SER LA 53 -87.25 11.81 31.28
C SER LA 53 -86.56 13.15 31.02
N ASP LA 54 -85.37 13.35 31.59
CA ASP LA 54 -84.65 14.59 31.38
C ASP LA 54 -84.28 14.77 29.91
N ALA LA 55 -83.73 13.73 29.30
CA ALA LA 55 -83.36 13.82 27.89
C ALA LA 55 -84.59 14.05 27.02
N ALA LA 56 -85.70 13.37 27.32
CA ALA LA 56 -86.92 13.57 26.56
C ALA LA 56 -87.42 15.00 26.68
N HIS LA 57 -87.44 15.53 27.91
CA HIS LA 57 -87.88 16.91 28.12
C HIS LA 57 -87.04 17.87 27.29
N LYS LA 58 -85.72 17.72 27.34
CA LYS LA 58 -84.87 18.63 26.59
C LYS LA 58 -85.06 18.47 25.08
N LEU LA 59 -85.19 17.24 24.61
CA LEU LA 59 -85.34 17.00 23.18
C LEU LA 59 -86.64 17.59 22.65
N PHE LA 60 -87.72 17.47 23.40
CA PHE LA 60 -88.98 18.05 22.95
C PHE LA 60 -89.05 19.54 23.24
N ALA LA 61 -88.19 20.06 24.10
CA ALA LA 61 -88.09 21.51 24.27
C ALA LA 61 -87.38 22.15 23.08
N GLU LA 62 -86.30 21.53 22.60
CA GLU LA 62 -85.64 22.08 21.43
C GLU LA 62 -86.41 21.78 20.14
N GLN LA 63 -86.80 20.53 19.92
CA GLN LA 63 -87.46 20.12 18.69
C GLN LA 63 -88.92 19.87 19.02
N GLN LA 64 -89.73 20.93 19.00
CA GLN LA 64 -91.15 20.75 19.22
C GLN LA 64 -91.84 20.06 18.07
N GLU LA 65 -91.26 20.14 16.86
CA GLU LA 65 -91.91 19.59 15.67
C GLU LA 65 -92.25 18.13 15.81
N LEU LA 66 -91.64 17.44 16.77
CA LEU LA 66 -91.97 16.04 17.01
C LEU LA 66 -93.36 15.88 17.61
N ILE LA 67 -93.71 16.74 18.56
CA ILE LA 67 -94.92 16.55 19.35
C ILE LA 67 -96.14 17.26 18.80
N GLN LA 68 -96.02 18.03 17.72
CA GLN LA 68 -97.21 18.51 17.05
C GLN LA 68 -97.78 17.41 16.16
N PRO LA 69 -99.07 17.48 15.83
CA PRO LA 69 -99.63 16.51 14.90
C PRO LA 69 -98.86 16.55 13.60
N GLY LA 70 -98.64 15.38 13.02
CA GLY LA 70 -97.73 15.25 11.92
C GLY LA 70 -96.29 15.04 12.32
N GLY LA 71 -95.95 15.32 13.57
CA GLY LA 71 -94.62 15.01 14.04
C GLY LA 71 -94.48 13.53 14.26
N ASN LA 72 -93.25 13.11 14.48
CA ASN LA 72 -92.98 11.68 14.54
C ASN LA 72 -93.04 11.14 15.96
N ALA LA 73 -93.28 12.00 16.95
CA ALA LA 73 -93.56 11.54 18.31
C ALA LA 73 -94.93 11.99 18.78
N TYR LA 74 -95.90 12.08 17.87
CA TYR LA 74 -97.19 12.62 18.26
C TYR LA 74 -98.05 11.74 19.16
N PRO LA 75 -98.67 10.66 18.71
CA PRO LA 75 -99.64 9.99 19.56
C PRO LA 75 -98.92 9.31 20.73
N HIS LA 76 -99.69 8.89 21.72
CA HIS LA 76 -99.09 8.13 22.80
C HIS LA 76 -98.42 6.88 22.27
N ARG LA 77 -98.90 6.36 21.15
CA ARG LA 77 -98.27 5.20 20.54
C ARG LA 77 -96.83 5.50 20.17
N ARG LA 78 -96.57 6.69 19.60
CA ARG LA 78 -95.24 7.00 19.12
C ARG LA 78 -94.35 7.59 20.20
N MET LA 79 -94.91 8.40 21.09
CA MET LA 79 -94.14 8.90 22.24
C MET LA 79 -93.65 7.77 23.13
N ALA LA 80 -94.54 6.80 23.41
CA ALA LA 80 -94.13 5.67 24.23
C ALA LA 80 -93.08 4.84 23.52
N ALA LA 81 -93.15 4.76 22.19
CA ALA LA 81 -92.10 4.10 21.43
C ALA LA 81 -90.79 4.85 21.54
N CYS LA 82 -90.83 6.17 21.51
CA CYS LA 82 -89.62 6.97 21.71
C CYS LA 82 -88.98 6.66 23.05
N LEU LA 83 -89.78 6.71 24.11
CA LEU LA 83 -89.25 6.44 25.44
C LEU LA 83 -88.73 5.01 25.56
N ARG LA 84 -89.42 4.06 24.94
CA ARG LA 84 -88.93 2.68 24.92
C ARG LA 84 -87.58 2.57 24.24
N ASP LA 85 -87.42 3.22 23.09
CA ASP LA 85 -86.14 3.15 22.39
C ASP LA 85 -85.02 3.75 23.22
N MET LA 86 -85.30 4.88 23.86
CA MET LA 86 -84.28 5.51 24.70
C MET LA 86 -83.90 4.60 25.85
N GLU LA 87 -84.88 3.94 26.48
CA GLU LA 87 -84.57 3.01 27.55
C GLU LA 87 -83.72 1.86 27.05
N ILE LA 88 -84.04 1.36 25.85
CA ILE LA 88 -83.26 0.26 25.28
C ILE LA 88 -81.81 0.67 25.10
N ILE LA 89 -81.60 1.85 24.53
CA ILE LA 89 -80.25 2.32 24.26
C ILE LA 89 -79.48 2.54 25.56
N LEU LA 90 -80.13 3.13 26.56
CA LEU LA 90 -79.46 3.30 27.85
C LEU LA 90 -79.12 1.96 28.47
N ARG LA 91 -80.02 0.99 28.37
CA ARG LA 91 -79.77 -0.34 28.92
C ARG LA 91 -78.57 -1.00 28.27
N TYR LA 92 -78.49 -0.90 26.94
CA TYR LA 92 -77.37 -1.49 26.22
C TYR LA 92 -76.07 -0.76 26.50
N VAL LA 93 -76.13 0.55 26.75
CA VAL LA 93 -74.94 1.27 27.16
C VAL LA 93 -74.48 0.81 28.53
N SER LA 94 -75.42 0.55 29.43
CA SER LA 94 -75.04 0.01 30.73
C SER LA 94 -74.39 -1.36 30.59
N TYR LA 95 -74.93 -2.20 29.70
CA TYR LA 95 -74.30 -3.48 29.44
C TYR LA 95 -72.87 -3.31 28.94
N ALA LA 96 -72.68 -2.40 27.98
CA ALA LA 96 -71.35 -2.20 27.42
C ALA LA 96 -70.40 -1.62 28.45
N LEU LA 97 -70.90 -0.78 29.34
CA LEU LA 97 -70.04 -0.22 30.39
C LEU LA 97 -69.61 -1.29 31.37
N LEU LA 98 -70.53 -2.15 31.79
CA LEU LA 98 -70.15 -3.24 32.70
C LEU LA 98 -69.18 -4.20 32.03
N ALA LA 99 -69.48 -4.60 30.79
CA ALA LA 99 -68.62 -5.54 30.10
C ALA LA 99 -67.24 -4.94 29.84
N GLY LA 100 -67.19 -3.68 29.46
CA GLY LA 100 -65.95 -3.07 29.10
C GLY LA 100 -65.67 -2.99 27.62
N ASP LA 101 -66.66 -3.32 26.79
CA ASP LA 101 -66.49 -3.26 25.35
C ASP LA 101 -67.83 -2.98 24.71
N ALA LA 102 -67.80 -2.33 23.55
CA ALA LA 102 -69.01 -2.00 22.82
C ALA LA 102 -69.48 -3.12 21.91
N SER LA 103 -69.08 -4.36 22.19
CA SER LA 103 -69.51 -5.48 21.37
C SER LA 103 -71.01 -5.72 21.50
N VAL LA 104 -71.53 -5.74 22.73
CA VAL LA 104 -72.96 -5.99 22.92
C VAL LA 104 -73.77 -4.88 22.27
N LEU LA 105 -73.31 -3.64 22.40
CA LEU LA 105 -74.00 -2.50 21.79
C LEU LA 105 -73.94 -2.60 20.28
N ASP LA 106 -72.84 -3.15 19.74
CA ASP LA 106 -72.76 -3.38 18.30
C ASP LA 106 -73.78 -4.39 17.83
N ASP LA 107 -73.82 -5.57 18.45
CA ASP LA 107 -74.57 -6.64 17.82
C ASP LA 107 -76.04 -6.65 18.22
N ARG LA 108 -76.38 -6.46 19.50
CA ARG LA 108 -77.78 -6.66 19.87
C ARG LA 108 -78.65 -5.45 19.61
N CYS LA 109 -78.07 -4.25 19.57
CA CYS LA 109 -78.89 -3.04 19.50
C CYS LA 109 -78.81 -2.31 18.19
N LEU LA 110 -77.60 -1.97 17.72
CA LEU LA 110 -77.42 -1.07 16.60
C LEU LA 110 -77.19 -1.80 15.28
N ASN LA 111 -77.62 -3.05 15.17
CA ASN LA 111 -77.27 -3.84 14.01
C ASN LA 111 -77.81 -3.24 12.73
N GLY LA 112 -79.12 -2.96 12.70
CA GLY LA 112 -79.75 -2.44 11.51
C GLY LA 112 -80.73 -1.35 11.83
N LEU LA 113 -80.41 -0.54 12.85
CA LEU LA 113 -81.40 0.34 13.43
C LEU LA 113 -81.66 1.55 12.53
N ARG LA 114 -80.65 2.03 11.83
CA ARG LA 114 -80.85 3.16 10.93
C ARG LA 114 -81.83 2.81 9.82
N GLU LA 115 -81.74 1.60 9.28
CA GLU LA 115 -82.65 1.19 8.22
C GLU LA 115 -84.08 1.12 8.72
N THR LA 116 -84.28 0.59 9.93
CA THR LA 116 -85.60 0.57 10.53
C THR LA 116 -86.15 1.98 10.70
N TYR LA 117 -85.32 2.88 11.22
CA TYR LA 117 -85.77 4.25 11.43
C TYR LA 117 -86.12 4.92 10.11
N ASN LA 118 -85.36 4.65 9.06
CA ASN LA 118 -85.67 5.23 7.77
C ASN LA 118 -86.98 4.69 7.21
N ALA LA 119 -87.20 3.38 7.38
CA ALA LA 119 -88.46 2.80 6.91
C ALA LA 119 -89.65 3.40 7.65
N LEU LA 120 -89.52 3.60 8.96
CA LEU LA 120 -90.65 4.14 9.73
C LEU LA 120 -90.86 5.62 9.46
N GLY LA 121 -89.86 6.32 8.94
CA GLY LA 121 -89.94 7.75 8.77
C GLY LA 121 -89.36 8.56 9.91
N THR LA 122 -88.77 7.91 10.89
CA THR LA 122 -88.22 8.62 12.04
C THR LA 122 -87.04 9.48 11.61
N PRO LA 123 -86.88 10.69 12.17
CA PRO LA 123 -85.66 11.45 11.92
C PRO LA 123 -84.49 10.90 12.71
N THR LA 124 -83.47 10.40 12.02
CA THR LA 124 -82.37 9.75 12.71
C THR LA 124 -81.50 10.73 13.48
N GLN LA 125 -81.23 11.92 12.93
CA GLN LA 125 -80.45 12.89 13.69
C GLN LA 125 -81.18 13.33 14.94
N SER LA 126 -82.52 13.25 14.94
CA SER LA 126 -83.27 13.50 16.17
C SER LA 126 -83.03 12.41 17.20
N VAL LA 127 -82.99 11.15 16.76
CA VAL LA 127 -82.68 10.06 17.68
C VAL LA 127 -81.27 10.21 18.24
N ALA LA 128 -80.33 10.61 17.38
CA ALA LA 128 -78.97 10.83 17.83
C ALA LA 128 -78.90 11.98 18.83
N ARG LA 129 -79.65 13.04 18.59
CA ARG LA 129 -79.69 14.14 19.55
C ARG LA 129 -80.28 13.67 20.87
N ALA LA 130 -81.27 12.77 20.82
CA ALA LA 130 -81.83 12.23 22.04
C ALA LA 130 -80.79 11.42 22.80
N VAL LA 131 -79.99 10.63 22.09
CA VAL LA 131 -78.97 9.84 22.77
C VAL LA 131 -77.90 10.75 23.37
N GLN LA 132 -77.57 11.84 22.66
CA GLN LA 132 -76.63 12.81 23.21
C GLN LA 132 -77.19 13.48 24.47
N LEU LA 133 -78.47 13.80 24.46
CA LEU LA 133 -79.10 14.35 25.66
C LEU LA 133 -79.09 13.35 26.79
N MET LA 134 -79.31 12.07 26.48
CA MET LA 134 -79.20 11.03 27.49
C MET LA 134 -77.79 10.99 28.08
N LYS LA 135 -76.78 11.13 27.22
CA LYS LA 135 -75.41 11.13 27.71
C LYS LA 135 -75.15 12.30 28.64
N ASP LA 136 -75.60 13.50 28.24
CA ASP LA 136 -75.39 14.67 29.06
C ASP LA 136 -76.15 14.57 30.38
N ALA LA 137 -77.32 13.95 30.35
CA ALA LA 137 -78.10 13.79 31.58
C ALA LA 137 -77.53 12.71 32.47
N ALA LA 138 -76.86 11.71 31.89
CA ALA LA 138 -76.36 10.60 32.67
C ALA LA 138 -74.99 10.89 33.27
N MET LA 139 -74.21 11.78 32.65
CA MET LA 139 -72.96 12.19 33.27
C MET LA 139 -73.20 12.85 34.61
N VAL LA 140 -74.32 13.55 34.75
CA VAL LA 140 -74.64 14.18 36.03
C VAL LA 140 -74.78 13.15 37.12
N HIS LA 141 -75.49 12.05 36.85
CA HIS LA 141 -75.66 11.03 37.87
C HIS LA 141 -74.39 10.22 38.05
N LEU LA 142 -73.59 10.08 36.99
CA LEU LA 142 -72.32 9.38 37.12
C LEU LA 142 -71.37 10.13 38.05
N LYS LA 143 -71.33 11.46 37.92
CA LYS LA 143 -70.44 12.28 38.74
C LYS LA 143 -70.96 12.51 40.14
N SER LA 144 -72.18 12.07 40.45
CA SER LA 144 -72.71 12.24 41.79
C SER LA 144 -71.88 11.45 42.80
N THR LA 145 -71.60 12.07 43.94
CA THR LA 145 -70.73 11.48 44.94
C THR LA 145 -71.46 11.05 46.21
N ALA LA 146 -72.80 11.09 46.20
CA ALA LA 146 -73.54 10.68 47.39
C ALA LA 146 -73.42 9.18 47.60
N ASN LA 147 -73.11 8.79 48.83
CA ASN LA 147 -73.04 7.40 49.26
C ASN LA 147 -71.97 6.60 48.53
N VAL LA 148 -70.96 7.26 47.97
CA VAL LA 148 -69.90 6.59 47.22
C VAL LA 148 -68.56 7.05 47.74
N THR LA 149 -67.63 6.11 47.89
CA THR LA 149 -66.24 6.47 48.18
C THR LA 149 -65.69 7.35 47.07
N VAL LA 150 -65.18 8.52 47.46
CA VAL LA 150 -64.79 9.50 46.47
C VAL LA 150 -63.42 9.15 45.90
N GLY LA 151 -63.28 9.31 44.59
CA GLY LA 151 -62.01 9.00 43.94
C GLY LA 151 -62.03 9.50 42.51
N ASP LA 152 -61.06 9.01 41.74
CA ASP LA 152 -60.95 9.35 40.33
C ASP LA 152 -61.70 8.31 39.50
N CYS LA 153 -62.53 8.79 38.59
CA CYS LA 153 -63.23 7.92 37.65
C CYS LA 153 -63.32 8.54 36.27
N SER LA 154 -62.33 9.36 35.91
CA SER LA 154 -62.39 10.07 34.64
C SER LA 154 -62.31 9.12 33.46
N SER LA 155 -61.58 8.02 33.61
CA SER LA 155 -61.53 7.02 32.55
C SER LA 155 -62.91 6.44 32.30
N LEU LA 156 -63.66 6.17 33.37
CA LEU LA 156 -65.01 5.64 33.21
C LEU LA 156 -65.94 6.67 32.58
N TYR LA 157 -65.77 7.94 32.93
CA TYR LA 157 -66.56 8.99 32.29
C TYR LA 157 -66.29 9.02 30.79
N SER LA 158 -65.01 8.97 30.40
CA SER LA 158 -64.70 8.98 28.98
C SER LA 158 -65.22 7.73 28.28
N GLU LA 159 -65.14 6.58 28.95
CA GLU LA 159 -65.64 5.33 28.37
C GLU LA 159 -67.14 5.39 28.14
N ALA LA 160 -67.88 5.88 29.13
CA ALA LA 160 -69.33 6.00 28.98
C ALA LA 160 -69.68 6.99 27.89
N ALA LA 161 -68.94 8.10 27.83
CA ALA LA 161 -69.16 9.06 26.75
C ALA LA 161 -68.91 8.41 25.40
N THR LA 162 -67.90 7.56 25.31
CA THR LA 162 -67.61 6.87 24.06
C THR LA 162 -68.74 5.94 23.67
N TYR LA 163 -69.30 5.20 24.63
CA TYR LA 163 -70.40 4.30 24.30
C TYR LA 163 -71.63 5.07 23.85
N PHE LA 164 -71.98 6.14 24.56
CA PHE LA 164 -73.12 6.94 24.15
C PHE LA 164 -72.91 7.53 22.77
N ASP LA 165 -71.72 8.07 22.52
CA ASP LA 165 -71.43 8.66 21.22
C ASP LA 165 -71.41 7.61 20.12
N LYS LA 166 -71.01 6.39 20.44
CA LYS LA 166 -70.99 5.35 19.44
C LYS LA 166 -72.39 4.94 19.04
N ALA LA 167 -73.28 4.82 20.03
CA ALA LA 167 -74.67 4.56 19.72
C ALA LA 167 -75.27 5.69 18.89
N ALA LA 168 -75.00 6.92 19.29
CA ALA LA 168 -75.54 8.07 18.56
C ALA LA 168 -75.04 8.10 17.13
N ALA LA 169 -73.74 7.89 16.92
CA ALA LA 169 -73.20 7.89 15.58
C ALA LA 169 -73.76 6.75 14.73
N SER LA 170 -73.92 5.56 15.32
CA SER LA 170 -74.47 4.45 14.57
C SER LA 170 -75.89 4.75 14.12
N ILE LA 171 -76.71 5.31 15.01
CA ILE LA 171 -78.09 5.58 14.64
C ILE LA 171 -78.17 6.70 13.61
N ALA LA 172 -77.45 7.79 13.83
CA ALA LA 172 -77.54 8.95 12.96
C ALA LA 172 -77.05 8.63 11.57
N MET MA 1 -85.15 -33.21 -6.57
CA MET MA 1 -84.86 -34.63 -6.41
C MET MA 1 -85.53 -35.48 -7.47
N ASN MA 2 -84.76 -35.83 -8.48
CA ASN MA 2 -85.20 -36.67 -9.57
C ASN MA 2 -84.17 -37.76 -9.80
N ASP MA 3 -84.64 -38.97 -10.05
CA ASP MA 3 -83.76 -40.01 -10.53
C ASP MA 3 -83.82 -40.00 -12.05
N VAL MA 4 -83.12 -40.95 -12.67
CA VAL MA 4 -83.08 -40.98 -14.13
C VAL MA 4 -84.47 -41.26 -14.69
N PHE MA 5 -85.23 -42.13 -14.04
CA PHE MA 5 -86.58 -42.44 -14.47
C PHE MA 5 -87.46 -41.20 -14.44
N THR MA 6 -87.41 -40.44 -13.33
CA THR MA 6 -88.25 -39.26 -13.22
C THR MA 6 -87.80 -38.16 -14.18
N ARG MA 7 -86.50 -38.05 -14.44
CA ARG MA 7 -86.03 -37.09 -15.42
C ARG MA 7 -86.57 -37.41 -16.81
N ALA MA 8 -86.54 -38.69 -17.19
CA ALA MA 8 -87.09 -39.09 -18.47
C ALA MA 8 -88.59 -38.83 -18.54
N ILE MA 9 -89.30 -39.14 -17.45
CA ILE MA 9 -90.74 -38.89 -17.39
C ILE MA 9 -91.03 -37.40 -17.57
N ALA MA 10 -90.25 -36.56 -16.93
CA ALA MA 10 -90.51 -35.12 -16.98
C ALA MA 10 -90.25 -34.57 -18.37
N GLN MA 11 -89.17 -35.01 -19.02
CA GLN MA 11 -88.94 -34.58 -20.39
C GLN MA 11 -90.05 -35.06 -21.31
N ALA MA 12 -90.49 -36.30 -21.15
CA ALA MA 12 -91.56 -36.83 -21.97
C ALA MA 12 -92.85 -36.05 -21.77
N ASP MA 13 -93.15 -35.67 -20.52
CA ASP MA 13 -94.34 -34.89 -20.25
C ASP MA 13 -94.25 -33.50 -20.85
N LEU MA 14 -93.09 -32.87 -20.77
CA LEU MA 14 -92.92 -31.57 -21.39
C LEU MA 14 -93.17 -31.65 -22.88
N LYS MA 15 -92.66 -32.69 -23.53
CA LYS MA 15 -92.99 -32.90 -24.93
C LYS MA 15 -94.44 -33.29 -25.12
N GLY MA 16 -95.15 -33.62 -24.04
CA GLY MA 16 -96.54 -34.01 -24.14
C GLY MA 16 -96.78 -35.39 -24.69
N SER MA 17 -95.77 -36.26 -24.64
CA SER MA 17 -95.83 -37.53 -25.33
C SER MA 17 -95.41 -38.67 -24.41
N PHE MA 18 -95.88 -39.87 -24.75
CA PHE MA 18 -95.40 -41.08 -24.10
C PHE MA 18 -93.90 -41.20 -24.27
N LEU MA 19 -93.32 -42.10 -23.47
CA LEU MA 19 -91.90 -42.36 -23.58
C LEU MA 19 -91.61 -43.20 -24.83
N LEU MA 20 -90.62 -42.76 -25.59
CA LEU MA 20 -90.26 -43.47 -26.81
C LEU MA 20 -89.65 -44.83 -26.48
N GLU MA 21 -89.54 -45.68 -27.49
CA GLU MA 21 -89.03 -47.02 -27.26
C GLU MA 21 -87.54 -46.98 -26.90
N SER MA 22 -86.79 -46.01 -27.45
CA SER MA 22 -85.38 -45.90 -27.11
C SER MA 22 -85.20 -45.47 -25.66
N ASP MA 23 -86.03 -44.55 -25.19
CA ASP MA 23 -85.97 -44.15 -23.79
C ASP MA 23 -86.30 -45.31 -22.87
N LEU MA 24 -87.31 -46.10 -23.23
CA LEU MA 24 -87.62 -47.29 -22.45
C LEU MA 24 -86.45 -48.26 -22.45
N ASP MA 25 -85.76 -48.39 -23.58
CA ASP MA 25 -84.59 -49.26 -23.63
C ASP MA 25 -83.49 -48.75 -22.70
N LYS MA 26 -83.24 -47.44 -22.69
CA LYS MA 26 -82.24 -46.88 -21.81
C LYS MA 26 -82.59 -47.11 -20.35
N LEU MA 27 -83.86 -46.94 -20.00
CA LEU MA 27 -84.27 -47.15 -18.61
C LEU MA 27 -84.22 -48.63 -18.24
N ALA MA 28 -84.53 -49.52 -19.17
CA ALA MA 28 -84.38 -50.95 -18.91
C ALA MA 28 -82.92 -51.30 -18.67
N SER MA 29 -82.01 -50.73 -19.46
CA SER MA 29 -80.60 -50.96 -19.23
C SER MA 29 -80.17 -50.44 -17.85
N PHE MA 30 -80.67 -49.27 -17.47
CA PHE MA 30 -80.36 -48.73 -16.16
C PHE MA 30 -80.84 -49.67 -15.06
N ALA MA 31 -82.05 -50.20 -15.21
CA ALA MA 31 -82.57 -51.11 -14.20
C ALA MA 31 -81.76 -52.40 -14.15
N LYS MA 32 -81.29 -52.87 -15.31
CA LYS MA 32 -80.45 -54.06 -15.34
C LYS MA 32 -79.13 -53.84 -14.62
N GLU MA 33 -78.51 -52.68 -14.82
CA GLU MA 33 -77.24 -52.39 -14.16
C GLU MA 33 -77.41 -51.84 -12.74
N GLY MA 34 -78.66 -51.69 -12.29
CA GLY MA 34 -78.90 -51.25 -10.94
C GLY MA 34 -78.29 -52.11 -9.86
N VAL MA 35 -78.03 -53.39 -10.14
CA VAL MA 35 -77.41 -54.24 -9.15
C VAL MA 35 -75.97 -53.81 -8.87
N LYS MA 36 -75.20 -53.57 -9.92
CA LYS MA 36 -73.87 -53.01 -9.76
C LYS MA 36 -73.92 -51.62 -9.17
N ARG MA 37 -74.94 -50.84 -9.51
CA ARG MA 37 -75.10 -49.52 -8.90
C ARG MA 37 -75.29 -49.63 -7.39
N LEU MA 38 -76.10 -50.59 -6.95
CA LEU MA 38 -76.30 -50.80 -5.52
C LEU MA 38 -75.02 -51.25 -4.85
N ASP MA 39 -74.23 -52.07 -5.53
CA ASP MA 39 -72.93 -52.43 -4.96
C ASP MA 39 -72.06 -51.19 -4.76
N ALA MA 40 -72.04 -50.30 -5.75
CA ALA MA 40 -71.21 -49.11 -5.63
C ALA MA 40 -71.66 -48.21 -4.49
N VAL MA 41 -72.97 -47.98 -4.39
CA VAL MA 41 -73.47 -47.10 -3.33
C VAL MA 41 -73.23 -47.74 -1.96
N ALA MA 42 -73.34 -49.07 -1.87
CA ALA MA 42 -73.01 -49.73 -0.63
C ALA MA 42 -71.54 -49.57 -0.28
N ALA MA 43 -70.66 -49.64 -1.28
CA ALA MA 43 -69.23 -49.46 -1.01
C ALA MA 43 -68.95 -48.07 -0.48
N LEU MA 44 -69.60 -47.05 -1.05
CA LEU MA 44 -69.42 -45.69 -0.52
C LEU MA 44 -69.96 -45.56 0.89
N THR MA 45 -71.15 -46.12 1.15
CA THR MA 45 -71.77 -45.95 2.45
C THR MA 45 -70.99 -46.66 3.54
N ASN MA 46 -70.52 -47.87 3.27
CA ASN MA 46 -69.92 -48.69 4.30
C ASN MA 46 -68.46 -48.35 4.57
N ASN MA 47 -67.90 -47.39 3.83
CA ASN MA 47 -66.53 -46.95 4.05
C ASN MA 47 -66.45 -45.46 4.32
N ALA MA 48 -67.57 -44.82 4.64
CA ALA MA 48 -67.57 -43.36 4.78
C ALA MA 48 -66.55 -42.86 5.80
N PRO MA 49 -66.47 -43.40 7.02
CA PRO MA 49 -65.46 -42.88 7.95
C PRO MA 49 -64.05 -43.05 7.45
N ALA MA 50 -63.75 -44.16 6.79
CA ALA MA 50 -62.41 -44.38 6.26
C ALA MA 50 -62.09 -43.38 5.16
N ILE MA 51 -63.06 -43.15 4.27
CA ILE MA 51 -62.85 -42.18 3.21
C ILE MA 51 -62.59 -40.80 3.77
N ILE MA 52 -63.38 -40.40 4.77
CA ILE MA 52 -63.23 -39.08 5.36
C ILE MA 52 -61.89 -38.96 6.06
N SER MA 53 -61.50 -39.98 6.82
CA SER MA 53 -60.22 -39.92 7.52
C SER MA 53 -59.05 -39.85 6.55
N ASP MA 54 -59.09 -40.62 5.47
CA ASP MA 54 -58.02 -40.56 4.49
C ASP MA 54 -57.95 -39.20 3.82
N ALA MA 55 -59.10 -38.67 3.40
CA ALA MA 55 -59.11 -37.37 2.77
C ALA MA 55 -58.61 -36.30 3.72
N ALA MA 56 -59.00 -36.37 4.99
CA ALA MA 56 -58.55 -35.39 5.97
C ALA MA 56 -57.05 -35.47 6.19
N HIS MA 57 -56.51 -36.68 6.34
CA HIS MA 57 -55.08 -36.83 6.53
C HIS MA 57 -54.32 -36.23 5.36
N LYS MA 58 -54.71 -36.58 4.14
CA LYS MA 58 -54.03 -36.00 2.98
C LYS MA 58 -54.16 -34.48 2.97
N LEU MA 59 -55.37 -33.97 3.19
CA LEU MA 59 -55.61 -32.54 3.05
C LEU MA 59 -54.81 -31.73 4.04
N PHE MA 60 -54.75 -32.18 5.29
CA PHE MA 60 -54.05 -31.41 6.30
C PHE MA 60 -52.57 -31.73 6.38
N ALA MA 61 -52.12 -32.78 5.70
CA ALA MA 61 -50.70 -32.88 5.43
C ALA MA 61 -50.29 -31.90 4.34
N GLU MA 62 -51.10 -31.81 3.29
CA GLU MA 62 -50.78 -30.93 2.17
C GLU MA 62 -50.92 -29.46 2.55
N GLN MA 63 -52.03 -29.10 3.18
CA GLN MA 63 -52.33 -27.71 3.52
C GLN MA 63 -52.21 -27.57 5.03
N GLN MA 64 -50.99 -27.27 5.50
CA GLN MA 64 -50.76 -27.13 6.92
C GLN MA 64 -51.29 -25.83 7.48
N GLU MA 65 -51.56 -24.84 6.62
CA GLU MA 65 -51.94 -23.53 7.13
C GLU MA 65 -53.32 -23.55 7.78
N LEU MA 66 -54.15 -24.53 7.42
CA LEU MA 66 -55.48 -24.61 8.02
C LEU MA 66 -55.41 -24.95 9.50
N ILE MA 67 -54.55 -25.89 9.87
CA ILE MA 67 -54.53 -26.43 11.22
C ILE MA 67 -53.68 -25.56 12.15
N GLN MA 68 -53.14 -24.48 11.62
CA GLN MA 68 -52.40 -23.55 12.44
C GLN MA 68 -53.37 -22.62 13.16
N PRO MA 69 -52.95 -22.02 14.28
CA PRO MA 69 -53.75 -20.94 14.86
C PRO MA 69 -53.98 -19.86 13.82
N GLY MA 70 -55.21 -19.39 13.75
CA GLY MA 70 -55.59 -18.46 12.70
C GLY MA 70 -55.98 -19.12 11.40
N GLY MA 71 -55.81 -20.43 11.29
CA GLY MA 71 -56.32 -21.16 10.16
C GLY MA 71 -57.79 -21.44 10.34
N ASN MA 72 -58.42 -21.91 9.26
CA ASN MA 72 -59.86 -22.06 9.26
C ASN MA 72 -60.29 -23.32 10.00
N ALA MA 73 -59.42 -24.30 10.13
CA ALA MA 73 -59.76 -25.52 10.86
C ALA MA 73 -58.98 -25.61 12.16
N TYR MA 74 -58.72 -24.50 12.81
CA TYR MA 74 -57.88 -24.58 13.99
C TYR MA 74 -58.53 -25.18 15.24
N PRO MA 75 -59.52 -24.53 15.87
CA PRO MA 75 -60.01 -25.10 17.13
C PRO MA 75 -60.74 -26.40 16.86
N HIS MA 76 -61.13 -27.13 17.90
CA HIS MA 76 -61.81 -28.39 17.64
C HIS MA 76 -63.12 -28.18 16.92
N ARG MA 77 -63.82 -27.07 17.18
CA ARG MA 77 -65.11 -26.88 16.54
C ARG MA 77 -64.97 -26.79 15.03
N ARG MA 78 -63.95 -26.07 14.55
CA ARG MA 78 -63.82 -25.92 13.11
C ARG MA 78 -63.28 -27.18 12.45
N MET MA 79 -62.40 -27.91 13.14
CA MET MA 79 -61.98 -29.20 12.62
C MET MA 79 -63.15 -30.17 12.51
N ALA MA 80 -63.98 -30.22 13.55
CA ALA MA 80 -65.16 -31.06 13.51
C ALA MA 80 -66.10 -30.63 12.40
N ALA MA 81 -66.23 -29.33 12.19
CA ALA MA 81 -67.08 -28.84 11.10
C ALA MA 81 -66.52 -29.25 9.75
N CYS MA 82 -65.20 -29.22 9.60
CA CYS MA 82 -64.59 -29.68 8.35
C CYS MA 82 -64.95 -31.12 8.07
N LEU MA 83 -64.76 -32.00 9.06
CA LEU MA 83 -65.08 -33.41 8.87
C LEU MA 83 -66.56 -33.61 8.61
N ARG MA 84 -67.40 -32.86 9.30
CA ARG MA 84 -68.85 -32.94 9.11
C ARG MA 84 -69.25 -32.55 7.69
N ASP MA 85 -68.64 -31.49 7.16
CA ASP MA 85 -68.95 -31.08 5.79
C ASP MA 85 -68.54 -32.14 4.80
N MET MA 86 -67.37 -32.75 5.03
CA MET MA 86 -66.94 -33.82 4.14
C MET MA 86 -67.92 -34.98 4.17
N GLU MA 87 -68.41 -35.34 5.35
CA GLU MA 87 -69.39 -36.42 5.45
C GLU MA 87 -70.69 -36.06 4.76
N ILE MA 88 -71.11 -34.79 4.86
CA ILE MA 88 -72.35 -34.37 4.19
C ILE MA 88 -72.21 -34.53 2.69
N ILE MA 89 -71.09 -34.05 2.14
CA ILE MA 89 -70.91 -34.11 0.70
C ILE MA 89 -70.81 -35.56 0.23
N LEU MA 90 -70.15 -36.41 1.01
CA LEU MA 90 -70.09 -37.83 0.63
C LEU MA 90 -71.47 -38.46 0.66
N ARG MA 91 -72.29 -38.09 1.65
CA ARG MA 91 -73.64 -38.61 1.74
C ARG MA 91 -74.46 -38.23 0.52
N TYR MA 92 -74.36 -36.98 0.11
CA TYR MA 92 -75.15 -36.55 -1.04
C TYR MA 92 -74.63 -37.14 -2.34
N VAL MA 93 -73.32 -37.37 -2.43
CA VAL MA 93 -72.80 -38.05 -3.61
C VAL MA 93 -73.30 -39.47 -3.68
N SER MA 94 -73.40 -40.16 -2.54
CA SER MA 94 -73.94 -41.52 -2.56
C SER MA 94 -75.41 -41.51 -2.96
N TYR MA 95 -76.18 -40.55 -2.45
CA TYR MA 95 -77.57 -40.40 -2.90
C TYR MA 95 -77.62 -40.28 -4.41
N ALA MA 96 -76.81 -39.38 -4.97
CA ALA MA 96 -76.82 -39.16 -6.41
C ALA MA 96 -76.39 -40.41 -7.17
N LEU MA 97 -75.41 -41.13 -6.66
CA LEU MA 97 -74.96 -42.35 -7.31
C LEU MA 97 -76.07 -43.38 -7.36
N LEU MA 98 -76.81 -43.54 -6.26
CA LEU MA 98 -77.96 -44.43 -6.27
C LEU MA 98 -79.00 -43.97 -7.28
N ALA MA 99 -79.32 -42.68 -7.26
CA ALA MA 99 -80.40 -42.19 -8.11
C ALA MA 99 -79.99 -42.18 -9.57
N GLY MA 100 -78.70 -42.02 -9.84
CA GLY MA 100 -78.21 -41.91 -11.19
C GLY MA 100 -78.32 -40.52 -11.78
N ASP MA 101 -78.82 -39.56 -11.02
CA ASP MA 101 -78.96 -38.19 -11.48
C ASP MA 101 -78.44 -37.27 -10.39
N ALA MA 102 -77.70 -36.24 -10.80
CA ALA MA 102 -77.09 -35.32 -9.86
C ALA MA 102 -78.02 -34.20 -9.45
N SER MA 103 -79.31 -34.33 -9.75
CA SER MA 103 -80.27 -33.31 -9.33
C SER MA 103 -80.33 -33.21 -7.81
N VAL MA 104 -80.30 -34.35 -7.12
CA VAL MA 104 -80.33 -34.34 -5.67
C VAL MA 104 -79.12 -33.61 -5.11
N LEU MA 105 -77.94 -33.87 -5.66
CA LEU MA 105 -76.73 -33.26 -5.14
C LEU MA 105 -76.74 -31.75 -5.34
N ASP MA 106 -77.08 -31.30 -6.55
CA ASP MA 106 -77.14 -29.87 -6.81
C ASP MA 106 -78.20 -29.19 -5.95
N ASP MA 107 -79.38 -29.78 -5.88
CA ASP MA 107 -80.49 -29.13 -5.19
C ASP MA 107 -80.22 -29.03 -3.70
N ARG MA 108 -79.84 -30.14 -3.09
CA ARG MA 108 -79.82 -30.20 -1.64
C ARG MA 108 -78.46 -29.91 -1.04
N CYS MA 109 -77.37 -30.01 -1.80
CA CYS MA 109 -76.06 -29.78 -1.22
C CYS MA 109 -75.34 -28.58 -1.82
N LEU MA 110 -75.16 -28.55 -3.14
CA LEU MA 110 -74.23 -27.62 -3.75
C LEU MA 110 -74.85 -26.32 -4.19
N ASN MA 111 -76.17 -26.16 -4.05
CA ASN MA 111 -76.82 -25.05 -4.71
C ASN MA 111 -76.31 -23.71 -4.22
N GLY MA 112 -76.11 -23.57 -2.90
CA GLY MA 112 -75.66 -22.31 -2.37
C GLY MA 112 -74.48 -22.45 -1.43
N LEU MA 113 -73.58 -23.38 -1.72
CA LEU MA 113 -72.50 -23.68 -0.78
C LEU MA 113 -71.32 -22.74 -0.92
N ARG MA 114 -71.02 -22.31 -2.14
CA ARG MA 114 -69.88 -21.41 -2.32
C ARG MA 114 -70.09 -20.09 -1.60
N GLU MA 115 -71.29 -19.52 -1.70
CA GLU MA 115 -71.56 -18.26 -1.01
C GLU MA 115 -71.63 -18.46 0.49
N THR MA 116 -72.06 -19.64 0.94
CA THR MA 116 -72.02 -19.93 2.37
C THR MA 116 -70.59 -19.96 2.88
N TYR MA 117 -69.69 -20.60 2.13
CA TYR MA 117 -68.30 -20.63 2.55
C TYR MA 117 -67.67 -19.25 2.48
N ASN MA 118 -68.00 -18.47 1.46
CA ASN MA 118 -67.50 -17.10 1.40
C ASN MA 118 -67.99 -16.28 2.59
N ALA MA 119 -69.26 -16.44 2.96
CA ALA MA 119 -69.76 -15.74 4.13
C ALA MA 119 -69.08 -16.20 5.40
N LEU MA 120 -68.64 -17.45 5.44
CA LEU MA 120 -67.96 -17.97 6.63
C LEU MA 120 -66.46 -17.75 6.61
N GLY MA 121 -65.90 -17.22 5.53
CA GLY MA 121 -64.47 -17.06 5.45
C GLY MA 121 -63.70 -18.33 5.19
N THR MA 122 -64.26 -19.24 4.43
CA THR MA 122 -63.66 -20.55 4.21
C THR MA 122 -63.00 -20.62 2.84
N PRO MA 123 -61.79 -21.16 2.76
CA PRO MA 123 -61.12 -21.27 1.45
C PRO MA 123 -61.79 -22.34 0.60
N THR MA 124 -62.58 -21.90 -0.37
CA THR MA 124 -63.35 -22.83 -1.18
C THR MA 124 -62.45 -23.70 -2.04
N GLN MA 125 -61.27 -23.21 -2.41
CA GLN MA 125 -60.33 -24.05 -3.13
C GLN MA 125 -59.90 -25.23 -2.28
N SER MA 126 -59.70 -25.00 -0.98
CA SER MA 126 -59.37 -26.09 -0.09
C SER MA 126 -60.51 -27.08 0.03
N VAL MA 127 -61.75 -26.62 0.03
CA VAL MA 127 -62.87 -27.53 0.08
C VAL MA 127 -62.94 -28.37 -1.19
N ALA MA 128 -62.69 -27.77 -2.34
CA ALA MA 128 -62.67 -28.53 -3.58
C ALA MA 128 -61.55 -29.57 -3.55
N ARG MA 129 -60.39 -29.20 -3.01
CA ARG MA 129 -59.31 -30.16 -2.88
C ARG MA 129 -59.71 -31.31 -1.97
N ALA MA 130 -60.42 -31.01 -0.88
CA ALA MA 130 -60.89 -32.05 0.02
C ALA MA 130 -61.84 -32.98 -0.69
N VAL MA 131 -62.72 -32.44 -1.53
CA VAL MA 131 -63.65 -33.29 -2.26
C VAL MA 131 -62.91 -34.18 -3.24
N GLN MA 132 -61.87 -33.66 -3.88
CA GLN MA 132 -61.07 -34.50 -4.77
C GLN MA 132 -60.37 -35.61 -4.02
N LEU MA 133 -59.86 -35.31 -2.82
CA LEU MA 133 -59.24 -36.34 -2.01
C LEU MA 133 -60.25 -37.41 -1.61
N MET MA 134 -61.47 -36.98 -1.26
CA MET MA 134 -62.53 -37.94 -1.01
C MET MA 134 -62.82 -38.77 -2.23
N LYS MA 135 -62.76 -38.17 -3.42
CA LYS MA 135 -62.96 -38.93 -4.65
C LYS MA 135 -61.94 -40.04 -4.79
N ASP MA 136 -60.67 -39.71 -4.56
CA ASP MA 136 -59.61 -40.72 -4.65
C ASP MA 136 -59.84 -41.84 -3.64
N ALA MA 137 -60.12 -41.47 -2.39
CA ALA MA 137 -60.34 -42.48 -1.36
C ALA MA 137 -61.54 -43.34 -1.65
N ALA MA 138 -62.58 -42.79 -2.26
CA ALA MA 138 -63.78 -43.54 -2.59
C ALA MA 138 -63.57 -44.43 -3.80
N MET MA 139 -62.74 -44.01 -4.75
CA MET MA 139 -62.47 -44.84 -5.91
C MET MA 139 -61.60 -46.02 -5.53
N VAL MA 140 -60.78 -45.86 -4.49
CA VAL MA 140 -60.03 -47.02 -3.98
C VAL MA 140 -60.99 -48.10 -3.49
N HIS MA 141 -62.10 -47.68 -2.86
CA HIS MA 141 -63.03 -48.65 -2.28
C HIS MA 141 -64.05 -49.16 -3.28
N LEU MA 142 -64.47 -48.32 -4.22
CA LEU MA 142 -65.44 -48.77 -5.22
C LEU MA 142 -64.85 -49.87 -6.09
N LYS MA 143 -63.58 -49.74 -6.47
CA LYS MA 143 -62.93 -50.71 -7.33
C LYS MA 143 -62.53 -51.98 -6.61
N SER MA 144 -62.92 -52.14 -5.34
CA SER MA 144 -62.54 -53.34 -4.60
C SER MA 144 -63.21 -54.54 -5.22
N THR MA 145 -62.43 -55.33 -5.96
CA THR MA 145 -62.95 -56.53 -6.60
C THR MA 145 -63.31 -57.61 -5.59
N ALA MA 146 -62.62 -57.65 -4.46
CA ALA MA 146 -62.90 -58.67 -3.46
C ALA MA 146 -64.29 -58.47 -2.86
N ASN MA 147 -64.90 -59.57 -2.44
CA ASN MA 147 -66.18 -59.67 -1.75
C ASN MA 147 -67.38 -59.40 -2.64
N VAL MA 148 -67.19 -59.12 -3.92
CA VAL MA 148 -68.30 -58.91 -4.86
C VAL MA 148 -68.00 -59.70 -6.11
N THR MA 149 -69.06 -60.04 -6.84
CA THR MA 149 -68.90 -60.65 -8.15
C THR MA 149 -68.12 -59.71 -9.07
N VAL MA 150 -67.26 -60.29 -9.88
CA VAL MA 150 -66.42 -59.50 -10.78
C VAL MA 150 -67.21 -59.13 -12.03
N GLY MA 151 -67.02 -57.89 -12.49
CA GLY MA 151 -67.72 -57.44 -13.67
C GLY MA 151 -67.19 -56.08 -14.10
N ASP MA 152 -67.80 -55.56 -15.16
CA ASP MA 152 -67.41 -54.29 -15.74
C ASP MA 152 -68.21 -53.20 -15.05
N CYS MA 153 -67.55 -52.41 -14.21
CA CYS MA 153 -68.17 -51.27 -13.54
C CYS MA 153 -67.49 -49.96 -13.93
N SER MA 154 -67.00 -49.87 -15.17
CA SER MA 154 -66.37 -48.64 -15.62
C SER MA 154 -67.36 -47.49 -15.66
N SER MA 155 -68.58 -47.76 -16.10
CA SER MA 155 -69.59 -46.71 -16.18
C SER MA 155 -69.91 -46.16 -14.80
N LEU MA 156 -70.06 -47.03 -13.80
CA LEU MA 156 -70.32 -46.57 -12.44
C LEU MA 156 -69.17 -45.74 -11.90
N TYR MA 157 -67.93 -46.17 -12.18
CA TYR MA 157 -66.78 -45.40 -11.75
C TYR MA 157 -66.79 -44.01 -12.36
N SER MA 158 -67.10 -43.94 -13.66
CA SER MA 158 -67.14 -42.65 -14.31
C SER MA 158 -68.24 -41.76 -13.75
N GLU MA 159 -69.40 -42.34 -13.45
CA GLU MA 159 -70.47 -41.53 -12.85
C GLU MA 159 -70.07 -41.00 -11.48
N ALA MA 160 -69.48 -41.86 -10.64
CA ALA MA 160 -69.07 -41.40 -9.32
C ALA MA 160 -68.03 -40.30 -9.42
N ALA MA 161 -67.06 -40.47 -10.34
CA ALA MA 161 -66.08 -39.43 -10.56
C ALA MA 161 -66.74 -38.14 -11.03
N THR MA 162 -67.75 -38.24 -11.89
CA THR MA 162 -68.40 -37.03 -12.36
C THR MA 162 -69.13 -36.32 -11.23
N TYR MA 163 -69.78 -37.07 -10.33
CA TYR MA 163 -70.45 -36.42 -9.22
C TYR MA 163 -69.45 -35.75 -8.28
N PHE MA 164 -68.33 -36.42 -7.99
CA PHE MA 164 -67.32 -35.77 -7.17
C PHE MA 164 -66.74 -34.53 -7.85
N ASP MA 165 -66.48 -34.61 -9.14
CA ASP MA 165 -65.98 -33.47 -9.89
C ASP MA 165 -66.97 -32.34 -9.88
N LYS MA 166 -68.24 -32.65 -10.03
CA LYS MA 166 -69.26 -31.61 -10.11
C LYS MA 166 -69.43 -30.93 -8.76
N ALA MA 167 -69.36 -31.70 -7.68
CA ALA MA 167 -69.33 -31.10 -6.35
C ALA MA 167 -68.15 -30.15 -6.21
N ALA MA 168 -66.95 -30.61 -6.57
CA ALA MA 168 -65.77 -29.78 -6.41
C ALA MA 168 -65.85 -28.52 -7.26
N ALA MA 169 -66.34 -28.64 -8.49
CA ALA MA 169 -66.45 -27.48 -9.36
C ALA MA 169 -67.50 -26.50 -8.85
N SER MA 170 -68.61 -27.00 -8.33
CA SER MA 170 -69.64 -26.10 -7.83
C SER MA 170 -69.18 -25.39 -6.57
N ILE MA 171 -68.41 -26.05 -5.73
CA ILE MA 171 -67.90 -25.37 -4.53
C ILE MA 171 -66.87 -24.32 -4.91
N ALA MA 172 -65.92 -24.68 -5.76
CA ALA MA 172 -64.84 -23.78 -6.10
C ALA MA 172 -64.63 -23.70 -7.61
N MET NA 1 -105.13 -1.29 8.28
CA MET NA 1 -105.96 -1.15 7.09
C MET NA 1 -107.10 -0.16 7.34
N ASN NA 2 -107.37 0.67 6.35
CA ASN NA 2 -108.25 1.82 6.49
C ASN NA 2 -109.45 1.70 5.56
N ASP NA 3 -110.63 1.94 6.10
CA ASP NA 3 -111.81 2.17 5.29
C ASP NA 3 -111.92 3.67 5.01
N VAL NA 4 -113.05 4.12 4.48
CA VAL NA 4 -113.18 5.53 4.10
C VAL NA 4 -113.21 6.43 5.33
N PHE NA 5 -113.94 6.01 6.38
CA PHE NA 5 -114.02 6.80 7.60
C PHE NA 5 -112.64 6.95 8.23
N THR NA 6 -111.91 5.85 8.36
CA THR NA 6 -110.58 5.91 8.95
C THR NA 6 -109.63 6.69 8.07
N ARG NA 7 -109.82 6.66 6.75
CA ARG NA 7 -108.99 7.48 5.87
C ARG NA 7 -109.22 8.96 6.12
N ALA NA 8 -110.48 9.38 6.23
CA ALA NA 8 -110.76 10.77 6.53
C ALA NA 8 -110.20 11.17 7.88
N ILE NA 9 -110.33 10.28 8.87
CA ILE NA 9 -109.78 10.53 10.19
C ILE NA 9 -108.27 10.72 10.13
N ALA NA 10 -107.59 9.86 9.37
CA ALA NA 10 -106.14 9.97 9.27
C ALA NA 10 -105.74 11.28 8.62
N GLN NA 11 -106.45 11.69 7.56
CA GLN NA 11 -106.14 12.96 6.93
C GLN NA 11 -106.32 14.12 7.90
N ALA NA 12 -107.44 14.15 8.62
CA ALA NA 12 -107.68 15.22 9.57
C ALA NA 12 -106.63 15.23 10.66
N ASP NA 13 -106.23 14.05 11.15
CA ASP NA 13 -105.22 13.98 12.20
C ASP NA 13 -103.88 14.48 11.71
N LEU NA 14 -103.50 14.15 10.47
CA LEU NA 14 -102.29 14.74 9.90
C LEU NA 14 -102.38 16.26 9.90
N LYS NA 15 -103.54 16.80 9.50
CA LYS NA 15 -103.71 18.24 9.66
C LYS NA 15 -103.83 18.66 11.11
N GLY NA 16 -104.00 17.71 12.04
CA GLY NA 16 -104.11 18.04 13.45
C GLY NA 16 -105.36 18.81 13.80
N SER NA 17 -106.47 18.53 13.12
CA SER NA 17 -107.66 19.34 13.26
C SER NA 17 -108.90 18.46 13.24
N PHE NA 18 -109.97 19.00 13.82
CA PHE NA 18 -111.27 18.32 13.81
C PHE NA 18 -111.73 18.10 12.37
N LEU NA 19 -112.71 17.20 12.24
CA LEU NA 19 -113.28 16.93 10.92
C LEU NA 19 -114.16 18.10 10.49
N LEU NA 20 -114.01 18.50 9.24
CA LEU NA 20 -114.85 19.56 8.70
C LEU NA 20 -116.29 19.09 8.61
N GLU NA 21 -117.21 20.05 8.55
CA GLU NA 21 -118.62 19.69 8.37
C GLU NA 21 -118.86 19.11 6.98
N SER NA 22 -118.08 19.54 5.98
CA SER NA 22 -118.20 18.95 4.65
C SER NA 22 -117.71 17.50 4.65
N ASP NA 23 -116.64 17.21 5.38
CA ASP NA 23 -116.18 15.83 5.50
C ASP NA 23 -117.22 14.96 6.18
N LEU NA 24 -117.86 15.48 7.23
CA LEU NA 24 -118.94 14.74 7.87
C LEU NA 24 -120.09 14.53 6.91
N ASP NA 25 -120.40 15.51 6.07
CA ASP NA 25 -121.46 15.33 5.09
C ASP NA 25 -121.11 14.24 4.09
N LYS NA 26 -119.85 14.22 3.64
CA LYS NA 26 -119.42 13.16 2.72
C LYS NA 26 -119.53 11.79 3.35
N LEU NA 27 -119.09 11.66 4.60
CA LEU NA 27 -119.17 10.38 5.27
C LEU NA 27 -120.61 9.98 5.52
N ALA NA 28 -121.47 10.95 5.78
CA ALA NA 28 -122.89 10.66 5.92
C ALA NA 28 -123.49 10.15 4.63
N SER NA 29 -123.11 10.74 3.50
CA SER NA 29 -123.60 10.26 2.22
C SER NA 29 -123.13 8.83 1.95
N PHE NA 30 -121.87 8.55 2.27
CA PHE NA 30 -121.36 7.19 2.12
C PHE NA 30 -122.15 6.21 2.97
N ALA NA 31 -122.39 6.56 4.23
CA ALA NA 31 -123.17 5.70 5.10
C ALA NA 31 -124.57 5.50 4.56
N LYS NA 32 -125.16 6.54 3.99
CA LYS NA 32 -126.52 6.43 3.45
C LYS NA 32 -126.56 5.47 2.28
N GLU NA 33 -125.57 5.52 1.39
CA GLU NA 33 -125.53 4.60 0.26
C GLU NA 33 -124.92 3.23 0.62
N GLY NA 34 -124.57 3.06 1.89
CA GLY NA 34 -124.04 1.79 2.34
C GLY NA 34 -124.92 0.58 2.09
N VAL NA 35 -126.24 0.75 2.04
CA VAL NA 35 -127.10 -0.41 1.79
C VAL NA 35 -126.95 -0.89 0.34
N LYS NA 36 -126.88 0.05 -0.60
CA LYS NA 36 -126.58 -0.31 -1.97
C LYS NA 36 -125.20 -0.95 -2.08
N ARG NA 37 -124.25 -0.43 -1.30
CA ARG NA 37 -122.92 -1.02 -1.27
C ARG NA 37 -122.96 -2.46 -0.75
N LEU NA 38 -123.79 -2.72 0.24
CA LEU NA 38 -123.92 -4.08 0.76
C LEU NA 38 -124.53 -5.02 -0.26
N ASP NA 39 -125.52 -4.55 -1.01
CA ASP NA 39 -126.02 -5.38 -2.10
C ASP NA 39 -124.96 -5.66 -3.15
N ALA NA 40 -124.12 -4.67 -3.45
CA ALA NA 40 -123.03 -4.92 -4.40
C ALA NA 40 -122.08 -6.00 -3.88
N VAL NA 41 -121.70 -5.90 -2.60
CA VAL NA 41 -120.78 -6.88 -2.03
C VAL NA 41 -121.42 -8.26 -1.99
N ALA NA 42 -122.70 -8.33 -1.64
CA ALA NA 42 -123.38 -9.62 -1.63
C ALA NA 42 -123.53 -10.19 -3.03
N ALA NA 43 -123.72 -9.34 -4.03
CA ALA NA 43 -123.77 -9.82 -5.40
C ALA NA 43 -122.45 -10.45 -5.81
N LEU NA 44 -121.34 -9.82 -5.43
CA LEU NA 44 -120.04 -10.45 -5.68
C LEU NA 44 -119.90 -11.75 -4.90
N THR NA 45 -120.33 -11.78 -3.64
CA THR NA 45 -120.11 -12.94 -2.80
C THR NA 45 -120.89 -14.15 -3.28
N ASN NA 46 -122.19 -13.98 -3.51
CA ASN NA 46 -123.05 -15.12 -3.81
C ASN NA 46 -122.74 -15.70 -5.17
N ASN NA 47 -122.37 -14.85 -6.13
CA ASN NA 47 -122.10 -15.28 -7.49
C ASN NA 47 -120.63 -15.56 -7.74
N ALA NA 48 -119.81 -15.63 -6.69
CA ALA NA 48 -118.38 -15.80 -6.87
C ALA NA 48 -118.00 -17.06 -7.63
N PRO NA 49 -118.54 -18.24 -7.34
CA PRO NA 49 -118.18 -19.40 -8.16
C PRO NA 49 -118.48 -19.23 -9.63
N ALA NA 50 -119.61 -18.59 -9.96
CA ALA NA 50 -119.94 -18.34 -11.35
C ALA NA 50 -118.93 -17.39 -11.98
N ILE NA 51 -118.53 -16.35 -11.24
CA ILE NA 51 -117.57 -15.38 -11.76
C ILE NA 51 -116.24 -16.07 -12.08
N ILE NA 52 -115.76 -16.88 -11.14
CA ILE NA 52 -114.47 -17.54 -11.33
C ILE NA 52 -114.55 -18.56 -12.45
N SER NA 53 -115.64 -19.32 -12.52
CA SER NA 53 -115.79 -20.32 -13.57
C SER NA 53 -115.81 -19.67 -14.94
N ASP NA 54 -116.59 -18.60 -15.10
CA ASP NA 54 -116.64 -17.91 -16.38
C ASP NA 54 -115.29 -17.32 -16.75
N ALA NA 55 -114.62 -16.69 -15.79
CA ALA NA 55 -113.31 -16.11 -16.08
C ALA NA 55 -112.32 -17.18 -16.52
N ALA NA 56 -112.33 -18.33 -15.84
CA ALA NA 56 -111.43 -19.41 -16.21
C ALA NA 56 -111.74 -19.95 -17.60
N HIS NA 57 -113.02 -20.15 -17.89
CA HIS NA 57 -113.40 -20.66 -19.21
C HIS NA 57 -112.91 -19.73 -20.30
N LYS NA 58 -113.17 -18.44 -20.15
CA LYS NA 58 -112.74 -17.49 -21.17
C LYS NA 58 -111.23 -17.42 -21.27
N LEU NA 59 -110.54 -17.44 -20.13
CA LEU NA 59 -109.08 -17.32 -20.15
C LEU NA 59 -108.43 -18.52 -20.82
N PHE NA 60 -108.92 -19.72 -20.55
CA PHE NA 60 -108.33 -20.90 -21.14
C PHE NA 60 -108.83 -21.16 -22.55
N ALA NA 61 -109.89 -20.48 -22.97
CA ALA NA 61 -110.18 -20.42 -24.40
C ALA NA 61 -109.23 -19.48 -25.10
N GLU NA 62 -108.94 -18.32 -24.50
CA GLU NA 62 -108.05 -17.37 -25.14
C GLU NA 62 -106.61 -17.87 -25.16
N GLN NA 63 -106.12 -18.36 -24.02
CA GLN NA 63 -104.73 -18.76 -23.88
C GLN NA 63 -104.69 -20.26 -23.65
N GLN NA 64 -104.74 -21.02 -24.74
CA GLN NA 64 -104.56 -22.47 -24.65
C GLN NA 64 -103.18 -22.82 -24.14
N GLU NA 65 -102.22 -21.93 -24.32
CA GLU NA 65 -100.83 -22.24 -24.03
C GLU NA 65 -100.64 -22.51 -22.55
N LEU NA 66 -101.59 -22.06 -21.71
CA LEU NA 66 -101.46 -22.25 -20.27
C LEU NA 66 -101.81 -23.66 -19.85
N ILE NA 67 -102.71 -24.31 -20.59
CA ILE NA 67 -103.21 -25.62 -20.20
C ILE NA 67 -102.54 -26.74 -21.00
N GLN NA 68 -101.70 -26.41 -21.95
CA GLN NA 68 -100.90 -27.43 -22.61
C GLN NA 68 -99.83 -27.94 -21.66
N PRO NA 69 -99.31 -29.13 -21.88
CA PRO NA 69 -98.24 -29.64 -21.01
C PRO NA 69 -97.06 -28.69 -20.95
N GLY NA 70 -96.54 -28.48 -19.75
CA GLY NA 70 -95.58 -27.43 -19.52
C GLY NA 70 -96.18 -26.06 -19.29
N GLY NA 71 -97.47 -25.91 -19.53
CA GLY NA 71 -98.12 -24.64 -19.26
C GLY NA 71 -98.16 -24.37 -17.78
N ASN NA 72 -98.60 -23.17 -17.42
CA ASN NA 72 -98.55 -22.81 -16.01
C ASN NA 72 -99.85 -23.14 -15.31
N ALA NA 73 -100.84 -23.65 -16.02
CA ALA NA 73 -102.04 -24.20 -15.41
C ALA NA 73 -102.22 -25.66 -15.83
N TYR NA 74 -101.12 -26.32 -16.18
CA TYR NA 74 -101.26 -27.63 -16.81
C TYR NA 74 -101.68 -28.71 -15.82
N PRO NA 75 -100.84 -29.12 -14.87
CA PRO NA 75 -101.24 -30.21 -13.99
C PRO NA 75 -102.36 -29.72 -13.09
N HIS NA 76 -103.13 -30.66 -12.56
CA HIS NA 76 -104.29 -30.28 -11.78
C HIS NA 76 -103.91 -29.35 -10.65
N ARG NA 77 -102.71 -29.51 -10.09
CA ARG NA 77 -102.29 -28.68 -8.98
C ARG NA 77 -102.18 -27.22 -9.38
N ARG NA 78 -101.55 -26.96 -10.53
CA ARG NA 78 -101.36 -25.58 -10.95
C ARG NA 78 -102.69 -24.96 -11.39
N MET NA 79 -103.59 -25.75 -11.97
CA MET NA 79 -104.90 -25.21 -12.30
C MET NA 79 -105.69 -24.87 -11.05
N ALA NA 80 -105.60 -25.71 -10.02
CA ALA NA 80 -106.25 -25.39 -8.76
C ALA NA 80 -105.67 -24.14 -8.14
N ALA NA 81 -104.35 -23.96 -8.23
CA ALA NA 81 -103.74 -22.73 -7.70
C ALA NA 81 -104.19 -21.51 -8.49
N CYS NA 82 -104.33 -21.65 -9.81
CA CYS NA 82 -104.91 -20.59 -10.63
C CYS NA 82 -106.28 -20.18 -10.13
N LEU NA 83 -107.17 -21.16 -9.96
CA LEU NA 83 -108.52 -20.86 -9.50
C LEU NA 83 -108.51 -20.25 -8.12
N ARG NA 84 -107.59 -20.70 -7.27
CA ARG NA 84 -107.47 -20.12 -5.94
C ARG NA 84 -107.04 -18.66 -6.00
N ASP NA 85 -106.08 -18.34 -6.87
CA ASP NA 85 -105.70 -16.93 -7.02
C ASP NA 85 -106.87 -16.10 -7.50
N MET NA 86 -107.65 -16.63 -8.43
CA MET NA 86 -108.80 -15.88 -8.91
C MET NA 86 -109.78 -15.59 -7.79
N GLU NA 87 -110.06 -16.59 -6.95
CA GLU NA 87 -111.01 -16.35 -5.87
C GLU NA 87 -110.41 -15.42 -4.82
N ILE NA 88 -109.10 -15.50 -4.60
CA ILE NA 88 -108.45 -14.58 -3.67
C ILE NA 88 -108.63 -13.14 -4.12
N ILE NA 89 -108.38 -12.89 -5.40
CA ILE NA 89 -108.49 -11.53 -5.91
C ILE NA 89 -109.92 -11.04 -5.84
N LEU NA 90 -110.88 -11.90 -6.21
CA LEU NA 90 -112.28 -11.49 -6.12
C LEU NA 90 -112.68 -11.20 -4.69
N ARG NA 91 -112.18 -12.00 -3.75
CA ARG NA 91 -112.50 -11.81 -2.35
C ARG NA 91 -111.96 -10.50 -1.83
N TYR NA 92 -110.72 -10.15 -2.18
CA TYR NA 92 -110.17 -8.89 -1.73
C TYR NA 92 -110.86 -7.71 -2.39
N VAL NA 93 -111.30 -7.88 -3.63
CA VAL NA 93 -112.08 -6.83 -4.28
C VAL NA 93 -113.38 -6.60 -3.55
N SER NA 94 -114.05 -7.68 -3.12
CA SER NA 94 -115.26 -7.51 -2.33
C SER NA 94 -114.97 -6.82 -1.01
N TYR NA 95 -113.84 -7.16 -0.38
CA TYR NA 95 -113.44 -6.46 0.84
C TYR NA 95 -113.32 -4.97 0.60
N ALA NA 96 -112.61 -4.59 -0.46
CA ALA NA 96 -112.39 -3.19 -0.75
C ALA NA 96 -113.69 -2.49 -1.10
N LEU NA 97 -114.57 -3.17 -1.82
CA LEU NA 97 -115.86 -2.58 -2.15
C LEU NA 97 -116.70 -2.35 -0.91
N LEU NA 98 -116.64 -3.27 0.05
CA LEU NA 98 -117.29 -3.02 1.34
C LEU NA 98 -116.69 -1.81 2.04
N ALA NA 99 -115.37 -1.79 2.18
CA ALA NA 99 -114.73 -0.71 2.93
C ALA NA 99 -114.84 0.62 2.22
N GLY NA 100 -114.94 0.62 0.90
CA GLY NA 100 -114.94 1.86 0.15
C GLY NA 100 -113.56 2.44 -0.08
N ASP NA 101 -112.53 1.79 0.43
CA ASP NA 101 -111.15 2.22 0.26
C ASP NA 101 -110.33 1.01 -0.10
N ALA NA 102 -109.53 1.13 -1.15
CA ALA NA 102 -108.77 0.01 -1.68
C ALA NA 102 -107.51 -0.28 -0.87
N SER NA 103 -107.44 0.16 0.38
CA SER NA 103 -106.26 -0.10 1.18
C SER NA 103 -106.04 -1.59 1.41
N VAL NA 104 -107.12 -2.38 1.41
CA VAL NA 104 -106.99 -3.80 1.65
C VAL NA 104 -106.15 -4.45 0.56
N LEU NA 105 -106.43 -4.13 -0.71
CA LEU NA 105 -105.66 -4.69 -1.81
C LEU NA 105 -104.19 -4.34 -1.68
N ASP NA 106 -103.87 -3.05 -1.56
CA ASP NA 106 -102.47 -2.64 -1.52
C ASP NA 106 -101.75 -3.27 -0.34
N ASP NA 107 -102.39 -3.30 0.82
CA ASP NA 107 -101.72 -3.83 2.00
C ASP NA 107 -101.50 -5.32 1.88
N ARG NA 108 -102.58 -6.09 1.73
CA ARG NA 108 -102.49 -7.53 1.91
C ARG NA 108 -102.29 -8.29 0.61
N CYS NA 109 -102.94 -7.87 -0.48
CA CYS NA 109 -102.94 -8.67 -1.70
C CYS NA 109 -101.88 -8.24 -2.70
N LEU NA 110 -101.73 -6.94 -2.94
CA LEU NA 110 -100.94 -6.44 -4.05
C LEU NA 110 -99.62 -5.79 -3.64
N ASN NA 111 -99.19 -5.97 -2.39
CA ASN NA 111 -98.00 -5.29 -1.92
C ASN NA 111 -96.77 -5.67 -2.75
N GLY NA 112 -96.57 -6.97 -2.97
CA GLY NA 112 -95.45 -7.44 -3.77
C GLY NA 112 -95.85 -8.55 -4.70
N LEU NA 113 -97.06 -8.48 -5.24
CA LEU NA 113 -97.60 -9.58 -6.03
C LEU NA 113 -96.81 -9.81 -7.31
N ARG NA 114 -96.43 -8.74 -8.01
CA ARG NA 114 -95.70 -8.93 -9.27
C ARG NA 114 -94.37 -9.61 -9.03
N GLU NA 115 -93.67 -9.22 -7.96
CA GLU NA 115 -92.40 -9.87 -7.65
C GLU NA 115 -92.61 -11.35 -7.35
N THR NA 116 -93.66 -11.68 -6.62
CA THR NA 116 -93.96 -13.09 -6.33
C THR NA 116 -94.24 -13.87 -7.60
N TYR NA 117 -95.04 -13.31 -8.51
CA TYR NA 117 -95.36 -14.02 -9.73
C TYR NA 117 -94.12 -14.20 -10.59
N ASN NA 118 -93.25 -13.19 -10.62
CA ASN NA 118 -92.00 -13.34 -11.36
C ASN NA 118 -91.11 -14.38 -10.72
N ALA NA 119 -91.12 -14.47 -9.40
CA ALA NA 119 -90.38 -15.53 -8.72
C ALA NA 119 -90.91 -16.91 -9.09
N LEU NA 120 -92.24 -17.04 -9.15
CA LEU NA 120 -92.85 -18.32 -9.47
C LEU NA 120 -92.79 -18.62 -10.96
N GLY NA 121 -92.42 -17.65 -11.78
CA GLY NA 121 -92.43 -17.84 -13.21
C GLY NA 121 -93.81 -17.78 -13.83
N THR NA 122 -94.76 -17.13 -13.18
CA THR NA 122 -96.11 -17.06 -13.71
C THR NA 122 -96.22 -15.95 -14.75
N PRO NA 123 -96.91 -16.20 -15.87
CA PRO NA 123 -97.17 -15.11 -16.80
C PRO NA 123 -98.08 -14.07 -16.17
N THR NA 124 -97.56 -12.87 -15.97
CA THR NA 124 -98.31 -11.84 -15.26
C THR NA 124 -99.40 -11.24 -16.13
N GLN NA 125 -99.17 -11.13 -17.43
CA GLN NA 125 -100.20 -10.61 -18.32
C GLN NA 125 -101.42 -11.53 -18.32
N SER NA 126 -101.21 -12.82 -18.13
CA SER NA 126 -102.34 -13.73 -18.07
C SER NA 126 -103.12 -13.57 -16.76
N VAL NA 127 -102.43 -13.29 -15.66
CA VAL NA 127 -103.13 -12.98 -14.42
C VAL NA 127 -103.95 -11.71 -14.58
N ALA NA 128 -103.39 -10.71 -15.24
CA ALA NA 128 -104.14 -9.48 -15.49
C ALA NA 128 -105.35 -9.74 -16.36
N ARG NA 129 -105.20 -10.58 -17.38
CA ARG NA 129 -106.33 -10.97 -18.21
C ARG NA 129 -107.40 -11.67 -17.37
N ALA NA 130 -106.99 -12.54 -16.46
CA ALA NA 130 -107.95 -13.21 -15.60
C ALA NA 130 -108.70 -12.22 -14.73
N VAL NA 131 -108.00 -11.22 -14.21
CA VAL NA 131 -108.67 -10.20 -13.39
C VAL NA 131 -109.65 -9.40 -14.22
N GLN NA 132 -109.28 -9.04 -15.44
CA GLN NA 132 -110.21 -8.31 -16.30
C GLN NA 132 -111.42 -9.17 -16.65
N LEU NA 133 -111.21 -10.47 -16.82
CA LEU NA 133 -112.33 -11.36 -17.13
C LEU NA 133 -113.26 -11.52 -15.94
N MET NA 134 -112.70 -11.57 -14.72
CA MET NA 134 -113.56 -11.55 -13.54
C MET NA 134 -114.33 -10.26 -13.44
N LYS NA 135 -113.70 -9.13 -13.79
CA LYS NA 135 -114.42 -7.86 -13.79
C LYS NA 135 -115.58 -7.89 -14.76
N ASP NA 136 -115.34 -8.40 -15.98
CA ASP NA 136 -116.40 -8.48 -16.97
C ASP NA 136 -117.53 -9.37 -16.49
N ALA NA 137 -117.21 -10.51 -15.89
CA ALA NA 137 -118.25 -11.42 -15.42
C ALA NA 137 -118.99 -10.84 -14.22
N ALA NA 138 -118.29 -10.11 -13.37
CA ALA NA 138 -118.87 -9.59 -12.14
C ALA NA 138 -119.78 -8.40 -12.40
N MET NA 139 -119.50 -7.61 -13.43
CA MET NA 139 -120.39 -6.50 -13.74
C MET NA 139 -121.79 -7.01 -14.07
N VAL NA 140 -121.86 -8.17 -14.72
CA VAL NA 140 -123.16 -8.73 -15.08
C VAL NA 140 -123.96 -9.07 -13.84
N HIS NA 141 -123.32 -9.70 -12.85
CA HIS NA 141 -124.05 -10.07 -11.64
C HIS NA 141 -124.37 -8.85 -10.79
N LEU NA 142 -123.48 -7.86 -10.76
CA LEU NA 142 -123.79 -6.63 -10.04
C LEU NA 142 -124.97 -5.91 -10.64
N LYS NA 143 -125.04 -5.83 -11.97
CA LYS NA 143 -126.12 -5.12 -12.63
C LYS NA 143 -127.45 -5.87 -12.53
N SER NA 144 -127.44 -7.10 -12.04
CA SER NA 144 -128.69 -7.85 -11.91
C SER NA 144 -129.62 -7.17 -10.93
N THR NA 145 -130.91 -7.16 -11.27
CA THR NA 145 -131.93 -6.45 -10.51
C THR NA 145 -132.88 -7.42 -9.81
N ALA NA 146 -132.84 -8.70 -10.16
CA ALA NA 146 -133.75 -9.67 -9.58
C ALA NA 146 -133.61 -9.74 -8.07
N ASN NA 147 -134.74 -9.71 -7.37
CA ASN NA 147 -134.82 -9.83 -5.91
C ASN NA 147 -134.14 -8.69 -5.18
N VAL NA 148 -134.08 -7.50 -5.78
CA VAL NA 148 -133.55 -6.32 -5.11
C VAL NA 148 -134.21 -5.09 -5.73
N THR NA 149 -134.50 -4.10 -4.88
CA THR NA 149 -135.25 -2.93 -5.34
C THR NA 149 -134.44 -2.13 -6.34
N VAL NA 150 -135.09 -1.73 -7.43
CA VAL NA 150 -134.41 -1.01 -8.50
C VAL NA 150 -133.97 0.35 -7.98
N GLY NA 151 -132.77 0.77 -8.37
CA GLY NA 151 -132.24 2.05 -7.96
C GLY NA 151 -131.03 2.38 -8.79
N ASP NA 152 -130.45 3.54 -8.52
CA ASP NA 152 -129.30 4.04 -9.25
C ASP NA 152 -128.04 3.72 -8.49
N CYS NA 153 -127.14 2.95 -9.12
CA CYS NA 153 -125.91 2.53 -8.47
C CYS NA 153 -124.72 2.57 -9.41
N SER NA 154 -124.70 3.52 -10.34
CA SER NA 154 -123.57 3.63 -11.26
C SER NA 154 -122.28 3.96 -10.53
N SER NA 155 -122.38 4.65 -9.39
CA SER NA 155 -121.20 4.95 -8.60
C SER NA 155 -120.54 3.67 -8.09
N LEU NA 156 -121.34 2.72 -7.63
CA LEU NA 156 -120.78 1.46 -7.16
C LEU NA 156 -120.19 0.65 -8.31
N TYR NA 157 -120.81 0.73 -9.49
CA TYR NA 157 -120.23 0.08 -10.66
C TYR NA 157 -118.86 0.64 -10.97
N SER NA 158 -118.72 1.97 -10.95
CA SER NA 158 -117.42 2.58 -11.20
C SER NA 158 -116.42 2.20 -10.12
N GLU NA 159 -116.87 2.13 -8.87
CA GLU NA 159 -115.97 1.75 -7.79
C GLU NA 159 -115.47 0.32 -7.96
N ALA NA 160 -116.35 -0.62 -8.27
CA ALA NA 160 -115.92 -2.00 -8.48
C ALA NA 160 -115.01 -2.10 -9.69
N ALA NA 161 -115.33 -1.37 -10.75
CA ALA NA 161 -114.49 -1.38 -11.93
C ALA NA 161 -113.09 -0.88 -11.60
N THR NA 162 -112.99 0.18 -10.80
CA THR NA 162 -111.66 0.70 -10.51
C THR NA 162 -110.91 -0.20 -9.54
N TYR NA 163 -111.60 -0.92 -8.66
CA TYR NA 163 -110.86 -1.88 -7.83
C TYR NA 163 -110.30 -3.02 -8.68
N PHE NA 164 -111.09 -3.54 -9.60
CA PHE NA 164 -110.58 -4.60 -10.48
C PHE NA 164 -109.44 -4.09 -11.34
N ASP NA 165 -109.56 -2.87 -11.87
CA ASP NA 165 -108.49 -2.31 -12.68
C ASP NA 165 -107.24 -2.04 -11.86
N LYS NA 166 -107.41 -1.62 -10.61
CA LYS NA 166 -106.27 -1.40 -9.74
C LYS NA 166 -105.53 -2.71 -9.48
N ALA NA 167 -106.28 -3.78 -9.20
CA ALA NA 167 -105.65 -5.08 -9.00
C ALA NA 167 -104.94 -5.54 -10.27
N ALA NA 168 -105.60 -5.40 -11.42
CA ALA NA 168 -105.00 -5.85 -12.67
C ALA NA 168 -103.74 -5.08 -12.99
N ALA NA 169 -103.75 -3.76 -12.81
CA ALA NA 169 -102.57 -2.95 -13.05
C ALA NA 169 -101.45 -3.28 -12.07
N SER NA 170 -101.80 -3.50 -10.80
CA SER NA 170 -100.77 -3.82 -9.82
C SER NA 170 -100.12 -5.15 -10.10
N ILE NA 171 -100.89 -6.15 -10.55
CA ILE NA 171 -100.31 -7.42 -10.93
C ILE NA 171 -99.47 -7.25 -12.18
N ALA NA 172 -100.12 -6.87 -13.29
CA ALA NA 172 -99.45 -6.74 -14.58
C ALA NA 172 -98.29 -5.77 -14.54
N ALA OA 10 -89.96 -43.09 15.16
CA ALA OA 10 -91.05 -43.73 15.90
C ALA OA 10 -91.31 -45.14 15.38
N ILE OA 11 -90.61 -45.49 14.30
CA ILE OA 11 -90.73 -46.84 13.72
C ILE OA 11 -90.24 -47.89 14.72
N THR OA 12 -89.16 -47.60 15.42
CA THR OA 12 -88.54 -48.54 16.33
C THR OA 12 -89.43 -48.80 17.55
N THR OA 13 -88.92 -49.63 18.45
CA THR OA 13 -89.63 -49.92 19.69
C THR OA 13 -89.80 -48.67 20.54
N GLN OA 14 -88.88 -47.71 20.41
CA GLN OA 14 -88.97 -46.45 21.14
C GLN OA 14 -90.24 -45.68 20.83
N GLY OA 15 -90.53 -45.46 19.55
CA GLY OA 15 -91.70 -44.68 19.17
C GLY OA 15 -93.01 -45.33 19.58
N LYS OA 16 -92.97 -46.62 19.90
CA LYS OA 16 -94.12 -47.31 20.45
C LYS OA 16 -94.21 -46.94 21.93
N ARG OA 17 -95.05 -47.63 22.69
CA ARG OA 17 -95.21 -47.48 24.14
C ARG OA 17 -95.28 -46.00 24.54
N ILE OA 18 -96.36 -45.37 24.08
CA ILE OA 18 -96.66 -44.01 24.51
C ILE OA 18 -97.20 -44.02 25.93
N TYR OA 19 -97.07 -42.88 26.61
CA TYR OA 19 -97.40 -42.77 28.02
C TYR OA 19 -98.34 -41.58 28.24
N LYS OA 20 -99.42 -41.81 28.97
CA LYS OA 20 -100.32 -40.75 29.36
C LYS OA 20 -99.85 -40.13 30.68
N ILE OA 21 -99.91 -38.81 30.75
CA ILE OA 21 -99.41 -38.08 31.91
C ILE OA 21 -100.51 -37.18 32.43
N THR OA 22 -100.77 -37.24 33.73
CA THR OA 22 -101.72 -36.35 34.40
C THR OA 22 -100.92 -35.29 35.15
N VAL OA 23 -101.22 -34.02 34.86
CA VAL OA 23 -100.48 -32.90 35.39
C VAL OA 23 -101.42 -32.04 36.22
N SER OA 24 -101.00 -31.69 37.43
CA SER OA 24 -101.72 -30.76 38.28
C SER OA 24 -100.92 -29.48 38.38
N GLU OA 25 -101.59 -28.34 38.19
CA GLU OA 25 -100.97 -27.03 38.18
C GLU OA 25 -101.08 -26.33 39.53
N ALA OA 26 -100.87 -27.10 40.60
CA ALA OA 26 -100.99 -26.63 41.98
C ALA OA 26 -100.15 -25.39 42.25
N GLY OA 27 -100.42 -24.74 43.38
CA GLY OA 27 -99.92 -23.41 43.70
C GLY OA 27 -98.47 -23.11 43.38
N ALA OA 28 -97.60 -24.12 43.37
CA ALA OA 28 -96.23 -23.89 42.96
C ALA OA 28 -96.15 -23.42 41.51
N TYR OA 29 -96.94 -24.05 40.62
CA TYR OA 29 -96.97 -23.63 39.23
C TYR OA 29 -97.64 -22.26 39.09
N ALA OA 30 -98.67 -22.00 39.90
CA ALA OA 30 -99.36 -20.72 39.84
C ALA OA 30 -98.45 -19.56 40.27
N THR OA 31 -97.62 -19.77 41.29
CA THR OA 31 -96.68 -18.72 41.70
C THR OA 31 -95.71 -18.40 40.58
N ASN OA 32 -95.16 -19.42 39.92
CA ASN OA 32 -94.22 -19.18 38.83
C ASN OA 32 -94.89 -18.45 37.69
N LYS OA 33 -96.12 -18.85 37.34
CA LYS OA 33 -96.81 -18.19 36.24
C LYS OA 33 -97.21 -16.76 36.58
N HIS OA 34 -97.49 -16.49 37.87
CA HIS OA 34 -97.83 -15.13 38.27
C HIS OA 34 -96.62 -14.21 38.29
N ARG OA 35 -95.47 -14.72 38.75
CA ARG OA 35 -94.26 -13.90 38.75
C ARG OA 35 -93.75 -13.66 37.33
N THR OA 36 -93.71 -14.71 36.51
CA THR OA 36 -93.24 -14.53 35.14
C THR OA 36 -94.29 -13.83 34.27
N GLY OA 37 -95.54 -14.21 34.42
CA GLY OA 37 -96.61 -13.65 33.62
C GLY OA 37 -97.36 -14.72 32.83
N TYR OA 38 -98.55 -14.34 32.37
CA TYR OA 38 -99.40 -15.24 31.59
C TYR OA 38 -99.36 -14.80 30.12
N ARG OA 39 -98.67 -15.59 29.30
CA ARG OA 39 -98.68 -15.32 27.87
C ARG OA 39 -99.92 -15.86 27.18
N ALA OA 40 -100.63 -16.76 27.83
CA ALA OA 40 -101.85 -17.37 27.33
C ALA OA 40 -102.89 -17.37 28.43
N PRO OA 41 -104.17 -17.44 28.07
CA PRO OA 41 -105.21 -17.50 29.11
C PRO OA 41 -105.06 -18.74 29.98
N ILE OA 42 -105.44 -18.57 31.25
CA ILE OA 42 -105.27 -19.61 32.26
C ILE OA 42 -106.30 -20.71 32.04
N ARG OA 43 -105.87 -21.97 32.13
CA ARG OA 43 -106.72 -23.12 31.89
C ARG OA 43 -107.05 -23.83 33.20
N GLN OA 44 -107.76 -24.95 33.06
CA GLN OA 44 -108.17 -25.73 34.21
C GLN OA 44 -106.99 -26.46 34.85
N SER OA 45 -107.20 -26.93 36.08
CA SER OA 45 -106.10 -27.43 36.89
C SER OA 45 -105.50 -28.71 36.32
N ASN OA 46 -106.34 -29.70 36.01
CA ASN OA 46 -105.85 -31.04 35.69
C ASN OA 46 -106.13 -31.37 34.23
N TYR OA 47 -105.16 -32.03 33.59
CA TYR OA 47 -105.34 -32.53 32.24
C TYR OA 47 -104.45 -33.73 32.01
N THR OA 48 -104.97 -34.69 31.25
CA THR OA 48 -104.23 -35.88 30.86
C THR OA 48 -103.59 -35.61 29.50
N LEU OA 49 -102.27 -35.73 29.45
CA LEU OA 49 -101.51 -35.37 28.25
C LEU OA 49 -100.65 -36.54 27.83
N THR OA 50 -100.78 -36.94 26.57
CA THR OA 50 -100.19 -38.17 26.06
C THR OA 50 -98.89 -37.86 25.35
N VAL OA 51 -97.87 -38.68 25.60
CA VAL OA 51 -96.55 -38.47 25.01
C VAL OA 51 -95.96 -39.79 24.53
N PRO OA 52 -95.24 -39.80 23.40
CA PRO OA 52 -94.45 -40.96 23.05
C PRO OA 52 -93.25 -41.11 23.98
N TYR OA 53 -92.59 -42.25 23.86
CA TYR OA 53 -91.42 -42.51 24.70
C TYR OA 53 -90.27 -41.57 24.37
N ASP OA 54 -90.11 -41.21 23.10
CA ASP OA 54 -88.96 -40.42 22.67
C ASP OA 54 -88.98 -39.02 23.27
N ARG OA 55 -90.17 -38.50 23.57
CA ARG OA 55 -90.31 -37.17 24.17
C ARG OA 55 -90.68 -37.23 25.64
N PHE OA 56 -90.59 -38.41 26.26
CA PHE OA 56 -90.99 -38.57 27.66
C PHE OA 56 -90.08 -37.76 28.59
N LEU OA 57 -88.77 -38.07 28.58
CA LEU OA 57 -87.86 -37.40 29.50
C LEU OA 57 -87.84 -35.90 29.32
N PRO OA 58 -87.70 -35.36 28.11
CA PRO OA 58 -87.74 -33.90 27.98
C PRO OA 58 -89.02 -33.30 28.48
N GLU OA 59 -90.14 -34.01 28.35
CA GLU OA 59 -91.40 -33.44 28.79
C GLU OA 59 -91.51 -33.40 30.31
N MET OA 60 -91.06 -34.45 31.00
CA MET OA 60 -91.05 -34.29 32.45
C MET OA 60 -90.04 -33.23 32.88
N ILE OA 61 -88.93 -33.08 32.17
CA ILE OA 61 -88.04 -31.96 32.47
C ILE OA 61 -88.79 -30.65 32.35
N ARG OA 62 -89.56 -30.49 31.27
CA ARG OA 62 -90.28 -29.23 31.04
C ARG OA 62 -91.34 -28.98 32.10
N LEU OA 63 -92.10 -30.02 32.45
CA LEU OA 63 -93.13 -29.87 33.48
C LEU OA 63 -92.52 -29.56 34.84
N HIS OA 64 -91.44 -30.25 35.20
CA HIS OA 64 -90.80 -29.97 36.49
C HIS OA 64 -90.24 -28.56 36.52
N GLN OA 65 -89.63 -28.10 35.43
CA GLN OA 65 -89.15 -26.73 35.37
C GLN OA 65 -90.31 -25.74 35.49
N SER OA 66 -91.44 -26.05 34.87
CA SER OA 66 -92.62 -25.20 35.00
C SER OA 66 -93.20 -25.22 36.40
N GLY OA 67 -92.75 -26.15 37.25
CA GLY OA 67 -93.22 -26.24 38.61
C GLY OA 67 -94.48 -27.04 38.80
N ALA OA 68 -95.12 -27.48 37.73
CA ALA OA 68 -96.32 -28.28 37.86
C ALA OA 68 -96.00 -29.65 38.45
N LYS OA 69 -96.88 -30.11 39.34
CA LYS OA 69 -96.74 -31.39 39.99
C LYS OA 69 -97.64 -32.40 39.30
N ILE OA 70 -97.07 -33.50 38.86
CA ILE OA 70 -97.81 -34.51 38.11
C ILE OA 70 -98.53 -35.42 39.09
N VAL OA 71 -99.74 -35.84 38.71
CA VAL OA 71 -100.57 -36.67 39.57
C VAL OA 71 -100.43 -38.13 39.16
N ASN OA 72 -100.57 -38.41 37.86
CA ASN OA 72 -100.63 -39.79 37.41
C ASN OA 72 -99.94 -39.93 36.07
N VAL OA 73 -99.30 -41.08 35.87
CA VAL OA 73 -98.72 -41.47 34.59
C VAL OA 73 -99.09 -42.92 34.32
N THR OA 74 -99.54 -43.20 33.10
CA THR OA 74 -99.94 -44.54 32.69
C THR OA 74 -99.30 -44.88 31.36
N SER OA 75 -99.06 -46.17 31.14
CA SER OA 75 -98.50 -46.67 29.90
C SER OA 75 -99.66 -47.08 29.00
N VAL OA 76 -99.90 -46.30 27.95
CA VAL OA 76 -100.96 -46.63 27.00
C VAL OA 76 -100.64 -47.95 26.30
N ILE OA 77 -99.40 -48.13 25.89
CA ILE OA 77 -98.96 -49.35 25.23
C ILE OA 77 -98.08 -50.13 26.20
N SER OA 78 -98.50 -51.35 26.52
CA SER OA 78 -97.77 -52.25 27.41
C SER OA 78 -97.51 -51.62 28.78
CHA CYC PA . 87.65 64.70 -15.52
NA CYC PA . 87.46 62.57 -16.98
C1A CYC PA . 87.33 63.23 -15.87
C2A CYC PA . 86.83 62.38 -14.91
C3A CYC PA . 86.65 61.15 -15.53
C4A CYC PA . 87.07 61.32 -16.85
CMA CYC PA . 86.08 59.91 -14.80
CAA CYC PA . 86.54 62.76 -13.44
CBA CYC PA . 87.59 62.13 -12.45
CGA CYC PA . 88.04 63.08 -11.26
O1A CYC PA . 88.25 64.31 -11.52
O2A CYC PA . 88.21 62.62 -10.07
CHB CYC PA . 87.10 60.29 -18.10
NB CYC PA . 87.56 58.17 -16.76
C1B CYC PA . 87.36 58.81 -17.87
C2B CYC PA . 87.38 57.90 -18.88
C3B CYC PA . 87.62 56.67 -18.29
C4B CYC PA . 87.73 56.89 -16.97
CMB CYC PA . 87.20 58.19 -20.35
CAB CYC PA . 87.76 55.29 -19.05
CBB CYC PA . 86.67 54.32 -18.70
OB CYC PA . 87.98 55.90 -15.95
NC CYC PA . 88.50 69.14 -20.30
C1C CYC PA . 89.40 69.88 -21.28
C2C CYC PA . 89.41 68.99 -22.63
C3C CYC PA . 88.79 67.93 -22.40
C4C CYC PA . 88.29 67.94 -20.79
CMC CYC PA . 88.62 69.81 -23.75
CAC CYC PA . 89.72 66.67 -22.66
CBC CYC PA . 90.23 66.61 -24.12
OC CYC PA . 88.86 70.98 -21.54
CHD CYC PA . 89.04 66.87 -20.06
ND CYC PA . 88.26 65.54 -17.98
C1D CYC PA . 88.73 66.67 -18.51
C2D CYC PA . 88.96 67.59 -17.46
C3D CYC PA . 88.58 66.96 -16.31
C4D CYC PA . 88.16 65.70 -16.66
CMD CYC PA . 89.51 69.04 -17.49
CAD CYC PA . 88.62 67.54 -14.90
CBD CYC PA . 87.30 68.20 -14.53
CGD CYC PA . 87.51 69.01 -13.27
O1D CYC PA . 88.58 68.85 -12.62
O2D CYC PA . 86.66 69.83 -12.91
CHA CYC QA . 84.02 3.88 -1.82
NA CYC QA . 82.64 5.33 -0.21
C1A CYC QA . 83.68 5.15 -0.99
C2A CYC QA . 84.46 6.28 -0.98
C3A CYC QA . 83.82 7.18 -0.13
C4A CYC QA . 82.68 6.54 0.34
CMA CYC QA . 84.35 8.60 0.19
CAA CYC QA . 85.78 6.50 -1.76
CBA CYC QA . 87.05 6.21 -0.87
CGA CYC QA . 86.75 5.04 0.17
O1A CYC QA . 86.85 3.82 -0.19
O2A CYC QA . 86.41 5.33 1.36
CHB CYC QA . 81.54 7.09 1.37
NB CYC QA . 83.33 7.89 2.99
C1B CYC QA . 82.09 7.80 2.59
C2B CYC QA . 81.31 8.48 3.47
C3B CYC QA . 82.15 9.00 4.45
C4B CYC QA . 83.40 8.60 4.09
CMB CYC QA . 79.80 8.64 3.40
CAB CYC QA . 81.73 9.88 5.69
CBB CYC QA . 82.09 9.27 7.02
OB CYC QA . 84.63 8.90 4.81
NC CYC QA . 78.52 0.59 -3.50
C1C CYC QA . 77.32 -0.05 -4.20
C2C CYC QA . 76.11 1.01 -3.93
C3C CYC QA . 76.66 2.11 -3.63
C4C CYC QA . 78.32 1.89 -3.78
CMC CYC QA . 75.27 1.19 -5.28
CAC CYC QA . 76.31 2.57 -2.16
CBC CYC QA . 74.81 2.94 -2.01
OC CYC QA . 77.07 -1.16 -3.68
CHD CYC QA . 79.09 2.73 -2.81
ND CYC QA . 81.47 3.39 -2.19
C1D CYC QA . 80.67 2.73 -3.02
C2D CYC QA . 81.49 2.12 -4.02
C3D CYC QA . 82.81 2.47 -3.70
C4D CYC QA . 82.74 3.25 -2.55
CMD CYC QA . 81.17 1.23 -5.26
CAD CYC QA . 84.06 2.03 -4.47
CBD CYC QA . 84.43 3.00 -5.62
CGD CYC QA . 85.11 4.27 -5.10
O1D CYC QA . 84.41 5.25 -4.74
O2D CYC QA . 86.35 4.33 -5.05
CHA CYC RA . 50.54 18.02 16.80
NA CYC RA . 52.88 18.36 15.73
C1A CYC RA . 52.10 18.12 16.77
C2A CYC RA . 52.92 17.95 17.88
C3A CYC RA . 54.23 18.12 17.44
C4A CYC RA . 54.15 18.38 16.08
CMA CYC RA . 55.47 18.01 18.36
CAA CYC RA . 52.46 17.65 19.33
CBA CYC RA . 52.39 16.10 19.63
CGA CYC RA . 51.56 15.34 18.52
O1A CYC RA . 50.29 15.25 18.63
O2A CYC RA . 52.15 14.81 17.52
CHB CYC RA . 55.34 18.64 15.01
NB CYC RA . 56.61 20.22 16.55
C1B CYC RA . 56.53 19.45 15.49
C2B CYC RA . 57.73 19.46 14.86
C3B CYC RA . 58.57 20.29 15.60
C4B CYC RA . 57.82 20.74 16.64
CMB CYC RA . 58.11 18.70 13.59
CAB CYC RA . 60.06 20.62 15.27
CBB CYC RA . 61.02 19.70 15.96
OB CYC RA . 58.27 21.64 17.68
NC CYC RA . 47.59 18.86 10.87
C1C CYC RA . 47.33 18.36 9.46
C2C CYC RA . 48.45 19.18 8.61
C3C CYC RA . 49.44 19.30 9.40
C4C CYC RA . 48.92 18.82 10.93
CMC CYC RA . 48.84 18.30 7.32
CAC CYC RA . 50.00 20.78 9.46
CBC CYC RA . 49.64 21.66 8.23
OC CYC RA . 47.54 17.14 9.39
CHD CYC RA . 49.47 19.76 11.98
ND CYC RA . 50.29 18.87 14.29
C1D CYC RA . 49.30 19.25 13.49
C2D CYC RA . 48.09 19.17 14.20
C3D CYC RA . 48.40 18.72 15.47
C4D CYC RA . 49.78 18.54 15.48
CMD CYC RA . 46.65 19.52 13.71
CAD CYC RA . 47.43 18.44 16.63
CBD CYC RA . 46.83 19.71 17.26
CGD CYC RA . 47.87 20.47 18.11
O1D CYC RA . 48.10 21.69 17.88
O2D CYC RA . 48.48 19.87 19.02
CHA CYC SA . 61.84 64.62 30.82
NA CYC SA . 61.54 62.03 30.49
C1A CYC SA . 61.82 63.25 30.05
C2A CYC SA . 62.13 63.16 28.72
C3A CYC SA . 62.03 61.82 28.36
C4A CYC SA . 61.64 61.13 29.51
CMA CYC SA . 62.32 61.34 26.92
CAA CYC SA . 62.52 64.33 27.80
CBA CYC SA . 61.28 64.93 27.04
CGA CYC SA . 60.04 65.15 28.00
O1A CYC SA . 60.00 66.18 28.75
O2A CYC SA . 59.10 64.29 28.04
CHB CYC SA . 61.38 59.54 29.73
NB CYC SA . 60.29 59.27 27.46
C1B CYC SA . 60.80 58.77 28.55
C2B CYC SA . 60.74 57.41 28.44
C3B CYC SA . 60.16 57.14 27.21
C4B CYC SA . 59.91 58.35 26.63
CMB CYC SA . 61.20 56.39 29.47
CAB CYC SA . 59.84 55.71 26.61
CBB CYC SA . 60.74 55.35 25.47
OB CYC SA . 59.30 58.58 25.34
NC CYC SA . 60.20 63.59 36.89
C1C CYC SA . 60.01 63.46 38.40
C2C CYC SA . 60.62 62.00 38.81
C3C CYC SA . 61.39 61.69 37.85
C4C CYC SA . 60.82 62.49 36.48
CMC CYC SA . 61.43 62.22 40.19
CAC CYC SA . 61.38 60.14 37.49
CBC CYC SA . 61.65 59.16 38.65
OC CYC SA . 58.80 63.53 38.72
CHD CYC SA . 62.04 62.82 35.68
ND CYC SA . 61.97 63.50 33.20
C1D CYC SA . 61.90 63.84 34.47
C2D CYC SA . 61.74 65.23 34.55
C3D CYC SA . 61.71 65.70 33.23
C4D CYC SA . 61.86 64.58 32.42
CMD CYC SA . 61.64 66.12 35.83
CAD CYC SA . 61.53 67.15 32.74
CBD CYC SA . 62.72 68.09 33.05
CGD CYC SA . 64.10 67.59 32.55
O1D CYC SA . 64.41 66.37 32.60
O2D CYC SA . 64.91 68.41 32.12
CHA CYC TA . 62.38 24.02 38.11
NA CYC TA . 62.94 26.31 37.01
C1A CYC TA . 62.21 25.22 37.12
C2A CYC TA . 61.20 25.27 36.17
C3A CYC TA . 61.38 26.48 35.47
C4A CYC TA . 62.50 27.09 36.04
CMA CYC TA . 60.48 27.00 34.32
CAA CYC TA . 60.11 24.20 35.93
CBA CYC TA . 58.70 24.60 36.51
CGA CYC TA . 57.57 24.45 35.41
O1A CYC TA . 56.49 23.82 35.68
O2A CYC TA . 57.75 24.94 34.23
CHB CYC TA . 63.14 28.52 35.64
NB CYC TA . 63.40 27.61 33.31
C1B CYC TA . 63.47 28.60 34.16
C2B CYC TA . 63.90 29.72 33.50
C3B CYC TA . 64.09 29.34 32.18
C4B CYC TA . 63.75 28.02 32.10
CMB CYC TA . 64.14 31.11 34.10
CAB CYC TA . 64.57 30.25 30.98
CBB CYC TA . 63.45 30.50 30.00
OB CYC TA . 63.79 27.20 30.92
NC CYC TA . 67.14 24.99 42.44
C1C CYC TA . 67.88 25.68 43.60
C2C CYC TA . 68.58 26.98 42.91
C3C CYC TA . 68.51 26.76 41.67
C4C CYC TA . 67.07 25.92 41.50
CMC CYC TA . 67.75 28.30 43.25
CAC CYC TA . 69.71 25.83 41.22
CBC CYC TA . 70.74 26.57 40.32
OC CYC TA . 67.06 26.05 44.48
CHD CYC TA . 67.03 25.33 40.11
ND CYC TA . 64.71 24.94 39.01
C1D CYC TA . 65.71 24.51 39.76
C2D CYC TA . 65.42 23.21 40.19
C3D CYC TA . 64.18 22.87 39.65
C4D CYC TA . 63.77 23.98 38.92
CMD CYC TA . 66.31 22.28 41.10
CAD CYC TA . 63.41 21.55 39.82
CBD CYC TA . 64.08 20.37 39.09
CGD CYC TA . 63.14 19.16 38.93
O1D CYC TA . 63.35 18.10 39.57
O2D CYC TA . 62.16 19.24 38.16
CHA CYC UA . 86.48 55.65 44.14
NA CYC UA . 87.41 57.30 42.34
C1A CYC UA . 87.00 56.10 42.73
C2A CYC UA . 87.13 55.24 41.65
C3A CYC UA . 87.64 55.99 40.59
C4A CYC UA . 87.81 57.29 41.08
CMA CYC UA . 87.93 55.43 39.18
CAA CYC UA . 86.79 53.73 41.61
CBA CYC UA . 88.04 52.83 41.94
CGA CYC UA . 88.68 53.24 43.33
O1A CYC UA . 88.36 52.63 44.40
O2A CYC UA . 89.54 54.19 43.38
CHB CYC UA . 88.35 58.59 40.27
NB CYC UA . 90.34 57.28 39.43
C1B CYC UA . 89.57 58.33 39.41
C2B CYC UA . 90.05 59.18 38.45
C3B CYC UA . 91.16 58.57 37.90
C4B CYC UA . 91.30 57.37 38.55
CMB CYC UA . 89.49 60.54 38.07
CAB CYC UA . 92.07 59.16 36.76
CBB CYC UA . 93.54 59.04 37.07
OB CYC UA . 92.33 56.39 38.31
NC CYC UA . 82.90 60.31 47.46
C1C CYC UA . 81.87 61.26 48.02
C2C CYC UA . 81.93 62.49 46.95
C3C CYC UA . 82.15 61.94 45.83
C4C CYC UA . 82.61 60.33 46.15
CMC CYC UA . 80.50 63.24 46.92
CAC CYC UA . 83.31 62.67 45.04
CBC CYC UA . 82.86 64.00 44.40
OC CYC UA . 82.22 61.64 49.16
CHD CYC UA . 83.82 59.93 45.36
ND CYC UA . 85.22 57.92 44.64
C1D CYC UA . 84.24 58.38 45.41
C2D CYC UA . 83.74 57.30 46.18
C3D CYC UA . 84.48 56.19 45.80
C4D CYC UA . 85.40 56.62 44.84
CMD CYC UA . 82.59 57.21 47.25
CAD CYC UA . 84.34 54.76 46.35
CBD CYC UA . 83.04 54.06 45.91
CGD CYC UA . 83.30 52.96 44.88
O1D CYC UA . 84.49 52.56 44.68
O2D CYC UA . 82.35 52.44 44.28
CHA CYC VA . 102.77 76.28 -22.19
NA CYC VA . 102.48 76.43 -19.64
C1A CYC VA . 102.18 75.91 -20.80
C2A CYC VA . 101.23 74.95 -20.64
C3A CYC VA . 100.96 74.91 -19.28
C4A CYC VA . 101.77 75.87 -18.68
CMA CYC VA . 99.93 73.95 -18.64
CAA CYC VA . 100.60 74.08 -21.75
CBA CYC VA . 99.23 74.62 -22.29
CGA CYC VA . 99.28 76.16 -22.70
O1A CYC VA . 99.46 76.49 -23.91
O2A CYC VA . 99.12 77.05 -21.80
CHB CYC VA . 101.93 76.30 -17.13
NB CYC VA . 99.44 76.27 -16.71
C1B CYC VA . 100.67 76.41 -16.31
C2B CYC VA . 100.64 76.70 -14.97
C3B CYC VA . 99.31 76.69 -14.59
C4B CYC VA . 98.59 76.42 -15.72
CMB CYC VA . 101.84 76.94 -14.07
CAB CYC VA . 98.76 76.95 -13.14
CBB CYC VA . 97.65 77.96 -13.13
OB CYC VA . 97.17 76.32 -15.82
NC CYC VA . 108.63 79.34 -21.91
C1C CYC VA . 110.13 79.52 -22.09
C2C CYC VA . 110.66 79.43 -20.55
C3C CYC VA . 109.84 78.68 -19.95
C4C CYC VA . 108.62 78.32 -21.06
CMC CYC VA . 112.09 78.69 -20.61
CAC CYC VA . 109.25 79.34 -18.64
CBC CYC VA . 110.33 79.64 -17.59
OC CYC VA . 110.39 80.64 -22.57
CHD CYC VA . 107.27 78.18 -20.45
ND CYC VA . 104.96 77.28 -21.10
C1D CYC VA . 106.21 77.54 -21.46
C2D CYC VA . 106.36 77.13 -22.82
C3D CYC VA . 105.13 76.65 -23.19
C4D CYC VA . 104.29 76.75 -22.11
CMD CYC VA . 107.52 77.13 -23.85
CAD CYC VA . 104.78 76.08 -24.56
CBD CYC VA . 104.93 74.56 -24.53
CGD CYC VA . 104.28 73.94 -25.76
O1D CYC VA . 103.72 74.69 -26.61
O2D CYC VA . 104.32 72.71 -25.93
CHA CYC WA . 124.42 59.14 -13.09
NA CYC WA . 122.92 57.36 -14.19
C1A CYC WA . 123.33 58.04 -13.15
C2A CYC WA . 122.63 57.63 -12.03
C3A CYC WA . 121.75 56.65 -12.46
C4A CYC WA . 121.97 56.50 -13.83
CMA CYC WA . 120.78 55.94 -11.49
CAA CYC WA . 122.81 58.16 -10.59
CBA CYC WA . 123.66 57.18 -9.70
CGA CYC WA . 125.11 56.93 -10.28
O1A CYC WA . 126.13 57.37 -9.65
O2A CYC WA . 125.27 56.28 -11.37
CHB CYC WA . 121.27 55.54 -14.93
NB CYC WA . 121.06 53.63 -13.30
C1B CYC WA . 120.87 54.17 -14.46
C2B CYC WA . 120.22 53.27 -15.25
C3B CYC WA . 120.01 52.14 -14.48
C4B CYC WA . 120.57 52.41 -13.25
CMB CYC WA . 119.79 53.50 -16.70
CAB CYC WA . 119.31 50.81 -14.91
CBB CYC WA . 120.09 49.60 -14.48
OB CYC WA . 120.61 51.55 -12.12
NC CYC WA . 125.84 62.15 -19.10
C1C CYC WA . 125.75 63.08 -20.29
C2C CYC WA . 124.50 62.47 -21.13
C3C CYC WA . 123.75 61.92 -20.27
C4C CYC WA . 124.56 61.94 -18.79
CMC CYC WA . 123.74 63.71 -21.82
CAC CYC WA . 123.39 60.44 -20.65
CBC CYC WA . 122.53 60.33 -21.94
OC CYC WA . 126.78 63.03 -20.99
CHD CYC WA . 124.42 60.65 -18.05
ND CYC WA . 124.33 59.71 -15.67
C1D CYC WA . 124.65 60.73 -16.47
C2D CYC WA . 125.19 61.76 -15.66
C3D CYC WA . 125.14 61.29 -14.36
C4D CYC WA . 124.62 60.02 -14.41
CMD CYC WA . 125.74 63.19 -15.98
CAD CYC WA . 125.61 62.01 -13.10
CBD CYC WA . 124.43 62.61 -12.30
CGD CYC WA . 124.88 63.16 -10.94
O1D CYC WA . 126.11 63.24 -10.68
O2D CYC WA . 124.03 63.50 -10.11
CHA CYC XA . 66.40 18.32 -20.77
NA CYC XA . 68.76 19.30 -21.12
C1A CYC XA . 67.57 19.31 -20.55
C2A CYC XA . 67.52 20.39 -19.70
C3A CYC XA . 68.74 21.03 -19.79
C4A CYC XA . 69.50 20.32 -20.72
CMA CYC XA . 69.12 22.29 -19.00
CAA CYC XA . 66.33 20.79 -18.81
CBA CYC XA . 65.52 21.97 -19.44
CGA CYC XA . 64.34 21.42 -20.34
O1A CYC XA . 63.22 21.15 -19.80
O2A CYC XA . 64.52 21.25 -21.60
CHB CYC XA . 71.01 20.58 -21.21
NB CYC XA . 70.67 23.07 -21.55
C1B CYC XA . 71.38 21.98 -21.64
C2B CYC XA . 72.57 22.30 -22.18
C3B CYC XA . 72.57 23.66 -22.43
C4B CYC XA . 71.35 24.10 -22.00
CMB CYC XA . 73.71 21.33 -22.47
CAB CYC XA . 73.77 24.46 -23.06
CBB CYC XA . 73.48 25.88 -23.44
OB CYC XA . 70.83 25.45 -22.04
NC CYC XA . 68.10 12.15 -22.51
C1C CYC XA . 68.52 10.69 -22.63
C2C CYC XA . 70.14 10.77 -22.68
C3C CYC XA . 70.45 11.80 -22.02
C4C CYC XA . 69.01 12.60 -21.65
CMC CYC XA . 70.73 9.48 -21.94
CAC CYC XA . 71.39 12.78 -22.83
CBC CYC XA . 72.85 12.29 -22.89
OC CYC XA . 68.08 10.20 -23.71
CHD CYC XA . 69.18 14.09 -21.79
ND CYC XA . 67.94 16.27 -21.39
C1D CYC XA . 67.98 14.96 -21.20
C2D CYC XA . 66.84 14.59 -20.45
C3D CYC XA . 66.15 15.77 -20.20
C4D CYC XA . 66.87 16.78 -20.82
CMD CYC XA . 66.33 13.22 -19.91
CAD CYC XA . 64.84 15.92 -19.42
CBD CYC XA . 65.09 16.29 -17.95
CGD CYC XA . 63.78 16.70 -17.26
O1D CYC XA . 63.39 17.90 -17.31
O2D CYC XA . 63.12 15.85 -16.64
CHA CYC YA . 94.16 20.96 5.01
NA CYC YA . 95.81 21.84 3.17
C1A CYC YA . 95.01 22.01 4.20
C2A CYC YA . 94.98 23.35 4.52
C3A CYC YA . 95.83 23.99 3.61
C4A CYC YA . 96.35 22.99 2.77
CMA CYC YA . 96.08 25.51 3.64
CAA CYC YA . 94.17 24.00 5.66
CBA CYC YA . 92.93 24.82 5.11
CGA CYC YA . 91.58 23.96 5.12
O1A CYC YA . 91.57 22.79 5.60
O2A CYC YA . 90.50 24.47 4.64
CHB CYC YA . 97.38 23.05 1.52
NB CYC YA . 96.95 25.48 0.83
C1B CYC YA . 97.51 24.31 0.65
C2B CYC YA . 98.26 24.39 -0.49
C3B CYC YA . 98.13 25.68 -0.99
C4B CYC YA . 97.30 26.32 -0.11
CMB CYC YA . 99.08 23.27 -1.10
CAB CYC YA . 98.80 26.27 -2.29
CBB CYC YA . 99.71 27.44 -1.98
OB CYC YA . 96.87 27.71 -0.22
NC CYC YA . 96.08 15.13 4.28
C1C CYC YA . 95.97 13.62 4.05
C2C CYC YA . 96.12 13.43 2.44
C3C CYC YA . 96.84 14.40 2.06
C4C CYC YA . 96.55 15.66 3.15
CMC CYC YA . 96.87 12.04 2.15
CAC CYC YA . 96.44 14.85 0.59
CBC CYC YA . 97.39 14.33 -0.50
OC CYC YA . 94.85 13.22 4.42
CHD CYC YA . 95.54 16.59 2.53
ND CYC YA . 95.05 18.89 3.62
C1D CYC YA . 94.81 17.59 3.53
C2D CYC YA . 93.78 17.27 4.44
C3D CYC YA . 93.44 18.45 5.08
C4D CYC YA . 94.25 19.44 4.52
CMD CYC YA . 93.11 15.88 4.71
CAD CYC YA . 92.38 18.65 6.16
CBD CYC YA . 92.96 18.81 7.57
CGD CYC YA . 91.87 19.25 8.57
O1D CYC YA . 90.78 19.71 8.14
O2D CYC YA . 92.08 19.16 9.80
CHA CYC ZA . 104.19 18.19 -32.87
NA CYC ZA . 102.66 19.54 -31.29
C1A CYC ZA . 103.40 19.45 -32.37
C2A CYC ZA . 103.34 20.67 -33.02
C3A CYC ZA . 102.54 21.50 -32.25
C4A CYC ZA . 102.12 20.74 -31.14
CMA CYC ZA . 102.23 22.96 -32.64
CAA CYC ZA . 104.04 21.04 -34.35
CBA CYC ZA . 103.35 20.32 -35.58
CGA CYC ZA . 104.01 20.71 -36.98
O1A CYC ZA . 104.44 19.79 -37.76
O2A CYC ZA . 104.11 21.93 -37.32
CHB CYC ZA . 101.18 21.05 -29.85
NB CYC ZA . 100.62 23.51 -30.17
C1B CYC ZA . 100.40 22.33 -29.66
C2B CYC ZA . 99.30 22.44 -28.85
C3B CYC ZA . 98.86 23.75 -28.91
C4B CYC ZA . 99.72 24.40 -29.76
CMB CYC ZA . 98.67 21.31 -28.03
CAB CYC ZA . 97.63 24.39 -28.16
CBB CYC ZA . 96.44 24.61 -29.06
OB CYC ZA . 99.66 25.79 -30.14
NC CYC ZA . 105.76 13.46 -29.29
C1C CYC ZA . 105.87 12.12 -28.59
C2C CYC ZA . 105.64 12.48 -27.01
C3C CYC ZA . 104.82 13.45 -27.02
C4C CYC ZA . 104.89 14.15 -28.56
CMC CYC ZA . 104.99 11.20 -26.31
CAC CYC ZA . 105.22 14.49 -25.90
CBC CYC ZA . 104.45 14.27 -24.56
OC CYC ZA . 104.96 11.34 -28.98
CHD CYC ZA . 105.33 15.60 -28.48
ND CYC ZA . 104.51 16.95 -30.55
C1D CYC ZA . 105.44 16.23 -29.93
C2D CYC ZA . 106.57 16.16 -30.76
C3D CYC ZA . 106.26 16.87 -31.92
C4D CYC ZA . 104.95 17.34 -31.74
CMD CYC ZA . 107.93 15.45 -30.48
CAD CYC ZA . 107.14 17.08 -33.15
CBD CYC ZA . 108.16 18.22 -32.93
CGD CYC ZA . 109.43 18.04 -33.80
O1D CYC ZA . 110.34 17.25 -33.43
O2D CYC ZA . 109.55 18.68 -34.86
CHA CYC AB . 94.80 45.14 28.60
NA CYC AB . 93.01 43.31 28.37
C1A CYC AB . 93.88 44.14 27.83
C2A CYC AB . 93.85 43.99 26.46
C3A CYC AB . 92.91 43.01 26.19
C4A CYC AB . 92.39 42.60 27.42
CMA CYC AB . 92.54 42.52 24.77
CAA CYC AB . 94.71 44.78 25.44
CBA CYC AB . 93.84 45.74 24.54
CGA CYC AB . 92.73 46.56 25.33
O1A CYC AB . 92.88 46.81 26.58
O2A CYC AB . 91.67 46.95 24.74
CHB CYC AB . 91.25 41.50 27.73
NB CYC AB . 92.58 39.75 26.54
C1B CYC AB . 91.44 40.30 26.83
C2B CYC AB . 90.46 39.62 26.17
C3B CYC AB . 91.08 38.62 25.45
C4B CYC AB . 92.41 38.73 25.71
CMB CYC AB . 88.96 39.91 26.20
CAB CYC AB . 90.32 37.57 24.54
CBB CYC AB . 91.07 36.29 24.33
OB CYC AB . 93.48 37.90 25.22
NC CYC AB . 94.09 45.12 35.15
C1C CYC AB . 94.21 44.59 36.56
C2C CYC AB . 92.86 43.69 36.70
C3C CYC AB . 92.76 43.12 35.57
C4C CYC AB . 93.60 44.08 34.45
CMC CYC AB . 93.01 42.60 37.86
CAC CYC AB . 91.23 42.98 35.19
CBC CYC AB . 90.87 41.56 34.67
OC CYC AB . 94.18 45.53 37.40
CHD CYC AB . 92.69 44.55 33.34
ND CYC AB . 93.66 44.59 30.93
C1D CYC AB . 93.45 45.19 32.10
C2D CYC AB . 93.99 46.49 32.03
C3D CYC AB . 94.54 46.63 30.77
C4D CYC AB . 94.32 45.42 30.10
CMD CYC AB . 93.98 47.58 33.14
CAD CYC AB . 95.26 47.85 30.18
CBD CYC AB . 96.79 47.66 30.15
CGD CYC AB . 97.46 48.59 29.13
O1D CYC AB . 96.83 49.58 28.66
O2D CYC AB . 98.62 48.37 28.76
CHA CYC BB . 113.44 48.79 1.06
NA CYC BB . 112.88 50.57 2.88
C1A CYC BB . 112.67 49.44 2.27
C2A CYC BB . 111.60 48.81 2.85
C3A CYC BB . 111.15 49.63 3.87
C4A CYC BB . 111.99 50.75 3.86
CMA CYC BB . 109.95 49.28 4.78
CAA CYC BB . 111.00 47.45 2.44
CBA CYC BB . 109.86 47.59 1.36
CGA CYC BB . 110.38 48.13 -0.03
O1A CYC BB . 111.09 47.38 -0.79
O2A CYC BB . 110.09 49.31 -0.39
CHB CYC BB . 111.98 52.04 4.82
NB CYC BB . 109.46 52.31 4.81
C1B CYC BB . 110.64 52.51 5.35
C2B CYC BB . 110.47 53.23 6.48
C3B CYC BB . 109.11 53.45 6.62
C4B CYC BB . 108.52 52.85 5.55
CMB CYC BB . 111.57 53.70 7.43
CAB CYC BB . 108.39 54.25 7.78
CBB CYC BB . 107.40 53.39 8.52
OB CYC BB . 107.10 52.82 5.25
NC CYC BB . 119.51 50.34 0.32
C1C CYC BB . 120.52 51.17 -0.46
C2C CYC BB . 120.89 52.43 0.51
C3C CYC BB . 120.08 52.39 1.48
C4C CYC BB . 118.96 51.17 1.20
CMC CYC BB . 122.39 52.21 1.03
CAC CYC BB . 119.33 53.77 1.65
CBC CYC BB . 120.31 54.93 2.01
OC CYC BB . 121.57 50.51 -0.64
CHD CYC BB . 117.68 51.76 0.68
ND CYC BB . 115.51 50.41 1.13
C1D CYC BB . 116.57 50.67 0.37
C2D CYC BB . 116.51 49.84 -0.76
C3D CYC BB . 115.39 49.05 -0.63
C4D CYC BB . 114.79 49.46 0.56
CMD CYC BB . 117.50 49.74 -1.96
CAD CYC BB . 114.89 47.99 -1.60
CBD CYC BB . 115.27 46.57 -1.16
CGD CYC BB . 114.71 45.51 -2.13
O1D CYC BB . 113.50 45.57 -2.50
O2D CYC BB . 115.45 44.61 -2.54
CHA CYC CB . 113.57 85.12 16.00
NA CYC CB . 112.31 83.80 14.17
C1A CYC CB . 112.32 84.67 15.16
C2A CYC CB . 111.05 85.15 15.34
C3A CYC CB . 110.25 84.51 14.41
C4A CYC CB . 111.08 83.65 13.69
CMA CYC CB . 108.72 84.77 14.30
CAA CYC CB . 110.57 86.18 16.40
CBA CYC CB . 111.14 87.64 16.16
CGA CYC CB . 111.03 88.11 14.65
O1A CYC CB . 110.28 89.10 14.34
O2A CYC CB . 111.70 87.50 13.73
CHB CYC CB . 110.78 82.65 12.46
NB CYC CB . 108.44 81.99 13.21
C1B CYC CB . 109.43 81.96 12.36
C2B CYC CB . 109.05 81.15 11.31
C3B CYC CB . 107.77 80.71 11.59
C4B CYC CB . 107.43 81.28 12.77
CMB CYC CB . 109.90 80.81 10.09
CAB CYC CB . 106.86 79.77 10.71
CBB CYC CB . 105.72 80.53 10.09
OB CYC CB . 106.17 81.10 13.46
NC CYC CB . 118.92 82.41 14.48
C1C CYC CB . 120.19 82.01 13.75
C2C CYC CB . 120.03 80.40 13.62
C3C CYC CB . 118.79 80.22 13.42
C4C CYC CB . 117.98 81.60 13.98
CMC CYC CB . 120.87 79.91 12.35
CAC CYC CB . 118.29 78.92 14.16
CBC CYC CB . 118.00 77.75 13.19
OC CYC CB . 121.20 82.30 14.42
CHD CYC CB . 116.96 81.25 15.02
ND CYC CB . 115.09 83.06 15.28
C1D CYC CB . 116.26 82.53 15.64
C2D CYC CB . 116.78 83.29 16.70
C3D CYC CB . 115.86 84.31 16.95
C4D CYC CB . 114.83 84.13 16.04
CMD CYC CB . 118.12 83.06 17.47
CAD CYC CB . 115.96 85.42 18.01
CBD CYC CB . 114.99 85.22 19.19
CGD CYC CB . 114.37 86.56 19.62
O1D CYC CB . 114.49 87.00 20.80
O2D CYC CB . 113.74 87.24 18.79
CHA CYC DB . 69.66 37.10 -12.41
NA CYC DB . 68.44 37.14 -10.13
C1A CYC DB . 69.38 37.54 -10.94
C2A CYC DB . 70.15 38.47 -10.28
C3A CYC DB . 69.62 38.62 -9.02
C4A CYC DB . 68.52 37.76 -8.95
CMA CYC DB . 70.24 39.61 -8.00
CAA CYC DB . 71.38 39.20 -10.85
CBA CYC DB . 72.71 38.59 -10.28
CGA CYC DB . 72.94 37.11 -10.78
O1A CYC DB . 72.94 36.85 -12.02
O2A CYC DB . 73.13 36.17 -9.94
CHB CYC DB . 67.44 37.42 -7.80
NB CYC DB . 68.41 38.76 -5.89
C1B CYC DB . 67.56 37.94 -6.39
C2B CYC DB . 66.70 37.57 -5.39
C3B CYC DB . 67.12 38.24 -4.25
C4B CYC DB . 68.20 38.98 -4.61
CMB CYC DB . 65.54 36.60 -5.53
CAB CYC DB . 66.47 38.17 -2.82
CBB CYC DB . 67.51 37.97 -1.75
OB CYC DB . 68.97 39.86 -3.76
NC CYC DB . 64.83 33.50 -15.44
C1C CYC DB . 63.53 33.00 -16.03
C2C CYC DB . 62.59 32.76 -14.74
C3C CYC DB . 63.05 33.52 -13.83
C4C CYC DB . 64.49 34.21 -14.37
CMC CYC DB . 61.13 33.28 -15.15
CAC CYC DB . 63.29 32.68 -12.51
CBC CYC DB . 62.05 31.85 -12.07
OC CYC DB . 63.03 33.89 -16.72
CHD CYC DB . 65.53 34.09 -13.30
ND CYC DB . 67.46 35.64 -12.64
C1D CYC DB . 66.92 34.83 -13.53
C2D CYC DB . 67.79 34.74 -14.62
C3D CYC DB . 68.85 35.55 -14.34
C4D CYC DB . 68.63 36.09 -13.08
CMD CYC DB . 67.71 33.95 -15.96
CAD CYC DB . 70.06 35.79 -15.22
CBD CYC DB . 69.92 37.03 -16.12
CGD CYC DB . 71.29 37.62 -16.38
O1D CYC DB . 72.20 37.44 -15.53
O2D CYC DB . 71.53 38.24 -17.42
CHA CYC EB . 67.27 60.94 11.84
NA CYC EB . 68.94 62.75 11.07
C1A CYC EB . 68.49 61.53 11.08
C2A CYC EB . 69.30 60.77 10.26
C3A CYC EB . 70.26 61.62 9.77
C4A CYC EB . 70.01 62.87 10.30
CMA CYC EB . 71.35 61.10 8.80
CAA CYC EB . 69.15 59.27 9.95
CBA CYC EB . 69.79 58.35 11.04
CGA CYC EB . 68.75 57.97 12.17
O1A CYC EB . 67.68 57.35 11.84
O2A CYC EB . 68.97 58.27 13.38
CHB CYC EB . 70.74 64.31 10.15
NB CYC EB . 72.43 63.81 8.33
C1B CYC EB . 72.03 64.44 9.38
C2B CYC EB . 72.99 65.34 9.73
C3B CYC EB . 74.01 65.19 8.80
C4B CYC EB . 73.61 64.23 7.94
CMB CYC EB . 72.94 66.30 10.90
CAB CYC EB . 75.37 65.98 8.74
CBB CYC EB . 76.44 65.28 9.52
OB CYC EB . 74.36 63.73 6.81
NC CYC EB . 63.35 64.93 14.71
C1C CYC EB . 62.64 65.61 15.87
C2C CYC EB . 63.35 67.06 16.04
C3C CYC EB . 64.27 67.14 15.18
C4C CYC EB . 64.38 65.67 14.37
CMC CYC EB . 62.24 68.18 15.75
CAC CYC EB . 65.64 67.49 15.88
CBC CYC EB . 65.57 68.88 16.59
OC CYC EB . 61.46 65.79 15.56
CHD CYC EB . 65.68 64.99 14.70
ND CYC EB . 66.66 63.17 13.15
C1D CYC EB . 65.82 63.51 14.11
C2D CYC EB . 65.11 62.37 14.51
C3D CYC EB . 65.58 61.34 13.74
C4D CYC EB . 66.53 61.87 12.88
CMD CYC EB . 64.03 62.17 15.61
CAD CYC EB . 65.11 59.88 13.78
CBD CYC EB . 63.83 59.77 12.94
CGD CYC EB . 63.55 58.33 12.53
O1D CYC EB . 64.15 57.39 13.12
O2D CYC EB . 62.73 58.10 11.64
CHA CYC FB . 90.34 89.98 23.85
NA CYC FB . 90.36 87.39 23.73
C1A CYC FB . 90.95 88.56 23.62
C2A CYC FB . 92.27 88.35 23.28
C3A CYC FB . 92.44 86.97 23.17
C4A CYC FB . 91.20 86.40 23.46
CMA CYC FB . 93.77 86.29 22.80
CAA CYC FB . 93.33 89.45 23.05
CBA CYC FB . 94.11 89.87 24.36
CGA CYC FB . 93.18 90.33 25.57
O1A CYC FB . 93.08 89.60 26.62
O2A CYC FB . 92.54 91.44 25.52
CHB CYC FB . 90.67 84.86 23.55
NB CYC FB . 92.60 83.48 22.58
C1B CYC FB . 91.43 83.61 23.14
C2B CYC FB . 90.91 82.36 23.32
C3B CYC FB . 91.85 81.46 22.84
C4B CYC FB . 92.89 82.21 22.38
CMB CYC FB . 89.56 82.02 23.93
CAB CYC FB . 91.72 79.88 22.83
CBB CYC FB . 92.69 79.24 23.78
OB CYC FB . 94.11 81.68 21.80
NC CYC FB . 83.81 91.36 23.67
C1C CYC FB . 82.41 91.42 24.25
C2C CYC FB . 81.82 89.92 23.95
C3C CYC FB . 82.83 89.17 23.98
C4C CYC FB . 84.22 90.13 23.94
CMC CYC FB . 80.79 89.51 25.10
CAC CYC FB . 82.76 88.19 22.72
CBC CYC FB . 82.37 86.75 23.12
OC CYC FB . 82.45 91.61 25.49
CHD CYC FB . 85.18 89.64 22.90
ND CYC FB . 87.73 89.51 23.44
C1D CYC FB . 86.66 90.21 23.07
C2D CYC FB . 87.08 91.53 22.83
C3D CYC FB . 88.44 91.58 23.09
C4D CYC FB . 88.81 90.30 23.47
CMD CYC FB . 86.23 92.76 22.38
CAD CYC FB . 89.36 92.80 23.00
CBD CYC FB . 90.02 92.96 21.61
CGD CYC FB . 89.88 94.40 21.10
O1D CYC FB . 89.28 95.27 21.80
O2D CYC FB . 90.35 94.72 20.00
CHA CYC GB . 104.02 42.26 -42.61
NA CYC GB . 103.83 42.51 -40.05
C1A CYC GB . 103.89 41.76 -41.13
C2A CYC GB . 103.85 40.45 -40.73
C3A CYC GB . 103.76 40.45 -39.34
C4A CYC GB . 103.75 41.79 -38.95
CMA CYC GB . 103.68 39.14 -38.52
CAA CYC GB . 103.91 39.22 -41.66
CBA CYC GB . 105.39 38.87 -42.05
CGA CYC GB . 105.61 38.75 -43.62
O1A CYC GB . 106.53 39.43 -44.17
O2A CYC GB . 104.87 37.96 -44.30
CHB CYC GB . 103.66 42.54 -37.50
NB CYC GB . 104.10 40.54 -35.98
C1B CYC GB . 103.84 41.80 -36.19
C2B CYC GB . 103.77 42.42 -34.98
C3B CYC GB . 103.98 41.44 -34.01
C4B CYC GB . 104.17 40.28 -34.69
CMB CYC GB . 103.50 43.90 -34.73
CAB CYC GB . 104.00 41.63 -32.45
CBB CYC GB . 105.28 41.16 -31.83
OB CYC GB . 104.45 38.99 -34.09
NC CYC GB . 101.85 47.78 -44.41
C1C CYC GB . 102.04 49.25 -44.71
C2C CYC GB . 100.94 49.95 -43.73
C3C CYC GB . 100.86 49.18 -42.72
C4C CYC GB . 101.76 47.79 -43.08
CMC CYC GB . 101.51 51.38 -43.30
CAC CYC GB . 99.35 48.85 -42.36
CBC CYC GB . 98.39 48.74 -43.57
OC CYC GB . 101.77 49.51 -45.90
CHD CYC GB . 101.07 46.56 -42.55
ND CYC GB . 102.62 44.49 -42.33
C1D CYC GB . 101.76 45.21 -43.03
C2D CYC GB . 101.54 44.58 -44.26
C3D CYC GB . 102.33 43.42 -44.25
C4D CYC GB . 102.98 43.42 -43.02
CMD CYC GB . 100.61 45.06 -45.40
CAD CYC GB . 102.48 42.38 -45.36
CBD CYC GB . 101.19 41.61 -45.73
CGD CYC GB . 100.96 40.39 -44.81
O1D CYC GB . 99.86 39.76 -44.84
O2D CYC GB . 101.86 40.05 -44.01
CHA CYC HB . 49.05 -19.96 -22.25
NA CYC HB . 47.09 -20.08 -23.92
C1A CYC HB . 47.59 -20.24 -22.72
C2A CYC HB . 46.59 -20.74 -21.88
C3A CYC HB . 45.46 -20.85 -22.67
C4A CYC HB . 45.82 -20.44 -23.96
CMA CYC HB . 44.08 -21.36 -22.19
CAA CYC HB . 46.74 -21.08 -20.38
CBA CYC HB . 46.80 -22.63 -20.14
CGA CYC HB . 48.21 -23.25 -20.55
O1A CYC HB . 48.89 -23.91 -19.69
O2A CYC HB . 48.65 -23.10 -21.74
CHB CYC HB . 44.89 -20.35 -25.28
NB CYC HB . 44.18 -22.76 -24.98
C1B CYC HB . 44.25 -21.66 -25.68
C2B CYC HB . 43.62 -21.89 -26.87
C3B CYC HB . 43.16 -23.19 -26.85
C4B CYC HB . 43.53 -23.70 -25.63
CMB CYC HB . 43.45 -20.89 -28.02
CAB CYC HB . 42.36 -23.90 -28.01
CBB CYC HB . 42.66 -25.37 -28.14
OB CYC HB . 43.29 -25.03 -25.13
NC CYC HB . 52.30 -15.24 -25.85
C1C CYC HB . 52.83 -13.92 -26.39
C2C CYC HB . 51.64 -13.42 -27.39
C3C CYC HB . 50.59 -14.02 -27.03
C4C CYC HB . 51.01 -14.97 -25.70
CMC CYC HB . 51.45 -11.84 -27.19
CAC CYC HB . 50.00 -14.92 -28.19
CBC CYC HB . 49.55 -14.08 -29.42
OC CYC HB . 53.89 -14.11 -27.03
CHD CYC HB . 50.22 -16.25 -25.67
ND CYC HB . 49.55 -18.16 -24.12
C1D CYC HB . 50.21 -17.02 -24.26
C2D CYC HB . 50.82 -16.71 -23.01
C3D CYC HB . 50.47 -17.74 -22.15
C4D CYC HB . 49.68 -18.62 -22.87
CMD CYC HB . 51.71 -15.52 -22.54
CAD CYC HB . 50.86 -17.86 -20.68
CBD CYC HB . 49.65 -17.57 -19.77
CGD CYC HB . 50.02 -17.51 -18.28
O1D CYC HB . 49.92 -18.55 -17.57
O2D CYC HB . 50.39 -16.44 -17.79
CHA CYC IB . -14.92 -28.91 -53.77
NA CYC IB . -12.38 -28.89 -53.34
C1A CYC IB . -13.61 -28.61 -52.98
C2A CYC IB . -13.57 -27.98 -51.77
C3A CYC IB . -12.24 -27.91 -51.40
C4A CYC IB . -11.51 -28.49 -52.44
CMA CYC IB . -11.73 -27.27 -50.10
CAA CYC IB . -14.80 -27.47 -50.98
CBA CYC IB . -15.16 -26.02 -51.45
CGA CYC IB . -16.24 -26.01 -52.60
O1A CYC IB . -17.46 -26.25 -52.33
O2A CYC IB . -15.89 -25.76 -53.81
CHB CYC IB . -9.91 -28.70 -52.57
NB CYC IB . -9.57 -26.25 -52.06
C1B CYC IB . -9.13 -27.40 -52.46
C2B CYC IB . -7.81 -27.26 -52.77
C3B CYC IB . -7.47 -25.95 -52.52
C4B CYC IB . -8.62 -25.35 -52.08
CMB CYC IB . -6.86 -28.33 -53.28
CAB CYC IB . -6.05 -25.32 -52.73
CBB CYC IB . -5.62 -24.33 -51.69
OB CYC IB . -8.78 -23.97 -51.69
NC CYC IB . -14.72 -33.82 -57.63
C1C CYC IB . -14.74 -35.06 -58.53
C2C CYC IB . -13.24 -35.70 -58.44
C3C CYC IB . -12.70 -35.11 -57.47
C4C CYC IB . -13.43 -33.60 -57.46
CMC CYC IB . -13.41 -37.25 -58.12
CAC CYC IB . -11.15 -34.80 -57.59
CBC CYC IB . -10.26 -35.93 -58.14
OC CYC IB . -15.03 -34.73 -59.70
CHD CYC IB . -13.00 -32.99 -56.16
ND CYC IB . -13.83 -30.87 -55.02
C1D CYC IB . -14.04 -32.13 -55.33
C2D CYC IB . -15.24 -32.55 -54.75
C3D CYC IB . -15.77 -31.44 -54.08
C4D CYC IB . -14.84 -30.41 -54.29
CMD CYC IB . -15.91 -33.96 -54.81
CAD CYC IB . -17.11 -31.43 -53.31
CBD CYC IB . -17.18 -30.65 -51.99
CGD CYC IB . -18.64 -30.19 -51.77
O1D CYC IB . -18.90 -29.27 -50.95
O2D CYC IB . -19.55 -30.74 -52.41
CHA CYC JB . -6.71 -55.39 -41.64
NA CYC JB . -7.95 -54.18 -39.74
C1A CYC JB . -6.84 -54.49 -40.37
C2A CYC JB . -5.79 -53.89 -39.72
C3A CYC JB . -6.33 -53.19 -38.65
C4A CYC JB . -7.70 -53.40 -38.69
CMA CYC JB . -5.48 -52.36 -37.67
CAA CYC JB . -4.31 -54.00 -40.11
CBA CYC JB . -3.63 -55.17 -39.30
CGA CYC JB . -3.16 -56.36 -40.24
O1A CYC JB . -3.55 -56.40 -41.46
O2A CYC JB . -2.37 -57.26 -39.79
CHB CYC JB . -8.89 -52.85 -37.74
NB CYC JB . -7.60 -53.44 -35.64
C1B CYC JB . -8.61 -52.89 -36.25
C2B CYC JB . -9.43 -52.35 -35.30
C3B CYC JB . -8.84 -52.58 -34.08
C4B CYC JB . -7.69 -53.27 -34.34
CMB CYC JB . -10.74 -51.60 -35.54
CAB CYC JB . -9.40 -52.12 -32.68
CBB CYC JB . -9.33 -53.20 -31.63
OB CYC JB . -6.73 -53.74 -33.37
NC CYC JB . -12.18 -55.51 -45.56
C1C CYC JB . -13.31 -55.26 -46.55
C2C CYC JB . -14.12 -53.99 -45.92
C3C CYC JB . -13.33 -53.42 -45.12
C4C CYC JB . -11.90 -54.29 -45.13
CMC CYC JB . -14.51 -52.98 -47.11
CAC CYC JB . -13.94 -53.36 -43.66
CBC CYC JB . -15.34 -52.70 -43.62
OC CYC JB . -14.07 -56.27 -46.63
CHD CYC JB . -11.33 -54.37 -43.74
ND CYC JB . -9.14 -54.86 -42.52
C1D CYC JB . -9.76 -54.67 -43.67
C2D CYC JB . -8.80 -54.78 -44.72
C3D CYC JB . -7.59 -55.06 -44.09
C4D CYC JB . -7.85 -55.10 -42.73
CMD CYC JB . -8.89 -54.66 -46.28
CAD CYC JB . -6.24 -55.26 -44.78
CBD CYC JB . -5.48 -53.93 -44.92
CGD CYC JB . -3.97 -54.13 -45.14
O1D CYC JB . -3.29 -53.17 -45.62
O2D CYC JB . -3.42 -55.20 -44.84
CHA CYC KB . -19.47 -10.76 13.21
NA CYC KB . -19.53 -12.62 11.46
C1A CYC KB . -19.03 -11.50 11.91
C2A CYC KB . -18.06 -11.07 11.04
C3A CYC KB . -18.01 -12.00 10.03
C4A CYC KB . -18.97 -12.96 10.32
CMA CYC KB . -17.08 -11.94 8.81
CAA CYC KB . -17.22 -9.79 11.19
CBA CYC KB . -17.70 -8.65 10.23
CGA CYC KB . -18.97 -7.92 10.80
O1A CYC KB . -20.13 -8.23 10.38
O2A CYC KB . -18.81 -7.00 11.67
CHB CYC KB . -19.38 -14.32 9.53
NB CYC KB . -19.59 -13.16 7.29
C1B CYC KB . -19.74 -14.19 8.08
C2B CYC KB . -20.27 -15.20 7.35
C3B CYC KB . -20.46 -14.73 6.07
C4B CYC KB . -20.02 -13.45 6.08
CMB CYC KB . -20.61 -16.59 7.85
CAB CYC KB . -21.06 -15.60 4.89
CBB CYC KB . -21.29 -14.90 3.59
OB CYC KB . -19.99 -12.52 4.98
NC CYC KB . -21.60 -14.24 18.02
C1C CYC KB . -21.16 -15.08 19.22
C2C CYC KB . -21.70 -16.54 18.82
C3C CYC KB . -21.52 -16.63 17.57
C4C CYC KB . -21.50 -15.06 16.97
CMC CYC KB . -20.88 -17.63 19.65
CAC CYC KB . -22.73 -17.40 16.91
CBC CYC KB . -22.25 -18.77 16.35
OC CYC KB . -21.76 -14.68 20.24
CHD CYC KB . -20.19 -14.90 16.29
ND CYC KB . -19.94 -13.00 14.54
C1D CYC KB . -19.86 -13.42 15.79
C2D CYC KB . -19.36 -12.38 16.58
C3D CYC KB . -19.19 -11.30 15.74
C4D CYC KB . -19.55 -11.73 14.49
CMD CYC KB . -19.07 -12.37 18.11
CAD CYC KB . -18.66 -9.92 16.08
CBD CYC KB . -17.14 -9.99 15.86
CGD CYC KB . -16.43 -8.63 15.94
O1D CYC KB . -15.38 -8.53 16.63
O2D CYC KB . -16.87 -7.66 15.31
CHA CYC LB . -1.56 -32.12 23.56
NA CYC LB . -0.07 -30.34 22.46
C1A CYC LB . -0.72 -31.48 22.41
C2A CYC LB . -0.55 -32.04 21.16
C3A CYC LB . 0.26 -31.17 20.46
C4A CYC LB . 0.55 -30.10 21.33
CMA CYC LB . 0.71 -31.40 19.00
CAA CYC LB . -1.14 -33.39 20.67
CBA CYC LB . -0.45 -34.61 21.40
CGA CYC LB . -0.82 -36.00 20.76
O1A CYC LB . -1.40 -36.91 21.46
O2A CYC LB . -0.55 -36.24 19.53
CHB CYC LB . 1.43 -28.77 21.09
NB CYC LB . 3.28 -30.10 20.02
C1B CYC LB . 2.79 -28.99 20.48
C2B CYC LB . 3.75 -28.03 20.31
C3B CYC LB . 4.83 -28.62 19.70
C4B CYC LB . 4.49 -29.94 19.53
CMB CYC LB . 3.64 -26.56 20.70
CAB CYC LB . 6.16 -27.87 19.32
CBB CYC LB . 7.34 -28.76 19.06
OB CYC LB . 5.28 -30.99 18.96
NC CYC LB . -3.88 -28.08 28.24
C1C CYC LB . -4.79 -27.24 29.11
C2C CYC LB . -4.63 -25.73 28.50
C3C CYC LB . -4.18 -25.88 27.33
C4C CYC LB . -4.10 -27.53 27.04
CMC CYC LB . -6.07 -25.03 28.44
CAC CYC LB . -2.73 -25.25 27.17
CBC CYC LB . -2.69 -23.74 27.49
OC CYC LB . -4.41 -27.26 30.31
CHD CYC LB . -3.02 -27.84 26.06
ND CYC LB . -2.12 -29.86 24.80
C1D CYC LB . -3.15 -29.28 25.40
C2D CYC LB . -4.25 -30.18 25.33
C3D CYC LB . -3.79 -31.30 24.65
C4D CYC LB . -2.47 -31.05 24.34
CMD CYC LB . -5.73 -30.10 25.83
CAD CYC LB . -4.59 -32.55 24.31
CBD CYC LB . -5.16 -32.40 22.89
CGD CYC LB . -5.91 -33.67 22.48
O1D CYC LB . -5.24 -34.67 22.07
O2D CYC LB . -7.14 -33.73 22.55
CHA CYC MB . 35.49 6.69 -23.62
NA CYC MB . 34.69 5.84 -21.33
C1A CYC MB . 34.57 5.93 -22.63
C2A CYC MB . 33.43 5.26 -23.01
C3A CYC MB . 32.89 4.74 -21.86
C4A CYC MB . 33.71 5.14 -20.80
CMA CYC MB . 31.59 3.89 -21.85
CAA CYC MB . 32.90 5.10 -24.45
CBA CYC MB . 31.77 6.14 -24.77
CGA CYC MB . 32.34 7.61 -24.80
O1A CYC MB . 31.93 8.46 -23.94
O2A CYC MB . 33.23 7.92 -25.66
CHB CYC MB . 33.61 4.85 -19.21
NB CYC MB . 31.15 5.32 -19.23
C1B CYC MB . 32.23 4.92 -18.63
C2B CYC MB . 31.88 4.58 -17.35
C3B CYC MB . 30.50 4.79 -17.24
C4B CYC MB . 30.10 5.25 -18.45
CMB CYC MB . 32.84 4.07 -16.29
CAB CYC MB . 29.58 4.54 -15.99
CBB CYC MB . 29.42 5.75 -15.11
OB CYC MB . 28.76 5.62 -18.84
NC CYC MB . 41.78 6.95 -21.73
C1C CYC MB . 43.29 6.76 -21.72
C2C CYC MB . 43.51 5.59 -20.61
C3C CYC MB . 42.39 5.03 -20.47
C4C CYC MB . 41.40 5.69 -21.64
CMC CYC MB . 44.56 4.53 -21.18
CAC CYC MB . 41.77 5.28 -19.05
CBC CYC MB . 42.57 4.57 -17.93
OC CYC MB . 43.87 7.81 -21.38
CHD CYC MB . 39.94 5.59 -21.26
ND CYC MB . 37.66 6.11 -22.23
C1D CYC MB . 38.95 5.95 -22.45
C2D CYC MB . 39.19 6.16 -23.84
C3D CYC MB . 37.96 6.44 -24.39
C4D CYC MB . 37.04 6.40 -23.36
CMD CYC MB . 40.47 6.11 -24.73
CAD CYC MB . 37.67 6.74 -25.86
CBD CYC MB . 37.42 5.44 -26.63
CGD CYC MB . 36.98 5.73 -28.07
O1D CYC MB . 37.48 5.06 -29.02
O2D CYC MB . 36.16 6.62 -28.30
CHA CYC NB . 32.31 -29.99 -16.25
NA CYC NB . 31.71 -29.56 -13.74
C1A CYC NB . 31.39 -29.84 -14.99
C2A CYC NB . 30.03 -29.99 -15.06
C3A CYC NB . 29.53 -29.79 -13.79
C4A CYC NB . 30.63 -29.51 -12.95
CMA CYC NB . 28.02 -29.90 -13.50
CAA CYC NB . 29.20 -30.32 -16.31
CBA CYC NB . 28.88 -29.02 -17.14
CGA CYC NB . 27.49 -29.08 -17.90
O1A CYC NB . 26.73 -30.10 -17.78
O2A CYC NB . 27.13 -28.09 -18.62
CHB CYC NB . 30.74 -29.21 -11.36
NB CYC NB . 28.31 -28.63 -10.89
C1B CYC NB . 29.59 -28.57 -10.60
C2B CYC NB . 29.71 -27.85 -9.45
C3B CYC NB . 28.42 -27.46 -9.08
C4B CYC NB . 27.59 -27.98 -10.02
CMB CYC NB . 31.00 -27.51 -8.71
CAB CYC NB . 28.02 -26.59 -7.82
CBB CYC NB . 26.86 -27.17 -7.06
OB CYC NB . 26.14 -27.85 -10.07
NC CYC NB . 38.46 -30.77 -14.86
C1C CYC NB . 39.86 -30.20 -15.05
C2C CYC NB . 40.20 -29.33 -13.71
C3C CYC NB . 39.24 -29.51 -12.92
C4C CYC NB . 37.94 -30.16 -13.79
CMC CYC NB . 41.56 -29.86 -13.05
CAC CYC NB . 38.81 -28.13 -12.29
CBC CYC NB . 39.50 -27.84 -10.93
OC CYC NB . 40.68 -31.14 -15.17
CHD CYC NB . 37.01 -29.03 -14.18
ND CYC NB . 34.58 -29.49 -14.94
C1D CYC NB . 35.87 -29.38 -15.23
C2D CYC NB . 36.03 -29.57 -16.62
C3D CYC NB . 34.78 -29.82 -17.13
C4D CYC NB . 33.89 -29.76 -16.05
CMD CYC NB . 37.35 -29.53 -17.48
CAD CYC NB . 34.42 -30.10 -18.60
CBD CYC NB . 34.22 -31.59 -18.88
CGD CYC NB . 33.91 -31.84 -20.36
O1D CYC NB . 33.25 -31.00 -21.02
O2D CYC NB . 34.33 -32.87 -20.91
CHA CYC OB . 39.68 -5.45 14.34
NA CYC OB . 38.03 -5.97 12.44
C1A CYC OB . 38.30 -5.41 13.60
C2A CYC OB . 37.16 -4.78 14.06
C3A CYC OB . 36.18 -5.00 13.09
C4A CYC OB . 36.79 -5.76 12.07
CMA CYC OB . 34.74 -4.45 13.22
CAA CYC OB . 37.00 -3.99 15.38
CBA CYC OB . 37.83 -2.65 15.39
CGA CYC OB . 37.33 -1.67 16.55
O1A CYC OB . 38.13 -1.36 17.49
O2A CYC OB . 36.14 -1.21 16.52
CHB CYC OB . 36.26 -6.39 10.67
NB CYC OB . 33.86 -5.53 10.55
C1B CYC OB . 34.94 -6.01 10.03
C2B CYC OB . 34.73 -6.16 8.69
C3B CYC OB . 33.44 -5.74 8.43
C4B CYC OB . 32.93 -5.35 9.63
CMB CYC OB . 35.75 -6.69 7.67
CAB CYC OB . 32.72 -5.69 7.02
CBB CYC OB . 32.09 -4.35 6.73
OB CYC OB . 31.59 -4.83 9.86
NC CYC OB . 43.81 -9.67 12.37
C1C CYC OB . 44.96 -10.63 12.10
C2C CYC OB . 44.34 -11.77 11.10
C3C CYC OB . 43.19 -11.32 10.82
C4C CYC OB . 42.76 -10.48 12.20
CMC CYC OB . 45.25 -11.87 9.80
CAC CYC OB . 42.16 -12.50 10.56
CBC CYC OB . 41.59 -12.47 9.12
OC CYC OB . 45.91 -10.05 11.54
CHD CYC OB . 41.45 -9.74 12.05
ND CYC OB . 40.51 -7.56 13.01
C1D CYC OB . 41.14 -8.70 13.22
C2D CYC OB . 41.43 -8.79 14.61
C3D CYC OB . 40.93 -7.62 15.18
C4D CYC OB . 40.38 -6.89 14.14
CMD CYC OB . 42.16 -9.91 15.43
CAD CYC OB . 41.00 -7.20 16.66
CBD CYC OB . 39.98 -7.92 17.55
CGD CYC OB . 39.71 -7.08 18.82
O1D CYC OB . 39.90 -7.57 19.97
O2D CYC OB . 39.31 -5.91 18.71
CHA CYC PB . 5.64 -47.54 -27.11
NA CYC PB . 8.08 -47.05 -27.88
C1A CYC PB . 7.01 -46.78 -27.15
C2A CYC PB . 7.28 -45.67 -26.38
C3A CYC PB . 8.57 -45.28 -26.68
C4A CYC PB . 9.04 -46.17 -27.64
CMA CYC PB . 9.31 -44.06 -26.07
CAA CYC PB . 6.30 -45.00 -25.40
CBA CYC PB . 5.21 -44.17 -26.18
CGA CYC PB . 4.49 -43.17 -25.19
O1A CYC PB . 4.37 -43.54 -23.97
O2A CYC PB . 4.03 -42.05 -25.58
CHB CYC PB . 10.49 -46.21 -28.33
NB CYC PB . 10.67 -44.14 -29.75
C1B CYC PB . 11.08 -44.89 -28.76
C2B CYC PB . 12.19 -44.29 -28.21
C3B CYC PB . 12.39 -43.11 -28.91
C4B CYC PB . 11.42 -43.06 -29.86
CMB CYC PB . 13.02 -44.80 -27.04
CAB CYC PB . 13.54 -42.05 -28.66
CBB CYC PB . 13.04 -40.80 -27.99
OB CYC PB . 11.25 -41.99 -30.83
NC CYC PB . 5.69 -53.11 -30.82
C1C CYC PB . 5.80 -54.34 -31.72
C2C CYC PB . 6.33 -53.74 -33.14
C3C CYC PB . 6.95 -52.73 -32.76
C4C CYC PB . 5.89 -52.08 -31.64
CMC CYC PB . 7.31 -54.79 -33.87
CAC CYC PB . 7.24 -51.73 -33.96
CBC CYC PB . 8.68 -51.15 -33.93
OC CYC PB . 4.68 -54.86 -31.87
CHD CYC PB . 6.53 -50.91 -30.94
ND CYC PB . 6.28 -49.18 -29.09
C1D CYC PB . 5.74 -50.20 -29.76
C2D CYC PB . 4.47 -50.45 -29.19
C3D CYC PB . 4.30 -49.51 -28.18
C4D CYC PB . 5.45 -48.74 -28.15
CMD CYC PB . 3.35 -51.50 -29.52
CAD CYC PB . 3.08 -49.37 -27.27
CBD CYC PB . 3.37 -50.02 -25.90
CGD CYC PB . 2.13 -50.11 -25.02
O1D CYC PB . 1.49 -49.05 -24.74
O2D CYC PB . 1.76 -51.21 -24.57
CHA CYC QB . 24.24 -37.77 -60.60
NA CYC QB . 22.03 -37.08 -59.41
C1A CYC QB . 23.19 -36.77 -59.98
C2A CYC QB . 23.35 -35.40 -59.97
C3A CYC QB . 22.21 -34.89 -59.35
C4A CYC QB . 21.41 -35.98 -59.01
CMA CYC QB . 21.94 -33.38 -59.11
CAA CYC QB . 24.55 -34.61 -60.54
CBA CYC QB . 24.27 -33.96 -61.95
CGA CYC QB . 24.60 -32.40 -61.96
O1A CYC QB . 25.55 -31.96 -62.70
O2A CYC QB . 23.93 -31.59 -61.23
CHB CYC QB . 19.97 -35.97 -58.27
NB CYC QB . 20.94 -34.62 -56.38
C1B CYC QB . 19.92 -35.02 -57.09
C2B CYC QB . 18.80 -34.42 -56.61
C3B CYC QB . 19.20 -33.63 -55.53
C4B CYC QB . 20.56 -33.78 -55.44
CMB CYC QB . 17.37 -34.59 -57.13
CAB CYC QB . 18.30 -32.72 -54.62
CBB CYC QB . 18.32 -31.28 -55.06
OB CYC QB . 21.42 -33.15 -54.46
NC CYC QB . 22.42 -43.90 -59.24
C1C CYC QB . 21.48 -45.09 -59.18
C2C CYC QB . 20.79 -44.96 -57.72
C3C CYC QB . 20.82 -43.72 -57.42
C4C CYC QB . 21.75 -42.94 -58.61
CMC CYC QB . 19.27 -45.49 -57.81
CAC CYC QB . 21.45 -43.47 -55.99
CBC CYC QB . 21.14 -44.56 -54.94
OC CYC QB . 20.61 -44.98 -60.08
CHD CYC QB . 22.71 -41.99 -57.94
ND CYC QB . 23.28 -39.76 -59.14
C1D CYC QB . 23.50 -41.05 -58.96
C2D CYC QB . 24.58 -41.43 -59.79
C3D CYC QB . 24.96 -40.29 -60.48
C4D CYC QB . 24.13 -39.27 -60.04
CMD CYC QB . 25.24 -42.84 -59.95
CAD CYC QB . 26.09 -40.20 -61.52
CBD CYC QB . 27.48 -40.12 -60.86
CGD CYC QB . 27.87 -38.67 -60.52
O1D CYC QB . 28.55 -38.42 -59.49
O2D CYC QB . 27.49 -37.75 -61.27
CHA CYC RB . 6.28 -36.97 4.78
NA CYC RB . 4.47 -38.08 3.30
C1A CYC RB . 5.58 -37.40 3.45
C2A CYC RB . 6.06 -37.09 2.19
C3A CYC RB . 5.17 -37.65 1.28
C4A CYC RB . 4.17 -38.25 2.03
CMA CYC RB . 5.35 -37.54 -0.25
CAA CYC RB . 7.35 -36.32 1.79
CBA CYC RB . 7.57 -34.90 2.43
CGA CYC RB . 6.23 -34.13 2.79
O1A CYC RB . 6.15 -33.48 3.88
O2A CYC RB . 5.23 -34.17 1.99
CHB CYC RB . 2.86 -39.07 1.54
NB CYC RB . 2.27 -37.50 -0.38
C1B CYC RB . 2.11 -38.59 0.31
C2B CYC RB . 1.12 -39.31 -0.27
C3B CYC RB . 0.67 -38.58 -1.36
C4B CYC RB . 1.43 -37.45 -1.40
CMB CYC RB . 0.59 -40.66 0.20
CAB CYC RB . -0.48 -38.99 -2.35
CBB CYC RB . 0.03 -39.28 -3.74
OB CYC RB . 1.31 -36.39 -2.36
NC CYC RB . 5.17 -40.03 10.18
C1C CYC RB . 5.05 -40.79 11.50
C2C CYC RB . 3.44 -40.78 11.76
C3C CYC RB . 2.94 -40.89 10.61
C4C CYC RB . 4.09 -40.37 9.49
CMC CYC RB . 3.04 -42.05 12.65
CAC CYC RB . 1.62 -40.04 10.58
CBC CYC RB . 0.44 -40.91 10.11
OC CYC RB . 5.62 -40.16 12.42
CHD CYC RB . 3.57 -39.22 8.67
ND CYC RB . 4.73 -38.27 6.55
C1D CYC RB . 4.62 -38.34 7.87
C2D CYC RB . 5.58 -37.47 8.42
C3D CYC RB . 6.25 -36.91 7.36
C4D CYC RB . 5.70 -37.43 6.21
CMD CYC RB . 5.89 -37.12 9.91
CAD CYC RB . 7.39 -35.90 7.46
CBD CYC RB . 8.74 -36.62 7.58
CGD CYC RB . 9.90 -35.63 7.61
O1D CYC RB . 9.69 -34.39 7.48
O2D CYC RB . 11.07 -36.05 7.76
CHA CYC SB . -31.43 -46.35 0.76
NA CYC SB . -29.66 -44.65 0.00
C1A CYC SB . -30.78 -45.30 -0.21
C2A CYC SB . -31.30 -44.90 -1.42
C3A CYC SB . -30.40 -43.97 -1.93
C4A CYC SB . -29.37 -43.83 -0.99
CMA CYC SB . -30.64 -43.27 -3.29
CAA CYC SB . -32.61 -45.39 -2.07
CBA CYC SB . -33.89 -44.88 -1.31
CGA CYC SB . -35.23 -45.62 -1.75
O1A CYC SB . -36.05 -46.03 -0.85
O2A CYC SB . -35.49 -45.83 -2.98
CHB CYC SB . -28.00 -42.95 -0.92
NB CYC SB . -28.26 -41.52 -3.01
C1B CYC SB . -27.73 -41.78 -1.85
C2B CYC SB . -26.82 -40.80 -1.58
C3B CYC SB . -26.84 -39.93 -2.67
C4B CYC SB . -27.76 -40.42 -3.53
CMB CYC SB . -25.95 -40.69 -0.34
CAB CYC SB . -25.97 -38.62 -2.86
CBB CYC SB . -26.82 -37.38 -3.03
OB CYC SB . -28.14 -39.84 -4.81
NC CYC SB . -28.15 -48.85 5.21
C1C CYC SB . -27.63 -49.54 6.47
C2C CYC SB . -26.00 -49.40 6.39
C3C CYC SB . -25.80 -48.64 5.40
C4C CYC SB . -27.10 -48.99 4.39
CMC CYC SB . -25.44 -48.75 7.75
CAC CYC SB . -24.41 -48.99 4.71
CBC CYC SB . -23.69 -47.74 4.13
OC CYC SB . -28.04 -48.95 7.49
CHD CYC SB . -27.19 -48.08 3.20
ND CYC SB . -29.21 -47.02 2.01
C1D CYC SB . -28.60 -48.12 2.45
C2D CYC SB . -29.39 -49.22 2.10
C3D CYC SB . -30.51 -48.72 1.45
C4D CYC SB . -30.35 -47.35 1.42
CMD CYC SB . -29.15 -50.75 2.36
CAD CYC SB . -31.68 -49.52 0.88
CBD CYC SB . -31.53 -49.79 -0.63
CGD CYC SB . -32.63 -50.72 -1.17
O1D CYC SB . -32.31 -51.80 -1.77
O2D CYC SB . -33.82 -50.42 -1.04
CHA CYC TB . 16.21 -0.42 -24.08
NA CYC TB . 15.90 -1.34 -26.48
C1A CYC TB . 15.64 -1.32 -25.20
C2A CYC TB . 14.69 -2.28 -24.93
C3A CYC TB . 14.39 -2.88 -26.13
C4A CYC TB . 15.19 -2.26 -27.10
CMA CYC TB . 13.36 -4.02 -26.22
CAA CYC TB . 14.08 -2.59 -23.54
CBA CYC TB . 14.68 -3.88 -22.88
CGA CYC TB . 16.23 -3.74 -22.57
O1A CYC TB . 16.65 -2.79 -21.85
O2A CYC TB . 17.06 -4.57 -23.07
CHB CYC TB . 15.38 -2.43 -28.70
NB CYC TB . 13.83 -4.39 -29.12
C1B CYC TB . 14.71 -3.52 -29.49
C2B CYC TB . 14.94 -3.74 -30.82
C3B CYC TB . 14.15 -4.81 -31.20
C4B CYC TB . 13.47 -5.17 -30.09
CMB CYC TB . 15.92 -2.97 -31.70
CAB CYC TB . 14.04 -5.46 -32.64
CBB CYC TB . 14.18 -6.96 -32.59
OB CYC TB . 12.52 -6.24 -29.97
NC CYC TB . 19.16 4.90 -26.18
C1C CYC TB . 20.55 5.44 -26.45
C2C CYC TB . 20.63 5.54 -28.06
C3C CYC TB . 19.78 4.71 -28.50
C4C CYC TB . 18.88 4.11 -27.21
CMC CYC TB . 20.23 7.04 -28.45
CAC CYC TB . 20.50 3.55 -29.30
CBC CYC TB . 21.29 4.07 -30.51
OC CYC TB . 20.62 6.61 -26.01
CHD CYC TB . 19.23 2.68 -26.93
ND CYC TB . 17.64 1.04 -25.74
C1D CYC TB . 18.52 2.02 -25.67
C2D CYC TB . 18.74 2.32 -24.31
C3D CYC TB . 17.93 1.47 -23.59
C4D CYC TB . 17.26 0.70 -24.52
CMD CYC TB . 19.69 3.36 -23.66
CAD CYC TB . 17.79 1.42 -22.07
CBD CYC TB . 16.54 2.18 -21.63
CGD CYC TB . 16.26 1.96 -20.15
O1D CYC TB . 15.87 0.83 -19.74
O2D CYC TB . 16.40 2.89 -19.35
CHA CYC UB . 31.26 -12.70 -58.41
NA CYC UB . 30.77 -13.33 -55.94
C1A CYC UB . 31.40 -13.52 -57.08
C2A CYC UB . 32.26 -14.60 -56.92
C3A CYC UB . 32.11 -15.03 -55.61
C4A CYC UB . 31.14 -14.21 -55.02
CMA CYC UB . 32.87 -16.23 -54.97
CAA CYC UB . 33.23 -15.21 -57.98
CBA CYC UB . 32.52 -15.83 -59.23
CGA CYC UB . 33.09 -15.23 -60.60
O1A CYC UB . 33.40 -15.99 -61.57
O2A CYC UB . 33.25 -13.95 -60.71
CHB CYC UB . 30.55 -14.22 -53.50
NB CYC UB . 30.12 -16.72 -53.45
C1B CYC UB . 30.26 -15.57 -52.86
C2B CYC UB . 30.10 -15.76 -51.52
C3B CYC UB . 29.85 -17.10 -51.33
C4B CYC UB . 29.88 -17.67 -52.57
CMB CYC UB . 30.18 -14.70 -50.42
CAB CYC UB . 29.59 -17.84 -49.96
CBB CYC UB . 30.85 -18.44 -49.39
OB CYC UB . 29.66 -19.07 -52.85
NC CYC UB . 31.75 -6.50 -57.07
C1C CYC UB . 31.77 -5.01 -56.76
C2C CYC UB . 31.18 -4.85 -55.26
C3C CYC UB . 31.11 -6.00 -54.76
C4C CYC UB . 31.54 -7.14 -55.93
CMC CYC UB . 32.22 -3.96 -54.39
CAC CYC UB . 29.65 -6.30 -54.20
CBC CYC UB . 28.92 -5.07 -53.60
OC CYC UB . 32.94 -4.58 -56.81
CHD CYC UB . 30.39 -8.11 -56.09
ND CYC UB . 30.88 -10.50 -57.00
C1D CYC UB . 30.59 -9.22 -57.22
C2D CYC UB . 30.42 -9.04 -58.59
C3D CYC UB . 30.65 -10.27 -59.19
C4D CYC UB . 30.93 -11.15 -58.17
CMD CYC UB . 30.05 -7.73 -59.37
CAD CYC UB . 30.60 -10.56 -60.69
CBD CYC UB . 29.18 -10.83 -61.22
CGD CYC UB . 29.18 -12.07 -62.12
O1D CYC UB . 28.77 -12.00 -63.31
O2D CYC UB . 29.61 -13.15 -61.67
CHA CYC VB . -9.15 -17.49 -37.57
NA CYC VB . -10.73 -17.81 -35.58
C1A CYC VB . -9.58 -17.45 -36.08
C2A CYC VB . -8.75 -17.05 -35.06
C3A CYC VB . -9.48 -17.16 -33.90
C4A CYC VB . -10.73 -17.66 -34.26
CMA CYC VB . -8.87 -16.78 -32.53
CAA CYC VB . -7.30 -16.55 -35.22
CBA CYC VB . -6.27 -17.73 -35.03
CGA CYC VB . -6.47 -18.87 -36.11
O1A CYC VB . -6.13 -18.66 -37.32
O2A CYC VB . -6.96 -20.00 -35.79
CHB CYC VB . -12.08 -18.03 -33.46
NB CYC VB . -11.33 -17.58 -31.08
C1B CYC VB . -12.10 -18.16 -31.96
C2B CYC VB . -13.02 -18.89 -31.29
C3B CYC VB . -12.74 -18.74 -29.95
C4B CYC VB . -11.67 -17.92 -29.86
CMB CYC VB . -14.12 -19.72 -31.94
CAB CYC VB . -13.50 -19.41 -28.74
CBB CYC VB . -12.79 -20.62 -28.23
OB CYC VB . -11.02 -17.47 -28.66
NC CYC VB . -13.93 -18.28 -42.29
C1C CYC VB . -14.86 -17.63 -43.27
C2C CYC VB . -16.26 -17.90 -42.50
C3C CYC VB . -15.96 -17.84 -41.27
C4C CYC VB . -14.28 -17.70 -41.15
CMC CYC VB . -17.28 -16.74 -42.93
CAC CYC VB . -16.48 -19.13 -40.51
CBC CYC VB . -17.91 -19.55 -40.92
OC CYC VB . -14.65 -16.40 -43.31
CHD CYC VB . -13.68 -18.44 -39.99
ND CYC VB . -11.57 -17.96 -38.57
C1D CYC VB . -12.12 -18.17 -39.76
C2D CYC VB . -11.06 -18.13 -40.71
C3D CYC VB . -9.91 -17.88 -40.01
C4D CYC VB . -10.27 -17.77 -38.68
CMD CYC VB . -11.01 -18.31 -42.25
CAD CYC VB . -8.52 -17.73 -40.61
CBD CYC VB . -8.18 -16.23 -40.70
CGD CYC VB . -6.82 -15.93 -41.33
O1D CYC VB . -5.94 -16.83 -41.45
O2D CYC VB . -6.59 -14.78 -41.74
CHA CYC WB . -38.23 -39.33 -22.59
NA CYC WB . -35.67 -39.11 -22.74
C1A CYC WB . -36.75 -39.49 -22.11
C2A CYC WB . -36.38 -40.08 -20.92
C3A CYC WB . -34.99 -40.03 -20.88
C4A CYC WB . -34.58 -39.39 -22.06
CMA CYC WB . -34.17 -40.58 -19.70
CAA CYC WB . -37.32 -40.68 -19.85
CBA CYC WB . -37.68 -42.19 -20.12
CGA CYC WB . -38.35 -42.45 -21.53
O1A CYC WB . -37.69 -43.03 -22.46
O2A CYC WB . -39.55 -42.08 -21.76
CHB CYC WB . -33.13 -39.01 -22.68
NB CYC WB . -31.54 -39.57 -20.77
C1B CYC WB . -31.81 -39.29 -22.00
C2B CYC WB . -30.63 -39.25 -22.70
C3B CYC WB . -29.63 -39.54 -21.80
C4B CYC WB . -30.24 -39.73 -20.60
CMB CYC WB . -30.47 -38.95 -24.18
CAB CYC WB . -28.08 -39.63 -22.12
CBB CYC WB . -27.43 -40.90 -21.65
OB CYC WB . -29.57 -40.06 -19.36
NC CYC WB . -39.49 -35.90 -27.55
C1C CYC WB . -39.85 -35.12 -28.81
C2C CYC WB . -38.66 -34.02 -28.99
C3C CYC WB . -37.66 -34.48 -28.39
C4C CYC WB . -38.18 -35.75 -27.38
CMC CYC WB . -38.32 -33.91 -30.54
CAC CYC WB . -36.96 -33.35 -27.53
CBC CYC WB . -35.76 -32.68 -28.23
OC CYC WB . -39.84 -35.88 -29.80
CHD CYC WB . -37.85 -35.37 -25.96
ND CYC WB . -37.76 -37.41 -24.34
C1D CYC WB . -38.43 -36.41 -24.90
C2D CYC WB . -39.73 -36.38 -24.37
C3D CYC WB . -39.81 -37.43 -23.47
C4D CYC WB . -38.56 -38.05 -23.49
CMD CYC WB . -40.87 -35.39 -24.71
CAD CYC WB . -41.03 -37.85 -22.63
CBD CYC WB . -40.86 -37.54 -21.14
CGD CYC WB . -41.41 -36.15 -20.76
O1D CYC WB . -42.05 -35.48 -21.62
O2D CYC WB . -41.23 -35.70 -19.62
CHA CYC XB . -8.75 -7.83 -4.31
NA CYC XB . -6.57 -6.58 -3.66
C1A CYC XB . -7.30 -7.29 -4.49
C2A CYC XB . -6.56 -7.55 -5.61
C3A CYC XB . -5.33 -6.96 -5.42
C4A CYC XB . -5.39 -6.34 -4.18
CMA CYC XB . -4.20 -7.00 -6.48
CAA CYC XB . -6.99 -8.37 -6.83
CBA CYC XB . -6.42 -9.82 -6.71
CGA CYC XB . -7.60 -10.77 -6.37
O1A CYC XB . -8.80 -10.34 -6.48
O2A CYC XB . -7.40 -11.97 -5.99
CHB CYC XB . -4.30 -5.45 -3.40
NB CYC XB . -2.39 -6.88 -4.16
C1B CYC XB . -2.85 -5.84 -3.57
C2B CYC XB . -1.83 -5.11 -3.10
C3B CYC XB . -0.68 -5.78 -3.46
C4B CYC XB . -1.08 -6.90 -4.12
CMB CYC XB . -1.95 -3.81 -2.32
CAB CYC XB . 0.82 -5.40 -3.16
CBB CYC XB . 1.32 -4.34 -4.08
OB CYC XB . -0.22 -7.90 -4.68
NC CYC XB . -12.68 -4.40 -0.21
C1C CYC XB . -13.50 -3.30 0.42
C2C CYC XB . -12.45 -2.77 1.52
C3C CYC XB . -11.36 -2.74 0.90
C4C CYC XB . -11.50 -3.84 -0.39
CMC CYC XB . -13.00 -1.31 1.90
CAC CYC XB . -10.14 -3.13 1.81
CBC CYC XB . -9.75 -2.04 2.84
OC CYC XB . -14.50 -3.76 0.98
CHD CYC XB . -10.42 -4.87 -0.35
ND CYC XB . -9.38 -6.21 -2.30
C1D CYC XB . -10.42 -5.96 -1.52
C2D CYC XB . -11.45 -6.85 -1.92
C3D CYC XB . -10.94 -7.60 -2.96
C4D CYC XB . -9.66 -7.17 -3.17
CMD CYC XB . -12.89 -7.07 -1.37
CAD CYC XB . -11.68 -8.70 -3.72
CBD CYC XB . -12.77 -8.20 -4.66
CGD CYC XB . -13.62 -9.38 -5.14
O1D CYC XB . -13.35 -10.53 -4.73
O2D CYC XB . -14.55 -9.18 -5.93
CHA CYC YB . 17.32 2.84 22.48
NA CYC YB . 16.61 1.05 20.77
C1A CYC YB . 17.54 1.66 21.47
C2A CYC YB . 18.76 1.09 21.18
C3A CYC YB . 18.51 0.10 20.24
C4A CYC YB . 17.13 0.10 20.01
CMA CYC YB . 19.64 -0.78 19.66
CAA CYC YB . 20.15 1.45 21.75
CBA CYC YB . 20.27 1.18 23.29
CGA CYC YB . 20.83 2.47 24.04
O1A CYC YB . 20.03 3.37 24.44
O2A CYC YB . 22.09 2.59 24.24
CHB CYC YB . 16.16 -0.79 19.05
NB CYC YB . 17.81 -2.43 17.99
C1B CYC YB . 16.61 -2.05 18.34
C2B CYC YB . 15.74 -3.01 17.92
C3B CYC YB . 16.49 -4.01 17.31
C4B CYC YB . 17.78 -3.60 17.37
CMB CYC YB . 14.23 -3.01 18.11
CAB CYC YB . 15.95 -5.35 16.67
CBB CYC YB . 16.58 -6.57 17.28
OB CYC YB . 18.92 -4.32 16.85
NC CYC YB . 11.85 6.31 22.11
C1C CYC YB . 10.42 6.70 22.36
C2C CYC YB . 9.60 5.96 21.16
C3C CYC YB . 10.32 4.99 20.78
C4C CYC YB . 11.77 5.07 21.62
CMC CYC YB . 8.23 5.40 21.77
CAC CYC YB . 10.61 5.05 19.23
CBC CYC YB . 9.41 5.49 18.37
OC CYC YB . 10.05 6.23 23.47
CHD CYC YB . 12.88 4.81 20.65
ND CYC YB . 15.00 3.60 21.49
C1D CYC YB . 14.33 4.71 21.32
C2D CYC YB . 15.10 5.79 21.77
C3D CYC YB . 16.29 5.24 22.25
C4D CYC YB . 16.17 3.86 22.05
CMD CYC YB . 14.76 7.31 21.76
CAD CYC YB . 17.48 5.98 22.87
CBD CYC YB . 18.62 6.23 21.86
CGD CYC YB . 18.70 7.72 21.46
O1D CYC YB . 17.87 8.55 21.94
O2D CYC YB . 19.59 8.11 20.68
CHA CYC ZB . -115.62 -39.71 15.91
NA CYC ZB . -113.84 -41.56 15.36
C1A CYC ZB . -114.23 -40.43 15.93
C2A CYC ZB . -113.16 -39.89 16.63
C3A CYC ZB . -112.09 -40.77 16.44
C4A CYC ZB . -112.55 -41.82 15.63
CMA CYC ZB . -110.68 -40.57 17.05
CAA CYC ZB . -113.13 -38.58 17.44
CBA CYC ZB . -112.33 -37.47 16.66
CGA CYC ZB . -113.19 -36.58 15.65
O1A CYC ZB . -113.04 -35.30 15.60
O2A CYC ZB . -114.02 -37.16 14.87
CHB CYC ZB . -111.72 -43.12 15.10
NB CYC ZB . -109.64 -41.78 14.52
C1B CYC ZB . -110.24 -42.91 14.81
C2B CYC ZB . -109.28 -43.89 14.81
C3B CYC ZB . -108.06 -43.27 14.51
C4B CYC ZB . -108.34 -41.94 14.35
CMB CYC ZB . -109.48 -45.37 15.07
CAB CYC ZB . -106.64 -43.97 14.39
CBB CYC ZB . -106.12 -44.49 15.69
OB CYC ZB . -107.38 -40.92 14.02
NC CYC ZB . -121.20 -43.63 14.43
C1C CYC ZB . -122.13 -44.82 14.23
C2C CYC ZB . -121.15 -45.90 13.52
C3C CYC ZB . -120.02 -45.72 14.07
C4C CYC ZB . -120.01 -44.17 14.74
CMC CYC ZB . -121.72 -47.38 13.79
CAC CYC ZB . -118.86 -45.85 12.99
CBC CYC ZB . -118.43 -47.30 12.64
OC CYC ZB . -123.08 -44.54 13.46
CHD CYC ZB . -118.90 -43.38 14.10
ND CYC ZB . -117.09 -41.72 14.94
C1D CYC ZB . -118.38 -42.01 14.77
C2D CYC ZB . -119.14 -40.90 15.20
C3D CYC ZB . -118.22 -39.96 15.68
C4D CYC ZB . -116.95 -40.52 15.50
CMD CYC ZB . -120.69 -40.70 15.21
CAD CYC ZB . -118.52 -38.57 16.28
CBD CYC ZB . -119.14 -38.61 17.69
CGD CYC ZB . -119.47 -37.20 18.19
O1D CYC ZB . -119.29 -36.20 17.43
O2D CYC ZB . -119.93 -37.03 19.33
CHA CYC AC . -105.43 -0.28 51.53
NA CYC AC . -103.12 -1.35 51.04
C1A CYC AC . -104.44 -1.41 51.11
C2A CYC AC . -104.84 -2.68 50.72
C3A CYC AC . -103.68 -3.38 50.41
C4A CYC AC . -102.61 -2.51 50.64
CMA CYC AC . -103.62 -4.85 49.92
CAA CYC AC . -106.31 -3.18 50.65
CBA CYC AC . -106.63 -4.49 51.47
CGA CYC AC . -106.44 -4.32 53.04
O1A CYC AC . -107.26 -4.88 53.84
O2A CYC AC . -105.47 -3.62 53.50
CHB CYC AC . -101.02 -2.78 50.44
NB CYC AC . -101.16 -4.91 51.79
C1B CYC AC . -100.61 -4.19 50.84
C2B CYC AC . -99.61 -4.92 50.26
C3B CYC AC . -99.58 -6.14 50.91
C4B CYC AC . -100.57 -6.09 51.87
CMB CYC AC . -98.70 -4.47 49.12
CAB CYC AC . -98.60 -7.34 50.63
CBB CYC AC . -97.94 -7.84 51.89
OB CYC AC . -100.91 -7.15 52.79
NC CYC AC . -103.24 5.14 51.04
C1C CYC AC . -103.03 6.63 51.28
C2C CYC AC . -101.63 6.66 52.12
C3C CYC AC . -100.93 5.84 51.48
C4C CYC AC . -102.01 4.61 51.06
CMC CYC AC . -100.99 8.12 52.11
CAC CYC AC . -99.79 5.29 52.43
CBC CYC AC . -98.35 5.55 51.93
OC CYC AC . -102.87 7.22 50.18
CHD CYC AC . -101.94 3.54 52.11
ND CYC AC . -103.53 1.53 51.68
C1D CYC AC . -103.28 2.70 52.25
C2D CYC AC . -104.39 3.05 53.04
C3D CYC AC . -105.34 2.03 52.88
C4D CYC AC . -104.75 1.09 52.02
CMD CYC AC . -104.56 4.34 53.90
CAD CYC AC . -106.72 1.98 53.55
CBD CYC AC . -107.92 1.76 52.60
CGD CYC AC . -108.97 0.84 53.24
O1D CYC AC . -108.82 -0.42 53.20
O2D CYC AC . -110.00 1.33 53.76
CHA CYC BC . -52.41 -34.56 15.21
NA CYC BC . -53.85 -33.38 17.01
C1A CYC BC . -53.63 -33.75 15.75
C2A CYC BC . -54.67 -33.31 14.96
C3A CYC BC . -55.54 -32.64 15.81
C4A CYC BC . -54.98 -32.69 17.09
CMA CYC BC . -56.86 -31.97 15.36
CAA CYC BC . -54.83 -33.52 13.44
CBA CYC BC . -54.33 -32.24 12.67
CGA CYC BC . -53.04 -32.54 11.78
O1A CYC BC . -53.04 -32.19 10.55
O2A CYC BC . -52.02 -33.10 12.30
CHB CYC BC . -55.55 -32.11 18.47
NB CYC BC . -56.15 -29.83 17.48
C1B CYC BC . -55.92 -30.64 18.48
C2B CYC BC . -56.08 -29.93 19.64
C3B CYC BC . -56.42 -28.64 19.27
C4B CYC BC . -56.45 -28.62 17.91
CMB CYC BC . -55.91 -30.48 21.03
CAB CYC BC . -56.71 -27.45 20.28
CBB CYC BC . -57.71 -26.44 19.78
OB CYC BC . -56.76 -27.50 17.06
NC CYC BC . -49.20 -38.22 19.74
C1C CYC BC . -48.78 -39.38 20.61
C2C CYC BC . -49.29 -38.88 22.08
C3C CYC BC . -50.27 -38.09 21.85
C4C CYC BC . -50.44 -38.05 20.17
CMC CYC BC . -49.72 -40.15 22.95
CAC CYC BC . -49.96 -36.64 22.39
CBC CYC BC . -49.24 -36.64 23.77
OC CYC BC . -47.53 -39.47 20.61
CHD CYC BC . -50.98 -36.74 19.68
ND CYC BC . -51.72 -35.53 17.57
C1D CYC BC . -51.23 -36.64 18.11
C2D CYC BC . -51.03 -37.57 17.05
C3D CYC BC . -51.44 -36.93 15.89
C4D CYC BC . -51.85 -35.65 16.25
CMD CYC BC . -50.51 -39.05 17.02
CAD CYC BC . -51.43 -37.50 14.47
CBD CYC BC . -52.75 -38.22 14.14
CGD CYC BC . -52.83 -38.56 12.65
O1D CYC BC . -53.46 -39.58 12.28
O2D CYC BC . -52.27 -37.83 11.81
CHA CYC CC . -68.53 -54.48 30.40
NA CYC CC . -69.85 -54.77 28.16
C1A CYC CC . -69.71 -54.30 29.39
C2A CYC CC . -70.85 -53.59 29.72
C3A CYC CC . -71.68 -53.63 28.61
C4A CYC CC . -71.02 -54.40 27.64
CMA CYC CC . -73.06 -52.93 28.56
CAA CYC CC . -71.13 -52.86 31.05
CBA CYC CC . -72.01 -53.74 32.04
CGA CYC CC . -71.28 -55.10 32.42
O1A CYC CC . -70.72 -55.21 33.56
O2A CYC CC . -71.25 -56.06 31.58
CHB CYC CC . -71.49 -54.79 26.14
NB CYC CC . -73.87 -55.27 26.88
C1B CYC CC . -72.99 -55.01 25.95
C2B CYC CC . -73.64 -54.99 24.75
C3B CYC CC . -74.98 -55.24 25.02
C4B CYC CC . -75.08 -55.41 26.37
CMB CYC CC . -73.03 -54.73 23.38
CAB CYC CC . -76.15 -55.32 23.98
CBB CYC CC . -76.81 -56.67 23.99
OB CYC CC . -76.28 -55.69 27.11
NC CYC CC . -62.84 -55.34 27.35
C1C CYC CC . -61.86 -56.46 26.99
C2C CYC CC . -62.14 -56.73 25.41
C3C CYC CC . -63.25 -56.18 25.13
C4C CYC CC . -63.89 -55.53 26.56
CMC CYC CC . -60.95 -56.09 24.54
CAC CYC CC . -64.20 -57.27 24.50
CBC CYC CC . -64.03 -57.37 22.96
OC CYC CC . -62.09 -57.50 27.66
CHD CYC CC . -64.90 -56.45 27.19
ND CYC CC . -66.87 -55.48 28.58
C1D CYC CC . -65.59 -55.86 28.51
C2D CYC CC . -65.00 -55.68 29.78
C3D CYC CC . -65.99 -55.16 30.61
C4D CYC CC . -67.14 -55.04 29.82
CMD CYC CC . -63.54 -55.98 30.25
CAD CYC CC . -65.84 -54.78 32.09
CBD CYC CC . -65.97 -53.26 32.36
CGD CYC CC . -64.76 -52.71 33.13
O1D CYC CC . -63.95 -53.49 33.71
O2D CYC CC . -64.57 -51.47 33.17
CHA CYC DC . -111.85 -29.59 -19.83
NA CYC DC . -110.36 -31.26 -18.53
C1A CYC DC . -110.79 -30.04 -18.78
C2A CYC DC . -110.13 -29.16 -17.95
C3A CYC DC . -109.28 -29.93 -17.17
C4A CYC DC . -109.44 -31.24 -17.59
CMA CYC DC . -108.36 -29.31 -16.09
CAA CYC DC . -110.32 -27.63 -17.88
CBA CYC DC . -109.28 -26.85 -18.74
CGA CYC DC . -109.82 -26.62 -20.21
O1A CYC DC . -110.70 -25.71 -20.43
O2A CYC DC . -109.41 -27.35 -21.16
CHB CYC DC . -108.71 -32.58 -17.04
NB CYC DC . -106.46 -31.45 -16.99
C1B CYC DC . -107.21 -32.51 -16.90
C2B CYC DC . -106.41 -33.58 -16.67
C3B CYC DC . -105.10 -33.10 -16.60
C4B CYC DC . -105.20 -31.75 -16.80
CMB CYC DC . -106.84 -35.02 -16.50
CAB CYC DC . -103.81 -33.95 -16.33
CBB CYC DC . -102.91 -33.32 -15.32
OB CYC DC . -104.11 -30.80 -16.83
NC CYC DC . -115.73 -34.69 -22.21
C1C CYC DC . -116.86 -35.68 -22.33
C2C CYC DC . -116.44 -36.84 -21.27
C3C CYC DC . -115.74 -36.27 -20.40
C4C CYC DC . -115.56 -34.67 -20.90
CMC CYC DC . -117.78 -37.42 -20.61
CAC CYC DC . -114.33 -36.97 -20.27
CBC CYC DC . -114.42 -38.43 -19.78
OC CYC DC . -117.92 -35.15 -21.93
CHD CYC DC . -114.18 -34.16 -20.58
ND CYC DC . -112.87 -32.01 -20.15
C1D CYC DC . -114.01 -32.57 -20.51
C2D CYC DC . -114.94 -31.52 -20.79
C3D CYC DC . -114.25 -30.34 -20.57
C4D CYC DC . -112.97 -30.69 -20.17
CMD CYC DC . -116.43 -31.53 -21.25
CAD CYC DC . -114.79 -28.92 -20.72
CBD CYC DC . -115.15 -28.34 -19.34
CGD CYC DC . -115.71 -26.93 -19.48
O1D CYC DC . -116.73 -26.58 -18.82
O2D CYC DC . -115.15 -26.13 -20.26
CHA CYC EC . -129.58 -41.48 1.38
NA CYC EC . -129.15 -39.04 2.06
C1A CYC EC . -128.81 -40.32 2.09
C2A CYC EC . -127.67 -40.45 2.86
C3A CYC EC . -127.34 -39.17 3.28
C4A CYC EC . -128.30 -38.31 2.76
CMA CYC EC . -126.12 -38.82 4.17
CAA CYC EC . -126.90 -41.76 3.18
CBA CYC EC . -127.70 -42.78 4.07
CGA CYC EC . -127.56 -44.26 3.49
O1A CYC EC . -127.98 -45.25 4.19
O2A CYC EC . -127.03 -44.47 2.35
CHB CYC EC . -128.40 -36.70 2.93
NB CYC EC . -128.34 -37.01 5.43
C1B CYC EC . -128.51 -36.27 4.37
C2B CYC EC . -128.82 -35.01 4.79
C3B CYC EC . -128.81 -35.04 6.18
C4B CYC EC . -128.50 -36.32 6.53
CMB CYC EC . -129.11 -33.79 3.91
CAB CYC EC . -129.11 -33.82 7.14
CBB CYC EC . -128.07 -33.68 8.21
OB CYC EC . -128.37 -36.84 7.88
NC CYC EC . -131.44 -39.73 -4.96
C1C CYC EC . -132.81 -39.26 -5.46
C2C CYC EC . -132.69 -37.64 -5.50
C3C CYC EC . -131.64 -37.33 -4.87
C4C CYC EC . -130.95 -38.73 -4.23
CMC CYC EC . -132.56 -37.22 -7.04
CAC CYC EC . -131.96 -36.29 -3.72
CBC CYC EC . -132.06 -34.85 -4.26
OC CYC EC . -133.71 -39.63 -4.66
CHD CYC EC . -131.32 -38.89 -2.77
ND CYC EC . -130.51 -39.99 -0.61
C1D CYC EC . -130.66 -40.08 -1.92
C2D CYC EC . -130.18 -41.36 -2.33
C3D CYC EC . -129.72 -42.00 -1.18
C4D CYC EC . -129.96 -41.11 -0.13
CMD CYC EC . -130.07 -42.05 -3.73
CAD CYC EC . -129.11 -43.41 -1.07
CBD CYC EC . -127.68 -43.61 -1.59
CGD CYC EC . -127.42 -45.10 -1.80
O1D CYC EC . -126.55 -45.50 -2.64
O2D CYC EC . -128.06 -45.96 -1.16
CHA CYC FC . -97.53 17.99 28.03
NA CYC FC . -99.25 16.22 27.30
C1A CYC FC . -98.01 16.63 27.45
C2A CYC FC . -97.17 15.65 26.96
C3A CYC FC . -97.98 14.61 26.51
C4A CYC FC . -99.30 15.02 26.74
CMA CYC FC . -97.47 13.30 25.90
CAA CYC FC . -95.63 15.68 26.91
CBA CYC FC . -95.12 16.50 25.66
CGA CYC FC . -94.33 17.80 26.09
O1A CYC FC . -94.97 18.87 26.37
O2A CYC FC . -93.06 17.77 26.19
CHB CYC FC . -100.67 14.22 26.44
NB CYC FC . -99.91 13.82 24.09
C1B CYC FC . -100.84 13.85 24.98
C2B CYC FC . -102.01 13.48 24.39
C3B CYC FC . -101.72 13.22 23.07
C4B CYC FC . -100.38 13.44 22.92
CMB CYC FC . -103.38 13.38 25.04
CAB CYC FC . -102.74 12.77 21.96
CBB CYC FC . -102.43 11.40 21.42
OB CYC FC . -99.62 13.30 21.70
NC CYC FC . -101.43 20.40 32.12
C1C CYC FC . -101.66 20.42 33.63
C2C CYC FC . -103.17 19.82 33.71
C3C CYC FC . -103.23 18.95 32.79
C4C CYC FC . -101.89 19.21 31.79
CMC CYC FC . -103.46 19.23 35.18
CAC CYC FC . -104.54 19.21 31.95
CBC CYC FC . -105.68 18.22 32.31
OC CYC FC . -101.66 21.60 34.04
CHD CYC FC . -100.82 18.19 32.07
ND CYC FC . -99.34 17.93 29.94
C1D CYC FC . -99.53 18.44 31.15
C2D CYC FC . -98.43 19.23 31.48
C3D CYC FC . -97.54 19.17 30.40
C4D CYC FC . -98.18 18.35 29.45
CMD CYC FC . -98.18 20.03 32.80
CAD CYC FC . -96.19 19.86 30.24
CBD CYC FC . -95.06 19.30 31.15
CGD CYC FC . -95.05 17.77 31.25
O1D CYC FC . -95.39 17.08 30.25
O2D CYC FC . -94.71 17.23 32.31
CHA CYC GC . -106.28 -20.04 42.05
NA CYC GC . -108.34 -19.76 40.53
C1A CYC GC . -107.16 -20.27 40.77
C2A CYC GC . -106.79 -21.06 39.69
C3A CYC GC . -107.85 -21.00 38.78
C4A CYC GC . -108.81 -20.15 39.35
CMA CYC GC . -107.92 -21.72 37.42
CAA CYC GC . -105.47 -21.87 39.55
CBA CYC GC . -104.54 -21.38 38.37
CGA CYC GC . -103.94 -19.92 38.57
O1A CYC GC . -104.46 -19.13 39.43
O2A CYC GC . -102.95 -19.54 37.85
CHB CYC GC . -110.25 -19.71 38.75
NB CYC GC . -109.20 -18.63 36.74
C1B CYC GC . -110.13 -19.37 37.28
C2B CYC GC . -110.96 -19.82 36.28
C3B CYC GC . -110.48 -19.28 35.10
C4B CYC GC . -109.38 -18.54 35.43
CMB CYC GC . -112.18 -20.72 36.46
CAB CYC GC . -111.08 -19.47 33.64
CBB CYC GC . -110.48 -20.64 32.92
OB CYC GC . -108.55 -17.79 34.50
NC CYC GC . -109.11 -17.72 47.00
C1C CYC GC . -109.56 -16.59 47.93
C2C CYC GC . -111.18 -16.54 47.80
C3C CYC GC . -111.49 -17.23 46.78
C4C CYC GC . -110.08 -17.88 46.10
CMC CYC GC . -111.84 -17.17 49.12
CAC CYC GC . -112.27 -16.32 45.73
CBC CYC GC . -113.68 -15.91 46.23
OC CYC GC . -109.07 -15.49 47.57
CHD CYC GC . -109.73 -17.21 44.79
ND CYC GC . -108.22 -18.76 43.31
C1D CYC GC . -108.36 -17.78 44.21
C2D CYC GC . -107.08 -17.33 44.55
C3D CYC GC . -106.16 -18.08 43.82
C4D CYC GC . -106.93 -18.97 43.05
CMD CYC GC . -106.73 -16.20 45.56
CAD CYC GC . -104.63 -17.97 43.86
CBD CYC GC . -104.00 -18.92 44.89
CGD CYC GC . -102.47 -18.74 44.99
O1D CYC GC . -101.86 -18.02 44.15
O2D CYC GC . -101.85 -19.29 45.91
CHA CYC HC . -134.92 1.12 24.51
NA CYC HC . -132.40 1.14 24.99
C1A CYC HC . -133.46 1.66 24.39
C2A CYC HC . -133.05 2.76 23.65
C3A CYC HC . -131.67 2.85 23.84
C4A CYC HC . -131.31 1.81 24.68
CMA CYC HC . -130.75 3.93 23.20
CAA CYC HC . -133.93 3.69 22.77
CBA CYC HC . -134.96 4.57 23.58
CGA CYC HC . -135.99 5.30 22.61
O1A CYC HC . -137.25 5.27 22.86
O2A CYC HC . -135.57 5.89 21.56
CHB CYC HC . -129.84 1.45 25.24
NB CYC HC . -129.07 1.25 22.83
C1B CYC HC . -128.90 1.06 24.12
C2B CYC HC . -127.70 0.41 24.29
C3B CYC HC . -127.16 0.24 23.03
C4B CYC HC . -128.04 0.79 22.15
CMB CYC HC . -127.09 -0.03 25.61
CAB CYC HC . -125.78 -0.45 22.70
CBB CYC HC . -124.63 0.46 23.02
OB CYC HC . -127.88 0.84 20.72
NC CYC HC . -135.51 0.30 31.32
C1C CYC HC . -135.15 0.62 32.77
C2C CYC HC . -133.53 0.74 32.80
C3C CYC HC . -133.15 0.23 31.71
C4C CYC HC . -134.39 0.53 30.62
CMC CYC HC . -133.07 2.28 32.88
CAC CYC HC . -132.99 -1.34 31.94
CBC CYC HC . -132.12 -1.69 33.17
OC CYC HC . -135.56 -0.31 33.53
CHD CYC HC . -134.33 -0.43 29.47
ND CYC HC . -134.38 0.32 26.99
C1D CYC HC . -135.03 0.09 28.13
C2D CYC HC . -136.40 0.36 27.92
C3D CYC HC . -136.53 0.77 26.60
C4D CYC HC . -135.25 0.73 26.04
CMD CYC HC . -137.59 0.26 28.92
CAD CYC HC . -137.82 1.18 25.86
CBD CYC HC . -138.37 0.00 25.03
CGD CYC HC . -139.52 -0.75 25.74
O1D CYC HC . -139.26 -1.64 26.59
O2D CYC HC . -140.69 -0.47 25.47
CHA CYC IC . -86.39 -45.17 31.43
NA CYC IC . -86.40 -43.43 33.36
C1A CYC IC . -86.73 -43.81 32.14
C2A CYC IC . -87.47 -42.79 31.55
C3A CYC IC . -87.55 -41.78 32.51
C4A CYC IC . -86.86 -42.23 33.64
CMA CYC IC . -88.27 -40.43 32.30
CAA CYC IC . -88.07 -42.79 30.12
CBA CYC IC . -87.35 -41.81 29.12
CGA CYC IC . -85.94 -42.36 28.66
O1A CYC IC . -85.70 -43.61 28.72
O2A CYC IC . -85.04 -41.56 28.23
CHB CYC IC . -86.60 -41.53 35.07
NB CYC IC . -87.89 -39.37 35.36
C1B CYC IC . -86.77 -40.01 35.12
C2B CYC IC . -85.78 -39.11 34.93
C3B CYC IC . -86.36 -37.86 35.07
C4B CYC IC . -87.68 -38.07 35.33
CMB CYC IC . -84.32 -39.42 34.62
CAB CYC IC . -85.61 -36.46 34.92
CBB CYC IC . -85.50 -35.71 36.21
OB CYC IC . -88.68 -37.05 35.55
NC CYC IC . -83.86 -48.87 35.64
C1C CYC IC . -82.94 -49.92 36.26
C2C CYC IC . -81.62 -49.07 36.66
C3C CYC IC . -82.14 -48.03 37.14
C4C CYC IC . -83.41 -47.68 36.09
CMC CYC IC . -80.76 -49.83 37.77
CAC CYC IC . -81.09 -46.84 37.16
CBC CYC IC . -81.42 -45.80 38.25
OC CYC IC . -82.66 -50.82 35.43
CHD CYC IC . -82.92 -46.81 34.98
ND CYC IC . -84.67 -45.76 33.37
C1D CYC IC . -83.87 -46.77 33.70
C2D CYC IC . -83.95 -47.76 32.71
C3D CYC IC . -84.88 -47.31 31.78
C4D CYC IC . -85.31 -46.05 32.23
CMD CYC IC . -83.20 -49.13 32.65
CAD CYC IC . -85.35 -48.04 30.51
CBD CYC IC . -86.74 -48.67 30.69
CGD CYC IC . -87.39 -49.02 29.34
O1D CYC IC . -86.74 -48.83 28.27
O2D CYC IC . -88.53 -49.49 29.31
CHA CYC JC . -61.68 -22.64 53.65
NA CYC JC . -61.59 -23.09 51.09
C1A CYC JC . -61.63 -22.26 52.13
C2A CYC JC . -61.60 -20.96 51.65
C3A CYC JC . -61.55 -21.05 50.26
C4A CYC JC . -61.55 -22.40 49.96
CMA CYC JC . -61.50 -19.86 49.27
CAA CYC JC . -61.62 -19.65 52.49
CBA CYC JC . -60.24 -19.40 53.22
CGA CYC JC . -59.10 -18.95 52.20
O1A CYC JC . -58.01 -19.62 52.14
O2A CYC JC . -59.28 -17.94 51.44
CHB CYC JC . -61.49 -23.04 48.47
NB CYC JC . -63.89 -22.35 48.23
C1B CYC JC . -62.76 -22.73 47.71
C2B CYC JC . -62.91 -22.80 46.35
C3B CYC JC . -64.22 -22.44 46.08
C4B CYC JC . -64.80 -22.17 47.29
CMB CYC JC . -61.85 -23.21 45.33
CAB CYC JC . -64.90 -22.38 44.65
CBB CYC JC . -65.75 -21.15 44.47
OB CYC JC . -66.17 -21.74 47.51
NC CYC JC . -61.96 -29.02 54.05
C1C CYC JC . -61.84 -30.55 54.12
C2C CYC JC . -62.95 -31.10 53.04
C3C CYC JC . -63.14 -30.09 52.31
C4C CYC JC . -63.14 -28.84 53.44
CMC CYC JC . -62.35 -32.32 52.18
CAC CYC JC . -64.50 -30.18 51.51
CBC CYC JC . -65.76 -30.02 52.41
OC CYC JC . -60.68 -30.91 53.77
CHD CYC JC . -63.22 -27.50 52.76
ND CYC JC . -62.45 -25.08 53.03
C1D CYC JC . -62.80 -26.22 53.63
C2D CYC JC . -62.75 -26.01 55.03
C3D CYC JC . -62.33 -24.68 55.22
C4D CYC JC . -62.16 -24.14 53.93
CMD CYC JC . -63.05 -26.99 56.22
CAD CYC JC . -62.09 -23.94 56.54
CBD CYC JC . -63.35 -23.71 57.39
CGD CYC JC . -63.70 -22.22 57.60
O1D CYC JC . -64.84 -21.80 57.28
O2D CYC JC . -62.87 -21.45 58.09
CHA CYC KC . -98.40 -65.95 -7.96
NA CYC KC . -98.58 -63.43 -7.40
C1A CYC KC . -97.91 -64.47 -7.87
C2A CYC KC . -96.65 -64.02 -8.28
C3A CYC KC . -96.63 -62.65 -8.03
C4A CYC KC . -97.87 -62.31 -7.47
CMA CYC KC . -95.40 -61.76 -8.34
CAA CYC KC . -95.49 -64.84 -8.88
CBA CYC KC . -95.81 -65.51 -10.29
CGA CYC KC . -96.68 -64.60 -11.26
O1A CYC KC . -96.15 -64.11 -12.31
O2A CYC KC . -97.90 -64.37 -10.99
CHB CYC KC . -98.49 -60.89 -6.97
NB CYC KC . -96.31 -59.70 -6.32
C1B CYC KC . -97.59 -59.72 -6.60
C2B CYC KC . -98.07 -58.44 -6.51
C3B CYC KC . -96.99 -57.64 -6.15
C4B CYC KC . -95.91 -58.46 -6.06
CMB CYC KC . -99.50 -57.99 -6.73
CAB CYC KC . -97.02 -56.07 -5.93
CBB CYC KC . -96.28 -55.32 -7.00
OB CYC KC . -94.58 -58.05 -5.71
NC CYC KC . -104.24 -66.96 -5.75
C1C CYC KC . -105.76 -67.02 -5.73
C2C CYC KC . -106.18 -65.80 -4.73
C3C CYC KC . -105.24 -64.96 -4.81
C4C CYC KC . -103.94 -65.67 -5.66
CMC CYC KC . -107.59 -65.17 -5.18
CAC CYC KC . -104.80 -64.52 -3.35
CBC CYC KC . -105.46 -63.18 -2.94
OC CYC KC . -106.22 -66.79 -6.88
CHD CYC KC . -102.64 -65.48 -4.92
ND CYC KC . -100.55 -65.46 -6.48
C1D CYC KC . -101.40 -66.12 -5.71
C2D CYC KC . -101.01 -67.48 -5.70
C3D CYC KC . -99.89 -67.58 -6.50
C4D CYC KC . -99.63 -66.29 -6.98
CMD CYC KC . -101.69 -68.67 -4.95
CAD CYC KC . -99.08 -68.85 -6.84
CBD CYC KC . -98.21 -69.32 -5.65
CGD CYC KC . -96.76 -69.64 -6.04
O1D CYC KC . -95.98 -70.19 -5.21
O2D CYC KC . -96.36 -69.36 -7.19
CHA CYC LC . -90.33 2.16 16.40
NA CYC LC . -88.02 1.37 17.27
C1A CYC LC . -89.10 1.22 16.53
C2A CYC LC . -89.00 0.02 15.86
C3A CYC LC . -87.79 -0.54 16.21
C4A CYC LC . -87.19 0.35 17.12
CMA CYC LC . -87.31 -1.89 15.63
CAA CYC LC . -90.02 -0.59 14.88
CBA CYC LC . -91.07 -1.47 15.64
CGA CYC LC . -92.37 -0.65 16.06
O1A CYC LC . -93.14 -0.18 15.16
O2A CYC LC . -92.63 -0.46 17.29
CHB CYC LC . -85.78 0.29 17.90
NB CYC LC . -85.60 -2.24 17.99
C1B CYC LC . -85.22 -1.05 18.33
C2B CYC LC . -84.17 -1.19 19.18
C3B CYC LC . -83.95 -2.56 19.33
C4B CYC LC . -84.88 -3.17 18.56
CMB CYC LC . -83.39 -0.05 19.83
CAB CYC LC . -82.85 -3.28 20.21
CBB CYC LC . -83.47 -4.26 21.17
OB CYC LC . -85.06 -4.60 18.39
NC CYC LC . -88.96 8.42 17.02
C1C CYC LC . -89.06 9.76 17.72
C2C CYC LC . -87.90 9.77 18.87
C3C CYC LC . -87.14 8.82 18.58
C4C CYC LC . -87.99 7.73 17.61
CMC CYC LC . -87.13 11.16 18.75
CAC CYC LC . -86.68 8.10 19.91
CBC CYC LC . -85.36 8.67 20.50
OC CYC LC . -88.79 10.68 16.92
CHD CYC LC . -88.56 6.65 18.45
ND CYC LC . -89.18 4.30 17.50
C1D CYC LC . -89.50 5.58 17.71
C2D CYC LC . -90.81 5.78 17.26
C3D CYC LC . -91.23 4.58 16.73
C4D CYC LC . -90.19 3.69 16.90
CMD CYC LC . -91.68 7.08 17.28
CAD CYC LC . -92.59 4.28 16.09
CBD CYC LC . -92.67 4.69 14.62
CGD CYC LC . -94.07 4.36 14.10
O1D CYC LC . -94.92 3.89 14.91
O2D CYC LC . -94.36 4.56 12.92
CHA CYC MC . -65.08 1.65 46.46
NA CYC MC . -67.15 0.65 45.29
C1A CYC MC . -66.27 0.66 46.27
C2A CYC MC . -66.57 -0.37 47.13
C3A CYC MC . -67.68 -1.01 46.62
C4A CYC MC . -68.02 -0.33 45.45
CMA CYC MC . -68.35 -2.23 47.29
CAA CYC MC . -65.79 -0.73 48.42
CBA CYC MC . -66.11 0.27 49.59
CGA CYC MC . -67.20 -0.30 50.60
O1A CYC MC . -67.78 -1.41 50.36
O2A CYC MC . -67.50 0.36 51.66
CHB CYC MC . -69.22 -0.55 44.38
NB CYC MC . -69.56 -3.04 44.64
C1B CYC MC . -70.00 -1.85 44.40
C2B CYC MC . -71.34 -1.94 44.15
C3B CYC MC . -71.69 -3.26 44.26
C4B CYC MC . -70.53 -3.92 44.58
CMB CYC MC . -72.29 -0.79 43.80
CAB CYC MC . -73.11 -3.90 44.06
CBB CYC MC . -73.85 -4.02 45.36
OB CYC MC . -70.41 -5.34 44.78
NC CYC MC . -65.31 6.99 42.08
C1C CYC MC . -65.87 8.39 41.96
C2C CYC MC . -67.42 8.13 41.50
C3C CYC MC . -67.65 6.92 41.77
C4C CYC MC . -66.33 6.36 42.65
CMC CYC MC . -68.40 9.06 42.35
CAC CYC MC . -67.85 6.05 40.45
CBC CYC MC . -68.06 6.87 39.15
OC CYC MC . -65.85 8.96 43.08
CHD CYC MC . -66.19 4.87 42.50
ND CYC MC . -65.89 3.18 44.44
C1D CYC MC . -65.40 4.16 43.68
C2D CYC MC . -64.06 4.39 44.09
C3D CYC MC . -63.81 3.53 45.14
C4D CYC MC . -64.97 2.79 45.33
CMD CYC MC . -63.01 5.42 43.54
CAD CYC MC . -62.51 3.38 45.94
CBD CYC MC . -61.53 2.43 45.25
CGD CYC MC . -60.18 3.11 44.93
O1D CYC MC . -60.05 3.76 43.85
O2D CYC MC . -59.23 3.03 45.73
CHA CYC NC . -69.12 -23.95 8.60
NA CYC NC . -70.38 -25.42 6.89
C1A CYC NC . -70.37 -24.51 7.83
C2A CYC NC . -71.70 -24.14 8.05
C3A CYC NC . -72.46 -24.87 7.16
C4A CYC NC . -71.59 -25.68 6.44
CMA CYC NC . -74.00 -24.72 7.12
CAA CYC NC . -72.32 -23.12 9.03
CBA CYC NC . -71.68 -23.00 10.47
CGA CYC NC . -72.00 -24.20 11.46
O1A CYC NC . -71.15 -25.13 11.63
O2A CYC NC . -73.11 -24.22 12.09
CHB CYC NC . -71.83 -26.77 5.27
NB CYC NC . -74.27 -26.31 4.63
C1B CYC NC . -73.15 -26.98 4.55
C2B CYC NC . -73.33 -27.97 3.65
C3B CYC NC . -74.62 -27.89 3.18
C4B CYC NC . -75.18 -26.83 3.82
CMB CYC NC . -72.28 -29.00 3.23
CAB CYC NC . -75.31 -28.82 2.11
CBB CYC NC . -76.22 -29.87 2.69
OB CYC NC . -76.53 -26.37 3.63
NC CYC NC . -63.10 -25.57 6.62
C1C CYC NC . -61.83 -26.38 6.40
C2C CYC NC . -62.09 -27.31 5.10
C3C CYC NC . -63.30 -27.18 4.78
C4C CYC NC . -64.01 -26.00 5.76
CMC CYC NC . -61.17 -26.78 3.91
CAC CYC NC . -64.05 -28.57 4.94
CBC CYC NC . -63.47 -29.65 3.99
OC CYC NC . -60.89 -25.58 6.13
CHD CYC NC . -65.19 -26.62 6.46
ND CYC NC . -67.28 -25.37 7.31
C1D CYC NC . -66.01 -25.70 7.47
C2D CYC NC . -65.58 -25.15 8.68
C3D CYC NC . -66.65 -24.46 9.20
C4D CYC NC . -67.70 -24.62 8.32
CMD CYC NC . -64.19 -25.24 9.38
CAD CYC NC . -66.67 -23.71 10.53
CBD CYC NC . -66.61 -22.18 10.42
CGD CYC NC . -66.87 -21.60 11.81
O1D CYC NC . -67.12 -22.39 12.76
O2D CYC NC . -66.82 -20.38 11.99
CHA CYC OC . -73.57 -59.20 -9.09
NA CYC OC . -74.08 -58.10 -6.80
C1A CYC OC . -74.40 -58.92 -7.78
C2A CYC OC . -75.60 -59.53 -7.48
C3A CYC OC . -76.00 -59.02 -6.24
C4A CYC OC . -75.01 -58.12 -5.85
CMA CYC OC . -77.29 -59.43 -5.51
CAA CYC OC . -76.37 -60.58 -8.33
CBA CYC OC . -75.71 -62.00 -8.20
CGA CYC OC . -75.18 -62.55 -9.59
O1A CYC OC . -75.38 -61.86 -10.66
O2A CYC OC . -74.55 -63.67 -9.66
CHB CYC OC . -74.88 -57.23 -4.50
NB CYC OC . -77.34 -56.57 -4.36
C1B CYC OC . -76.13 -56.61 -3.90
C2B CYC OC . -76.11 -55.95 -2.70
C3B CYC OC . -77.40 -55.52 -2.46
C4B CYC OC . -78.14 -55.93 -3.53
CMB CYC OC . -74.90 -55.74 -1.79
CAB CYC OC . -77.91 -54.71 -1.20
CBB CYC OC . -78.74 -55.57 -0.28
OB CYC OC . -79.55 -55.70 -3.71
NC CYC OC . -68.27 -55.46 -10.02
C1C CYC OC . -66.83 -55.01 -9.83
C2C CYC OC . -67.00 -53.76 -8.80
C3C CYC OC . -68.02 -54.02 -8.12
C4C CYC OC . -68.76 -55.38 -8.80
CMC CYC OC . -65.70 -53.68 -7.87
CAC CYC OC . -69.05 -52.80 -8.11
CBC CYC OC . -68.40 -51.39 -8.15
OC CYC OC . -66.19 -55.92 -9.25
CHD CYC OC . -70.26 -55.16 -8.82
ND CYC OC . -71.92 -57.15 -8.66
C1D CYC OC . -71.14 -56.36 -9.39
C2D CYC OC . -71.26 -56.73 -10.75
C3D CYC OC . -72.14 -57.80 -10.78
C4D CYC OC . -72.54 -58.02 -9.47
CMD CYC OC . -70.55 -56.12 -11.99
CAD CYC OC . -72.63 -58.59 -12.01
CBD CYC OC . -73.97 -58.01 -12.50
CGD CYC OC . -74.69 -58.90 -13.53
O1D CYC OC . -74.53 -60.16 -13.50
O2D CYC OC . -75.44 -58.39 -14.37
CHA CYC PC . -99.26 -19.94 -6.61
NA CYC PC . -100.14 -17.57 -6.06
C1A CYC PC . -99.31 -18.58 -5.85
C2A CYC PC . -98.46 -18.25 -4.83
C3A CYC PC . -98.80 -16.98 -4.42
C4A CYC PC . -99.88 -16.58 -5.21
CMA CYC PC . -98.08 -16.22 -3.27
CAA CYC PC . -97.34 -19.16 -4.28
CBA CYC PC . -97.78 -19.87 -2.95
CGA CYC PC . -97.24 -21.35 -2.88
O1A CYC PC . -96.69 -21.88 -3.90
O2A CYC PC . -97.33 -22.01 -1.79
CHB CYC PC . -100.71 -15.19 -5.20
NB CYC PC . -100.86 -15.28 -2.69
C1B CYC PC . -101.22 -14.79 -3.83
C2B CYC PC . -102.14 -13.81 -3.60
C3B CYC PC . -102.30 -13.75 -2.23
C4B CYC PC . -101.47 -14.69 -1.69
CMB CYC PC . -102.85 -12.96 -4.65
CAB CYC PC . -103.26 -12.80 -1.41
CBB CYC PC . -102.58 -12.16 -0.23
OB CYC PC . -101.30 -15.00 -0.29
NC CYC PC . -102.13 -19.60 -12.75
C1C CYC PC . -102.29 -19.31 -14.23
C2C CYC PC . -103.01 -17.86 -14.17
C3C CYC PC . -102.64 -17.35 -13.09
C4C CYC PC . -101.59 -18.45 -12.36
CMC CYC PC . -102.45 -16.98 -15.39
CAC CYC PC . -103.89 -17.12 -12.16
CBC CYC PC . -105.07 -16.43 -12.91
OC CYC PC . -101.17 -19.16 -14.75
CHD CYC PC . -101.66 -18.29 -10.87
ND CYC PC . -100.53 -18.94 -8.68
C1D CYC PC . -100.79 -19.25 -9.94
C2D CYC PC . -100.18 -20.51 -10.19
C3D CYC PC . -99.55 -20.88 -9.02
C4D CYC PC . -99.80 -19.88 -8.10
CMD CYC PC . -100.10 -21.40 -11.46
CAD CYC PC . -98.77 -22.16 -8.79
CBD CYC PC . -97.28 -22.05 -9.17
CGD CYC PC . -96.49 -23.04 -8.33
O1D CYC PC . -97.07 -23.65 -7.39
O2D CYC PC . -95.29 -23.24 -8.54
CHA CYC QC . -132.64 -1.32 -0.87
NA CYC QC . -131.16 -3.17 0.19
C1A CYC QC . -132.03 -2.19 0.29
C2A CYC QC . -132.37 -2.02 1.62
C3A CYC QC . -131.64 -2.98 2.33
C4A CYC QC . -130.88 -3.69 1.39
CMA CYC QC . -131.73 -3.11 3.86
CAA CYC QC . -133.37 -0.99 2.20
CBA CYC QC . -134.81 -1.58 2.37
CGA CYC QC . -135.69 -1.48 1.05
O1A CYC QC . -135.75 -2.46 0.23
O2A CYC QC . -136.35 -0.41 0.80
CHB CYC QC . -129.81 -4.92 1.51
NB CYC QC . -129.62 -5.23 4.05
C1B CYC QC . -129.32 -5.53 2.82
C2B CYC QC . -128.41 -6.55 2.86
C3B CYC QC . -128.19 -6.84 4.20
C4B CYC QC . -128.98 -5.98 4.91
CMB CYC QC . -127.75 -7.25 1.69
CAB CYC QC . -127.22 -7.95 4.78
CBB CYC QC . -127.89 -9.30 4.90
OB CYC QC . -129.08 -5.94 6.35
NC CYC QC . -130.30 -1.42 -6.73
C1C CYC QC . -130.11 -2.02 -8.11
C2C CYC QC . -128.53 -2.42 -8.08
C3C CYC QC . -128.35 -2.85 -6.91
C4C CYC QC . -129.63 -2.28 -5.95
CMC CYC QC . -128.27 -3.58 -9.16
CAC CYC QC . -126.96 -2.32 -6.35
CBC CYC QC . -125.79 -3.31 -6.57
OC CYC QC . -130.32 -1.17 -9.02
CHD CYC QC . -129.11 -1.61 -4.71
ND CYC QC . -130.79 -1.75 -2.71
C1D CYC QC . -130.26 -1.10 -3.75
C2D CYC QC . -130.88 0.15 -3.84
C3D CYC QC . -131.82 0.22 -2.82
C4D CYC QC . -131.72 -1.00 -2.13
CMD CYC QC . -130.60 1.26 -4.91
CAD CYC QC . -132.79 1.37 -2.50
CBD CYC QC . -132.33 2.20 -1.27
CGD CYC QC . -131.41 3.37 -1.68
O1D CYC QC . -131.37 3.75 -2.89
O2D CYC QC . -130.72 3.94 -0.82
#